data_1VYH
#
_entry.id   1VYH
#
_cell.length_a   205.770
_cell.length_b   101.220
_cell.length_c   246.130
_cell.angle_alpha   90.00
_cell.angle_beta   98.06
_cell.angle_gamma   90.00
#
_symmetry.space_group_name_H-M   'P 1 21 1'
#
loop_
_entity.id
_entity.type
_entity.pdbx_description
1 polymer 'PLATELET-ACTIVATING FACTOR ACETYLHYDROLASE IB BETA SUBUNIT'
2 polymer 'PLATELET-ACTIVATING FACTOR ACETYLHYDROLASE IB ALPHA SUBUNIT'
#
loop_
_entity_poly.entity_id
_entity_poly.type
_entity_poly.pdbx_seq_one_letter_code
_entity_poly.pdbx_strand_id
1 'polypeptide(L)'
;MSQGDSNPAAIPHAAEDIQGDDRWMSQHNRFVLDCKDKEPDVLFVGDSMVQLMQQYEIWRELFSPLHALNFGIGGDTTRH
VLWRLKNGELENIKPKVIVVWVGTNNHENTAEEVAGGIEAIVQLINTRQPQAKIIVLGLLPRGEKPNPLRQKNAKVNQLL
KVSLPKLANVQLLDTDGGFVHSDGAISCHDMFDFLHLTGGGYAKICKPLHELIMQLLEETPEEKQTTIA
;
A,B,E,F,I,J,M,N,Q,R
2 'polypeptide(L)'
;MVLSQRQRDELNRAIADYLRSNGYEEAYSVFKKEAELDMNEELDKKYAGLLEKKWTSVIRLQKKVMELESKLNEAKEEFT
SGGPLGQKRDPKEWIPRPPEKYALSGHRSPVTRVIFHPVFSVMVSASEDATIKVWDYETGDFERTLKGHTDSVQDISFDH
SGKLLASCSADMTIKLWDFQGFECIRTMHGHDHNVSSVSIMPNGDHIVSASRDKTIKMWEVQTGYCVKTFTGHREWVRMV
RPNQDGTLIASCSNDQTVRVWVVATKECKAELREHRHVVECISWAPESSYSSISEATGSETKKSGKPGPFLLSGSRDKTI
KMWDVSTGMCLMTLVGHDNWVRGVLFHSGGKFILSCADDKTLRVWDYKNKRCMKTLNAHEHFVTSLDFHKTAPYVVTGSV
DQTVKVWECR
;
C,D,G,H,K,L,O,P,S,T
#
# COMPACT_ATOMS: atom_id res chain seq x y z
N SER A 6 33.88 -89.90 5.08
CA SER A 6 33.25 -88.91 4.11
C SER A 6 33.89 -88.92 2.70
N ASN A 7 33.14 -89.43 1.72
CA ASN A 7 33.71 -89.68 0.39
C ASN A 7 33.83 -88.49 -0.57
N PRO A 8 35.06 -88.22 -0.98
CA PRO A 8 35.40 -87.04 -1.76
C PRO A 8 34.57 -86.83 -3.02
N ALA A 9 34.14 -87.90 -3.68
CA ALA A 9 33.45 -87.73 -4.96
C ALA A 9 32.10 -87.09 -4.77
N ALA A 10 31.65 -87.04 -3.52
CA ALA A 10 30.29 -86.60 -3.23
C ALA A 10 30.26 -85.30 -2.43
N ILE A 11 31.40 -84.63 -2.35
CA ILE A 11 31.44 -83.30 -1.75
C ILE A 11 31.37 -82.25 -2.86
N PRO A 12 30.34 -81.40 -2.88
CA PRO A 12 30.18 -80.45 -3.99
C PRO A 12 31.33 -79.46 -4.00
N HIS A 13 31.66 -78.96 -5.18
CA HIS A 13 32.85 -78.15 -5.37
C HIS A 13 32.89 -77.57 -6.77
N ALA A 14 32.98 -76.26 -6.87
CA ALA A 14 32.94 -75.59 -8.16
C ALA A 14 34.30 -75.61 -8.85
N ALA A 15 34.29 -75.80 -10.17
CA ALA A 15 35.51 -75.93 -10.94
C ALA A 15 36.17 -74.58 -11.10
N GLU A 16 37.37 -74.42 -10.52
CA GLU A 16 38.10 -73.16 -10.65
C GLU A 16 38.61 -73.00 -12.08
N ASP A 17 38.43 -71.80 -12.63
CA ASP A 17 38.91 -71.44 -13.95
C ASP A 17 40.42 -71.18 -13.89
N ILE A 18 41.19 -71.98 -14.62
CA ILE A 18 42.64 -71.89 -14.64
C ILE A 18 43.11 -71.27 -15.96
N GLN A 19 42.18 -71.06 -16.87
CA GLN A 19 42.52 -70.65 -18.24
C GLN A 19 42.40 -69.16 -18.50
N GLY A 20 41.41 -68.53 -17.90
CA GLY A 20 41.25 -67.10 -18.04
C GLY A 20 39.95 -66.57 -18.60
N ASP A 21 39.22 -67.38 -19.37
CA ASP A 21 37.98 -66.90 -20.01
C ASP A 21 36.70 -67.19 -19.23
N ASP A 22 36.86 -67.68 -18.00
CA ASP A 22 35.73 -67.94 -17.14
C ASP A 22 34.56 -68.64 -17.86
N ARG A 23 34.84 -69.77 -18.50
CA ARG A 23 33.86 -70.42 -19.34
C ARG A 23 32.92 -71.29 -18.52
N TRP A 24 33.43 -71.90 -17.47
CA TRP A 24 32.63 -72.84 -16.69
C TRP A 24 31.48 -72.10 -16.05
N MET A 25 31.79 -70.99 -15.38
CA MET A 25 30.76 -70.21 -14.71
C MET A 25 29.81 -69.51 -15.66
N SER A 26 30.29 -69.21 -16.86
CA SER A 26 29.45 -68.64 -17.91
C SER A 26 28.30 -69.56 -18.23
N GLN A 27 28.63 -70.83 -18.41
CA GLN A 27 27.66 -71.87 -18.72
C GLN A 27 26.68 -72.10 -17.57
N HIS A 28 27.20 -72.22 -16.37
CA HIS A 28 26.37 -72.42 -15.20
C HIS A 28 25.36 -71.32 -15.06
N ASN A 29 25.79 -70.08 -15.21
CA ASN A 29 24.86 -68.97 -15.17
C ASN A 29 23.80 -69.07 -16.24
N ARG A 30 24.21 -69.38 -17.47
CA ARG A 30 23.23 -69.53 -18.53
C ARG A 30 22.11 -70.50 -18.08
N PHE A 31 22.49 -71.59 -17.44
CA PHE A 31 21.55 -72.57 -16.94
C PHE A 31 20.62 -72.00 -15.89
N VAL A 32 21.17 -71.31 -14.90
CA VAL A 32 20.34 -70.79 -13.85
C VAL A 32 19.41 -69.81 -14.47
N LEU A 33 19.91 -69.01 -15.42
CA LEU A 33 19.06 -68.09 -16.15
C LEU A 33 17.97 -68.88 -16.85
N ASP A 34 18.33 -69.99 -17.49
CA ASP A 34 17.35 -70.88 -18.11
C ASP A 34 16.34 -71.36 -17.08
N CYS A 35 16.79 -71.61 -15.86
CA CYS A 35 15.96 -72.11 -14.80
C CYS A 35 14.92 -71.13 -14.34
N LYS A 36 15.18 -69.86 -14.59
CA LYS A 36 14.37 -68.76 -14.03
C LYS A 36 13.08 -68.56 -14.79
N ASP A 37 13.10 -68.85 -16.10
CA ASP A 37 11.94 -68.49 -16.90
C ASP A 37 11.51 -69.51 -17.92
N LYS A 38 12.27 -70.58 -18.07
CA LYS A 38 11.81 -71.71 -18.87
C LYS A 38 11.01 -72.69 -17.98
N GLU A 39 10.39 -73.72 -18.57
CA GLU A 39 9.61 -74.72 -17.81
C GLU A 39 9.50 -76.07 -18.55
N PRO A 40 10.50 -76.93 -18.37
CA PRO A 40 10.65 -78.12 -19.19
C PRO A 40 9.92 -79.31 -18.59
N ASP A 41 9.75 -80.35 -19.40
CA ASP A 41 9.19 -81.58 -18.92
C ASP A 41 10.36 -82.48 -18.58
N VAL A 42 11.44 -82.31 -19.32
CA VAL A 42 12.57 -83.24 -19.26
C VAL A 42 13.84 -82.44 -19.05
N LEU A 43 14.74 -82.98 -18.22
CA LEU A 43 15.96 -82.27 -17.87
C LEU A 43 17.16 -83.19 -17.85
N PHE A 44 18.14 -82.84 -18.68
CA PHE A 44 19.33 -83.63 -18.85
C PHE A 44 20.43 -82.96 -18.04
N VAL A 45 21.06 -83.65 -17.10
CA VAL A 45 22.20 -83.05 -16.42
C VAL A 45 23.37 -83.97 -16.50
N GLY A 46 24.58 -83.41 -16.50
CA GLY A 46 25.77 -84.24 -16.54
C GLY A 46 26.96 -83.64 -17.26
N ASP A 47 27.78 -84.51 -17.82
CA ASP A 47 29.06 -84.13 -18.39
C ASP A 47 28.99 -84.01 -19.90
N SER A 48 30.15 -84.09 -20.55
CA SER A 48 30.21 -83.95 -22.01
C SER A 48 29.28 -84.91 -22.76
N MET A 49 29.08 -86.12 -22.25
CA MET A 49 28.16 -87.04 -22.90
C MET A 49 26.82 -86.40 -23.09
N VAL A 50 26.38 -85.65 -22.08
CA VAL A 50 25.08 -84.98 -22.09
C VAL A 50 25.17 -83.79 -22.99
N GLN A 51 26.21 -83.01 -22.80
CA GLN A 51 26.27 -81.74 -23.48
C GLN A 51 26.42 -81.90 -24.97
N LEU A 52 27.17 -82.90 -25.42
CA LEU A 52 27.43 -83.12 -26.83
C LEU A 52 26.21 -83.64 -27.56
N MET A 53 25.36 -84.35 -26.84
CA MET A 53 24.16 -84.90 -27.42
C MET A 53 23.32 -83.84 -28.14
N GLN A 54 23.32 -82.64 -27.61
CA GLN A 54 22.51 -81.59 -28.16
C GLN A 54 22.98 -81.15 -29.54
N GLN A 55 24.25 -81.39 -29.81
CA GLN A 55 24.88 -80.88 -31.02
C GLN A 55 24.53 -81.68 -32.27
N TYR A 56 23.97 -82.87 -32.07
CA TYR A 56 23.66 -83.74 -33.17
C TYR A 56 22.18 -83.71 -33.60
N GLU A 57 21.93 -83.99 -34.87
CA GLU A 57 20.58 -83.81 -35.40
C GLU A 57 19.53 -84.58 -34.61
N ILE A 58 19.96 -85.66 -33.96
CA ILE A 58 19.07 -86.56 -33.24
C ILE A 58 18.46 -85.86 -32.07
N TRP A 59 19.06 -84.78 -31.63
CA TRP A 59 18.52 -84.08 -30.47
C TRP A 59 17.25 -83.34 -30.86
N ARG A 60 17.30 -82.65 -31.98
CA ARG A 60 16.16 -81.85 -32.40
C ARG A 60 15.06 -82.77 -32.91
N GLU A 61 15.39 -84.05 -33.10
CA GLU A 61 14.40 -84.98 -33.65
C GLU A 61 13.66 -85.77 -32.58
N LEU A 62 14.29 -85.91 -31.43
CA LEU A 62 13.80 -86.78 -30.37
C LEU A 62 13.33 -86.04 -29.12
N PHE A 63 14.22 -85.19 -28.60
CA PHE A 63 14.04 -84.57 -27.31
C PHE A 63 13.63 -83.13 -27.37
N SER A 64 13.98 -82.45 -28.46
CA SER A 64 13.51 -81.09 -28.61
C SER A 64 11.99 -80.95 -28.40
N PRO A 65 11.18 -81.78 -29.03
CA PRO A 65 9.73 -81.62 -28.91
C PRO A 65 9.21 -82.10 -27.57
N LEU A 66 10.10 -82.61 -26.73
CA LEU A 66 9.69 -83.14 -25.44
C LEU A 66 9.71 -82.02 -24.42
N HIS A 67 10.20 -80.86 -24.85
CA HIS A 67 10.42 -79.70 -23.98
C HIS A 67 11.50 -80.07 -23.00
N ALA A 68 12.72 -80.18 -23.51
CA ALA A 68 13.83 -80.69 -22.71
C ALA A 68 14.91 -79.67 -22.64
N LEU A 69 15.54 -79.63 -21.47
CA LEU A 69 16.69 -78.75 -21.23
C LEU A 69 17.94 -79.57 -20.99
N ASN A 70 19.06 -79.00 -21.41
CA ASN A 70 20.33 -79.71 -21.36
C ASN A 70 21.32 -78.96 -20.49
N PHE A 71 21.59 -79.46 -19.30
CA PHE A 71 22.49 -78.76 -18.38
C PHE A 71 23.88 -79.39 -18.35
N GLY A 72 24.35 -79.79 -19.50
CA GLY A 72 25.61 -80.49 -19.53
C GLY A 72 26.77 -79.57 -19.67
N ILE A 73 27.85 -79.88 -18.94
CA ILE A 73 29.15 -79.24 -19.13
C ILE A 73 30.25 -80.27 -19.37
N GLY A 74 31.09 -80.02 -20.36
CA GLY A 74 32.19 -80.92 -20.66
C GLY A 74 33.21 -81.05 -19.52
N GLY A 75 33.66 -82.27 -19.29
CA GLY A 75 34.73 -82.50 -18.35
C GLY A 75 34.31 -82.40 -16.89
N ASP A 76 33.03 -82.13 -16.64
CA ASP A 76 32.47 -82.06 -15.29
C ASP A 76 32.56 -83.40 -14.58
N THR A 77 32.73 -83.37 -13.28
CA THR A 77 32.77 -84.58 -12.51
C THR A 77 31.56 -84.59 -11.61
N THR A 78 31.39 -85.65 -10.81
CA THR A 78 30.27 -85.70 -9.86
C THR A 78 30.29 -84.48 -8.98
N ARG A 79 31.47 -84.16 -8.45
CA ARG A 79 31.61 -83.04 -7.53
C ARG A 79 31.10 -81.78 -8.18
N HIS A 80 31.39 -81.54 -9.45
CA HIS A 80 30.91 -80.31 -10.08
C HIS A 80 29.42 -80.32 -10.33
N VAL A 81 28.91 -81.38 -10.95
CA VAL A 81 27.48 -81.53 -11.17
C VAL A 81 26.72 -81.32 -9.87
N LEU A 82 27.22 -81.90 -8.80
CA LEU A 82 26.65 -81.69 -7.51
C LEU A 82 26.51 -80.19 -7.27
N TRP A 83 27.64 -79.52 -7.18
CA TRP A 83 27.68 -78.12 -6.83
C TRP A 83 26.72 -77.35 -7.71
N ARG A 84 26.71 -77.63 -9.01
CA ARG A 84 25.85 -76.90 -9.93
C ARG A 84 24.39 -77.07 -9.56
N LEU A 85 23.99 -78.27 -9.15
CA LEU A 85 22.61 -78.57 -8.77
C LEU A 85 22.32 -77.90 -7.48
N LYS A 86 23.28 -78.01 -6.56
CA LYS A 86 23.17 -77.38 -5.25
C LYS A 86 22.95 -75.87 -5.36
N ASN A 87 23.63 -75.20 -6.28
CA ASN A 87 23.51 -73.74 -6.39
C ASN A 87 22.62 -73.26 -7.50
N GLY A 88 21.48 -73.92 -7.62
CA GLY A 88 20.37 -73.31 -8.32
C GLY A 88 19.96 -73.77 -9.70
N GLU A 89 20.44 -74.93 -10.12
CA GLU A 89 20.01 -75.48 -11.38
C GLU A 89 18.81 -76.37 -11.13
N LEU A 90 18.28 -76.29 -9.92
CA LEU A 90 17.14 -77.11 -9.56
C LEU A 90 15.99 -76.31 -9.02
N GLU A 91 15.96 -75.01 -9.33
CA GLU A 91 14.95 -74.11 -8.78
C GLU A 91 13.93 -73.65 -9.80
N ASN A 92 12.67 -73.54 -9.37
CA ASN A 92 11.55 -73.08 -10.21
C ASN A 92 11.02 -74.09 -11.19
N ILE A 93 11.91 -74.79 -11.86
CA ILE A 93 11.53 -75.81 -12.82
C ILE A 93 10.95 -76.99 -12.04
N LYS A 94 10.06 -77.74 -12.70
CA LYS A 94 9.55 -78.97 -12.13
C LYS A 94 9.49 -80.02 -13.21
N PRO A 95 10.62 -80.45 -13.74
CA PRO A 95 10.63 -81.42 -14.82
C PRO A 95 9.95 -82.69 -14.38
N LYS A 96 9.32 -83.42 -15.30
CA LYS A 96 8.67 -84.69 -14.98
C LYS A 96 9.68 -85.81 -14.98
N VAL A 97 10.70 -85.66 -15.81
CA VAL A 97 11.78 -86.64 -15.93
C VAL A 97 13.12 -85.96 -15.91
N ILE A 98 14.08 -86.55 -15.19
CA ILE A 98 15.46 -86.05 -15.14
C ILE A 98 16.44 -87.15 -15.52
N VAL A 99 17.36 -86.82 -16.41
CA VAL A 99 18.32 -87.79 -16.91
C VAL A 99 19.64 -87.39 -16.34
N VAL A 100 20.26 -88.26 -15.57
CA VAL A 100 21.56 -87.97 -15.04
C VAL A 100 22.64 -88.80 -15.73
N TRP A 101 23.72 -88.15 -16.15
CA TRP A 101 24.76 -88.85 -16.85
C TRP A 101 26.11 -88.25 -16.51
N VAL A 102 26.76 -88.79 -15.49
CA VAL A 102 28.07 -88.32 -15.04
C VAL A 102 28.91 -89.44 -14.52
N GLY A 103 30.23 -89.29 -14.58
CA GLY A 103 31.10 -90.17 -13.85
C GLY A 103 32.36 -90.49 -14.58
N THR A 104 32.27 -90.57 -15.91
CA THR A 104 33.39 -91.05 -16.68
C THR A 104 34.57 -90.12 -16.62
N ASN A 105 34.37 -88.91 -16.12
CA ASN A 105 35.50 -88.01 -15.96
C ASN A 105 36.15 -87.97 -14.59
N ASN A 106 35.66 -88.83 -13.71
CA ASN A 106 36.13 -88.87 -12.33
C ASN A 106 37.34 -89.77 -12.18
N HIS A 107 38.38 -89.54 -12.97
CA HIS A 107 39.71 -90.08 -12.63
C HIS A 107 39.97 -89.52 -11.25
N GLU A 108 40.86 -90.13 -10.48
CA GLU A 108 41.11 -89.65 -9.12
C GLU A 108 40.14 -90.21 -8.12
N ASN A 109 39.12 -90.91 -8.58
CA ASN A 109 38.19 -91.53 -7.65
C ASN A 109 38.07 -93.04 -7.93
N THR A 110 38.01 -93.85 -6.88
CA THR A 110 37.78 -95.27 -7.04
C THR A 110 36.36 -95.43 -7.54
N ALA A 111 36.09 -96.48 -8.31
CA ALA A 111 34.74 -96.72 -8.83
C ALA A 111 33.71 -96.63 -7.71
N GLU A 112 34.01 -97.24 -6.57
CA GLU A 112 33.17 -97.23 -5.40
C GLU A 112 32.77 -95.81 -5.07
N GLU A 113 33.77 -94.92 -4.93
CA GLU A 113 33.58 -93.49 -4.63
C GLU A 113 32.62 -92.85 -5.63
N VAL A 114 32.90 -93.09 -6.91
CA VAL A 114 32.13 -92.52 -8.00
C VAL A 114 30.67 -92.93 -7.94
N ALA A 115 30.41 -94.20 -7.67
CA ALA A 115 29.06 -94.68 -7.46
C ALA A 115 28.39 -93.86 -6.35
N GLY A 116 29.10 -93.69 -5.24
CA GLY A 116 28.68 -92.84 -4.15
C GLY A 116 28.31 -91.47 -4.65
N GLY A 117 29.14 -90.91 -5.53
CA GLY A 117 28.87 -89.60 -6.11
C GLY A 117 27.51 -89.49 -6.80
N ILE A 118 27.30 -90.34 -7.80
CA ILE A 118 26.04 -90.44 -8.48
C ILE A 118 24.92 -90.56 -7.48
N GLU A 119 25.01 -91.53 -6.59
CA GLU A 119 23.97 -91.73 -5.60
C GLU A 119 23.65 -90.43 -4.89
N ALA A 120 24.69 -89.71 -4.49
CA ALA A 120 24.54 -88.41 -3.86
C ALA A 120 23.74 -87.43 -4.70
N ILE A 121 24.09 -87.34 -5.98
CA ILE A 121 23.33 -86.53 -6.93
C ILE A 121 21.87 -86.97 -6.98
N VAL A 122 21.62 -88.26 -7.14
CA VAL A 122 20.26 -88.76 -7.15
C VAL A 122 19.55 -88.30 -5.89
N GLN A 123 20.17 -88.51 -4.74
CA GLN A 123 19.59 -88.14 -3.48
C GLN A 123 19.14 -86.70 -3.48
N LEU A 124 20.04 -85.83 -3.93
CA LEU A 124 19.76 -84.40 -3.98
C LEU A 124 18.58 -84.13 -4.86
N ILE A 125 18.56 -84.73 -6.04
CA ILE A 125 17.50 -84.41 -6.95
C ILE A 125 16.17 -84.79 -6.36
N ASN A 126 16.03 -85.99 -5.83
CA ASN A 126 14.73 -86.34 -5.34
C ASN A 126 14.47 -85.72 -4.00
N THR A 127 15.35 -84.85 -3.53
CA THR A 127 15.02 -84.03 -2.37
C THR A 127 14.42 -82.71 -2.83
N ARG A 128 15.14 -82.03 -3.71
CA ARG A 128 14.67 -80.81 -4.31
C ARG A 128 13.52 -81.00 -5.35
N GLN A 129 13.39 -82.20 -5.92
CA GLN A 129 12.44 -82.48 -6.99
C GLN A 129 11.68 -83.80 -6.81
N PRO A 130 10.95 -83.95 -5.71
CA PRO A 130 10.31 -85.21 -5.33
C PRO A 130 9.35 -85.81 -6.35
N GLN A 131 8.81 -85.00 -7.24
CA GLN A 131 7.88 -85.50 -8.23
C GLN A 131 8.58 -86.08 -9.49
N ALA A 132 9.88 -85.81 -9.62
CA ALA A 132 10.60 -86.19 -10.84
C ALA A 132 11.04 -87.63 -10.81
N LYS A 133 10.85 -88.31 -11.92
CA LYS A 133 11.29 -89.68 -12.07
C LYS A 133 12.67 -89.59 -12.72
N ILE A 134 13.65 -90.30 -12.17
CA ILE A 134 15.04 -90.10 -12.60
C ILE A 134 15.61 -91.27 -13.38
N ILE A 135 16.27 -90.97 -14.50
CA ILE A 135 16.99 -91.98 -15.27
C ILE A 135 18.46 -91.67 -15.11
N VAL A 136 19.24 -92.67 -14.71
CA VAL A 136 20.69 -92.58 -14.68
C VAL A 136 21.27 -93.41 -15.80
N LEU A 137 21.90 -92.77 -16.77
CA LEU A 137 22.62 -93.52 -17.80
C LEU A 137 23.90 -94.11 -17.24
N GLY A 138 24.13 -95.38 -17.50
CA GLY A 138 25.36 -96.03 -17.09
C GLY A 138 26.56 -95.45 -17.80
N LEU A 139 27.74 -95.67 -17.25
CA LEU A 139 28.93 -95.16 -17.91
C LEU A 139 29.35 -96.08 -19.06
N LEU A 140 29.76 -95.49 -20.17
CA LEU A 140 30.10 -96.32 -21.34
C LEU A 140 31.55 -96.68 -21.36
N PRO A 141 31.92 -97.72 -22.09
CA PRO A 141 33.32 -98.08 -22.30
C PRO A 141 34.07 -96.95 -23.01
N ARG A 142 35.41 -97.00 -22.94
CA ARG A 142 36.23 -96.01 -23.63
C ARG A 142 37.58 -96.59 -23.96
N GLY A 143 38.31 -95.92 -24.83
CA GLY A 143 39.61 -96.40 -25.24
C GLY A 143 39.54 -97.37 -26.40
N GLU A 144 40.55 -97.34 -27.26
CA GLU A 144 40.52 -98.21 -28.43
C GLU A 144 40.53 -99.66 -28.01
N LYS A 145 41.50 -100.01 -27.17
CA LYS A 145 41.71 -101.37 -26.70
C LYS A 145 41.44 -101.41 -25.21
N PRO A 146 41.11 -102.58 -24.66
CA PRO A 146 40.82 -102.75 -23.23
C PRO A 146 41.83 -102.10 -22.28
N ASN A 147 41.35 -101.58 -21.14
CA ASN A 147 42.16 -100.81 -20.19
C ASN A 147 41.51 -100.65 -18.82
N PRO A 148 42.26 -100.21 -17.81
CA PRO A 148 41.74 -100.03 -16.46
C PRO A 148 40.49 -99.19 -16.35
N LEU A 149 40.22 -98.33 -17.33
CA LEU A 149 39.06 -97.47 -17.28
C LEU A 149 37.81 -98.19 -17.72
N ARG A 150 37.91 -99.02 -18.75
CA ARG A 150 36.75 -99.80 -19.15
C ARG A 150 36.30 -100.64 -17.97
N GLN A 151 37.27 -101.07 -17.16
CA GLN A 151 37.01 -101.80 -15.93
C GLN A 151 36.33 -100.94 -14.87
N LYS A 152 36.81 -99.72 -14.72
CA LYS A 152 36.30 -98.84 -13.67
C LYS A 152 34.84 -98.54 -13.89
N ASN A 153 34.51 -97.96 -15.03
CA ASN A 153 33.13 -97.66 -15.34
C ASN A 153 32.23 -98.89 -15.20
N ALA A 154 32.71 -100.04 -15.66
CA ALA A 154 31.99 -101.28 -15.49
C ALA A 154 31.58 -101.44 -14.03
N LYS A 155 32.53 -101.40 -13.09
CA LYS A 155 32.17 -101.49 -11.67
C LYS A 155 31.13 -100.46 -11.25
N VAL A 156 31.33 -99.19 -11.63
CA VAL A 156 30.34 -98.19 -11.28
C VAL A 156 28.96 -98.72 -11.64
N ASN A 157 28.80 -99.15 -12.89
CA ASN A 157 27.52 -99.65 -13.34
C ASN A 157 27.00 -100.78 -12.46
N GLN A 158 27.88 -101.73 -12.13
CA GLN A 158 27.65 -102.83 -11.20
C GLN A 158 26.96 -102.34 -9.92
N LEU A 159 27.67 -101.44 -9.25
CA LEU A 159 27.29 -100.95 -7.96
C LEU A 159 25.99 -100.20 -8.07
N LEU A 160 25.80 -99.49 -9.18
CA LEU A 160 24.56 -98.74 -9.38
C LEU A 160 23.36 -99.63 -9.60
N LYS A 161 23.53 -100.70 -10.38
CA LYS A 161 22.47 -101.68 -10.57
C LYS A 161 21.92 -102.11 -9.19
N VAL A 162 22.81 -102.28 -8.21
CA VAL A 162 22.41 -102.76 -6.88
C VAL A 162 21.90 -101.67 -5.98
N SER A 163 22.51 -100.49 -6.03
CA SER A 163 22.24 -99.40 -5.11
C SER A 163 21.08 -98.49 -5.50
N LEU A 164 20.71 -98.45 -6.77
CA LEU A 164 19.66 -97.54 -7.19
C LEU A 164 18.24 -98.04 -7.02
N PRO A 165 17.97 -99.35 -7.06
CA PRO A 165 16.61 -99.86 -6.78
C PRO A 165 16.18 -99.64 -5.36
N LYS A 166 17.10 -99.24 -4.49
CA LYS A 166 16.77 -98.60 -3.20
C LYS A 166 16.58 -97.18 -3.67
N LEU A 167 16.29 -96.20 -2.81
CA LEU A 167 16.21 -94.79 -3.29
C LEU A 167 15.02 -94.53 -4.21
N ALA A 168 14.29 -93.45 -3.98
CA ALA A 168 13.00 -93.30 -4.62
C ALA A 168 13.04 -92.74 -6.04
N ASN A 169 12.24 -93.32 -6.92
CA ASN A 169 12.11 -92.85 -8.29
C ASN A 169 13.41 -92.78 -9.07
N VAL A 170 14.17 -93.89 -9.11
CA VAL A 170 15.35 -93.97 -9.98
C VAL A 170 15.48 -95.31 -10.62
N GLN A 171 15.95 -95.30 -11.85
CA GLN A 171 16.41 -96.52 -12.47
C GLN A 171 17.65 -96.23 -13.27
N LEU A 172 18.51 -97.22 -13.36
CA LEU A 172 19.68 -97.07 -14.16
C LEU A 172 19.33 -97.61 -15.52
N LEU A 173 19.79 -96.94 -16.55
CA LEU A 173 19.64 -97.39 -17.91
C LEU A 173 21.03 -97.66 -18.37
N ASP A 174 21.42 -98.93 -18.38
CA ASP A 174 22.74 -99.33 -18.78
C ASP A 174 22.62 -99.78 -20.23
N THR A 175 22.72 -98.84 -21.18
CA THR A 175 22.58 -99.22 -22.58
C THR A 175 23.85 -99.97 -22.92
N ASP A 176 23.73 -101.04 -23.72
CA ASP A 176 24.85 -101.32 -24.61
C ASP A 176 24.65 -101.68 -26.05
N GLY A 177 24.95 -100.66 -26.84
CA GLY A 177 25.12 -100.75 -28.28
C GLY A 177 26.44 -101.42 -28.46
N GLY A 178 26.71 -101.90 -29.66
CA GLY A 178 27.83 -102.81 -29.84
C GLY A 178 29.17 -102.08 -29.78
N PHE A 179 29.39 -101.35 -28.68
CA PHE A 179 30.50 -100.41 -28.65
C PHE A 179 31.81 -101.13 -28.64
N VAL A 180 31.84 -102.27 -27.98
CA VAL A 180 33.00 -103.14 -28.04
C VAL A 180 32.68 -104.34 -28.92
N HIS A 181 33.53 -104.65 -29.89
CA HIS A 181 33.25 -105.90 -30.58
C HIS A 181 33.93 -107.13 -30.00
N SER A 182 33.96 -108.21 -30.76
CA SER A 182 34.51 -109.43 -30.24
C SER A 182 35.99 -109.23 -29.87
N ASP A 183 36.77 -108.59 -30.74
CA ASP A 183 38.20 -108.45 -30.49
C ASP A 183 38.46 -107.37 -29.46
N GLY A 184 37.38 -106.81 -28.93
CA GLY A 184 37.47 -105.89 -27.82
C GLY A 184 37.86 -104.48 -28.21
N ALA A 185 37.74 -104.15 -29.49
CA ALA A 185 38.03 -102.81 -29.97
C ALA A 185 36.78 -101.93 -30.11
N ILE A 186 36.94 -100.64 -29.86
CA ILE A 186 35.87 -99.66 -30.10
C ILE A 186 36.12 -98.94 -31.41
N SER A 187 35.17 -98.99 -32.33
CA SER A 187 35.34 -98.33 -33.62
C SER A 187 35.23 -96.86 -33.50
N CYS A 188 36.16 -96.15 -34.12
CA CYS A 188 36.08 -94.71 -34.12
C CYS A 188 34.93 -94.22 -34.96
N HIS A 189 34.19 -95.12 -35.58
CA HIS A 189 32.95 -94.73 -36.21
C HIS A 189 31.82 -94.62 -35.18
N ASP A 190 32.11 -94.98 -33.95
CA ASP A 190 31.13 -94.96 -32.90
C ASP A 190 31.60 -94.02 -31.84
N MET A 191 32.92 -93.93 -31.67
CA MET A 191 33.57 -92.97 -30.77
C MET A 191 34.77 -92.34 -31.48
N PHE A 192 34.59 -91.12 -31.90
CA PHE A 192 35.53 -90.59 -32.85
C PHE A 192 36.88 -90.35 -32.23
N ASP A 193 36.93 -90.36 -30.91
CA ASP A 193 38.18 -90.20 -30.22
C ASP A 193 38.27 -91.22 -29.10
N PHE A 194 37.49 -92.26 -29.25
CA PHE A 194 37.39 -93.38 -28.30
C PHE A 194 36.86 -92.96 -26.93
N LEU A 195 35.99 -91.96 -26.91
CA LEU A 195 35.37 -91.49 -25.69
C LEU A 195 34.05 -90.84 -25.97
N HIS A 196 34.07 -89.85 -26.84
CA HIS A 196 32.88 -89.12 -27.22
C HIS A 196 32.19 -89.79 -28.39
N LEU A 197 30.87 -89.71 -28.40
CA LEU A 197 30.07 -90.42 -29.40
C LEU A 197 29.97 -89.66 -30.68
N THR A 198 29.79 -90.38 -31.78
CA THR A 198 29.49 -89.78 -33.06
C THR A 198 27.99 -89.72 -33.21
N GLY A 199 27.53 -89.10 -34.28
CA GLY A 199 26.11 -89.12 -34.56
C GLY A 199 25.58 -90.53 -34.45
N GLY A 200 26.18 -91.45 -35.20
CA GLY A 200 25.85 -92.86 -35.13
C GLY A 200 25.74 -93.37 -33.70
N GLY A 201 26.78 -93.10 -32.90
CA GLY A 201 26.85 -93.56 -31.53
C GLY A 201 25.66 -93.13 -30.74
N TYR A 202 25.37 -91.85 -30.75
CA TYR A 202 24.24 -91.34 -29.98
C TYR A 202 22.95 -92.05 -30.33
N ALA A 203 22.78 -92.36 -31.62
CA ALA A 203 21.60 -93.04 -32.07
C ALA A 203 21.41 -94.35 -31.34
N LYS A 204 22.51 -95.09 -31.11
CA LYS A 204 22.47 -96.35 -30.37
C LYS A 204 22.06 -96.11 -28.92
N ILE A 205 22.41 -94.95 -28.40
CA ILE A 205 22.10 -94.56 -27.03
C ILE A 205 20.71 -93.97 -26.89
N CYS A 206 20.31 -93.17 -27.86
CA CYS A 206 19.15 -92.30 -27.68
C CYS A 206 17.87 -93.06 -27.97
N LYS A 207 17.89 -93.93 -28.99
CA LYS A 207 16.71 -94.73 -29.30
C LYS A 207 16.09 -95.30 -28.01
N PRO A 208 16.85 -96.10 -27.27
CA PRO A 208 16.33 -96.70 -26.04
C PRO A 208 15.98 -95.67 -24.97
N LEU A 209 16.81 -94.65 -24.85
CA LEU A 209 16.60 -93.64 -23.84
C LEU A 209 15.29 -92.91 -24.12
N HIS A 210 15.07 -92.53 -25.37
CA HIS A 210 13.87 -91.79 -25.73
C HIS A 210 12.67 -92.65 -25.42
N GLU A 211 12.75 -93.90 -25.87
CA GLU A 211 11.73 -94.92 -25.67
C GLU A 211 11.35 -95.04 -24.20
N LEU A 212 12.33 -94.98 -23.31
CA LEU A 212 12.00 -95.03 -21.89
C LEU A 212 11.36 -93.75 -21.40
N ILE A 213 11.93 -92.60 -21.72
CA ILE A 213 11.37 -91.35 -21.26
C ILE A 213 9.91 -91.34 -21.61
N MET A 214 9.60 -91.49 -22.88
CA MET A 214 8.23 -91.47 -23.33
C MET A 214 7.31 -92.32 -22.50
N GLN A 215 7.78 -93.49 -22.09
CA GLN A 215 7.05 -94.33 -21.16
C GLN A 215 6.75 -93.51 -19.93
N LEU A 216 7.81 -93.10 -19.26
CA LEU A 216 7.76 -92.41 -18.00
C LEU A 216 6.91 -91.15 -18.04
N LEU A 217 6.91 -90.46 -19.17
CA LEU A 217 6.04 -89.31 -19.35
C LEU A 217 4.58 -89.73 -19.49
N GLU A 218 4.32 -90.78 -20.30
CA GLU A 218 2.99 -91.32 -20.47
C GLU A 218 2.40 -91.85 -19.18
N GLU A 219 3.23 -91.99 -18.14
CA GLU A 219 2.80 -92.41 -16.80
C GLU A 219 1.84 -91.44 -16.05
N THR A 220 2.22 -90.17 -15.86
CA THR A 220 1.28 -89.13 -15.35
C THR A 220 1.54 -87.67 -15.82
N PRO A 221 0.46 -87.01 -16.33
CA PRO A 221 0.55 -85.68 -16.97
C PRO A 221 -0.18 -84.43 -16.32
N GLU A 222 -0.65 -84.50 -15.07
CA GLU A 222 -1.19 -83.28 -14.38
C GLU A 222 -0.19 -82.59 -13.40
N GLU A 223 0.65 -81.68 -13.96
CA GLU A 223 1.84 -81.12 -13.30
C GLU A 223 1.59 -79.75 -12.59
N SER B 6 65.55 -70.30 -27.93
CA SER B 6 64.77 -71.47 -28.44
C SER B 6 63.36 -71.49 -27.84
N ASN B 7 62.37 -71.30 -28.71
CA ASN B 7 60.95 -71.12 -28.29
C ASN B 7 60.19 -72.40 -27.96
N PRO B 8 59.75 -72.52 -26.70
CA PRO B 8 59.08 -73.74 -26.22
C PRO B 8 57.90 -74.19 -27.06
N ALA B 9 57.09 -73.26 -27.58
CA ALA B 9 55.89 -73.63 -28.34
C ALA B 9 56.23 -74.37 -29.63
N ALA B 10 57.49 -74.34 -30.03
CA ALA B 10 57.91 -74.93 -31.29
C ALA B 10 58.85 -76.13 -31.12
N ILE B 11 58.94 -76.65 -29.89
CA ILE B 11 59.67 -77.89 -29.62
C ILE B 11 58.70 -79.05 -29.61
N PRO B 12 58.81 -79.96 -30.57
CA PRO B 12 57.91 -81.12 -30.68
C PRO B 12 57.89 -81.95 -29.40
N HIS B 13 56.74 -82.54 -29.07
CA HIS B 13 56.49 -83.09 -27.74
C HIS B 13 55.20 -83.89 -27.74
N ALA B 14 55.30 -85.20 -27.48
CA ALA B 14 54.14 -86.09 -27.43
C ALA B 14 53.41 -86.00 -26.10
N ALA B 15 52.09 -85.90 -26.15
CA ALA B 15 51.26 -85.76 -24.94
C ALA B 15 51.22 -87.05 -24.16
N GLU B 16 51.74 -87.01 -22.95
CA GLU B 16 51.72 -88.13 -22.00
C GLU B 16 50.29 -88.40 -21.61
N ASP B 17 49.85 -89.66 -21.69
CA ASP B 17 48.54 -90.04 -21.17
C ASP B 17 48.61 -90.20 -19.65
N ILE B 18 47.77 -89.43 -18.98
CA ILE B 18 47.73 -89.35 -17.55
C ILE B 18 46.46 -90.03 -17.03
N GLN B 19 45.60 -90.45 -17.95
CA GLN B 19 44.27 -90.98 -17.62
C GLN B 19 44.19 -92.50 -17.57
N GLY B 20 44.86 -93.19 -18.47
CA GLY B 20 44.91 -94.64 -18.43
C GLY B 20 44.49 -95.39 -19.69
N ASP B 21 43.64 -94.77 -20.51
CA ASP B 21 43.10 -95.43 -21.69
C ASP B 21 43.90 -95.20 -22.96
N ASP B 22 45.08 -94.56 -22.83
CA ASP B 22 45.97 -94.26 -23.94
C ASP B 22 45.23 -93.84 -25.23
N ARG B 23 44.45 -92.79 -25.15
CA ARG B 23 43.60 -92.35 -26.27
C ARG B 23 44.30 -91.48 -27.27
N TRP B 24 45.29 -90.72 -26.81
CA TRP B 24 45.99 -89.81 -27.70
C TRP B 24 46.77 -90.60 -28.72
N MET B 25 47.53 -91.58 -28.25
CA MET B 25 48.33 -92.44 -29.13
C MET B 25 47.46 -93.25 -30.04
N SER B 26 46.31 -93.70 -29.52
CA SER B 26 45.35 -94.45 -30.29
C SER B 26 45.02 -93.72 -31.58
N GLN B 27 44.69 -92.45 -31.42
CA GLN B 27 44.30 -91.59 -32.53
C GLN B 27 45.42 -91.31 -33.48
N HIS B 28 46.60 -91.05 -32.95
CA HIS B 28 47.75 -90.80 -33.77
C HIS B 28 48.03 -91.99 -34.66
N ASN B 29 48.03 -93.17 -34.06
CA ASN B 29 48.22 -94.38 -34.81
C ASN B 29 47.22 -94.51 -35.94
N ARG B 30 45.94 -94.34 -35.59
CA ARG B 30 44.87 -94.36 -36.58
C ARG B 30 45.24 -93.52 -37.81
N PHE B 31 45.83 -92.36 -37.57
CA PHE B 31 46.21 -91.47 -38.66
C PHE B 31 47.37 -92.02 -39.46
N VAL B 32 48.39 -92.48 -38.75
CA VAL B 32 49.57 -93.03 -39.38
C VAL B 32 49.07 -94.12 -40.31
N LEU B 33 48.22 -94.98 -39.76
CA LEU B 33 47.62 -96.06 -40.50
C LEU B 33 46.90 -95.50 -41.72
N ASP B 34 46.15 -94.41 -41.53
CA ASP B 34 45.46 -93.72 -42.62
C ASP B 34 46.43 -93.15 -43.66
N CYS B 35 47.60 -92.76 -43.20
CA CYS B 35 48.62 -92.27 -44.12
C CYS B 35 49.28 -93.36 -44.97
N LYS B 36 49.13 -94.61 -44.56
CA LYS B 36 49.84 -95.70 -45.18
C LYS B 36 49.14 -96.10 -46.46
N ASP B 37 47.81 -96.02 -46.50
CA ASP B 37 47.14 -96.54 -47.67
C ASP B 37 46.00 -95.72 -48.24
N LYS B 38 45.73 -94.57 -47.65
CA LYS B 38 44.80 -93.63 -48.28
C LYS B 38 45.62 -92.69 -49.16
N GLU B 39 44.94 -91.83 -49.90
CA GLU B 39 45.61 -90.83 -50.73
C GLU B 39 44.75 -89.62 -51.01
N PRO B 40 44.77 -88.66 -50.10
CA PRO B 40 43.85 -87.52 -50.10
C PRO B 40 44.30 -86.42 -51.03
N ASP B 41 43.38 -85.50 -51.35
CA ASP B 41 43.72 -84.26 -52.05
C ASP B 41 43.90 -83.18 -51.01
N VAL B 42 43.13 -83.24 -49.93
CA VAL B 42 43.14 -82.22 -48.88
C VAL B 42 43.35 -82.86 -47.49
N LEU B 43 44.16 -82.20 -46.66
CA LEU B 43 44.50 -82.70 -45.33
C LEU B 43 44.27 -81.61 -44.29
N PHE B 44 43.42 -81.87 -43.32
CA PHE B 44 43.21 -80.96 -42.20
C PHE B 44 43.98 -81.45 -41.00
N VAL B 45 44.89 -80.64 -40.49
CA VAL B 45 45.57 -80.97 -39.23
C VAL B 45 45.28 -79.90 -38.20
N GLY B 46 45.31 -80.28 -36.93
CA GLY B 46 45.08 -79.33 -35.88
C GLY B 46 44.40 -79.89 -34.66
N ASP B 47 43.70 -79.02 -33.95
CA ASP B 47 43.16 -79.38 -32.66
C ASP B 47 41.68 -79.67 -32.79
N SER B 48 40.98 -79.57 -31.65
CA SER B 48 39.54 -79.78 -31.57
C SER B 48 38.74 -79.05 -32.64
N MET B 49 39.08 -77.81 -32.95
CA MET B 49 38.37 -77.08 -33.98
C MET B 49 38.33 -77.89 -35.27
N VAL B 50 39.44 -78.55 -35.59
CA VAL B 50 39.50 -79.33 -36.80
C VAL B 50 38.80 -80.64 -36.58
N GLN B 51 39.05 -81.27 -35.44
CA GLN B 51 38.48 -82.57 -35.14
C GLN B 51 36.94 -82.57 -35.18
N LEU B 52 36.33 -81.58 -34.52
CA LEU B 52 34.90 -81.46 -34.35
C LEU B 52 34.21 -81.19 -35.64
N MET B 53 34.91 -80.55 -36.57
CA MET B 53 34.32 -80.21 -37.85
C MET B 53 33.75 -81.42 -38.56
N GLN B 54 34.44 -82.56 -38.47
CA GLN B 54 34.04 -83.82 -39.10
C GLN B 54 32.68 -84.31 -38.59
N GLN B 55 32.34 -83.95 -37.36
CA GLN B 55 31.17 -84.50 -36.70
C GLN B 55 29.87 -83.91 -37.20
N TYR B 56 29.97 -82.82 -37.95
CA TYR B 56 28.79 -82.08 -38.39
C TYR B 56 28.41 -82.32 -39.83
N GLU B 57 27.11 -82.22 -40.11
CA GLU B 57 26.54 -82.51 -41.43
C GLU B 57 27.29 -81.83 -42.54
N ILE B 58 27.86 -80.68 -42.22
CA ILE B 58 28.54 -79.85 -43.21
C ILE B 58 29.85 -80.42 -43.71
N TRP B 59 30.45 -81.34 -42.97
CA TRP B 59 31.66 -82.00 -43.46
C TRP B 59 31.38 -82.99 -44.63
N ARG B 60 30.36 -83.84 -44.49
CA ARG B 60 30.01 -84.78 -45.56
C ARG B 60 29.44 -84.03 -46.79
N GLU B 61 29.16 -82.74 -46.61
CA GLU B 61 28.50 -81.92 -47.61
C GLU B 61 29.50 -81.14 -48.45
N LEU B 62 30.63 -80.83 -47.83
CA LEU B 62 31.62 -79.91 -48.41
C LEU B 62 32.98 -80.50 -48.73
N PHE B 63 33.57 -81.18 -47.74
CA PHE B 63 34.93 -81.70 -47.82
C PHE B 63 35.02 -83.19 -48.09
N SER B 64 33.97 -83.91 -47.71
CA SER B 64 33.99 -85.33 -47.99
C SER B 64 34.26 -85.60 -49.47
N PRO B 65 33.58 -84.90 -50.39
CA PRO B 65 33.74 -85.15 -51.82
C PRO B 65 35.07 -84.63 -52.33
N LEU B 66 35.81 -83.95 -51.47
CA LEU B 66 37.11 -83.42 -51.86
C LEU B 66 38.23 -84.42 -51.68
N HIS B 67 37.89 -85.57 -51.11
CA HIS B 67 38.87 -86.58 -50.70
C HIS B 67 39.77 -85.95 -49.68
N ALA B 68 39.19 -85.73 -48.51
CA ALA B 68 39.85 -84.99 -47.47
C ALA B 68 40.10 -85.88 -46.28
N LEU B 69 41.25 -85.72 -45.66
CA LEU B 69 41.52 -86.40 -44.40
C LEU B 69 41.49 -85.43 -43.23
N ASN B 70 41.13 -85.91 -42.05
CA ASN B 70 41.09 -85.03 -40.89
C ASN B 70 41.96 -85.56 -39.74
N PHE B 71 43.08 -84.91 -39.50
CA PHE B 71 44.02 -85.38 -38.48
C PHE B 71 43.92 -84.58 -37.20
N GLY B 72 42.70 -84.21 -36.82
CA GLY B 72 42.52 -83.36 -35.68
C GLY B 72 42.48 -84.15 -34.41
N ILE B 73 43.13 -83.63 -33.37
CA ILE B 73 42.95 -84.13 -32.00
C ILE B 73 42.57 -83.01 -31.04
N GLY B 74 41.63 -83.31 -30.15
CA GLY B 74 41.15 -82.32 -29.22
C GLY B 74 42.19 -81.98 -28.19
N GLY B 75 42.29 -80.68 -27.89
CA GLY B 75 43.16 -80.22 -26.83
C GLY B 75 44.63 -80.25 -27.15
N ASP B 76 44.97 -80.62 -28.38
CA ASP B 76 46.33 -80.57 -28.90
C ASP B 76 46.86 -79.14 -28.97
N THR B 77 48.15 -78.98 -28.70
CA THR B 77 48.84 -77.70 -28.81
C THR B 77 49.79 -77.73 -30.00
N THR B 78 50.45 -76.62 -30.28
CA THR B 78 51.40 -76.59 -31.38
C THR B 78 52.43 -77.65 -31.18
N ARG B 79 52.91 -77.78 -29.95
CA ARG B 79 53.94 -78.76 -29.65
C ARG B 79 53.51 -80.18 -30.05
N HIS B 80 52.25 -80.52 -29.74
CA HIS B 80 51.70 -81.84 -30.01
C HIS B 80 51.59 -82.08 -31.53
N VAL B 81 50.92 -81.15 -32.22
CA VAL B 81 50.74 -81.25 -33.67
C VAL B 81 52.06 -81.42 -34.40
N LEU B 82 53.05 -80.64 -33.97
CA LEU B 82 54.39 -80.78 -34.49
C LEU B 82 54.81 -82.22 -34.41
N TRP B 83 54.98 -82.71 -33.18
CA TRP B 83 55.42 -84.08 -32.94
C TRP B 83 54.69 -85.06 -33.82
N ARG B 84 53.36 -84.93 -33.86
CA ARG B 84 52.52 -85.77 -34.70
C ARG B 84 52.98 -85.73 -36.15
N LEU B 85 53.19 -84.52 -36.67
CA LEU B 85 53.58 -84.34 -38.06
C LEU B 85 54.96 -84.89 -38.27
N LYS B 86 55.85 -84.65 -37.30
CA LYS B 86 57.22 -85.16 -37.39
C LYS B 86 57.28 -86.68 -37.35
N ASN B 87 56.38 -87.30 -36.60
CA ASN B 87 56.38 -88.76 -36.47
C ASN B 87 55.41 -89.50 -37.35
N GLY B 88 55.26 -89.01 -38.57
CA GLY B 88 54.76 -89.85 -39.64
C GLY B 88 53.37 -89.56 -40.15
N GLU B 89 52.76 -88.45 -39.76
CA GLU B 89 51.47 -88.07 -40.31
C GLU B 89 51.67 -87.32 -41.61
N LEU B 90 52.88 -87.31 -42.14
CA LEU B 90 53.15 -86.60 -43.37
C LEU B 90 53.87 -87.47 -44.39
N GLU B 91 53.71 -88.78 -44.27
CA GLU B 91 54.44 -89.69 -45.13
C GLU B 91 53.52 -90.34 -46.15
N ASN B 92 54.05 -90.61 -47.34
CA ASN B 92 53.34 -91.39 -48.34
C ASN B 92 52.22 -90.59 -49.04
N ILE B 93 51.43 -89.84 -48.27
CA ILE B 93 50.39 -88.97 -48.85
C ILE B 93 51.05 -87.79 -49.56
N LYS B 94 50.36 -87.21 -50.55
CA LYS B 94 50.83 -85.96 -51.18
C LYS B 94 49.65 -85.06 -51.44
N PRO B 95 49.05 -84.53 -50.38
CA PRO B 95 47.81 -83.75 -50.51
C PRO B 95 48.10 -82.52 -51.30
N LYS B 96 47.10 -82.01 -52.01
CA LYS B 96 47.23 -80.81 -52.80
C LYS B 96 47.13 -79.58 -51.90
N VAL B 97 46.23 -79.66 -50.92
CA VAL B 97 46.06 -78.60 -49.94
C VAL B 97 46.09 -79.14 -48.52
N ILE B 98 46.75 -78.41 -47.64
CA ILE B 98 46.77 -78.73 -46.22
C ILE B 98 46.17 -77.56 -45.48
N VAL B 99 45.25 -77.83 -44.55
CA VAL B 99 44.69 -76.80 -43.70
C VAL B 99 45.19 -77.00 -42.28
N VAL B 100 45.82 -75.98 -41.74
CA VAL B 100 46.31 -76.05 -40.37
C VAL B 100 45.45 -75.16 -39.51
N TRP B 101 45.09 -75.65 -38.34
CA TRP B 101 44.29 -74.90 -37.39
C TRP B 101 44.64 -75.30 -35.97
N VAL B 102 45.60 -74.59 -35.40
CA VAL B 102 46.09 -74.91 -34.07
C VAL B 102 46.40 -73.63 -33.34
N GLY B 103 46.29 -73.67 -32.03
CA GLY B 103 46.91 -72.64 -31.22
C GLY B 103 46.10 -72.24 -30.02
N THR B 104 44.79 -72.26 -30.19
CA THR B 104 43.93 -71.73 -29.16
C THR B 104 43.99 -72.52 -27.86
N ASN B 105 44.62 -73.69 -27.88
CA ASN B 105 44.80 -74.48 -26.67
C ASN B 105 46.16 -74.25 -26.01
N ASN B 106 46.91 -73.34 -26.60
CA ASN B 106 48.26 -73.01 -26.13
C ASN B 106 48.32 -71.99 -24.98
N HIS B 107 47.53 -72.20 -23.93
CA HIS B 107 47.75 -71.48 -22.67
C HIS B 107 49.16 -71.87 -22.27
N GLU B 108 49.83 -71.06 -21.46
CA GLU B 108 51.21 -71.39 -21.10
C GLU B 108 52.23 -70.84 -22.07
N ASN B 109 51.78 -70.28 -23.19
CA ASN B 109 52.69 -69.59 -24.10
C ASN B 109 52.17 -68.20 -24.45
N THR B 110 53.10 -67.26 -24.62
CA THR B 110 52.71 -65.92 -25.04
C THR B 110 52.29 -65.98 -26.49
N ALA B 111 51.46 -65.02 -26.89
CA ALA B 111 51.02 -64.89 -28.28
C ALA B 111 52.17 -65.10 -29.26
N GLU B 112 53.26 -64.39 -28.98
CA GLU B 112 54.41 -64.41 -29.85
C GLU B 112 54.88 -65.85 -30.03
N GLU B 113 55.11 -66.53 -28.91
CA GLU B 113 55.60 -67.91 -28.94
C GLU B 113 54.69 -68.78 -29.82
N VAL B 114 53.39 -68.65 -29.59
CA VAL B 114 52.36 -69.37 -30.33
C VAL B 114 52.50 -69.18 -31.84
N ALA B 115 52.69 -67.94 -32.26
CA ALA B 115 52.85 -67.64 -33.67
C ALA B 115 54.07 -68.37 -34.18
N GLY B 116 55.12 -68.36 -33.38
CA GLY B 116 56.31 -69.13 -33.69
C GLY B 116 55.99 -70.59 -33.92
N GLY B 117 55.21 -71.17 -33.02
CA GLY B 117 54.76 -72.55 -33.12
C GLY B 117 54.14 -72.85 -34.46
N ILE B 118 53.07 -72.14 -34.80
CA ILE B 118 52.41 -72.29 -36.10
C ILE B 118 53.42 -72.20 -37.23
N GLU B 119 54.22 -71.14 -37.21
CA GLU B 119 55.24 -70.89 -38.21
C GLU B 119 56.15 -72.12 -38.40
N ALA B 120 56.58 -72.73 -37.29
CA ALA B 120 57.38 -73.95 -37.31
C ALA B 120 56.65 -75.11 -37.98
N ILE B 121 55.38 -75.25 -37.64
CA ILE B 121 54.48 -76.23 -38.25
C ILE B 121 54.50 -76.03 -39.77
N VAL B 122 54.21 -74.81 -40.20
CA VAL B 122 54.18 -74.49 -41.60
C VAL B 122 55.51 -74.86 -42.25
N GLN B 123 56.62 -74.42 -41.65
CA GLN B 123 57.97 -74.76 -42.10
C GLN B 123 58.14 -76.25 -42.37
N LEU B 124 57.80 -77.06 -41.36
CA LEU B 124 57.85 -78.51 -41.46
C LEU B 124 57.05 -79.01 -42.63
N ILE B 125 55.81 -78.53 -42.72
CA ILE B 125 54.91 -78.96 -43.77
C ILE B 125 55.52 -78.74 -45.14
N ASN B 126 55.91 -77.51 -45.46
CA ASN B 126 56.45 -77.28 -46.79
C ASN B 126 57.86 -77.83 -46.95
N THR B 127 58.40 -78.47 -45.92
CA THR B 127 59.63 -79.22 -46.08
C THR B 127 59.29 -80.63 -46.56
N ARG B 128 58.45 -81.31 -45.80
CA ARG B 128 58.06 -82.67 -46.14
C ARG B 128 57.09 -82.72 -47.32
N GLN B 129 56.35 -81.63 -47.56
CA GLN B 129 55.32 -81.58 -48.63
C GLN B 129 55.43 -80.33 -49.51
N PRO B 130 56.57 -80.12 -50.17
CA PRO B 130 56.79 -78.93 -50.99
C PRO B 130 55.69 -78.58 -52.00
N GLN B 131 54.94 -79.57 -52.47
CA GLN B 131 53.92 -79.37 -53.49
C GLN B 131 52.63 -78.76 -52.93
N ALA B 132 52.45 -78.92 -51.63
CA ALA B 132 51.19 -78.59 -50.98
C ALA B 132 51.04 -77.09 -50.76
N LYS B 133 49.85 -76.58 -51.08
CA LYS B 133 49.47 -75.20 -50.78
C LYS B 133 48.81 -75.21 -49.41
N ILE B 134 49.24 -74.33 -48.51
CA ILE B 134 48.83 -74.37 -47.10
C ILE B 134 47.86 -73.25 -46.75
N ILE B 135 46.76 -73.58 -46.09
CA ILE B 135 45.90 -72.56 -45.48
C ILE B 135 46.03 -72.67 -43.98
N VAL B 136 46.26 -71.55 -43.33
CA VAL B 136 46.23 -71.53 -41.88
C VAL B 136 45.02 -70.73 -41.46
N LEU B 137 44.11 -71.41 -40.77
CA LEU B 137 42.96 -70.76 -40.20
C LEU B 137 43.40 -70.01 -38.95
N GLY B 138 42.95 -68.77 -38.85
CA GLY B 138 43.25 -67.91 -37.72
C GLY B 138 42.56 -68.38 -36.49
N LEU B 139 43.09 -68.01 -35.33
CA LEU B 139 42.49 -68.34 -34.06
C LEU B 139 41.21 -67.56 -33.82
N LEU B 140 40.19 -68.24 -33.32
CA LEU B 140 38.86 -67.65 -33.14
C LEU B 140 38.72 -67.09 -31.74
N PRO B 141 37.90 -66.06 -31.59
CA PRO B 141 37.57 -65.53 -30.26
C PRO B 141 36.97 -66.60 -29.38
N ARG B 142 36.90 -66.35 -28.09
CA ARG B 142 36.37 -67.32 -27.14
C ARG B 142 35.84 -66.64 -25.91
N GLY B 143 35.02 -67.34 -25.13
CA GLY B 143 34.54 -66.81 -23.88
C GLY B 143 33.31 -65.98 -24.10
N GLU B 144 32.43 -65.94 -23.11
CA GLU B 144 31.17 -65.25 -23.29
C GLU B 144 31.41 -63.76 -23.43
N LYS B 145 32.16 -63.20 -22.50
CA LYS B 145 32.42 -61.78 -22.44
C LYS B 145 33.93 -61.56 -22.58
N PRO B 146 34.36 -60.39 -23.05
CA PRO B 146 35.76 -60.10 -23.34
C PRO B 146 36.75 -60.54 -22.27
N ASN B 147 37.96 -60.88 -22.64
CA ASN B 147 38.94 -61.46 -21.72
C ASN B 147 40.36 -61.56 -22.32
N PRO B 148 41.37 -61.68 -21.47
CA PRO B 148 42.75 -61.97 -21.87
C PRO B 148 42.98 -62.86 -23.09
N LEU B 149 42.10 -63.82 -23.31
CA LEU B 149 42.38 -64.80 -24.34
C LEU B 149 41.86 -64.34 -25.69
N ARG B 150 40.73 -63.67 -25.70
CA ARG B 150 40.27 -63.01 -26.90
C ARG B 150 41.37 -62.13 -27.48
N GLN B 151 42.13 -61.51 -26.58
CA GLN B 151 43.28 -60.68 -26.88
C GLN B 151 44.44 -61.50 -27.42
N LYS B 152 44.76 -62.60 -26.74
CA LYS B 152 45.90 -63.44 -27.11
C LYS B 152 45.77 -63.90 -28.54
N ASN B 153 44.69 -64.62 -28.81
CA ASN B 153 44.39 -65.13 -30.13
C ASN B 153 44.47 -64.03 -31.18
N ALA B 154 43.92 -62.86 -30.86
CA ALA B 154 43.97 -61.76 -31.79
C ALA B 154 45.42 -61.42 -32.18
N LYS B 155 46.31 -61.26 -31.20
CA LYS B 155 47.73 -61.01 -31.46
C LYS B 155 48.28 -62.06 -32.42
N VAL B 156 48.04 -63.34 -32.11
CA VAL B 156 48.52 -64.44 -32.93
C VAL B 156 48.15 -64.16 -34.38
N ASN B 157 46.87 -63.89 -34.62
CA ASN B 157 46.42 -63.55 -35.97
C ASN B 157 47.24 -62.43 -36.55
N GLN B 158 47.47 -61.39 -35.77
CA GLN B 158 48.24 -60.25 -36.20
C GLN B 158 49.61 -60.66 -36.73
N LEU B 159 50.37 -61.33 -35.86
CA LEU B 159 51.72 -61.72 -36.19
C LEU B 159 51.73 -62.62 -37.41
N LEU B 160 50.70 -63.45 -37.55
CA LEU B 160 50.63 -64.37 -38.66
C LEU B 160 50.39 -63.64 -39.96
N LYS B 161 49.47 -62.67 -39.97
CA LYS B 161 49.23 -61.87 -41.17
C LYS B 161 50.54 -61.33 -41.72
N VAL B 162 51.45 -61.00 -40.81
CA VAL B 162 52.73 -60.40 -41.12
C VAL B 162 53.78 -61.42 -41.55
N SER B 163 53.87 -62.52 -40.80
CA SER B 163 54.99 -63.45 -41.00
C SER B 163 54.70 -64.60 -41.97
N LEU B 164 53.44 -64.77 -42.37
CA LEU B 164 53.11 -65.86 -43.30
C LEU B 164 53.27 -65.56 -44.80
N PRO B 165 53.07 -64.33 -45.25
CA PRO B 165 53.37 -63.97 -46.63
C PRO B 165 54.86 -63.99 -47.03
N LYS B 166 55.76 -64.18 -46.06
CA LYS B 166 57.09 -64.74 -46.35
C LYS B 166 56.82 -66.25 -46.30
N LEU B 167 57.82 -67.13 -46.37
CA LEU B 167 57.52 -68.57 -46.24
C LEU B 167 56.62 -69.10 -47.38
N ALA B 168 57.01 -70.21 -48.00
CA ALA B 168 56.44 -70.55 -49.30
C ALA B 168 55.13 -71.34 -49.24
N ASN B 169 54.22 -70.96 -50.14
CA ASN B 169 52.89 -71.56 -50.28
C ASN B 169 52.06 -71.56 -48.99
N VAL B 170 51.85 -70.39 -48.40
CA VAL B 170 51.02 -70.27 -47.19
C VAL B 170 50.20 -69.02 -47.24
N GLN B 171 48.95 -69.12 -46.81
CA GLN B 171 48.20 -67.93 -46.48
C GLN B 171 47.36 -68.14 -45.27
N LEU B 172 47.13 -67.05 -44.59
CA LEU B 172 46.30 -67.04 -43.42
C LEU B 172 44.91 -66.76 -43.92
N LEU B 173 43.94 -67.53 -43.44
CA LEU B 173 42.55 -67.16 -43.64
C LEU B 173 42.02 -66.89 -42.28
N ASP B 174 41.83 -65.60 -41.99
CA ASP B 174 41.27 -65.16 -40.73
C ASP B 174 39.83 -64.87 -41.04
N THR B 175 39.01 -65.89 -40.83
CA THR B 175 37.57 -65.73 -40.98
C THR B 175 37.08 -64.85 -39.85
N ASP B 176 36.19 -63.91 -40.17
CA ASP B 176 35.26 -63.55 -39.11
C ASP B 176 33.79 -63.41 -39.40
N GLY B 177 33.08 -64.49 -39.04
CA GLY B 177 31.63 -64.50 -38.92
C GLY B 177 31.32 -63.70 -37.68
N GLY B 178 30.05 -63.35 -37.50
CA GLY B 178 29.73 -62.37 -36.49
C GLY B 178 29.81 -62.95 -35.09
N PHE B 179 30.92 -63.57 -34.75
CA PHE B 179 30.99 -64.33 -33.50
C PHE B 179 30.91 -63.44 -32.27
N VAL B 180 31.43 -62.23 -32.38
CA VAL B 180 31.23 -61.23 -31.32
C VAL B 180 30.27 -60.15 -31.81
N HIS B 181 29.23 -59.86 -31.03
CA HIS B 181 28.34 -58.79 -31.42
C HIS B 181 28.83 -57.44 -30.94
N SER B 182 27.99 -56.44 -31.08
CA SER B 182 28.34 -55.10 -30.63
C SER B 182 28.65 -55.09 -29.14
N ASP B 183 27.80 -55.70 -28.33
CA ASP B 183 28.00 -55.71 -26.89
C ASP B 183 29.15 -56.63 -26.49
N GLY B 184 29.84 -57.16 -27.47
CA GLY B 184 31.01 -57.97 -27.23
C GLY B 184 30.74 -59.35 -26.65
N ALA B 185 29.51 -59.83 -26.82
CA ALA B 185 29.15 -61.14 -26.34
C ALA B 185 29.12 -62.17 -27.48
N ILE B 186 29.57 -63.38 -27.20
CA ILE B 186 29.46 -64.49 -28.14
C ILE B 186 28.24 -65.32 -27.79
N SER B 187 27.34 -65.49 -28.75
CA SER B 187 26.13 -66.30 -28.55
C SER B 187 26.42 -67.77 -28.51
N CYS B 188 25.88 -68.43 -27.49
CA CYS B 188 26.00 -69.86 -27.37
C CYS B 188 25.25 -70.61 -28.49
N HIS B 189 24.62 -69.88 -29.40
CA HIS B 189 24.12 -70.46 -30.63
C HIS B 189 25.20 -70.57 -31.70
N ASP B 190 26.36 -70.00 -31.38
CA ASP B 190 27.49 -69.99 -32.28
C ASP B 190 28.60 -70.80 -31.65
N MET B 191 28.68 -70.74 -30.33
CA MET B 191 29.66 -71.50 -29.59
C MET B 191 29.00 -72.06 -28.36
N PHE B 192 28.70 -73.35 -28.39
CA PHE B 192 27.82 -73.92 -27.39
C PHE B 192 28.40 -73.88 -26.00
N ASP B 193 29.70 -73.71 -25.92
CA ASP B 193 30.38 -73.66 -24.65
C ASP B 193 31.34 -72.50 -24.69
N PHE B 194 31.09 -71.60 -25.63
CA PHE B 194 31.88 -70.39 -25.82
C PHE B 194 33.28 -70.66 -26.27
N LEU B 195 33.48 -71.74 -27.00
CA LEU B 195 34.79 -72.13 -27.48
C LEU B 195 34.65 -72.96 -28.72
N HIS B 196 33.91 -74.06 -28.61
CA HIS B 196 33.70 -74.98 -29.70
C HIS B 196 32.49 -74.55 -30.50
N LEU B 197 32.54 -74.72 -31.81
CA LEU B 197 31.47 -74.20 -32.63
C LEU B 197 30.28 -75.14 -32.72
N THR B 198 29.11 -74.57 -33.01
CA THR B 198 27.91 -75.32 -33.31
C THR B 198 27.87 -75.63 -34.79
N GLY B 199 26.86 -76.39 -35.20
CA GLY B 199 26.64 -76.62 -36.61
C GLY B 199 26.62 -75.29 -37.31
N GLY B 200 25.79 -74.39 -36.79
CA GLY B 200 25.68 -73.04 -37.30
C GLY B 200 27.02 -72.35 -37.41
N GLY B 201 27.80 -72.43 -36.35
CA GLY B 201 29.11 -71.80 -36.32
C GLY B 201 30.00 -72.24 -37.45
N TYR B 202 30.23 -73.55 -37.54
CA TYR B 202 31.11 -74.06 -38.57
C TYR B 202 30.71 -73.62 -39.98
N ALA B 203 29.41 -73.49 -40.21
CA ALA B 203 28.90 -73.04 -41.50
C ALA B 203 29.41 -71.66 -41.84
N LYS B 204 29.58 -70.82 -40.83
CA LYS B 204 30.19 -69.50 -41.01
C LYS B 204 31.68 -69.58 -41.35
N ILE B 205 32.33 -70.62 -40.84
CA ILE B 205 33.75 -70.85 -41.09
C ILE B 205 33.96 -71.57 -42.40
N CYS B 206 33.10 -72.55 -42.66
CA CYS B 206 33.40 -73.50 -43.71
C CYS B 206 33.11 -72.96 -45.10
N LYS B 207 31.98 -72.26 -45.24
CA LYS B 207 31.62 -71.60 -46.48
C LYS B 207 32.85 -70.96 -47.16
N PRO B 208 33.50 -69.99 -46.50
CA PRO B 208 34.66 -69.33 -47.08
C PRO B 208 35.87 -70.26 -47.24
N LEU B 209 36.10 -71.13 -46.26
CA LEU B 209 37.19 -72.10 -46.33
C LEU B 209 37.09 -73.00 -47.55
N HIS B 210 35.92 -73.60 -47.73
CA HIS B 210 35.64 -74.46 -48.88
C HIS B 210 35.90 -73.69 -50.15
N GLU B 211 35.27 -72.53 -50.22
CA GLU B 211 35.40 -71.62 -51.34
C GLU B 211 36.87 -71.40 -51.71
N LEU B 212 37.71 -71.24 -50.69
CA LEU B 212 39.13 -71.01 -50.94
C LEU B 212 39.79 -72.27 -51.45
N ILE B 213 39.64 -73.36 -50.72
CA ILE B 213 40.26 -74.60 -51.12
C ILE B 213 39.94 -74.87 -52.60
N MET B 214 38.66 -74.86 -52.93
CA MET B 214 38.18 -75.07 -54.29
C MET B 214 39.01 -74.30 -55.30
N GLN B 215 39.29 -73.03 -54.97
CA GLN B 215 40.16 -72.16 -55.75
C GLN B 215 41.51 -72.82 -55.92
N LEU B 216 42.17 -73.05 -54.79
CA LEU B 216 43.50 -73.64 -54.76
C LEU B 216 43.61 -74.98 -55.49
N LEU B 217 42.56 -75.77 -55.46
CA LEU B 217 42.52 -77.05 -56.16
C LEU B 217 42.44 -76.83 -57.65
N GLU B 218 41.56 -75.92 -58.07
CA GLU B 218 41.39 -75.57 -59.47
C GLU B 218 42.65 -74.95 -60.08
N GLU B 219 43.64 -74.65 -59.24
CA GLU B 219 44.93 -74.11 -59.67
C GLU B 219 45.82 -75.10 -60.47
N THR B 220 46.10 -76.29 -59.92
CA THR B 220 46.86 -77.36 -60.64
C THR B 220 46.46 -78.80 -60.28
N PRO B 221 46.14 -79.61 -61.30
CA PRO B 221 45.60 -80.97 -61.11
C PRO B 221 46.44 -82.23 -61.55
N GLU B 222 47.67 -82.08 -62.04
CA GLU B 222 48.51 -83.26 -62.43
C GLU B 222 49.54 -83.71 -61.35
N GLU B 223 49.05 -84.58 -60.42
CA GLU B 223 49.72 -84.97 -59.15
C GLU B 223 50.61 -86.22 -59.25
N LYS C 92 -15.50 -61.77 -50.35
CA LYS C 92 -14.02 -61.50 -50.41
C LYS C 92 -13.16 -62.58 -49.69
N GLU C 93 -13.31 -63.81 -50.20
CA GLU C 93 -12.68 -65.02 -49.63
C GLU C 93 -11.16 -64.91 -49.49
N TRP C 94 -10.53 -65.79 -48.70
CA TRP C 94 -9.05 -65.73 -48.57
C TRP C 94 -8.12 -66.91 -48.56
N ILE C 95 -6.90 -66.62 -49.02
CA ILE C 95 -5.83 -67.57 -49.29
C ILE C 95 -4.88 -67.60 -48.08
N PRO C 96 -4.89 -68.71 -47.35
CA PRO C 96 -4.10 -68.84 -46.12
C PRO C 96 -2.66 -69.48 -46.23
N ARG C 97 -2.26 -69.85 -47.45
CA ARG C 97 -1.29 -70.96 -47.68
C ARG C 97 0.16 -70.74 -48.23
N PRO C 98 0.35 -70.89 -49.52
CA PRO C 98 1.55 -71.47 -50.15
C PRO C 98 2.80 -72.06 -49.41
N PRO C 99 3.99 -72.03 -50.05
CA PRO C 99 5.29 -72.04 -49.36
C PRO C 99 5.85 -70.63 -49.10
N GLU C 100 6.36 -70.39 -47.87
CA GLU C 100 6.70 -69.05 -47.34
C GLU C 100 7.27 -68.13 -48.39
N LYS C 101 6.70 -66.94 -48.48
CA LYS C 101 7.21 -66.07 -49.53
C LYS C 101 8.07 -64.90 -49.06
N TYR C 102 8.47 -64.97 -47.80
CA TYR C 102 9.51 -64.12 -47.21
C TYR C 102 9.93 -64.73 -45.90
N ALA C 103 11.22 -65.00 -45.75
CA ALA C 103 11.75 -65.41 -44.45
C ALA C 103 12.79 -64.40 -43.94
N LEU C 104 12.41 -63.69 -42.89
CA LEU C 104 13.21 -62.62 -42.31
C LEU C 104 14.06 -63.10 -41.17
N SER C 105 15.38 -63.18 -41.39
CA SER C 105 16.33 -63.47 -40.31
C SER C 105 16.93 -62.18 -39.75
N GLY C 106 17.32 -62.19 -38.48
CA GLY C 106 17.86 -60.98 -37.89
C GLY C 106 17.95 -61.01 -36.39
N HIS C 107 16.91 -61.50 -35.70
CA HIS C 107 17.01 -61.64 -34.24
C HIS C 107 18.11 -62.61 -33.88
N ARG C 108 18.52 -62.59 -32.63
CA ARG C 108 19.60 -63.42 -32.18
C ARG C 108 19.09 -64.50 -31.24
N SER C 109 17.78 -64.69 -31.23
CA SER C 109 17.11 -65.49 -30.22
C SER C 109 15.63 -65.69 -30.53
N PRO C 110 14.99 -66.72 -29.96
CA PRO C 110 13.59 -67.03 -30.25
C PRO C 110 12.72 -65.80 -30.51
N VAL C 111 11.78 -65.86 -31.44
CA VAL C 111 10.84 -64.76 -31.59
C VAL C 111 9.66 -65.02 -30.70
N THR C 112 9.07 -63.98 -30.18
CA THR C 112 8.09 -64.16 -29.14
C THR C 112 6.71 -63.80 -29.55
N ARG C 113 6.61 -62.74 -30.33
CA ARG C 113 5.32 -62.31 -30.81
C ARG C 113 5.49 -61.63 -32.12
N VAL C 114 4.48 -61.75 -32.98
CA VAL C 114 4.52 -61.09 -34.24
C VAL C 114 3.26 -60.28 -34.35
N ILE C 115 3.36 -59.11 -34.96
CA ILE C 115 2.27 -58.17 -34.99
C ILE C 115 2.23 -57.31 -36.24
N PHE C 116 1.03 -57.04 -36.70
CA PHE C 116 0.83 -56.25 -37.90
C PHE C 116 0.54 -54.84 -37.44
N HIS C 117 1.03 -53.84 -38.16
CA HIS C 117 0.69 -52.46 -37.86
C HIS C 117 -0.68 -52.13 -38.47
N PRO C 118 -1.51 -51.35 -37.81
CA PRO C 118 -2.89 -51.10 -38.27
C PRO C 118 -3.00 -50.26 -39.53
N VAL C 119 -1.96 -49.53 -39.91
CA VAL C 119 -2.06 -48.64 -41.05
C VAL C 119 -0.96 -48.83 -42.09
N PHE C 120 0.29 -48.74 -41.64
CA PHE C 120 1.44 -48.85 -42.53
C PHE C 120 1.70 -50.29 -42.97
N SER C 121 2.38 -50.44 -44.10
CA SER C 121 2.67 -51.75 -44.67
C SER C 121 3.78 -52.47 -43.92
N VAL C 122 3.71 -52.42 -42.61
CA VAL C 122 4.84 -52.81 -41.81
C VAL C 122 4.39 -53.73 -40.70
N MET C 123 5.31 -54.56 -40.24
CA MET C 123 4.98 -55.51 -39.22
C MET C 123 6.08 -55.57 -38.17
N VAL C 124 5.72 -55.88 -36.92
CA VAL C 124 6.68 -55.83 -35.81
C VAL C 124 6.84 -57.20 -35.16
N SER C 125 8.04 -57.46 -34.62
CA SER C 125 8.40 -58.75 -33.98
C SER C 125 9.13 -58.51 -32.69
N ALA C 126 8.88 -59.34 -31.69
CA ALA C 126 9.60 -59.25 -30.42
C ALA C 126 10.36 -60.53 -30.19
N SER C 127 11.40 -60.47 -29.38
CA SER C 127 12.16 -61.68 -29.12
C SER C 127 12.79 -61.70 -27.76
N GLU C 128 13.51 -62.81 -27.47
CA GLU C 128 14.29 -62.99 -26.24
C GLU C 128 15.59 -62.21 -26.38
N ASP C 129 15.54 -61.20 -27.25
CA ASP C 129 16.70 -60.56 -27.84
C ASP C 129 17.56 -59.63 -27.00
N ALA C 130 17.00 -58.76 -26.16
CA ALA C 130 15.60 -58.48 -26.00
C ALA C 130 15.27 -57.21 -26.79
N THR C 131 14.75 -57.40 -27.97
CA THR C 131 14.57 -56.34 -28.90
C THR C 131 13.29 -56.45 -29.61
N ILE C 132 12.72 -55.31 -29.96
CA ILE C 132 11.62 -55.24 -30.87
C ILE C 132 12.19 -54.84 -32.21
N LYS C 133 11.89 -55.56 -33.28
CA LYS C 133 12.35 -55.18 -34.63
C LYS C 133 11.18 -54.91 -35.58
N VAL C 134 11.43 -54.10 -36.59
CA VAL C 134 10.40 -53.69 -37.55
C VAL C 134 10.77 -54.03 -39.01
N TRP C 135 9.97 -54.86 -39.70
CA TRP C 135 10.02 -55.13 -41.15
C TRP C 135 8.71 -54.47 -41.61
N ASP C 136 8.55 -53.82 -42.76
CA ASP C 136 8.27 -54.29 -44.14
C ASP C 136 7.88 -55.67 -44.66
N TYR C 137 6.61 -56.02 -44.53
CA TYR C 137 6.17 -57.35 -44.96
C TYR C 137 6.00 -57.46 -46.46
N GLU C 138 5.79 -56.32 -47.11
CA GLU C 138 5.67 -56.27 -48.55
C GLU C 138 7.00 -56.60 -49.23
N THR C 139 8.10 -56.20 -48.56
CA THR C 139 9.44 -56.20 -49.11
C THR C 139 10.44 -56.96 -48.26
N GLY C 140 10.25 -56.89 -46.94
CA GLY C 140 11.21 -57.43 -45.97
C GLY C 140 12.47 -56.58 -45.90
N ASP C 141 12.57 -55.69 -44.90
CA ASP C 141 13.75 -54.87 -44.73
C ASP C 141 13.93 -54.54 -43.26
N PHE C 142 15.15 -54.71 -42.68
CA PHE C 142 15.36 -54.61 -41.21
C PHE C 142 14.97 -53.26 -40.65
N GLU C 143 14.24 -52.45 -41.45
CA GLU C 143 13.72 -51.10 -41.09
C GLU C 143 14.32 -50.44 -39.86
N ARG C 144 13.88 -50.85 -38.68
CA ARG C 144 14.45 -50.33 -37.44
C ARG C 144 14.60 -51.42 -36.39
N THR C 145 15.40 -51.15 -35.36
CA THR C 145 15.42 -51.96 -34.14
C THR C 145 15.08 -51.09 -32.97
N LEU C 146 14.30 -51.62 -32.02
CA LEU C 146 13.92 -50.86 -30.85
C LEU C 146 14.55 -51.51 -29.65
N LYS C 147 15.55 -50.85 -29.04
CA LYS C 147 16.24 -51.43 -27.89
C LYS C 147 15.95 -50.70 -26.58
N GLY C 148 16.20 -51.36 -25.47
CA GLY C 148 15.99 -50.77 -24.16
C GLY C 148 15.37 -51.64 -23.11
N HIS C 149 15.06 -52.90 -23.38
CA HIS C 149 14.62 -53.78 -22.30
C HIS C 149 15.85 -54.52 -21.84
N THR C 150 15.83 -54.95 -20.59
CA THR C 150 16.89 -55.78 -20.06
C THR C 150 16.87 -57.26 -20.45
N ASP C 151 15.71 -57.93 -20.41
CA ASP C 151 15.74 -59.38 -20.37
C ASP C 151 15.09 -60.17 -21.48
N SER C 152 13.85 -59.84 -21.84
CA SER C 152 13.19 -60.56 -22.94
C SER C 152 11.95 -59.82 -23.25
N VAL C 153 11.55 -59.81 -24.50
CA VAL C 153 10.29 -59.16 -24.83
C VAL C 153 9.25 -60.21 -25.14
N GLN C 154 8.25 -60.29 -24.29
CA GLN C 154 7.32 -61.35 -24.45
C GLN C 154 6.00 -60.99 -25.13
N ASP C 155 5.56 -59.74 -25.03
CA ASP C 155 4.42 -59.33 -25.82
C ASP C 155 4.56 -57.97 -26.42
N ILE C 156 3.69 -57.68 -27.36
CA ILE C 156 3.69 -56.43 -28.06
C ILE C 156 2.24 -56.07 -28.41
N SER C 157 1.92 -54.79 -28.46
CA SER C 157 0.55 -54.38 -28.71
C SER C 157 0.43 -52.94 -29.22
N PHE C 158 -0.04 -52.76 -30.44
CA PHE C 158 -0.28 -51.42 -30.97
C PHE C 158 -1.59 -50.86 -30.41
N ASP C 159 -1.65 -49.55 -30.33
CA ASP C 159 -2.84 -48.82 -30.01
C ASP C 159 -3.63 -48.70 -31.29
N HIS C 160 -4.83 -48.12 -31.23
CA HIS C 160 -5.66 -48.07 -32.44
C HIS C 160 -4.98 -47.38 -33.60
N SER C 161 -4.44 -46.22 -33.30
CA SER C 161 -3.95 -45.31 -34.34
C SER C 161 -2.62 -45.78 -34.92
N GLY C 162 -1.99 -46.73 -34.27
CA GLY C 162 -0.72 -47.23 -34.69
C GLY C 162 0.38 -46.21 -34.45
N LYS C 163 0.25 -45.46 -33.37
CA LYS C 163 1.25 -44.45 -33.03
C LYS C 163 1.91 -44.75 -31.69
N LEU C 164 1.30 -45.62 -30.91
CA LEU C 164 1.92 -46.08 -29.67
C LEU C 164 2.05 -47.57 -29.69
N LEU C 165 3.12 -48.08 -29.13
CA LEU C 165 3.34 -49.52 -29.07
C LEU C 165 3.72 -49.86 -27.66
N ALA C 166 3.04 -50.80 -27.04
CA ALA C 166 3.49 -51.26 -25.72
C ALA C 166 4.29 -52.51 -25.85
N SER C 167 5.24 -52.71 -24.96
CA SER C 167 5.98 -53.94 -24.95
C SER C 167 6.03 -54.58 -23.56
N CYS C 168 6.48 -55.82 -23.48
CA CYS C 168 6.47 -56.62 -22.26
C CYS C 168 7.75 -57.31 -22.09
N SER C 169 8.17 -57.52 -20.85
CA SER C 169 9.41 -58.28 -20.71
C SER C 169 9.61 -59.02 -19.43
N ALA C 170 10.68 -59.79 -19.40
CA ALA C 170 11.04 -60.41 -18.16
C ALA C 170 11.85 -59.44 -17.30
N ASP C 171 11.91 -58.16 -17.67
CA ASP C 171 12.47 -57.23 -16.71
C ASP C 171 11.37 -56.85 -15.76
N MET C 172 10.12 -57.17 -16.08
CA MET C 172 8.97 -56.78 -15.27
C MET C 172 8.55 -55.35 -15.54
N THR C 173 8.96 -54.88 -16.70
CA THR C 173 8.74 -53.56 -17.24
C THR C 173 7.56 -53.56 -18.16
N ILE C 174 7.02 -52.39 -18.50
CA ILE C 174 6.12 -52.32 -19.63
C ILE C 174 6.44 -51.09 -20.45
N LYS C 175 7.42 -51.15 -21.33
CA LYS C 175 7.79 -49.94 -22.06
C LYS C 175 6.70 -49.49 -23.02
N LEU C 176 6.48 -48.19 -23.10
CA LEU C 176 5.54 -47.62 -24.01
C LEU C 176 6.36 -46.85 -25.00
N TRP C 177 6.19 -47.14 -26.30
CA TRP C 177 7.00 -46.53 -27.33
C TRP C 177 6.22 -45.67 -28.30
N ASP C 178 6.93 -44.68 -28.85
CA ASP C 178 6.40 -43.67 -29.78
C ASP C 178 6.75 -44.11 -31.21
N PHE C 179 5.76 -44.25 -32.08
CA PHE C 179 6.01 -44.61 -33.47
C PHE C 179 6.07 -43.34 -34.41
N GLN C 180 6.40 -42.17 -33.85
CA GLN C 180 7.07 -41.12 -34.61
C GLN C 180 8.39 -41.73 -35.03
N GLY C 181 8.69 -42.87 -34.42
CA GLY C 181 9.70 -43.77 -34.94
C GLY C 181 10.61 -44.33 -33.86
N PHE C 182 11.10 -43.48 -32.97
CA PHE C 182 11.97 -44.13 -32.04
C PHE C 182 11.59 -44.17 -30.62
N GLU C 183 11.72 -43.07 -29.92
CA GLU C 183 11.98 -43.11 -28.50
C GLU C 183 10.92 -43.81 -27.63
N CYS C 184 11.41 -44.39 -26.54
CA CYS C 184 10.60 -44.90 -25.47
C CYS C 184 9.96 -43.70 -24.78
N ILE C 185 8.77 -43.84 -24.22
CA ILE C 185 8.14 -42.70 -23.56
C ILE C 185 8.05 -42.92 -22.08
N ARG C 186 7.49 -44.04 -21.66
CA ARG C 186 7.42 -44.35 -20.24
C ARG C 186 7.93 -45.77 -20.02
N THR C 187 8.35 -46.06 -18.80
CA THR C 187 8.61 -47.41 -18.38
C THR C 187 7.76 -47.63 -17.14
N MET C 188 6.96 -48.69 -17.13
CA MET C 188 5.99 -48.87 -16.07
C MET C 188 6.34 -50.03 -15.17
N HIS C 189 6.42 -49.74 -13.87
CA HIS C 189 6.88 -50.72 -12.90
C HIS C 189 5.78 -51.18 -11.93
N GLY C 190 5.64 -52.48 -11.76
CA GLY C 190 4.65 -52.94 -10.81
C GLY C 190 4.80 -54.39 -10.50
N HIS C 191 4.59 -55.23 -11.50
CA HIS C 191 4.67 -56.68 -11.34
C HIS C 191 5.97 -57.08 -10.71
N ASP C 192 5.92 -58.12 -9.89
CA ASP C 192 7.10 -58.61 -9.21
C ASP C 192 7.77 -59.76 -9.94
N HIS C 193 7.29 -60.11 -11.13
CA HIS C 193 7.90 -61.17 -11.90
C HIS C 193 7.62 -61.00 -13.37
N ASN C 194 8.11 -61.92 -14.20
CA ASN C 194 7.88 -61.94 -15.64
C ASN C 194 6.56 -61.33 -16.02
N VAL C 195 6.55 -60.54 -17.07
CA VAL C 195 5.29 -59.99 -17.56
C VAL C 195 5.05 -60.65 -18.89
N SER C 196 4.03 -61.48 -19.03
CA SER C 196 4.03 -62.20 -20.28
C SER C 196 2.95 -61.82 -21.26
N SER C 197 2.23 -60.75 -20.97
CA SER C 197 1.41 -60.18 -22.04
C SER C 197 0.93 -58.81 -21.73
N VAL C 198 0.62 -58.09 -22.79
CA VAL C 198 0.26 -56.70 -22.69
C VAL C 198 -0.67 -56.36 -23.82
N SER C 199 -1.51 -55.38 -23.59
CA SER C 199 -2.37 -54.91 -24.64
C SER C 199 -2.80 -53.53 -24.32
N ILE C 200 -2.93 -52.75 -25.38
CA ILE C 200 -3.53 -51.45 -25.30
C ILE C 200 -5.01 -51.67 -25.47
N MET C 201 -5.80 -51.01 -24.65
CA MET C 201 -7.23 -51.13 -24.78
C MET C 201 -7.75 -50.26 -25.93
N PRO C 202 -8.99 -50.46 -26.38
CA PRO C 202 -9.53 -49.68 -27.51
C PRO C 202 -9.51 -48.18 -27.32
N ASN C 203 -10.20 -47.65 -26.31
CA ASN C 203 -10.09 -46.23 -25.94
C ASN C 203 -8.66 -46.00 -25.53
N GLY C 204 -7.78 -45.67 -26.46
CA GLY C 204 -6.35 -45.78 -26.21
C GLY C 204 -5.79 -45.14 -24.95
N ASP C 205 -6.46 -45.31 -23.81
CA ASP C 205 -6.14 -44.60 -22.59
C ASP C 205 -5.75 -45.51 -21.41
N HIS C 206 -5.68 -46.82 -21.64
CA HIS C 206 -5.18 -47.76 -20.64
C HIS C 206 -4.42 -48.95 -21.21
N ILE C 207 -3.59 -49.57 -20.38
CA ILE C 207 -2.86 -50.75 -20.77
C ILE C 207 -3.20 -51.91 -19.85
N VAL C 208 -3.27 -53.12 -20.39
CA VAL C 208 -3.48 -54.29 -19.54
C VAL C 208 -2.29 -55.18 -19.63
N SER C 209 -1.89 -55.77 -18.51
CA SER C 209 -0.77 -56.68 -18.51
C SER C 209 -1.01 -57.88 -17.61
N ALA C 210 -0.24 -58.94 -17.78
CA ALA C 210 -0.38 -60.13 -16.99
C ALA C 210 0.96 -60.76 -16.70
N SER C 211 1.08 -61.40 -15.54
CA SER C 211 2.38 -61.83 -15.06
C SER C 211 2.44 -63.14 -14.31
N ARG C 212 3.66 -63.62 -14.04
CA ARG C 212 3.89 -64.71 -13.13
C ARG C 212 3.45 -64.32 -11.73
N ASP C 213 3.35 -63.02 -11.51
CA ASP C 213 2.64 -62.38 -10.40
C ASP C 213 1.45 -63.17 -9.94
N LYS C 214 0.77 -63.75 -10.91
CA LYS C 214 -0.56 -64.27 -10.75
C LYS C 214 -1.49 -63.07 -10.84
N THR C 215 -1.04 -62.05 -11.55
CA THR C 215 -1.71 -60.76 -11.54
C THR C 215 -2.05 -60.18 -12.89
N ILE C 216 -3.09 -59.37 -12.91
CA ILE C 216 -3.43 -58.59 -14.08
C ILE C 216 -3.53 -57.15 -13.62
N LYS C 217 -2.74 -56.27 -14.24
CA LYS C 217 -2.70 -54.84 -13.87
C LYS C 217 -3.12 -53.92 -14.99
N MET C 218 -3.74 -52.80 -14.62
CA MET C 218 -4.26 -51.86 -15.59
C MET C 218 -3.59 -50.52 -15.43
N TRP C 219 -2.88 -50.10 -16.45
CA TRP C 219 -2.08 -48.91 -16.37
C TRP C 219 -2.69 -47.74 -17.15
N GLU C 220 -2.62 -46.54 -16.58
CA GLU C 220 -2.98 -45.31 -17.27
C GLU C 220 -1.90 -44.89 -18.27
N VAL C 221 -2.24 -44.83 -19.56
CA VAL C 221 -1.26 -44.59 -20.63
C VAL C 221 -0.47 -43.31 -20.41
N GLN C 222 -1.17 -42.23 -20.07
CA GLN C 222 -0.46 -40.97 -20.10
C GLN C 222 0.11 -40.54 -18.76
N THR C 223 -0.04 -41.36 -17.73
CA THR C 223 0.61 -41.07 -16.44
C THR C 223 1.42 -42.23 -15.91
N GLY C 224 1.39 -43.36 -16.62
CA GLY C 224 2.11 -44.56 -16.24
C GLY C 224 1.71 -45.13 -14.89
N TYR C 225 0.56 -44.74 -14.36
CA TYR C 225 0.15 -45.19 -13.05
C TYR C 225 -0.47 -46.56 -13.16
N CYS C 226 -0.30 -47.37 -12.13
CA CYS C 226 -1.06 -48.60 -12.04
C CYS C 226 -2.37 -48.27 -11.37
N VAL C 227 -3.49 -48.70 -11.94
CA VAL C 227 -4.80 -48.22 -11.53
C VAL C 227 -5.71 -49.27 -10.92
N LYS C 228 -5.65 -50.49 -11.43
CA LYS C 228 -6.42 -51.62 -10.89
C LYS C 228 -5.53 -52.83 -10.95
N THR C 229 -5.69 -53.72 -10.00
CA THR C 229 -5.00 -54.99 -10.08
C THR C 229 -5.99 -56.10 -9.79
N PHE C 230 -6.04 -57.10 -10.68
CA PHE C 230 -7.03 -58.17 -10.57
C PHE C 230 -6.43 -59.42 -9.95
N THR C 231 -6.80 -59.72 -8.71
CA THR C 231 -6.28 -60.95 -8.11
C THR C 231 -7.23 -62.08 -8.41
N GLY C 232 -6.70 -63.24 -8.71
CA GLY C 232 -7.53 -64.27 -9.33
C GLY C 232 -7.04 -65.70 -9.36
N HIS C 233 -6.35 -66.08 -10.42
CA HIS C 233 -5.86 -67.45 -10.53
C HIS C 233 -4.81 -67.72 -9.48
N ARG C 234 -4.57 -68.98 -9.17
CA ARG C 234 -3.55 -69.34 -8.19
C ARG C 234 -2.20 -69.56 -8.84
N GLU C 235 -2.12 -69.38 -10.16
CA GLU C 235 -0.85 -69.58 -10.86
C GLU C 235 -0.62 -68.52 -11.90
N TRP C 236 0.60 -68.51 -12.44
CA TRP C 236 1.04 -67.67 -13.58
C TRP C 236 -0.07 -67.26 -14.50
N VAL C 237 -0.11 -66.01 -14.91
CA VAL C 237 -1.10 -65.55 -15.88
C VAL C 237 -0.40 -65.36 -17.19
N ARG C 238 -0.90 -65.96 -18.26
CA ARG C 238 -0.13 -66.06 -19.48
C ARG C 238 -0.49 -65.06 -20.54
N MET C 239 -1.73 -64.56 -20.52
CA MET C 239 -2.27 -63.70 -21.57
C MET C 239 -3.48 -62.89 -21.09
N VAL C 240 -3.62 -61.67 -21.62
CA VAL C 240 -4.84 -60.89 -21.42
C VAL C 240 -5.30 -60.26 -22.70
N ARG C 241 -6.61 -60.29 -22.92
CA ARG C 241 -7.17 -59.60 -24.05
C ARG C 241 -8.44 -58.90 -23.70
N PRO C 242 -8.53 -57.69 -24.23
CA PRO C 242 -9.73 -56.90 -24.17
C PRO C 242 -10.77 -57.44 -25.11
N ASN C 243 -11.94 -56.85 -25.00
CA ASN C 243 -13.15 -57.31 -25.57
C ASN C 243 -13.44 -56.22 -26.57
N GLN C 244 -13.70 -56.55 -27.83
CA GLN C 244 -14.00 -55.55 -28.87
C GLN C 244 -14.42 -54.20 -28.29
N ASP C 245 -15.53 -54.26 -27.56
CA ASP C 245 -16.15 -53.21 -26.76
C ASP C 245 -15.27 -52.43 -25.77
N GLY C 246 -14.17 -53.03 -25.32
CA GLY C 246 -13.37 -52.52 -24.20
C GLY C 246 -13.86 -52.90 -22.80
N THR C 247 -15.10 -53.36 -22.69
CA THR C 247 -15.77 -53.56 -21.42
C THR C 247 -15.29 -54.73 -20.60
N LEU C 248 -14.61 -55.70 -21.25
CA LEU C 248 -14.33 -56.98 -20.62
C LEU C 248 -12.90 -57.46 -20.82
N ILE C 249 -12.46 -58.38 -19.96
CA ILE C 249 -11.08 -58.82 -20.02
C ILE C 249 -10.93 -60.37 -19.94
N ALA C 250 -10.17 -60.96 -20.86
CA ALA C 250 -10.00 -62.42 -20.92
C ALA C 250 -8.59 -62.83 -20.47
N SER C 251 -8.51 -63.57 -19.38
CA SER C 251 -7.23 -63.96 -18.85
C SER C 251 -7.01 -65.46 -19.06
N CYS C 252 -5.81 -65.97 -18.80
CA CYS C 252 -5.39 -67.25 -19.34
C CYS C 252 -4.18 -67.66 -18.54
N SER C 253 -4.15 -68.88 -18.02
CA SER C 253 -3.13 -69.20 -17.01
C SER C 253 -2.76 -70.64 -16.78
N ASN C 254 -1.89 -70.83 -15.79
CA ASN C 254 -1.27 -72.11 -15.54
C ASN C 254 -2.18 -72.98 -14.68
N ASP C 255 -3.17 -72.37 -14.04
CA ASP C 255 -4.18 -73.11 -13.30
C ASP C 255 -5.18 -73.76 -14.23
N GLN C 256 -4.83 -73.81 -15.51
CA GLN C 256 -5.61 -74.47 -16.55
C GLN C 256 -6.98 -73.80 -16.78
N THR C 257 -7.04 -72.50 -16.52
CA THR C 257 -8.29 -71.80 -16.44
C THR C 257 -8.37 -70.62 -17.36
N VAL C 258 -9.55 -70.24 -17.81
CA VAL C 258 -9.70 -68.95 -18.49
C VAL C 258 -10.69 -68.11 -17.74
N ARG C 259 -10.33 -66.87 -17.40
CA ARG C 259 -11.26 -66.02 -16.68
C ARG C 259 -11.70 -64.91 -17.56
N VAL C 260 -12.96 -64.56 -17.47
CA VAL C 260 -13.40 -63.35 -18.13
C VAL C 260 -13.83 -62.36 -17.06
N TRP C 261 -13.10 -61.25 -16.98
CA TRP C 261 -13.37 -60.21 -15.99
C TRP C 261 -14.03 -58.95 -16.54
N VAL C 262 -14.83 -58.35 -15.66
CA VAL C 262 -15.46 -57.06 -15.90
C VAL C 262 -14.43 -55.97 -15.62
N VAL C 263 -14.02 -55.24 -16.65
CA VAL C 263 -12.99 -54.25 -16.42
C VAL C 263 -13.38 -53.16 -15.42
N ALA C 264 -14.64 -52.72 -15.37
CA ALA C 264 -15.00 -51.68 -14.41
C ALA C 264 -15.19 -52.11 -12.94
N THR C 265 -15.92 -53.19 -12.66
CA THR C 265 -16.18 -53.69 -11.29
C THR C 265 -15.09 -54.60 -10.72
N LYS C 266 -14.17 -55.04 -11.58
CA LYS C 266 -13.23 -56.15 -11.30
C LYS C 266 -13.80 -57.49 -10.76
N GLU C 267 -15.11 -57.70 -10.93
CA GLU C 267 -15.73 -59.02 -10.70
C GLU C 267 -15.40 -59.88 -11.90
N CYS C 268 -15.65 -61.18 -11.80
CA CYS C 268 -15.47 -62.00 -13.00
C CYS C 268 -16.67 -62.89 -13.36
N LYS C 269 -17.21 -62.61 -14.55
CA LYS C 269 -18.43 -63.21 -15.06
C LYS C 269 -18.29 -64.71 -15.18
N ALA C 270 -17.09 -65.14 -15.56
CA ALA C 270 -16.85 -66.53 -15.90
C ALA C 270 -15.50 -67.06 -15.45
N GLU C 271 -15.48 -68.31 -15.02
CA GLU C 271 -14.27 -69.11 -14.90
C GLU C 271 -14.48 -70.33 -15.79
N LEU C 272 -13.69 -70.43 -16.83
CA LEU C 272 -13.87 -71.48 -17.77
C LEU C 272 -12.93 -72.63 -17.42
N ARG C 273 -13.48 -73.75 -16.97
CA ARG C 273 -12.69 -74.77 -16.27
C ARG C 273 -12.09 -75.93 -17.07
N GLU C 274 -12.82 -76.45 -18.05
CA GLU C 274 -12.54 -77.82 -18.54
C GLU C 274 -11.39 -78.01 -19.58
N HIS C 275 -10.26 -77.35 -19.31
CA HIS C 275 -8.99 -77.66 -19.97
C HIS C 275 -8.17 -78.57 -19.07
N ARG C 276 -7.39 -79.45 -19.70
CA ARG C 276 -6.69 -80.52 -18.98
C ARG C 276 -5.27 -80.11 -18.52
N HIS C 277 -4.77 -79.00 -19.06
CA HIS C 277 -3.39 -78.59 -18.87
C HIS C 277 -3.32 -77.09 -19.16
N VAL C 278 -2.18 -76.48 -18.88
CA VAL C 278 -2.04 -75.03 -18.98
C VAL C 278 -2.60 -74.47 -20.26
N VAL C 279 -3.22 -73.30 -20.14
CA VAL C 279 -3.75 -72.58 -21.28
C VAL C 279 -2.79 -71.51 -21.64
N GLU C 280 -2.47 -71.41 -22.93
CA GLU C 280 -1.46 -70.48 -23.44
C GLU C 280 -2.03 -69.31 -24.28
N CYS C 281 -3.30 -69.40 -24.69
CA CYS C 281 -3.83 -68.56 -25.75
C CYS C 281 -5.25 -68.11 -25.53
N ILE C 282 -5.56 -66.89 -25.96
CA ILE C 282 -6.96 -66.46 -26.14
C ILE C 282 -7.21 -65.45 -27.25
N SER C 283 -8.35 -65.59 -27.90
CA SER C 283 -8.78 -64.63 -28.87
C SER C 283 -10.28 -64.54 -28.74
N TRP C 284 -10.83 -63.34 -28.97
CA TRP C 284 -12.28 -63.19 -29.02
C TRP C 284 -12.81 -63.28 -30.47
N ALA C 285 -14.05 -63.70 -30.61
CA ALA C 285 -14.66 -63.78 -31.90
C ALA C 285 -15.21 -62.42 -32.35
N PRO C 286 -15.02 -62.12 -33.62
CA PRO C 286 -15.48 -60.87 -34.23
C PRO C 286 -16.85 -60.85 -34.99
N GLU C 287 -16.78 -60.41 -36.24
CA GLU C 287 -17.90 -60.24 -37.17
C GLU C 287 -18.28 -61.57 -37.77
N SER C 288 -18.76 -62.47 -36.94
CA SER C 288 -18.92 -63.86 -37.34
C SER C 288 -19.67 -64.61 -36.25
N SER C 289 -20.56 -63.92 -35.55
CA SER C 289 -21.34 -64.52 -34.49
C SER C 289 -22.39 -65.43 -35.15
N TYR C 290 -22.32 -65.54 -36.47
CA TYR C 290 -23.09 -66.48 -37.26
C TYR C 290 -22.73 -67.93 -36.91
N SER C 291 -21.45 -68.12 -36.52
CA SER C 291 -20.85 -69.39 -36.13
C SER C 291 -21.75 -70.29 -35.32
N SER C 292 -22.63 -69.66 -34.54
CA SER C 292 -23.77 -70.33 -33.89
C SER C 292 -24.25 -71.57 -34.68
N ILE C 293 -24.67 -71.37 -35.94
CA ILE C 293 -24.94 -72.44 -36.90
C ILE C 293 -24.50 -73.86 -36.47
N SER C 294 -23.19 -74.02 -36.18
CA SER C 294 -22.57 -75.30 -35.83
C SER C 294 -23.05 -75.89 -34.49
N GLU C 295 -23.41 -75.02 -33.56
CA GLU C 295 -24.06 -75.41 -32.29
C GLU C 295 -25.06 -74.33 -31.86
N ALA C 296 -26.28 -74.34 -32.40
CA ALA C 296 -27.21 -73.23 -32.11
C ALA C 296 -28.59 -73.63 -31.53
N THR C 297 -28.74 -74.92 -31.17
CA THR C 297 -29.93 -75.37 -30.44
C THR C 297 -29.77 -75.20 -28.91
N GLY C 298 -30.61 -75.92 -28.16
CA GLY C 298 -30.80 -75.68 -26.74
C GLY C 298 -32.29 -75.49 -26.49
N SER C 299 -32.72 -74.22 -26.47
CA SER C 299 -34.14 -73.81 -26.40
C SER C 299 -34.31 -72.28 -26.53
N GLU C 300 -35.41 -71.87 -27.17
CA GLU C 300 -35.74 -70.45 -27.43
C GLU C 300 -34.53 -69.53 -27.67
N GLY C 308 -24.81 -63.60 -28.07
CA GLY C 308 -23.83 -63.88 -27.02
C GLY C 308 -22.38 -63.64 -27.44
N PRO C 309 -21.45 -63.52 -26.46
CA PRO C 309 -19.99 -63.34 -26.73
C PRO C 309 -19.11 -64.66 -26.63
N PHE C 310 -18.10 -64.75 -27.48
CA PHE C 310 -17.41 -66.01 -27.68
C PHE C 310 -15.93 -65.88 -27.64
N LEU C 311 -15.24 -66.79 -26.97
CA LEU C 311 -13.77 -66.79 -27.03
C LEU C 311 -13.10 -68.15 -27.16
N LEU C 312 -11.86 -68.14 -27.67
CA LEU C 312 -11.09 -69.36 -27.87
C LEU C 312 -9.95 -69.44 -26.88
N SER C 313 -9.66 -70.63 -26.40
CA SER C 313 -8.50 -70.85 -25.59
C SER C 313 -7.62 -71.81 -26.34
N GLY C 314 -6.31 -71.61 -26.27
CA GLY C 314 -5.33 -72.50 -26.87
C GLY C 314 -4.52 -73.05 -25.73
N SER C 315 -4.17 -74.35 -25.75
CA SER C 315 -3.54 -74.97 -24.59
C SER C 315 -2.40 -75.94 -24.81
N ARG C 316 -1.90 -76.48 -23.71
CA ARG C 316 -0.86 -77.52 -23.73
C ARG C 316 -1.52 -78.89 -23.78
N ASP C 317 -2.85 -78.88 -23.68
CA ASP C 317 -3.73 -79.91 -24.22
C ASP C 317 -3.38 -80.35 -25.62
N LYS C 318 -2.92 -79.42 -26.46
CA LYS C 318 -2.84 -79.60 -27.89
C LYS C 318 -4.23 -79.42 -28.52
N THR C 319 -5.19 -78.99 -27.70
CA THR C 319 -6.56 -78.77 -28.12
C THR C 319 -7.04 -77.31 -27.98
N ILE C 320 -7.72 -76.80 -29.00
CA ILE C 320 -8.35 -75.46 -28.96
C ILE C 320 -9.84 -75.52 -28.69
N LYS C 321 -10.32 -74.90 -27.61
CA LYS C 321 -11.76 -74.81 -27.34
C LYS C 321 -12.40 -73.49 -27.80
N MET C 322 -13.71 -73.51 -27.97
CA MET C 322 -14.53 -72.32 -28.24
C MET C 322 -15.49 -72.15 -27.08
N TRP C 323 -15.69 -70.96 -26.58
CA TRP C 323 -16.60 -70.84 -25.46
C TRP C 323 -17.63 -69.74 -25.69
N ASP C 324 -18.85 -69.98 -25.21
CA ASP C 324 -19.82 -68.92 -25.13
C ASP C 324 -19.97 -68.58 -23.65
N VAL C 325 -19.63 -67.33 -23.34
CA VAL C 325 -19.35 -66.89 -21.98
C VAL C 325 -20.60 -66.71 -21.12
N SER C 326 -21.64 -66.16 -21.72
CA SER C 326 -22.91 -65.90 -21.04
C SER C 326 -23.47 -67.14 -20.36
N THR C 327 -23.22 -68.30 -20.97
CA THR C 327 -23.57 -69.58 -20.37
C THR C 327 -22.34 -70.23 -19.76
N GLY C 328 -21.19 -70.07 -20.43
CA GLY C 328 -19.93 -70.60 -19.92
C GLY C 328 -19.78 -72.06 -20.24
N MET C 329 -20.48 -72.49 -21.26
CA MET C 329 -20.35 -73.84 -21.74
C MET C 329 -19.23 -73.78 -22.73
N CYS C 330 -18.46 -74.85 -22.80
CA CYS C 330 -17.60 -75.04 -23.96
C CYS C 330 -18.48 -75.41 -25.14
N LEU C 331 -18.13 -74.94 -26.33
CA LEU C 331 -18.97 -75.12 -27.49
C LEU C 331 -18.39 -76.13 -28.47
N MET C 332 -17.19 -75.91 -28.97
CA MET C 332 -16.49 -76.94 -29.71
C MET C 332 -15.21 -77.31 -28.99
N THR C 333 -14.42 -78.13 -29.65
CA THR C 333 -13.13 -78.55 -29.15
C THR C 333 -12.49 -79.10 -30.38
N LEU C 334 -11.59 -78.32 -30.99
CA LEU C 334 -10.94 -78.72 -32.23
C LEU C 334 -9.74 -79.56 -31.90
N VAL C 335 -9.79 -80.85 -32.17
CA VAL C 335 -8.69 -81.72 -31.77
C VAL C 335 -7.76 -81.96 -32.91
N GLY C 336 -6.61 -81.32 -32.83
CA GLY C 336 -5.71 -81.33 -33.95
C GLY C 336 -4.34 -81.69 -33.47
N HIS C 337 -3.37 -80.93 -33.95
CA HIS C 337 -2.01 -81.41 -33.96
C HIS C 337 -1.33 -81.53 -32.60
N ASP C 338 -0.01 -81.69 -32.66
CA ASP C 338 0.73 -82.68 -31.91
C ASP C 338 1.50 -82.21 -30.68
N ASN C 339 1.52 -80.90 -30.45
CA ASN C 339 2.20 -80.30 -29.29
C ASN C 339 1.47 -79.07 -28.78
N TRP C 340 2.07 -78.38 -27.82
CA TRP C 340 1.43 -77.24 -27.15
C TRP C 340 0.92 -76.22 -28.14
N VAL C 341 -0.24 -75.63 -27.87
CA VAL C 341 -0.78 -74.65 -28.77
C VAL C 341 -0.33 -73.26 -28.32
N ARG C 342 0.30 -72.52 -29.24
CA ARG C 342 0.86 -71.21 -28.92
C ARG C 342 0.10 -70.01 -29.46
N GLY C 343 -0.68 -70.17 -30.53
CA GLY C 343 -1.40 -69.04 -31.11
C GLY C 343 -2.75 -69.44 -31.64
N VAL C 344 -3.68 -68.51 -31.71
CA VAL C 344 -5.10 -68.82 -31.96
C VAL C 344 -5.87 -67.59 -32.50
N LEU C 345 -6.33 -67.68 -33.75
CA LEU C 345 -6.98 -66.56 -34.44
C LEU C 345 -8.32 -66.85 -35.06
N PHE C 346 -9.14 -65.82 -35.20
CA PHE C 346 -10.31 -65.87 -36.07
C PHE C 346 -10.04 -65.09 -37.34
N HIS C 347 -10.24 -65.73 -38.49
CA HIS C 347 -10.07 -65.10 -39.81
C HIS C 347 -10.97 -63.85 -39.90
N SER C 348 -10.60 -62.89 -40.76
CA SER C 348 -11.32 -61.61 -40.86
C SER C 348 -12.79 -61.81 -41.00
N GLY C 349 -13.20 -62.76 -41.84
CA GLY C 349 -14.57 -63.25 -41.89
C GLY C 349 -14.88 -64.02 -40.63
N GLY C 350 -14.86 -65.33 -40.72
CA GLY C 350 -15.25 -66.17 -39.60
C GLY C 350 -15.52 -67.47 -40.28
N LYS C 351 -15.06 -67.52 -41.51
CA LYS C 351 -15.01 -68.78 -42.21
C LYS C 351 -14.14 -69.72 -41.36
N PHE C 352 -12.91 -69.30 -41.08
CA PHE C 352 -11.90 -70.20 -40.52
C PHE C 352 -11.33 -69.76 -39.19
N ILE C 353 -10.46 -70.57 -38.61
CA ILE C 353 -9.73 -70.27 -37.38
C ILE C 353 -8.29 -70.63 -37.62
N LEU C 354 -7.35 -69.75 -37.37
CA LEU C 354 -5.95 -70.13 -37.57
C LEU C 354 -5.28 -70.40 -36.25
N SER C 355 -4.31 -71.28 -36.26
CA SER C 355 -3.61 -71.59 -35.04
C SER C 355 -2.16 -71.86 -35.30
N CYS C 356 -1.39 -71.98 -34.22
CA CYS C 356 0.00 -72.34 -34.33
C CYS C 356 0.45 -72.83 -32.99
N ALA C 357 1.48 -73.67 -33.03
CA ALA C 357 1.84 -74.47 -31.89
C ALA C 357 3.27 -75.00 -31.94
N ASP C 358 3.66 -75.61 -30.83
CA ASP C 358 4.97 -76.18 -30.65
C ASP C 358 5.21 -77.40 -31.53
N ASP C 359 4.31 -77.69 -32.48
CA ASP C 359 4.58 -78.73 -33.48
C ASP C 359 4.91 -78.05 -34.77
N LYS C 360 6.16 -77.69 -34.93
CA LYS C 360 6.58 -76.76 -35.98
C LYS C 360 5.51 -76.28 -37.02
N THR C 361 4.30 -75.95 -36.56
CA THR C 361 3.15 -75.90 -37.46
C THR C 361 2.15 -74.73 -37.35
N LEU C 362 1.55 -74.36 -38.48
CA LEU C 362 0.42 -73.45 -38.51
C LEU C 362 -0.75 -74.11 -39.25
N ARG C 363 -1.89 -74.18 -38.58
CA ARG C 363 -3.06 -74.92 -39.03
C ARG C 363 -4.24 -73.99 -39.26
N VAL C 364 -5.00 -74.25 -40.33
CA VAL C 364 -6.21 -73.50 -40.63
C VAL C 364 -7.39 -74.36 -40.23
N TRP C 365 -8.27 -73.84 -39.40
CA TRP C 365 -9.36 -74.67 -38.94
C TRP C 365 -10.67 -74.26 -39.54
N ASP C 366 -11.35 -75.26 -40.10
CA ASP C 366 -12.68 -75.09 -40.63
C ASP C 366 -13.66 -75.57 -39.57
N TYR C 367 -14.13 -74.65 -38.74
CA TYR C 367 -15.03 -75.03 -37.66
C TYR C 367 -16.42 -75.26 -38.19
N LYS C 368 -16.62 -74.88 -39.46
CA LYS C 368 -17.68 -75.51 -40.26
C LYS C 368 -17.23 -76.97 -40.38
N ASN C 369 -17.97 -77.86 -39.71
CA ASN C 369 -17.67 -79.30 -39.67
C ASN C 369 -16.37 -79.74 -38.98
N LYS C 370 -15.98 -79.00 -37.92
CA LYS C 370 -14.89 -79.40 -37.01
C LYS C 370 -13.58 -79.94 -37.64
N ARG C 371 -13.55 -80.04 -38.96
CA ARG C 371 -12.43 -80.56 -39.73
C ARG C 371 -11.30 -79.52 -39.77
N CYS C 372 -10.05 -79.97 -39.75
CA CYS C 372 -8.91 -79.07 -39.88
C CYS C 372 -8.51 -78.96 -41.35
N MET C 373 -9.00 -77.94 -42.03
CA MET C 373 -8.91 -77.96 -43.49
C MET C 373 -7.52 -77.91 -44.14
N LYS C 374 -6.50 -77.39 -43.49
CA LYS C 374 -5.17 -77.48 -44.08
C LYS C 374 -4.09 -77.50 -43.01
N THR C 375 -2.83 -77.70 -43.44
CA THR C 375 -1.69 -77.72 -42.55
C THR C 375 -0.43 -77.28 -43.29
N LEU C 376 0.25 -76.27 -42.73
CA LEU C 376 1.55 -75.83 -43.21
C LEU C 376 2.52 -76.20 -42.15
N ASN C 377 3.57 -76.96 -42.48
CA ASN C 377 4.71 -76.96 -41.59
C ASN C 377 5.41 -75.68 -41.91
N ALA C 378 5.51 -74.85 -40.88
CA ALA C 378 5.90 -73.47 -41.06
C ALA C 378 7.36 -73.27 -40.71
N HIS C 379 7.81 -73.87 -39.61
CA HIS C 379 9.17 -73.62 -39.11
C HIS C 379 9.90 -74.87 -38.65
N GLU C 380 11.21 -74.77 -38.50
CA GLU C 380 11.99 -75.91 -38.07
C GLU C 380 12.20 -76.05 -36.56
N HIS C 381 11.57 -75.19 -35.75
CA HIS C 381 11.49 -75.33 -34.28
C HIS C 381 10.21 -74.65 -33.85
N PHE C 382 9.75 -74.80 -32.60
CA PHE C 382 8.38 -74.33 -32.26
C PHE C 382 7.95 -73.02 -32.91
N VAL C 383 6.66 -72.86 -33.10
CA VAL C 383 6.11 -71.64 -33.66
C VAL C 383 5.39 -70.91 -32.55
N THR C 384 5.74 -69.66 -32.32
CA THR C 384 5.38 -68.96 -31.10
C THR C 384 4.15 -68.10 -31.20
N SER C 385 3.89 -67.61 -32.39
CA SER C 385 2.86 -66.60 -32.54
C SER C 385 2.65 -66.32 -34.01
N LEU C 386 1.42 -65.93 -34.30
CA LEU C 386 0.99 -65.65 -35.65
C LEU C 386 0.20 -64.38 -35.63
N ASP C 387 -0.08 -63.88 -36.84
CA ASP C 387 -0.94 -62.73 -37.01
C ASP C 387 -1.50 -62.64 -38.40
N PHE C 388 -2.81 -62.52 -38.44
CA PHE C 388 -3.57 -62.24 -39.66
C PHE C 388 -3.73 -60.74 -39.84
N HIS C 389 -3.95 -60.30 -41.07
CA HIS C 389 -4.05 -58.88 -41.33
C HIS C 389 -5.47 -58.50 -41.77
N LYS C 390 -6.19 -57.86 -40.84
CA LYS C 390 -7.61 -57.53 -40.98
C LYS C 390 -8.02 -57.04 -42.35
N THR C 391 -7.05 -56.60 -43.16
CA THR C 391 -7.40 -56.06 -44.46
C THR C 391 -6.80 -56.81 -45.62
N ALA C 392 -5.47 -56.86 -45.68
CA ALA C 392 -4.76 -57.34 -46.85
C ALA C 392 -4.26 -58.74 -46.58
N PRO C 393 -3.81 -59.41 -47.64
CA PRO C 393 -3.52 -60.84 -47.56
C PRO C 393 -2.13 -61.12 -47.07
N TYR C 394 -1.98 -61.23 -45.76
CA TYR C 394 -0.78 -61.83 -45.23
C TYR C 394 -1.04 -62.37 -43.85
N VAL C 395 -0.24 -63.36 -43.47
CA VAL C 395 -0.02 -63.71 -42.08
C VAL C 395 1.44 -63.79 -41.80
N VAL C 396 1.78 -63.54 -40.55
CA VAL C 396 3.15 -63.61 -40.14
C VAL C 396 3.30 -64.59 -39.03
N THR C 397 4.52 -65.07 -38.87
CA THR C 397 4.78 -66.23 -38.06
C THR C 397 6.18 -66.13 -37.51
N GLY C 398 6.32 -66.25 -36.20
CA GLY C 398 7.63 -66.13 -35.61
C GLY C 398 7.87 -67.36 -34.80
N SER C 399 9.11 -67.81 -34.77
CA SER C 399 9.39 -69.03 -34.02
C SER C 399 10.78 -69.06 -33.41
N VAL C 400 11.02 -70.11 -32.63
CA VAL C 400 12.27 -70.32 -31.91
C VAL C 400 13.46 -70.49 -32.84
N ASP C 401 13.21 -70.61 -34.14
CA ASP C 401 14.32 -70.70 -35.09
C ASP C 401 14.80 -69.31 -35.42
N GLN C 402 14.22 -68.35 -34.72
CA GLN C 402 14.66 -66.97 -34.70
C GLN C 402 14.22 -66.22 -35.94
N THR C 403 13.22 -66.76 -36.63
CA THR C 403 12.78 -66.20 -37.91
C THR C 403 11.35 -65.75 -37.93
N VAL C 404 11.08 -64.68 -38.67
CA VAL C 404 9.73 -64.23 -38.93
C VAL C 404 9.40 -64.45 -40.39
N LYS C 405 8.26 -65.07 -40.66
CA LYS C 405 7.93 -65.50 -42.00
C LYS C 405 6.68 -64.78 -42.45
N VAL C 406 6.66 -64.32 -43.70
CA VAL C 406 5.47 -63.67 -44.24
C VAL C 406 4.80 -64.53 -45.31
N TRP C 407 3.63 -65.07 -45.02
CA TRP C 407 2.97 -66.01 -45.92
C TRP C 407 1.83 -65.33 -46.68
N GLU C 408 1.70 -65.56 -47.99
CA GLU C 408 0.60 -64.95 -48.76
C GLU C 408 -0.65 -65.86 -48.80
N LYS D 92 15.51 -110.23 -74.69
CA LYS D 92 15.50 -110.35 -73.19
C LYS D 92 16.01 -109.07 -72.48
N GLU D 93 15.38 -107.94 -72.83
CA GLU D 93 15.74 -106.60 -72.35
C GLU D 93 15.84 -106.53 -70.80
N TRP D 94 16.49 -105.48 -70.26
CA TRP D 94 16.58 -105.35 -68.78
C TRP D 94 16.43 -104.03 -68.03
N ILE D 95 15.96 -104.19 -66.80
CA ILE D 95 15.65 -103.09 -65.87
C ILE D 95 16.81 -102.87 -64.88
N PRO D 96 17.49 -101.72 -65.04
CA PRO D 96 18.65 -101.39 -64.19
C PRO D 96 18.40 -100.58 -62.90
N ARG D 97 17.14 -100.27 -62.55
CA ARG D 97 16.81 -99.07 -61.72
C ARG D 97 16.14 -99.19 -60.30
N PRO D 98 14.80 -99.03 -60.21
CA PRO D 98 14.07 -98.37 -59.09
C PRO D 98 14.73 -97.62 -57.87
N PRO D 99 14.08 -97.59 -56.69
CA PRO D 99 14.75 -97.40 -55.39
C PRO D 99 15.13 -98.70 -54.65
N GLU D 100 16.35 -98.72 -54.08
CA GLU D 100 16.97 -99.93 -53.49
C GLU D 100 15.98 -100.87 -52.86
N LYS D 101 16.08 -102.13 -53.24
CA LYS D 101 15.11 -103.10 -52.76
C LYS D 101 15.66 -104.01 -51.68
N TYR D 102 16.92 -103.80 -51.31
CA TYR D 102 17.55 -104.39 -50.13
C TYR D 102 18.80 -103.60 -49.78
N ALA D 103 18.91 -103.19 -48.52
CA ALA D 103 20.14 -102.56 -48.03
C ALA D 103 20.71 -103.34 -46.85
N LEU D 104 21.86 -103.95 -47.09
CA LEU D 104 22.49 -104.87 -46.17
C LEU D 104 23.57 -104.19 -45.38
N SER D 105 23.32 -103.98 -44.09
CA SER D 105 24.35 -103.47 -43.20
C SER D 105 25.00 -104.61 -42.42
N GLY D 106 26.24 -104.42 -41.99
CA GLY D 106 26.92 -105.47 -41.26
C GLY D 106 28.41 -105.29 -41.12
N HIS D 107 29.05 -104.85 -42.20
CA HIS D 107 30.46 -104.52 -42.17
C HIS D 107 30.70 -103.42 -41.18
N ARG D 108 31.94 -103.26 -40.76
CA ARG D 108 32.29 -102.22 -39.79
C ARG D 108 33.09 -101.11 -40.43
N SER D 109 33.14 -101.08 -41.76
CA SER D 109 34.10 -100.26 -42.48
C SER D 109 33.80 -100.31 -43.98
N PRO D 110 34.29 -99.33 -44.75
CA PRO D 110 33.93 -99.19 -46.16
C PRO D 110 33.92 -100.52 -46.89
N VAL D 111 33.03 -100.69 -47.87
CA VAL D 111 33.02 -101.89 -48.65
C VAL D 111 33.88 -101.65 -49.87
N THR D 112 34.62 -102.66 -50.29
CA THR D 112 35.64 -102.50 -51.32
C THR D 112 35.26 -103.09 -52.67
N ARG D 113 34.58 -104.22 -52.63
CA ARG D 113 34.18 -104.89 -53.85
C ARG D 113 32.93 -105.69 -53.59
N VAL D 114 32.10 -105.80 -54.60
CA VAL D 114 30.92 -106.65 -54.50
C VAL D 114 30.96 -107.64 -55.68
N ILE D 115 30.41 -108.83 -55.46
CA ILE D 115 30.63 -109.94 -56.34
C ILE D 115 29.45 -110.88 -56.32
N PHE D 116 29.01 -111.34 -57.48
CA PHE D 116 27.94 -112.31 -57.55
C PHE D 116 28.55 -113.69 -57.71
N HIS D 117 27.91 -114.67 -57.09
CA HIS D 117 28.32 -116.02 -57.26
C HIS D 117 27.80 -116.56 -58.59
N PRO D 118 28.62 -117.32 -59.31
CA PRO D 118 28.25 -117.84 -60.64
C PRO D 118 27.07 -118.80 -60.67
N VAL D 119 26.72 -119.38 -59.53
CA VAL D 119 25.77 -120.47 -59.47
C VAL D 119 24.65 -120.20 -58.46
N PHE D 120 25.02 -120.16 -57.20
CA PHE D 120 24.08 -120.01 -56.09
C PHE D 120 23.48 -118.61 -56.05
N SER D 121 22.34 -118.49 -55.39
CA SER D 121 21.62 -117.22 -55.32
C SER D 121 22.23 -116.29 -54.27
N VAL D 122 23.55 -116.20 -54.27
CA VAL D 122 24.28 -115.55 -53.18
C VAL D 122 25.25 -114.57 -53.74
N MET D 123 25.56 -113.54 -52.96
CA MET D 123 26.59 -112.61 -53.38
C MET D 123 27.57 -112.27 -52.26
N VAL D 124 28.78 -111.89 -52.63
CA VAL D 124 29.88 -111.70 -51.70
C VAL D 124 30.39 -110.27 -51.69
N SER D 125 30.84 -109.82 -50.53
CA SER D 125 31.35 -108.46 -50.36
C SER D 125 32.60 -108.41 -49.49
N ALA D 126 33.51 -107.51 -49.86
CA ALA D 126 34.82 -107.33 -49.21
C ALA D 126 34.84 -105.96 -48.62
N SER D 127 35.64 -105.77 -47.59
CA SER D 127 35.70 -104.49 -46.91
C SER D 127 37.06 -104.23 -46.26
N GLU D 128 37.22 -103.02 -45.72
CA GLU D 128 38.41 -102.74 -44.91
C GLU D 128 38.26 -103.33 -43.51
N ASP D 129 37.52 -104.43 -43.44
CA ASP D 129 36.98 -104.95 -42.20
C ASP D 129 37.91 -105.67 -41.23
N ALA D 130 38.85 -106.53 -41.67
CA ALA D 130 39.10 -106.94 -43.03
C ALA D 130 38.46 -108.29 -43.22
N THR D 131 37.27 -108.27 -43.80
CA THR D 131 36.35 -109.38 -43.76
C THR D 131 35.72 -109.61 -45.11
N ILE D 132 35.58 -110.86 -45.52
CA ILE D 132 34.70 -111.16 -46.62
C ILE D 132 33.36 -111.59 -46.03
N LYS D 133 32.24 -111.01 -46.49
CA LYS D 133 30.90 -111.39 -46.01
C LYS D 133 30.00 -111.93 -47.11
N VAL D 134 29.10 -112.85 -46.76
CA VAL D 134 28.25 -113.51 -47.76
C VAL D 134 26.76 -113.32 -47.48
N TRP D 135 26.04 -112.70 -48.41
CA TRP D 135 24.56 -112.53 -48.43
C TRP D 135 24.18 -113.43 -49.64
N ASP D 136 23.09 -114.20 -49.67
CA ASP D 136 21.69 -113.91 -50.07
C ASP D 136 21.09 -112.61 -50.64
N TYR D 137 21.26 -112.40 -51.93
CA TYR D 137 20.64 -111.21 -52.53
C TYR D 137 19.15 -111.34 -52.77
N GLU D 138 18.62 -112.55 -52.82
CA GLU D 138 17.18 -112.72 -52.99
C GLU D 138 16.46 -112.35 -51.69
N THR D 139 17.14 -112.57 -50.57
CA THR D 139 16.52 -112.47 -49.28
C THR D 139 17.25 -111.49 -48.34
N GLY D 140 18.57 -111.42 -48.46
CA GLY D 140 19.42 -110.66 -47.56
C GLY D 140 19.57 -111.38 -46.24
N ASP D 141 20.66 -112.10 -46.03
CA ASP D 141 20.89 -112.75 -44.76
C ASP D 141 22.41 -112.84 -44.52
N PHE D 142 22.88 -112.53 -43.31
CA PHE D 142 24.33 -112.49 -42.98
C PHE D 142 25.06 -113.78 -43.24
N GLU D 143 24.37 -114.76 -43.85
CA GLU D 143 24.91 -116.07 -44.24
C GLU D 143 26.17 -116.48 -43.49
N ARG D 144 27.34 -116.04 -43.96
CA ARG D 144 28.61 -116.36 -43.31
C ARG D 144 29.53 -115.14 -43.32
N THR D 145 30.55 -115.20 -42.47
CA THR D 145 31.68 -114.26 -42.52
C THR D 145 32.98 -115.04 -42.72
N LEU D 146 33.87 -114.51 -43.53
CA LEU D 146 35.14 -115.15 -43.80
C LEU D 146 36.25 -114.31 -43.21
N LYS D 147 36.88 -114.81 -42.16
CA LYS D 147 37.92 -114.07 -41.44
C LYS D 147 39.29 -114.62 -41.70
N GLY D 148 40.30 -113.77 -41.56
CA GLY D 148 41.67 -114.25 -41.61
C GLY D 148 42.66 -113.36 -42.31
N HIS D 149 42.23 -112.18 -42.73
CA HIS D 149 43.15 -111.26 -43.33
C HIS D 149 43.58 -110.34 -42.23
N THR D 150 44.76 -109.77 -42.34
CA THR D 150 45.20 -108.80 -41.36
C THR D 150 44.72 -107.36 -41.56
N ASP D 151 44.78 -106.80 -42.77
CA ASP D 151 44.61 -105.36 -42.90
C ASP D 151 43.44 -104.82 -43.70
N SER D 152 43.15 -105.36 -44.87
CA SER D 152 42.02 -104.83 -45.61
C SER D 152 41.76 -105.76 -46.73
N VAL D 153 40.52 -105.85 -47.18
CA VAL D 153 40.25 -106.75 -48.27
C VAL D 153 39.93 -105.88 -49.47
N GLN D 154 40.81 -105.85 -50.47
CA GLN D 154 40.59 -104.97 -51.63
C GLN D 154 39.88 -105.58 -52.84
N ASP D 155 40.14 -106.85 -53.14
CA ASP D 155 39.47 -107.45 -54.26
C ASP D 155 39.00 -108.84 -53.92
N ILE D 156 38.10 -109.35 -54.75
CA ILE D 156 37.52 -110.66 -54.61
C ILE D 156 37.36 -111.21 -56.01
N SER D 157 37.53 -112.52 -56.19
CA SER D 157 37.24 -113.13 -57.50
C SER D 157 36.91 -114.61 -57.41
N PHE D 158 35.76 -114.98 -57.96
CA PHE D 158 35.36 -116.38 -57.98
C PHE D 158 35.95 -117.10 -59.19
N ASP D 159 36.24 -118.38 -59.05
CA ASP D 159 36.64 -119.24 -60.15
C ASP D 159 35.41 -119.56 -60.97
N HIS D 160 35.57 -120.22 -62.12
CA HIS D 160 34.41 -120.52 -62.96
C HIS D 160 33.33 -121.32 -62.23
N SER D 161 33.76 -122.33 -61.48
CA SER D 161 32.87 -123.29 -60.84
C SER D 161 32.11 -122.72 -59.64
N GLY D 162 32.62 -121.62 -59.07
CA GLY D 162 32.04 -121.02 -57.88
C GLY D 162 32.38 -121.85 -56.65
N LYS D 163 33.57 -122.45 -56.68
CA LYS D 163 34.00 -123.36 -55.64
C LYS D 163 35.27 -122.84 -54.97
N LEU D 164 35.99 -121.95 -55.64
CA LEU D 164 37.14 -121.29 -55.06
C LEU D 164 36.98 -119.77 -55.15
N LEU D 165 37.36 -119.09 -54.08
CA LEU D 165 37.29 -117.63 -54.03
C LEU D 165 38.66 -117.08 -53.67
N ALA D 166 39.18 -116.19 -54.49
CA ALA D 166 40.43 -115.54 -54.16
C ALA D 166 40.15 -114.17 -53.56
N SER D 167 40.98 -113.76 -52.60
CA SER D 167 40.85 -112.43 -52.02
C SER D 167 42.19 -111.71 -52.03
N CYS D 168 42.14 -110.40 -51.79
CA CYS D 168 43.31 -109.51 -51.83
C CYS D 168 43.31 -108.61 -50.64
N SER D 169 44.49 -108.24 -50.20
CA SER D 169 44.54 -107.38 -49.03
C SER D 169 45.70 -106.43 -48.95
N ALA D 170 45.60 -105.53 -47.98
CA ALA D 170 46.73 -104.72 -47.60
C ALA D 170 47.70 -105.49 -46.70
N ASP D 171 47.48 -106.80 -46.48
CA ASP D 171 48.54 -107.55 -45.82
C ASP D 171 49.59 -107.96 -46.81
N MET D 172 49.28 -107.85 -48.10
CA MET D 172 50.19 -108.25 -49.18
C MET D 172 50.05 -109.75 -49.46
N THR D 173 48.92 -110.30 -49.05
CA THR D 173 48.67 -111.70 -49.20
C THR D 173 47.65 -111.93 -50.28
N ILE D 174 47.43 -113.17 -50.66
CA ILE D 174 46.33 -113.45 -51.56
C ILE D 174 45.66 -114.73 -51.12
N LYS D 175 44.69 -114.63 -50.24
CA LYS D 175 44.14 -115.84 -49.68
C LYS D 175 43.21 -116.55 -50.66
N LEU D 176 43.37 -117.86 -50.76
CA LEU D 176 42.49 -118.69 -51.57
C LEU D 176 41.54 -119.44 -50.66
N TRP D 177 40.24 -119.29 -50.92
CA TRP D 177 39.24 -119.88 -50.05
C TRP D 177 38.41 -120.98 -50.72
N ASP D 178 37.97 -121.93 -49.89
CA ASP D 178 37.13 -123.05 -50.31
C ASP D 178 35.67 -122.72 -50.03
N PHE D 179 34.80 -122.82 -51.04
CA PHE D 179 33.38 -122.59 -50.82
C PHE D 179 32.59 -123.93 -50.59
N GLN D 180 33.27 -124.99 -50.15
CA GLN D 180 32.61 -126.07 -49.42
C GLN D 180 32.07 -125.35 -48.21
N GLY D 181 32.51 -124.10 -48.10
CA GLY D 181 31.93 -123.13 -47.20
C GLY D 181 32.92 -122.34 -46.34
N PHE D 182 33.90 -123.05 -45.81
CA PHE D 182 34.72 -122.42 -44.82
C PHE D 182 36.11 -122.11 -45.22
N GLU D 183 36.98 -123.08 -44.98
CA GLU D 183 38.38 -122.80 -44.71
C GLU D 183 39.15 -122.11 -45.85
N CYS D 184 40.16 -121.37 -45.43
CA CYS D 184 41.24 -120.85 -46.25
C CYS D 184 42.06 -122.05 -46.73
N ILE D 185 42.61 -121.99 -47.93
CA ILE D 185 43.34 -123.12 -48.48
C ILE D 185 44.83 -122.81 -48.47
N ARG D 186 45.19 -121.71 -49.14
CA ARG D 186 46.56 -121.26 -49.26
C ARG D 186 46.60 -119.78 -48.97
N THR D 187 47.78 -119.33 -48.57
CA THR D 187 48.03 -117.91 -48.44
C THR D 187 49.24 -117.67 -49.29
N MET D 188 49.17 -116.68 -50.16
CA MET D 188 50.19 -116.49 -51.17
C MET D 188 50.97 -115.20 -50.93
N HIS D 189 52.29 -115.33 -50.79
CA HIS D 189 53.17 -114.22 -50.45
C HIS D 189 54.11 -113.87 -51.58
N GLY D 190 54.16 -112.59 -51.91
CA GLY D 190 55.10 -112.12 -52.93
C GLY D 190 55.24 -110.62 -52.98
N HIS D 191 54.16 -109.96 -53.37
CA HIS D 191 54.07 -108.52 -53.41
C HIS D 191 54.69 -107.90 -52.16
N ASP D 192 55.38 -106.76 -52.34
CA ASP D 192 56.02 -106.02 -51.23
C ASP D 192 55.13 -104.92 -50.64
N HIS D 193 53.93 -104.74 -51.18
CA HIS D 193 53.05 -103.68 -50.73
C HIS D 193 51.63 -104.10 -50.96
N ASN D 194 50.69 -103.21 -50.61
CA ASN D 194 49.27 -103.33 -50.90
C ASN D 194 48.93 -104.10 -52.18
N VAL D 195 47.97 -105.00 -52.09
CA VAL D 195 47.59 -105.80 -53.25
C VAL D 195 46.18 -105.37 -53.57
N SER D 196 45.98 -104.61 -54.65
CA SER D 196 44.63 -104.05 -54.81
C SER D 196 43.75 -104.65 -55.90
N SER D 197 44.18 -105.78 -56.48
CA SER D 197 43.33 -106.50 -57.43
C SER D 197 43.76 -107.91 -57.60
N VAL D 198 42.77 -108.78 -57.76
CA VAL D 198 43.02 -110.18 -58.00
C VAL D 198 41.95 -110.78 -58.91
N SER D 199 42.31 -111.83 -59.60
CA SER D 199 41.37 -112.51 -60.46
C SER D 199 41.83 -113.92 -60.68
N ILE D 200 40.87 -114.81 -60.68
CA ILE D 200 41.10 -116.16 -61.10
C ILE D 200 40.93 -116.13 -62.61
N MET D 201 41.88 -116.73 -63.32
CA MET D 201 41.80 -116.84 -64.76
C MET D 201 40.79 -117.92 -65.14
N PRO D 202 40.27 -117.86 -66.38
CA PRO D 202 39.25 -118.84 -66.83
C PRO D 202 39.61 -120.32 -66.66
N ASN D 203 40.69 -120.83 -67.28
CA ASN D 203 41.20 -122.15 -66.94
C ASN D 203 41.63 -122.14 -65.49
N GLY D 204 40.72 -122.45 -64.56
CA GLY D 204 40.90 -122.17 -63.14
C GLY D 204 42.20 -122.67 -62.51
N ASP D 205 43.32 -122.40 -63.17
CA ASP D 205 44.63 -122.98 -62.88
C ASP D 205 45.63 -121.90 -62.46
N HIS D 206 45.21 -120.63 -62.53
CA HIS D 206 46.10 -119.49 -62.28
C HIS D 206 45.41 -118.30 -61.61
N ILE D 207 46.17 -117.51 -60.85
CA ILE D 207 45.64 -116.28 -60.27
C ILE D 207 46.47 -115.08 -60.71
N VAL D 208 45.81 -113.97 -60.99
CA VAL D 208 46.55 -112.73 -61.27
C VAL D 208 46.26 -111.69 -60.24
N SER D 209 47.31 -110.96 -59.90
CA SER D 209 47.22 -109.93 -58.89
C SER D 209 47.99 -108.69 -59.32
N ALA D 210 47.68 -107.58 -58.67
CA ALA D 210 48.33 -106.33 -58.96
C ALA D 210 48.53 -105.55 -57.66
N SER D 211 49.60 -104.76 -57.62
CA SER D 211 50.05 -104.16 -56.36
C SER D 211 50.65 -102.75 -56.51
N ARG D 212 50.80 -102.05 -55.37
CA ARG D 212 51.60 -100.82 -55.29
C ARG D 212 53.07 -101.13 -55.60
N ASP D 213 53.40 -102.42 -55.56
CA ASP D 213 54.62 -102.97 -56.09
C ASP D 213 55.02 -102.29 -57.39
N LYS D 214 54.00 -101.90 -58.14
CA LYS D 214 54.08 -101.58 -59.57
C LYS D 214 54.17 -102.90 -60.34
N THR D 215 53.58 -103.94 -59.77
CA THR D 215 53.80 -105.30 -60.22
C THR D 215 52.49 -106.02 -60.55
N ILE D 216 52.56 -106.94 -61.49
CA ILE D 216 51.47 -107.87 -61.72
C ILE D 216 52.08 -109.26 -61.60
N LYS D 217 51.51 -110.09 -60.73
CA LYS D 217 52.05 -111.41 -60.53
C LYS D 217 51.05 -112.50 -60.90
N MET D 218 51.58 -113.66 -61.24
CA MET D 218 50.76 -114.75 -61.70
C MET D 218 51.04 -115.99 -60.87
N TRP D 219 50.04 -116.47 -60.15
CA TRP D 219 50.23 -117.57 -59.21
C TRP D 219 49.57 -118.88 -59.64
N GLU D 220 50.23 -120.01 -59.38
CA GLU D 220 49.67 -121.33 -59.65
C GLU D 220 48.70 -121.72 -58.53
N VAL D 221 47.43 -121.95 -58.87
CA VAL D 221 46.40 -122.14 -57.85
C VAL D 221 46.71 -123.31 -56.95
N GLN D 222 47.15 -124.43 -57.49
CA GLN D 222 47.28 -125.64 -56.67
C GLN D 222 48.64 -125.80 -55.99
N THR D 223 49.54 -124.85 -56.22
CA THR D 223 50.86 -124.89 -55.57
C THR D 223 51.21 -123.61 -54.86
N GLY D 224 50.37 -122.58 -55.03
CA GLY D 224 50.63 -121.28 -54.47
C GLY D 224 51.94 -120.63 -54.89
N TYR D 225 52.53 -121.11 -55.98
CA TYR D 225 53.78 -120.55 -56.48
C TYR D 225 53.52 -119.27 -57.25
N CYS D 226 54.46 -118.33 -57.16
CA CYS D 226 54.50 -117.20 -58.07
C CYS D 226 55.22 -117.67 -59.32
N VAL D 227 54.64 -117.44 -60.49
CA VAL D 227 55.16 -118.04 -61.72
C VAL D 227 55.72 -117.04 -62.71
N LYS D 228 55.05 -115.90 -62.79
CA LYS D 228 55.41 -114.82 -63.72
C LYS D 228 55.22 -113.50 -63.00
N THR D 229 56.09 -112.54 -63.29
CA THR D 229 55.99 -111.19 -62.75
C THR D 229 56.11 -110.19 -63.90
N PHE D 230 55.10 -109.32 -64.04
CA PHE D 230 55.06 -108.35 -65.13
C PHE D 230 55.59 -106.98 -64.70
N THR D 231 56.82 -106.64 -65.06
CA THR D 231 57.31 -105.29 -64.76
C THR D 231 56.85 -104.34 -65.85
N GLY D 232 56.42 -103.14 -65.47
CA GLY D 232 55.76 -102.31 -66.44
C GLY D 232 55.59 -100.84 -66.13
N HIS D 233 54.47 -100.48 -65.49
CA HIS D 233 54.18 -99.08 -65.18
C HIS D 233 55.14 -98.58 -64.13
N ARG D 234 55.28 -97.25 -64.07
CA ARG D 234 56.19 -96.58 -63.14
C ARG D 234 55.50 -96.36 -61.80
N GLU D 235 54.21 -96.63 -61.73
CA GLU D 235 53.45 -96.39 -60.50
C GLU D 235 52.49 -97.52 -60.14
N TRP D 236 51.96 -97.44 -58.92
CA TRP D 236 50.84 -98.25 -58.41
C TRP D 236 50.01 -98.91 -59.51
N VAL D 237 49.78 -100.22 -59.42
CA VAL D 237 48.86 -100.87 -60.34
C VAL D 237 47.56 -101.14 -59.63
N ARG D 238 46.46 -100.70 -60.22
CA ARG D 238 45.19 -100.69 -59.51
C ARG D 238 44.23 -101.85 -59.80
N MET D 239 44.32 -102.44 -61.00
CA MET D 239 43.40 -103.48 -61.41
C MET D 239 44.02 -104.38 -62.49
N VAL D 240 43.67 -105.67 -62.45
CA VAL D 240 44.04 -106.59 -63.52
C VAL D 240 42.84 -107.38 -63.96
N ARG D 241 42.69 -107.54 -65.27
CA ARG D 241 41.59 -108.33 -65.81
C ARG D 241 42.04 -109.27 -66.94
N PRO D 242 41.54 -110.49 -66.89
CA PRO D 242 41.78 -111.45 -67.95
C PRO D 242 40.89 -111.12 -69.12
N ASN D 243 41.16 -111.79 -70.21
CA ASN D 243 40.49 -111.60 -71.46
C ASN D 243 39.62 -112.83 -71.56
N GLN D 244 38.34 -112.68 -71.88
CA GLN D 244 37.42 -113.83 -71.87
C GLN D 244 38.11 -115.16 -72.25
N ASP D 245 38.89 -115.13 -73.34
CA ASP D 245 39.73 -116.25 -73.86
C ASP D 245 40.88 -116.72 -72.93
N GLY D 246 41.25 -115.91 -71.95
CA GLY D 246 42.35 -116.19 -71.03
C GLY D 246 43.72 -115.74 -71.51
N THR D 247 43.82 -115.47 -72.81
CA THR D 247 45.05 -115.15 -73.53
C THR D 247 45.74 -113.86 -73.13
N LEU D 248 44.97 -112.91 -72.62
CA LEU D 248 45.46 -111.53 -72.45
C LEU D 248 45.14 -110.94 -71.08
N ILE D 249 45.90 -109.91 -70.69
CA ILE D 249 45.65 -109.25 -69.42
C ILE D 249 45.63 -107.72 -69.51
N ALA D 250 44.65 -107.13 -68.86
CA ALA D 250 44.53 -105.67 -68.85
C ALA D 250 44.85 -105.13 -67.47
N SER D 251 45.81 -104.22 -67.44
CA SER D 251 46.20 -103.63 -66.19
C SER D 251 45.90 -102.13 -66.20
N CYS D 252 46.00 -101.51 -65.03
CA CYS D 252 45.39 -100.22 -64.75
C CYS D 252 46.16 -99.56 -63.63
N SER D 253 46.56 -98.31 -63.81
CA SER D 253 47.48 -97.76 -62.81
C SER D 253 47.51 -96.26 -62.65
N ASN D 254 48.40 -95.83 -61.75
CA ASN D 254 48.52 -94.43 -61.34
C ASN D 254 49.29 -93.59 -62.34
N ASP D 255 50.03 -94.25 -63.23
CA ASP D 255 50.74 -93.54 -64.29
C ASP D 255 49.81 -93.13 -65.41
N GLN D 256 48.50 -93.16 -65.13
CA GLN D 256 47.46 -92.69 -66.06
C GLN D 256 47.33 -93.60 -67.29
N THR D 257 47.73 -94.86 -67.16
CA THR D 257 47.93 -95.74 -68.29
C THR D 257 47.11 -97.02 -68.20
N VAL D 258 46.76 -97.59 -69.35
CA VAL D 258 46.13 -98.91 -69.39
C VAL D 258 47.04 -99.81 -70.22
N ARG D 259 47.50 -100.92 -69.64
CA ARG D 259 48.33 -101.82 -70.42
C ARG D 259 47.60 -103.11 -70.70
N VAL D 260 47.77 -103.61 -71.92
CA VAL D 260 47.25 -104.91 -72.26
C VAL D 260 48.43 -105.80 -72.50
N TRP D 261 48.56 -106.85 -71.69
CA TRP D 261 49.71 -107.74 -71.79
C TRP D 261 49.34 -109.10 -72.33
N VAL D 262 50.30 -109.71 -73.01
CA VAL D 262 50.19 -111.09 -73.46
C VAL D 262 50.57 -112.03 -72.32
N VAL D 263 49.61 -112.82 -71.85
CA VAL D 263 49.86 -113.66 -70.68
C VAL D 263 51.01 -114.68 -70.90
N ALA D 264 51.17 -115.19 -72.12
CA ALA D 264 52.21 -116.18 -72.39
C ALA D 264 53.64 -115.63 -72.52
N THR D 265 53.81 -114.61 -73.37
CA THR D 265 55.11 -114.01 -73.71
C THR D 265 55.59 -112.92 -72.73
N LYS D 266 54.66 -112.45 -71.91
CA LYS D 266 54.76 -111.21 -71.08
C LYS D 266 55.23 -109.93 -71.80
N GLU D 267 55.07 -109.90 -73.12
CA GLU D 267 55.17 -108.67 -73.89
C GLU D 267 53.86 -107.91 -73.71
N CYS D 268 53.82 -106.65 -74.14
CA CYS D 268 52.55 -105.93 -74.08
C CYS D 268 52.14 -105.25 -75.38
N LYS D 269 51.02 -105.75 -75.91
CA LYS D 269 50.50 -105.35 -77.20
C LYS D 269 50.19 -103.86 -77.25
N ALA D 270 49.70 -103.32 -76.14
CA ALA D 270 49.32 -101.91 -76.10
C ALA D 270 49.57 -101.22 -74.76
N GLU D 271 49.91 -99.94 -74.88
CA GLU D 271 49.85 -98.99 -73.77
C GLU D 271 48.88 -97.88 -74.17
N LEU D 272 47.77 -97.79 -73.46
CA LEU D 272 46.73 -96.83 -73.77
C LEU D 272 46.95 -95.57 -72.95
N ARG D 273 47.29 -94.47 -73.62
CA ARG D 273 47.86 -93.32 -72.91
C ARG D 273 46.94 -92.14 -72.59
N GLU D 274 45.92 -91.87 -73.41
CA GLU D 274 45.21 -90.58 -73.37
C GLU D 274 44.22 -90.35 -72.21
N HIS D 275 44.57 -90.79 -71.00
CA HIS D 275 43.84 -90.44 -69.77
C HIS D 275 44.57 -89.29 -69.09
N ARG D 276 43.82 -88.41 -68.41
CA ARG D 276 44.40 -87.20 -67.79
C ARG D 276 44.82 -87.38 -66.33
N HIS D 277 44.32 -88.43 -65.70
CA HIS D 277 44.54 -88.69 -64.26
C HIS D 277 44.44 -90.22 -64.03
N VAL D 278 44.73 -90.65 -62.80
CA VAL D 278 44.76 -92.06 -62.47
C VAL D 278 43.56 -92.82 -62.98
N VAL D 279 43.84 -94.01 -63.52
CA VAL D 279 42.81 -94.88 -64.00
C VAL D 279 42.54 -95.84 -62.89
N GLU D 280 41.26 -96.05 -62.60
CA GLU D 280 40.89 -96.94 -61.51
C GLU D 280 40.15 -98.23 -61.92
N CYS D 281 39.79 -98.34 -63.19
CA CYS D 281 38.84 -99.33 -63.66
C CYS D 281 39.17 -99.99 -65.00
N ILE D 282 38.85 -101.27 -65.15
CA ILE D 282 38.81 -101.87 -66.47
C ILE D 282 37.80 -103.01 -66.61
N SER D 283 37.10 -103.02 -67.74
CA SER D 283 36.22 -104.12 -68.11
C SER D 283 36.46 -104.46 -69.58
N TRP D 284 36.34 -105.73 -69.94
CA TRP D 284 36.40 -106.11 -71.35
C TRP D 284 34.99 -106.25 -71.91
N ALA D 285 34.86 -105.99 -73.20
CA ALA D 285 33.59 -106.14 -73.90
C ALA D 285 33.28 -107.60 -74.21
N PRO D 286 32.03 -108.02 -74.02
CA PRO D 286 31.60 -109.39 -74.33
C PRO D 286 30.89 -109.64 -75.70
N GLU D 287 29.69 -110.25 -75.58
CA GLU D 287 28.79 -110.63 -76.69
C GLU D 287 28.06 -109.43 -77.26
N SER D 288 28.82 -108.47 -77.79
CA SER D 288 28.22 -107.24 -78.31
C SER D 288 29.27 -106.40 -79.01
N SER D 289 30.14 -107.10 -79.73
CA SER D 289 31.12 -106.41 -80.56
C SER D 289 30.40 -105.81 -81.76
N TYR D 290 29.07 -105.85 -81.72
CA TYR D 290 28.18 -105.10 -82.62
C TYR D 290 28.39 -103.60 -82.43
N SER D 291 28.77 -103.22 -81.20
CA SER D 291 28.92 -101.82 -80.76
C SER D 291 29.70 -100.97 -81.75
N SER D 292 30.50 -101.63 -82.58
CA SER D 292 31.18 -100.99 -83.70
C SER D 292 30.28 -99.94 -84.36
N ILE D 293 29.03 -100.31 -84.69
CA ILE D 293 28.03 -99.38 -85.25
C ILE D 293 28.26 -97.88 -84.96
N SER D 294 28.45 -97.54 -83.68
CA SER D 294 28.64 -96.16 -83.23
C SER D 294 29.95 -95.51 -83.73
N GLU D 295 30.97 -96.34 -83.98
CA GLU D 295 32.19 -95.91 -84.67
C GLU D 295 32.80 -97.05 -85.50
N ALA D 296 32.30 -97.22 -86.74
CA ALA D 296 32.63 -98.40 -87.55
C ALA D 296 33.32 -98.11 -88.88
N THR D 297 33.54 -96.82 -89.19
CA THR D 297 34.27 -96.45 -90.41
C THR D 297 35.79 -96.46 -90.21
N GLY D 298 36.49 -95.78 -91.12
CA GLY D 298 37.94 -95.88 -91.24
C GLY D 298 38.24 -96.23 -92.68
N SER D 299 38.41 -97.53 -92.95
CA SER D 299 38.52 -98.10 -94.31
C SER D 299 38.60 -99.64 -94.29
N GLU D 300 38.02 -100.25 -95.33
CA GLU D 300 37.96 -101.72 -95.50
C GLU D 300 37.79 -102.51 -94.21
N GLY D 308 37.72 -107.13 -83.82
CA GLY D 308 38.66 -106.61 -82.85
C GLY D 308 38.20 -106.66 -81.39
N PRO D 309 39.11 -106.36 -80.43
CA PRO D 309 38.86 -106.47 -78.96
C PRO D 309 38.86 -105.10 -78.20
N PHE D 310 37.92 -104.92 -77.25
CA PHE D 310 37.69 -103.57 -76.65
C PHE D 310 37.76 -103.50 -75.12
N LEU D 311 38.11 -102.33 -74.56
CA LEU D 311 37.97 -102.13 -73.08
C LEU D 311 37.70 -100.70 -72.56
N LEU D 312 36.78 -100.63 -71.58
CA LEU D 312 36.43 -99.40 -70.89
C LEU D 312 37.42 -99.08 -69.78
N SER D 313 37.69 -97.80 -69.59
CA SER D 313 38.49 -97.33 -68.44
C SER D 313 37.80 -96.14 -67.76
N GLY D 314 37.56 -96.28 -66.44
CA GLY D 314 37.17 -95.18 -65.57
C GLY D 314 38.35 -94.58 -64.83
N SER D 315 38.46 -93.25 -64.87
CA SER D 315 39.53 -92.53 -64.20
C SER D 315 39.05 -91.52 -63.17
N ARG D 316 40.02 -90.90 -62.49
CA ARG D 316 39.73 -89.74 -61.66
C ARG D 316 39.58 -88.45 -62.49
N ASP D 317 39.43 -88.62 -63.80
CA ASP D 317 38.99 -87.56 -64.68
C ASP D 317 37.53 -87.33 -64.54
N LYS D 318 36.84 -88.33 -64.00
CA LYS D 318 35.39 -88.42 -64.09
C LYS D 318 35.00 -88.87 -65.51
N THR D 319 35.96 -89.44 -66.23
CA THR D 319 35.78 -89.91 -67.61
C THR D 319 35.88 -91.44 -67.73
N ILE D 320 34.90 -92.04 -68.37
CA ILE D 320 35.05 -93.43 -68.79
C ILE D 320 35.49 -93.42 -70.25
N LYS D 321 36.62 -94.04 -70.56
CA LYS D 321 37.04 -94.15 -71.96
C LYS D 321 36.96 -95.58 -72.53
N MET D 322 36.13 -95.75 -73.56
CA MET D 322 36.12 -96.94 -74.44
C MET D 322 37.41 -97.02 -75.26
N TRP D 323 37.84 -98.23 -75.64
CA TRP D 323 39.05 -98.37 -76.50
C TRP D 323 39.05 -99.62 -77.38
N ASP D 324 39.90 -99.63 -78.42
CA ASP D 324 40.51 -100.92 -78.81
C ASP D 324 42.00 -100.90 -78.83
N VAL D 325 42.48 -101.79 -77.98
CA VAL D 325 43.80 -102.36 -77.93
C VAL D 325 44.51 -102.51 -79.28
N SER D 326 43.83 -103.11 -80.25
CA SER D 326 44.35 -103.29 -81.61
C SER D 326 45.03 -102.02 -82.11
N THR D 327 44.22 -100.98 -82.30
CA THR D 327 44.67 -99.72 -82.90
C THR D 327 45.34 -98.72 -81.94
N GLY D 328 45.02 -98.79 -80.65
CA GLY D 328 45.63 -97.91 -79.63
C GLY D 328 44.89 -96.59 -79.45
N MET D 329 43.92 -96.39 -80.33
CA MET D 329 43.02 -95.25 -80.31
C MET D 329 42.01 -95.58 -79.25
N CYS D 330 41.62 -94.57 -78.49
CA CYS D 330 40.40 -94.66 -77.72
C CYS D 330 39.35 -94.31 -78.75
N LEU D 331 38.10 -94.68 -78.51
CA LEU D 331 37.07 -94.41 -79.50
C LEU D 331 35.96 -93.54 -78.94
N MET D 332 35.84 -93.56 -77.61
CA MET D 332 34.78 -92.83 -76.90
C MET D 332 35.36 -92.10 -75.70
N THR D 333 34.53 -91.25 -75.09
CA THR D 333 34.76 -90.75 -73.75
C THR D 333 33.39 -90.38 -73.22
N LEU D 334 32.91 -91.18 -72.26
CA LEU D 334 31.64 -90.94 -71.59
C LEU D 334 31.81 -89.75 -70.67
N VAL D 335 31.42 -88.56 -71.13
CA VAL D 335 31.72 -87.32 -70.39
C VAL D 335 30.72 -87.10 -69.26
N GLY D 336 31.21 -87.29 -68.05
CA GLY D 336 30.35 -87.77 -66.99
C GLY D 336 30.12 -86.91 -65.78
N HIS D 337 29.67 -87.57 -64.72
CA HIS D 337 29.37 -86.90 -63.49
C HIS D 337 30.63 -86.62 -62.70
N ASP D 338 30.41 -86.27 -61.43
CA ASP D 338 31.14 -85.22 -60.74
C ASP D 338 32.42 -85.54 -60.01
N ASN D 339 32.72 -86.82 -59.83
CA ASN D 339 33.95 -87.19 -59.14
C ASN D 339 34.58 -88.47 -59.61
N TRP D 340 35.68 -88.85 -58.95
CA TRP D 340 36.49 -90.00 -59.31
C TRP D 340 35.59 -91.12 -59.71
N VAL D 341 35.85 -91.72 -60.86
CA VAL D 341 35.05 -92.85 -61.31
C VAL D 341 35.62 -94.14 -60.71
N ARG D 342 34.73 -95.05 -60.37
CA ARG D 342 35.18 -96.15 -59.54
C ARG D 342 34.88 -97.53 -60.07
N GLY D 343 33.84 -97.68 -60.89
CA GLY D 343 33.52 -98.96 -61.47
C GLY D 343 33.04 -98.86 -62.90
N VAL D 344 33.44 -99.81 -63.75
CA VAL D 344 32.84 -99.95 -65.09
C VAL D 344 32.42 -101.38 -65.47
N LEU D 345 31.42 -101.47 -66.33
CA LEU D 345 30.58 -102.63 -66.38
C LEU D 345 29.71 -102.64 -67.60
N PHE D 346 30.05 -103.47 -68.58
CA PHE D 346 29.16 -103.60 -69.71
C PHE D 346 28.04 -104.47 -69.26
N HIS D 347 26.83 -104.01 -69.52
CA HIS D 347 25.60 -104.75 -69.22
C HIS D 347 25.63 -106.17 -69.76
N SER D 348 24.78 -107.04 -69.23
CA SER D 348 24.70 -108.43 -69.73
C SER D 348 24.93 -108.58 -71.25
N GLY D 349 24.13 -107.88 -72.05
CA GLY D 349 24.34 -107.82 -73.50
C GLY D 349 25.40 -106.78 -73.82
N GLY D 350 24.94 -105.67 -74.39
CA GLY D 350 25.82 -104.56 -74.74
C GLY D 350 24.99 -103.33 -75.08
N LYS D 351 23.76 -103.32 -74.57
CA LYS D 351 22.94 -102.13 -74.67
C LYS D 351 23.62 -100.95 -73.93
N PHE D 352 23.99 -101.18 -72.67
CA PHE D 352 24.38 -100.13 -71.74
C PHE D 352 25.71 -100.32 -71.08
N ILE D 353 26.35 -99.22 -70.68
CA ILE D 353 27.43 -99.33 -69.73
C ILE D 353 26.93 -98.86 -68.37
N LEU D 354 27.31 -99.56 -67.32
CA LEU D 354 26.97 -99.13 -65.98
C LEU D 354 28.21 -98.55 -65.35
N SER D 355 27.99 -97.66 -64.39
CA SER D 355 29.08 -96.89 -63.83
C SER D 355 28.71 -96.47 -62.43
N CYS D 356 29.71 -96.36 -61.57
CA CYS D 356 29.54 -95.77 -60.25
C CYS D 356 30.80 -94.99 -59.90
N ALA D 357 30.66 -93.98 -59.06
CA ALA D 357 31.83 -93.20 -58.68
C ALA D 357 31.65 -92.44 -57.36
N ASP D 358 32.63 -91.63 -57.01
CA ASP D 358 32.61 -90.85 -55.78
C ASP D 358 31.56 -89.75 -55.75
N ASP D 359 30.94 -89.47 -56.90
CA ASP D 359 29.77 -88.62 -56.94
C ASP D 359 28.69 -89.57 -56.48
N LYS D 360 28.26 -89.44 -55.24
CA LYS D 360 27.62 -90.57 -54.55
C LYS D 360 26.51 -91.30 -55.36
N THR D 361 26.92 -91.88 -56.50
CA THR D 361 25.99 -92.22 -57.60
C THR D 361 26.38 -93.33 -58.57
N LEU D 362 25.32 -93.97 -59.10
CA LEU D 362 25.41 -95.10 -59.99
C LEU D 362 24.82 -94.66 -61.31
N ARG D 363 25.61 -94.75 -62.37
CA ARG D 363 25.23 -94.27 -63.68
C ARG D 363 25.04 -95.42 -64.66
N VAL D 364 23.98 -95.33 -65.45
CA VAL D 364 23.70 -96.25 -66.55
C VAL D 364 23.81 -95.40 -67.79
N TRP D 365 24.81 -95.65 -68.63
CA TRP D 365 24.92 -94.89 -69.86
C TRP D 365 24.30 -95.60 -71.06
N ASP D 366 24.13 -94.81 -72.12
CA ASP D 366 23.53 -95.19 -73.39
C ASP D 366 24.59 -94.95 -74.46
N TYR D 367 25.60 -95.81 -74.57
CA TYR D 367 26.64 -95.58 -75.58
C TYR D 367 26.05 -95.91 -76.92
N LYS D 368 24.80 -96.37 -76.83
CA LYS D 368 23.79 -96.02 -77.80
C LYS D 368 23.93 -94.51 -77.94
N ASN D 369 24.86 -94.07 -78.81
CA ASN D 369 25.12 -92.65 -79.07
C ASN D 369 25.39 -91.75 -77.83
N LYS D 370 26.49 -92.02 -77.12
CA LYS D 370 26.99 -91.13 -76.05
C LYS D 370 26.10 -90.76 -74.82
N ARG D 371 24.80 -90.57 -75.00
CA ARG D 371 23.91 -90.12 -73.89
C ARG D 371 24.12 -90.90 -72.57
N CYS D 372 23.66 -90.32 -71.47
CA CYS D 372 23.76 -90.98 -70.18
C CYS D 372 22.35 -91.20 -69.66
N MET D 373 21.80 -92.36 -69.90
CA MET D 373 20.34 -92.45 -69.91
C MET D 373 19.58 -92.42 -68.58
N LYS D 374 20.30 -92.51 -67.46
CA LYS D 374 19.70 -92.49 -66.11
C LYS D 374 20.77 -92.35 -65.01
N THR D 375 20.34 -91.87 -63.84
CA THR D 375 21.20 -91.70 -62.68
C THR D 375 20.45 -92.12 -61.44
N LEU D 376 21.13 -92.75 -60.49
CA LEU D 376 20.54 -92.95 -59.17
C LEU D 376 21.55 -92.61 -58.13
N ASN D 377 21.12 -91.81 -57.17
CA ASN D 377 21.94 -91.58 -56.00
C ASN D 377 21.72 -92.78 -55.12
N ALA D 378 22.81 -93.50 -54.90
CA ALA D 378 22.74 -94.82 -54.30
C ALA D 378 23.23 -94.80 -52.87
N HIS D 379 24.16 -93.90 -52.56
CA HIS D 379 24.77 -93.90 -51.25
C HIS D 379 25.02 -92.54 -50.68
N GLU D 380 25.32 -92.57 -49.38
CA GLU D 380 25.55 -91.40 -48.54
C GLU D 380 27.04 -91.20 -48.36
N HIS D 381 27.82 -91.86 -49.22
CA HIS D 381 29.25 -91.62 -49.39
C HIS D 381 29.75 -92.45 -50.58
N PHE D 382 30.97 -92.20 -51.05
CA PHE D 382 31.37 -92.75 -52.34
C PHE D 382 30.91 -94.19 -52.55
N VAL D 383 30.36 -94.47 -53.72
CA VAL D 383 30.09 -95.82 -54.18
C VAL D 383 31.42 -96.39 -54.59
N THR D 384 31.77 -97.55 -54.05
CA THR D 384 33.12 -98.03 -54.25
C THR D 384 33.22 -98.93 -55.44
N SER D 385 32.15 -99.64 -55.75
CA SER D 385 32.23 -100.72 -56.72
C SER D 385 30.85 -101.17 -57.08
N LEU D 386 30.75 -101.84 -58.23
CA LEU D 386 29.53 -102.57 -58.53
C LEU D 386 29.78 -103.89 -59.26
N ASP D 387 28.67 -104.56 -59.55
CA ASP D 387 28.62 -105.74 -60.41
C ASP D 387 27.19 -105.90 -60.87
N PHE D 388 27.04 -106.45 -62.06
CA PHE D 388 25.75 -106.76 -62.63
C PHE D 388 25.69 -108.24 -62.73
N HIS D 389 24.52 -108.82 -62.49
CA HIS D 389 24.40 -110.23 -62.67
C HIS D 389 24.32 -110.53 -64.16
N LYS D 390 24.95 -111.62 -64.60
CA LYS D 390 24.84 -111.99 -66.00
C LYS D 390 23.47 -112.64 -66.32
N THR D 391 22.78 -113.16 -65.30
CA THR D 391 21.54 -113.90 -65.51
C THR D 391 20.32 -113.28 -64.88
N ALA D 392 20.43 -112.80 -63.65
CA ALA D 392 19.24 -112.44 -62.87
C ALA D 392 19.04 -110.93 -62.71
N PRO D 393 17.81 -110.50 -62.42
CA PRO D 393 17.47 -109.07 -62.37
C PRO D 393 17.93 -108.31 -61.12
N TYR D 394 19.24 -108.34 -60.83
CA TYR D 394 19.80 -107.72 -59.65
C TYR D 394 21.15 -107.06 -59.91
N VAL D 395 21.38 -105.89 -59.31
CA VAL D 395 22.71 -105.22 -59.28
C VAL D 395 23.12 -104.95 -57.86
N VAL D 396 24.41 -105.12 -57.57
CA VAL D 396 24.90 -104.76 -56.26
C VAL D 396 25.97 -103.73 -56.41
N THR D 397 26.27 -103.13 -55.26
CA THR D 397 26.72 -101.78 -55.16
C THR D 397 27.13 -101.67 -53.74
N GLY D 398 28.38 -101.31 -53.50
CA GLY D 398 28.88 -101.12 -52.15
C GLY D 398 29.69 -99.85 -52.04
N SER D 399 29.57 -99.19 -50.90
CA SER D 399 30.21 -97.90 -50.68
C SER D 399 30.98 -97.76 -49.39
N VAL D 400 31.11 -96.49 -48.97
CA VAL D 400 31.95 -96.11 -47.84
C VAL D 400 31.10 -95.84 -46.60
N ASP D 401 29.80 -95.68 -46.83
CA ASP D 401 28.85 -95.65 -45.73
C ASP D 401 28.59 -97.06 -45.27
N GLN D 402 29.46 -97.98 -45.66
CA GLN D 402 29.55 -99.33 -45.09
C GLN D 402 28.32 -100.18 -45.26
N THR D 403 27.63 -100.00 -46.38
CA THR D 403 26.51 -100.83 -46.74
C THR D 403 26.73 -101.50 -48.08
N VAL D 404 25.89 -102.47 -48.36
CA VAL D 404 25.87 -103.09 -49.65
C VAL D 404 24.45 -102.89 -50.10
N LYS D 405 24.24 -102.26 -51.23
CA LYS D 405 22.89 -102.06 -51.65
C LYS D 405 22.59 -102.97 -52.82
N VAL D 406 21.41 -103.61 -52.78
CA VAL D 406 20.92 -104.43 -53.87
C VAL D 406 19.83 -103.74 -54.67
N TRP D 407 19.97 -103.82 -56.00
CA TRP D 407 19.07 -103.16 -56.94
C TRP D 407 18.50 -104.09 -58.02
N GLU D 408 17.25 -103.79 -58.42
CA GLU D 408 16.44 -104.58 -59.35
C GLU D 408 16.27 -103.96 -60.76
N SER E 6 35.99 -45.48 24.35
CA SER E 6 35.75 -45.53 22.86
C SER E 6 34.50 -44.70 22.46
N ASN E 7 34.77 -43.45 22.04
CA ASN E 7 33.72 -42.45 21.74
C ASN E 7 32.73 -42.73 20.60
N PRO E 8 31.45 -42.92 20.95
CA PRO E 8 30.39 -43.19 19.97
C PRO E 8 30.38 -42.30 18.74
N ALA E 9 30.55 -41.00 18.88
CA ALA E 9 30.41 -40.14 17.70
C ALA E 9 31.53 -40.31 16.68
N ALA E 10 32.51 -41.12 17.04
CA ALA E 10 33.65 -41.30 16.14
C ALA E 10 33.77 -42.72 15.61
N ILE E 11 32.74 -43.53 15.83
CA ILE E 11 32.63 -44.87 15.28
C ILE E 11 31.84 -44.78 13.97
N PRO E 12 32.50 -45.00 12.84
CA PRO E 12 31.82 -44.92 11.54
C PRO E 12 30.69 -45.92 11.43
N HIS E 13 29.68 -45.50 10.68
CA HIS E 13 28.39 -46.17 10.70
C HIS E 13 27.50 -45.67 9.57
N ALA E 14 27.05 -46.56 8.68
CA ALA E 14 26.16 -46.12 7.60
C ALA E 14 24.69 -46.05 8.01
N ALA E 15 24.03 -45.00 7.52
CA ALA E 15 22.65 -44.69 7.86
C ALA E 15 21.68 -45.67 7.20
N GLU E 16 20.99 -46.46 8.02
CA GLU E 16 20.03 -47.42 7.48
C GLU E 16 18.81 -46.69 6.99
N ASP E 17 18.38 -47.00 5.77
CA ASP E 17 17.16 -46.42 5.21
C ASP E 17 15.93 -47.13 5.76
N ILE E 18 15.10 -46.34 6.39
CA ILE E 18 13.94 -46.86 7.04
C ILE E 18 12.68 -46.42 6.28
N GLN E 19 12.89 -45.65 5.20
CA GLN E 19 11.78 -45.05 4.43
C GLN E 19 11.35 -45.87 3.20
N GLY E 20 12.32 -46.43 2.49
CA GLY E 20 12.00 -47.32 1.40
C GLY E 20 12.65 -47.01 0.08
N ASP E 21 13.02 -45.74 -0.12
CA ASP E 21 13.52 -45.26 -1.41
C ASP E 21 15.03 -45.27 -1.51
N ASP E 22 15.69 -45.81 -0.48
CA ASP E 22 17.14 -45.98 -0.48
C ASP E 22 17.89 -44.76 -1.01
N ARG E 23 17.59 -43.60 -0.42
CA ARG E 23 18.08 -42.32 -0.91
C ARG E 23 19.47 -42.01 -0.43
N TRP E 24 19.80 -42.47 0.76
CA TRP E 24 21.09 -42.16 1.36
C TRP E 24 22.20 -42.80 0.56
N MET E 25 22.09 -44.09 0.31
CA MET E 25 23.14 -44.76 -0.42
C MET E 25 23.17 -44.35 -1.86
N SER E 26 22.02 -43.90 -2.38
CA SER E 26 21.92 -43.36 -3.73
C SER E 26 22.93 -42.28 -3.91
N GLN E 27 22.93 -41.37 -2.96
CA GLN E 27 23.78 -40.20 -2.97
C GLN E 27 25.22 -40.56 -2.77
N HIS E 28 25.50 -41.44 -1.82
CA HIS E 28 26.87 -41.86 -1.56
C HIS E 28 27.48 -42.48 -2.79
N ASN E 29 26.75 -43.33 -3.48
CA ASN E 29 27.24 -43.93 -4.68
C ASN E 29 27.55 -42.86 -5.70
N ARG E 30 26.62 -41.94 -5.92
CA ARG E 30 26.85 -40.83 -6.84
C ARG E 30 28.21 -40.18 -6.63
N PHE E 31 28.56 -39.96 -5.36
CA PHE E 31 29.83 -39.36 -5.00
C PHE E 31 30.99 -40.29 -5.33
N VAL E 32 30.90 -41.55 -4.96
CA VAL E 32 31.96 -42.46 -5.25
C VAL E 32 32.16 -42.44 -6.75
N LEU E 33 31.06 -42.49 -7.51
CA LEU E 33 31.17 -42.46 -8.95
C LEU E 33 31.88 -41.18 -9.33
N ASP E 34 31.52 -40.08 -8.65
CA ASP E 34 32.17 -38.78 -8.89
C ASP E 34 33.65 -38.79 -8.54
N CYS E 35 34.03 -39.57 -7.55
CA CYS E 35 35.43 -39.71 -7.22
C CYS E 35 36.22 -40.52 -8.22
N LYS E 36 35.54 -41.30 -9.05
CA LYS E 36 36.20 -42.23 -9.98
C LYS E 36 36.83 -41.50 -11.15
N ASP E 37 36.19 -40.45 -11.64
CA ASP E 37 36.73 -39.82 -12.85
C ASP E 37 36.68 -38.31 -12.92
N LYS E 38 36.20 -37.65 -11.85
CA LYS E 38 36.41 -36.20 -11.71
C LYS E 38 37.76 -35.97 -11.07
N GLU E 39 38.19 -34.72 -11.01
CA GLU E 39 39.44 -34.37 -10.34
C GLU E 39 39.45 -32.91 -9.82
N PRO E 40 38.96 -32.71 -8.60
CA PRO E 40 38.69 -31.38 -8.11
C PRO E 40 39.91 -30.77 -7.43
N ASP E 41 39.88 -29.45 -7.23
CA ASP E 41 40.88 -28.77 -6.41
C ASP E 41 40.36 -28.66 -4.99
N VAL E 42 39.04 -28.49 -4.84
CA VAL E 42 38.41 -28.28 -3.55
C VAL E 42 37.30 -29.28 -3.34
N LEU E 43 37.14 -29.75 -2.11
CA LEU E 43 36.18 -30.77 -1.78
C LEU E 43 35.42 -30.41 -0.52
N PHE E 44 34.10 -30.23 -0.59
CA PHE E 44 33.30 -29.96 0.60
C PHE E 44 32.62 -31.23 1.06
N VAL E 45 32.87 -31.63 2.30
CA VAL E 45 32.18 -32.76 2.88
C VAL E 45 31.36 -32.30 4.09
N GLY E 46 30.26 -32.96 4.38
CA GLY E 46 29.48 -32.64 5.55
C GLY E 46 28.01 -32.88 5.43
N ASP E 47 27.27 -32.09 6.18
CA ASP E 47 25.86 -32.29 6.35
C ASP E 47 25.06 -31.36 5.45
N SER E 48 23.78 -31.18 5.79
CA SER E 48 22.87 -30.26 5.11
C SER E 48 23.48 -28.88 4.85
N MET E 49 24.21 -28.33 5.81
CA MET E 49 24.78 -27.01 5.60
C MET E 49 25.65 -27.00 4.35
N VAL E 50 26.36 -28.08 4.12
CA VAL E 50 27.22 -28.21 2.97
C VAL E 50 26.33 -28.44 1.75
N GLN E 51 25.38 -29.36 1.89
CA GLN E 51 24.61 -29.84 0.74
C GLN E 51 23.82 -28.71 0.14
N LEU E 52 23.17 -27.94 1.00
CA LEU E 52 22.27 -26.86 0.62
C LEU E 52 22.99 -25.70 -0.07
N MET E 53 24.26 -25.51 0.26
CA MET E 53 25.05 -24.44 -0.32
C MET E 53 25.08 -24.48 -1.84
N GLN E 54 25.14 -25.68 -2.41
CA GLN E 54 25.16 -25.85 -3.87
C GLN E 54 23.92 -25.29 -4.54
N GLN E 55 22.81 -25.30 -3.83
CA GLN E 55 21.53 -24.95 -4.39
C GLN E 55 21.35 -23.47 -4.64
N TYR E 56 22.25 -22.66 -4.07
CA TYR E 56 22.11 -21.23 -4.09
C TYR E 56 23.01 -20.57 -5.12
N GLU E 57 22.60 -19.42 -5.64
CA GLU E 57 23.29 -18.81 -6.78
C GLU E 57 24.73 -18.49 -6.47
N ILE E 58 25.03 -18.32 -5.18
CA ILE E 58 26.39 -18.02 -4.75
C ILE E 58 27.37 -19.18 -4.97
N TRP E 59 26.88 -20.40 -5.08
CA TRP E 59 27.78 -21.50 -5.31
C TRP E 59 28.35 -21.43 -6.70
N ARG E 60 27.52 -21.20 -7.73
CA ARG E 60 28.07 -21.18 -9.08
C ARG E 60 28.80 -19.87 -9.36
N GLU E 61 28.78 -18.99 -8.36
CA GLU E 61 29.46 -17.69 -8.43
C GLU E 61 30.88 -17.74 -7.88
N LEU E 62 31.09 -18.61 -6.91
CA LEU E 62 32.31 -18.55 -6.12
C LEU E 62 33.09 -19.81 -6.15
N PHE E 63 32.44 -20.94 -5.99
CA PHE E 63 33.17 -22.19 -5.87
C PHE E 63 33.12 -23.05 -7.12
N SER E 64 32.12 -22.82 -7.96
CA SER E 64 32.03 -23.51 -9.23
C SER E 64 33.31 -23.38 -10.01
N PRO E 65 33.84 -22.16 -10.17
CA PRO E 65 35.06 -21.97 -10.97
C PRO E 65 36.32 -22.42 -10.27
N LEU E 66 36.21 -22.84 -9.02
CA LEU E 66 37.37 -23.31 -8.31
C LEU E 66 37.60 -24.80 -8.55
N HIS E 67 36.67 -25.44 -9.28
CA HIS E 67 36.68 -26.87 -9.50
C HIS E 67 36.44 -27.53 -8.14
N ALA E 68 35.23 -27.38 -7.65
CA ALA E 68 34.86 -27.88 -6.35
C ALA E 68 33.79 -28.96 -6.38
N LEU E 69 33.94 -29.96 -5.54
CA LEU E 69 32.93 -31.00 -5.44
C LEU E 69 32.24 -30.91 -4.12
N ASN E 70 30.96 -31.25 -4.10
CA ASN E 70 30.24 -31.19 -2.85
C ASN E 70 29.65 -32.52 -2.44
N PHE E 71 30.20 -33.08 -1.39
CA PHE E 71 29.77 -34.39 -0.95
C PHE E 71 28.85 -34.27 0.29
N GLY E 72 27.96 -33.29 0.29
CA GLY E 72 27.11 -33.10 1.44
C GLY E 72 25.89 -33.99 1.39
N ILE E 73 25.44 -34.49 2.55
CA ILE E 73 24.14 -35.14 2.67
C ILE E 73 23.40 -34.63 3.86
N GLY E 74 22.12 -34.35 3.66
CA GLY E 74 21.29 -33.77 4.72
C GLY E 74 21.07 -34.70 5.90
N GLY E 75 21.16 -34.15 7.11
CA GLY E 75 20.87 -34.92 8.31
C GLY E 75 21.94 -35.91 8.73
N ASP E 76 23.04 -35.96 7.96
CA ASP E 76 24.22 -36.73 8.31
C ASP E 76 24.82 -36.29 9.63
N THR E 77 25.34 -37.25 10.40
CA THR E 77 26.14 -36.96 11.60
C THR E 77 27.61 -37.25 11.33
N THR E 78 28.44 -37.02 12.34
CA THR E 78 29.85 -37.36 12.26
C THR E 78 30.04 -38.83 11.88
N ARG E 79 29.27 -39.70 12.55
CA ARG E 79 29.35 -41.13 12.34
C ARG E 79 29.16 -41.46 10.86
N HIS E 80 28.21 -40.77 10.21
CA HIS E 80 27.87 -41.00 8.81
C HIS E 80 28.96 -40.53 7.90
N VAL E 81 29.36 -39.27 8.09
CA VAL E 81 30.42 -38.66 7.28
C VAL E 81 31.67 -39.53 7.33
N LEU E 82 32.06 -39.99 8.51
CA LEU E 82 33.20 -40.88 8.60
C LEU E 82 33.00 -42.04 7.66
N TRP E 83 31.97 -42.82 7.90
CA TRP E 83 31.69 -44.02 7.13
C TRP E 83 31.83 -43.71 5.65
N ARG E 84 31.19 -42.64 5.23
CA ARG E 84 31.23 -42.24 3.82
C ARG E 84 32.66 -42.09 3.34
N LEU E 85 33.46 -41.34 4.10
CA LEU E 85 34.83 -41.08 3.73
C LEU E 85 35.64 -42.35 3.79
N LYS E 86 35.40 -43.16 4.81
CA LYS E 86 36.09 -44.44 4.94
C LYS E 86 35.78 -45.34 3.76
N ASN E 87 34.56 -45.28 3.25
CA ASN E 87 34.15 -46.19 2.21
C ASN E 87 34.21 -45.60 0.81
N GLY E 88 35.21 -44.77 0.57
CA GLY E 88 35.59 -44.49 -0.79
C GLY E 88 35.30 -43.13 -1.38
N GLU E 89 34.90 -42.18 -0.54
CA GLU E 89 34.71 -40.82 -1.01
C GLU E 89 36.03 -40.08 -0.95
N LEU E 90 37.12 -40.81 -0.70
CA LEU E 90 38.43 -40.20 -0.55
C LEU E 90 39.47 -40.83 -1.47
N GLU E 91 39.01 -41.53 -2.50
CA GLU E 91 39.91 -42.27 -3.41
C GLU E 91 40.11 -41.57 -4.75
N ASN E 92 41.32 -41.73 -5.30
CA ASN E 92 41.68 -41.21 -6.63
C ASN E 92 41.73 -39.69 -6.74
N ILE E 93 40.81 -38.97 -6.10
CA ILE E 93 40.91 -37.51 -6.08
C ILE E 93 42.12 -37.09 -5.24
N LYS E 94 42.64 -35.89 -5.53
CA LYS E 94 43.67 -35.31 -4.70
C LYS E 94 43.39 -33.83 -4.58
N PRO E 95 42.28 -33.47 -3.92
CA PRO E 95 41.91 -32.06 -3.74
C PRO E 95 43.00 -31.28 -3.00
N LYS E 96 43.13 -30.00 -3.31
CA LYS E 96 44.10 -29.13 -2.67
C LYS E 96 43.58 -28.70 -1.32
N VAL E 97 42.27 -28.43 -1.26
CA VAL E 97 41.60 -27.98 -0.04
C VAL E 97 40.40 -28.81 0.20
N ILE E 98 40.16 -29.12 1.46
CA ILE E 98 38.98 -29.85 1.86
C ILE E 98 38.27 -29.06 2.94
N VAL E 99 36.97 -28.91 2.81
CA VAL E 99 36.18 -28.17 3.78
C VAL E 99 35.28 -29.15 4.48
N VAL E 100 35.41 -29.24 5.79
CA VAL E 100 34.55 -30.12 6.58
C VAL E 100 33.53 -29.29 7.33
N TRP E 101 32.28 -29.71 7.30
CA TRP E 101 31.24 -29.01 8.04
C TRP E 101 30.16 -29.98 8.55
N VAL E 102 30.36 -30.50 9.74
CA VAL E 102 29.48 -31.51 10.30
C VAL E 102 29.30 -31.27 11.78
N GLY E 103 28.20 -31.73 12.35
CA GLY E 103 28.10 -31.83 13.77
C GLY E 103 26.76 -31.41 14.31
N THR E 104 26.19 -30.38 13.69
CA THR E 104 24.94 -29.81 14.21
C THR E 104 23.77 -30.81 14.22
N ASN E 105 23.93 -31.94 13.57
CA ASN E 105 22.85 -32.91 13.56
C ASN E 105 23.11 -34.03 14.58
N ASN E 106 24.18 -33.84 15.35
CA ASN E 106 24.63 -34.82 16.33
C ASN E 106 23.91 -34.73 17.69
N HIS E 107 22.58 -34.68 17.69
CA HIS E 107 21.80 -34.88 18.92
C HIS E 107 22.17 -36.28 19.36
N GLU E 108 22.00 -36.60 20.65
CA GLU E 108 22.42 -37.92 21.17
C GLU E 108 23.91 -37.99 21.54
N ASN E 109 24.69 -36.94 21.24
CA ASN E 109 26.10 -36.87 21.63
C ASN E 109 26.34 -35.61 22.44
N THR E 110 27.14 -35.72 23.51
CA THR E 110 27.67 -34.54 24.22
C THR E 110 28.54 -33.72 23.29
N ALA E 111 28.64 -32.42 23.54
CA ALA E 111 29.52 -31.57 22.74
C ALA E 111 30.93 -32.15 22.63
N GLU E 112 31.45 -32.62 23.75
CA GLU E 112 32.78 -33.22 23.83
C GLU E 112 32.89 -34.32 22.81
N GLU E 113 31.99 -35.30 22.90
CA GLU E 113 31.94 -36.42 21.96
C GLU E 113 32.02 -35.91 20.52
N VAL E 114 31.16 -34.94 20.21
CA VAL E 114 31.02 -34.35 18.89
C VAL E 114 32.32 -33.80 18.35
N ALA E 115 33.03 -33.06 19.20
CA ALA E 115 34.31 -32.54 18.78
C ALA E 115 35.27 -33.70 18.49
N GLY E 116 35.19 -34.75 19.30
CA GLY E 116 35.94 -35.97 19.04
C GLY E 116 35.66 -36.52 17.66
N GLY E 117 34.38 -36.53 17.29
CA GLY E 117 33.96 -36.95 15.97
C GLY E 117 34.67 -36.17 14.87
N ILE E 118 34.47 -34.86 14.83
CA ILE E 118 35.15 -34.00 13.87
C ILE E 118 36.63 -34.33 13.82
N GLU E 119 37.27 -34.31 14.98
CA GLU E 119 38.70 -34.59 15.04
C GLU E 119 39.02 -35.91 14.31
N ALA E 120 38.25 -36.95 14.58
CA ALA E 120 38.44 -38.23 13.92
C ALA E 120 38.36 -38.12 12.39
N ILE E 121 37.32 -37.43 11.91
CA ILE E 121 37.15 -37.05 10.51
C ILE E 121 38.43 -36.40 9.98
N VAL E 122 38.90 -35.36 10.67
CA VAL E 122 40.10 -34.67 10.25
C VAL E 122 41.26 -35.66 10.18
N GLN E 123 41.44 -36.43 11.24
CA GLN E 123 42.47 -37.46 11.32
C GLN E 123 42.51 -38.31 10.05
N LEU E 124 41.35 -38.87 9.75
CA LEU E 124 41.18 -39.71 8.59
C LEU E 124 41.54 -38.99 7.32
N ILE E 125 41.07 -37.75 7.17
CA ILE E 125 41.33 -37.00 5.97
C ILE E 125 42.81 -36.84 5.77
N ASN E 126 43.51 -36.34 6.76
CA ASN E 126 44.92 -36.14 6.49
C ASN E 126 45.73 -37.40 6.54
N THR E 127 45.06 -38.54 6.76
CA THR E 127 45.71 -39.83 6.56
C THR E 127 45.63 -40.19 5.08
N ARG E 128 44.42 -40.20 4.56
CA ARG E 128 44.19 -40.56 3.17
C ARG E 128 44.61 -39.46 2.21
N GLN E 129 44.67 -38.23 2.71
CA GLN E 129 44.92 -37.05 1.86
C GLN E 129 45.98 -36.13 2.44
N PRO E 130 47.19 -36.62 2.69
CA PRO E 130 48.22 -35.83 3.39
C PRO E 130 48.54 -34.46 2.77
N GLN E 131 48.34 -34.30 1.48
CA GLN E 131 48.66 -33.05 0.82
C GLN E 131 47.60 -31.97 1.00
N ALA E 132 46.41 -32.36 1.43
CA ALA E 132 45.27 -31.43 1.44
C ALA E 132 45.24 -30.61 2.68
N LYS E 133 44.95 -29.32 2.50
CA LYS E 133 44.84 -28.38 3.59
C LYS E 133 43.38 -28.33 3.94
N ILE E 134 43.07 -28.50 5.21
CA ILE E 134 41.70 -28.66 5.67
C ILE E 134 41.09 -27.46 6.38
N ILE E 135 39.90 -27.05 6.01
CA ILE E 135 39.16 -26.05 6.78
C ILE E 135 37.97 -26.71 7.45
N VAL E 136 37.82 -26.47 8.75
CA VAL E 136 36.64 -26.96 9.44
C VAL E 136 35.79 -25.77 9.75
N LEU E 137 34.60 -25.71 9.19
CA LEU E 137 33.68 -24.65 9.56
C LEU E 137 33.06 -24.99 10.91
N GLY E 138 32.98 -23.99 11.77
CA GLY E 138 32.38 -24.18 13.06
C GLY E 138 30.88 -24.36 12.99
N LEU E 139 30.31 -24.94 14.04
CA LEU E 139 28.88 -25.11 14.15
C LEU E 139 28.17 -23.78 14.33
N LEU E 140 27.10 -23.52 13.57
CA LEU E 140 26.37 -22.26 13.75
C LEU E 140 25.25 -22.37 14.78
N PRO E 141 24.84 -21.23 15.32
CA PRO E 141 23.68 -21.15 16.21
C PRO E 141 22.42 -21.62 15.51
N ARG E 142 21.39 -21.93 16.30
CA ARG E 142 20.13 -22.39 15.75
C ARG E 142 18.99 -22.10 16.70
N GLY E 143 17.76 -22.09 16.19
CA GLY E 143 16.61 -21.89 17.03
C GLY E 143 16.27 -20.42 17.08
N GLU E 144 14.98 -20.12 17.25
CA GLU E 144 14.54 -18.71 17.25
C GLU E 144 15.18 -17.98 18.39
N LYS E 145 14.95 -18.52 19.58
CA LYS E 145 15.40 -17.91 20.82
C LYS E 145 16.37 -18.88 21.49
N PRO E 146 17.26 -18.38 22.36
CA PRO E 146 18.30 -19.19 23.00
C PRO E 146 17.84 -20.53 23.56
N ASN E 147 18.71 -21.55 23.54
CA ASN E 147 18.36 -22.90 23.94
C ASN E 147 19.57 -23.82 24.05
N PRO E 148 19.39 -24.97 24.71
CA PRO E 148 20.47 -25.93 24.93
C PRO E 148 21.38 -26.21 23.76
N LEU E 149 20.88 -26.07 22.54
CA LEU E 149 21.67 -26.44 21.38
C LEU E 149 22.60 -25.32 20.94
N ARG E 150 22.16 -24.09 21.06
CA ARG E 150 23.02 -22.96 20.81
C ARG E 150 24.27 -23.06 21.70
N GLN E 151 24.06 -23.55 22.92
CA GLN E 151 25.11 -23.85 23.88
C GLN E 151 25.99 -24.99 23.41
N LYS E 152 25.38 -26.09 22.98
CA LYS E 152 26.11 -27.28 22.55
C LYS E 152 27.12 -26.94 21.47
N ASN E 153 26.61 -26.47 20.35
CA ASN E 153 27.41 -26.06 19.23
C ASN E 153 28.54 -25.16 19.69
N ALA E 154 28.21 -24.19 20.53
CA ALA E 154 29.22 -23.30 21.06
C ALA E 154 30.39 -24.07 21.63
N LYS E 155 30.12 -24.97 22.57
CA LYS E 155 31.18 -25.76 23.20
C LYS E 155 32.02 -26.45 22.14
N VAL E 156 31.37 -27.11 21.17
CA VAL E 156 32.05 -27.80 20.07
C VAL E 156 33.08 -26.87 19.45
N ASN E 157 32.65 -25.67 19.10
CA ASN E 157 33.58 -24.69 18.57
C ASN E 157 34.72 -24.40 19.51
N GLN E 158 34.41 -24.26 20.79
CA GLN E 158 35.40 -24.06 21.82
C GLN E 158 36.50 -25.13 21.75
N LEU E 159 36.09 -26.38 21.93
CA LEU E 159 37.03 -27.47 22.00
C LEU E 159 37.84 -27.52 20.73
N LEU E 160 37.20 -27.17 19.61
CA LEU E 160 37.83 -27.27 18.29
C LEU E 160 38.95 -26.26 18.15
N LYS E 161 38.69 -25.03 18.60
CA LYS E 161 39.73 -24.00 18.54
C LYS E 161 40.99 -24.43 19.31
N VAL E 162 40.81 -25.22 20.35
CA VAL E 162 41.92 -25.74 21.15
C VAL E 162 42.58 -26.96 20.51
N SER E 163 41.77 -27.91 20.05
CA SER E 163 42.28 -29.22 19.65
C SER E 163 42.77 -29.28 18.21
N LEU E 164 42.37 -28.33 17.39
CA LEU E 164 42.67 -28.33 15.96
C LEU E 164 44.05 -27.80 15.53
N PRO E 165 44.62 -26.83 16.24
CA PRO E 165 45.96 -26.35 15.92
C PRO E 165 47.07 -27.32 16.34
N LYS E 166 46.71 -28.42 17.01
CA LYS E 166 47.53 -29.64 16.97
C LYS E 166 47.05 -30.30 15.68
N LEU E 167 47.46 -31.51 15.32
CA LEU E 167 46.90 -32.14 14.12
C LEU E 167 47.26 -31.38 12.83
N ALA E 168 47.74 -32.08 11.82
CA ALA E 168 48.39 -31.40 10.71
C ALA E 168 47.47 -30.88 9.61
N ASN E 169 47.78 -29.66 9.17
CA ASN E 169 47.05 -28.95 8.12
C ASN E 169 45.55 -28.79 8.36
N VAL E 170 45.21 -28.14 9.45
CA VAL E 170 43.81 -27.94 9.78
C VAL E 170 43.67 -26.60 10.45
N GLN E 171 42.63 -25.88 10.07
CA GLN E 171 42.24 -24.71 10.82
C GLN E 171 40.73 -24.66 10.95
N LEU E 172 40.28 -24.15 12.08
CA LEU E 172 38.87 -23.92 12.30
C LEU E 172 38.58 -22.53 11.79
N LEU E 173 37.51 -22.41 11.01
CA LEU E 173 37.01 -21.10 10.65
C LEU E 173 35.63 -21.02 11.23
N ASP E 174 35.55 -20.30 12.35
CA ASP E 174 34.30 -20.06 13.03
C ASP E 174 33.84 -18.69 12.58
N THR E 175 33.06 -18.67 11.52
CA THR E 175 32.41 -17.44 11.08
C THR E 175 31.39 -17.03 12.11
N ASP E 176 31.30 -15.75 12.37
CA ASP E 176 29.98 -15.29 12.71
C ASP E 176 29.51 -13.99 12.15
N GLY E 177 28.61 -14.17 11.20
CA GLY E 177 27.71 -13.15 10.70
C GLY E 177 26.68 -12.92 11.80
N GLY E 178 25.94 -11.84 11.66
CA GLY E 178 25.15 -11.40 12.80
C GLY E 178 23.96 -12.27 13.07
N PHE E 179 24.18 -13.57 13.14
CA PHE E 179 23.03 -14.48 13.11
C PHE E 179 22.15 -14.30 14.33
N VAL E 180 22.76 -14.01 15.47
CA VAL E 180 22.01 -13.68 16.67
C VAL E 180 22.17 -12.19 16.94
N HIS E 181 21.05 -11.52 17.14
CA HIS E 181 21.06 -10.11 17.41
C HIS E 181 21.19 -9.87 18.90
N SER E 182 21.03 -8.63 19.31
CA SER E 182 21.18 -8.32 20.70
C SER E 182 20.11 -8.99 21.56
N ASP E 183 18.87 -9.04 21.10
CA ASP E 183 17.84 -9.69 21.90
C ASP E 183 17.93 -11.19 21.80
N GLY E 184 18.96 -11.65 21.12
CA GLY E 184 19.24 -13.07 21.09
C GLY E 184 18.34 -13.88 20.17
N ALA E 185 17.70 -13.22 19.22
CA ALA E 185 16.88 -13.89 18.24
C ALA E 185 17.58 -14.03 16.90
N ILE E 186 17.33 -15.14 16.21
CA ILE E 186 17.79 -15.38 14.83
C ILE E 186 16.71 -15.08 13.83
N SER E 187 16.94 -14.14 12.92
CA SER E 187 15.87 -13.79 11.98
C SER E 187 15.72 -14.84 10.92
N CYS E 188 14.47 -15.15 10.65
CA CYS E 188 14.13 -16.08 9.61
C CYS E 188 14.52 -15.56 8.22
N HIS E 189 15.07 -14.35 8.15
CA HIS E 189 15.63 -13.87 6.89
C HIS E 189 17.05 -14.34 6.73
N ASP E 190 17.58 -14.99 7.77
CA ASP E 190 18.93 -15.54 7.76
C ASP E 190 18.88 -17.04 7.87
N MET E 191 17.89 -17.52 8.60
CA MET E 191 17.64 -18.94 8.76
C MET E 191 16.15 -19.20 8.58
N PHE E 192 15.75 -19.73 7.44
CA PHE E 192 14.35 -19.69 7.11
C PHE E 192 13.54 -20.64 7.97
N ASP E 193 14.21 -21.57 8.61
CA ASP E 193 13.56 -22.48 9.55
C ASP E 193 14.31 -22.48 10.86
N PHE E 194 15.14 -21.46 11.05
CA PHE E 194 15.99 -21.28 12.22
C PHE E 194 17.03 -22.37 12.33
N LEU E 195 17.51 -22.84 11.19
CA LEU E 195 18.52 -23.88 11.16
C LEU E 195 19.32 -23.83 9.87
N HIS E 196 18.61 -23.94 8.74
CA HIS E 196 19.21 -23.85 7.41
C HIS E 196 19.28 -22.41 6.92
N LEU E 197 20.34 -22.10 6.22
CA LEU E 197 20.53 -20.72 5.82
C LEU E 197 19.74 -20.38 4.57
N THR E 198 19.47 -19.10 4.42
CA THR E 198 18.87 -18.57 3.23
C THR E 198 19.99 -18.16 2.29
N GLY E 199 19.62 -17.70 1.09
CA GLY E 199 20.59 -17.13 0.17
C GLY E 199 21.45 -16.10 0.89
N GLY E 200 20.79 -15.13 1.53
CA GLY E 200 21.44 -14.12 2.32
C GLY E 200 22.42 -14.72 3.29
N GLY E 201 21.95 -15.67 4.09
CA GLY E 201 22.77 -16.30 5.11
C GLY E 201 24.08 -16.84 4.57
N TYR E 202 24.01 -17.66 3.54
CA TYR E 202 25.19 -18.30 3.00
C TYR E 202 26.18 -17.27 2.57
N ALA E 203 25.70 -16.12 2.13
CA ALA E 203 26.62 -15.12 1.66
C ALA E 203 27.44 -14.48 2.79
N LYS E 204 26.89 -14.43 4.00
CA LYS E 204 27.69 -14.11 5.18
C LYS E 204 28.74 -15.17 5.51
N ILE E 205 28.47 -16.43 5.20
CA ILE E 205 29.42 -17.50 5.48
C ILE E 205 30.39 -17.66 4.36
N CYS E 206 29.94 -17.46 3.14
CA CYS E 206 30.69 -17.87 1.98
C CYS E 206 31.80 -16.89 1.67
N LYS E 207 31.45 -15.60 1.69
CA LYS E 207 32.41 -14.52 1.51
C LYS E 207 33.78 -14.80 2.21
N PRO E 208 33.81 -14.92 3.54
CA PRO E 208 35.04 -15.25 4.24
C PRO E 208 35.60 -16.62 3.88
N LEU E 209 34.77 -17.65 3.77
CA LEU E 209 35.25 -18.97 3.42
C LEU E 209 35.97 -18.95 2.10
N HIS E 210 35.36 -18.32 1.10
CA HIS E 210 35.93 -18.25 -0.25
C HIS E 210 37.26 -17.60 -0.15
N GLU E 211 37.27 -16.45 0.50
CA GLU E 211 38.47 -15.65 0.62
C GLU E 211 39.57 -16.43 1.31
N LEU E 212 39.22 -17.34 2.22
CA LEU E 212 40.21 -18.20 2.84
C LEU E 212 40.74 -19.21 1.86
N ILE E 213 39.84 -19.95 1.23
CA ILE E 213 40.24 -21.00 0.32
C ILE E 213 41.22 -20.39 -0.70
N MET E 214 40.80 -19.32 -1.35
CA MET E 214 41.63 -18.66 -2.34
C MET E 214 43.07 -18.43 -1.87
N GLN E 215 43.22 -18.05 -0.60
CA GLN E 215 44.54 -17.92 0.06
C GLN E 215 45.22 -19.25 -0.02
N LEU E 216 44.62 -20.25 0.63
CA LEU E 216 45.15 -21.61 0.71
C LEU E 216 45.54 -22.18 -0.65
N LEU E 217 44.78 -21.84 -1.69
CA LEU E 217 45.06 -22.34 -3.01
C LEU E 217 46.29 -21.66 -3.57
N GLU E 218 46.33 -20.34 -3.43
CA GLU E 218 47.46 -19.54 -3.89
C GLU E 218 48.78 -19.87 -3.17
N GLU E 219 48.69 -20.72 -2.14
CA GLU E 219 49.87 -21.21 -1.42
C GLU E 219 50.77 -22.16 -2.25
N THR E 220 50.20 -23.23 -2.81
CA THR E 220 50.98 -24.13 -3.72
C THR E 220 50.16 -24.78 -4.84
N PRO E 221 50.62 -24.60 -6.09
CA PRO E 221 49.92 -25.11 -7.28
C PRO E 221 50.51 -26.27 -8.16
N GLU E 222 51.62 -26.94 -7.78
CA GLU E 222 52.08 -28.10 -8.59
C GLU E 222 51.67 -29.52 -8.06
N GLU E 223 50.49 -29.99 -8.51
CA GLU E 223 49.79 -31.14 -7.92
C GLU E 223 50.02 -32.46 -8.68
N SER F 6 -12.16 -44.56 11.71
CA SER F 6 -11.47 -43.22 11.85
C SER F 6 -10.01 -43.30 11.33
N ASN F 7 -9.72 -42.56 10.25
CA ASN F 7 -8.41 -42.63 9.59
C ASN F 7 -7.31 -41.76 10.18
N PRO F 8 -6.23 -42.38 10.66
CA PRO F 8 -5.19 -41.70 11.40
C PRO F 8 -4.58 -40.55 10.63
N ALA F 9 -4.40 -40.63 9.31
CA ALA F 9 -3.74 -39.52 8.61
C ALA F 9 -4.52 -38.22 8.67
N ALA F 10 -5.74 -38.28 9.18
CA ALA F 10 -6.63 -37.13 9.12
C ALA F 10 -7.02 -36.65 10.50
N ILE F 11 -6.32 -37.14 11.50
CA ILE F 11 -6.53 -36.66 12.86
C ILE F 11 -5.42 -35.66 13.17
N PRO F 12 -5.76 -34.37 13.34
CA PRO F 12 -4.77 -33.32 13.59
C PRO F 12 -3.95 -33.61 14.83
N HIS F 13 -2.72 -33.15 14.80
CA HIS F 13 -1.72 -33.56 15.78
C HIS F 13 -0.45 -32.72 15.64
N ALA F 14 -0.10 -32.01 16.72
CA ALA F 14 1.09 -31.15 16.70
C ALA F 14 2.39 -31.96 16.85
N ALA F 15 3.41 -31.57 16.09
CA ALA F 15 4.73 -32.21 16.11
C ALA F 15 5.46 -31.93 17.39
N GLU F 16 5.66 -32.97 18.22
CA GLU F 16 6.47 -32.87 19.45
C GLU F 16 7.93 -32.60 19.10
N ASP F 17 8.53 -31.59 19.73
CA ASP F 17 9.92 -31.31 19.52
C ASP F 17 10.73 -32.24 20.41
N ILE F 18 11.60 -33.01 19.76
CA ILE F 18 12.39 -34.04 20.42
C ILE F 18 13.82 -33.56 20.50
N GLN F 19 14.12 -32.44 19.84
CA GLN F 19 15.49 -32.00 19.65
C GLN F 19 15.99 -31.00 20.68
N GLY F 20 15.13 -30.07 21.06
CA GLY F 20 15.47 -29.11 22.10
C GLY F 20 15.30 -27.64 21.73
N ASP F 21 15.42 -27.28 20.47
CA ASP F 21 15.34 -25.86 20.10
C ASP F 21 13.96 -25.36 19.72
N ASP F 22 12.95 -26.17 20.00
CA ASP F 22 11.56 -25.76 19.77
C ASP F 22 11.38 -25.03 18.42
N ARG F 23 11.79 -25.65 17.32
CA ARG F 23 11.77 -24.98 16.02
C ARG F 23 10.46 -25.13 15.23
N TRP F 24 9.73 -26.20 15.46
CA TRP F 24 8.45 -26.37 14.77
C TRP F 24 7.49 -25.32 15.22
N MET F 25 7.30 -25.18 16.52
CA MET F 25 6.36 -24.19 17.07
C MET F 25 6.79 -22.79 16.79
N SER F 26 8.09 -22.57 16.72
CA SER F 26 8.63 -21.26 16.37
C SER F 26 8.10 -20.80 15.02
N GLN F 27 8.17 -21.69 14.04
CA GLN F 27 7.68 -21.39 12.71
C GLN F 27 6.18 -21.21 12.67
N HIS F 28 5.44 -22.06 13.37
CA HIS F 28 3.98 -21.98 13.35
C HIS F 28 3.55 -20.66 13.92
N ASN F 29 4.19 -20.23 15.01
CA ASN F 29 3.90 -18.95 15.61
C ASN F 29 4.11 -17.87 14.59
N ARG F 30 5.23 -17.94 13.89
CA ARG F 30 5.57 -16.91 12.91
C ARG F 30 4.44 -16.73 11.93
N PHE F 31 3.84 -17.83 11.54
CA PHE F 31 2.74 -17.82 10.61
C PHE F 31 1.51 -17.22 11.20
N VAL F 32 1.18 -17.62 12.41
CA VAL F 32 0.01 -17.08 13.03
C VAL F 32 0.17 -15.59 13.14
N LEU F 33 1.38 -15.16 13.53
CA LEU F 33 1.66 -13.73 13.61
C LEU F 33 1.46 -13.14 12.21
N ASP F 34 1.98 -13.80 11.19
CA ASP F 34 1.81 -13.34 9.82
C ASP F 34 0.33 -13.24 9.47
N CYS F 35 -0.48 -14.12 10.05
CA CYS F 35 -1.92 -14.16 9.80
C CYS F 35 -2.65 -13.01 10.43
N LYS F 36 -2.01 -12.38 11.40
CA LYS F 36 -2.69 -11.42 12.21
C LYS F 36 -2.73 -10.08 11.52
N ASP F 37 -1.72 -9.74 10.72
CA ASP F 37 -1.72 -8.40 10.15
C ASP F 37 -1.30 -8.30 8.69
N LYS F 38 -0.91 -9.41 8.08
CA LYS F 38 -0.75 -9.46 6.62
C LYS F 38 -2.14 -9.68 5.97
N GLU F 39 -2.20 -9.60 4.64
CA GLU F 39 -3.44 -9.86 3.92
C GLU F 39 -3.19 -10.26 2.45
N PRO F 40 -2.92 -11.54 2.25
CA PRO F 40 -2.44 -12.06 0.97
C PRO F 40 -3.56 -12.34 -0.02
N ASP F 41 -3.23 -12.46 -1.30
CA ASP F 41 -4.15 -12.96 -2.31
C ASP F 41 -3.97 -14.47 -2.42
N VAL F 42 -2.76 -14.96 -2.21
CA VAL F 42 -2.43 -16.37 -2.44
C VAL F 42 -1.73 -16.93 -1.23
N LEU F 43 -2.02 -18.19 -0.88
CA LEU F 43 -1.48 -18.79 0.32
C LEU F 43 -1.02 -20.19 0.00
N PHE F 44 0.25 -20.48 0.25
CA PHE F 44 0.77 -21.81 0.02
C PHE F 44 0.90 -22.50 1.35
N VAL F 45 0.30 -23.68 1.51
CA VAL F 45 0.47 -24.44 2.74
C VAL F 45 1.02 -25.81 2.43
N GLY F 46 1.76 -26.41 3.35
CA GLY F 46 2.26 -27.74 3.07
C GLY F 46 3.62 -28.05 3.66
N ASP F 47 4.33 -28.98 3.04
CA ASP F 47 5.59 -29.47 3.61
C ASP F 47 6.81 -28.77 2.99
N SER F 48 7.96 -29.44 3.08
CA SER F 48 9.21 -28.95 2.54
C SER F 48 9.14 -28.57 1.06
N MET F 49 8.37 -29.28 0.24
CA MET F 49 8.23 -28.90 -1.17
C MET F 49 7.75 -27.45 -1.31
N VAL F 50 6.82 -27.05 -0.44
CA VAL F 50 6.32 -25.67 -0.37
C VAL F 50 7.31 -24.75 0.26
N GLN F 51 7.86 -25.16 1.39
CA GLN F 51 8.76 -24.30 2.13
C GLN F 51 9.99 -23.93 1.32
N LEU F 52 10.61 -24.90 0.65
CA LEU F 52 11.83 -24.69 -0.08
C LEU F 52 11.62 -23.84 -1.29
N MET F 53 10.39 -23.81 -1.80
CA MET F 53 10.04 -23.03 -2.97
C MET F 53 10.50 -21.63 -2.82
N GLN F 54 10.29 -21.10 -1.62
CA GLN F 54 10.60 -19.69 -1.33
C GLN F 54 12.07 -19.31 -1.50
N GLN F 55 12.94 -20.28 -1.31
CA GLN F 55 14.35 -20.00 -1.20
C GLN F 55 14.94 -19.79 -2.55
N TYR F 56 14.21 -20.14 -3.59
CA TYR F 56 14.76 -20.09 -4.94
C TYR F 56 14.36 -18.80 -5.73
N GLU F 57 15.23 -18.35 -6.61
CA GLU F 57 15.02 -17.08 -7.27
C GLU F 57 13.65 -16.98 -7.90
N ILE F 58 13.12 -18.13 -8.29
CA ILE F 58 11.85 -18.22 -9.02
C ILE F 58 10.68 -17.76 -8.18
N TRP F 59 10.79 -17.82 -6.86
CA TRP F 59 9.71 -17.34 -6.01
C TRP F 59 9.52 -15.81 -6.06
N ARG F 60 10.61 -15.06 -5.92
CA ARG F 60 10.48 -13.63 -5.99
C ARG F 60 10.20 -13.14 -7.44
N GLU F 61 10.28 -14.06 -8.41
CA GLU F 61 10.00 -13.75 -9.80
C GLU F 61 8.53 -13.93 -10.18
N LEU F 62 7.85 -14.84 -9.52
CA LEU F 62 6.52 -15.24 -9.96
C LEU F 62 5.43 -15.06 -8.93
N PHE F 63 5.71 -15.44 -7.69
CA PHE F 63 4.67 -15.42 -6.68
C PHE F 63 4.80 -14.22 -5.74
N SER F 64 6.00 -13.67 -5.59
CA SER F 64 6.13 -12.52 -4.71
C SER F 64 5.17 -11.42 -5.09
N PRO F 65 5.11 -11.05 -6.36
CA PRO F 65 4.23 -9.98 -6.81
C PRO F 65 2.77 -10.32 -6.71
N LEU F 66 2.46 -11.56 -6.40
CA LEU F 66 1.07 -11.98 -6.35
C LEU F 66 0.48 -11.70 -4.96
N HIS F 67 1.34 -11.25 -4.04
CA HIS F 67 1.03 -11.09 -2.61
C HIS F 67 0.75 -12.43 -2.00
N ALA F 68 1.81 -13.23 -1.89
CA ALA F 68 1.68 -14.62 -1.55
C ALA F 68 2.32 -14.91 -0.22
N LEU F 69 1.71 -15.75 0.57
CA LEU F 69 2.28 -16.18 1.81
C LEU F 69 2.68 -17.63 1.75
N ASN F 70 3.68 -18.00 2.51
CA ASN F 70 4.20 -19.35 2.44
C ASN F 70 4.17 -20.01 3.79
N PHE F 71 3.26 -20.94 4.01
CA PHE F 71 3.13 -21.50 5.34
C PHE F 71 3.71 -22.92 5.41
N GLY F 72 4.83 -23.13 4.73
CA GLY F 72 5.39 -24.47 4.64
C GLY F 72 6.38 -24.80 5.74
N ILE F 73 6.32 -26.04 6.22
CA ILE F 73 7.31 -26.54 7.17
C ILE F 73 7.83 -27.88 6.70
N GLY F 74 9.14 -28.05 6.82
CA GLY F 74 9.78 -29.25 6.34
C GLY F 74 9.38 -30.47 7.13
N GLY F 75 9.22 -31.59 6.44
CA GLY F 75 8.95 -32.84 7.12
C GLY F 75 7.58 -32.93 7.77
N ASP F 76 6.74 -31.93 7.60
CA ASP F 76 5.34 -31.95 8.03
C ASP F 76 4.58 -33.03 7.29
N THR F 77 3.61 -33.62 7.98
CA THR F 77 2.75 -34.59 7.35
C THR F 77 1.34 -34.03 7.36
N THR F 78 0.38 -34.75 6.79
CA THR F 78 -0.99 -34.24 6.74
C THR F 78 -1.53 -33.97 8.14
N ARG F 79 -1.19 -34.87 9.08
CA ARG F 79 -1.59 -34.71 10.46
C ARG F 79 -1.17 -33.35 11.00
N HIS F 80 0.04 -32.92 10.65
CA HIS F 80 0.63 -31.68 11.14
C HIS F 80 0.00 -30.47 10.49
N VAL F 81 -0.05 -30.45 9.16
CA VAL F 81 -0.64 -29.34 8.43
C VAL F 81 -2.05 -29.11 8.89
N LEU F 82 -2.80 -30.18 9.10
CA LEU F 82 -4.11 -30.03 9.65
C LEU F 82 -4.03 -29.21 10.91
N TRP F 83 -3.34 -29.75 11.91
CA TRP F 83 -3.25 -29.10 13.21
C TRP F 83 -2.97 -27.63 13.06
N ARG F 84 -1.94 -27.32 12.30
CA ARG F 84 -1.54 -25.94 12.03
C ARG F 84 -2.72 -25.11 11.52
N LEU F 85 -3.47 -25.62 10.54
CA LEU F 85 -4.57 -24.87 9.96
C LEU F 85 -5.69 -24.78 10.96
N LYS F 86 -5.87 -25.85 11.73
CA LYS F 86 -6.91 -25.86 12.73
C LYS F 86 -6.63 -24.81 13.80
N ASN F 87 -5.36 -24.64 14.18
CA ASN F 87 -5.03 -23.68 15.23
C ASN F 87 -4.48 -22.38 14.77
N GLY F 88 -5.15 -21.83 13.77
CA GLY F 88 -5.03 -20.41 13.53
C GLY F 88 -4.24 -19.91 12.35
N GLU F 89 -3.83 -20.77 11.43
CA GLU F 89 -3.18 -20.27 10.23
C GLU F 89 -4.20 -19.97 9.19
N LEU F 90 -5.46 -19.92 9.59
CA LEU F 90 -6.52 -19.66 8.61
C LEU F 90 -7.42 -18.56 9.05
N GLU F 91 -6.96 -17.75 10.00
CA GLU F 91 -7.79 -16.68 10.58
C GLU F 91 -7.45 -15.31 10.01
N ASN F 92 -8.47 -14.47 9.84
CA ASN F 92 -8.28 -13.09 9.46
C ASN F 92 -7.90 -12.88 8.01
N ILE F 93 -7.02 -13.72 7.49
CA ILE F 93 -6.67 -13.65 6.08
C ILE F 93 -7.84 -14.12 5.24
N LYS F 94 -7.90 -13.64 4.00
CA LYS F 94 -8.93 -14.11 3.09
C LYS F 94 -8.32 -14.29 1.70
N PRO F 95 -7.42 -15.26 1.52
CA PRO F 95 -6.70 -15.37 0.26
C PRO F 95 -7.69 -15.78 -0.80
N LYS F 96 -7.39 -15.45 -2.05
CA LYS F 96 -8.24 -15.76 -3.20
C LYS F 96 -7.94 -17.17 -3.65
N VAL F 97 -6.68 -17.55 -3.55
CA VAL F 97 -6.25 -18.89 -3.95
C VAL F 97 -5.44 -19.51 -2.83
N ILE F 98 -5.58 -20.82 -2.65
CA ILE F 98 -4.78 -21.54 -1.68
C ILE F 98 -4.17 -22.74 -2.37
N VAL F 99 -2.88 -22.94 -2.20
CA VAL F 99 -2.18 -24.04 -2.81
C VAL F 99 -1.87 -25.02 -1.72
N VAL F 100 -2.29 -26.25 -1.84
CA VAL F 100 -1.98 -27.21 -0.82
C VAL F 100 -0.98 -28.19 -1.41
N TRP F 101 0.07 -28.52 -0.66
CA TRP F 101 1.05 -29.48 -1.13
C TRP F 101 1.64 -30.34 0.00
N VAL F 102 1.03 -31.48 0.27
CA VAL F 102 1.42 -32.29 1.40
C VAL F 102 1.27 -33.73 1.06
N GLY F 103 2.05 -34.57 1.71
CA GLY F 103 1.75 -35.98 1.74
C GLY F 103 2.97 -36.84 1.59
N THR F 104 3.95 -36.35 0.87
CA THR F 104 5.09 -37.17 0.52
C THR F 104 5.88 -37.60 1.73
N ASN F 105 5.63 -37.01 2.89
CA ASN F 105 6.32 -37.43 4.08
C ASN F 105 5.53 -38.30 5.00
N ASN F 106 4.36 -38.70 4.55
CA ASN F 106 3.44 -39.53 5.32
C ASN F 106 3.78 -41.02 5.19
N HIS F 107 5.04 -41.37 5.42
CA HIS F 107 5.44 -42.77 5.65
C HIS F 107 4.62 -43.16 6.86
N GLU F 108 4.28 -44.44 7.03
CA GLU F 108 3.39 -44.85 8.14
C GLU F 108 1.90 -44.84 7.80
N ASN F 109 1.55 -44.30 6.64
CA ASN F 109 0.16 -44.32 6.19
C ASN F 109 0.09 -44.95 4.82
N THR F 110 -0.98 -45.73 4.60
CA THR F 110 -1.34 -46.26 3.27
C THR F 110 -1.70 -45.11 2.34
N ALA F 111 -1.42 -45.27 1.05
CA ALA F 111 -1.77 -44.25 0.09
C ALA F 111 -3.20 -43.78 0.29
N GLU F 112 -4.09 -44.73 0.56
CA GLU F 112 -5.51 -44.43 0.68
C GLU F 112 -5.72 -43.51 1.82
N GLU F 113 -5.13 -43.81 2.98
CA GLU F 113 -5.26 -42.95 4.15
C GLU F 113 -4.79 -41.52 3.88
N VAL F 114 -3.62 -41.42 3.24
CA VAL F 114 -3.04 -40.14 2.90
C VAL F 114 -3.94 -39.30 2.02
N ALA F 115 -4.59 -39.93 1.04
CA ALA F 115 -5.52 -39.18 0.22
C ALA F 115 -6.64 -38.68 1.11
N GLY F 116 -7.05 -39.50 2.06
CA GLY F 116 -8.03 -39.10 3.02
C GLY F 116 -7.56 -37.86 3.72
N GLY F 117 -6.30 -37.88 4.16
CA GLY F 117 -5.69 -36.75 4.83
C GLY F 117 -5.86 -35.46 4.04
N ILE F 118 -5.32 -35.43 2.84
CA ILE F 118 -5.44 -34.27 1.99
C ILE F 118 -6.87 -33.82 1.87
N GLU F 119 -7.76 -34.74 1.56
CA GLU F 119 -9.20 -34.47 1.47
C GLU F 119 -9.69 -33.74 2.74
N ALA F 120 -9.28 -34.19 3.91
CA ALA F 120 -9.72 -33.53 5.11
C ALA F 120 -9.22 -32.10 5.21
N ILE F 121 -7.95 -31.91 4.85
CA ILE F 121 -7.37 -30.57 4.76
C ILE F 121 -8.23 -29.68 3.87
N VAL F 122 -8.46 -30.14 2.63
CA VAL F 122 -9.33 -29.41 1.70
C VAL F 122 -10.68 -29.11 2.31
N GLN F 123 -11.33 -30.11 2.89
CA GLN F 123 -12.60 -29.91 3.56
C GLN F 123 -12.51 -28.77 4.56
N LEU F 124 -11.47 -28.79 5.39
CA LEU F 124 -11.26 -27.78 6.41
C LEU F 124 -11.08 -26.43 5.76
N ILE F 125 -10.21 -26.35 4.75
CA ILE F 125 -9.97 -25.07 4.11
C ILE F 125 -11.28 -24.47 3.64
N ASN F 126 -12.05 -25.18 2.84
CA ASN F 126 -13.21 -24.49 2.33
C ASN F 126 -14.34 -24.42 3.33
N THR F 127 -14.07 -24.84 4.56
CA THR F 127 -15.03 -24.53 5.61
C THR F 127 -14.68 -23.19 6.20
N ARG F 128 -13.44 -23.02 6.62
CA ARG F 128 -13.04 -21.73 7.15
C ARG F 128 -12.77 -20.67 6.08
N GLN F 129 -12.62 -21.06 4.81
CA GLN F 129 -12.33 -20.13 3.71
C GLN F 129 -13.21 -20.35 2.46
N PRO F 130 -14.53 -20.23 2.60
CA PRO F 130 -15.49 -20.53 1.53
C PRO F 130 -15.25 -19.87 0.20
N GLN F 131 -14.64 -18.69 0.21
CA GLN F 131 -14.42 -17.97 -1.04
C GLN F 131 -13.16 -18.39 -1.81
N ALA F 132 -12.28 -19.13 -1.15
CA ALA F 132 -11.00 -19.44 -1.73
C ALA F 132 -11.07 -20.59 -2.70
N LYS F 133 -10.43 -20.45 -3.86
CA LYS F 133 -10.27 -21.53 -4.82
C LYS F 133 -9.01 -22.29 -4.45
N ILE F 134 -9.06 -23.60 -4.41
CA ILE F 134 -7.95 -24.38 -3.92
C ILE F 134 -7.23 -25.18 -5.01
N ILE F 135 -5.92 -25.16 -5.00
CA ILE F 135 -5.15 -25.98 -5.90
C ILE F 135 -4.43 -26.97 -5.06
N VAL F 136 -4.48 -28.24 -5.43
CA VAL F 136 -3.68 -29.23 -4.74
C VAL F 136 -2.66 -29.78 -5.67
N LEU F 137 -1.40 -29.57 -5.36
CA LEU F 137 -0.37 -30.17 -6.18
C LEU F 137 -0.22 -31.64 -5.83
N GLY F 138 -0.11 -32.44 -6.88
CA GLY F 138 0.09 -33.86 -6.72
C GLY F 138 1.45 -34.19 -6.11
N LEU F 139 1.56 -35.38 -5.55
CA LEU F 139 2.83 -35.80 -4.97
C LEU F 139 3.77 -36.18 -6.10
N LEU F 140 5.03 -35.76 -6.02
CA LEU F 140 5.98 -36.09 -7.06
C LEU F 140 6.74 -37.37 -6.76
N PRO F 141 7.34 -37.94 -7.80
CA PRO F 141 8.21 -39.11 -7.68
C PRO F 141 9.39 -38.80 -6.78
N ARG F 142 10.07 -39.84 -6.33
CA ARG F 142 11.28 -39.73 -5.54
C ARG F 142 12.15 -40.95 -5.65
N GLY F 143 13.38 -40.84 -5.22
CA GLY F 143 14.30 -41.96 -5.27
C GLY F 143 15.00 -42.07 -6.60
N GLU F 144 16.23 -42.55 -6.60
CA GLU F 144 16.99 -42.52 -7.83
C GLU F 144 16.37 -43.45 -8.82
N LYS F 145 16.08 -44.66 -8.35
CA LYS F 145 15.53 -45.73 -9.16
C LYS F 145 14.18 -46.13 -8.56
N PRO F 146 13.29 -46.69 -9.37
CA PRO F 146 11.93 -47.04 -8.93
C PRO F 146 11.86 -47.79 -7.61
N ASN F 147 10.79 -47.56 -6.84
CA ASN F 147 10.65 -48.08 -5.47
C ASN F 147 9.24 -47.91 -4.92
N PRO F 148 8.89 -48.64 -3.87
CA PRO F 148 7.55 -48.59 -3.27
C PRO F 148 6.96 -47.21 -3.10
N LEU F 149 7.78 -46.17 -3.00
CA LEU F 149 7.22 -44.86 -2.71
C LEU F 149 6.81 -44.12 -3.96
N ARG F 150 7.56 -44.29 -5.05
CA ARG F 150 7.13 -43.74 -6.31
C ARG F 150 5.70 -44.25 -6.60
N GLN F 151 5.47 -45.51 -6.21
CA GLN F 151 4.19 -46.20 -6.30
C GLN F 151 3.14 -45.58 -5.40
N LYS F 152 3.52 -45.35 -4.14
CA LYS F 152 2.59 -44.81 -3.14
C LYS F 152 2.03 -43.44 -3.57
N ASN F 153 2.90 -42.48 -3.79
CA ASN F 153 2.43 -41.17 -4.23
C ASN F 153 1.61 -41.27 -5.52
N ALA F 154 2.03 -42.11 -6.46
CA ALA F 154 1.22 -42.33 -7.64
C ALA F 154 -0.23 -42.66 -7.28
N LYS F 155 -0.43 -43.66 -6.43
CA LYS F 155 -1.76 -43.99 -5.94
C LYS F 155 -2.43 -42.75 -5.38
N VAL F 156 -1.77 -42.00 -4.52
CA VAL F 156 -2.43 -40.86 -3.90
C VAL F 156 -2.98 -39.99 -4.98
N ASN F 157 -2.14 -39.69 -5.96
CA ASN F 157 -2.58 -38.90 -7.09
C ASN F 157 -3.85 -39.47 -7.73
N GLN F 158 -3.85 -40.78 -8.03
CA GLN F 158 -5.02 -41.53 -8.53
C GLN F 158 -6.25 -41.07 -7.83
N LEU F 159 -6.23 -41.38 -6.54
CA LEU F 159 -7.36 -41.28 -5.68
C LEU F 159 -7.80 -39.84 -5.66
N LEU F 160 -6.85 -38.93 -5.75
CA LEU F 160 -7.18 -37.53 -5.66
C LEU F 160 -7.88 -37.06 -6.91
N LYS F 161 -7.39 -37.50 -8.08
CA LYS F 161 -8.01 -37.13 -9.35
C LYS F 161 -9.49 -37.50 -9.30
N VAL F 162 -9.82 -38.60 -8.61
CA VAL F 162 -11.19 -39.08 -8.53
C VAL F 162 -12.01 -38.32 -7.49
N SER F 163 -11.41 -38.08 -6.34
CA SER F 163 -12.15 -37.63 -5.17
C SER F 163 -12.24 -36.13 -5.05
N LEU F 164 -11.39 -35.41 -5.76
CA LEU F 164 -11.38 -33.94 -5.63
C LEU F 164 -12.39 -33.20 -6.47
N PRO F 165 -12.75 -33.67 -7.66
CA PRO F 165 -13.85 -33.06 -8.42
C PRO F 165 -15.24 -33.15 -7.78
N LYS F 166 -15.40 -33.94 -6.72
CA LYS F 166 -16.47 -33.73 -5.73
C LYS F 166 -15.90 -32.66 -4.87
N LEU F 167 -16.52 -32.23 -3.78
CA LEU F 167 -15.88 -31.18 -2.93
C LEU F 167 -15.68 -29.83 -3.60
N ALA F 168 -16.06 -28.76 -2.92
CA ALA F 168 -16.20 -27.47 -3.59
C ALA F 168 -14.91 -26.65 -3.79
N ASN F 169 -14.76 -26.10 -4.98
CA ASN F 169 -13.62 -25.27 -5.35
C ASN F 169 -12.28 -25.91 -5.14
N VAL F 170 -12.03 -27.04 -5.77
CA VAL F 170 -10.72 -27.68 -5.70
C VAL F 170 -10.39 -28.35 -6.98
N GLN F 171 -9.11 -28.29 -7.32
CA GLN F 171 -8.64 -29.10 -8.41
C GLN F 171 -7.26 -29.58 -8.10
N LEU F 172 -6.94 -30.76 -8.63
CA LEU F 172 -5.65 -31.34 -8.50
C LEU F 172 -4.85 -30.86 -9.66
N LEU F 173 -3.63 -30.41 -9.39
CA LEU F 173 -2.69 -30.15 -10.46
C LEU F 173 -1.58 -31.16 -10.28
N ASP F 174 -1.58 -32.17 -11.14
CA ASP F 174 -0.59 -33.22 -11.11
C ASP F 174 0.34 -32.84 -12.24
N THR F 175 1.33 -32.02 -11.90
CA THR F 175 2.40 -31.66 -12.83
C THR F 175 3.20 -32.92 -13.13
N ASP F 176 3.56 -33.09 -14.40
CA ASP F 176 4.84 -33.75 -14.61
C ASP F 176 5.78 -33.40 -15.66
N GLY F 177 6.80 -32.69 -15.15
CA GLY F 177 8.05 -32.43 -15.82
C GLY F 177 8.78 -33.76 -15.87
N GLY F 178 9.82 -33.81 -16.69
CA GLY F 178 10.37 -35.11 -17.03
C GLY F 178 11.19 -35.69 -15.91
N PHE F 179 10.62 -35.76 -14.71
CA PHE F 179 11.45 -36.08 -13.57
C PHE F 179 11.94 -37.50 -13.63
N VAL F 180 11.14 -38.38 -14.24
CA VAL F 180 11.63 -39.73 -14.52
C VAL F 180 11.90 -39.90 -16.00
N HIS F 181 13.07 -40.41 -16.33
CA HIS F 181 13.34 -40.70 -17.72
C HIS F 181 12.86 -42.06 -18.17
N SER F 182 13.24 -42.46 -19.37
CA SER F 182 12.88 -43.74 -19.88
C SER F 182 13.47 -44.84 -19.01
N ASP F 183 14.75 -44.73 -18.65
CA ASP F 183 15.38 -45.77 -17.85
C ASP F 183 14.81 -45.78 -16.44
N GLY F 184 13.91 -44.84 -16.16
CA GLY F 184 13.26 -44.74 -14.88
C GLY F 184 14.08 -44.11 -13.76
N ALA F 185 15.13 -43.38 -14.15
CA ALA F 185 15.97 -42.67 -13.20
C ALA F 185 15.60 -41.17 -13.08
N ILE F 186 15.68 -40.64 -11.87
CA ILE F 186 15.53 -39.23 -11.59
C ILE F 186 16.91 -38.55 -11.52
N SER F 187 17.16 -37.57 -12.38
CA SER F 187 18.44 -36.89 -12.36
C SER F 187 18.58 -35.97 -11.16
N CYS F 188 19.72 -36.05 -10.49
CA CYS F 188 20.00 -35.17 -9.38
C CYS F 188 20.18 -33.75 -9.82
N HIS F 189 20.08 -33.49 -11.12
CA HIS F 189 20.01 -32.11 -11.60
C HIS F 189 18.58 -31.59 -11.47
N ASP F 190 17.65 -32.46 -11.08
CA ASP F 190 16.26 -32.07 -10.92
C ASP F 190 15.87 -32.28 -9.48
N MET F 191 16.50 -33.26 -8.85
CA MET F 191 16.27 -33.58 -7.44
C MET F 191 17.61 -33.85 -6.79
N PHE F 192 18.15 -32.86 -6.08
CA PHE F 192 19.53 -32.93 -5.69
C PHE F 192 19.83 -34.01 -4.68
N ASP F 193 18.80 -34.48 -4.02
CA ASP F 193 18.93 -35.60 -3.12
C ASP F 193 17.82 -36.57 -3.40
N PHE F 194 17.29 -36.50 -4.63
CA PHE F 194 16.24 -37.38 -5.14
C PHE F 194 14.93 -37.24 -4.43
N LEU F 195 14.63 -36.04 -3.97
CA LEU F 195 13.41 -35.80 -3.23
C LEU F 195 13.05 -34.35 -3.33
N HIS F 196 14.01 -33.49 -2.94
CA HIS F 196 13.82 -32.05 -2.95
C HIS F 196 14.25 -31.51 -4.27
N LEU F 197 13.53 -30.52 -4.77
CA LEU F 197 13.81 -30.00 -6.11
C LEU F 197 14.96 -28.99 -6.14
N THR F 198 15.60 -28.86 -7.28
CA THR F 198 16.62 -27.87 -7.50
C THR F 198 15.99 -26.65 -8.10
N GLY F 199 16.76 -25.61 -8.33
CA GLY F 199 16.20 -24.44 -8.99
C GLY F 199 15.46 -24.87 -10.23
N GLY F 200 16.17 -25.59 -11.08
CA GLY F 200 15.65 -26.14 -12.32
C GLY F 200 14.35 -26.89 -12.13
N GLY F 201 14.34 -27.80 -11.17
CA GLY F 201 13.16 -28.56 -10.85
C GLY F 201 11.97 -27.67 -10.60
N TYR F 202 12.11 -26.74 -9.66
CA TYR F 202 11.00 -25.86 -9.30
C TYR F 202 10.41 -25.19 -10.53
N ALA F 203 11.28 -24.82 -11.46
CA ALA F 203 10.85 -24.15 -12.66
C ALA F 203 9.90 -25.01 -13.45
N LYS F 204 10.16 -26.31 -13.51
CA LYS F 204 9.26 -27.25 -14.17
C LYS F 204 7.89 -27.26 -13.50
N ILE F 205 7.89 -27.14 -12.19
CA ILE F 205 6.68 -27.15 -11.40
C ILE F 205 5.97 -25.81 -11.40
N CYS F 206 6.71 -24.72 -11.36
CA CYS F 206 6.11 -23.44 -11.07
C CYS F 206 5.50 -22.78 -12.27
N LYS F 207 6.16 -22.87 -13.42
CA LYS F 207 5.63 -22.38 -14.69
C LYS F 207 4.14 -22.67 -14.74
N PRO F 208 3.77 -23.96 -14.81
CA PRO F 208 2.37 -24.39 -14.86
C PRO F 208 1.53 -23.89 -13.68
N LEU F 209 2.04 -24.08 -12.48
CA LEU F 209 1.38 -23.59 -11.25
C LEU F 209 0.99 -22.14 -11.33
N HIS F 210 1.95 -21.30 -11.67
CA HIS F 210 1.75 -19.87 -11.74
C HIS F 210 0.69 -19.61 -12.77
N GLU F 211 0.89 -20.20 -13.94
CA GLU F 211 -0.03 -20.05 -15.06
C GLU F 211 -1.45 -20.34 -14.63
N LEU F 212 -1.65 -21.35 -13.80
CA LEU F 212 -2.99 -21.67 -13.36
C LEU F 212 -3.49 -20.65 -12.37
N ILE F 213 -2.69 -20.32 -11.35
CA ILE F 213 -3.13 -19.35 -10.35
C ILE F 213 -3.61 -18.09 -11.05
N MET F 214 -2.75 -17.53 -11.89
CA MET F 214 -3.09 -16.33 -12.64
C MET F 214 -4.48 -16.38 -13.25
N GLN F 215 -4.81 -17.51 -13.84
CA GLN F 215 -6.13 -17.84 -14.33
C GLN F 215 -7.15 -17.60 -13.25
N LEU F 216 -7.01 -18.39 -12.20
CA LEU F 216 -7.89 -18.38 -11.05
C LEU F 216 -8.12 -17.00 -10.46
N LEU F 217 -7.07 -16.18 -10.49
CA LEU F 217 -7.10 -14.85 -9.91
C LEU F 217 -7.88 -13.92 -10.83
N GLU F 218 -7.62 -14.01 -12.13
CA GLU F 218 -8.32 -13.21 -13.11
C GLU F 218 -9.81 -13.58 -13.24
N GLU F 219 -10.23 -14.66 -12.57
CA GLU F 219 -11.66 -15.04 -12.49
C GLU F 219 -12.56 -14.03 -11.72
N THR F 220 -12.22 -13.69 -10.46
CA THR F 220 -12.94 -12.67 -9.62
C THR F 220 -12.05 -11.82 -8.67
N PRO F 221 -12.12 -10.47 -8.80
CA PRO F 221 -11.26 -9.55 -8.04
C PRO F 221 -11.91 -8.61 -6.95
N GLU F 222 -13.21 -8.69 -6.63
CA GLU F 222 -13.80 -7.79 -5.58
C GLU F 222 -13.96 -8.48 -4.17
N GLU F 223 -12.89 -8.42 -3.35
CA GLU F 223 -12.76 -9.24 -2.14
C GLU F 223 -13.05 -8.51 -0.82
N LYS G 92 38.36 -15.13 -48.81
CA LYS G 92 37.11 -15.72 -48.20
C LYS G 92 37.08 -15.59 -46.66
N GLU G 93 37.26 -14.34 -46.19
CA GLU G 93 37.36 -14.01 -44.77
C GLU G 93 36.18 -14.55 -43.94
N TRP G 94 36.31 -14.59 -42.61
CA TRP G 94 35.19 -15.09 -41.79
C TRP G 94 34.79 -14.49 -40.45
N ILE G 95 33.50 -14.68 -40.16
CA ILE G 95 32.77 -14.11 -39.01
C ILE G 95 32.66 -15.14 -37.87
N PRO G 96 33.40 -14.90 -36.79
CA PRO G 96 33.47 -15.81 -35.64
C PRO G 96 32.44 -15.65 -34.50
N ARG G 97 31.52 -14.69 -34.59
CA ARG G 97 30.93 -13.99 -33.41
C ARG G 97 29.40 -14.11 -33.05
N PRO G 98 28.59 -13.12 -33.44
CA PRO G 98 27.41 -12.59 -32.71
C PRO G 98 26.96 -13.03 -31.28
N PRO G 99 25.65 -12.96 -30.96
CA PRO G 99 25.03 -13.77 -29.90
C PRO G 99 24.37 -15.05 -30.42
N GLU G 100 24.54 -16.13 -29.68
CA GLU G 100 24.14 -17.50 -30.10
C GLU G 100 22.89 -17.55 -30.96
N LYS G 101 23.00 -18.22 -32.10
CA LYS G 101 21.91 -18.25 -33.04
C LYS G 101 21.10 -19.54 -32.95
N TYR G 102 21.54 -20.44 -32.09
CA TYR G 102 20.80 -21.67 -31.80
C TYR G 102 21.34 -22.30 -30.50
N ALA G 103 20.45 -22.54 -29.55
CA ALA G 103 20.81 -23.21 -28.31
C ALA G 103 20.05 -24.50 -28.19
N LEU G 104 20.76 -25.62 -28.31
CA LEU G 104 20.13 -26.91 -28.34
C LEU G 104 20.27 -27.59 -27.00
N SER G 105 19.12 -27.75 -26.32
CA SER G 105 19.02 -28.50 -25.06
C SER G 105 18.57 -29.93 -25.34
N GLY G 106 18.96 -30.87 -24.49
CA GLY G 106 18.52 -32.24 -24.65
C GLY G 106 19.30 -33.29 -23.90
N HIS G 107 20.61 -33.10 -23.80
CA HIS G 107 21.42 -33.98 -22.99
C HIS G 107 21.00 -33.86 -21.55
N ARG G 108 21.38 -34.81 -20.73
CA ARG G 108 20.95 -34.82 -19.34
C ARG G 108 22.11 -34.60 -18.44
N SER G 109 23.23 -34.16 -19.01
CA SER G 109 24.50 -34.09 -18.31
C SER G 109 25.56 -33.41 -19.17
N PRO G 110 26.60 -32.84 -18.55
CA PRO G 110 27.63 -32.07 -19.25
C PRO G 110 27.95 -32.60 -20.65
N VAL G 111 28.21 -31.69 -21.59
CA VAL G 111 28.56 -32.07 -22.96
C VAL G 111 30.07 -32.19 -23.02
N THR G 112 30.59 -33.19 -23.71
CA THR G 112 32.02 -33.50 -23.64
C THR G 112 32.79 -33.13 -24.88
N ARG G 113 32.14 -33.21 -26.02
CA ARG G 113 32.78 -32.90 -27.26
C ARG G 113 31.73 -32.53 -28.27
N VAL G 114 32.10 -31.66 -29.19
CA VAL G 114 31.23 -31.34 -30.29
C VAL G 114 31.98 -31.55 -31.60
N ILE G 115 31.26 -31.94 -32.64
CA ILE G 115 31.89 -32.30 -33.89
C ILE G 115 30.99 -32.03 -35.07
N PHE G 116 31.59 -31.59 -36.17
CA PHE G 116 30.85 -31.36 -37.39
C PHE G 116 30.99 -32.58 -38.31
N HIS G 117 29.93 -32.92 -39.03
CA HIS G 117 30.00 -33.97 -40.03
C HIS G 117 30.68 -33.44 -41.27
N PRO G 118 31.58 -34.21 -41.86
CA PRO G 118 32.35 -33.73 -43.03
C PRO G 118 31.52 -33.48 -44.29
N VAL G 119 30.30 -34.00 -44.40
CA VAL G 119 29.52 -33.75 -45.62
C VAL G 119 28.11 -33.24 -45.36
N PHE G 120 27.35 -33.95 -44.53
CA PHE G 120 25.97 -33.61 -44.21
C PHE G 120 25.87 -32.33 -43.37
N SER G 121 24.75 -31.63 -43.47
CA SER G 121 24.53 -30.39 -42.69
C SER G 121 24.19 -30.68 -41.22
N VAL G 122 24.96 -31.57 -40.62
CA VAL G 122 24.61 -32.10 -39.32
C VAL G 122 25.80 -32.07 -38.40
N MET G 123 25.54 -31.96 -37.10
CA MET G 123 26.63 -31.98 -36.14
C MET G 123 26.37 -32.89 -34.92
N VAL G 124 27.43 -33.47 -34.39
CA VAL G 124 27.31 -34.48 -33.35
C VAL G 124 27.87 -34.01 -32.00
N SER G 125 27.29 -34.49 -30.90
CA SER G 125 27.69 -34.12 -29.55
C SER G 125 27.75 -35.33 -28.65
N ALA G 126 28.72 -35.37 -27.74
CA ALA G 126 28.86 -36.48 -26.80
C ALA G 126 28.73 -35.91 -25.44
N SER G 127 28.29 -36.73 -24.49
CA SER G 127 28.09 -36.24 -23.13
C SER G 127 28.27 -37.32 -22.09
N GLU G 128 28.20 -36.89 -20.82
CA GLU G 128 28.26 -37.79 -19.66
C GLU G 128 26.94 -38.58 -19.53
N ASP G 129 26.25 -38.69 -20.66
CA ASP G 129 24.85 -39.03 -20.73
C ASP G 129 24.44 -40.49 -20.48
N ALA G 130 25.18 -41.50 -20.96
CA ALA G 130 26.31 -41.41 -21.84
C ALA G 130 25.83 -41.73 -23.26
N THR G 131 25.54 -40.65 -23.98
CA THR G 131 24.84 -40.68 -25.24
C THR G 131 25.56 -39.87 -26.27
N ILE G 132 25.61 -40.34 -27.49
CA ILE G 132 25.94 -39.44 -28.58
C ILE G 132 24.62 -38.93 -29.22
N LYS G 133 24.50 -37.61 -29.41
CA LYS G 133 23.29 -37.02 -30.01
C LYS G 133 23.59 -36.30 -31.33
N VAL G 134 22.65 -36.31 -32.27
CA VAL G 134 22.82 -35.61 -33.54
C VAL G 134 21.77 -34.53 -33.82
N TRP G 135 22.25 -33.32 -34.09
CA TRP G 135 21.51 -32.14 -34.57
C TRP G 135 22.13 -31.98 -35.99
N ASP G 136 21.45 -31.62 -37.07
CA ASP G 136 21.01 -30.31 -37.54
C ASP G 136 21.41 -28.95 -37.09
N TYR G 137 22.58 -28.49 -37.52
CA TYR G 137 23.04 -27.15 -37.14
C TYR G 137 22.38 -26.01 -37.91
N GLU G 138 21.85 -26.32 -39.09
CA GLU G 138 21.12 -25.33 -39.88
C GLU G 138 19.75 -25.01 -39.26
N THR G 139 19.13 -26.02 -38.65
CA THR G 139 17.78 -25.89 -38.11
C THR G 139 17.68 -26.19 -36.62
N GLY G 140 18.51 -27.12 -36.14
CA GLY G 140 18.44 -27.63 -34.78
C GLY G 140 17.27 -28.59 -34.62
N ASP G 141 17.53 -29.89 -34.66
CA ASP G 141 16.47 -30.86 -34.43
C ASP G 141 17.08 -32.17 -33.86
N PHE G 142 16.47 -32.73 -32.79
CA PHE G 142 17.08 -33.85 -32.00
C PHE G 142 17.36 -35.06 -32.84
N GLU G 143 17.27 -34.91 -34.17
CA GLU G 143 17.49 -35.97 -35.20
C GLU G 143 17.55 -37.43 -34.69
N ARG G 144 18.68 -37.82 -34.13
CA ARG G 144 18.86 -39.17 -33.58
C ARG G 144 19.56 -39.10 -32.21
N THR G 145 19.47 -40.19 -31.46
CA THR G 145 20.35 -40.41 -30.32
C THR G 145 21.07 -41.73 -30.50
N LEU G 146 22.34 -41.81 -30.10
CA LEU G 146 23.10 -43.08 -30.21
C LEU G 146 23.40 -43.64 -28.84
N LYS G 147 22.76 -44.73 -28.45
CA LYS G 147 22.92 -45.27 -27.11
C LYS G 147 23.70 -46.57 -27.11
N GLY G 148 24.31 -46.89 -25.98
CA GLY G 148 25.02 -48.14 -25.86
C GLY G 148 26.33 -48.10 -25.11
N HIS G 149 26.71 -46.95 -24.61
CA HIS G 149 27.85 -46.86 -23.73
C HIS G 149 27.37 -47.04 -22.30
N THR G 150 28.22 -47.59 -21.45
CA THR G 150 27.87 -47.70 -20.05
C THR G 150 28.04 -46.41 -19.22
N ASP G 151 29.18 -45.70 -19.34
CA ASP G 151 29.57 -44.67 -18.36
C ASP G 151 29.65 -43.20 -18.76
N SER G 152 30.36 -42.90 -19.83
CA SER G 152 30.42 -41.51 -20.27
C SER G 152 31.06 -41.46 -21.60
N VAL G 153 30.68 -40.49 -22.42
CA VAL G 153 31.29 -40.43 -23.72
C VAL G 153 32.23 -39.28 -23.73
N GLN G 154 33.52 -39.56 -23.82
CA GLN G 154 34.48 -38.47 -23.73
C GLN G 154 34.98 -37.90 -25.05
N ASP G 155 35.07 -38.74 -26.08
CA ASP G 155 35.45 -38.20 -27.36
C ASP G 155 34.64 -38.77 -28.52
N ILE G 156 34.71 -38.09 -29.65
CA ILE G 156 34.05 -38.52 -30.85
C ILE G 156 34.97 -38.23 -32.01
N SER G 157 34.90 -39.02 -33.08
CA SER G 157 35.71 -38.75 -34.28
C SER G 157 35.14 -39.40 -35.53
N PHE G 158 34.84 -38.59 -36.55
CA PHE G 158 34.36 -39.09 -37.82
C PHE G 158 35.52 -39.53 -38.67
N ASP G 159 35.28 -40.51 -39.55
CA ASP G 159 36.26 -40.92 -40.55
C ASP G 159 36.17 -39.93 -41.68
N HIS G 160 37.04 -40.04 -42.68
CA HIS G 160 36.97 -39.06 -43.76
C HIS G 160 35.62 -39.02 -44.48
N SER G 161 35.08 -40.21 -44.76
CA SER G 161 33.85 -40.37 -45.52
C SER G 161 32.62 -39.80 -44.84
N GLY G 162 32.64 -39.75 -43.51
CA GLY G 162 31.48 -39.38 -42.73
C GLY G 162 30.52 -40.54 -42.61
N LYS G 163 31.06 -41.76 -42.66
CA LYS G 163 30.23 -42.93 -42.66
C LYS G 163 30.53 -43.80 -41.46
N LEU G 164 31.67 -43.57 -40.84
CA LEU G 164 31.97 -44.23 -39.57
C LEU G 164 32.23 -43.21 -38.48
N LEU G 165 31.75 -43.47 -37.27
CA LEU G 165 31.96 -42.60 -36.12
C LEU G 165 32.53 -43.41 -34.98
N ALA G 166 33.66 -43.00 -34.45
CA ALA G 166 34.20 -43.68 -33.27
C ALA G 166 33.85 -42.89 -32.01
N SER G 167 33.57 -43.59 -30.92
CA SER G 167 33.34 -42.92 -29.65
C SER G 167 34.23 -43.48 -28.55
N CYS G 168 34.25 -42.78 -27.42
CA CYS G 168 35.18 -42.98 -26.30
C CYS G 168 34.41 -42.95 -25.02
N SER G 169 34.76 -43.78 -24.05
CA SER G 169 34.04 -43.68 -22.80
C SER G 169 34.80 -44.05 -21.57
N ALA G 170 34.17 -43.77 -20.44
CA ALA G 170 34.70 -44.24 -19.18
C ALA G 170 34.34 -45.70 -18.94
N ASP G 171 33.76 -46.38 -19.95
CA ASP G 171 33.59 -47.83 -19.82
C ASP G 171 34.87 -48.50 -20.20
N MET G 172 35.76 -47.75 -20.86
CA MET G 172 37.06 -48.23 -21.36
C MET G 172 36.89 -48.91 -22.71
N THR G 173 35.79 -48.55 -23.38
CA THR G 173 35.39 -49.12 -24.65
C THR G 173 35.76 -48.16 -25.76
N ILE G 174 35.75 -48.62 -27.00
CA ILE G 174 35.74 -47.65 -28.08
C ILE G 174 34.74 -48.09 -29.13
N LYS G 175 33.51 -47.59 -29.02
CA LYS G 175 32.47 -48.05 -29.95
C LYS G 175 32.67 -47.45 -31.32
N LEU G 176 32.55 -48.28 -32.35
CA LEU G 176 32.60 -47.83 -33.73
C LEU G 176 31.20 -47.89 -34.28
N TRP G 177 30.69 -46.79 -34.79
CA TRP G 177 29.31 -46.75 -35.21
C TRP G 177 29.17 -46.55 -36.72
N ASP G 178 28.07 -47.05 -37.28
CA ASP G 178 27.77 -46.89 -38.71
C ASP G 178 26.77 -45.74 -38.91
N PHE G 179 27.08 -44.85 -39.83
CA PHE G 179 26.20 -43.71 -40.10
C PHE G 179 25.30 -43.97 -41.35
N GLN G 180 25.09 -45.25 -41.69
CA GLN G 180 23.89 -45.67 -42.42
C GLN G 180 22.76 -45.29 -41.47
N GLY G 181 23.15 -44.96 -40.26
CA GLY G 181 22.28 -44.24 -39.36
C GLY G 181 22.27 -44.78 -37.95
N PHE G 182 22.23 -46.10 -37.83
CA PHE G 182 22.15 -46.56 -36.47
C PHE G 182 23.28 -47.37 -35.90
N GLU G 183 23.30 -48.64 -36.24
CA GLU G 183 23.86 -49.63 -35.34
C GLU G 183 25.36 -49.43 -35.04
N CYS G 184 25.74 -49.85 -33.85
CA CYS G 184 27.13 -49.99 -33.45
C CYS G 184 27.72 -51.13 -34.24
N ILE G 185 29.01 -51.11 -34.52
CA ILE G 185 29.63 -52.13 -35.36
C ILE G 185 30.50 -53.03 -34.52
N ARG G 186 31.45 -52.42 -33.84
CA ARG G 186 32.36 -53.18 -33.00
C ARG G 186 32.45 -52.45 -31.69
N THR G 187 32.84 -53.19 -30.66
CA THR G 187 33.22 -52.57 -29.42
C THR G 187 34.62 -53.06 -29.16
N MET G 188 35.51 -52.13 -28.82
CA MET G 188 36.94 -52.43 -28.73
C MET G 188 37.42 -52.32 -27.31
N HIS G 189 37.98 -53.42 -26.79
CA HIS G 189 38.41 -53.52 -25.39
C HIS G 189 39.94 -53.62 -25.26
N GLY G 190 40.52 -52.80 -24.38
CA GLY G 190 41.96 -52.87 -24.18
C GLY G 190 42.40 -52.10 -22.97
N HIS G 191 42.29 -50.77 -23.05
CA HIS G 191 42.58 -49.88 -21.95
C HIS G 191 42.00 -50.33 -20.61
N ASP G 192 42.77 -50.13 -19.54
CA ASP G 192 42.38 -50.52 -18.18
C ASP G 192 41.65 -49.43 -17.40
N HIS G 193 41.51 -48.25 -17.97
CA HIS G 193 40.86 -47.15 -17.28
C HIS G 193 40.19 -46.24 -18.29
N ASN G 194 39.59 -45.16 -17.80
CA ASN G 194 39.01 -44.10 -18.62
C ASN G 194 39.69 -43.90 -19.97
N VAL G 195 38.91 -43.79 -21.04
CA VAL G 195 39.46 -43.54 -22.38
C VAL G 195 39.07 -42.13 -22.75
N SER G 196 40.00 -41.19 -22.77
CA SER G 196 39.54 -39.82 -22.93
C SER G 196 39.82 -39.15 -24.26
N SER G 197 40.26 -39.91 -25.24
CA SER G 197 40.34 -39.39 -26.58
C SER G 197 40.44 -40.48 -27.63
N VAL G 198 39.81 -40.21 -28.78
CA VAL G 198 39.86 -41.12 -29.90
C VAL G 198 39.89 -40.36 -31.20
N SER G 199 40.40 -41.02 -32.21
CA SER G 199 40.56 -40.42 -33.52
C SER G 199 40.62 -41.51 -34.55
N ILE G 200 39.90 -41.29 -35.64
CA ILE G 200 40.04 -42.09 -36.82
C ILE G 200 41.19 -41.45 -37.58
N MET G 201 42.15 -42.26 -38.02
CA MET G 201 43.25 -41.76 -38.80
C MET G 201 42.78 -41.48 -40.23
N PRO G 202 43.52 -40.65 -40.97
CA PRO G 202 43.19 -40.35 -42.37
C PRO G 202 42.87 -41.56 -43.27
N ASN G 203 43.84 -42.42 -43.58
CA ASN G 203 43.53 -43.67 -44.28
C ASN G 203 42.62 -44.47 -43.38
N GLY G 204 41.31 -44.29 -43.55
CA GLY G 204 40.33 -44.76 -42.58
C GLY G 204 40.42 -46.22 -42.14
N ASP G 205 41.64 -46.66 -41.78
CA ASP G 205 41.95 -48.07 -41.53
C ASP G 205 42.41 -48.32 -40.11
N HIS G 206 42.59 -47.27 -39.32
CA HIS G 206 43.03 -47.43 -37.93
C HIS G 206 42.43 -46.38 -36.99
N ILE G 207 42.43 -46.71 -35.70
CA ILE G 207 41.88 -45.83 -34.69
C ILE G 207 42.94 -45.57 -33.62
N VAL G 208 43.06 -44.32 -33.16
CA VAL G 208 43.94 -44.03 -32.03
C VAL G 208 43.19 -43.54 -30.84
N SER G 209 43.60 -44.02 -29.68
CA SER G 209 42.95 -43.63 -28.44
C SER G 209 43.95 -43.37 -27.35
N ALA G 210 43.48 -42.72 -26.29
CA ALA G 210 44.31 -42.29 -25.17
C ALA G 210 43.59 -42.49 -23.84
N SER G 211 44.32 -42.86 -22.79
CA SER G 211 43.65 -43.25 -21.55
C SER G 211 44.39 -42.89 -20.27
N ARG G 212 43.69 -42.97 -19.14
CA ARG G 212 44.30 -42.90 -17.82
C ARG G 212 45.31 -44.02 -17.64
N ASP G 213 45.17 -45.03 -18.50
CA ASP G 213 46.16 -46.07 -18.76
C ASP G 213 47.58 -45.53 -18.64
N LYS G 214 47.73 -44.29 -19.08
CA LYS G 214 49.02 -43.71 -19.43
C LYS G 214 49.40 -44.24 -20.80
N THR G 215 48.40 -44.64 -21.59
CA THR G 215 48.63 -45.38 -22.83
C THR G 215 47.99 -44.74 -24.04
N ILE G 216 48.60 -44.99 -25.20
CA ILE G 216 47.96 -44.70 -26.47
C ILE G 216 47.92 -46.00 -27.25
N LYS G 217 46.71 -46.35 -27.70
CA LYS G 217 46.51 -47.61 -28.43
C LYS G 217 46.10 -47.35 -29.88
N MET G 218 46.50 -48.27 -30.77
CA MET G 218 46.16 -48.16 -32.19
C MET G 218 45.36 -49.38 -32.60
N TRP G 219 44.11 -49.16 -33.03
CA TRP G 219 43.22 -50.26 -33.31
C TRP G 219 42.93 -50.41 -34.80
N GLU G 220 42.88 -51.65 -35.30
CA GLU G 220 42.55 -51.89 -36.71
C GLU G 220 41.03 -51.81 -36.87
N VAL G 221 40.57 -50.90 -37.74
CA VAL G 221 39.13 -50.59 -37.84
C VAL G 221 38.25 -51.80 -38.20
N GLN G 222 38.68 -52.62 -39.16
CA GLN G 222 37.80 -53.66 -39.64
C GLN G 222 37.97 -54.99 -38.91
N THR G 223 38.85 -55.03 -37.91
CA THR G 223 39.07 -56.26 -37.12
C THR G 223 39.01 -56.02 -35.63
N GLY G 224 38.86 -54.76 -35.25
CA GLY G 224 38.82 -54.36 -33.85
C GLY G 224 40.01 -54.80 -33.02
N TYR G 225 41.12 -55.15 -33.70
CA TYR G 225 42.35 -55.57 -33.04
C TYR G 225 43.11 -54.37 -32.47
N CYS G 226 43.73 -54.55 -31.30
CA CYS G 226 44.73 -53.62 -30.81
C CYS G 226 46.06 -53.99 -31.46
N VAL G 227 46.70 -53.03 -32.10
CA VAL G 227 47.82 -53.32 -32.99
C VAL G 227 49.15 -52.79 -32.46
N LYS G 228 49.11 -51.61 -31.86
CA LYS G 228 50.28 -50.96 -31.27
C LYS G 228 49.88 -50.30 -29.97
N THR G 229 50.81 -50.29 -29.01
CA THR G 229 50.60 -49.57 -27.75
C THR G 229 51.83 -48.71 -27.43
N PHE G 230 51.61 -47.40 -27.27
CA PHE G 230 52.68 -46.43 -27.03
C PHE G 230 52.86 -46.17 -25.53
N THR G 231 53.85 -46.78 -24.90
CA THR G 231 54.15 -46.43 -23.51
C THR G 231 55.01 -45.17 -23.48
N GLY G 232 54.71 -44.28 -22.55
CA GLY G 232 55.32 -42.96 -22.60
C GLY G 232 55.29 -42.10 -21.36
N HIS G 233 54.26 -41.27 -21.25
CA HIS G 233 54.19 -40.34 -20.13
C HIS G 233 53.96 -41.11 -18.85
N ARG G 234 54.26 -40.50 -17.70
CA ARG G 234 54.10 -41.18 -16.43
C ARG G 234 52.72 -40.93 -15.81
N GLU G 235 51.89 -40.16 -16.52
CA GLU G 235 50.53 -39.87 -16.04
C GLU G 235 49.47 -39.95 -17.15
N TRP G 236 48.21 -39.91 -16.73
CA TRP G 236 47.03 -39.80 -17.59
C TRP G 236 47.29 -39.15 -18.94
N VAL G 237 46.79 -39.74 -20.02
CA VAL G 237 46.95 -39.10 -21.32
C VAL G 237 45.61 -38.59 -21.76
N ARG G 238 45.56 -37.34 -22.17
CA ARG G 238 44.29 -36.64 -22.33
C ARG G 238 43.77 -36.53 -23.73
N MET G 239 44.66 -36.57 -24.71
CA MET G 239 44.31 -36.26 -26.10
C MET G 239 45.29 -36.90 -27.06
N VAL G 240 44.80 -37.40 -28.18
CA VAL G 240 45.70 -37.77 -29.26
C VAL G 240 45.19 -37.27 -30.57
N ARG G 241 46.11 -36.81 -31.39
CA ARG G 241 45.75 -36.30 -32.70
C ARG G 241 46.72 -36.74 -33.78
N PRO G 242 46.13 -37.07 -34.94
CA PRO G 242 46.91 -37.47 -36.09
C PRO G 242 47.47 -36.23 -36.73
N ASN G 243 48.41 -36.44 -37.61
CA ASN G 243 49.04 -35.38 -38.34
C ASN G 243 48.43 -35.46 -39.73
N GLN G 244 48.04 -34.32 -40.30
CA GLN G 244 47.33 -34.29 -41.59
C GLN G 244 47.72 -35.45 -42.53
N ASP G 245 49.03 -35.66 -42.68
CA ASP G 245 49.63 -36.76 -43.45
C ASP G 245 49.39 -38.19 -42.93
N GLY G 246 48.99 -38.34 -41.66
CA GLY G 246 48.79 -39.64 -41.04
C GLY G 246 50.04 -40.24 -40.40
N THR G 247 51.19 -39.66 -40.71
CA THR G 247 52.49 -40.19 -40.30
C THR G 247 52.83 -40.04 -38.84
N LEU G 248 52.20 -39.09 -38.16
CA LEU G 248 52.64 -38.69 -36.83
C LEU G 248 51.48 -38.57 -35.83
N ILE G 249 51.80 -38.64 -34.53
CA ILE G 249 50.78 -38.54 -33.50
C ILE G 249 51.17 -37.59 -32.38
N ALA G 250 50.22 -36.73 -31.99
CA ALA G 250 50.44 -35.80 -30.87
C ALA G 250 49.61 -36.17 -29.64
N SER G 251 50.31 -36.40 -28.53
CA SER G 251 49.66 -36.79 -27.30
C SER G 251 49.76 -35.66 -26.30
N CYS G 252 49.07 -35.80 -25.18
CA CYS G 252 48.80 -34.69 -24.29
C CYS G 252 48.43 -35.24 -22.96
N SER G 253 49.03 -34.73 -21.90
CA SER G 253 48.91 -35.44 -20.63
C SER G 253 49.01 -34.64 -19.35
N ASN G 254 48.82 -35.36 -18.25
CA ASN G 254 48.85 -34.79 -16.90
C ASN G 254 50.28 -34.58 -16.39
N ASP G 255 51.26 -35.19 -17.06
CA ASP G 255 52.66 -34.94 -16.72
C ASP G 255 53.14 -33.61 -17.29
N GLN G 256 52.19 -32.78 -17.73
CA GLN G 256 52.44 -31.43 -18.22
C GLN G 256 53.20 -31.40 -19.56
N THR G 257 53.10 -32.50 -20.30
CA THR G 257 53.96 -32.73 -21.45
C THR G 257 53.16 -32.90 -22.73
N VAL G 258 53.76 -32.58 -23.87
CA VAL G 258 53.19 -32.88 -25.18
C VAL G 258 54.14 -33.79 -25.93
N ARG G 259 53.71 -34.98 -26.33
CA ARG G 259 54.61 -35.84 -27.07
C ARG G 259 54.17 -35.96 -28.51
N VAL G 260 55.12 -35.96 -29.41
CA VAL G 260 54.84 -36.19 -30.80
C VAL G 260 55.52 -37.49 -31.17
N TRP G 261 54.73 -38.49 -31.52
CA TRP G 261 55.29 -39.79 -31.84
C TRP G 261 55.20 -40.15 -33.30
N VAL G 262 56.14 -40.99 -33.74
CA VAL G 262 56.14 -41.56 -35.07
C VAL G 262 55.22 -42.77 -35.10
N VAL G 263 54.14 -42.69 -35.88
CA VAL G 263 53.14 -43.77 -35.92
C VAL G 263 53.73 -45.16 -36.32
N ALA G 264 54.72 -45.16 -37.22
CA ALA G 264 55.30 -46.40 -37.73
C ALA G 264 56.33 -47.07 -36.79
N THR G 265 57.32 -46.31 -36.31
CA THR G 265 58.38 -46.90 -35.49
C THR G 265 58.12 -46.87 -33.98
N LYS G 266 57.02 -46.23 -33.58
CA LYS G 266 56.68 -45.84 -32.17
C LYS G 266 57.77 -45.15 -31.32
N GLU G 267 58.77 -44.58 -31.99
CA GLU G 267 59.72 -43.66 -31.36
C GLU G 267 59.03 -42.31 -31.21
N CYS G 268 59.62 -41.41 -30.44
CA CYS G 268 59.01 -40.08 -30.29
C CYS G 268 59.98 -38.94 -30.57
N LYS G 269 59.70 -38.23 -31.67
CA LYS G 269 60.56 -37.18 -32.17
C LYS G 269 60.73 -36.07 -31.14
N ALA G 270 59.67 -35.77 -30.40
CA ALA G 270 59.71 -34.67 -29.45
C ALA G 270 58.95 -34.93 -28.16
N GLU G 271 59.47 -34.36 -27.07
CA GLU G 271 58.74 -34.19 -25.83
C GLU G 271 58.77 -32.68 -25.54
N LEU G 272 57.62 -32.04 -25.59
CA LEU G 272 57.56 -30.60 -25.38
C LEU G 272 57.26 -30.31 -23.92
N ARG G 273 58.22 -29.69 -23.23
CA ARG G 273 58.14 -29.70 -21.77
C ARG G 273 57.62 -28.45 -21.05
N GLU G 274 57.77 -27.27 -21.67
CA GLU G 274 57.61 -25.99 -20.94
C GLU G 274 56.20 -25.52 -20.55
N HIS G 275 55.33 -26.45 -20.17
CA HIS G 275 54.02 -26.10 -19.62
C HIS G 275 54.12 -26.23 -18.10
N ARG G 276 53.37 -25.40 -17.38
CA ARG G 276 53.43 -25.35 -15.92
C ARG G 276 52.44 -26.29 -15.20
N HIS G 277 51.41 -26.74 -15.91
CA HIS G 277 50.33 -27.52 -15.33
C HIS G 277 49.77 -28.40 -16.45
N VAL G 278 48.88 -29.32 -16.10
CA VAL G 278 48.27 -30.26 -17.04
C VAL G 278 47.89 -29.67 -18.38
N VAL G 279 48.23 -30.39 -19.44
CA VAL G 279 47.86 -30.02 -20.79
C VAL G 279 46.56 -30.74 -21.14
N GLU G 280 45.60 -30.00 -21.67
CA GLU G 280 44.29 -30.54 -21.99
C GLU G 280 44.01 -30.66 -23.50
N CYS G 281 44.85 -30.04 -24.32
CA CYS G 281 44.47 -29.68 -25.68
C CYS G 281 45.58 -29.87 -26.71
N ILE G 282 45.24 -30.31 -27.93
CA ILE G 282 46.15 -30.20 -29.06
C ILE G 282 45.46 -30.05 -30.40
N SER G 283 46.02 -29.19 -31.24
CA SER G 283 45.60 -29.04 -32.62
C SER G 283 46.85 -28.94 -33.50
N TRP G 284 46.79 -29.48 -34.71
CA TRP G 284 47.87 -29.28 -35.68
C TRP G 284 47.55 -28.09 -36.56
N ALA G 285 48.59 -27.40 -37.04
CA ALA G 285 48.36 -26.33 -37.99
C ALA G 285 48.21 -26.86 -39.41
N PRO G 286 47.28 -26.29 -40.17
CA PRO G 286 47.05 -26.66 -41.58
C PRO G 286 47.69 -25.78 -42.68
N GLU G 287 46.83 -25.28 -43.58
CA GLU G 287 47.17 -24.51 -44.76
C GLU G 287 47.46 -23.05 -44.38
N SER G 288 48.50 -22.86 -43.58
CA SER G 288 48.78 -21.57 -42.98
C SER G 288 50.16 -21.55 -42.35
N SER G 289 51.08 -22.33 -42.91
CA SER G 289 52.42 -22.37 -42.35
C SER G 289 53.15 -21.08 -42.72
N TYR G 290 52.39 -20.14 -43.28
CA TYR G 290 52.80 -18.75 -43.49
C TYR G 290 53.08 -18.09 -42.14
N SER G 291 52.37 -18.56 -41.11
CA SER G 291 52.38 -18.04 -39.73
C SER G 291 53.79 -17.77 -39.20
N SER G 292 54.76 -18.47 -39.77
CA SER G 292 56.18 -18.18 -39.62
C SER G 292 56.44 -16.68 -39.45
N ILE G 293 55.99 -15.87 -40.42
CA ILE G 293 56.01 -14.39 -40.32
C ILE G 293 56.23 -13.80 -38.90
N SER G 294 55.38 -14.20 -37.95
CA SER G 294 55.41 -13.71 -36.54
C SER G 294 56.69 -14.05 -35.77
N GLU G 295 57.30 -15.21 -36.09
CA GLU G 295 58.64 -15.59 -35.61
C GLU G 295 59.39 -16.43 -36.67
N ALA G 296 60.04 -15.75 -37.61
CA ALA G 296 60.62 -16.47 -38.75
C ALA G 296 62.14 -16.30 -38.92
N THR G 297 62.79 -15.61 -37.97
CA THR G 297 64.25 -15.50 -37.97
C THR G 297 64.91 -16.69 -37.23
N GLY G 298 66.16 -16.50 -36.83
CA GLY G 298 67.05 -17.58 -36.40
C GLY G 298 68.32 -17.49 -37.25
N SER G 299 68.36 -18.30 -38.32
CA SER G 299 69.38 -18.23 -39.39
C SER G 299 69.09 -19.18 -40.57
N GLU G 300 69.53 -18.76 -41.76
CA GLU G 300 69.29 -19.43 -43.05
C GLU G 300 68.02 -20.32 -43.11
N GLY G 308 58.52 -26.55 -41.80
CA GLY G 308 58.32 -27.28 -40.55
C GLY G 308 56.86 -27.45 -40.15
N PRO G 309 56.55 -28.33 -39.18
CA PRO G 309 55.16 -28.66 -38.76
C PRO G 309 54.73 -28.09 -37.39
N PHE G 310 53.54 -27.48 -37.29
CA PHE G 310 53.21 -26.74 -36.03
C PHE G 310 52.00 -27.26 -35.21
N LEU G 311 52.12 -27.28 -33.88
CA LEU G 311 50.92 -27.57 -33.09
C LEU G 311 50.70 -26.65 -31.88
N LEU G 312 49.44 -26.52 -31.49
CA LEU G 312 49.03 -25.72 -30.33
C LEU G 312 48.77 -26.60 -29.13
N SER G 313 48.94 -26.04 -27.94
CA SER G 313 48.53 -26.73 -26.75
C SER G 313 47.82 -25.74 -25.88
N GLY G 314 46.96 -26.22 -25.01
CA GLY G 314 46.33 -25.36 -24.04
C GLY G 314 46.50 -25.99 -22.69
N SER G 315 46.38 -25.21 -21.63
CA SER G 315 46.56 -25.80 -20.32
C SER G 315 45.64 -25.28 -19.25
N ARG G 316 45.71 -25.98 -18.12
CA ARG G 316 45.07 -25.59 -16.90
C ARG G 316 45.90 -24.44 -16.33
N ASP G 317 47.00 -24.15 -17.03
CA ASP G 317 47.81 -22.94 -16.88
C ASP G 317 47.13 -21.64 -17.24
N LYS G 318 46.08 -21.73 -18.03
CA LYS G 318 45.45 -20.58 -18.65
C LYS G 318 46.15 -20.14 -19.94
N THR G 319 47.05 -21.01 -20.45
CA THR G 319 48.05 -20.61 -21.44
C THR G 319 48.11 -21.37 -22.78
N ILE G 320 47.34 -20.94 -23.79
CA ILE G 320 47.49 -21.50 -25.13
C ILE G 320 48.91 -21.29 -25.61
N LYS G 321 49.72 -22.33 -25.60
CA LYS G 321 51.07 -22.27 -26.15
C LYS G 321 51.12 -22.65 -27.64
N MET G 322 52.26 -22.40 -28.28
CA MET G 322 52.42 -22.63 -29.72
C MET G 322 53.82 -23.15 -30.08
N TRP G 323 53.90 -24.18 -30.92
CA TRP G 323 55.17 -24.88 -31.14
C TRP G 323 55.45 -25.32 -32.57
N ASP G 324 56.70 -25.09 -33.00
CA ASP G 324 57.28 -25.85 -34.10
C ASP G 324 58.11 -26.98 -33.44
N VAL G 325 57.89 -28.21 -33.89
CA VAL G 325 58.40 -29.38 -33.16
C VAL G 325 59.76 -29.83 -33.65
N SER G 326 60.01 -29.54 -34.94
CA SER G 326 61.25 -29.91 -35.59
C SER G 326 62.41 -29.47 -34.70
N THR G 327 62.17 -28.35 -34.01
CA THR G 327 63.12 -27.71 -33.12
C THR G 327 62.96 -28.10 -31.65
N GLY G 328 61.74 -28.49 -31.27
CA GLY G 328 61.39 -28.68 -29.88
C GLY G 328 61.38 -27.34 -29.15
N MET G 329 61.06 -26.28 -29.89
CA MET G 329 61.04 -24.91 -29.34
C MET G 329 59.63 -24.33 -29.34
N CYS G 330 59.26 -23.70 -28.23
CA CYS G 330 57.96 -23.03 -28.15
C CYS G 330 58.00 -21.59 -28.67
N LEU G 331 57.21 -21.35 -29.71
CA LEU G 331 57.12 -20.07 -30.39
C LEU G 331 56.40 -19.02 -29.56
N MET G 332 55.07 -18.91 -29.69
CA MET G 332 54.25 -17.96 -28.91
C MET G 332 53.98 -18.42 -27.49
N THR G 333 53.15 -17.65 -26.80
CA THR G 333 52.43 -18.05 -25.59
C THR G 333 51.34 -17.05 -25.38
N LEU G 334 50.11 -17.45 -25.61
CA LEU G 334 48.99 -16.52 -25.49
C LEU G 334 48.52 -16.46 -24.04
N VAL G 335 48.59 -15.27 -23.43
CA VAL G 335 48.18 -15.14 -22.04
C VAL G 335 46.70 -14.94 -21.95
N GLY G 336 46.11 -15.99 -21.40
CA GLY G 336 44.77 -16.40 -21.73
C GLY G 336 43.78 -15.53 -21.05
N HIS G 337 42.55 -15.99 -21.11
CA HIS G 337 41.59 -15.40 -20.24
C HIS G 337 41.93 -16.10 -18.94
N ASP G 338 41.14 -17.05 -18.47
CA ASP G 338 41.09 -17.11 -17.04
C ASP G 338 41.21 -18.39 -16.29
N ASN G 339 40.65 -19.46 -16.82
CA ASN G 339 40.69 -20.73 -16.11
C ASN G 339 41.15 -21.81 -17.06
N TRP G 340 41.09 -23.05 -16.64
CA TRP G 340 41.61 -24.14 -17.44
C TRP G 340 41.17 -24.06 -18.88
N VAL G 341 42.12 -24.11 -19.79
CA VAL G 341 41.81 -24.05 -21.20
C VAL G 341 41.47 -25.45 -21.77
N ARG G 342 40.38 -25.50 -22.52
CA ARG G 342 39.76 -26.76 -22.94
C ARG G 342 39.74 -26.94 -24.42
N GLY G 343 39.67 -25.84 -25.17
CA GLY G 343 39.61 -25.88 -26.61
C GLY G 343 40.62 -24.97 -27.26
N VAL G 344 41.27 -25.45 -28.31
CA VAL G 344 42.36 -24.77 -28.97
C VAL G 344 42.18 -25.10 -30.43
N LEU G 345 41.87 -24.12 -31.27
CA LEU G 345 41.57 -24.38 -32.69
C LEU G 345 42.62 -23.88 -33.67
N PHE G 346 42.18 -23.59 -34.90
CA PHE G 346 42.94 -22.86 -35.91
C PHE G 346 42.01 -22.60 -37.04
N HIS G 347 41.60 -21.34 -37.19
CA HIS G 347 40.73 -20.94 -38.29
C HIS G 347 40.96 -21.68 -39.60
N SER G 348 39.96 -21.59 -40.47
CA SER G 348 40.03 -22.22 -41.80
C SER G 348 41.17 -21.65 -42.64
N GLY G 349 41.32 -20.33 -42.64
CA GLY G 349 42.53 -19.68 -43.12
C GLY G 349 43.65 -19.93 -42.12
N GLY G 350 44.35 -18.87 -41.73
CA GLY G 350 45.38 -18.96 -40.70
C GLY G 350 45.53 -17.63 -40.01
N LYS G 351 44.50 -16.81 -40.11
CA LYS G 351 44.58 -15.52 -39.45
C LYS G 351 44.40 -15.70 -37.94
N PHE G 352 43.58 -16.68 -37.53
CA PHE G 352 43.06 -16.77 -36.15
C PHE G 352 43.31 -18.07 -35.40
N ILE G 353 42.95 -18.06 -34.12
CA ILE G 353 43.00 -19.24 -33.25
C ILE G 353 41.88 -19.07 -32.26
N LEU G 354 40.92 -19.99 -32.28
CA LEU G 354 39.82 -19.94 -31.32
C LEU G 354 40.12 -20.81 -30.13
N SER G 355 39.58 -20.41 -28.99
CA SER G 355 39.68 -21.25 -27.82
C SER G 355 38.54 -21.04 -26.87
N CYS G 356 38.42 -21.99 -25.97
CA CYS G 356 37.38 -21.97 -24.97
C CYS G 356 38.04 -22.47 -23.72
N ALA G 357 37.48 -22.17 -22.57
CA ALA G 357 38.01 -22.73 -21.33
C ALA G 357 36.98 -22.70 -20.20
N ASP G 358 37.45 -22.88 -18.98
CA ASP G 358 36.56 -22.91 -17.84
C ASP G 358 36.15 -21.53 -17.42
N ASP G 359 36.60 -20.53 -18.16
CA ASP G 359 36.22 -19.16 -17.89
C ASP G 359 34.90 -18.83 -18.59
N LYS G 360 34.05 -19.84 -18.76
CA LYS G 360 32.79 -19.73 -19.50
C LYS G 360 32.88 -18.92 -20.82
N THR G 361 34.10 -18.82 -21.35
CA THR G 361 34.34 -17.97 -22.51
C THR G 361 34.96 -18.66 -23.69
N LEU G 362 34.47 -18.32 -24.86
CA LEU G 362 35.12 -18.71 -26.10
C LEU G 362 35.78 -17.44 -26.60
N ARG G 363 37.09 -17.51 -26.80
CA ARG G 363 37.88 -16.36 -27.20
C ARG G 363 38.49 -16.55 -28.59
N VAL G 364 38.51 -15.47 -29.38
CA VAL G 364 39.07 -15.50 -30.73
C VAL G 364 40.39 -14.75 -30.73
N TRP G 365 41.48 -15.44 -31.02
CA TRP G 365 42.81 -14.87 -30.88
C TRP G 365 43.38 -14.28 -32.16
N ASP G 366 44.60 -13.75 -32.07
CA ASP G 366 45.24 -12.94 -33.12
C ASP G 366 46.76 -13.12 -33.04
N TYR G 367 47.24 -14.29 -33.43
CA TYR G 367 48.66 -14.62 -33.35
C TYR G 367 49.43 -13.90 -34.45
N LYS G 368 48.66 -13.27 -35.33
CA LYS G 368 49.12 -12.09 -36.03
C LYS G 368 49.29 -11.07 -34.89
N ASN G 369 50.55 -10.93 -34.41
CA ASN G 369 50.92 -10.04 -33.29
C ASN G 369 50.21 -10.19 -31.91
N LYS G 370 50.18 -11.41 -31.38
CA LYS G 370 49.84 -11.69 -29.97
C LYS G 370 48.44 -11.33 -29.37
N ARG G 371 47.83 -10.24 -29.80
CA ARG G 371 46.49 -9.82 -29.36
C ARG G 371 45.42 -10.94 -29.11
N CYS G 372 44.62 -10.80 -28.06
CA CYS G 372 43.34 -11.49 -28.00
C CYS G 372 42.32 -10.55 -28.61
N MET G 373 41.77 -10.93 -29.75
CA MET G 373 41.03 -10.00 -30.59
C MET G 373 39.56 -9.86 -30.24
N LYS G 374 38.98 -10.88 -29.60
CA LYS G 374 37.57 -10.81 -29.23
C LYS G 374 37.24 -11.75 -28.06
N THR G 375 36.16 -11.44 -27.34
CA THR G 375 35.67 -12.30 -26.28
C THR G 375 34.20 -12.57 -26.46
N LEU G 376 33.85 -13.87 -26.43
CA LEU G 376 32.47 -14.29 -26.51
C LEU G 376 32.10 -14.96 -25.22
N ASN G 377 31.20 -14.32 -24.49
CA ASN G 377 30.62 -14.93 -23.32
C ASN G 377 29.69 -15.93 -23.94
N ALA G 378 30.09 -17.18 -23.88
CA ALA G 378 29.38 -18.23 -24.56
C ALA G 378 28.34 -18.91 -23.66
N HIS G 379 28.79 -19.43 -22.52
CA HIS G 379 27.96 -20.34 -21.72
C HIS G 379 27.77 -19.92 -20.27
N GLU G 380 26.83 -20.57 -19.60
CA GLU G 380 26.43 -20.18 -18.28
C GLU G 380 27.22 -20.96 -17.22
N HIS G 381 28.06 -21.89 -17.67
CA HIS G 381 29.00 -22.67 -16.84
C HIS G 381 30.12 -23.10 -17.78
N PHE G 382 31.12 -23.87 -17.33
CA PHE G 382 32.28 -24.01 -18.20
C PHE G 382 32.22 -24.67 -19.56
N VAL G 383 32.93 -24.06 -20.51
CA VAL G 383 32.87 -24.40 -21.93
C VAL G 383 33.90 -25.47 -22.30
N THR G 384 33.41 -26.63 -22.77
CA THR G 384 34.23 -27.86 -22.92
C THR G 384 34.71 -28.18 -24.30
N SER G 385 34.04 -27.67 -25.31
CA SER G 385 34.48 -27.98 -26.65
C SER G 385 33.93 -27.06 -27.70
N LEU G 386 34.68 -27.03 -28.80
CA LEU G 386 34.34 -26.23 -29.96
C LEU G 386 34.86 -26.93 -31.21
N ASP G 387 34.15 -26.70 -32.31
CA ASP G 387 34.63 -27.03 -33.64
C ASP G 387 34.18 -25.91 -34.54
N PHE G 388 34.95 -25.67 -35.58
CA PHE G 388 34.69 -24.64 -36.57
C PHE G 388 34.63 -25.31 -37.92
N HIS G 389 33.62 -24.96 -38.71
CA HIS G 389 33.38 -25.69 -39.95
C HIS G 389 34.25 -25.29 -41.15
N LYS G 390 34.95 -26.30 -41.66
CA LYS G 390 35.93 -26.12 -42.74
C LYS G 390 35.39 -25.45 -44.00
N THR G 391 34.10 -25.10 -44.03
CA THR G 391 33.46 -24.56 -45.25
C THR G 391 32.20 -23.73 -45.01
N ALA G 392 31.56 -23.89 -43.85
CA ALA G 392 30.37 -23.11 -43.61
C ALA G 392 30.49 -22.24 -42.33
N PRO G 393 29.81 -21.10 -42.30
CA PRO G 393 30.03 -20.09 -41.24
C PRO G 393 29.40 -20.38 -39.87
N TYR G 394 29.78 -21.49 -39.25
CA TYR G 394 29.30 -21.84 -37.91
C TYR G 394 30.39 -22.39 -36.95
N VAL G 395 30.22 -22.09 -35.65
CA VAL G 395 31.02 -22.73 -34.59
C VAL G 395 30.07 -23.33 -33.62
N VAL G 396 30.35 -24.56 -33.26
CA VAL G 396 29.53 -25.26 -32.32
C VAL G 396 30.37 -25.33 -31.10
N THR G 397 29.71 -25.13 -30.00
CA THR G 397 30.39 -24.84 -28.77
C THR G 397 29.64 -25.70 -27.82
N GLY G 398 30.34 -26.29 -26.87
CA GLY G 398 29.70 -27.19 -25.93
C GLY G 398 30.22 -27.15 -24.52
N SER G 399 29.30 -26.94 -23.59
CA SER G 399 29.64 -26.69 -22.18
C SER G 399 28.95 -27.60 -21.17
N VAL G 400 28.97 -27.14 -19.92
CA VAL G 400 28.59 -27.98 -18.80
C VAL G 400 27.21 -27.65 -18.30
N ASP G 401 26.62 -26.58 -18.82
CA ASP G 401 25.20 -26.31 -18.57
C ASP G 401 24.38 -27.29 -19.37
N GLN G 402 25.09 -28.26 -19.95
CA GLN G 402 24.56 -29.30 -20.83
C GLN G 402 23.87 -28.73 -22.07
N THR G 403 24.48 -27.76 -22.73
CA THR G 403 23.93 -27.25 -23.98
C THR G 403 24.95 -27.26 -25.11
N VAL G 404 24.45 -27.10 -26.33
CA VAL G 404 25.32 -27.10 -27.48
C VAL G 404 24.92 -25.87 -28.24
N LYS G 405 25.77 -24.85 -28.21
CA LYS G 405 25.38 -23.54 -28.75
C LYS G 405 25.96 -23.31 -30.12
N VAL G 406 25.11 -22.89 -31.05
CA VAL G 406 25.53 -22.69 -32.44
C VAL G 406 25.71 -21.20 -32.78
N TRP G 407 26.88 -20.89 -33.33
CA TRP G 407 27.28 -19.51 -33.59
C TRP G 407 27.47 -19.18 -35.06
N GLU G 408 27.06 -17.96 -35.45
CA GLU G 408 27.25 -17.44 -36.81
C GLU G 408 28.40 -16.43 -36.88
N LYS H 92 12.08 27.71 -9.52
CA LYS H 92 12.95 26.74 -8.75
C LYS H 92 12.63 25.27 -9.04
N GLU H 93 12.73 24.95 -10.33
CA GLU H 93 12.40 23.63 -10.89
C GLU H 93 13.09 22.47 -10.13
N TRP H 94 12.62 21.22 -10.26
CA TRP H 94 13.37 20.12 -9.61
C TRP H 94 13.61 18.75 -10.21
N ILE H 95 14.71 18.15 -9.70
CA ILE H 95 15.33 16.91 -10.14
C ILE H 95 14.83 15.72 -9.28
N PRO H 96 14.02 14.87 -9.88
CA PRO H 96 13.35 13.75 -9.15
C PRO H 96 14.06 12.35 -9.11
N ARG H 97 15.23 12.24 -9.76
CA ARG H 97 15.68 10.98 -10.41
C ARG H 97 17.01 10.25 -10.00
N PRO H 98 18.09 10.46 -10.76
CA PRO H 98 19.10 9.43 -11.15
C PRO H 98 19.15 7.96 -10.64
N PRO H 99 20.32 7.37 -10.37
CA PRO H 99 20.46 6.14 -9.59
C PRO H 99 20.82 6.37 -8.11
N GLU H 100 20.13 5.67 -7.21
CA GLU H 100 20.16 5.96 -5.75
C GLU H 100 21.53 6.40 -5.25
N LYS H 101 21.51 7.48 -4.49
CA LYS H 101 22.76 8.06 -4.04
C LYS H 101 23.07 7.79 -2.58
N TYR H 102 22.21 7.04 -1.92
CA TYR H 102 22.45 6.53 -0.57
C TYR H 102 21.48 5.37 -0.31
N ALA H 103 22.00 4.18 0.02
CA ALA H 103 21.16 3.05 0.40
C ALA H 103 21.44 2.63 1.82
N LEU H 104 20.55 2.95 2.74
CA LEU H 104 20.81 2.69 4.15
C LEU H 104 20.17 1.43 4.66
N SER H 105 21.02 0.47 5.04
CA SER H 105 20.57 -0.81 5.58
C SER H 105 20.62 -0.74 7.08
N GLY H 106 19.87 -1.58 7.77
CA GLY H 106 19.89 -1.53 9.21
C GLY H 106 18.68 -2.09 9.93
N HIS H 107 17.48 -1.81 9.42
CA HIS H 107 16.31 -2.45 9.96
C HIS H 107 16.43 -3.98 9.74
N ARG H 108 15.61 -4.75 10.45
CA ARG H 108 15.64 -6.20 10.35
C ARG H 108 14.38 -6.74 9.70
N SER H 109 13.63 -5.88 9.02
CA SER H 109 12.28 -6.17 8.63
C SER H 109 11.77 -5.07 7.76
N PRO H 110 10.75 -5.31 6.95
CA PRO H 110 10.19 -4.33 6.02
C PRO H 110 10.08 -2.93 6.60
N VAL H 111 10.33 -1.92 5.78
CA VAL H 111 10.18 -0.55 6.26
C VAL H 111 8.73 -0.11 5.93
N THR H 112 8.11 0.62 6.82
CA THR H 112 6.71 0.96 6.67
C THR H 112 6.46 2.34 6.21
N ARG H 113 7.27 3.28 6.68
CA ARG H 113 7.09 4.68 6.34
C ARG H 113 8.42 5.40 6.45
N VAL H 114 8.53 6.45 5.66
CA VAL H 114 9.73 7.24 5.66
C VAL H 114 9.25 8.67 5.82
N ILE H 115 10.05 9.49 6.47
CA ILE H 115 9.61 10.82 6.84
C ILE H 115 10.79 11.77 6.95
N PHE H 116 10.59 13.00 6.52
CA PHE H 116 11.64 13.99 6.58
C PHE H 116 11.38 14.82 7.81
N HIS H 117 12.44 15.22 8.49
CA HIS H 117 12.26 16.13 9.59
C HIS H 117 12.14 17.57 9.06
N PRO H 118 11.25 18.36 9.66
CA PRO H 118 10.95 19.73 9.20
C PRO H 118 12.09 20.72 9.27
N VAL H 119 13.09 20.49 10.13
CA VAL H 119 14.17 21.46 10.31
C VAL H 119 15.60 20.92 10.10
N PHE H 120 15.94 19.86 10.84
CA PHE H 120 17.26 19.28 10.80
C PHE H 120 17.46 18.40 9.58
N SER H 121 18.73 18.21 9.18
CA SER H 121 19.07 17.46 7.96
C SER H 121 18.95 15.94 8.15
N VAL H 122 17.85 15.54 8.75
CA VAL H 122 17.70 14.19 9.26
C VAL H 122 16.38 13.62 8.78
N MET H 123 16.31 12.31 8.60
CA MET H 123 15.05 11.70 8.26
C MET H 123 14.81 10.41 9.02
N VAL H 124 13.54 10.09 9.20
CA VAL H 124 13.14 9.01 10.09
C VAL H 124 12.46 7.89 9.33
N SER H 125 12.62 6.65 9.79
CA SER H 125 12.02 5.46 9.16
C SER H 125 11.35 4.58 10.21
N ALA H 126 10.22 3.96 9.85
CA ALA H 126 9.55 3.00 10.75
C ALA H 126 9.52 1.66 10.10
N SER H 127 9.40 0.61 10.90
CA SER H 127 9.43 -0.70 10.31
C SER H 127 8.67 -1.75 11.14
N GLU H 128 8.64 -2.98 10.62
CA GLU H 128 8.01 -4.09 11.29
C GLU H 128 8.96 -4.61 12.38
N ASP H 129 9.80 -3.70 12.87
CA ASP H 129 11.02 -4.03 13.57
C ASP H 129 11.00 -4.41 15.05
N ALA H 130 10.20 -3.82 15.92
CA ALA H 130 9.30 -2.72 15.68
C ALA H 130 10.02 -1.47 16.19
N THR H 131 10.71 -0.78 15.29
CA THR H 131 11.65 0.25 15.68
C THR H 131 11.53 1.42 14.80
N ILE H 132 11.68 2.61 15.37
CA ILE H 132 11.87 3.83 14.61
C ILE H 132 13.38 4.09 14.55
N LYS H 133 13.92 4.35 13.37
CA LYS H 133 15.36 4.65 13.24
C LYS H 133 15.57 5.99 12.57
N VAL H 134 16.68 6.66 12.94
CA VAL H 134 17.00 8.01 12.42
C VAL H 134 18.33 8.09 11.69
N TRP H 135 18.28 8.52 10.43
CA TRP H 135 19.43 8.81 9.54
C TRP H 135 19.27 10.31 9.40
N ASP H 136 20.29 11.16 9.38
CA ASP H 136 21.10 11.65 8.25
C ASP H 136 21.08 11.37 6.77
N TYR H 137 20.24 12.11 6.06
CA TYR H 137 20.10 11.85 4.65
C TYR H 137 21.19 12.51 3.82
N GLU H 138 21.85 13.53 4.38
CA GLU H 138 23.01 14.15 3.73
C GLU H 138 24.25 13.22 3.74
N THR H 139 24.38 12.41 4.81
CA THR H 139 25.54 11.56 5.08
C THR H 139 25.21 10.09 5.13
N GLY H 140 24.06 9.78 5.71
CA GLY H 140 23.70 8.42 6.05
C GLY H 140 24.47 7.96 7.26
N ASP H 141 23.89 8.02 8.45
CA ASP H 141 24.54 7.45 9.62
C ASP H 141 23.47 7.01 10.61
N PHE H 142 23.59 5.78 11.17
CA PHE H 142 22.53 5.10 11.98
C PHE H 142 22.08 5.92 13.18
N GLU H 143 22.50 7.20 13.23
CA GLU H 143 22.23 8.17 14.31
C GLU H 143 21.64 7.60 15.60
N ARG H 144 20.34 7.33 15.62
CA ARG H 144 19.68 6.78 16.80
C ARG H 144 18.71 5.69 16.39
N THR H 145 18.35 4.83 17.35
CA THR H 145 17.17 3.94 17.22
C THR H 145 16.18 4.26 18.36
N LEU H 146 14.89 4.24 18.04
CA LEU H 146 13.87 4.45 19.07
C LEU H 146 13.10 3.18 19.33
N LYS H 147 13.27 2.63 20.51
CA LYS H 147 12.63 1.37 20.83
C LYS H 147 11.51 1.55 21.82
N GLY H 148 10.57 0.62 21.80
CA GLY H 148 9.55 0.57 22.81
C GLY H 148 8.18 0.18 22.31
N HIS H 149 8.05 -0.17 21.04
CA HIS H 149 6.78 -0.69 20.59
C HIS H 149 6.84 -2.20 20.68
N THR H 150 5.71 -2.86 20.90
CA THR H 150 5.66 -4.30 20.90
C THR H 150 5.67 -4.95 19.48
N ASP H 151 4.88 -4.45 18.53
CA ASP H 151 4.57 -5.30 17.37
C ASP H 151 5.02 -4.84 16.02
N SER H 152 4.71 -3.61 15.67
CA SER H 152 5.18 -3.14 14.37
C SER H 152 4.88 -1.72 14.31
N VAL H 153 5.69 -0.97 13.58
CA VAL H 153 5.38 0.44 13.53
C VAL H 153 4.87 0.72 12.17
N GLN H 154 3.61 1.09 12.08
CA GLN H 154 3.08 1.36 10.76
C GLN H 154 3.10 2.82 10.30
N ASP H 155 3.06 3.77 11.22
CA ASP H 155 3.13 5.14 10.76
C ASP H 155 3.86 6.06 11.68
N ILE H 156 4.28 7.19 11.15
CA ILE H 156 5.07 8.14 11.88
C ILE H 156 4.67 9.52 11.42
N SER H 157 4.78 10.51 12.31
CA SER H 157 4.42 11.86 11.92
C SER H 157 4.98 12.90 12.88
N PHE H 158 5.73 13.85 12.32
CA PHE H 158 6.28 14.96 13.10
C PHE H 158 5.26 16.05 13.33
N ASP H 159 5.36 16.75 14.45
CA ASP H 159 4.58 17.96 14.66
C ASP H 159 5.24 19.08 13.88
N HIS H 160 4.68 20.28 13.88
CA HIS H 160 5.27 21.32 13.06
C HIS H 160 6.67 21.71 13.47
N SER H 161 6.91 21.77 14.77
CA SER H 161 8.21 22.18 15.33
C SER H 161 9.33 21.20 15.11
N GLY H 162 8.98 19.95 14.90
CA GLY H 162 9.95 18.88 14.77
C GLY H 162 10.54 18.50 16.14
N LYS H 163 9.71 18.64 17.15
CA LYS H 163 10.15 18.37 18.51
C LYS H 163 9.39 17.21 19.08
N LEU H 164 8.22 16.91 18.49
CA LEU H 164 7.44 15.75 18.90
C LEU H 164 7.19 14.84 17.72
N LEU H 165 7.30 13.53 17.93
CA LEU H 165 7.11 12.56 16.87
C LEU H 165 6.10 11.56 17.33
N ALA H 166 5.04 11.33 16.57
CA ALA H 166 4.05 10.29 16.90
C ALA H 166 4.33 9.01 16.13
N SER H 167 4.14 7.88 16.79
CA SER H 167 4.23 6.64 16.03
C SER H 167 2.98 5.74 16.17
N CYS H 168 2.85 4.74 15.31
CA CYS H 168 1.72 3.82 15.29
C CYS H 168 2.16 2.40 15.37
N SER H 169 1.32 1.53 15.89
CA SER H 169 1.72 0.15 15.82
C SER H 169 0.62 -0.88 15.81
N ALA H 170 1.02 -2.11 15.59
CA ALA H 170 0.12 -3.19 15.75
C ALA H 170 0.02 -3.55 17.23
N ASP H 171 0.60 -2.76 18.12
CA ASP H 171 0.29 -2.99 19.53
C ASP H 171 -1.02 -2.32 19.85
N MET H 172 -1.48 -1.44 18.95
CA MET H 172 -2.72 -0.68 19.17
C MET H 172 -2.47 0.57 20.01
N THR H 173 -1.18 0.93 20.02
CA THR H 173 -0.61 1.97 20.84
C THR H 173 -0.44 3.19 19.98
N ILE H 174 -0.25 4.37 20.56
CA ILE H 174 0.25 5.49 19.78
C ILE H 174 1.28 6.19 20.61
N LYS H 175 2.55 5.82 20.48
CA LYS H 175 3.56 6.49 21.31
C LYS H 175 3.86 7.90 20.78
N LEU H 176 4.00 8.81 21.75
CA LEU H 176 4.41 10.18 21.54
C LEU H 176 5.85 10.32 21.99
N TRP H 177 6.73 10.78 21.10
CA TRP H 177 8.16 10.81 21.38
C TRP H 177 8.70 12.22 21.42
N ASP H 178 9.71 12.45 22.26
CA ASP H 178 10.36 13.74 22.40
C ASP H 178 11.67 13.75 21.61
N PHE H 179 11.82 14.74 20.76
CA PHE H 179 13.00 14.88 19.93
C PHE H 179 14.10 15.83 20.56
N GLN H 180 14.03 16.02 21.89
CA GLN H 180 15.19 16.39 22.70
C GLN H 180 16.14 15.21 22.52
N GLY H 181 15.57 14.13 22.01
CA GLY H 181 16.36 13.05 21.44
C GLY H 181 15.82 11.68 21.78
N PHE H 182 15.46 11.49 23.05
CA PHE H 182 15.15 10.11 23.35
C PHE H 182 13.77 9.81 23.77
N GLU H 183 13.44 10.11 25.01
CA GLU H 183 12.38 9.39 25.72
C GLU H 183 10.98 9.48 25.08
N CYS H 184 10.22 8.39 25.17
CA CYS H 184 8.81 8.36 24.88
C CYS H 184 8.15 9.21 25.96
N ILE H 185 7.03 9.85 25.64
CA ILE H 185 6.37 10.72 26.60
C ILE H 185 5.09 10.07 27.09
N ARG H 186 4.19 9.72 26.17
CA ARG H 186 2.95 9.06 26.55
C ARG H 186 2.79 7.84 25.71
N THR H 187 2.01 6.90 26.20
CA THR H 187 1.50 5.87 25.29
C THR H 187 0.00 6.02 25.33
N MET H 188 -0.64 5.95 24.17
CA MET H 188 -2.08 6.20 24.10
C MET H 188 -2.89 4.98 23.71
N HIS H 189 -3.83 4.58 24.55
CA HIS H 189 -4.59 3.37 24.33
C HIS H 189 -6.04 3.64 23.97
N GLY H 190 -6.52 2.96 22.94
CA GLY H 190 -7.93 3.09 22.60
C GLY H 190 -8.40 2.08 21.60
N HIS H 191 -7.91 2.22 20.38
CA HIS H 191 -8.18 1.29 19.30
C HIS H 191 -8.11 -0.18 19.78
N ASP H 192 -8.95 -1.02 19.17
CA ASP H 192 -9.08 -2.40 19.52
C ASP H 192 -8.30 -3.32 18.59
N HIS H 193 -7.65 -2.74 17.60
CA HIS H 193 -6.88 -3.55 16.66
C HIS H 193 -5.77 -2.71 16.09
N ASN H 194 -4.98 -3.28 15.18
CA ASN H 194 -3.95 -2.58 14.42
C ASN H 194 -4.25 -1.10 14.18
N VAL H 195 -3.24 -0.27 14.41
CA VAL H 195 -3.39 1.17 14.16
C VAL H 195 -2.52 1.53 12.98
N SER H 196 -3.12 1.79 11.83
CA SER H 196 -2.23 1.85 10.66
C SER H 196 -1.91 3.26 10.13
N SER H 197 -2.31 4.27 10.89
CA SER H 197 -1.84 5.61 10.57
C SER H 197 -2.15 6.63 11.63
N VAL H 198 -1.27 7.62 11.67
CA VAL H 198 -1.29 8.63 12.69
C VAL H 198 -0.78 9.90 12.07
N SER H 199 -1.20 11.00 12.64
CA SER H 199 -0.76 12.30 12.22
C SER H 199 -0.93 13.29 13.32
N ILE H 200 0.06 14.15 13.47
CA ILE H 200 -0.10 15.25 14.36
C ILE H 200 -0.75 16.33 13.52
N MET H 201 -1.80 16.93 14.07
CA MET H 201 -2.46 18.01 13.37
C MET H 201 -1.61 19.31 13.42
N PRO H 202 -1.94 20.28 12.57
CA PRO H 202 -1.19 21.54 12.49
C PRO H 202 -1.03 22.25 13.82
N ASN H 203 -2.11 22.73 14.43
CA ASN H 203 -2.10 23.30 15.78
C ASN H 203 -1.63 22.19 16.71
N GLY H 204 -0.33 22.06 16.92
CA GLY H 204 0.22 20.83 17.53
C GLY H 204 -0.39 20.35 18.87
N ASP H 205 -1.71 20.26 18.90
CA ASP H 205 -2.48 20.05 20.13
C ASP H 205 -3.32 18.78 20.07
N HIS H 206 -3.37 18.14 18.90
CA HIS H 206 -4.14 16.91 18.72
C HIS H 206 -3.50 15.86 17.79
N ILE H 207 -3.81 14.58 18.00
CA ILE H 207 -3.31 13.57 17.11
C ILE H 207 -4.47 12.80 16.46
N VAL H 208 -4.31 12.37 15.22
CA VAL H 208 -5.37 11.64 14.54
C VAL H 208 -4.84 10.30 14.20
N SER H 209 -5.66 9.27 14.39
CA SER H 209 -5.21 7.91 14.12
C SER H 209 -6.29 7.14 13.39
N ALA H 210 -5.92 6.06 12.74
CA ALA H 210 -6.87 5.21 12.07
C ALA H 210 -6.55 3.73 12.30
N SER H 211 -7.59 2.88 12.26
CA SER H 211 -7.46 1.53 12.75
C SER H 211 -8.25 0.47 11.97
N ARG H 212 -7.88 -0.81 12.12
CA ARG H 212 -8.71 -1.95 11.74
C ARG H 212 -10.00 -1.95 12.55
N ASP H 213 -10.01 -1.24 13.67
CA ASP H 213 -11.20 -0.78 14.35
C ASP H 213 -12.35 -0.45 13.42
N LYS H 214 -12.01 0.09 12.27
CA LYS H 214 -12.93 0.75 11.40
C LYS H 214 -13.13 2.15 11.99
N THR H 215 -12.13 2.62 12.74
CA THR H 215 -12.28 3.85 13.52
C THR H 215 -11.24 4.90 13.21
N ILE H 216 -11.57 6.16 13.48
CA ILE H 216 -10.61 7.23 13.50
C ILE H 216 -10.78 7.92 14.83
N LYS H 217 -9.69 8.01 15.60
CA LYS H 217 -9.74 8.66 16.90
C LYS H 217 -8.89 9.92 16.95
N MET H 218 -9.29 10.84 17.81
CA MET H 218 -8.59 12.08 17.96
C MET H 218 -8.12 12.28 19.39
N TRP H 219 -6.80 12.33 19.58
CA TRP H 219 -6.16 12.36 20.89
C TRP H 219 -5.64 13.74 21.29
N GLU H 220 -5.84 14.12 22.55
CA GLU H 220 -5.29 15.37 23.09
C GLU H 220 -3.81 15.18 23.42
N VAL H 221 -2.92 15.94 22.76
CA VAL H 221 -1.46 15.67 22.85
C VAL H 221 -0.92 15.73 24.27
N GLN H 222 -1.31 16.73 25.04
CA GLN H 222 -0.69 16.89 26.35
C GLN H 222 -1.40 16.16 27.49
N THR H 223 -2.47 15.43 27.17
CA THR H 223 -3.16 14.65 28.21
C THR H 223 -3.32 13.21 27.81
N GLY H 224 -2.99 12.88 26.56
CA GLY H 224 -3.22 11.56 26.00
C GLY H 224 -4.67 11.03 26.02
N TYR H 225 -5.63 11.94 26.12
CA TYR H 225 -7.01 11.58 26.17
C TYR H 225 -7.53 11.33 24.76
N CYS H 226 -8.45 10.38 24.61
CA CYS H 226 -9.15 10.26 23.35
C CYS H 226 -10.31 11.18 23.47
N VAL H 227 -10.51 12.03 22.49
CA VAL H 227 -11.55 13.04 22.62
C VAL H 227 -12.70 12.91 21.65
N LYS H 228 -12.44 12.36 20.46
CA LYS H 228 -13.47 12.17 19.46
C LYS H 228 -13.21 10.84 18.80
N THR H 229 -14.28 10.15 18.42
CA THR H 229 -14.13 8.96 17.59
C THR H 229 -15.09 9.02 16.41
N PHE H 230 -14.56 8.83 15.20
CA PHE H 230 -15.35 8.94 13.97
C PHE H 230 -15.84 7.59 13.47
N THR H 231 -17.10 7.26 13.67
CA THR H 231 -17.62 5.99 13.16
C THR H 231 -18.03 6.20 11.71
N GLY H 232 -17.69 5.25 10.84
CA GLY H 232 -17.81 5.51 9.42
C GLY H 232 -17.82 4.36 8.46
N HIS H 233 -16.68 3.96 7.93
CA HIS H 233 -16.65 2.93 6.91
C HIS H 233 -16.92 1.60 7.57
N ARG H 234 -17.30 0.58 6.78
CA ARG H 234 -17.65 -0.73 7.35
C ARG H 234 -16.41 -1.58 7.42
N GLU H 235 -15.29 -1.00 7.01
CA GLU H 235 -14.08 -1.74 6.85
C GLU H 235 -12.88 -1.00 7.43
N TRP H 236 -11.79 -1.76 7.66
CA TRP H 236 -10.45 -1.24 8.02
C TRP H 236 -10.25 0.16 7.50
N VAL H 237 -9.69 1.02 8.34
CA VAL H 237 -9.27 2.36 7.89
C VAL H 237 -7.77 2.40 7.75
N ARG H 238 -7.33 2.82 6.60
CA ARG H 238 -5.94 2.66 6.20
C ARG H 238 -5.03 3.87 6.48
N MET H 239 -5.61 5.07 6.44
CA MET H 239 -4.85 6.30 6.51
C MET H 239 -5.75 7.49 6.87
N VAL H 240 -5.20 8.44 7.61
CA VAL H 240 -5.89 9.70 7.86
C VAL H 240 -4.96 10.87 7.66
N ARG H 241 -5.44 11.90 6.99
CA ARG H 241 -4.63 13.09 6.85
C ARG H 241 -5.46 14.32 7.09
N PRO H 242 -4.86 15.27 7.79
CA PRO H 242 -5.48 16.55 8.02
C PRO H 242 -5.35 17.41 6.80
N ASN H 243 -6.01 18.54 6.85
CA ASN H 243 -6.16 19.43 5.75
C ASN H 243 -5.26 20.58 6.13
N GLN H 244 -4.41 21.04 5.22
CA GLN H 244 -3.48 22.17 5.48
C GLN H 244 -3.94 23.11 6.63
N ASP H 245 -5.16 23.65 6.48
CA ASP H 245 -5.94 24.43 7.44
C ASP H 245 -6.19 23.82 8.85
N GLY H 246 -6.13 22.50 8.96
CA GLY H 246 -6.50 21.80 10.19
C GLY H 246 -7.97 21.41 10.30
N THR H 247 -8.80 22.07 9.52
CA THR H 247 -10.24 21.98 9.64
C THR H 247 -10.86 20.64 9.24
N LEU H 248 -10.15 19.84 8.45
CA LEU H 248 -10.78 18.71 7.79
C LEU H 248 -9.93 17.47 7.83
N ILE H 249 -10.56 16.32 7.61
CA ILE H 249 -9.81 15.09 7.66
C ILE H 249 -10.16 14.11 6.54
N ALA H 250 -9.13 13.52 5.94
CA ALA H 250 -9.36 12.59 4.85
C ALA H 250 -9.01 11.18 5.29
N SER H 251 -9.95 10.27 5.14
CA SER H 251 -9.72 8.91 5.55
C SER H 251 -9.77 7.99 4.33
N CYS H 252 -9.38 6.74 4.52
CA CYS H 252 -8.93 5.86 3.45
C CYS H 252 -9.15 4.44 3.93
N SER H 253 -9.84 3.59 3.16
CA SER H 253 -10.14 2.25 3.71
C SER H 253 -10.41 1.12 2.76
N ASN H 254 -10.77 -0.01 3.37
CA ASN H 254 -10.91 -1.24 2.63
C ASN H 254 -12.26 -1.34 1.99
N ASP H 255 -13.19 -0.49 2.40
CA ASP H 255 -14.49 -0.42 1.75
C ASP H 255 -14.39 0.29 0.42
N GLN H 256 -13.18 0.47 -0.08
CA GLN H 256 -12.92 1.08 -1.38
C GLN H 256 -13.28 2.58 -1.42
N THR H 257 -13.30 3.22 -0.25
CA THR H 257 -13.88 4.53 -0.10
C THR H 257 -12.91 5.58 0.43
N VAL H 258 -13.09 6.85 0.07
CA VAL H 258 -12.37 7.95 0.74
C VAL H 258 -13.36 8.86 1.40
N ARG H 259 -13.21 9.11 2.69
CA ARG H 259 -14.13 10.02 3.36
C ARG H 259 -13.40 11.26 3.71
N VAL H 260 -14.04 12.40 3.52
CA VAL H 260 -13.51 13.64 4.05
C VAL H 260 -14.43 14.14 5.15
N TRP H 261 -13.88 14.19 6.36
CA TRP H 261 -14.64 14.51 7.57
C TRP H 261 -14.42 15.92 8.05
N VAL H 262 -15.45 16.50 8.65
CA VAL H 262 -15.27 17.79 9.30
C VAL H 262 -14.79 17.55 10.73
N VAL H 263 -13.60 18.04 11.04
CA VAL H 263 -12.98 17.77 12.31
C VAL H 263 -13.81 18.23 13.51
N ALA H 264 -14.52 19.35 13.38
CA ALA H 264 -15.27 19.90 14.51
C ALA H 264 -16.64 19.26 14.77
N THR H 265 -17.45 19.08 13.72
CA THR H 265 -18.82 18.55 13.83
C THR H 265 -18.91 17.02 13.75
N LYS H 266 -17.81 16.40 13.35
CA LYS H 266 -17.70 14.99 12.94
C LYS H 266 -18.70 14.46 11.91
N GLU H 267 -19.34 15.38 11.17
CA GLU H 267 -20.09 15.05 9.96
C GLU H 267 -19.09 14.81 8.83
N CYS H 268 -19.55 14.25 7.71
CA CYS H 268 -18.64 14.16 6.57
C CYS H 268 -19.14 14.65 5.24
N LYS H 269 -18.40 15.64 4.75
CA LYS H 269 -18.71 16.40 3.55
C LYS H 269 -18.87 15.50 2.38
N ALA H 270 -17.99 14.51 2.31
CA ALA H 270 -17.91 13.67 1.12
C ALA H 270 -17.59 12.20 1.40
N GLU H 271 -18.15 11.33 0.57
CA GLU H 271 -17.73 9.95 0.45
C GLU H 271 -17.36 9.78 -1.01
N LEU H 272 -16.10 9.52 -1.28
CA LEU H 272 -15.65 9.39 -2.66
C LEU H 272 -15.65 7.92 -3.03
N ARG H 273 -16.52 7.56 -3.98
CA ARG H 273 -16.87 6.15 -4.16
C ARG H 273 -16.17 5.37 -5.25
N GLU H 274 -15.82 6.00 -6.37
CA GLU H 274 -15.52 5.27 -7.62
C GLU H 274 -14.12 4.60 -7.77
N HIS H 275 -13.62 4.00 -6.70
CA HIS H 275 -12.44 3.12 -6.75
C HIS H 275 -12.92 1.65 -6.76
N ARG H 276 -12.19 0.80 -7.49
CA ARG H 276 -12.60 -0.60 -7.73
C ARG H 276 -12.16 -1.56 -6.66
N HIS H 277 -11.20 -1.12 -5.85
CA HIS H 277 -10.50 -2.00 -4.91
C HIS H 277 -9.98 -1.14 -3.79
N VAL H 278 -9.50 -1.77 -2.71
CA VAL H 278 -8.98 -1.04 -1.52
C VAL H 278 -8.14 0.17 -1.85
N VAL H 279 -8.41 1.24 -1.11
CA VAL H 279 -7.64 2.47 -1.19
C VAL H 279 -6.58 2.50 -0.13
N GLU H 280 -5.35 2.77 -0.53
CA GLU H 280 -4.24 2.67 0.39
C GLU H 280 -3.61 4.03 0.82
N CYS H 281 -4.02 5.10 0.15
CA CYS H 281 -3.22 6.31 0.11
C CYS H 281 -4.05 7.56 0.02
N ILE H 282 -3.62 8.64 0.69
CA ILE H 282 -4.17 9.97 0.42
C ILE H 282 -3.21 11.11 0.67
N SER H 283 -3.25 12.08 -0.22
CA SER H 283 -2.52 13.29 -0.05
C SER H 283 -3.43 14.46 -0.44
N TRP H 284 -3.27 15.59 0.24
CA TRP H 284 -3.96 16.81 -0.15
C TRP H 284 -3.12 17.68 -1.07
N ALA H 285 -3.79 18.44 -1.93
CA ALA H 285 -3.10 19.36 -2.82
C ALA H 285 -2.70 20.64 -2.09
N PRO H 286 -1.51 21.18 -2.41
CA PRO H 286 -0.99 22.40 -1.79
C PRO H 286 -1.09 23.71 -2.64
N GLU H 287 0.05 24.38 -2.77
CA GLU H 287 0.26 25.65 -3.47
C GLU H 287 0.31 25.46 -4.99
N SER H 288 -0.80 25.02 -5.56
CA SER H 288 -0.83 24.52 -6.93
C SER H 288 -2.26 24.28 -7.37
N SER H 289 -3.19 25.02 -6.80
CA SER H 289 -4.58 24.83 -7.13
C SER H 289 -4.81 25.43 -8.53
N TYR H 290 -3.68 25.79 -9.17
CA TYR H 290 -3.61 26.13 -10.60
C TYR H 290 -3.98 24.92 -11.46
N SER H 291 -3.69 23.73 -10.95
CA SER H 291 -3.94 22.43 -11.59
C SER H 291 -5.26 22.34 -12.34
N SER H 292 -6.26 23.05 -11.82
CA SER H 292 -7.50 23.37 -12.52
C SER H 292 -7.34 23.29 -14.05
N ILE H 293 -6.48 24.16 -14.62
CA ILE H 293 -5.98 24.07 -16.01
C ILE H 293 -6.47 22.83 -16.80
N SER H 294 -6.02 21.66 -16.31
CA SER H 294 -6.25 20.36 -16.93
C SER H 294 -7.71 19.95 -17.05
N GLU H 295 -8.50 20.38 -16.07
CA GLU H 295 -9.96 20.21 -16.07
C GLU H 295 -10.65 21.39 -15.38
N ALA H 296 -10.85 22.49 -16.11
CA ALA H 296 -11.32 23.71 -15.47
C ALA H 296 -12.66 24.28 -15.99
N THR H 297 -13.29 23.59 -16.94
CA THR H 297 -14.62 24.00 -17.40
C THR H 297 -15.75 23.40 -16.54
N GLY H 298 -16.95 23.31 -17.12
CA GLY H 298 -18.17 23.09 -16.37
C GLY H 298 -19.13 24.24 -16.67
N SER H 299 -19.11 25.25 -15.80
CA SER H 299 -19.90 26.49 -15.96
C SER H 299 -19.57 27.52 -14.87
N GLU H 300 -19.55 28.81 -15.27
CA GLU H 300 -19.20 29.97 -14.40
C GLU H 300 -18.27 29.65 -13.19
N GLY H 308 -11.60 25.67 -4.85
CA GLY H 308 -11.94 24.39 -4.20
C GLY H 308 -10.73 23.60 -3.69
N PRO H 309 -10.91 22.56 -2.85
CA PRO H 309 -9.79 21.68 -2.35
C PRO H 309 -9.63 20.35 -3.07
N PHE H 310 -8.49 19.71 -2.94
CA PHE H 310 -8.23 18.55 -3.78
C PHE H 310 -7.38 17.55 -3.02
N LEU H 311 -7.78 16.27 -3.07
CA LEU H 311 -6.95 15.22 -2.49
C LEU H 311 -6.61 14.08 -3.44
N LEU H 312 -5.48 13.42 -3.21
CA LEU H 312 -5.04 12.37 -4.11
C LEU H 312 -5.25 11.02 -3.46
N SER H 313 -5.85 10.08 -4.20
CA SER H 313 -6.00 8.72 -3.69
C SER H 313 -5.25 7.72 -4.55
N GLY H 314 -4.53 6.84 -3.89
CA GLY H 314 -3.89 5.72 -4.54
C GLY H 314 -4.54 4.48 -4.00
N SER H 315 -4.59 3.41 -4.80
CA SER H 315 -5.34 2.23 -4.39
C SER H 315 -4.73 0.95 -4.98
N ARG H 316 -5.35 -0.21 -4.69
CA ARG H 316 -4.94 -1.49 -5.27
C ARG H 316 -5.54 -1.69 -6.68
N ASP H 317 -6.41 -0.77 -7.05
CA ASP H 317 -6.63 -0.33 -8.42
C ASP H 317 -5.38 -0.29 -9.31
N LYS H 318 -4.21 -0.21 -8.70
CA LYS H 318 -3.02 0.26 -9.38
C LYS H 318 -3.28 1.56 -10.15
N THR H 319 -4.23 2.36 -9.68
CA THR H 319 -4.50 3.69 -10.24
C THR H 319 -4.62 4.79 -9.17
N ILE H 320 -4.02 5.96 -9.42
CA ILE H 320 -4.17 7.13 -8.54
C ILE H 320 -5.29 8.06 -8.98
N LYS H 321 -6.17 8.50 -8.08
CA LYS H 321 -7.20 9.48 -8.47
C LYS H 321 -7.08 10.84 -7.78
N MET H 322 -7.47 11.89 -8.48
CA MET H 322 -7.47 13.24 -7.93
C MET H 322 -8.88 13.75 -7.82
N TRP H 323 -9.21 14.53 -6.80
CA TRP H 323 -10.61 14.90 -6.64
C TRP H 323 -10.80 16.32 -6.10
N ASP H 324 -11.85 17.03 -6.53
CA ASP H 324 -12.35 18.05 -5.60
C ASP H 324 -13.52 17.61 -4.82
N VAL H 325 -13.41 17.96 -3.56
CA VAL H 325 -14.29 17.52 -2.50
C VAL H 325 -15.65 18.25 -2.58
N SER H 326 -15.63 19.49 -3.08
CA SER H 326 -16.83 20.31 -3.27
C SER H 326 -17.87 19.56 -4.08
N THR H 327 -17.51 19.27 -5.34
CA THR H 327 -18.34 18.48 -6.26
C THR H 327 -18.39 17.01 -5.84
N GLY H 328 -17.24 16.49 -5.43
CA GLY H 328 -17.10 15.09 -5.07
C GLY H 328 -16.99 14.24 -6.31
N MET H 329 -16.55 14.87 -7.39
CA MET H 329 -16.33 14.19 -8.65
C MET H 329 -14.87 13.77 -8.69
N CYS H 330 -14.53 12.86 -9.60
CA CYS H 330 -13.13 12.63 -9.91
C CYS H 330 -12.72 13.53 -11.04
N LEU H 331 -11.48 13.95 -11.01
CA LEU H 331 -10.93 14.85 -12.02
C LEU H 331 -10.06 14.09 -12.98
N MET H 332 -9.17 13.25 -12.46
CA MET H 332 -8.30 12.41 -13.29
C MET H 332 -8.20 11.01 -12.72
N THR H 333 -7.79 10.07 -13.54
CA THR H 333 -7.35 8.77 -13.06
C THR H 333 -6.04 8.45 -13.74
N LEU H 334 -4.95 8.52 -12.99
CA LEU H 334 -3.61 8.29 -13.53
C LEU H 334 -3.39 6.81 -13.67
N VAL H 335 -3.59 6.29 -14.88
CA VAL H 335 -3.43 4.88 -15.13
C VAL H 335 -1.98 4.67 -15.44
N GLY H 336 -1.38 3.77 -14.70
CA GLY H 336 0.03 3.49 -14.83
C GLY H 336 0.33 2.25 -14.06
N HIS H 337 1.56 1.81 -14.21
CA HIS H 337 2.02 0.48 -13.81
C HIS H 337 1.33 -0.38 -12.71
N ASP H 338 2.09 -1.39 -12.30
CA ASP H 338 1.63 -2.76 -12.36
C ASP H 338 1.14 -3.49 -11.14
N ASN H 339 1.49 -3.04 -9.94
CA ASN H 339 0.91 -3.63 -8.74
C ASN H 339 0.24 -2.57 -7.87
N TRP H 340 -0.12 -2.93 -6.64
CA TRP H 340 -0.83 -2.03 -5.72
C TRP H 340 -0.11 -0.74 -5.51
N VAL H 341 -0.85 0.34 -5.35
CA VAL H 341 -0.23 1.66 -5.17
C VAL H 341 -0.12 2.06 -3.70
N ARG H 342 1.12 2.30 -3.30
CA ARG H 342 1.43 2.38 -1.89
C ARG H 342 1.59 3.77 -1.28
N GLY H 343 2.00 4.73 -2.10
CA GLY H 343 2.24 6.09 -1.65
C GLY H 343 1.98 7.06 -2.77
N VAL H 344 1.46 8.24 -2.40
CA VAL H 344 1.17 9.34 -3.34
C VAL H 344 1.40 10.75 -2.77
N LEU H 345 2.18 11.56 -3.49
CA LEU H 345 2.56 12.90 -3.05
C LEU H 345 2.34 13.96 -4.10
N PHE H 346 2.17 15.22 -3.69
CA PHE H 346 2.28 16.33 -4.63
C PHE H 346 3.66 16.90 -4.52
N HIS H 347 4.31 17.12 -5.66
CA HIS H 347 5.65 17.69 -5.67
C HIS H 347 5.65 19.01 -4.91
N SER H 348 6.81 19.40 -4.38
CA SER H 348 6.90 20.63 -3.59
C SER H 348 6.41 21.91 -4.31
N GLY H 349 6.70 22.01 -5.61
CA GLY H 349 6.03 22.96 -6.50
C GLY H 349 4.57 22.54 -6.64
N GLY H 350 4.15 22.17 -7.84
CA GLY H 350 2.80 21.69 -8.04
C GLY H 350 2.81 21.15 -9.44
N LYS H 351 4.02 21.14 -9.97
CA LYS H 351 4.27 20.66 -11.30
C LYS H 351 3.74 19.23 -11.41
N PHE H 352 4.04 18.44 -10.38
CA PHE H 352 4.09 17.01 -10.51
C PHE H 352 3.31 16.25 -9.45
N ILE H 353 3.16 14.93 -9.67
CA ILE H 353 2.67 14.01 -8.65
C ILE H 353 3.67 12.88 -8.50
N LEU H 354 3.95 12.47 -7.28
CA LEU H 354 4.92 11.42 -7.06
C LEU H 354 4.24 10.22 -6.43
N SER H 355 4.63 9.04 -6.91
CA SER H 355 4.02 7.80 -6.47
C SER H 355 5.03 6.69 -6.44
N CYS H 356 4.78 5.75 -5.54
CA CYS H 356 5.50 4.48 -5.53
C CYS H 356 4.47 3.38 -5.31
N ALA H 357 4.85 2.13 -5.60
CA ALA H 357 3.90 1.03 -5.45
C ALA H 357 4.54 -0.37 -5.30
N ASP H 358 3.73 -1.42 -5.35
CA ASP H 358 4.24 -2.76 -5.18
C ASP H 358 4.85 -3.29 -6.45
N ASP H 359 5.15 -2.41 -7.39
CA ASP H 359 5.78 -2.82 -8.63
C ASP H 359 7.22 -2.40 -8.57
N LYS H 360 7.84 -2.53 -7.41
CA LYS H 360 9.23 -2.10 -7.24
C LYS H 360 9.52 -0.67 -7.77
N THR H 361 8.51 0.19 -7.81
CA THR H 361 8.57 1.39 -8.62
C THR H 361 8.20 2.72 -7.92
N LEU H 362 8.94 3.77 -8.30
CA LEU H 362 8.67 5.15 -7.89
C LEU H 362 8.43 5.91 -9.17
N ARG H 363 7.19 6.24 -9.44
CA ARG H 363 6.80 6.85 -10.70
C ARG H 363 6.70 8.35 -10.48
N VAL H 364 7.20 9.11 -11.46
CA VAL H 364 7.04 10.56 -11.52
C VAL H 364 6.01 10.90 -12.54
N TRP H 365 4.95 11.54 -12.08
CA TRP H 365 3.79 11.77 -12.89
C TRP H 365 3.77 13.17 -13.46
N ASP H 366 2.67 13.51 -14.12
CA ASP H 366 2.58 14.73 -14.89
C ASP H 366 1.16 14.98 -15.36
N TYR H 367 0.26 15.31 -14.44
CA TYR H 367 -1.10 15.67 -14.83
C TYR H 367 -1.00 16.88 -15.76
N LYS H 368 0.21 17.45 -15.78
CA LYS H 368 0.70 18.27 -16.87
C LYS H 368 0.46 17.45 -18.18
N ASN H 369 -0.80 17.46 -18.62
CA ASN H 369 -1.36 16.54 -19.65
C ASN H 369 -1.13 15.00 -19.55
N LYS H 370 -1.76 14.38 -18.54
CA LYS H 370 -1.89 12.91 -18.34
C LYS H 370 -0.61 12.02 -18.26
N ARG H 371 0.32 12.23 -19.19
CA ARG H 371 1.50 11.38 -19.41
C ARG H 371 2.23 11.00 -18.14
N CYS H 372 2.41 9.69 -17.92
CA CYS H 372 3.36 9.21 -16.92
C CYS H 372 4.76 9.37 -17.50
N MET H 373 5.58 10.17 -16.83
CA MET H 373 6.69 10.80 -17.53
C MET H 373 8.05 10.27 -17.21
N LYS H 374 8.19 9.58 -16.08
CA LYS H 374 9.50 9.10 -15.66
C LYS H 374 9.38 7.92 -14.71
N THR H 375 10.28 6.94 -14.83
CA THR H 375 10.19 5.69 -14.06
C THR H 375 11.50 5.23 -13.43
N LEU H 376 11.51 5.21 -12.11
CA LEU H 376 12.67 4.79 -11.36
C LEU H 376 12.46 3.40 -10.81
N ASN H 377 13.26 2.46 -11.26
CA ASN H 377 13.31 1.17 -10.60
C ASN H 377 14.08 1.42 -9.33
N ALA H 378 13.38 1.54 -8.22
CA ALA H 378 13.99 1.91 -6.96
C ALA H 378 14.58 0.73 -6.27
N HIS H 379 13.72 -0.18 -5.88
CA HIS H 379 14.08 -1.26 -4.99
C HIS H 379 13.93 -2.65 -5.57
N GLU H 380 14.40 -3.63 -4.80
CA GLU H 380 14.28 -5.01 -5.18
C GLU H 380 12.91 -5.56 -4.81
N HIS H 381 12.52 -5.49 -3.55
CA HIS H 381 11.16 -5.88 -3.23
C HIS H 381 10.27 -4.63 -3.16
N PHE H 382 8.94 -4.73 -2.93
CA PHE H 382 8.12 -3.52 -3.10
C PHE H 382 8.57 -2.28 -2.36
N VAL H 383 8.09 -1.13 -2.83
CA VAL H 383 8.37 0.16 -2.22
C VAL H 383 7.14 0.60 -1.47
N THR H 384 7.30 0.78 -0.17
CA THR H 384 6.22 0.93 0.77
C THR H 384 5.75 2.32 1.09
N SER H 385 6.42 3.36 0.63
CA SER H 385 6.12 4.72 1.08
C SER H 385 7.19 5.66 0.65
N LEU H 386 6.89 6.96 0.76
CA LEU H 386 7.82 7.98 0.31
C LEU H 386 7.65 9.31 1.01
N ASP H 387 8.68 10.15 0.87
CA ASP H 387 8.61 11.52 1.30
C ASP H 387 9.51 12.40 0.43
N PHE H 388 8.92 13.49 -0.05
CA PHE H 388 9.61 14.53 -0.77
C PHE H 388 9.85 15.64 0.23
N HIS H 389 11.01 16.28 0.13
CA HIS H 389 11.35 17.39 1.01
C HIS H 389 10.77 18.68 0.47
N LYS H 390 10.39 19.58 1.39
CA LYS H 390 9.81 20.86 1.04
C LYS H 390 10.88 21.80 0.51
N THR H 391 12.11 21.61 0.97
CA THR H 391 13.21 22.50 0.65
C THR H 391 14.31 21.86 -0.20
N ALA H 392 14.84 20.72 0.23
CA ALA H 392 16.10 20.12 -0.27
C ALA H 392 15.89 19.10 -1.42
N PRO H 393 16.88 18.86 -2.28
CA PRO H 393 16.67 18.14 -3.55
C PRO H 393 16.41 16.64 -3.42
N TYR H 394 15.68 16.26 -2.38
CA TYR H 394 15.68 14.91 -1.90
C TYR H 394 14.31 14.24 -1.76
N VAL H 395 14.29 12.97 -2.17
CA VAL H 395 13.19 12.01 -1.93
C VAL H 395 13.69 10.76 -1.26
N VAL H 396 12.95 10.31 -0.27
CA VAL H 396 13.26 9.05 0.35
C VAL H 396 12.15 8.07 0.13
N THR H 397 12.54 6.80 0.20
CA THR H 397 11.89 5.70 -0.42
C THR H 397 12.18 4.62 0.57
N GLY H 398 11.19 3.83 0.93
CA GLY H 398 11.44 2.74 1.85
C GLY H 398 10.70 1.51 1.42
N SER H 399 11.22 0.32 1.68
CA SER H 399 10.65 -0.87 1.05
C SER H 399 10.56 -2.08 1.92
N VAL H 400 10.49 -3.23 1.28
CA VAL H 400 10.35 -4.46 2.01
C VAL H 400 11.68 -5.15 2.06
N ASP H 401 12.62 -4.64 1.29
CA ASP H 401 13.95 -5.20 1.20
C ASP H 401 14.73 -4.66 2.32
N GLN H 402 14.02 -4.00 3.22
CA GLN H 402 14.54 -3.50 4.51
C GLN H 402 15.44 -2.24 4.41
N THR H 403 15.40 -1.58 3.26
CA THR H 403 16.29 -0.45 3.02
C THR H 403 15.51 0.83 2.86
N VAL H 404 16.12 1.94 3.26
CA VAL H 404 15.61 3.27 2.97
C VAL H 404 16.61 3.92 2.03
N LYS H 405 16.14 4.37 0.88
CA LYS H 405 17.03 4.92 -0.12
C LYS H 405 16.82 6.41 -0.29
N VAL H 406 17.92 7.12 -0.53
CA VAL H 406 17.85 8.56 -0.81
C VAL H 406 18.20 8.88 -2.26
N TRP H 407 17.35 9.69 -2.86
CA TRP H 407 17.46 10.07 -4.26
C TRP H 407 17.71 11.57 -4.31
N GLU H 408 18.53 12.05 -5.25
CA GLU H 408 18.88 13.46 -5.31
C GLU H 408 18.28 14.20 -6.52
N SER I 6 102.10 46.10 -1.90
CA SER I 6 101.61 44.69 -1.80
C SER I 6 100.38 44.60 -0.89
N ASN I 7 99.20 44.40 -1.48
CA ASN I 7 97.91 44.44 -0.75
C ASN I 7 97.57 43.18 0.08
N PRO I 8 97.46 43.33 1.41
CA PRO I 8 97.22 42.21 2.33
C PRO I 8 96.03 41.36 1.97
N ALA I 9 94.93 41.97 1.51
CA ALA I 9 93.70 41.25 1.18
C ALA I 9 93.90 40.19 0.12
N ALA I 10 94.99 40.32 -0.64
CA ALA I 10 95.22 39.50 -1.82
C ALA I 10 96.39 38.57 -1.67
N ILE I 11 96.87 38.42 -0.44
CA ILE I 11 97.91 37.45 -0.15
C ILE I 11 97.28 36.17 0.41
N PRO I 12 97.36 35.06 -0.34
CA PRO I 12 96.75 33.79 0.10
C PRO I 12 97.25 33.36 1.45
N HIS I 13 96.42 32.65 2.19
CA HIS I 13 96.64 32.46 3.61
C HIS I 13 95.63 31.48 4.21
N ALA I 14 96.11 30.32 4.69
CA ALA I 14 95.20 29.30 5.24
C ALA I 14 94.79 29.66 6.65
N ALA I 15 93.49 29.47 6.96
CA ALA I 15 92.95 29.81 8.28
C ALA I 15 93.37 28.80 9.31
N GLU I 16 94.18 29.23 10.27
CA GLU I 16 94.60 28.31 11.33
C GLU I 16 93.45 28.00 12.29
N ASP I 17 93.32 26.71 12.62
CA ASP I 17 92.32 26.23 13.57
C ASP I 17 92.76 26.58 14.99
N ILE I 18 91.95 27.38 15.67
CA ILE I 18 92.25 27.75 17.05
C ILE I 18 91.33 27.00 18.01
N GLN I 19 90.37 26.26 17.46
CA GLN I 19 89.32 25.63 18.28
C GLN I 19 89.61 24.18 18.69
N GLY I 20 90.19 23.40 17.78
CA GLY I 20 90.58 22.04 18.10
C GLY I 20 90.06 20.95 17.20
N ASP I 21 88.92 21.19 16.54
CA ASP I 21 88.30 20.14 15.73
C ASP I 21 88.70 20.16 14.25
N ASP I 22 89.69 20.98 13.91
CA ASP I 22 90.23 21.06 12.55
C ASP I 22 89.12 20.99 11.49
N ARG I 23 88.16 21.91 11.58
CA ARG I 23 86.98 21.89 10.72
C ARG I 23 87.19 22.58 9.39
N TRP I 24 88.07 23.58 9.36
CA TRP I 24 88.33 24.33 8.12
C TRP I 24 89.01 23.42 7.08
N MET I 25 90.07 22.74 7.52
CA MET I 25 90.80 21.87 6.62
C MET I 25 89.95 20.69 6.20
N SER I 26 89.09 20.22 7.10
CA SER I 26 88.22 19.09 6.81
C SER I 26 87.39 19.39 5.58
N GLN I 27 86.82 20.60 5.56
CA GLN I 27 85.99 21.04 4.45
C GLN I 27 86.78 21.21 3.20
N HIS I 28 87.95 21.83 3.30
CA HIS I 28 88.77 22.07 2.11
C HIS I 28 89.13 20.76 1.46
N ASN I 29 89.53 19.80 2.28
CA ASN I 29 89.84 18.48 1.78
C ASN I 29 88.64 17.90 1.04
N ARG I 30 87.48 17.95 1.67
CA ARG I 30 86.28 17.41 1.04
C ARG I 30 86.11 17.96 -0.37
N PHE I 31 86.41 19.24 -0.55
CA PHE I 31 86.31 19.87 -1.84
C PHE I 31 87.35 19.34 -2.81
N VAL I 32 88.58 19.22 -2.34
CA VAL I 32 89.63 18.73 -3.21
C VAL I 32 89.23 17.37 -3.65
N LEU I 33 88.77 16.54 -2.71
CA LEU I 33 88.32 15.20 -3.05
C LEU I 33 87.19 15.29 -4.08
N ASP I 34 86.26 16.23 -3.86
CA ASP I 34 85.19 16.50 -4.83
C ASP I 34 85.75 16.90 -6.20
N CYS I 35 86.87 17.61 -6.18
CA CYS I 35 87.52 18.02 -7.41
C CYS I 35 88.21 16.87 -8.17
N LYS I 36 88.48 15.78 -7.48
CA LYS I 36 89.24 14.69 -8.06
C LYS I 36 88.38 13.86 -9.00
N ASP I 37 87.10 13.69 -8.68
CA ASP I 37 86.29 12.74 -9.44
C ASP I 37 84.89 13.22 -9.86
N LYS I 38 84.48 14.39 -9.41
CA LYS I 38 83.24 14.98 -9.96
C LYS I 38 83.59 15.80 -11.22
N GLU I 39 82.58 16.34 -11.89
CA GLU I 39 82.79 17.13 -13.12
C GLU I 39 81.62 18.08 -13.39
N PRO I 40 81.60 19.20 -12.69
CA PRO I 40 80.45 20.10 -12.72
C PRO I 40 80.43 21.02 -13.91
N ASP I 41 79.27 21.64 -14.15
CA ASP I 41 79.15 22.66 -15.16
C ASP I 41 79.28 24.00 -14.47
N VAL I 42 78.83 24.08 -13.22
CA VAL I 42 78.84 25.33 -12.46
C VAL I 42 79.51 25.17 -11.10
N LEU I 43 80.24 26.21 -10.69
CA LEU I 43 81.02 26.15 -9.47
C LEU I 43 80.85 27.43 -8.67
N PHE I 44 80.34 27.29 -7.44
CA PHE I 44 80.23 28.43 -6.53
C PHE I 44 81.36 28.38 -5.54
N VAL I 45 82.14 29.43 -5.49
CA VAL I 45 83.14 29.60 -4.44
C VAL I 45 82.86 30.84 -3.60
N GLY I 46 83.27 30.80 -2.34
CA GLY I 46 83.07 31.96 -1.49
C GLY I 46 82.83 31.62 -0.05
N ASP I 47 82.18 32.54 0.64
CA ASP I 47 82.02 32.44 2.07
C ASP I 47 80.67 31.86 2.49
N SER I 48 80.25 32.20 3.70
CA SER I 48 78.97 31.77 4.24
C SER I 48 77.79 32.01 3.30
N MET I 49 77.74 33.15 2.63
CA MET I 49 76.62 33.40 1.73
C MET I 49 76.49 32.32 0.65
N VAL I 50 77.63 31.81 0.18
CA VAL I 50 77.63 30.72 -0.79
C VAL I 50 77.28 29.43 -0.09
N GLN I 51 77.94 29.18 1.02
CA GLN I 51 77.78 27.94 1.77
C GLN I 51 76.33 27.66 2.17
N LEU I 52 75.68 28.69 2.68
CA LEU I 52 74.36 28.59 3.28
C LEU I 52 73.29 28.38 2.22
N MET I 53 73.56 28.89 1.03
CA MET I 53 72.64 28.76 -0.10
C MET I 53 72.26 27.29 -0.38
N GLN I 54 73.21 26.37 -0.23
CA GLN I 54 72.96 24.96 -0.42
C GLN I 54 71.91 24.40 0.54
N GLN I 55 71.80 25.00 1.72
CA GLN I 55 70.97 24.42 2.77
C GLN I 55 69.50 24.69 2.59
N TYR I 56 69.18 25.57 1.63
CA TYR I 56 67.79 25.95 1.38
C TYR I 56 67.15 25.24 0.18
N GLU I 57 65.84 25.00 0.29
CA GLU I 57 65.06 24.28 -0.70
C GLU I 57 65.32 24.75 -2.12
N ILE I 58 65.64 26.03 -2.26
CA ILE I 58 65.84 26.65 -3.56
C ILE I 58 67.11 26.21 -4.25
N TRP I 59 68.04 25.64 -3.51
CA TRP I 59 69.23 25.08 -4.15
C TRP I 59 68.94 23.83 -4.98
N ARG I 60 68.18 22.89 -4.41
CA ARG I 60 67.89 21.66 -5.11
C ARG I 60 66.84 21.91 -6.21
N GLU I 61 66.28 23.12 -6.22
CA GLU I 61 65.28 23.48 -7.21
C GLU I 61 65.88 24.15 -8.42
N LEU I 62 67.01 24.81 -8.23
CA LEU I 62 67.55 25.72 -9.24
C LEU I 62 68.88 25.28 -9.82
N PHE I 63 69.81 24.97 -8.90
CA PHE I 63 71.22 24.76 -9.20
C PHE I 63 71.62 23.29 -9.20
N SER I 64 70.91 22.50 -8.40
CA SER I 64 71.19 21.07 -8.39
C SER I 64 71.15 20.46 -9.79
N PRO I 65 70.15 20.80 -10.60
CA PRO I 65 70.01 20.21 -11.92
C PRO I 65 71.00 20.80 -12.89
N LEU I 66 71.74 21.82 -12.46
CA LEU I 66 72.73 22.44 -13.33
C LEU I 66 74.05 21.73 -13.23
N HIS I 67 74.14 20.77 -12.33
CA HIS I 67 75.39 20.06 -12.04
C HIS I 67 76.34 21.05 -11.45
N ALA I 68 76.01 21.47 -10.22
CA ALA I 68 76.72 22.55 -9.57
C ALA I 68 77.40 22.08 -8.33
N LEU I 69 78.60 22.58 -8.10
CA LEU I 69 79.33 22.29 -6.88
C LEU I 69 79.42 23.55 -6.01
N ASN I 70 79.42 23.34 -4.70
CA ASN I 70 79.47 24.45 -3.76
C ASN I 70 80.69 24.40 -2.85
N PHE I 71 81.62 25.31 -3.08
CA PHE I 71 82.86 25.27 -2.35
C PHE I 71 82.89 26.38 -1.29
N GLY I 72 81.74 26.63 -0.67
CA GLY I 72 81.65 27.72 0.27
C GLY I 72 82.08 27.31 1.67
N ILE I 73 82.80 28.19 2.36
CA ILE I 73 83.02 28.01 3.80
C ILE I 73 82.64 29.26 4.56
N GLY I 74 82.03 29.07 5.71
CA GLY I 74 81.60 30.19 6.53
C GLY I 74 82.77 30.98 7.11
N GLY I 75 82.62 32.30 7.08
CA GLY I 75 83.59 33.19 7.72
C GLY I 75 84.91 33.35 6.98
N ASP I 76 85.03 32.70 5.82
CA ASP I 76 86.19 32.83 4.93
C ASP I 76 86.32 34.25 4.47
N THR I 77 87.56 34.67 4.24
CA THR I 77 87.81 35.98 3.64
C THR I 77 88.48 35.78 2.30
N THR I 78 88.78 36.90 1.62
CA THR I 78 89.46 36.84 0.34
C THR I 78 90.73 36.00 0.44
N ARG I 79 91.54 36.30 1.44
CA ARG I 79 92.81 35.59 1.63
C ARG I 79 92.59 34.08 1.72
N HIS I 80 91.53 33.66 2.41
CA HIS I 80 91.27 32.22 2.57
C HIS I 80 90.87 31.59 1.24
N VAL I 81 89.86 32.19 0.61
CA VAL I 81 89.34 31.70 -0.67
C VAL I 81 90.47 31.56 -1.69
N LEU I 82 91.34 32.57 -1.73
CA LEU I 82 92.53 32.50 -2.56
C LEU I 82 93.21 31.21 -2.27
N TRP I 83 93.74 31.11 -1.05
CA TRP I 83 94.52 29.97 -0.62
C TRP I 83 93.87 28.68 -1.09
N ARG I 84 92.58 28.53 -0.82
CA ARG I 84 91.84 27.34 -1.18
C ARG I 84 91.93 27.08 -2.67
N LEU I 85 91.70 28.12 -3.46
CA LEU I 85 91.77 28.01 -4.92
C LEU I 85 93.17 27.66 -5.36
N LYS I 86 94.15 28.34 -4.79
CA LYS I 86 95.55 28.10 -5.09
C LYS I 86 95.91 26.66 -4.82
N ASN I 87 95.37 26.13 -3.72
CA ASN I 87 95.74 24.81 -3.24
C ASN I 87 94.81 23.71 -3.69
N GLY I 88 94.29 23.84 -4.90
CA GLY I 88 93.76 22.68 -5.60
C GLY I 88 92.26 22.53 -5.66
N GLU I 89 91.55 23.61 -5.42
CA GLU I 89 90.12 23.57 -5.63
C GLU I 89 89.80 23.95 -7.07
N LEU I 90 90.84 24.01 -7.88
CA LEU I 90 90.66 24.39 -9.26
C LEU I 90 91.30 23.41 -10.24
N GLU I 91 91.48 22.18 -9.79
CA GLU I 91 92.17 21.15 -10.56
C GLU I 91 91.20 20.12 -11.14
N ASN I 92 91.49 19.64 -12.34
CA ASN I 92 90.73 18.58 -12.98
C ASN I 92 89.32 18.95 -13.45
N ILE I 93 88.59 19.70 -12.65
CA ILE I 93 87.29 20.19 -13.09
C ILE I 93 87.45 21.23 -14.20
N LYS I 94 86.43 21.37 -15.03
CA LYS I 94 86.39 22.43 -16.06
C LYS I 94 84.99 23.03 -16.12
N PRO I 95 84.56 23.67 -15.04
CA PRO I 95 83.22 24.29 -14.98
C PRO I 95 83.03 25.30 -16.08
N LYS I 96 81.80 25.42 -16.56
CA LYS I 96 81.50 26.36 -17.61
C LYS I 96 81.32 27.75 -17.01
N VAL I 97 80.72 27.79 -15.83
CA VAL I 97 80.48 29.04 -15.11
C VAL I 97 80.98 28.93 -13.69
N ILE I 98 81.64 29.99 -13.21
CA ILE I 98 82.05 30.07 -11.81
C ILE I 98 81.44 31.29 -11.18
N VAL I 99 80.87 31.10 -9.99
CA VAL I 99 80.27 32.18 -9.25
C VAL I 99 81.13 32.47 -8.03
N VAL I 100 81.63 33.68 -7.95
CA VAL I 100 82.41 34.09 -6.81
C VAL I 100 81.56 34.97 -5.90
N TRP I 101 81.53 34.66 -4.61
CA TRP I 101 80.87 35.53 -3.64
C TRP I 101 81.66 35.59 -2.33
N VAL I 102 82.54 36.61 -2.21
CA VAL I 102 83.38 36.76 -1.02
C VAL I 102 83.56 38.20 -0.70
N GLY I 103 83.81 38.50 0.57
CA GLY I 103 84.33 39.81 0.97
C GLY I 103 83.72 40.40 2.23
N THR I 104 82.45 40.10 2.46
CA THR I 104 81.75 40.72 3.59
C THR I 104 82.35 40.35 4.92
N ASN I 105 83.23 39.35 4.95
CA ASN I 105 83.86 39.03 6.23
C ASN I 105 85.22 39.64 6.37
N ASN I 106 85.59 40.44 5.39
CA ASN I 106 86.90 41.05 5.34
C ASN I 106 86.99 42.30 6.21
N HIS I 107 86.51 42.26 7.45
CA HIS I 107 86.87 43.34 8.38
C HIS I 107 88.39 43.30 8.46
N GLU I 108 89.02 44.39 8.88
CA GLU I 108 90.48 44.41 8.87
C GLU I 108 91.06 44.88 7.56
N ASN I 109 90.23 45.01 6.53
CA ASN I 109 90.66 45.57 5.27
C ASN I 109 89.81 46.75 4.82
N THR I 110 90.45 47.74 4.22
CA THR I 110 89.71 48.84 3.59
C THR I 110 88.90 48.30 2.41
N ALA I 111 87.82 48.99 2.07
CA ALA I 111 87.06 48.68 0.88
C ALA I 111 87.95 48.38 -0.34
N GLU I 112 88.88 49.31 -0.57
CA GLU I 112 89.80 49.27 -1.69
C GLU I 112 90.53 47.95 -1.71
N GLU I 113 91.20 47.65 -0.59
CA GLU I 113 91.93 46.39 -0.42
C GLU I 113 91.08 45.18 -0.82
N VAL I 114 89.87 45.12 -0.27
CA VAL I 114 88.92 44.04 -0.53
C VAL I 114 88.65 43.84 -2.02
N ALA I 115 88.41 44.95 -2.72
CA ALA I 115 88.19 44.92 -4.16
C ALA I 115 89.40 44.30 -4.82
N GLY I 116 90.57 44.72 -4.39
CA GLY I 116 91.79 44.10 -4.83
C GLY I 116 91.76 42.60 -4.63
N GLY I 117 91.33 42.17 -3.43
CA GLY I 117 91.22 40.76 -3.11
C GLY I 117 90.41 40.00 -4.13
N ILE I 118 89.15 40.39 -4.28
CA ILE I 118 88.26 39.79 -5.29
C ILE I 118 88.94 39.75 -6.65
N GLU I 119 89.40 40.92 -7.12
CA GLU I 119 90.12 41.01 -8.38
C GLU I 119 91.21 39.93 -8.51
N ALA I 120 92.03 39.78 -7.48
CA ALA I 120 93.04 38.74 -7.44
C ALA I 120 92.47 37.33 -7.64
N ILE I 121 91.37 37.06 -6.95
CA ILE I 121 90.67 35.79 -7.08
C ILE I 121 90.27 35.57 -8.53
N VAL I 122 89.61 36.58 -9.10
CA VAL I 122 89.17 36.51 -10.48
C VAL I 122 90.37 36.20 -11.40
N GLN I 123 91.45 36.97 -11.24
CA GLN I 123 92.63 36.77 -12.04
C GLN I 123 93.09 35.33 -11.97
N LEU I 124 93.19 34.82 -10.75
CA LEU I 124 93.58 33.45 -10.51
C LEU I 124 92.66 32.50 -11.26
N ILE I 125 91.34 32.68 -11.12
CA ILE I 125 90.42 31.78 -11.78
C ILE I 125 90.61 31.77 -13.29
N ASN I 126 90.58 32.92 -13.94
CA ASN I 126 90.72 32.84 -15.38
C ASN I 126 92.15 32.55 -15.83
N THR I 127 93.04 32.28 -14.87
CA THR I 127 94.37 31.77 -15.17
C THR I 127 94.24 30.28 -15.27
N ARG I 128 93.80 29.67 -14.17
CA ARG I 128 93.67 28.23 -14.08
C ARG I 128 92.50 27.71 -14.88
N GLN I 129 91.54 28.58 -15.18
CA GLN I 129 90.29 28.17 -15.80
C GLN I 129 89.85 29.09 -16.96
N PRO I 130 90.70 29.24 -17.99
CA PRO I 130 90.47 30.22 -19.06
C PRO I 130 89.11 30.13 -19.78
N GLN I 131 88.50 28.95 -19.81
CA GLN I 131 87.24 28.77 -20.54
C GLN I 131 86.03 29.19 -19.74
N ALA I 132 86.21 29.33 -18.43
CA ALA I 132 85.09 29.60 -17.53
C ALA I 132 84.68 31.06 -17.53
N LYS I 133 83.38 31.28 -17.65
CA LYS I 133 82.84 32.62 -17.56
C LYS I 133 82.47 32.85 -16.11
N ILE I 134 82.86 33.99 -15.55
CA ILE I 134 82.71 34.20 -14.10
C ILE I 134 81.67 35.24 -13.71
N ILE I 135 80.86 34.91 -12.71
CA ILE I 135 79.98 35.91 -12.12
C ILE I 135 80.51 36.20 -10.74
N VAL I 136 80.65 37.48 -10.43
CA VAL I 136 80.92 37.86 -9.06
C VAL I 136 79.69 38.54 -8.51
N LEU I 137 79.10 37.95 -7.46
CA LEU I 137 77.99 38.60 -6.75
C LEU I 137 78.51 39.70 -5.88
N GLY I 138 77.86 40.85 -5.96
CA GLY I 138 78.22 41.97 -5.12
C GLY I 138 77.97 41.73 -3.65
N LEU I 139 78.65 42.49 -2.80
CA LEU I 139 78.45 42.36 -1.38
C LEU I 139 77.14 42.95 -0.97
N LEU I 140 76.42 42.26 -0.09
CA LEU I 140 75.08 42.71 0.33
C LEU I 140 75.14 43.59 1.56
N PRO I 141 74.12 44.42 1.77
CA PRO I 141 74.02 45.23 2.98
C PRO I 141 73.91 44.33 4.20
N ARG I 142 74.09 44.91 5.38
CA ARG I 142 74.01 44.17 6.62
C ARG I 142 73.72 45.09 7.78
N GLY I 143 73.30 44.49 8.89
CA GLY I 143 73.00 45.25 10.09
C GLY I 143 71.57 45.76 10.08
N GLU I 144 70.96 45.88 11.26
CA GLU I 144 69.56 46.29 11.29
C GLU I 144 69.40 47.69 10.75
N LYS I 145 70.18 48.62 11.29
CA LYS I 145 70.13 50.02 10.91
C LYS I 145 71.48 50.45 10.29
N PRO I 146 71.48 51.48 9.45
CA PRO I 146 72.70 51.92 8.73
C PRO I 146 73.95 51.94 9.58
N ASN I 147 75.10 51.65 8.95
CA ASN I 147 76.36 51.53 9.66
C ASN I 147 77.57 51.53 8.73
N PRO I 148 78.75 51.79 9.26
CA PRO I 148 79.97 51.84 8.45
C PRO I 148 80.19 50.64 7.53
N LEU I 149 79.59 49.50 7.83
CA LEU I 149 79.77 48.32 7.00
C LEU I 149 78.90 48.36 5.76
N ARG I 150 77.66 48.83 5.91
CA ARG I 150 76.78 49.04 4.76
C ARG I 150 77.51 49.88 3.72
N GLN I 151 78.26 50.86 4.24
CA GLN I 151 79.09 51.76 3.46
C GLN I 151 80.26 51.05 2.79
N LYS I 152 80.98 50.22 3.56
CA LYS I 152 82.18 49.54 3.08
C LYS I 152 81.85 48.64 1.88
N ASN I 153 80.95 47.69 2.09
CA ASN I 153 80.46 46.81 1.03
C ASN I 153 80.01 47.59 -0.20
N ALA I 154 79.26 48.66 0.03
CA ALA I 154 78.84 49.54 -1.03
C ALA I 154 80.03 50.00 -1.90
N LYS I 155 81.09 50.55 -1.29
CA LYS I 155 82.29 50.93 -2.01
C LYS I 155 82.87 49.76 -2.80
N VAL I 156 83.00 48.59 -2.16
CA VAL I 156 83.52 47.44 -2.86
C VAL I 156 82.76 47.23 -4.15
N ASN I 157 81.44 47.25 -4.07
CA ASN I 157 80.65 47.11 -5.29
C ASN I 157 80.97 48.18 -6.31
N GLN I 158 81.12 49.43 -5.88
CA GLN I 158 81.56 50.53 -6.75
C GLN I 158 82.75 50.14 -7.57
N LEU I 159 83.81 49.88 -6.84
CA LEU I 159 85.11 49.61 -7.36
C LEU I 159 85.04 48.47 -8.35
N LEU I 160 84.22 47.49 -8.01
CA LEU I 160 84.12 46.30 -8.83
C LEU I 160 83.42 46.57 -10.15
N LYS I 161 82.37 47.39 -10.13
CA LYS I 161 81.66 47.77 -11.35
C LYS I 161 82.63 48.42 -12.34
N VAL I 162 83.61 49.13 -11.79
CA VAL I 162 84.65 49.83 -12.54
C VAL I 162 85.73 48.88 -13.07
N SER I 163 86.25 48.06 -12.17
CA SER I 163 87.45 47.27 -12.39
C SER I 163 87.21 45.90 -13.05
N LEU I 164 85.98 45.44 -13.06
CA LEU I 164 85.74 44.12 -13.56
C LEU I 164 85.44 44.00 -15.05
N PRO I 165 84.79 44.97 -15.67
CA PRO I 165 84.71 45.02 -17.14
C PRO I 165 86.04 45.15 -17.91
N LYS I 166 87.16 45.41 -17.25
CA LYS I 166 88.42 44.98 -17.86
C LYS I 166 88.61 43.58 -17.31
N LEU I 167 89.73 42.90 -17.51
CA LEU I 167 89.82 41.49 -17.04
C LEU I 167 88.85 40.51 -17.75
N ALA I 168 89.37 39.36 -18.18
CA ALA I 168 88.66 38.49 -19.12
C ALA I 168 87.53 37.65 -18.54
N ASN I 169 86.36 37.74 -19.17
CA ASN I 169 85.23 36.90 -18.86
C ASN I 169 84.76 36.98 -17.39
N VAL I 170 84.40 38.19 -17.00
CA VAL I 170 83.80 38.43 -15.69
C VAL I 170 82.76 39.51 -15.76
N GLN I 171 81.71 39.34 -14.98
CA GLN I 171 80.82 40.43 -14.75
C GLN I 171 80.39 40.41 -13.30
N LEU I 172 80.11 41.61 -12.81
CA LEU I 172 79.56 41.77 -11.49
C LEU I 172 78.06 41.66 -11.63
N LEU I 173 77.44 40.88 -10.75
CA LEU I 173 76.00 40.91 -10.60
C LEU I 173 75.77 41.48 -9.23
N ASP I 174 75.37 42.74 -9.20
CA ASP I 174 75.02 43.40 -7.94
C ASP I 174 73.52 43.38 -7.86
N THR I 175 73.00 42.33 -7.25
CA THR I 175 71.55 42.24 -7.12
C THR I 175 71.14 43.21 -6.05
N ASP I 176 70.04 43.90 -6.25
CA ASP I 176 69.35 44.32 -5.04
C ASP I 176 67.86 44.16 -4.90
N GLY I 177 67.55 43.14 -4.12
CA GLY I 177 66.21 42.91 -3.60
C GLY I 177 66.04 43.94 -2.52
N GLY I 178 64.80 44.11 -2.07
CA GLY I 178 64.48 45.27 -1.27
C GLY I 178 64.99 45.12 0.14
N PHE I 179 66.27 44.78 0.29
CA PHE I 179 66.80 44.42 1.59
C PHE I 179 66.78 45.55 2.57
N VAL I 180 67.00 46.76 2.06
CA VAL I 180 66.84 47.93 2.89
C VAL I 180 65.59 48.73 2.46
N HIS I 181 64.71 49.00 3.40
CA HIS I 181 63.52 49.76 3.09
C HIS I 181 63.78 51.24 3.10
N SER I 182 62.71 52.03 3.00
CA SER I 182 62.85 53.47 3.05
C SER I 182 63.46 53.93 4.35
N ASP I 183 62.97 53.40 5.48
CA ASP I 183 63.48 53.81 6.78
C ASP I 183 64.89 53.28 7.00
N GLY I 184 65.41 52.60 5.99
CA GLY I 184 66.77 52.11 6.05
C GLY I 184 66.98 50.94 6.99
N ALA I 185 65.91 50.23 7.31
CA ALA I 185 66.06 49.03 8.11
C ALA I 185 65.96 47.72 7.30
N ILE I 186 66.71 46.71 7.71
CA ILE I 186 66.69 45.39 7.06
C ILE I 186 65.80 44.46 7.89
N SER I 187 64.74 43.92 7.29
CA SER I 187 63.87 43.02 8.05
C SER I 187 64.52 41.68 8.31
N CYS I 188 64.41 41.24 9.56
CA CYS I 188 64.85 39.91 9.94
C CYS I 188 64.10 38.80 9.23
N HIS I 189 63.08 39.15 8.43
CA HIS I 189 62.41 38.19 7.56
C HIS I 189 63.22 37.96 6.26
N ASP I 190 64.26 38.74 6.08
CA ASP I 190 65.09 38.72 4.90
C ASP I 190 66.47 38.33 5.32
N MET I 191 66.86 38.78 6.51
CA MET I 191 68.16 38.49 7.11
C MET I 191 67.98 38.13 8.59
N PHE I 192 68.00 36.84 8.92
CA PHE I 192 67.50 36.42 10.22
C PHE I 192 68.38 36.88 11.36
N ASP I 193 69.61 37.25 11.03
CA ASP I 193 70.51 37.83 12.01
C ASP I 193 71.15 39.08 11.44
N PHE I 194 70.43 39.68 10.49
CA PHE I 194 70.89 40.86 9.71
C PHE I 194 72.24 40.71 9.00
N LEU I 195 72.50 39.51 8.50
CA LEU I 195 73.68 39.24 7.74
C LEU I 195 73.41 38.11 6.79
N HIS I 196 73.05 36.97 7.35
CA HIS I 196 72.71 35.78 6.58
C HIS I 196 71.28 35.80 6.07
N LEU I 197 71.07 35.31 4.87
CA LEU I 197 69.72 35.36 4.35
C LEU I 197 68.87 34.19 4.81
N THR I 198 67.55 34.43 4.77
CA THR I 198 66.57 33.39 5.00
C THR I 198 66.21 32.77 3.67
N GLY I 199 65.35 31.77 3.71
CA GLY I 199 64.86 31.18 2.49
C GLY I 199 64.37 32.26 1.55
N GLY I 200 63.47 33.10 2.09
CA GLY I 200 62.93 34.23 1.35
C GLY I 200 64.04 35.02 0.70
N GLY I 201 65.04 35.39 1.50
CA GLY I 201 66.14 36.20 1.04
C GLY I 201 66.81 35.62 -0.19
N TYR I 202 67.23 34.37 -0.09
CA TYR I 202 67.99 33.79 -1.19
C TYR I 202 67.20 33.80 -2.45
N ALA I 203 65.88 33.70 -2.30
CA ALA I 203 64.94 33.72 -3.41
C ALA I 203 65.07 34.99 -4.21
N LYS I 204 65.24 36.10 -3.50
CA LYS I 204 65.47 37.40 -4.13
C LYS I 204 66.81 37.46 -4.84
N ILE I 205 67.77 36.70 -4.34
CA ILE I 205 69.08 36.67 -4.93
C ILE I 205 69.20 35.63 -6.03
N CYS I 206 68.53 34.50 -5.88
CA CYS I 206 68.82 33.38 -6.75
C CYS I 206 68.08 33.46 -8.05
N LYS I 207 66.82 33.91 -8.00
CA LYS I 207 66.03 34.13 -9.22
C LYS I 207 66.90 34.77 -10.34
N PRO I 208 67.43 35.98 -10.09
CA PRO I 208 68.28 36.65 -11.08
C PRO I 208 69.59 35.92 -11.38
N LEU I 209 70.26 35.39 -10.36
CA LEU I 209 71.52 34.69 -10.58
C LEU I 209 71.32 33.50 -11.49
N HIS I 210 70.31 32.68 -11.18
CA HIS I 210 70.05 31.49 -11.98
C HIS I 210 69.76 31.93 -13.39
N GLU I 211 68.87 32.91 -13.52
CA GLU I 211 68.50 33.48 -14.79
C GLU I 211 69.74 33.84 -15.61
N LEU I 212 70.74 34.41 -14.94
CA LEU I 212 71.98 34.78 -15.63
C LEU I 212 72.76 33.56 -16.03
N ILE I 213 73.05 32.69 -15.06
CA ILE I 213 73.79 31.49 -15.36
C ILE I 213 73.25 30.85 -16.62
N MET I 214 71.95 30.54 -16.59
CA MET I 214 71.31 29.85 -17.69
C MET I 214 71.60 30.48 -19.02
N GLN I 215 71.64 31.81 -19.04
CA GLN I 215 72.06 32.57 -20.21
C GLN I 215 73.46 32.13 -20.62
N LEU I 216 74.39 32.30 -19.69
CA LEU I 216 75.80 32.01 -19.90
C LEU I 216 76.05 30.56 -20.33
N LEU I 217 75.24 29.63 -19.83
CA LEU I 217 75.36 28.24 -20.21
C LEU I 217 74.87 28.03 -21.65
N GLU I 218 73.73 28.62 -21.97
CA GLU I 218 73.14 28.58 -23.31
C GLU I 218 74.05 29.25 -24.35
N GLU I 219 75.11 29.93 -23.92
CA GLU I 219 76.10 30.51 -24.83
C GLU I 219 76.99 29.50 -25.58
N THR I 220 77.65 28.57 -24.86
CA THR I 220 78.50 27.51 -25.50
C THR I 220 78.50 26.14 -24.78
N PRO I 221 78.17 25.04 -25.50
CA PRO I 221 77.99 23.69 -24.92
C PRO I 221 78.97 22.51 -25.30
N GLU I 222 80.03 22.78 -26.07
CA GLU I 222 81.00 21.73 -26.51
C GLU I 222 82.30 21.69 -25.65
N GLU I 223 82.23 21.00 -24.50
CA GLU I 223 83.20 21.05 -23.37
C GLU I 223 84.40 20.07 -23.48
N SER J 6 84.50 31.09 42.13
CA SER J 6 83.42 31.56 41.19
C SER J 6 83.74 31.20 39.74
N ASN J 7 82.81 30.47 39.12
CA ASN J 7 83.00 29.88 37.80
C ASN J 7 82.75 30.84 36.62
N PRO J 8 83.82 31.18 35.86
CA PRO J 8 83.72 32.09 34.71
C PRO J 8 82.59 31.83 33.71
N ALA J 9 82.31 30.56 33.40
CA ALA J 9 81.26 30.19 32.45
C ALA J 9 79.85 30.68 32.88
N ALA J 10 79.70 31.01 34.16
CA ALA J 10 78.40 31.31 34.72
C ALA J 10 78.28 32.76 35.18
N ILE J 11 79.24 33.60 34.79
CA ILE J 11 79.12 35.03 35.02
C ILE J 11 78.54 35.71 33.77
N PRO J 12 77.34 36.28 33.86
CA PRO J 12 76.68 36.89 32.70
C PRO J 12 77.53 38.02 32.16
N HIS J 13 77.41 38.26 30.86
CA HIS J 13 78.38 39.05 30.12
C HIS J 13 77.88 39.29 28.70
N ALA J 14 77.63 40.56 28.36
CA ALA J 14 77.14 40.91 27.01
C ALA J 14 78.28 40.95 25.97
N ALA J 15 78.02 40.35 24.79
CA ALA J 15 79.02 40.25 23.73
C ALA J 15 79.28 41.60 23.08
N GLU J 16 80.49 42.10 23.27
CA GLU J 16 80.94 43.36 22.66
C GLU J 16 81.01 43.23 21.15
N ASP J 17 80.41 44.18 20.44
CA ASP J 17 80.43 44.23 19.00
C ASP J 17 81.79 44.79 18.56
N ILE J 18 82.57 43.98 17.86
CA ILE J 18 83.86 44.46 17.43
C ILE J 18 83.90 44.64 15.92
N GLN J 19 82.77 44.37 15.28
CA GLN J 19 82.67 44.41 13.81
C GLN J 19 82.16 45.76 13.27
N GLY J 20 81.19 46.37 13.96
CA GLY J 20 80.68 47.67 13.57
C GLY J 20 79.19 47.81 13.28
N ASP J 21 78.52 46.71 12.94
CA ASP J 21 77.10 46.75 12.57
C ASP J 21 76.16 46.48 13.74
N ASP J 22 76.73 46.33 14.93
CA ASP J 22 75.95 46.14 16.15
C ASP J 22 74.81 45.14 15.97
N ARG J 23 75.17 43.93 15.53
CA ARG J 23 74.20 42.90 15.16
C ARG J 23 73.71 42.14 16.35
N TRP J 24 74.57 41.96 17.34
CA TRP J 24 74.21 41.15 18.49
C TRP J 24 73.09 41.81 19.27
N MET J 25 73.27 43.08 19.58
CA MET J 25 72.28 43.84 20.34
C MET J 25 71.02 43.98 19.54
N SER J 26 71.15 44.08 18.22
CA SER J 26 69.98 44.21 17.36
C SER J 26 69.05 43.06 17.63
N GLN J 27 69.61 41.86 17.64
CA GLN J 27 68.84 40.64 17.83
C GLN J 27 68.24 40.57 19.19
N HIS J 28 69.03 40.92 20.19
CA HIS J 28 68.58 40.89 21.58
C HIS J 28 67.37 41.77 21.74
N ASN J 29 67.49 42.98 21.22
CA ASN J 29 66.38 43.92 21.20
C ASN J 29 65.13 43.31 20.63
N ARG J 30 65.25 42.80 19.40
CA ARG J 30 64.15 42.15 18.72
C ARG J 30 63.41 41.19 19.63
N PHE J 31 64.18 40.43 20.40
CA PHE J 31 63.66 39.43 21.33
C PHE J 31 62.89 40.10 22.47
N VAL J 32 63.49 41.13 23.04
CA VAL J 32 62.87 41.78 24.16
C VAL J 32 61.58 42.36 23.68
N LEU J 33 61.61 42.99 22.51
CA LEU J 33 60.39 43.51 21.94
C LEU J 33 59.39 42.37 21.75
N ASP J 34 59.86 41.23 21.23
CA ASP J 34 58.98 40.06 21.13
C ASP J 34 58.42 39.64 22.48
N CYS J 35 59.21 39.81 23.53
CA CYS J 35 58.77 39.50 24.88
C CYS J 35 57.68 40.42 25.43
N LYS J 36 57.57 41.61 24.83
CA LYS J 36 56.64 42.65 25.30
C LYS J 36 55.19 42.36 24.96
N ASP J 37 54.95 41.79 23.78
CA ASP J 37 53.56 41.67 23.29
C ASP J 37 53.19 40.35 22.66
N LYS J 38 54.14 39.43 22.52
CA LYS J 38 53.77 38.04 22.16
C LYS J 38 53.45 37.25 23.42
N GLU J 39 52.99 36.02 23.26
CA GLU J 39 52.67 35.17 24.39
C GLU J 39 52.74 33.68 24.01
N PRO J 40 53.93 33.12 24.07
CA PRO J 40 54.19 31.80 23.54
C PRO J 40 53.85 30.69 24.53
N ASP J 41 53.73 29.45 24.04
CA ASP J 41 53.66 28.28 24.91
C ASP J 41 55.05 27.70 25.11
N VAL J 42 55.86 27.83 24.08
CA VAL J 42 57.16 27.21 24.07
C VAL J 42 58.21 28.25 23.74
N LEU J 43 59.36 28.15 24.40
CA LEU J 43 60.47 29.09 24.20
C LEU J 43 61.80 28.38 24.00
N PHE J 44 62.43 28.62 22.86
CA PHE J 44 63.72 28.05 22.56
C PHE J 44 64.80 29.11 22.82
N VAL J 45 65.70 28.85 23.77
CA VAL J 45 66.84 29.75 23.98
C VAL J 45 68.17 29.03 23.70
N GLY J 46 69.18 29.78 23.26
CA GLY J 46 70.48 29.19 23.04
C GLY J 46 71.30 29.77 21.93
N ASP J 47 72.15 28.92 21.36
CA ASP J 47 73.10 29.34 20.34
C ASP J 47 72.66 28.99 18.91
N SER J 48 73.62 29.02 18.00
CA SER J 48 73.40 28.69 16.59
C SER J 48 72.51 27.45 16.38
N MET J 49 72.71 26.39 17.16
CA MET J 49 71.88 25.19 16.96
C MET J 49 70.39 25.53 17.08
N VAL J 50 70.06 26.42 18.03
CA VAL J 50 68.67 26.88 18.24
C VAL J 50 68.29 27.79 17.07
N GLN J 51 69.17 28.74 16.78
CA GLN J 51 68.87 29.78 15.81
C GLN J 51 68.56 29.18 14.45
N LEU J 52 69.44 28.30 14.01
CA LEU J 52 69.40 27.76 12.66
C LEU J 52 68.20 26.86 12.46
N MET J 53 67.72 26.26 13.55
CA MET J 53 66.55 25.40 13.53
C MET J 53 65.34 26.05 12.85
N GLN J 54 65.16 27.34 13.10
CA GLN J 54 64.05 28.12 12.56
C GLN J 54 64.06 28.19 11.03
N GLN J 55 65.24 28.14 10.44
CA GLN J 55 65.36 28.42 9.01
C GLN J 55 65.04 27.20 8.14
N TYR J 56 64.80 26.09 8.79
CA TYR J 56 64.50 24.84 8.11
C TYR J 56 62.98 24.51 8.09
N GLU J 57 62.54 23.92 6.98
CA GLU J 57 61.13 23.59 6.74
C GLU J 57 60.47 22.91 7.91
N ILE J 58 61.23 22.08 8.64
CA ILE J 58 60.69 21.34 9.78
C ILE J 58 60.35 22.22 11.00
N TRP J 59 60.78 23.48 11.01
CA TRP J 59 60.32 24.37 12.06
C TRP J 59 58.88 24.77 11.86
N ARG J 60 58.51 25.17 10.64
CA ARG J 60 57.13 25.57 10.41
C ARG J 60 56.17 24.37 10.42
N GLU J 61 56.73 23.17 10.42
CA GLU J 61 55.88 21.99 10.40
C GLU J 61 55.63 21.41 11.78
N LEU J 62 56.49 21.74 12.74
CA LEU J 62 56.46 21.10 14.05
C LEU J 62 56.20 22.03 15.20
N PHE J 63 56.94 23.13 15.23
CA PHE J 63 56.95 24.02 16.37
C PHE J 63 56.19 25.28 16.11
N SER J 64 56.09 25.66 14.85
CA SER J 64 55.27 26.82 14.48
C SER J 64 53.90 26.75 15.15
N PRO J 65 53.17 25.65 14.99
CA PRO J 65 51.80 25.58 15.50
C PRO J 65 51.75 25.39 17.02
N LEU J 66 52.91 25.24 17.64
CA LEU J 66 52.93 25.13 19.08
C LEU J 66 52.94 26.48 19.75
N HIS J 67 53.04 27.53 18.94
CA HIS J 67 53.19 28.90 19.42
C HIS J 67 54.51 28.99 20.14
N ALA J 68 55.57 28.94 19.35
CA ALA J 68 56.94 28.87 19.87
C ALA J 68 57.74 30.07 19.45
N LEU J 69 58.57 30.57 20.37
CA LEU J 69 59.51 31.64 20.07
C LEU J 69 60.92 31.10 20.04
N ASN J 70 61.74 31.69 19.17
CA ASN J 70 63.12 31.26 19.07
C ASN J 70 64.10 32.37 19.45
N PHE J 71 64.73 32.26 20.61
CA PHE J 71 65.65 33.31 21.05
C PHE J 71 67.14 32.97 20.80
N GLY J 72 67.42 32.32 19.68
CA GLY J 72 68.75 31.82 19.48
C GLY J 72 69.61 32.87 18.85
N ILE J 73 70.87 32.95 19.27
CA ILE J 73 71.85 33.74 18.54
C ILE J 73 73.09 32.90 18.25
N GLY J 74 73.63 33.02 17.04
CA GLY J 74 74.80 32.26 16.64
C GLY J 74 76.06 32.64 17.42
N GLY J 75 76.84 31.62 17.78
CA GLY J 75 78.13 31.85 18.41
C GLY J 75 78.06 32.31 19.85
N ASP J 76 76.86 32.41 20.40
CA ASP J 76 76.70 32.75 21.82
C ASP J 76 77.21 31.64 22.71
N THR J 77 77.72 32.03 23.88
CA THR J 77 78.15 31.09 24.93
C THR J 77 77.19 31.15 26.09
N THR J 78 77.43 30.30 27.08
CA THR J 78 76.64 30.32 28.31
C THR J 78 76.57 31.71 28.92
N ARG J 79 77.72 32.37 29.00
CA ARG J 79 77.79 33.70 29.57
C ARG J 79 76.89 34.68 28.84
N HIS J 80 76.80 34.58 27.51
CA HIS J 80 75.93 35.48 26.75
C HIS J 80 74.46 35.17 26.96
N VAL J 81 74.10 33.90 26.82
CA VAL J 81 72.73 33.46 26.99
C VAL J 81 72.22 33.91 28.37
N LEU J 82 73.06 33.74 29.37
CA LEU J 82 72.74 34.20 30.71
C LEU J 82 72.34 35.68 30.70
N TRP J 83 73.29 36.53 30.34
CA TRP J 83 73.07 37.97 30.30
C TRP J 83 71.77 38.32 29.58
N ARG J 84 71.56 37.72 28.41
CA ARG J 84 70.34 37.91 27.63
C ARG J 84 69.10 37.65 28.47
N LEU J 85 69.07 36.49 29.13
CA LEU J 85 67.94 36.08 29.96
C LEU J 85 67.83 37.02 31.16
N LYS J 86 68.97 37.35 31.76
CA LYS J 86 69.01 38.29 32.88
C LYS J 86 68.43 39.66 32.50
N ASN J 87 68.71 40.12 31.28
CA ASN J 87 68.27 41.44 30.86
C ASN J 87 67.03 41.46 29.98
N GLY J 88 66.08 40.62 30.35
CA GLY J 88 64.71 40.83 29.93
C GLY J 88 64.11 39.94 28.84
N GLU J 89 64.75 38.83 28.56
CA GLU J 89 64.19 37.92 27.61
C GLU J 89 63.32 36.94 28.39
N LEU J 90 63.09 37.25 29.65
CA LEU J 90 62.29 36.37 30.48
C LEU J 90 61.16 37.09 31.16
N GLU J 91 60.75 38.23 30.62
CA GLU J 91 59.69 39.08 31.22
C GLU J 91 58.38 39.00 30.46
N ASN J 92 57.27 39.07 31.20
CA ASN J 92 55.92 39.11 30.62
C ASN J 92 55.44 37.79 30.06
N ILE J 93 56.27 37.12 29.30
CA ILE J 93 55.94 35.82 28.76
C ILE J 93 55.81 34.80 29.90
N LYS J 94 55.00 33.77 29.69
CA LYS J 94 54.88 32.65 30.64
C LYS J 94 54.80 31.34 29.87
N PRO J 95 55.87 30.99 29.15
CA PRO J 95 55.94 29.74 28.37
C PRO J 95 55.69 28.53 29.23
N LYS J 96 55.10 27.50 28.65
CA LYS J 96 54.80 26.27 29.38
C LYS J 96 56.05 25.42 29.37
N VAL J 97 56.77 25.46 28.27
CA VAL J 97 58.03 24.74 28.15
C VAL J 97 59.13 25.61 27.60
N ILE J 98 60.34 25.43 28.14
CA ILE J 98 61.51 26.16 27.69
C ILE J 98 62.56 25.16 27.27
N VAL J 99 63.10 25.33 26.08
CA VAL J 99 64.14 24.45 25.55
C VAL J 99 65.48 25.21 25.58
N VAL J 100 66.45 24.66 26.29
CA VAL J 100 67.74 25.32 26.36
C VAL J 100 68.71 24.52 25.56
N TRP J 101 69.49 25.19 24.73
CA TRP J 101 70.54 24.51 23.99
C TRP J 101 71.75 25.41 23.79
N VAL J 102 72.70 25.30 24.72
CA VAL J 102 73.90 26.12 24.68
C VAL J 102 75.11 25.34 25.13
N GLY J 103 76.29 25.70 24.61
CA GLY J 103 77.52 25.29 25.25
C GLY J 103 78.63 24.97 24.28
N THR J 104 78.23 24.46 23.13
CA THR J 104 79.22 23.95 22.20
C THR J 104 80.16 25.05 21.70
N ASN J 105 79.81 26.30 21.98
CA ASN J 105 80.60 27.46 21.57
C ASN J 105 81.55 27.87 22.68
N ASN J 106 81.48 27.18 23.80
CA ASN J 106 82.24 27.58 24.96
C ASN J 106 83.66 27.03 24.99
N HIS J 107 84.39 27.21 23.90
CA HIS J 107 85.85 27.07 23.93
C HIS J 107 86.32 28.03 25.02
N GLU J 108 87.48 27.79 25.65
CA GLU J 108 87.91 28.69 26.72
C GLU J 108 87.38 28.27 28.10
N ASN J 109 86.48 27.30 28.14
CA ASN J 109 86.04 26.74 29.42
C ASN J 109 86.20 25.24 29.43
N THR J 110 86.59 24.70 30.58
CA THR J 110 86.63 23.26 30.81
C THR J 110 85.19 22.73 30.81
N ALA J 111 85.04 21.46 30.45
CA ALA J 111 83.72 20.84 30.39
C ALA J 111 82.94 21.12 31.68
N GLU J 112 83.63 20.95 32.80
CA GLU J 112 83.08 21.13 34.13
C GLU J 112 82.44 22.51 34.25
N GLU J 113 83.23 23.55 33.96
CA GLU J 113 82.75 24.92 34.00
C GLU J 113 81.49 25.10 33.15
N VAL J 114 81.54 24.58 31.93
CA VAL J 114 80.43 24.68 30.99
C VAL J 114 79.14 24.10 31.56
N ALA J 115 79.25 22.91 32.18
CA ALA J 115 78.09 22.31 32.82
C ALA J 115 77.56 23.27 33.89
N GLY J 116 78.47 23.85 34.65
CA GLY J 116 78.12 24.86 35.62
C GLY J 116 77.31 25.96 34.97
N GLY J 117 77.77 26.43 33.81
CA GLY J 117 77.07 27.47 33.06
C GLY J 117 75.61 27.13 32.77
N ILE J 118 75.38 26.03 32.07
CA ILE J 118 74.02 25.58 31.80
C ILE J 118 73.24 25.52 33.10
N GLU J 119 73.79 24.82 34.09
CA GLU J 119 73.16 24.72 35.41
C GLU J 119 72.65 26.10 35.88
N ALA J 120 73.53 27.10 35.83
CA ALA J 120 73.17 28.45 36.24
C ALA J 120 72.01 29.01 35.40
N ILE J 121 72.07 28.81 34.08
CA ILE J 121 70.97 29.25 33.23
C ILE J 121 69.68 28.58 33.71
N VAL J 122 69.72 27.27 33.92
CA VAL J 122 68.55 26.52 34.38
C VAL J 122 68.03 27.17 35.66
N GLN J 123 68.93 27.37 36.62
CA GLN J 123 68.60 27.99 37.90
C GLN J 123 67.83 29.28 37.68
N LEU J 124 68.38 30.14 36.84
CA LEU J 124 67.78 31.42 36.56
C LEU J 124 66.39 31.24 35.98
N ILE J 125 66.26 30.37 35.00
CA ILE J 125 64.96 30.19 34.36
C ILE J 125 63.91 29.78 35.38
N ASN J 126 64.14 28.73 36.15
CA ASN J 126 63.09 28.33 37.08
C ASN J 126 63.02 29.25 38.29
N THR J 127 63.80 30.34 38.26
CA THR J 127 63.62 31.41 39.25
C THR J 127 62.60 32.38 38.70
N ARG J 128 62.88 32.92 37.51
CA ARG J 128 61.97 33.85 36.86
C ARG J 128 60.73 33.20 36.26
N GLN J 129 60.80 31.89 36.02
CA GLN J 129 59.72 31.16 35.34
C GLN J 129 59.34 29.84 36.03
N PRO J 130 58.92 29.91 37.29
CA PRO J 130 58.74 28.70 38.10
C PRO J 130 57.74 27.67 37.54
N GLN J 131 56.81 28.11 36.70
CA GLN J 131 55.81 27.21 36.13
C GLN J 131 56.31 26.42 34.91
N ALA J 132 57.42 26.87 34.34
CA ALA J 132 57.91 26.30 33.07
C ALA J 132 58.68 25.03 33.29
N LYS J 133 58.39 24.05 32.44
CA LYS J 133 59.07 22.78 32.47
C LYS J 133 60.20 22.90 31.45
N ILE J 134 61.43 22.55 31.84
CA ILE J 134 62.60 22.83 31.00
C ILE J 134 63.22 21.60 30.38
N ILE J 135 63.54 21.70 29.09
CA ILE J 135 64.27 20.69 28.37
C ILE J 135 65.65 21.24 28.07
N VAL J 136 66.69 20.51 28.45
CA VAL J 136 68.02 20.90 28.02
C VAL J 136 68.51 19.90 26.99
N LEU J 137 68.77 20.37 25.77
CA LEU J 137 69.33 19.50 24.77
C LEU J 137 70.82 19.37 24.99
N GLY J 138 71.29 18.12 24.92
CA GLY J 138 72.70 17.83 25.12
C GLY J 138 73.55 18.38 23.99
N LEU J 139 74.83 18.58 24.27
CA LEU J 139 75.77 19.02 23.26
C LEU J 139 76.04 17.89 22.24
N LEU J 140 76.05 18.25 20.96
CA LEU J 140 76.26 17.30 19.88
C LEU J 140 77.73 17.14 19.55
N PRO J 141 78.13 15.98 19.02
CA PRO J 141 79.49 15.81 18.51
C PRO J 141 79.78 16.79 17.39
N ARG J 142 81.05 16.98 17.06
CA ARG J 142 81.45 17.89 15.99
C ARG J 142 82.77 17.47 15.39
N GLY J 143 83.08 17.97 14.21
CA GLY J 143 84.35 17.67 13.56
C GLY J 143 84.22 16.43 12.71
N GLU J 144 84.99 16.36 11.63
CA GLU J 144 84.85 15.23 10.74
C GLU J 144 85.31 13.97 11.43
N LYS J 145 86.49 14.03 12.04
CA LYS J 145 87.12 12.90 12.68
C LYS J 145 87.31 13.22 14.17
N PRO J 146 87.33 12.20 15.05
CA PRO J 146 87.45 12.39 16.50
C PRO J 146 88.46 13.43 16.94
N ASN J 147 88.19 14.09 18.06
CA ASN J 147 89.00 15.20 18.52
C ASN J 147 88.65 15.65 19.93
N PRO J 148 89.52 16.44 20.57
CA PRO J 148 89.28 17.03 21.89
C PRO J 148 87.88 17.55 22.20
N LEU J 149 87.20 18.11 21.21
CA LEU J 149 85.90 18.71 21.45
C LEU J 149 84.80 17.67 21.53
N ARG J 150 84.85 16.65 20.68
CA ARG J 150 83.88 15.55 20.76
C ARG J 150 83.87 15.01 22.17
N GLN J 151 85.06 14.98 22.76
CA GLN J 151 85.24 14.58 24.15
C GLN J 151 84.67 15.60 25.14
N LYS J 152 84.94 16.89 24.93
CA LYS J 152 84.50 17.89 25.87
C LYS J 152 82.99 17.88 25.99
N ASN J 153 82.31 18.04 24.85
CA ASN J 153 80.86 18.04 24.82
C ASN J 153 80.32 16.78 25.51
N ALA J 154 80.96 15.65 25.24
CA ALA J 154 80.60 14.39 25.87
C ALA J 154 80.55 14.54 27.40
N LYS J 155 81.65 15.03 27.99
CA LYS J 155 81.70 15.20 29.44
C LYS J 155 80.56 16.09 29.92
N VAL J 156 80.35 17.21 29.24
CA VAL J 156 79.24 18.09 29.61
C VAL J 156 77.98 17.29 29.77
N ASN J 157 77.62 16.54 28.74
CA ASN J 157 76.45 15.69 28.82
C ASN J 157 76.47 14.77 30.03
N GLN J 158 77.63 14.15 30.30
CA GLN J 158 77.82 13.32 31.50
C GLN J 158 77.36 14.05 32.74
N LEU J 159 78.01 15.19 32.98
CA LEU J 159 77.81 15.98 34.18
C LEU J 159 76.37 16.41 34.33
N LEU J 160 75.75 16.72 33.20
CA LEU J 160 74.37 17.17 33.18
C LEU J 160 73.38 16.07 33.54
N LYS J 161 73.59 14.86 33.01
CA LYS J 161 72.70 13.74 33.36
C LYS J 161 72.68 13.53 34.88
N VAL J 162 73.81 13.81 35.52
CA VAL J 162 73.94 13.66 36.97
C VAL J 162 73.35 14.84 37.74
N SER J 163 73.68 16.05 37.31
CA SER J 163 73.34 17.28 38.07
C SER J 163 71.94 17.85 37.80
N LEU J 164 71.32 17.46 36.68
CA LEU J 164 70.02 18.03 36.31
C LEU J 164 68.78 17.38 36.95
N PRO J 165 68.79 16.08 37.27
CA PRO J 165 67.69 15.49 38.05
C PRO J 165 67.59 15.98 39.50
N LYS J 166 68.58 16.72 40.01
CA LYS J 166 68.32 17.59 41.16
C LYS J 166 67.74 18.81 40.50
N LEU J 167 67.50 19.93 41.19
CA LEU J 167 66.98 21.14 40.51
C LEU J 167 65.61 20.95 39.83
N ALA J 168 64.72 21.92 40.01
CA ALA J 168 63.29 21.73 39.72
C ALA J 168 62.87 21.87 38.24
N ASN J 169 62.00 20.96 37.79
CA ASN J 169 61.48 20.90 36.42
C ASN J 169 62.53 21.02 35.33
N VAL J 170 63.48 20.10 35.31
CA VAL J 170 64.43 20.04 34.20
C VAL J 170 64.71 18.62 33.85
N GLN J 171 64.87 18.37 32.56
CA GLN J 171 65.42 17.14 32.13
C GLN J 171 66.34 17.37 30.96
N LEU J 172 67.36 16.54 30.90
CA LEU J 172 68.28 16.59 29.81
C LEU J 172 67.75 15.63 28.73
N LEU J 173 67.72 16.10 27.49
CA LEU J 173 67.46 15.22 26.36
C LEU J 173 68.74 15.15 25.55
N ASP J 174 69.47 14.04 25.74
CA ASP J 174 70.66 13.76 24.96
C ASP J 174 70.22 12.91 23.78
N THR J 175 69.90 13.58 22.68
CA THR J 175 69.62 12.92 21.42
C THR J 175 70.90 12.26 20.94
N ASP J 176 70.81 11.02 20.47
CA ASP J 176 71.79 10.60 19.47
C ASP J 176 71.24 9.91 18.24
N GLY J 177 71.04 10.72 17.20
CA GLY J 177 70.97 10.27 15.82
C GLY J 177 72.36 9.79 15.39
N GLY J 178 72.41 9.07 14.27
CA GLY J 178 73.63 8.36 13.91
C GLY J 178 74.72 9.30 13.42
N PHE J 179 74.98 10.36 14.19
CA PHE J 179 75.86 11.42 13.76
C PHE J 179 77.30 10.96 13.56
N VAL J 180 77.75 10.06 14.44
CA VAL J 180 79.03 9.39 14.25
C VAL J 180 78.82 7.94 13.84
N HIS J 181 79.48 7.53 12.76
CA HIS J 181 79.39 6.14 12.33
C HIS J 181 80.39 5.25 13.05
N SER J 182 80.50 4.01 12.58
CA SER J 182 81.46 3.07 13.13
C SER J 182 82.89 3.61 13.02
N ASP J 183 83.25 4.10 11.83
CA ASP J 183 84.58 4.64 11.56
C ASP J 183 84.84 5.93 12.31
N GLY J 184 83.82 6.40 13.02
CA GLY J 184 83.95 7.60 13.82
C GLY J 184 83.92 8.90 13.02
N ALA J 185 83.38 8.85 11.80
CA ALA J 185 83.26 10.02 10.94
C ALA J 185 81.85 10.60 10.99
N ILE J 186 81.75 11.93 10.94
CA ILE J 186 80.47 12.62 10.80
C ILE J 186 80.25 12.99 9.34
N SER J 187 79.16 12.53 8.75
CA SER J 187 78.90 12.83 7.35
C SER J 187 78.40 14.26 7.19
N CYS J 188 78.96 14.94 6.20
CA CYS J 188 78.56 16.29 5.87
C CYS J 188 77.16 16.34 5.32
N HIS J 189 76.52 15.19 5.16
CA HIS J 189 75.09 15.16 4.87
C HIS J 189 74.24 15.34 6.12
N ASP J 190 74.90 15.34 7.27
CA ASP J 190 74.25 15.48 8.57
C ASP J 190 74.74 16.75 9.20
N MET J 191 75.98 17.11 8.92
CA MET J 191 76.54 18.38 9.37
C MET J 191 77.38 19.03 8.27
N PHE J 192 76.82 20.04 7.64
CA PHE J 192 77.37 20.46 6.37
C PHE J 192 78.72 21.11 6.54
N ASP J 193 79.05 21.46 7.77
CA ASP J 193 80.36 22.03 8.04
C ASP J 193 80.93 21.37 9.28
N PHE J 194 80.39 20.19 9.58
CA PHE J 194 80.82 19.34 10.71
C PHE J 194 80.55 19.98 12.05
N LEU J 195 79.50 20.80 12.09
CA LEU J 195 79.08 21.45 13.32
C LEU J 195 77.62 21.77 13.27
N HIS J 196 77.21 22.52 12.25
CA HIS J 196 75.82 22.90 12.08
C HIS J 196 75.06 21.83 11.31
N LEU J 197 73.81 21.63 11.70
CA LEU J 197 73.03 20.56 11.11
C LEU J 197 72.44 20.93 9.76
N THR J 198 72.19 19.93 8.94
CA THR J 198 71.44 20.12 7.70
C THR J 198 69.96 19.88 7.99
N GLY J 199 69.13 20.09 6.97
CA GLY J 199 67.72 19.73 7.07
C GLY J 199 67.53 18.34 7.65
N GLY J 200 68.15 17.36 7.01
CA GLY J 200 68.16 15.99 7.48
C GLY J 200 68.56 15.87 8.95
N GLY J 201 69.64 16.54 9.32
CA GLY J 201 70.16 16.51 10.67
C GLY J 201 69.11 16.90 11.67
N TYR J 202 68.53 18.08 11.48
CA TYR J 202 67.57 18.59 12.45
C TYR J 202 66.41 17.65 12.61
N ALA J 203 66.06 16.97 11.52
CA ALA J 203 65.00 15.98 11.57
C ALA J 203 65.26 14.87 12.59
N LYS J 204 66.53 14.44 12.68
CA LYS J 204 66.94 13.41 13.65
C LYS J 204 66.79 13.95 15.06
N ILE J 205 67.02 15.25 15.21
CA ILE J 205 66.97 15.90 16.50
C ILE J 205 65.55 16.27 16.89
N CYS J 206 64.79 16.75 15.90
CA CYS J 206 63.50 17.39 16.15
C CYS J 206 62.42 16.39 16.49
N LYS J 207 62.35 15.33 15.70
CA LYS J 207 61.36 14.28 15.91
C LYS J 207 61.20 13.97 17.41
N PRO J 208 62.26 13.50 18.07
CA PRO J 208 62.19 13.21 19.51
C PRO J 208 61.92 14.46 20.37
N LEU J 209 62.55 15.59 20.05
CA LEU J 209 62.32 16.78 20.87
C LEU J 209 60.86 17.18 20.84
N HIS J 210 60.28 17.19 19.64
CA HIS J 210 58.88 17.56 19.46
C HIS J 210 58.02 16.64 20.25
N GLU J 211 58.25 15.34 20.03
CA GLU J 211 57.51 14.31 20.71
C GLU J 211 57.57 14.49 22.23
N LEU J 212 58.70 14.96 22.75
CA LEU J 212 58.78 15.22 24.18
C LEU J 212 57.97 16.41 24.56
N ILE J 213 58.19 17.53 23.89
CA ILE J 213 57.45 18.77 24.16
C ILE J 213 55.94 18.46 24.26
N MET J 214 55.39 17.87 23.21
CA MET J 214 53.98 17.51 23.16
C MET J 214 53.50 16.82 24.43
N GLN J 215 54.33 15.90 24.94
CA GLN J 215 54.09 15.18 26.20
C GLN J 215 53.93 16.20 27.32
N LEU J 216 55.00 16.95 27.54
CA LEU J 216 55.08 18.00 28.54
C LEU J 216 53.91 18.99 28.47
N LEU J 217 53.49 19.35 27.25
CA LEU J 217 52.37 20.25 27.01
C LEU J 217 51.06 19.60 27.46
N GLU J 218 50.86 18.36 27.02
CA GLU J 218 49.68 17.58 27.37
C GLU J 218 49.57 17.30 28.88
N GLU J 219 50.60 17.64 29.66
CA GLU J 219 50.56 17.47 31.11
C GLU J 219 49.66 18.47 31.85
N THR J 220 49.78 19.77 31.53
CA THR J 220 48.93 20.82 32.17
C THR J 220 48.63 22.04 31.28
N PRO J 221 47.33 22.30 30.99
CA PRO J 221 46.92 23.42 30.11
C PRO J 221 46.12 24.69 30.64
N GLU J 222 45.93 24.88 31.96
CA GLU J 222 45.29 26.13 32.46
C GLU J 222 46.27 27.22 33.00
N GLU J 223 46.75 28.06 32.08
CA GLU J 223 47.89 28.97 32.28
C GLU J 223 47.50 30.42 32.61
N LYS K 92 53.44 -13.09 -22.67
CA LYS K 92 53.72 -12.78 -21.23
C LYS K 92 54.09 -11.30 -21.00
N GLU K 93 53.14 -10.44 -21.37
CA GLU K 93 53.31 -8.97 -21.33
C GLU K 93 53.73 -8.46 -19.94
N TRP K 94 54.19 -7.20 -19.84
CA TRP K 94 54.62 -6.71 -18.52
C TRP K 94 54.28 -5.29 -18.04
N ILE K 95 54.17 -5.21 -16.71
CA ILE K 95 53.84 -4.00 -15.94
C ILE K 95 55.11 -3.27 -15.41
N PRO K 96 55.39 -2.10 -15.98
CA PRO K 96 56.59 -1.35 -15.64
C PRO K 96 56.49 -0.27 -14.54
N ARG K 97 55.32 -0.12 -13.88
CA ARG K 97 54.89 1.18 -13.29
C ARG K 97 54.70 1.35 -11.73
N PRO K 98 53.48 1.20 -11.23
CA PRO K 98 52.89 1.96 -10.09
C PRO K 98 53.59 3.17 -9.37
N PRO K 99 53.24 3.43 -8.10
CA PRO K 99 54.12 4.10 -7.13
C PRO K 99 54.97 3.12 -6.29
N GLU K 100 56.25 3.48 -6.11
CA GLU K 100 57.27 2.61 -5.53
C GLU K 100 56.76 1.73 -4.41
N LYS K 101 56.99 0.43 -4.55
CA LYS K 101 56.48 -0.44 -3.51
C LYS K 101 57.53 -1.00 -2.55
N TYR K 102 58.73 -0.42 -2.61
CA TYR K 102 59.78 -0.62 -1.60
C TYR K 102 60.83 0.46 -1.79
N ALA K 103 61.10 1.21 -0.72
CA ALA K 103 62.19 2.20 -0.75
C ALA K 103 63.26 1.89 0.30
N LEU K 104 64.42 1.44 -0.17
CA LEU K 104 65.45 0.95 0.72
C LEU K 104 66.50 2.00 1.00
N SER K 105 66.51 2.48 2.25
CA SER K 105 67.54 3.41 2.71
C SER K 105 68.67 2.66 3.43
N GLY K 106 69.87 3.20 3.41
CA GLY K 106 70.96 2.55 4.11
C GLY K 106 72.36 3.02 3.73
N HIS K 107 72.58 3.23 2.44
CA HIS K 107 73.85 3.79 1.99
C HIS K 107 74.01 5.18 2.59
N ARG K 108 75.23 5.68 2.60
CA ARG K 108 75.54 6.97 3.20
C ARG K 108 75.86 8.02 2.15
N SER K 109 75.55 7.72 0.89
CA SER K 109 76.12 8.42 -0.26
C SER K 109 75.45 7.94 -1.54
N PRO K 110 75.40 8.78 -2.58
CA PRO K 110 74.79 8.42 -3.86
C PRO K 110 74.97 6.94 -4.25
N VAL K 111 73.92 6.38 -4.83
CA VAL K 111 73.93 5.02 -5.34
C VAL K 111 74.43 5.10 -6.78
N THR K 112 75.26 4.14 -7.18
CA THR K 112 75.94 4.21 -8.45
C THR K 112 75.41 3.24 -9.47
N ARG K 113 75.09 2.03 -9.02
CA ARG K 113 74.59 1.00 -9.91
C ARG K 113 73.65 0.12 -9.12
N VAL K 114 72.66 -0.41 -9.82
CA VAL K 114 71.75 -1.39 -9.22
C VAL K 114 71.81 -2.67 -10.08
N ILE K 115 71.71 -3.83 -9.45
CA ILE K 115 71.86 -5.06 -10.19
C ILE K 115 71.02 -6.19 -9.60
N PHE K 116 70.49 -7.03 -10.47
CA PHE K 116 69.69 -8.16 -10.06
C PHE K 116 70.58 -9.39 -10.07
N HIS K 117 70.41 -10.25 -9.08
CA HIS K 117 71.08 -11.54 -9.06
C HIS K 117 70.39 -12.49 -10.03
N PRO K 118 71.17 -13.22 -10.82
CA PRO K 118 70.60 -14.13 -11.83
C PRO K 118 69.77 -15.30 -11.29
N VAL K 119 69.90 -15.64 -10.01
CA VAL K 119 69.21 -16.82 -9.48
C VAL K 119 68.38 -16.53 -8.22
N PHE K 120 69.03 -16.03 -7.18
CA PHE K 120 68.38 -15.77 -5.89
C PHE K 120 67.49 -14.53 -5.95
N SER K 121 66.51 -14.47 -5.04
CA SER K 121 65.55 -13.36 -4.96
C SER K 121 66.16 -12.10 -4.35
N VAL K 122 67.36 -11.76 -4.80
CA VAL K 122 68.20 -10.81 -4.12
C VAL K 122 68.72 -9.80 -5.13
N MET K 123 68.97 -8.58 -4.69
CA MET K 123 69.48 -7.54 -5.58
C MET K 123 70.60 -6.71 -4.92
N VAL K 124 71.56 -6.26 -5.72
CA VAL K 124 72.78 -5.63 -5.22
C VAL K 124 72.88 -4.18 -5.66
N SER K 125 73.45 -3.34 -4.80
CA SER K 125 73.63 -1.92 -5.06
C SER K 125 75.05 -1.46 -4.70
N ALA K 126 75.59 -0.54 -5.49
CA ALA K 126 76.92 0.06 -5.29
C ALA K 126 76.74 1.51 -4.97
N SER K 127 77.71 2.09 -4.29
CA SER K 127 77.61 3.50 -3.89
C SER K 127 78.96 4.17 -3.81
N GLU K 128 78.92 5.50 -3.61
CA GLU K 128 80.11 6.30 -3.28
C GLU K 128 80.49 6.07 -1.82
N ASP K 129 80.08 4.90 -1.30
CA ASP K 129 80.04 4.64 0.13
C ASP K 129 81.35 4.37 0.91
N ALA K 130 82.34 3.64 0.37
CA ALA K 130 82.30 2.91 -0.88
C ALA K 130 82.02 1.46 -0.56
N THR K 131 80.75 1.12 -0.67
CA THR K 131 80.26 -0.18 -0.23
C THR K 131 79.32 -0.81 -1.22
N ILE K 132 79.39 -2.12 -1.34
CA ILE K 132 78.37 -2.86 -2.03
C ILE K 132 77.39 -3.38 -0.97
N LYS K 133 76.09 -3.20 -1.21
CA LYS K 133 75.07 -3.68 -0.28
C LYS K 133 74.09 -4.65 -0.96
N VAL K 134 73.59 -5.62 -0.20
CA VAL K 134 72.63 -6.62 -0.72
C VAL K 134 71.27 -6.64 -0.02
N TRP K 135 70.21 -6.49 -0.82
CA TRP K 135 68.79 -6.60 -0.41
C TRP K 135 68.41 -7.79 -1.28
N ASP K 136 67.58 -8.78 -0.92
CA ASP K 136 66.11 -8.81 -0.76
C ASP K 136 65.08 -7.86 -1.40
N TYR K 137 64.85 -8.00 -2.72
CA TYR K 137 63.84 -7.16 -3.37
C TYR K 137 62.39 -7.57 -3.10
N GLU K 138 62.18 -8.84 -2.76
CA GLU K 138 60.85 -9.33 -2.40
C GLU K 138 60.38 -8.80 -1.04
N THR K 139 61.33 -8.60 -0.12
CA THR K 139 61.08 -8.16 1.24
C THR K 139 61.74 -6.86 1.63
N GLY K 140 62.94 -6.62 1.11
CA GLY K 140 63.76 -5.51 1.55
C GLY K 140 64.36 -5.77 2.92
N ASP K 141 65.60 -6.25 2.98
CA ASP K 141 66.30 -6.44 4.24
C ASP K 141 67.80 -6.27 4.01
N PHE K 142 68.46 -5.51 4.89
CA PHE K 142 69.86 -5.04 4.69
C PHE K 142 70.85 -6.19 4.54
N GLU K 143 70.30 -7.40 4.36
CA GLU K 143 71.04 -8.68 4.22
C GLU K 143 72.54 -8.68 4.55
N ARG K 144 73.36 -8.15 3.65
CA ARG K 144 74.78 -8.02 3.92
C ARG K 144 75.34 -6.71 3.41
N THR K 145 76.53 -6.36 3.89
CA THR K 145 77.32 -5.31 3.24
C THR K 145 78.72 -5.81 2.92
N LEU K 146 79.24 -5.35 1.78
CA LEU K 146 80.54 -5.78 1.27
C LEU K 146 81.51 -4.62 1.33
N LYS K 147 82.47 -4.71 2.25
CA LYS K 147 83.40 -3.61 2.46
C LYS K 147 84.77 -3.96 1.90
N GLY K 148 85.54 -2.94 1.55
CA GLY K 148 86.92 -3.17 1.18
C GLY K 148 87.46 -2.33 0.05
N HIS K 149 86.63 -1.44 -0.48
CA HIS K 149 87.11 -0.49 -1.46
C HIS K 149 87.55 0.76 -0.74
N THR K 150 88.52 1.47 -1.31
CA THR K 150 88.97 2.73 -0.74
C THR K 150 88.04 3.92 -1.03
N ASP K 151 87.64 4.13 -2.29
CA ASP K 151 87.08 5.43 -2.64
C ASP K 151 85.66 5.52 -3.17
N SER K 152 85.26 4.63 -4.07
CA SER K 152 83.90 4.75 -4.62
C SER K 152 83.63 3.52 -5.36
N VAL K 153 82.39 3.04 -5.34
CA VAL K 153 82.09 1.87 -6.17
C VAL K 153 81.26 2.32 -7.34
N GLN K 154 81.83 2.24 -8.54
CA GLN K 154 81.15 2.75 -9.71
C GLN K 154 80.37 1.71 -10.54
N ASP K 155 80.84 0.47 -10.58
CA ASP K 155 80.06 -0.52 -11.28
C ASP K 155 80.08 -1.84 -10.57
N ILE K 156 79.14 -2.70 -10.97
CA ILE K 156 79.01 -4.03 -10.42
C ILE K 156 78.58 -4.95 -11.56
N SER K 157 78.99 -6.22 -11.50
CA SER K 157 78.58 -7.16 -12.53
C SER K 157 78.70 -8.59 -12.03
N PHE K 158 77.59 -9.33 -12.10
CA PHE K 158 77.57 -10.72 -11.71
C PHE K 158 78.01 -11.58 -12.90
N ASP K 159 78.63 -12.72 -12.59
CA ASP K 159 78.97 -13.74 -13.59
C ASP K 159 77.70 -14.52 -13.91
N HIS K 160 77.73 -15.41 -14.88
CA HIS K 160 76.51 -16.14 -15.24
C HIS K 160 75.91 -16.94 -14.06
N SER K 161 76.78 -17.60 -13.31
CA SER K 161 76.38 -18.49 -12.20
C SER K 161 75.75 -17.76 -11.03
N GLY K 162 76.09 -16.48 -10.87
CA GLY K 162 75.69 -15.70 -9.70
C GLY K 162 76.52 -16.10 -8.49
N LYS K 163 77.76 -16.49 -8.76
CA LYS K 163 78.68 -16.99 -7.74
C LYS K 163 79.88 -16.06 -7.59
N LEU K 164 80.13 -15.27 -8.62
CA LEU K 164 81.20 -14.28 -8.60
C LEU K 164 80.64 -12.89 -8.90
N LEU K 165 81.12 -11.89 -8.18
CA LEU K 165 80.67 -10.52 -8.39
C LEU K 165 81.87 -9.62 -8.55
N ALA K 166 81.93 -8.88 -9.66
CA ALA K 166 83.04 -7.96 -9.86
C ALA K 166 82.59 -6.55 -9.49
N SER K 167 83.50 -5.77 -8.91
CA SER K 167 83.21 -4.38 -8.58
C SER K 167 84.25 -3.45 -9.15
N CYS K 168 83.93 -2.17 -9.14
CA CYS K 168 84.69 -1.11 -9.80
C CYS K 168 84.80 0.08 -8.86
N SER K 169 85.94 0.75 -8.86
CA SER K 169 86.07 1.88 -7.94
C SER K 169 86.98 3.00 -8.41
N ALA K 170 86.90 4.10 -7.68
CA ALA K 170 87.85 5.18 -7.87
C ALA K 170 89.15 4.90 -7.14
N ASP K 171 89.33 3.71 -6.57
CA ASP K 171 90.69 3.38 -6.14
C ASP K 171 91.51 2.83 -7.29
N MET K 172 90.84 2.54 -8.41
CA MET K 172 91.51 2.08 -9.62
C MET K 172 91.71 0.55 -9.53
N THR K 173 90.87 -0.03 -8.70
CA THR K 173 90.92 -1.43 -8.34
C THR K 173 89.81 -2.16 -9.06
N ILE K 174 89.87 -3.48 -9.12
CA ILE K 174 88.72 -4.23 -9.61
C ILE K 174 88.56 -5.46 -8.71
N LYS K 175 87.84 -5.29 -7.61
CA LYS K 175 87.68 -6.40 -6.67
C LYS K 175 86.74 -7.49 -7.20
N LEU K 176 87.20 -8.73 -7.06
CA LEU K 176 86.44 -9.90 -7.43
C LEU K 176 85.92 -10.51 -6.14
N TRP K 177 84.61 -10.70 -6.03
CA TRP K 177 83.98 -11.17 -4.80
C TRP K 177 83.34 -12.55 -4.96
N ASP K 178 83.37 -13.30 -3.87
CA ASP K 178 82.79 -14.65 -3.82
C ASP K 178 81.41 -14.57 -3.13
N PHE K 179 80.39 -15.10 -3.81
CA PHE K 179 79.03 -15.12 -3.27
C PHE K 179 78.65 -16.45 -2.55
N GLN K 180 79.66 -17.19 -2.07
CA GLN K 180 79.47 -18.11 -0.96
C GLN K 180 79.15 -17.20 0.22
N GLY K 181 79.32 -15.91 -0.04
CA GLY K 181 78.69 -14.86 0.73
C GLY K 181 79.60 -13.71 1.07
N PHE K 182 80.84 -14.03 1.40
CA PHE K 182 81.68 -12.99 1.95
C PHE K 182 82.87 -12.55 1.12
N GLU K 183 83.97 -13.28 1.30
CA GLU K 183 85.32 -12.76 1.03
C GLU K 183 85.52 -12.21 -0.37
N CYS K 184 86.36 -11.16 -0.45
CA CYS K 184 86.95 -10.77 -1.71
C CYS K 184 87.97 -11.85 -2.08
N ILE K 185 88.18 -12.05 -3.38
CA ILE K 185 89.12 -13.09 -3.79
C ILE K 185 90.37 -12.47 -4.35
N ARG K 186 90.23 -11.57 -5.33
CA ARG K 186 91.39 -10.90 -5.89
C ARG K 186 91.14 -9.41 -5.92
N THR K 187 92.23 -8.66 -5.96
CA THR K 187 92.16 -7.24 -6.26
C THR K 187 93.03 -7.04 -7.49
N MET K 188 92.50 -6.36 -8.49
CA MET K 188 93.21 -6.27 -9.78
C MET K 188 93.66 -4.85 -10.07
N HIS K 189 94.96 -4.67 -10.28
CA HIS K 189 95.55 -3.35 -10.47
C HIS K 189 96.06 -3.15 -11.87
N GLY K 190 95.73 -2.00 -12.47
CA GLY K 190 96.21 -1.70 -13.80
C GLY K 190 95.97 -0.26 -14.18
N HIS K 191 94.70 0.06 -14.37
CA HIS K 191 94.24 1.43 -14.61
C HIS K 191 94.95 2.48 -13.77
N ASP K 192 95.31 3.62 -14.38
CA ASP K 192 95.97 4.73 -13.69
C ASP K 192 94.99 5.76 -13.15
N HIS K 193 93.70 5.56 -13.37
CA HIS K 193 92.69 6.48 -12.87
C HIS K 193 91.37 5.77 -12.57
N ASN K 194 90.36 6.52 -12.16
CA ASN K 194 88.99 6.04 -11.98
C ASN K 194 88.64 4.91 -12.93
N VAL K 195 88.02 3.87 -12.39
CA VAL K 195 87.50 2.79 -13.23
C VAL K 195 85.99 2.86 -13.19
N SER K 196 85.37 3.20 -14.32
CA SER K 196 83.96 3.56 -14.26
C SER K 196 83.00 2.49 -14.75
N SER K 197 83.53 1.35 -15.17
CA SER K 197 82.67 0.24 -15.55
C SER K 197 83.38 -1.09 -15.57
N VAL K 198 82.64 -2.13 -15.24
CA VAL K 198 83.17 -3.47 -15.18
C VAL K 198 82.09 -4.43 -15.65
N SER K 199 82.53 -5.55 -16.24
CA SER K 199 81.63 -6.62 -16.63
C SER K 199 82.37 -7.94 -16.68
N ILE K 200 81.72 -8.97 -16.18
CA ILE K 200 82.19 -10.32 -16.38
C ILE K 200 81.63 -10.74 -17.73
N MET K 201 82.49 -11.32 -18.55
CA MET K 201 82.05 -11.81 -19.84
C MET K 201 81.30 -13.14 -19.69
N PRO K 202 80.48 -13.49 -20.69
CA PRO K 202 79.69 -14.74 -20.65
C PRO K 202 80.44 -16.02 -20.25
N ASN K 203 81.39 -16.48 -21.05
CA ASN K 203 82.30 -17.55 -20.64
C ASN K 203 83.06 -17.06 -19.41
N GLY K 204 82.52 -17.31 -18.22
CA GLY K 204 82.97 -16.62 -17.00
C GLY K 204 84.45 -16.66 -16.67
N ASP K 205 85.28 -16.31 -17.65
CA ASP K 205 86.72 -16.53 -17.57
C ASP K 205 87.51 -15.24 -17.82
N HIS K 206 86.80 -14.14 -18.07
CA HIS K 206 87.40 -12.83 -18.33
C HIS K 206 86.59 -11.65 -17.74
N ILE K 207 87.29 -10.55 -17.45
CA ILE K 207 86.64 -9.34 -16.98
C ILE K 207 87.00 -8.17 -17.87
N VAL K 208 86.03 -7.31 -18.15
CA VAL K 208 86.28 -6.10 -18.93
C VAL K 208 86.06 -4.90 -18.06
N SER K 209 86.93 -3.91 -18.19
CA SER K 209 86.83 -2.68 -17.42
C SER K 209 87.13 -1.47 -18.29
N ALA K 210 86.70 -0.31 -17.83
CA ALA K 210 86.89 0.94 -18.55
C ALA K 210 87.24 2.07 -17.59
N SER K 211 88.06 3.01 -18.04
CA SER K 211 88.59 4.01 -17.13
C SER K 211 88.78 5.40 -17.73
N ARG K 212 89.07 6.37 -16.85
CA ARG K 212 89.51 7.70 -17.23
C ARG K 212 90.87 7.61 -17.90
N ASP K 213 91.51 6.46 -17.70
CA ASP K 213 92.68 6.04 -18.46
C ASP K 213 92.56 6.35 -19.94
N LYS K 214 91.32 6.33 -20.41
CA LYS K 214 90.98 6.32 -21.82
C LYS K 214 91.19 4.88 -22.31
N THR K 215 91.06 3.94 -21.39
CA THR K 215 91.47 2.56 -21.61
C THR K 215 90.36 1.56 -21.36
N ILE K 216 90.42 0.44 -22.08
CA ILE K 216 89.62 -0.72 -21.74
C ILE K 216 90.57 -1.89 -21.56
N LYS K 217 90.49 -2.52 -20.38
CA LYS K 217 91.37 -3.64 -20.04
C LYS K 217 90.61 -4.94 -19.86
N MET K 218 91.27 -6.04 -20.18
CA MET K 218 90.65 -7.36 -20.12
C MET K 218 91.45 -8.24 -19.19
N TRP K 219 90.82 -8.68 -18.10
CA TRP K 219 91.53 -9.44 -17.09
C TRP K 219 91.12 -10.90 -16.99
N GLU K 220 92.10 -11.77 -16.73
CA GLU K 220 91.83 -13.19 -16.55
C GLU K 220 91.30 -13.45 -15.13
N VAL K 221 90.08 -13.96 -15.05
CA VAL K 221 89.39 -14.13 -13.76
C VAL K 221 90.20 -14.89 -12.71
N GLN K 222 90.73 -16.05 -13.08
CA GLN K 222 91.37 -16.92 -12.09
C GLN K 222 92.86 -16.66 -11.85
N THR K 223 93.42 -15.65 -12.53
CA THR K 223 94.84 -15.30 -12.33
C THR K 223 95.01 -13.80 -12.05
N GLY K 224 93.92 -13.04 -12.17
CA GLY K 224 93.97 -11.61 -11.99
C GLY K 224 94.93 -10.85 -12.89
N TYR K 225 95.36 -11.47 -14.00
CA TYR K 225 96.27 -10.79 -14.89
C TYR K 225 95.53 -9.89 -15.88
N CYS K 226 96.21 -8.81 -16.26
CA CYS K 226 95.76 -7.98 -17.35
C CYS K 226 96.24 -8.63 -18.64
N VAL K 227 95.32 -8.86 -19.58
CA VAL K 227 95.59 -9.68 -20.76
C VAL K 227 95.64 -8.87 -22.06
N LYS K 228 94.70 -7.94 -22.18
CA LYS K 228 94.63 -7.08 -23.37
C LYS K 228 94.24 -5.69 -22.91
N THR K 229 94.74 -4.67 -23.62
CA THR K 229 94.35 -3.29 -23.38
C THR K 229 93.99 -2.61 -24.68
N PHE K 230 92.79 -2.02 -24.72
CA PHE K 230 92.23 -1.40 -25.92
C PHE K 230 92.48 0.11 -25.94
N THR K 231 93.47 0.56 -26.70
CA THR K 231 93.65 2.01 -26.85
C THR K 231 92.73 2.52 -27.94
N GLY K 232 92.13 3.68 -27.71
CA GLY K 232 91.05 4.10 -28.59
C GLY K 232 90.61 5.55 -28.53
N HIS K 233 89.60 5.83 -27.70
CA HIS K 233 89.05 7.19 -27.59
C HIS K 233 90.11 8.12 -27.06
N ARG K 234 89.95 9.42 -27.29
CA ARG K 234 90.91 10.36 -26.74
C ARG K 234 90.47 10.95 -25.42
N GLU K 235 89.33 10.46 -24.92
CA GLU K 235 88.80 10.88 -23.63
C GLU K 235 88.34 9.72 -22.74
N TRP K 236 88.08 10.03 -21.48
CA TRP K 236 87.39 9.15 -20.52
C TRP K 236 86.52 8.10 -21.16
N VAL K 237 86.66 6.84 -20.74
CA VAL K 237 85.70 5.83 -21.17
C VAL K 237 84.74 5.49 -20.04
N ARG K 238 83.46 5.54 -20.34
CA ARG K 238 82.40 5.53 -19.34
C ARG K 238 81.79 4.16 -19.06
N MET K 239 81.78 3.29 -20.07
CA MET K 239 81.06 2.03 -19.98
C MET K 239 81.60 1.00 -20.98
N VAL K 240 81.56 -0.27 -20.59
CA VAL K 240 81.87 -1.35 -21.52
C VAL K 240 80.86 -2.44 -21.37
N ARG K 241 80.41 -2.97 -22.50
CA ARG K 241 79.51 -4.11 -22.44
C ARG K 241 79.85 -5.17 -23.48
N PRO K 242 79.75 -6.42 -23.05
CA PRO K 242 79.92 -7.57 -23.94
C PRO K 242 78.72 -7.73 -24.84
N ASN K 243 78.89 -8.57 -25.83
CA ASN K 243 77.87 -8.89 -26.81
C ASN K 243 77.36 -10.25 -26.36
N GLN K 244 76.04 -10.43 -26.32
CA GLN K 244 75.49 -11.70 -25.82
C GLN K 244 76.40 -12.90 -26.12
N ASP K 245 76.85 -13.00 -27.38
CA ASP K 245 77.83 -13.96 -27.90
C ASP K 245 79.18 -14.03 -27.17
N GLY K 246 79.60 -12.92 -26.58
CA GLY K 246 80.93 -12.78 -25.99
C GLY K 246 81.98 -12.25 -26.95
N THR K 247 81.67 -12.27 -28.24
CA THR K 247 82.62 -11.95 -29.31
C THR K 247 83.00 -10.47 -29.43
N LEU K 248 82.15 -9.58 -28.93
CA LEU K 248 82.31 -8.16 -29.21
C LEU K 248 82.20 -7.29 -27.98
N ILE K 249 82.74 -6.08 -28.06
CA ILE K 249 82.67 -5.14 -26.94
C ILE K 249 82.22 -3.73 -27.34
N ALA K 250 81.33 -3.18 -26.52
CA ALA K 250 80.79 -1.85 -26.75
C ALA K 250 81.32 -0.88 -25.70
N SER K 251 82.01 0.17 -26.16
CA SER K 251 82.56 1.19 -25.29
C SER K 251 81.84 2.51 -25.49
N CYS K 252 82.08 3.43 -24.56
CA CYS K 252 81.22 4.59 -24.35
C CYS K 252 82.06 5.64 -23.68
N SER K 253 82.04 6.88 -24.17
CA SER K 253 83.01 7.83 -23.66
C SER K 253 82.71 9.30 -23.83
N ASN K 254 83.65 10.10 -23.36
CA ASN K 254 83.52 11.54 -23.29
C ASN K 254 83.82 12.22 -24.62
N ASP K 255 84.47 11.50 -25.53
CA ASP K 255 84.70 11.99 -26.89
C ASP K 255 83.42 11.92 -27.73
N GLN K 256 82.28 11.72 -27.07
CA GLN K 256 80.96 11.71 -27.68
C GLN K 256 80.75 10.52 -28.62
N THR K 257 81.52 9.45 -28.39
CA THR K 257 81.65 8.35 -29.34
C THR K 257 81.21 7.01 -28.75
N VAL K 258 80.73 6.10 -29.60
CA VAL K 258 80.53 4.71 -29.20
C VAL K 258 81.37 3.81 -30.08
N ARG K 259 82.22 2.99 -29.46
CA ARG K 259 83.06 2.07 -30.21
C ARG K 259 82.59 0.66 -29.99
N VAL K 260 82.54 -0.11 -31.05
CA VAL K 260 82.34 -1.54 -30.90
C VAL K 260 83.59 -2.23 -31.33
N TRP K 261 84.19 -2.96 -30.40
CA TRP K 261 85.47 -3.60 -30.62
C TRP K 261 85.34 -5.11 -30.74
N VAL K 262 86.21 -5.70 -31.56
CA VAL K 262 86.32 -7.15 -31.67
C VAL K 262 87.24 -7.67 -30.54
N VAL K 263 86.66 -8.43 -29.63
CA VAL K 263 87.36 -8.90 -28.45
C VAL K 263 88.67 -9.67 -28.77
N ALA K 264 88.69 -10.47 -29.83
CA ALA K 264 89.87 -11.29 -30.17
C ALA K 264 91.02 -10.56 -30.90
N THR K 265 90.69 -9.78 -31.93
CA THR K 265 91.66 -9.07 -32.77
C THR K 265 92.05 -7.68 -32.25
N LYS K 266 91.28 -7.18 -31.28
CA LYS K 266 91.29 -5.79 -30.79
C LYS K 266 91.17 -4.65 -31.82
N GLU K 267 90.72 -5.00 -33.03
CA GLU K 267 90.33 -3.97 -34.01
C GLU K 267 88.92 -3.48 -33.64
N CYS K 268 88.46 -2.39 -34.26
CA CYS K 268 87.08 -1.98 -34.02
C CYS K 268 86.24 -1.80 -35.26
N LYS K 269 85.18 -2.60 -35.32
CA LYS K 269 84.25 -2.65 -36.46
C LYS K 269 83.62 -1.30 -36.71
N ALA K 270 83.29 -0.61 -35.63
CA ALA K 270 82.57 0.66 -35.75
C ALA K 270 82.99 1.75 -34.74
N GLU K 271 82.89 2.98 -35.22
CA GLU K 271 82.96 4.19 -34.42
C GLU K 271 81.65 4.91 -34.69
N LEU K 272 80.76 4.97 -33.70
CA LEU K 272 79.45 5.60 -33.84
C LEU K 272 79.55 7.06 -33.42
N ARG K 273 79.41 7.98 -34.38
CA ARG K 273 79.83 9.36 -34.14
C ARG K 273 78.75 10.42 -33.80
N GLU K 274 77.53 10.24 -34.30
CA GLU K 274 76.54 11.33 -34.32
C GLU K 274 75.83 11.70 -33.00
N HIS K 275 76.56 11.67 -31.89
CA HIS K 275 76.09 12.19 -30.61
C HIS K 275 76.69 13.57 -30.38
N ARG K 276 75.93 14.46 -29.75
CA ARG K 276 76.32 15.88 -29.60
C ARG K 276 77.13 16.19 -28.31
N HIS K 277 77.06 15.28 -27.35
CA HIS K 277 77.65 15.48 -26.02
C HIS K 277 78.00 14.10 -25.48
N VAL K 278 78.71 14.07 -24.35
CA VAL K 278 79.16 12.82 -23.73
C VAL K 278 78.12 11.73 -23.73
N VAL K 279 78.56 10.52 -24.05
CA VAL K 279 77.72 9.35 -23.97
C VAL K 279 77.97 8.65 -22.66
N GLU K 280 76.89 8.32 -21.96
CA GLU K 280 76.99 7.70 -20.64
C GLU K 280 76.50 6.24 -20.55
N CYS K 281 75.89 5.75 -21.62
CA CYS K 281 75.11 4.51 -21.57
C CYS K 281 75.23 3.63 -22.80
N ILE K 282 75.19 2.31 -22.58
CA ILE K 282 75.03 1.35 -23.67
C ILE K 282 74.37 0.08 -23.23
N SER K 283 73.43 -0.38 -24.04
CA SER K 283 72.90 -1.74 -23.91
C SER K 283 72.77 -2.38 -25.29
N TRP K 284 72.90 -3.71 -25.33
CA TRP K 284 72.71 -4.45 -26.57
C TRP K 284 71.29 -4.97 -26.67
N ALA K 285 70.79 -5.08 -27.90
CA ALA K 285 69.46 -5.64 -28.13
C ALA K 285 69.47 -7.16 -28.03
N PRO K 286 68.45 -7.73 -27.39
CA PRO K 286 68.30 -9.18 -27.24
C PRO K 286 67.39 -9.93 -28.25
N GLU K 287 66.44 -10.69 -27.69
CA GLU K 287 65.49 -11.51 -28.42
C GLU K 287 64.33 -10.67 -28.94
N SER K 288 64.65 -9.79 -29.88
CA SER K 288 63.70 -8.79 -30.35
C SER K 288 64.27 -8.05 -31.55
N SER K 289 65.05 -8.77 -32.35
CA SER K 289 65.60 -8.18 -33.56
C SER K 289 64.49 -8.02 -34.61
N TYR K 290 63.26 -8.31 -34.14
CA TYR K 290 62.00 -8.00 -34.83
C TYR K 290 61.87 -6.48 -35.05
N SER K 291 62.43 -5.71 -34.11
CA SER K 291 62.31 -4.25 -34.04
C SER K 291 62.59 -3.57 -35.38
N SER K 292 63.35 -4.26 -36.25
CA SER K 292 63.49 -3.89 -37.65
C SER K 292 62.24 -3.22 -38.20
N ILE K 293 61.08 -3.89 -38.08
CA ILE K 293 59.77 -3.34 -38.46
C ILE K 293 59.70 -1.80 -38.59
N SER K 294 60.11 -1.10 -37.53
CA SER K 294 60.05 0.37 -37.46
C SER K 294 60.97 1.11 -38.46
N GLU K 295 62.08 0.47 -38.83
CA GLU K 295 62.95 0.91 -39.93
C GLU K 295 63.60 -0.30 -40.65
N ALA K 296 62.86 -0.90 -41.58
CA ALA K 296 63.29 -2.18 -42.18
C ALA K 296 63.53 -2.14 -43.70
N THR K 297 63.36 -0.96 -44.30
CA THR K 297 63.63 -0.81 -45.74
C THR K 297 65.11 -0.45 -46.02
N GLY K 298 65.38 0.07 -47.22
CA GLY K 298 66.72 0.22 -47.74
C GLY K 298 66.76 -0.45 -49.09
N SER K 299 67.17 -1.72 -49.12
CA SER K 299 67.16 -2.58 -50.32
C SER K 299 67.57 -4.02 -50.00
N GLU K 300 66.92 -4.98 -50.67
CA GLU K 300 67.17 -6.43 -50.52
C GLU K 300 67.55 -6.87 -49.10
N GLY K 308 71.20 -8.50 -38.41
CA GLY K 308 72.21 -7.59 -37.88
C GLY K 308 72.17 -7.48 -36.36
N PRO K 309 73.32 -7.16 -35.73
CA PRO K 309 73.39 -6.91 -34.25
C PRO K 309 72.98 -5.47 -33.89
N PHE K 310 72.57 -5.24 -32.62
CA PHE K 310 72.01 -3.92 -32.23
C PHE K 310 72.48 -3.42 -30.89
N LEU K 311 72.84 -2.11 -30.82
CA LEU K 311 73.03 -1.47 -29.51
C LEU K 311 72.40 -0.07 -29.27
N LEU K 312 72.41 0.29 -27.98
CA LEU K 312 71.63 1.40 -27.42
C LEU K 312 72.47 2.36 -26.54
N SER K 313 72.52 3.63 -26.97
CA SER K 313 73.29 4.66 -26.28
C SER K 313 72.38 5.79 -25.78
N GLY K 314 72.79 6.39 -24.66
CA GLY K 314 72.14 7.57 -24.10
C GLY K 314 73.17 8.53 -23.55
N SER K 315 72.98 9.82 -23.79
CA SER K 315 74.04 10.78 -23.52
C SER K 315 73.64 11.91 -22.55
N ARG K 316 74.35 13.05 -22.63
CA ARG K 316 73.94 14.25 -21.93
C ARG K 316 73.13 15.11 -22.89
N ASP K 317 73.46 15.01 -24.18
CA ASP K 317 72.56 15.24 -25.30
C ASP K 317 71.12 15.46 -24.85
N LYS K 318 70.77 14.73 -23.79
CA LYS K 318 69.39 14.47 -23.35
C LYS K 318 68.71 13.38 -24.19
N THR K 319 69.51 12.59 -24.90
CA THR K 319 69.00 11.68 -25.91
C THR K 319 69.49 10.22 -25.81
N ILE K 320 68.56 9.30 -26.05
CA ILE K 320 68.88 7.88 -26.21
C ILE K 320 69.00 7.63 -27.71
N LYS K 321 69.87 6.71 -28.08
CA LYS K 321 70.13 6.46 -29.50
C LYS K 321 70.18 4.98 -29.92
N MET K 322 69.41 4.69 -30.97
CA MET K 322 69.39 3.37 -31.61
C MET K 322 70.31 3.29 -32.83
N TRP K 323 70.92 2.12 -33.00
CA TRP K 323 71.72 1.80 -34.18
C TRP K 323 72.07 0.31 -34.29
N ASP K 324 72.06 -0.21 -35.53
CA ASP K 324 72.81 -1.46 -35.80
C ASP K 324 74.27 -1.22 -36.12
N VAL K 325 75.06 -2.04 -35.45
CA VAL K 325 76.50 -2.02 -35.55
C VAL K 325 76.98 -2.28 -37.00
N SER K 326 76.29 -3.20 -37.69
CA SER K 326 76.62 -3.60 -39.06
C SER K 326 76.66 -2.47 -40.11
N THR K 327 75.65 -1.60 -40.10
CA THR K 327 75.55 -0.55 -41.12
C THR K 327 76.23 0.75 -40.71
N GLY K 328 76.38 0.94 -39.40
CA GLY K 328 76.88 2.18 -38.79
C GLY K 328 75.84 3.28 -38.67
N MET K 329 74.56 2.92 -38.84
CA MET K 329 73.49 3.90 -38.99
C MET K 329 72.63 4.10 -37.73
N CYS K 330 72.49 5.38 -37.35
CA CYS K 330 71.59 5.80 -36.28
C CYS K 330 70.13 5.61 -36.73
N LEU K 331 69.49 4.58 -36.19
CA LEU K 331 68.16 4.15 -36.65
C LEU K 331 67.06 5.11 -36.21
N MET K 332 66.82 5.16 -34.90
CA MET K 332 65.95 6.17 -34.28
C MET K 332 66.68 7.06 -33.26
N THR K 333 66.18 8.28 -33.09
CA THR K 333 66.60 9.19 -32.01
C THR K 333 65.42 9.44 -31.04
N LEU K 334 65.57 8.97 -29.80
CA LEU K 334 64.51 9.08 -28.79
C LEU K 334 64.54 10.38 -28.01
N VAL K 335 63.97 11.46 -28.60
CA VAL K 335 63.97 12.81 -28.03
C VAL K 335 63.36 12.79 -26.65
N GLY K 336 64.20 12.49 -25.68
CA GLY K 336 63.78 12.24 -24.31
C GLY K 336 63.24 13.45 -23.60
N HIS K 337 63.25 13.39 -22.29
CA HIS K 337 62.80 14.54 -21.53
C HIS K 337 63.98 15.49 -21.20
N ASP K 338 64.32 15.62 -19.93
CA ASP K 338 64.85 16.91 -19.49
C ASP K 338 66.33 17.12 -19.13
N ASN K 339 67.03 16.07 -18.71
CA ASN K 339 68.42 16.23 -18.32
C ASN K 339 69.35 15.16 -18.86
N TRP K 340 70.53 15.05 -18.25
CA TRP K 340 71.52 14.03 -18.58
C TRP K 340 70.89 12.65 -18.48
N VAL K 341 71.01 11.87 -19.55
CA VAL K 341 70.46 10.52 -19.52
C VAL K 341 71.49 9.57 -18.92
N ARG K 342 71.04 8.69 -18.04
CA ARG K 342 71.99 8.03 -17.16
C ARG K 342 72.01 6.48 -17.19
N GLY K 343 70.97 5.87 -17.72
CA GLY K 343 70.86 4.41 -17.78
C GLY K 343 69.88 3.94 -18.84
N VAL K 344 70.34 3.02 -19.70
CA VAL K 344 69.54 2.53 -20.83
C VAL K 344 69.40 1.00 -20.83
N LEU K 345 68.18 0.56 -21.12
CA LEU K 345 67.74 -0.81 -20.91
C LEU K 345 66.76 -1.26 -21.96
N PHE K 346 66.94 -2.50 -22.40
CA PHE K 346 65.93 -3.16 -23.20
C PHE K 346 65.11 -4.06 -22.30
N HIS K 347 63.79 -4.03 -22.52
CA HIS K 347 62.84 -4.86 -21.80
C HIS K 347 63.11 -6.38 -21.96
N SER K 348 62.45 -7.22 -21.17
CA SER K 348 62.59 -8.68 -21.33
C SER K 348 62.04 -9.16 -22.69
N GLY K 349 60.83 -8.74 -23.02
CA GLY K 349 60.31 -8.94 -24.37
C GLY K 349 61.10 -8.06 -25.33
N GLY K 350 60.60 -6.85 -25.53
CA GLY K 350 61.22 -5.89 -26.44
C GLY K 350 60.28 -4.88 -27.09
N LYS K 351 59.08 -4.70 -26.52
CA LYS K 351 58.15 -3.67 -27.02
C LYS K 351 58.68 -2.25 -26.72
N PHE K 352 59.19 -2.05 -25.50
CA PHE K 352 59.59 -0.73 -24.98
C PHE K 352 61.05 -0.65 -24.48
N ILE K 353 61.49 0.55 -24.15
CA ILE K 353 62.80 0.75 -23.53
C ILE K 353 62.64 1.27 -22.11
N LEU K 354 63.50 0.83 -21.22
CA LEU K 354 63.56 1.43 -19.89
C LEU K 354 64.79 2.30 -19.80
N SER K 355 64.64 3.46 -19.17
CA SER K 355 65.61 4.55 -19.29
C SER K 355 65.47 5.51 -18.12
N CYS K 356 66.47 5.56 -17.26
CA CYS K 356 66.44 6.46 -16.13
C CYS K 356 67.37 7.62 -16.38
N ALA K 357 67.19 8.73 -15.67
CA ALA K 357 68.00 9.94 -15.93
C ALA K 357 68.32 10.90 -14.75
N ASP K 358 68.82 12.09 -15.09
CA ASP K 358 69.09 13.17 -14.13
C ASP K 358 67.93 14.16 -14.04
N ASP K 359 66.85 13.88 -14.77
CA ASP K 359 65.60 14.60 -14.61
C ASP K 359 64.78 13.89 -13.53
N LYS K 360 65.48 13.39 -12.52
CA LYS K 360 64.92 12.50 -11.49
C LYS K 360 63.79 11.51 -11.93
N THR K 361 63.93 10.96 -13.14
CA THR K 361 62.87 10.18 -13.76
C THR K 361 63.29 8.84 -14.38
N LEU K 362 62.39 7.85 -14.25
CA LEU K 362 62.42 6.60 -15.00
C LEU K 362 61.43 6.73 -16.14
N ARG K 363 61.90 6.59 -17.36
CA ARG K 363 61.04 6.77 -18.54
C ARG K 363 60.90 5.45 -19.31
N VAL K 364 59.66 5.09 -19.63
CA VAL K 364 59.38 3.86 -20.37
C VAL K 364 59.03 4.18 -21.82
N TRP K 365 59.86 3.68 -22.73
CA TRP K 365 59.78 4.10 -24.13
C TRP K 365 59.22 3.04 -25.09
N ASP K 366 57.92 3.19 -25.37
CA ASP K 366 57.26 2.45 -26.43
C ASP K 366 57.94 2.82 -27.75
N TYR K 367 58.99 2.06 -28.10
CA TYR K 367 59.75 2.38 -29.30
C TYR K 367 59.05 1.89 -30.55
N LYS K 368 58.02 1.08 -30.33
CA LYS K 368 56.86 1.10 -31.21
C LYS K 368 56.70 2.56 -31.66
N ASN K 369 57.06 2.83 -32.93
CA ASN K 369 56.93 4.16 -33.53
C ASN K 369 57.29 5.31 -32.56
N LYS K 370 58.53 5.30 -32.08
CA LYS K 370 59.16 6.43 -31.37
C LYS K 370 58.62 6.73 -29.96
N ARG K 371 57.38 7.23 -29.92
CA ARG K 371 56.71 7.81 -28.75
C ARG K 371 57.02 7.26 -27.34
N CYS K 372 57.08 8.18 -26.37
CA CYS K 372 57.30 7.84 -24.98
C CYS K 372 55.98 7.64 -24.23
N MET K 373 55.88 6.54 -23.49
CA MET K 373 54.59 6.07 -22.98
C MET K 373 54.22 6.53 -21.57
N LYS K 374 55.17 6.50 -20.65
CA LYS K 374 54.88 6.87 -19.27
C LYS K 374 56.07 7.60 -18.68
N THR K 375 55.84 8.28 -17.55
CA THR K 375 56.88 9.08 -16.89
C THR K 375 56.62 9.25 -15.41
N LEU K 376 57.51 8.69 -14.58
CA LEU K 376 57.30 8.70 -13.13
C LEU K 376 58.46 9.32 -12.36
N ASN K 377 58.10 10.30 -11.53
CA ASN K 377 59.03 10.97 -10.64
C ASN K 377 59.56 9.96 -9.64
N ALA K 378 60.52 9.17 -10.11
CA ALA K 378 61.12 8.10 -9.35
C ALA K 378 61.74 8.63 -8.07
N HIS K 379 62.42 9.77 -8.16
CA HIS K 379 63.12 10.25 -6.98
C HIS K 379 63.00 11.71 -6.60
N GLU K 380 63.62 11.99 -5.46
CA GLU K 380 63.83 13.33 -4.95
C GLU K 380 64.96 13.92 -5.73
N HIS K 381 66.18 13.45 -5.48
CA HIS K 381 67.34 13.87 -6.28
C HIS K 381 67.40 13.13 -7.65
N PHE K 382 68.57 13.06 -8.29
CA PHE K 382 68.65 12.35 -9.56
C PHE K 382 69.08 10.90 -9.56
N VAL K 383 68.61 10.20 -10.59
CA VAL K 383 68.60 8.75 -10.71
C VAL K 383 69.84 8.22 -11.43
N THR K 384 70.74 7.64 -10.65
CA THR K 384 71.99 7.16 -11.18
C THR K 384 71.82 5.96 -12.10
N SER K 385 71.08 4.96 -11.62
CA SER K 385 71.02 3.65 -12.28
C SER K 385 69.61 3.05 -12.30
N LEU K 386 69.46 1.94 -13.04
CA LEU K 386 68.24 1.15 -13.02
C LEU K 386 68.54 -0.33 -13.31
N ASP K 387 67.51 -1.17 -13.20
CA ASP K 387 67.62 -2.58 -13.58
C ASP K 387 66.27 -3.30 -13.65
N PHE K 388 65.96 -3.83 -14.83
CA PHE K 388 64.80 -4.68 -15.04
C PHE K 388 65.17 -6.17 -14.94
N HIS K 389 64.19 -7.01 -14.60
CA HIS K 389 64.43 -8.45 -14.48
C HIS K 389 63.98 -9.23 -15.73
N LYS K 390 64.84 -10.15 -16.19
CA LYS K 390 64.47 -11.06 -17.27
C LYS K 390 63.30 -11.98 -16.86
N THR K 391 63.40 -12.53 -15.64
CA THR K 391 62.43 -13.49 -15.12
C THR K 391 61.25 -12.81 -14.46
N ALA K 392 61.53 -11.99 -13.44
CA ALA K 392 60.49 -11.49 -12.51
C ALA K 392 60.02 -10.03 -12.78
N PRO K 393 58.88 -9.62 -12.21
CA PRO K 393 58.30 -8.32 -12.49
C PRO K 393 58.74 -7.20 -11.52
N TYR K 394 59.99 -6.77 -11.65
CA TYR K 394 60.53 -5.70 -10.83
C TYR K 394 61.41 -4.73 -11.63
N VAL K 395 61.52 -3.51 -11.13
CA VAL K 395 62.58 -2.62 -11.56
C VAL K 395 63.18 -2.05 -10.29
N VAL K 396 64.47 -1.76 -10.34
CA VAL K 396 65.13 -1.14 -9.22
C VAL K 396 65.82 0.11 -9.67
N THR K 397 65.92 1.06 -8.75
CA THR K 397 66.43 2.37 -9.06
C THR K 397 67.32 2.91 -7.94
N GLY K 398 68.53 3.31 -8.32
CA GLY K 398 69.45 3.99 -7.44
C GLY K 398 69.57 5.45 -7.83
N SER K 399 70.14 6.23 -6.93
CA SER K 399 70.25 7.67 -7.12
C SER K 399 71.11 8.36 -6.06
N VAL K 400 71.17 9.68 -6.16
CA VAL K 400 71.92 10.50 -5.23
C VAL K 400 71.10 10.73 -3.97
N ASP K 401 69.78 10.64 -4.07
CA ASP K 401 68.96 10.73 -2.87
C ASP K 401 69.21 9.56 -1.92
N GLN K 402 70.24 8.77 -2.25
CA GLN K 402 70.81 7.73 -1.37
C GLN K 402 69.89 6.53 -1.14
N THR K 403 69.08 6.19 -2.15
CA THR K 403 68.05 5.14 -2.01
C THR K 403 67.95 4.20 -3.22
N VAL K 404 67.65 2.92 -2.97
CA VAL K 404 67.21 2.05 -4.04
C VAL K 404 65.70 1.89 -3.92
N LYS K 405 65.02 2.01 -5.06
CA LYS K 405 63.58 1.83 -5.08
C LYS K 405 63.22 0.62 -5.94
N VAL K 406 62.23 -0.15 -5.49
CA VAL K 406 61.81 -1.39 -6.14
C VAL K 406 60.43 -1.17 -6.78
N TRP K 407 60.20 -1.67 -8.00
CA TRP K 407 58.99 -1.31 -8.78
C TRP K 407 58.23 -2.46 -9.50
N GLU K 408 57.06 -2.83 -8.96
CA GLU K 408 56.23 -3.90 -9.51
C GLU K 408 55.65 -3.56 -10.90
N LYS L 92 18.70 34.31 -2.06
CA LYS L 92 20.05 34.83 -2.49
C LYS L 92 21.25 34.08 -1.87
N GLU L 93 21.24 32.75 -2.08
CA GLU L 93 22.22 31.80 -1.50
C GLU L 93 23.67 32.20 -1.79
N TRP L 94 24.65 31.72 -1.01
CA TRP L 94 26.09 32.08 -1.30
C TRP L 94 27.27 31.12 -1.30
N ILE L 95 28.23 31.46 -2.15
CA ILE L 95 29.41 30.65 -2.44
C ILE L 95 30.61 31.10 -1.59
N PRO L 96 30.95 30.26 -0.62
CA PRO L 96 32.02 30.59 0.35
C PRO L 96 33.50 30.24 0.02
N ARG L 97 33.77 29.66 -1.15
CA ARG L 97 34.93 28.77 -1.28
C ARG L 97 36.06 28.97 -2.34
N PRO L 98 35.96 28.39 -3.54
CA PRO L 98 37.09 27.89 -4.37
C PRO L 98 38.59 27.80 -3.92
N PRO L 99 39.57 27.94 -4.85
CA PRO L 99 40.96 28.32 -4.54
C PRO L 99 41.19 29.83 -4.75
N GLU L 100 41.92 30.45 -3.81
CA GLU L 100 42.07 31.92 -3.72
C GLU L 100 42.19 32.61 -5.07
N LYS L 101 41.37 33.64 -5.26
CA LYS L 101 41.36 34.29 -6.56
C LYS L 101 42.03 35.66 -6.59
N TYR L 102 42.67 36.02 -5.49
CA TYR L 102 43.65 37.11 -5.42
C TYR L 102 44.47 36.94 -4.16
N ALA L 103 45.79 36.94 -4.29
CA ALA L 103 46.65 37.02 -3.11
C ALA L 103 47.50 38.25 -3.14
N LEU L 104 47.21 39.15 -2.22
CA LEU L 104 47.86 40.45 -2.20
C LEU L 104 49.03 40.47 -1.23
N SER L 105 50.24 40.57 -1.77
CA SER L 105 51.45 40.74 -0.98
C SER L 105 51.80 42.23 -0.86
N GLY L 106 52.47 42.62 0.22
CA GLY L 106 52.86 44.00 0.38
C GLY L 106 53.28 44.41 1.77
N HIS L 107 52.55 43.96 2.78
CA HIS L 107 52.96 44.22 4.13
C HIS L 107 54.32 43.58 4.41
N ARG L 108 54.96 44.04 5.46
CA ARG L 108 56.29 43.61 5.84
C ARG L 108 56.28 42.67 7.05
N SER L 109 55.11 42.18 7.44
CA SER L 109 54.88 41.69 8.80
C SER L 109 53.47 41.15 8.90
N PRO L 110 53.18 40.18 9.79
CA PRO L 110 51.86 39.56 9.91
C PRO L 110 50.73 40.52 9.77
N VAL L 111 49.63 40.05 9.18
CA VAL L 111 48.45 40.88 9.04
C VAL L 111 47.59 40.69 10.29
N THR L 112 46.91 41.73 10.75
CA THR L 112 46.24 41.68 12.04
C THR L 112 44.74 41.62 11.93
N ARG L 113 44.22 42.37 10.97
CA ARG L 113 42.79 42.38 10.71
C ARG L 113 42.52 42.77 9.28
N VAL L 114 41.36 42.30 8.79
CA VAL L 114 40.93 42.62 7.46
C VAL L 114 39.55 43.22 7.57
N ILE L 115 39.21 44.09 6.63
CA ILE L 115 37.98 44.81 6.74
C ILE L 115 37.47 45.26 5.39
N PHE L 116 36.17 45.23 5.22
CA PHE L 116 35.59 45.66 3.97
C PHE L 116 35.04 47.05 4.16
N HIS L 117 35.15 47.86 3.14
CA HIS L 117 34.60 49.19 3.18
C HIS L 117 33.09 49.10 2.91
N PRO L 118 32.28 49.92 3.58
CA PRO L 118 30.82 49.76 3.52
C PRO L 118 30.21 50.19 2.18
N VAL L 119 30.94 50.94 1.37
CA VAL L 119 30.38 51.44 0.12
C VAL L 119 31.25 51.21 -1.10
N PHE L 120 32.53 51.61 -1.05
CA PHE L 120 33.44 51.47 -2.20
C PHE L 120 33.90 50.03 -2.38
N SER L 121 34.36 49.69 -3.57
CA SER L 121 34.78 48.33 -3.84
C SER L 121 36.20 48.07 -3.34
N VAL L 122 36.43 48.43 -2.09
CA VAL L 122 37.77 48.53 -1.54
C VAL L 122 37.82 47.81 -0.20
N MET L 123 38.97 47.26 0.14
CA MET L 123 39.10 46.68 1.47
C MET L 123 40.40 47.05 2.13
N VAL L 124 40.41 47.02 3.45
CA VAL L 124 41.47 47.58 4.28
C VAL L 124 42.14 46.47 5.11
N SER L 125 43.45 46.57 5.32
CA SER L 125 44.19 45.60 6.12
C SER L 125 45.16 46.26 7.08
N ALA L 126 45.33 45.69 8.26
CA ALA L 126 46.22 46.21 9.29
C ALA L 126 47.28 45.18 9.55
N SER L 127 48.43 45.61 10.07
CA SER L 127 49.52 44.68 10.32
C SER L 127 50.40 45.16 11.43
N GLU L 128 51.39 44.34 11.79
CA GLU L 128 52.44 44.78 12.71
C GLU L 128 53.53 45.60 12.00
N ASP L 129 53.07 46.33 11.01
CA ASP L 129 53.88 46.93 10.00
C ASP L 129 54.64 48.20 10.38
N ALA L 130 54.08 49.14 11.14
CA ALA L 130 52.73 49.18 11.60
C ALA L 130 51.97 50.12 10.67
N THR L 131 51.34 49.52 9.67
CA THR L 131 50.65 50.27 8.64
C THR L 131 49.29 49.73 8.38
N ILE L 132 48.40 50.64 8.01
CA ILE L 132 47.13 50.30 7.41
C ILE L 132 47.31 50.38 5.90
N LYS L 133 46.95 49.34 5.15
CA LYS L 133 47.01 49.40 3.68
C LYS L 133 45.63 49.21 3.04
N VAL L 134 45.41 49.81 1.86
CA VAL L 134 44.14 49.66 1.13
C VAL L 134 44.24 49.09 -0.26
N TRP L 135 43.54 47.99 -0.52
CA TRP L 135 43.35 47.37 -1.85
C TRP L 135 41.84 47.62 -2.05
N ASP L 136 41.24 47.89 -3.22
CA ASP L 136 40.83 47.02 -4.35
C ASP L 136 40.66 45.48 -4.40
N TYR L 137 39.57 44.98 -3.80
CA TYR L 137 39.34 43.52 -3.84
C TYR L 137 38.90 43.03 -5.19
N GLU L 138 38.29 43.89 -6.00
CA GLU L 138 37.85 43.50 -7.35
C GLU L 138 39.05 43.30 -8.30
N THR L 139 40.14 44.04 -8.03
CA THR L 139 41.30 44.13 -8.90
C THR L 139 42.58 43.72 -8.19
N GLY L 140 42.70 44.13 -6.94
CA GLY L 140 43.95 44.07 -6.20
C GLY L 140 44.93 45.14 -6.65
N ASP L 141 45.03 46.23 -5.90
CA ASP L 141 45.97 47.31 -6.22
C ASP L 141 46.41 48.05 -4.94
N PHE L 142 47.73 48.23 -4.74
CA PHE L 142 48.30 48.79 -3.48
C PHE L 142 47.68 50.11 -3.09
N GLU L 143 46.61 50.51 -3.79
CA GLU L 143 45.90 51.80 -3.64
C GLU L 143 46.63 52.86 -2.83
N ARG L 144 46.54 52.75 -1.50
CA ARG L 144 47.18 53.69 -0.57
C ARG L 144 47.83 52.94 0.58
N THR L 145 48.73 53.61 1.31
CA THR L 145 49.21 53.15 2.61
C THR L 145 48.94 54.24 3.62
N LEU L 146 48.55 53.85 4.83
CA LEU L 146 48.27 54.78 5.92
C LEU L 146 49.34 54.66 6.99
N LYS L 147 50.21 55.64 7.10
CA LYS L 147 51.29 55.52 8.08
C LYS L 147 51.14 56.52 9.23
N GLY L 148 51.69 56.15 10.38
CA GLY L 148 51.66 57.04 11.52
C GLY L 148 51.49 56.37 12.86
N HIS L 149 51.50 55.06 12.93
CA HIS L 149 51.54 54.44 14.24
C HIS L 149 52.97 54.07 14.56
N THR L 150 53.29 54.00 15.85
CA THR L 150 54.61 53.62 16.32
C THR L 150 54.89 52.11 16.22
N ASP L 151 53.98 51.27 16.71
CA ASP L 151 54.35 49.88 17.07
C ASP L 151 53.64 48.71 16.39
N SER L 152 52.32 48.72 16.32
CA SER L 152 51.64 47.62 15.61
C SER L 152 50.23 48.02 15.43
N VAL L 153 49.58 47.59 14.35
CA VAL L 153 48.19 47.94 14.26
C VAL L 153 47.32 46.72 14.50
N GLN L 154 46.56 46.75 15.57
CA GLN L 154 45.87 45.56 15.94
C GLN L 154 44.39 45.46 15.53
N ASP L 155 43.69 46.58 15.45
CA ASP L 155 42.32 46.52 14.97
C ASP L 155 42.03 47.66 14.08
N ILE L 156 40.91 47.59 13.42
CA ILE L 156 40.52 48.58 12.48
C ILE L 156 38.99 48.55 12.43
N SER L 157 38.36 49.71 12.27
CA SER L 157 36.90 49.81 12.22
C SER L 157 36.39 51.02 11.48
N PHE L 158 35.57 50.80 10.45
CA PHE L 158 34.92 51.89 9.74
C PHE L 158 33.68 52.33 10.47
N ASP L 159 33.34 53.59 10.29
CA ASP L 159 32.09 54.14 10.74
C ASP L 159 31.04 53.77 9.71
N HIS L 160 29.77 54.05 10.00
CA HIS L 160 28.72 53.70 9.05
C HIS L 160 28.95 54.25 7.64
N SER L 161 29.28 55.51 7.55
CA SER L 161 29.37 56.20 6.26
C SER L 161 30.52 55.72 5.41
N GLY L 162 31.52 55.12 6.05
CA GLY L 162 32.76 54.75 5.37
C GLY L 162 33.63 55.96 5.13
N LYS L 163 33.61 56.88 6.07
CA LYS L 163 34.28 58.16 5.86
C LYS L 163 35.25 58.39 6.98
N LEU L 164 35.11 57.59 8.04
CA LEU L 164 36.01 57.62 9.18
C LEU L 164 36.49 56.23 9.49
N LEU L 165 37.79 56.07 9.75
CA LEU L 165 38.36 54.77 10.02
C LEU L 165 39.14 54.87 11.31
N ALA L 166 38.84 54.02 12.28
CA ALA L 166 39.55 53.98 13.55
C ALA L 166 40.62 52.91 13.50
N SER L 167 41.76 53.17 14.13
CA SER L 167 42.79 52.14 14.22
C SER L 167 43.27 51.96 15.64
N CYS L 168 44.00 50.89 15.86
CA CYS L 168 44.42 50.42 17.17
C CYS L 168 45.88 50.01 17.12
N SER L 169 46.66 50.32 18.17
CA SER L 169 48.03 49.78 18.16
C SER L 169 48.64 49.46 19.47
N ALA L 170 49.86 48.93 19.41
CA ALA L 170 50.64 48.74 20.60
C ALA L 170 51.34 50.02 21.02
N ASP L 171 51.01 51.13 20.34
CA ASP L 171 51.34 52.48 20.80
C ASP L 171 50.59 52.77 22.03
N MET L 172 49.40 52.20 22.13
CA MET L 172 48.41 52.55 23.13
C MET L 172 47.59 53.77 22.66
N THR L 173 47.68 54.03 21.36
CA THR L 173 46.93 55.12 20.78
C THR L 173 45.68 54.61 20.08
N ILE L 174 44.80 55.51 19.64
CA ILE L 174 43.74 55.08 18.76
C ILE L 174 43.58 56.08 17.65
N LYS L 175 44.29 55.90 16.55
CA LYS L 175 44.26 56.93 15.51
C LYS L 175 42.89 56.93 14.79
N LEU L 176 42.35 58.12 14.55
CA LEU L 176 41.12 58.31 13.81
C LEU L 176 41.47 58.93 12.47
N TRP L 177 41.09 58.28 11.39
CA TRP L 177 41.52 58.73 10.07
C TRP L 177 40.36 59.17 9.20
N ASP L 178 40.66 60.04 8.27
CA ASP L 178 39.67 60.54 7.33
C ASP L 178 39.89 59.85 5.97
N PHE L 179 38.81 59.32 5.39
CA PHE L 179 38.83 58.64 4.09
C PHE L 179 38.38 59.62 2.95
N GLN L 180 38.50 60.94 3.16
CA GLN L 180 38.71 61.89 2.05
C GLN L 180 40.03 61.47 1.43
N GLY L 181 40.70 60.56 2.14
CA GLY L 181 41.78 59.77 1.58
C GLY L 181 43.00 59.66 2.47
N PHE L 182 43.43 60.78 3.02
CA PHE L 182 44.64 60.59 3.78
C PHE L 182 44.61 60.84 5.23
N GLU L 183 44.62 62.11 5.63
CA GLU L 183 45.14 62.53 6.91
C GLU L 183 44.50 61.90 8.13
N CYS L 184 45.32 61.65 9.14
CA CYS L 184 44.81 61.27 10.45
C CYS L 184 44.17 62.52 11.06
N ILE L 185 43.18 62.35 11.94
CA ILE L 185 42.44 63.50 12.49
C ILE L 185 42.78 63.73 13.93
N ARG L 186 42.67 62.69 14.73
CA ARG L 186 43.03 62.79 16.14
C ARG L 186 43.82 61.58 16.50
N THR L 187 44.63 61.72 17.55
CA THR L 187 45.24 60.56 18.18
C THR L 187 44.75 60.59 19.61
N MET L 188 44.30 59.45 20.11
CA MET L 188 43.66 59.45 21.40
C MET L 188 44.35 58.56 22.42
N HIS L 189 44.69 59.17 23.56
CA HIS L 189 45.59 58.58 24.54
C HIS L 189 44.85 58.23 25.81
N GLY L 190 45.07 57.03 26.30
CA GLY L 190 44.42 56.67 27.56
C GLY L 190 44.96 55.41 28.15
N HIS L 191 44.66 54.31 27.49
CA HIS L 191 45.16 53.01 27.92
C HIS L 191 46.65 53.03 28.25
N ASP L 192 47.01 52.22 29.25
CA ASP L 192 48.38 52.07 29.74
C ASP L 192 49.18 50.96 29.02
N HIS L 193 48.54 50.23 28.12
CA HIS L 193 49.22 49.10 27.50
C HIS L 193 48.59 48.86 26.13
N ASN L 194 49.06 47.82 25.43
CA ASN L 194 48.52 47.37 24.16
C ASN L 194 47.05 47.64 24.04
N VAL L 195 46.63 48.13 22.89
CA VAL L 195 45.21 48.32 22.62
C VAL L 195 44.78 47.34 21.51
N SER L 196 44.02 46.32 21.87
CA SER L 196 43.92 45.23 20.89
C SER L 196 42.60 45.15 20.16
N SER L 197 41.73 46.13 20.35
CA SER L 197 40.51 46.18 19.56
C SER L 197 39.86 47.54 19.61
N VAL L 198 39.32 47.95 18.48
CA VAL L 198 38.53 49.16 18.48
C VAL L 198 37.32 49.03 17.58
N SER L 199 36.36 49.93 17.74
CA SER L 199 35.17 49.87 16.94
C SER L 199 34.50 51.18 17.05
N ILE L 200 34.01 51.68 15.93
CA ILE L 200 33.17 52.85 15.99
C ILE L 200 31.81 52.33 16.22
N MET L 201 31.09 53.02 17.07
CA MET L 201 29.73 52.64 17.37
C MET L 201 28.77 53.12 16.26
N PRO L 202 27.58 52.55 16.23
CA PRO L 202 26.58 52.82 15.19
C PRO L 202 26.28 54.31 14.97
N ASN L 203 25.68 54.99 15.94
CA ASN L 203 25.53 56.44 15.90
C ASN L 203 26.94 57.03 15.90
N GLY L 204 27.54 57.20 14.71
CA GLY L 204 28.98 57.43 14.55
C GLY L 204 29.61 58.51 15.42
N ASP L 205 29.34 58.47 16.72
CA ASP L 205 29.72 59.55 17.62
C ASP L 205 30.51 59.08 18.84
N HIS L 206 30.83 57.79 18.92
CA HIS L 206 31.74 57.30 19.95
C HIS L 206 32.58 56.14 19.46
N ILE L 207 33.69 55.87 20.14
CA ILE L 207 34.53 54.76 19.77
C ILE L 207 34.73 53.88 20.99
N VAL L 208 34.87 52.58 20.78
CA VAL L 208 35.16 51.68 21.88
C VAL L 208 36.45 50.99 21.63
N SER L 209 37.19 50.79 22.71
CA SER L 209 38.47 50.12 22.63
C SER L 209 38.63 49.15 23.76
N ALA L 210 39.58 48.24 23.62
CA ALA L 210 39.94 47.36 24.73
C ALA L 210 41.43 47.06 24.81
N SER L 211 41.92 46.80 26.02
CA SER L 211 43.37 46.78 26.22
C SER L 211 43.90 45.74 27.21
N ARG L 212 45.22 45.54 27.20
CA ARG L 212 45.91 44.78 28.24
C ARG L 212 45.74 45.48 29.59
N ASP L 213 45.32 46.74 29.49
CA ASP L 213 44.80 47.52 30.58
C ASP L 213 43.95 46.70 31.52
N LYS L 214 43.23 45.77 30.91
CA LYS L 214 42.11 45.06 31.52
C LYS L 214 40.93 46.01 31.41
N THR L 215 40.99 46.92 30.44
CA THR L 215 40.05 48.03 30.37
C THR L 215 39.29 48.14 29.05
N ILE L 216 38.12 48.75 29.12
CA ILE L 216 37.41 49.10 27.92
C ILE L 216 37.07 50.54 28.04
N LYS L 217 37.47 51.33 27.06
CA LYS L 217 37.24 52.78 27.12
C LYS L 217 36.34 53.25 26.02
N MET L 218 35.62 54.34 26.29
CA MET L 218 34.67 54.88 25.34
C MET L 218 35.01 56.27 24.99
N TRP L 219 35.35 56.53 23.74
CA TRP L 219 35.89 57.83 23.34
C TRP L 219 34.93 58.67 22.47
N GLU L 220 34.83 59.97 22.75
CA GLU L 220 34.00 60.88 21.96
C GLU L 220 34.66 61.20 20.62
N VAL L 221 34.03 60.87 19.49
CA VAL L 221 34.69 60.95 18.19
C VAL L 221 35.20 62.35 17.85
N GLN L 222 34.37 63.36 18.05
CA GLN L 222 34.78 64.68 17.58
C GLN L 222 35.48 65.56 18.62
N THR L 223 35.76 65.01 19.80
CA THR L 223 36.54 65.74 20.82
C THR L 223 37.70 64.89 21.35
N GLY L 224 37.82 63.66 20.89
CA GLY L 224 38.86 62.76 21.34
C GLY L 224 38.91 62.51 22.84
N TYR L 225 37.87 62.90 23.58
CA TYR L 225 37.84 62.69 25.02
C TYR L 225 37.55 61.22 25.34
N CYS L 226 38.14 60.73 26.43
CA CYS L 226 37.70 59.48 27.01
C CYS L 226 36.54 59.77 27.98
N VAL L 227 35.46 59.02 27.83
CA VAL L 227 34.19 59.39 28.43
C VAL L 227 33.72 58.40 29.48
N LYS L 228 33.99 57.13 29.23
CA LYS L 228 33.58 56.03 30.10
C LYS L 228 34.71 55.01 30.13
N THR L 229 34.92 54.40 31.30
CA THR L 229 35.87 53.29 31.40
C THR L 229 35.25 52.13 32.14
N PHE L 230 35.26 50.97 31.51
CA PHE L 230 34.63 49.77 32.05
C PHE L 230 35.62 48.87 32.78
N THR L 231 35.63 48.90 34.11
CA THR L 231 36.48 47.99 34.86
C THR L 231 35.75 46.66 35.07
N GLY L 232 36.47 45.55 34.93
CA GLY L 232 35.80 44.26 34.83
C GLY L 232 36.64 43.01 34.97
N HIS L 233 37.15 42.49 33.86
CA HIS L 233 37.90 41.24 33.86
C HIS L 233 39.20 41.44 34.61
N ARG L 234 39.78 40.35 35.10
CA ARG L 234 41.00 40.45 35.87
C ARG L 234 42.24 40.33 34.98
N GLU L 235 42.01 40.08 33.69
CA GLU L 235 43.13 39.99 32.73
C GLU L 235 42.83 40.72 31.41
N TRP L 236 43.86 40.77 30.56
CA TRP L 236 43.82 41.37 29.23
C TRP L 236 42.46 41.26 28.53
N VAL L 237 42.02 42.34 27.90
CA VAL L 237 40.76 42.33 27.14
C VAL L 237 41.07 42.31 25.66
N ARG L 238 40.48 41.39 24.92
CA ARG L 238 40.98 41.13 23.59
C ARG L 238 40.16 41.70 22.46
N MET L 239 38.87 41.95 22.73
CA MET L 239 37.93 42.43 21.71
C MET L 239 36.74 43.11 22.33
N VAL L 240 36.21 44.12 21.63
CA VAL L 240 34.92 44.67 22.01
C VAL L 240 34.07 44.89 20.81
N ARG L 241 32.79 44.59 20.96
CA ARG L 241 31.87 44.78 19.88
C ARG L 241 30.56 45.37 20.36
N PRO L 242 30.04 46.27 19.56
CA PRO L 242 28.76 46.90 19.83
C PRO L 242 27.65 45.95 19.42
N ASN L 243 26.46 46.34 19.79
CA ASN L 243 25.29 45.57 19.54
C ASN L 243 24.60 46.31 18.43
N GLN L 244 24.14 45.60 17.41
CA GLN L 244 23.45 46.22 16.28
C GLN L 244 22.80 47.54 16.63
N ASP L 245 21.95 47.50 17.66
CA ASP L 245 21.23 48.67 18.22
C ASP L 245 22.10 49.78 18.84
N GLY L 246 23.37 49.47 19.17
CA GLY L 246 24.25 50.41 19.85
C GLY L 246 24.18 50.40 21.38
N THR L 247 23.11 49.80 21.91
CA THR L 247 22.80 49.72 23.34
C THR L 247 23.76 48.93 24.23
N LEU L 248 24.47 47.97 23.63
CA LEU L 248 25.19 46.96 24.40
C LEU L 248 26.60 46.70 23.88
N ILE L 249 27.41 46.12 24.74
CA ILE L 249 28.82 45.92 24.45
C ILE L 249 29.33 44.51 24.85
N ALA L 250 30.02 43.85 23.92
CA ALA L 250 30.52 42.51 24.15
C ALA L 250 32.04 42.53 24.27
N SER L 251 32.55 42.11 25.42
CA SER L 251 34.00 42.06 25.64
C SER L 251 34.49 40.62 25.72
N CYS L 252 35.80 40.45 25.75
CA CYS L 252 36.46 39.21 25.39
C CYS L 252 37.84 39.17 25.99
N SER L 253 38.20 38.15 26.75
CA SER L 253 39.46 38.27 27.48
C SER L 253 40.17 37.01 27.89
N ASN L 254 41.32 37.21 28.53
CA ASN L 254 42.19 36.12 28.89
C ASN L 254 41.73 35.43 30.15
N ASP L 255 40.79 36.05 30.85
CA ASP L 255 40.16 35.43 32.02
C ASP L 255 39.16 34.36 31.59
N GLN L 256 39.23 34.00 30.31
CA GLN L 256 38.41 32.94 29.74
C GLN L 256 36.91 33.32 29.72
N THR L 257 36.62 34.62 29.72
CA THR L 257 35.27 35.09 29.95
C THR L 257 34.72 35.95 28.83
N VAL L 258 33.41 35.99 28.65
CA VAL L 258 32.78 36.93 27.75
C VAL L 258 31.86 37.81 28.56
N ARG L 259 32.04 39.11 28.48
CA ARG L 259 31.16 40.01 29.21
C ARG L 259 30.26 40.76 28.27
N VAL L 260 28.99 40.92 28.63
CA VAL L 260 28.10 41.78 27.87
C VAL L 260 27.73 42.95 28.76
N TRP L 261 28.13 44.16 28.38
CA TRP L 261 27.88 45.34 29.21
C TRP L 261 26.85 46.25 28.62
N VAL L 262 26.15 46.92 29.51
CA VAL L 262 25.22 47.98 29.14
C VAL L 262 25.98 49.29 28.93
N VAL L 263 25.96 49.80 27.70
CA VAL L 263 26.74 51.00 27.37
C VAL L 263 26.37 52.21 28.22
N ALA L 264 25.09 52.38 28.55
CA ALA L 264 24.66 53.57 29.27
C ALA L 264 24.90 53.54 30.81
N THR L 265 24.56 52.45 31.49
CA THR L 265 24.75 52.38 32.95
C THR L 265 26.09 51.78 33.41
N LYS L 266 26.86 51.27 32.45
CA LYS L 266 28.11 50.50 32.69
C LYS L 266 28.01 49.27 33.60
N GLU L 267 26.79 48.80 33.86
CA GLU L 267 26.53 47.49 34.50
C GLU L 267 26.79 46.39 33.49
N CYS L 268 26.90 45.15 33.92
CA CYS L 268 26.97 44.08 32.93
C CYS L 268 25.96 42.95 33.10
N LYS L 269 25.12 42.83 32.08
CA LYS L 269 24.01 41.89 32.04
C LYS L 269 24.48 40.48 32.28
N ALA L 270 25.60 40.13 31.64
CA ALA L 270 26.08 38.76 31.69
C ALA L 270 27.59 38.64 31.76
N GLU L 271 28.00 37.55 32.40
CA GLU L 271 29.36 37.05 32.38
C GLU L 271 29.23 35.62 31.92
N LEU L 272 29.76 35.35 30.74
CA LEU L 272 29.62 34.02 30.15
C LEU L 272 30.88 33.20 30.42
N ARG L 273 30.74 32.17 31.24
CA ARG L 273 31.94 31.59 31.86
C ARG L 273 32.53 30.31 31.28
N GLU L 274 31.70 29.47 30.65
CA GLU L 274 32.07 28.07 30.34
C GLU L 274 33.09 27.83 29.21
N HIS L 275 34.07 28.72 29.08
CA HIS L 275 35.20 28.56 28.17
C HIS L 275 36.40 28.04 28.97
N ARG L 276 37.20 27.16 28.37
CA ARG L 276 38.28 26.46 29.08
C ARG L 276 39.62 27.20 29.01
N HIS L 277 39.70 28.13 28.07
CA HIS L 277 40.94 28.82 27.72
C HIS L 277 40.60 30.19 27.20
N VAL L 278 41.61 31.04 27.03
CA VAL L 278 41.42 32.39 26.53
C VAL L 278 40.46 32.47 25.33
N VAL L 279 39.63 33.49 25.38
CA VAL L 279 38.68 33.80 24.34
C VAL L 279 39.25 34.87 23.48
N GLU L 280 39.23 34.65 22.18
CA GLU L 280 39.86 35.54 21.20
C GLU L 280 38.86 36.37 20.36
N CYS L 281 37.60 35.94 20.30
CA CYS L 281 36.68 36.40 19.27
C CYS L 281 35.29 36.67 19.81
N ILE L 282 34.62 37.68 19.26
CA ILE L 282 33.16 37.75 19.35
C ILE L 282 32.47 38.33 18.15
N SER L 283 31.30 37.76 17.81
CA SER L 283 30.42 38.35 16.84
C SER L 283 29.01 38.30 17.37
N TRP L 284 28.20 39.29 17.02
CA TRP L 284 26.76 39.27 17.29
C TRP L 284 25.95 38.65 16.14
N ALA L 285 24.84 38.00 16.47
CA ALA L 285 23.98 37.45 15.45
C ALA L 285 23.07 38.53 14.86
N PRO L 286 22.91 38.51 13.54
CA PRO L 286 22.03 39.44 12.82
C PRO L 286 20.56 39.01 12.50
N GLU L 287 20.20 39.17 11.22
CA GLU L 287 18.88 38.90 10.65
C GLU L 287 18.71 37.39 10.44
N SER L 288 18.69 36.67 11.55
CA SER L 288 18.81 35.22 11.51
C SER L 288 18.49 34.64 12.88
N SER L 289 17.62 35.32 13.61
CA SER L 289 17.28 34.90 14.95
C SER L 289 16.32 33.69 14.83
N TYR L 290 16.09 33.26 13.58
CA TYR L 290 15.41 32.01 13.26
C TYR L 290 16.20 30.82 13.82
N SER L 291 17.53 30.97 13.92
CA SER L 291 18.51 29.98 14.39
C SER L 291 18.04 29.18 15.58
N SER L 292 17.19 29.82 16.38
CA SER L 292 16.41 29.17 17.45
C SER L 292 16.10 27.71 17.11
N ILE L 293 15.35 27.48 16.03
CA ILE L 293 15.21 26.18 15.35
C ILE L 293 16.02 25.01 15.98
N SER L 294 17.35 25.17 15.98
CA SER L 294 18.31 24.15 16.41
C SER L 294 18.30 23.87 17.90
N GLU L 295 17.92 24.88 18.68
CA GLU L 295 17.72 24.77 20.13
C GLU L 295 16.59 25.70 20.60
N ALA L 296 15.32 25.30 20.44
CA ALA L 296 14.22 26.24 20.64
C ALA L 296 13.21 25.87 21.72
N THR L 297 13.40 24.70 22.36
CA THR L 297 12.52 24.29 23.47
C THR L 297 12.99 24.90 24.81
N GLY L 298 12.53 24.29 25.90
CA GLY L 298 12.61 24.86 27.24
C GLY L 298 11.20 24.83 27.81
N SER L 299 10.51 25.96 27.68
CA SER L 299 9.05 26.10 27.97
C SER L 299 8.51 27.51 27.61
N GLU L 300 7.23 27.53 27.24
CA GLU L 300 6.51 28.73 26.75
C GLU L 300 7.37 29.79 26.05
N GLY L 308 15.16 36.93 21.74
CA GLY L 308 16.39 37.12 22.49
C GLY L 308 17.62 37.45 21.64
N PRO L 309 18.69 37.94 22.27
CA PRO L 309 19.96 38.32 21.56
C PRO L 309 21.09 37.23 21.58
N PHE L 310 21.93 37.16 20.55
CA PHE L 310 23.02 36.15 20.58
C PHE L 310 24.40 36.59 20.06
N LEU L 311 25.44 35.96 20.64
CA LEU L 311 26.81 36.13 20.15
C LEU L 311 27.70 34.90 20.27
N LEU L 312 28.43 34.58 19.20
CA LEU L 312 29.42 33.51 19.27
C LEU L 312 30.76 34.05 19.67
N SER L 313 31.57 33.19 20.28
CA SER L 313 32.86 33.57 20.75
C SER L 313 33.82 32.47 20.36
N GLY L 314 34.82 32.82 19.55
CA GLY L 314 35.93 31.93 19.21
C GLY L 314 37.02 31.91 20.27
N SER L 315 37.68 30.78 20.42
CA SER L 315 38.65 30.58 21.52
C SER L 315 39.98 29.83 21.25
N ARG L 316 40.82 29.77 22.28
CA ARG L 316 42.03 28.95 22.26
C ARG L 316 41.63 27.62 22.84
N ASP L 317 40.44 27.17 22.44
CA ASP L 317 39.70 26.04 22.95
C ASP L 317 39.44 25.17 21.76
N LYS L 318 39.85 25.68 20.61
CA LYS L 318 39.40 25.22 19.30
C LYS L 318 37.88 25.24 19.16
N THR L 319 37.19 25.87 20.11
CA THR L 319 35.73 25.88 20.13
C THR L 319 35.10 27.15 19.60
N ILE L 320 33.86 27.05 19.12
CA ILE L 320 33.05 28.21 18.82
C ILE L 320 31.70 28.05 19.54
N LYS L 321 31.59 28.55 20.77
CA LYS L 321 30.30 28.56 21.45
C LYS L 321 29.32 29.57 20.89
N MET L 322 28.04 29.35 21.11
CA MET L 322 26.99 30.31 20.80
C MET L 322 26.35 30.62 22.11
N TRP L 323 25.84 31.84 22.28
CA TRP L 323 25.23 32.17 23.55
C TRP L 323 23.96 32.99 23.40
N ASP L 324 22.98 32.66 24.25
CA ASP L 324 21.90 33.59 24.51
C ASP L 324 22.13 34.30 25.85
N VAL L 325 22.20 35.61 25.72
CA VAL L 325 22.73 36.50 26.71
C VAL L 325 21.70 36.75 27.79
N SER L 326 20.44 36.86 27.37
CA SER L 326 19.29 36.98 28.25
C SER L 326 19.41 35.98 29.39
N THR L 327 19.67 34.74 29.01
CA THR L 327 19.57 33.64 29.93
C THR L 327 20.92 33.10 30.47
N GLY L 328 22.03 33.52 29.84
CA GLY L 328 23.37 33.11 30.25
C GLY L 328 23.82 31.74 29.76
N MET L 329 23.12 31.24 28.76
CA MET L 329 23.31 29.87 28.35
C MET L 329 24.19 29.86 27.12
N CYS L 330 25.20 28.98 27.13
CA CYS L 330 25.90 28.62 25.90
C CYS L 330 24.95 27.64 25.26
N LEU L 331 24.89 27.59 23.93
CA LEU L 331 23.77 26.96 23.24
C LEU L 331 24.18 25.91 22.26
N MET L 332 25.19 26.26 21.48
CA MET L 332 25.85 25.38 20.56
C MET L 332 27.26 25.34 21.07
N THR L 333 28.04 24.43 20.52
CA THR L 333 29.47 24.42 20.71
C THR L 333 29.94 23.78 19.43
N LEU L 334 30.40 24.58 18.48
CA LEU L 334 30.97 24.02 17.28
C LEU L 334 32.34 23.43 17.63
N VAL L 335 32.56 22.16 17.32
CA VAL L 335 33.89 21.59 17.58
C VAL L 335 34.73 21.68 16.34
N GLY L 336 35.30 22.89 16.21
CA GLY L 336 36.22 23.28 15.16
C GLY L 336 37.44 22.40 15.12
N HIS L 337 38.26 22.65 14.12
CA HIS L 337 39.46 21.89 13.97
C HIS L 337 40.48 22.30 15.06
N ASP L 338 41.73 22.54 14.65
CA ASP L 338 42.83 21.97 15.41
C ASP L 338 43.80 22.89 16.17
N ASN L 339 43.54 24.20 16.12
CA ASN L 339 44.28 25.17 16.95
C ASN L 339 43.39 26.36 17.33
N TRP L 340 43.98 27.42 17.89
CA TRP L 340 43.24 28.54 18.48
C TRP L 340 42.33 29.16 17.47
N VAL L 341 41.09 29.44 17.84
CA VAL L 341 40.20 30.10 16.89
C VAL L 341 40.61 31.58 16.85
N ARG L 342 40.39 32.22 15.71
CA ARG L 342 40.86 33.57 15.54
C ARG L 342 39.83 34.49 14.92
N GLY L 343 38.96 33.96 14.08
CA GLY L 343 37.87 34.72 13.52
C GLY L 343 36.55 34.06 13.85
N VAL L 344 35.43 34.74 13.60
CA VAL L 344 34.12 34.22 13.99
C VAL L 344 33.03 35.14 13.47
N LEU L 345 32.23 34.67 12.52
CA LEU L 345 31.51 35.56 11.65
C LEU L 345 30.24 34.93 11.08
N PHE L 346 29.09 35.57 11.24
CA PHE L 346 27.85 35.06 10.69
C PHE L 346 27.66 35.43 9.25
N HIS L 347 27.23 34.45 8.47
CA HIS L 347 26.92 34.68 7.06
C HIS L 347 25.96 35.84 6.87
N SER L 348 25.98 36.43 5.68
CA SER L 348 24.98 37.44 5.29
C SER L 348 23.52 37.08 5.60
N GLY L 349 23.13 35.81 5.45
CA GLY L 349 21.79 35.34 5.75
C GLY L 349 21.77 34.82 7.17
N GLY L 350 21.68 33.51 7.30
CA GLY L 350 21.72 32.86 8.60
C GLY L 350 22.13 31.43 8.37
N LYS L 351 22.27 31.15 7.08
CA LYS L 351 22.78 29.88 6.64
C LYS L 351 23.96 29.45 7.54
N PHE L 352 24.99 30.29 7.62
CA PHE L 352 26.33 29.82 7.98
C PHE L 352 27.18 30.69 8.90
N ILE L 353 28.01 30.04 9.71
CA ILE L 353 29.04 30.70 10.49
C ILE L 353 30.31 30.43 9.77
N LEU L 354 31.17 31.42 9.58
CA LEU L 354 32.50 31.14 9.05
C LEU L 354 33.48 31.21 10.17
N SER L 355 34.67 30.68 9.95
CA SER L 355 35.65 30.68 10.98
C SER L 355 37.04 30.62 10.36
N CYS L 356 38.06 30.96 11.15
CA CYS L 356 39.45 30.98 10.69
C CYS L 356 40.32 30.88 11.93
N ALA L 357 41.50 30.27 11.80
CA ALA L 357 42.36 30.11 12.98
C ALA L 357 43.81 29.66 12.71
N ASP L 358 44.39 28.99 13.69
CA ASP L 358 45.82 28.70 13.72
C ASP L 358 46.21 27.35 13.10
N ASP L 359 45.22 26.59 12.64
CA ASP L 359 45.46 25.54 11.66
C ASP L 359 45.23 26.25 10.36
N LYS L 360 46.24 26.35 9.51
CA LYS L 360 46.18 27.23 8.31
C LYS L 360 44.80 27.38 7.53
N THR L 361 43.69 27.33 8.28
CA THR L 361 42.33 26.92 7.83
C THR L 361 41.15 27.89 7.97
N LEU L 362 40.40 28.04 6.90
CA LEU L 362 39.17 28.82 6.94
C LEU L 362 37.95 27.90 6.82
N ARG L 363 37.24 27.69 7.93
CA ARG L 363 36.20 26.66 8.03
C ARG L 363 34.84 27.28 7.90
N VAL L 364 33.97 26.68 7.08
CA VAL L 364 32.57 27.13 6.91
C VAL L 364 31.54 26.23 7.58
N TRP L 365 30.79 26.74 8.56
CA TRP L 365 29.90 25.89 9.36
C TRP L 365 28.41 25.91 9.06
N ASP L 366 27.79 24.79 9.41
CA ASP L 366 26.34 24.59 9.39
C ASP L 366 25.87 24.20 10.80
N TYR L 367 25.29 25.17 11.48
CA TYR L 367 24.84 24.96 12.85
C TYR L 367 23.43 24.35 12.83
N LYS L 368 22.74 24.53 11.70
CA LYS L 368 21.80 23.55 11.23
C LYS L 368 22.52 22.23 11.45
N ASN L 369 22.17 21.51 12.51
CA ASN L 369 22.66 20.12 12.75
C ASN L 369 24.18 19.86 12.84
N LYS L 370 24.93 20.88 13.28
CA LYS L 370 26.31 20.71 13.73
C LYS L 370 27.37 20.09 12.78
N ARG L 371 27.21 20.34 11.49
CA ARG L 371 28.17 19.84 10.51
C ARG L 371 29.14 20.96 10.17
N CYS L 372 30.42 20.63 10.00
CA CYS L 372 31.41 21.56 9.47
C CYS L 372 31.56 21.27 7.99
N MET L 373 30.95 22.09 7.16
CA MET L 373 30.67 21.64 5.80
C MET L 373 31.57 22.17 4.68
N LYS L 374 32.81 22.49 5.03
CA LYS L 374 33.86 22.87 4.07
C LYS L 374 35.08 23.21 4.93
N THR L 375 36.29 23.11 4.37
CA THR L 375 37.53 23.50 5.05
C THR L 375 38.46 24.03 3.99
N LEU L 376 38.61 25.35 3.93
CA LEU L 376 39.58 25.93 3.01
C LEU L 376 40.95 25.69 3.57
N ASN L 377 41.92 25.44 2.69
CA ASN L 377 43.31 25.48 3.14
C ASN L 377 43.81 26.78 2.57
N ALA L 378 43.93 27.77 3.48
CA ALA L 378 43.92 29.18 3.13
C ALA L 378 45.28 29.86 3.12
N HIS L 379 46.09 29.63 4.16
CA HIS L 379 47.38 30.32 4.26
C HIS L 379 48.54 29.41 4.62
N GLU L 380 49.75 29.90 4.41
CA GLU L 380 50.98 29.15 4.70
C GLU L 380 51.23 29.03 6.17
N HIS L 381 50.76 30.02 6.92
CA HIS L 381 50.98 30.17 8.37
C HIS L 381 49.65 30.72 8.94
N PHE L 382 49.46 30.74 10.27
CA PHE L 382 48.10 30.96 10.78
C PHE L 382 47.30 32.15 10.29
N VAL L 383 45.98 31.99 10.31
CA VAL L 383 45.01 32.88 9.67
C VAL L 383 44.42 33.77 10.72
N THR L 384 44.73 35.06 10.65
CA THR L 384 44.50 35.99 11.76
C THR L 384 43.11 36.55 11.86
N SER L 385 42.39 36.53 10.74
CA SER L 385 41.16 37.28 10.61
C SER L 385 40.56 37.13 9.20
N LEU L 386 39.28 37.49 9.11
CA LEU L 386 38.42 37.25 7.95
C LEU L 386 37.31 38.27 7.96
N ASP L 387 36.76 38.56 6.80
CA ASP L 387 35.54 39.36 6.74
C ASP L 387 34.68 38.97 5.56
N PHE L 388 33.40 38.77 5.82
CA PHE L 388 32.44 38.49 4.77
C PHE L 388 31.89 39.80 4.28
N HIS L 389 31.58 39.90 3.01
CA HIS L 389 30.97 41.11 2.56
C HIS L 389 29.45 41.01 2.51
N LYS L 390 28.81 41.68 3.47
CA LYS L 390 27.35 41.82 3.57
C LYS L 390 26.59 41.94 2.22
N THR L 391 27.24 42.42 1.16
CA THR L 391 26.58 42.53 -0.14
C THR L 391 27.15 41.61 -1.18
N ALA L 392 28.43 41.74 -1.49
CA ALA L 392 28.93 41.14 -2.71
C ALA L 392 29.58 39.83 -2.37
N PRO L 393 29.94 39.07 -3.39
CA PRO L 393 30.36 37.67 -3.23
C PRO L 393 31.83 37.47 -2.92
N TYR L 394 32.33 38.16 -1.90
CA TYR L 394 33.76 38.13 -1.60
C TYR L 394 34.12 37.95 -0.11
N VAL L 395 35.25 37.29 0.12
CA VAL L 395 35.79 37.12 1.46
C VAL L 395 37.27 37.37 1.39
N VAL L 396 37.73 38.18 2.34
CA VAL L 396 39.14 38.48 2.47
C VAL L 396 39.55 37.84 3.75
N THR L 397 40.80 37.45 3.80
CA THR L 397 41.28 36.75 4.96
C THR L 397 42.73 37.14 5.14
N GLY L 398 43.15 37.41 6.36
CA GLY L 398 44.51 37.85 6.55
C GLY L 398 45.25 36.91 7.45
N SER L 399 46.55 36.71 7.18
CA SER L 399 47.32 35.83 8.03
C SER L 399 48.75 36.21 8.23
N VAL L 400 49.47 35.43 9.04
CA VAL L 400 50.86 35.69 9.36
C VAL L 400 51.79 35.43 8.19
N ASP L 401 51.30 34.83 7.12
CA ASP L 401 52.15 34.68 5.95
C ASP L 401 52.36 36.02 5.27
N GLN L 402 51.79 37.05 5.89
CA GLN L 402 51.97 38.43 5.51
C GLN L 402 51.11 38.79 4.35
N THR L 403 50.23 37.88 3.95
CA THR L 403 49.34 38.09 2.80
C THR L 403 47.90 38.41 3.19
N VAL L 404 47.20 39.07 2.29
CA VAL L 404 45.78 39.15 2.42
C VAL L 404 45.25 38.50 1.19
N LYS L 405 44.41 37.50 1.40
CA LYS L 405 43.94 36.60 0.36
C LYS L 405 42.47 36.92 0.10
N VAL L 406 42.04 36.79 -1.16
CA VAL L 406 40.66 37.11 -1.54
C VAL L 406 40.00 35.95 -2.26
N TRP L 407 38.82 35.57 -1.80
CA TRP L 407 38.08 34.39 -2.28
C TRP L 407 36.74 34.76 -2.88
N GLU L 408 36.37 34.16 -4.03
CA GLU L 408 35.06 34.45 -4.67
C GLU L 408 33.95 33.44 -4.30
N SER M 6 -76.70 23.73 -17.75
CA SER M 6 -76.99 23.22 -16.36
C SER M 6 -76.45 21.79 -16.20
N ASN M 7 -75.40 21.64 -15.37
CA ASN M 7 -74.67 20.35 -15.22
C ASN M 7 -75.33 19.29 -14.32
N PRO M 8 -75.70 18.14 -14.91
CA PRO M 8 -76.41 17.06 -14.23
C PRO M 8 -75.80 16.64 -12.90
N ALA M 9 -74.48 16.52 -12.84
CA ALA M 9 -73.82 16.02 -11.64
C ALA M 9 -74.04 16.93 -10.43
N ALA M 10 -74.55 18.14 -10.69
CA ALA M 10 -74.65 19.17 -9.68
C ALA M 10 -76.09 19.52 -9.32
N ILE M 11 -77.03 18.73 -9.83
CA ILE M 11 -78.44 18.86 -9.47
C ILE M 11 -78.76 17.85 -8.36
N PRO M 12 -79.00 18.33 -7.12
CA PRO M 12 -79.35 17.44 -6.01
C PRO M 12 -80.54 16.55 -6.32
N HIS M 13 -80.52 15.35 -5.73
CA HIS M 13 -81.43 14.29 -6.12
C HIS M 13 -81.31 13.13 -5.15
N ALA M 14 -82.42 12.78 -4.51
CA ALA M 14 -82.45 11.69 -3.54
C ALA M 14 -82.51 10.31 -4.21
N ALA M 15 -81.68 9.39 -3.71
CA ALA M 15 -81.62 8.02 -4.26
C ALA M 15 -82.89 7.23 -3.94
N GLU M 16 -83.67 6.92 -4.98
CA GLU M 16 -84.87 6.10 -4.83
C GLU M 16 -84.51 4.66 -4.47
N ASP M 17 -85.17 4.14 -3.43
CA ASP M 17 -84.97 2.76 -3.00
C ASP M 17 -85.71 1.84 -3.96
N ILE M 18 -84.97 0.95 -4.60
CA ILE M 18 -85.55 0.00 -5.53
C ILE M 18 -85.56 -1.41 -4.96
N GLN M 19 -85.01 -1.56 -3.76
CA GLN M 19 -84.81 -2.88 -3.15
C GLN M 19 -85.92 -3.30 -2.18
N GLY M 20 -86.43 -2.34 -1.39
CA GLY M 20 -87.53 -2.61 -0.48
C GLY M 20 -87.32 -2.29 0.99
N ASP M 21 -86.07 -2.30 1.45
CA ASP M 21 -85.78 -2.11 2.88
C ASP M 21 -85.50 -0.67 3.29
N ASP M 22 -85.75 0.26 2.35
CA ASP M 22 -85.53 1.70 2.54
C ASP M 22 -84.31 2.01 3.42
N ARG M 23 -83.16 1.55 2.95
CA ARG M 23 -81.93 1.69 3.72
C ARG M 23 -81.27 3.05 3.55
N TRP M 24 -81.39 3.63 2.36
CA TRP M 24 -80.73 4.91 2.11
C TRP M 24 -81.28 5.97 3.04
N MET M 25 -82.60 6.08 3.06
CA MET M 25 -83.26 7.08 3.86
C MET M 25 -83.04 6.82 5.35
N SER M 26 -82.94 5.54 5.72
CA SER M 26 -82.70 5.16 7.11
C SER M 26 -81.45 5.84 7.60
N GLN M 27 -80.40 5.74 6.80
CA GLN M 27 -79.09 6.28 7.14
C GLN M 27 -79.15 7.80 7.19
N HIS M 28 -79.78 8.41 6.21
CA HIS M 28 -79.81 9.84 6.12
C HIS M 28 -80.51 10.42 7.36
N ASN M 29 -81.62 9.81 7.76
CA ASN M 29 -82.31 10.22 8.98
C ASN M 29 -81.43 10.11 10.19
N ARG M 30 -80.74 8.97 10.34
CA ARG M 30 -79.80 8.79 11.43
C ARG M 30 -78.86 9.98 11.55
N PHE M 31 -78.36 10.45 10.41
CA PHE M 31 -77.46 11.58 10.34
C PHE M 31 -78.15 12.85 10.82
N VAL M 32 -79.35 13.12 10.30
CA VAL M 32 -80.07 14.33 10.67
C VAL M 32 -80.30 14.28 12.16
N LEU M 33 -80.71 13.11 12.66
CA LEU M 33 -80.87 12.91 14.09
C LEU M 33 -79.57 13.24 14.80
N ASP M 34 -78.46 12.73 14.26
CA ASP M 34 -77.14 13.02 14.80
C ASP M 34 -76.85 14.53 14.78
N CYS M 35 -77.35 15.22 13.75
CA CYS M 35 -77.16 16.67 13.59
C CYS M 35 -77.92 17.51 14.63
N LYS M 36 -78.97 16.90 15.19
CA LYS M 36 -79.87 17.62 16.09
C LYS M 36 -79.27 17.82 17.47
N ASP M 37 -78.48 16.86 17.94
CA ASP M 37 -78.03 16.91 19.34
C ASP M 37 -76.56 16.63 19.59
N LYS M 38 -75.81 16.21 18.57
CA LYS M 38 -74.36 16.11 18.73
C LYS M 38 -73.73 17.47 18.36
N GLU M 39 -72.40 17.58 18.53
CA GLU M 39 -71.69 18.83 18.28
C GLU M 39 -70.22 18.59 17.95
N PRO M 40 -69.92 18.21 16.71
CA PRO M 40 -68.58 17.74 16.34
C PRO M 40 -67.64 18.89 16.01
N ASP M 41 -66.33 18.60 16.01
CA ASP M 41 -65.31 19.51 15.52
C ASP M 41 -65.07 19.21 14.04
N VAL M 42 -65.15 17.92 13.68
CA VAL M 42 -64.79 17.44 12.35
C VAL M 42 -65.95 16.65 11.76
N LEU M 43 -66.20 16.87 10.46
CA LEU M 43 -67.31 16.24 9.75
C LEU M 43 -66.85 15.62 8.43
N PHE M 44 -66.98 14.31 8.30
CA PHE M 44 -66.64 13.64 7.04
C PHE M 44 -67.95 13.37 6.30
N VAL M 45 -68.06 13.90 5.09
CA VAL M 45 -69.18 13.52 4.22
C VAL M 45 -68.66 12.88 2.96
N GLY M 46 -69.49 12.04 2.37
CA GLY M 46 -69.13 11.42 1.11
C GLY M 46 -69.65 10.02 0.93
N ASP M 47 -68.92 9.26 0.10
CA ASP M 47 -69.38 7.97 -0.37
C ASP M 47 -68.80 6.86 0.50
N SER M 48 -68.79 5.65 -0.06
CA SER M 48 -68.27 4.47 0.61
C SER M 48 -66.87 4.66 1.19
N MET M 49 -66.00 5.37 0.47
CA MET M 49 -64.64 5.57 0.94
C MET M 49 -64.66 6.25 2.31
N VAL M 50 -65.59 7.18 2.51
CA VAL M 50 -65.78 7.80 3.81
C VAL M 50 -66.39 6.84 4.79
N GLN M 51 -67.49 6.20 4.37
CA GLN M 51 -68.29 5.33 5.21
C GLN M 51 -67.45 4.19 5.79
N LEU M 52 -66.64 3.57 4.93
CA LEU M 52 -65.88 2.38 5.29
C LEU M 52 -64.74 2.69 6.26
N MET M 53 -64.26 3.92 6.21
CA MET M 53 -63.17 4.35 7.08
C MET M 53 -63.48 4.12 8.54
N GLN M 54 -64.72 4.39 8.94
CA GLN M 54 -65.12 4.24 10.33
C GLN M 54 -65.00 2.81 10.85
N GLN M 55 -65.10 1.83 9.96
CA GLN M 55 -65.17 0.46 10.41
C GLN M 55 -63.78 -0.13 10.73
N TYR M 56 -62.74 0.65 10.44
CA TYR M 56 -61.39 0.19 10.68
C TYR M 56 -60.79 0.77 11.95
N GLU M 57 -59.93 -0.04 12.59
CA GLU M 57 -59.31 0.27 13.86
C GLU M 57 -58.72 1.66 13.90
N ILE M 58 -58.22 2.11 12.75
CA ILE M 58 -57.54 3.38 12.65
C ILE M 58 -58.49 4.58 12.82
N TRP M 59 -59.80 4.35 12.69
CA TRP M 59 -60.76 5.43 12.95
C TRP M 59 -60.80 5.79 14.44
N ARG M 60 -60.92 4.78 15.29
CA ARG M 60 -61.02 5.02 16.74
C ARG M 60 -59.67 5.47 17.28
N GLU M 61 -58.64 5.39 16.45
CA GLU M 61 -57.27 5.72 16.84
C GLU M 61 -56.92 7.18 16.54
N LEU M 62 -57.51 7.69 15.47
CA LEU M 62 -57.09 8.99 14.94
C LEU M 62 -58.14 10.09 15.00
N PHE M 63 -59.37 9.75 14.59
CA PHE M 63 -60.44 10.74 14.47
C PHE M 63 -61.51 10.67 15.52
N SER M 64 -61.67 9.49 16.13
CA SER M 64 -62.60 9.38 17.24
C SER M 64 -62.33 10.47 18.28
N PRO M 65 -61.09 10.62 18.75
CA PRO M 65 -60.76 11.64 19.76
C PRO M 65 -60.86 13.08 19.24
N LEU M 66 -61.11 13.24 17.95
CA LEU M 66 -61.20 14.57 17.41
C LEU M 66 -62.62 15.11 17.49
N HIS M 67 -63.53 14.26 17.96
CA HIS M 67 -64.97 14.55 17.98
C HIS M 67 -65.42 14.71 16.53
N ALA M 68 -65.44 13.57 15.85
CA ALA M 68 -65.65 13.52 14.43
C ALA M 68 -66.93 12.78 14.13
N LEU M 69 -67.70 13.30 13.17
CA LEU M 69 -68.85 12.57 12.68
C LEU M 69 -68.67 12.10 11.23
N ASN M 70 -69.32 10.99 10.92
CA ASN M 70 -69.12 10.35 9.63
C ASN M 70 -70.45 10.22 8.89
N PHE M 71 -70.65 11.04 7.87
CA PHE M 71 -71.92 11.04 7.17
C PHE M 71 -71.81 10.35 5.81
N GLY M 72 -71.05 9.27 5.78
CA GLY M 72 -70.83 8.59 4.53
C GLY M 72 -71.93 7.61 4.22
N ILE M 73 -72.29 7.51 2.95
CA ILE M 73 -73.10 6.38 2.49
C ILE M 73 -72.53 5.76 1.24
N GLY M 74 -72.57 4.43 1.21
CA GLY M 74 -71.99 3.66 0.12
C GLY M 74 -72.71 3.91 -1.20
N GLY M 75 -71.94 3.99 -2.28
CA GLY M 75 -72.51 4.11 -3.62
C GLY M 75 -73.17 5.45 -3.93
N ASP M 76 -73.12 6.38 -2.98
CA ASP M 76 -73.61 7.75 -3.18
C ASP M 76 -72.81 8.49 -4.24
N THR M 77 -73.49 9.35 -4.98
CA THR M 77 -72.89 10.15 -6.03
C THR M 77 -72.88 11.59 -5.56
N THR M 78 -72.30 12.50 -6.34
CA THR M 78 -72.33 13.92 -5.95
C THR M 78 -73.78 14.40 -5.82
N ARG M 79 -74.61 14.00 -6.76
CA ARG M 79 -76.03 14.31 -6.73
C ARG M 79 -76.64 13.97 -5.37
N HIS M 80 -76.32 12.78 -4.87
CA HIS M 80 -76.88 12.27 -3.62
C HIS M 80 -76.37 13.07 -2.44
N VAL M 81 -75.05 13.20 -2.35
CA VAL M 81 -74.43 13.94 -1.26
C VAL M 81 -74.95 15.35 -1.19
N LEU M 82 -75.09 16.00 -2.34
CA LEU M 82 -75.70 17.32 -2.38
C LEU M 82 -77.02 17.30 -1.64
N TRP M 83 -77.96 16.55 -2.18
CA TRP M 83 -79.31 16.44 -1.64
C TRP M 83 -79.28 16.26 -0.13
N ARG M 84 -78.45 15.33 0.32
CA ARG M 84 -78.29 15.02 1.73
C ARG M 84 -77.93 16.28 2.50
N LEU M 85 -76.95 17.02 1.98
CA LEU M 85 -76.47 18.23 2.63
C LEU M 85 -77.52 19.31 2.57
N LYS M 86 -78.19 19.41 1.43
CA LYS M 86 -79.27 20.39 1.27
C LYS M 86 -80.43 20.12 2.24
N ASN M 87 -80.73 18.85 2.47
CA ASN M 87 -81.87 18.47 3.31
C ASN M 87 -81.52 18.19 4.76
N GLY M 88 -80.58 18.97 5.30
CA GLY M 88 -80.44 19.06 6.74
C GLY M 88 -79.31 18.34 7.42
N GLU M 89 -78.30 17.91 6.67
CA GLU M 89 -77.13 17.31 7.29
C GLU M 89 -76.12 18.41 7.61
N LEU M 90 -76.57 19.65 7.47
CA LEU M 90 -75.68 20.78 7.72
C LEU M 90 -76.29 21.80 8.68
N GLU M 91 -77.22 21.36 9.50
CA GLU M 91 -77.92 22.25 10.41
C GLU M 91 -77.52 22.03 11.87
N ASN M 92 -77.50 23.11 12.64
CA ASN M 92 -77.21 23.09 14.08
C ASN M 92 -75.74 22.82 14.44
N ILE M 93 -75.10 21.85 13.77
CA ILE M 93 -73.66 21.61 13.93
C ILE M 93 -72.86 22.81 13.43
N LYS M 94 -71.66 22.99 13.99
CA LYS M 94 -70.72 24.00 13.50
C LYS M 94 -69.30 23.42 13.50
N PRO M 95 -69.06 22.38 12.70
CA PRO M 95 -67.75 21.73 12.69
C PRO M 95 -66.66 22.71 12.29
N LYS M 96 -65.46 22.50 12.80
CA LYS M 96 -64.32 23.35 12.46
C LYS M 96 -63.75 22.95 11.11
N VAL M 97 -63.74 21.64 10.86
CA VAL M 97 -63.21 21.08 9.62
C VAL M 97 -64.22 20.12 9.01
N ILE M 98 -64.38 20.22 7.69
CA ILE M 98 -65.21 19.29 6.95
C ILE M 98 -64.38 18.61 5.85
N VAL M 99 -64.55 17.31 5.74
CA VAL M 99 -63.79 16.50 4.83
C VAL M 99 -64.78 16.00 3.79
N VAL M 100 -64.55 16.34 2.55
CA VAL M 100 -65.43 15.89 1.48
C VAL M 100 -64.72 14.82 0.68
N TRP M 101 -65.41 13.72 0.41
CA TRP M 101 -64.83 12.66 -0.43
C TRP M 101 -65.91 11.96 -1.26
N VAL M 102 -66.09 12.48 -2.47
CA VAL M 102 -67.15 11.99 -3.34
C VAL M 102 -66.65 11.97 -4.76
N GLY M 103 -67.18 11.04 -5.56
CA GLY M 103 -67.10 11.18 -7.00
C GLY M 103 -66.85 9.89 -7.74
N THR M 104 -66.11 9.02 -7.11
CA THR M 104 -65.68 7.80 -7.78
C THR M 104 -66.86 6.95 -8.22
N ASN M 105 -68.05 7.22 -7.68
CA ASN M 105 -69.24 6.44 -8.03
C ASN M 105 -70.07 7.09 -9.13
N ASN M 106 -69.57 8.23 -9.63
CA ASN M 106 -70.27 9.00 -10.64
C ASN M 106 -70.00 8.53 -12.07
N HIS M 107 -70.18 7.24 -12.33
CA HIS M 107 -70.26 6.76 -13.71
C HIS M 107 -71.45 7.47 -14.27
N GLU M 108 -71.54 7.63 -15.58
CA GLU M 108 -72.65 8.42 -16.17
C GLU M 108 -72.39 9.93 -16.22
N ASN M 109 -71.29 10.38 -15.64
CA ASN M 109 -70.87 11.77 -15.79
C ASN M 109 -69.46 11.84 -16.35
N THR M 110 -69.22 12.84 -17.20
CA THR M 110 -67.85 13.15 -17.61
C THR M 110 -67.05 13.69 -16.43
N ALA M 111 -65.74 13.47 -16.48
CA ALA M 111 -64.84 14.01 -15.49
C ALA M 111 -65.17 15.46 -15.14
N GLU M 112 -65.35 16.26 -16.19
CA GLU M 112 -65.61 17.68 -16.08
C GLU M 112 -66.84 17.91 -15.21
N GLU M 113 -67.94 17.25 -15.56
CA GLU M 113 -69.20 17.39 -14.82
C GLU M 113 -69.00 17.07 -13.35
N VAL M 114 -68.29 15.97 -13.09
CA VAL M 114 -68.02 15.48 -11.74
C VAL M 114 -67.30 16.52 -10.89
N ALA M 115 -66.28 17.14 -11.46
CA ALA M 115 -65.57 18.20 -10.76
C ALA M 115 -66.55 19.31 -10.45
N GLY M 116 -67.39 19.65 -11.44
CA GLY M 116 -68.50 20.57 -11.21
C GLY M 116 -69.29 20.16 -9.98
N GLY M 117 -69.66 18.88 -9.90
CA GLY M 117 -70.38 18.34 -8.77
C GLY M 117 -69.75 18.66 -7.43
N ILE M 118 -68.50 18.23 -7.26
CA ILE M 118 -67.73 18.52 -6.04
C ILE M 118 -67.76 20.02 -5.75
N GLU M 119 -67.38 20.80 -6.77
CA GLU M 119 -67.36 22.25 -6.65
C GLU M 119 -68.68 22.76 -6.02
N ALA M 120 -69.82 22.29 -6.54
CA ALA M 120 -71.12 22.70 -6.04
C ALA M 120 -71.31 22.30 -4.58
N ILE M 121 -70.90 21.08 -4.23
CA ILE M 121 -70.92 20.64 -2.83
C ILE M 121 -70.15 21.64 -1.98
N VAL M 122 -68.90 21.88 -2.36
CA VAL M 122 -68.04 22.84 -1.67
C VAL M 122 -68.77 24.19 -1.48
N GLN M 123 -69.28 24.74 -2.58
CA GLN M 123 -70.02 25.98 -2.58
C GLN M 123 -71.11 25.96 -1.50
N LEU M 124 -71.89 24.89 -1.51
CA LEU M 124 -72.98 24.73 -0.56
C LEU M 124 -72.45 24.75 0.86
N ILE M 125 -71.42 23.95 1.11
CA ILE M 125 -70.90 23.86 2.48
C ILE M 125 -70.46 25.23 2.97
N ASN M 126 -69.58 25.91 2.25
CA ASN M 126 -69.16 27.21 2.77
C ASN M 126 -70.22 28.30 2.63
N THR M 127 -71.42 27.94 2.17
CA THR M 127 -72.56 28.86 2.31
C THR M 127 -73.24 28.62 3.66
N ARG M 128 -73.61 27.36 3.92
CA ARG M 128 -74.26 27.00 5.18
C ARG M 128 -73.28 26.97 6.36
N GLN M 129 -71.99 26.85 6.08
CA GLN M 129 -70.99 26.70 7.13
C GLN M 129 -69.74 27.57 6.92
N PRO M 130 -69.92 28.88 6.82
CA PRO M 130 -68.83 29.80 6.45
C PRO M 130 -67.54 29.70 7.28
N GLN M 131 -67.66 29.24 8.53
CA GLN M 131 -66.50 29.18 9.41
C GLN M 131 -65.65 27.91 9.20
N ALA M 132 -66.20 26.93 8.52
CA ALA M 132 -65.51 25.64 8.38
C ALA M 132 -64.46 25.65 7.29
N LYS M 133 -63.33 25.05 7.62
CA LYS M 133 -62.24 24.85 6.66
C LYS M 133 -62.45 23.49 6.01
N ILE M 134 -62.37 23.45 4.68
CA ILE M 134 -62.80 22.29 3.92
C ILE M 134 -61.63 21.54 3.29
N ILE M 135 -61.58 20.23 3.51
CA ILE M 135 -60.62 19.36 2.84
C ILE M 135 -61.38 18.51 1.85
N VAL M 136 -60.92 18.50 0.61
CA VAL M 136 -61.46 17.58 -0.36
C VAL M 136 -60.40 16.54 -0.70
N LEU M 137 -60.66 15.29 -0.37
CA LEU M 137 -59.81 14.19 -0.79
C LEU M 137 -60.03 13.92 -2.25
N GLY M 138 -58.92 13.79 -2.97
CA GLY M 138 -58.95 13.45 -4.38
C GLY M 138 -59.45 12.05 -4.63
N LEU M 139 -59.93 11.81 -5.83
CA LEU M 139 -60.40 10.49 -6.15
C LEU M 139 -59.22 9.53 -6.37
N LEU M 140 -59.36 8.33 -5.86
CA LEU M 140 -58.26 7.38 -5.95
C LEU M 140 -58.38 6.50 -7.17
N PRO M 141 -57.26 5.92 -7.60
CA PRO M 141 -57.26 4.94 -8.68
C PRO M 141 -58.12 3.75 -8.33
N ARG M 142 -58.47 2.96 -9.33
CA ARG M 142 -59.22 1.73 -9.11
C ARG M 142 -58.98 0.72 -10.22
N GLY M 143 -59.35 -0.53 -9.99
CA GLY M 143 -59.22 -1.56 -11.00
C GLY M 143 -57.86 -2.20 -10.93
N GLU M 144 -57.77 -3.48 -11.26
CA GLU M 144 -56.51 -4.16 -11.10
C GLU M 144 -55.48 -3.58 -12.03
N LYS M 145 -55.85 -3.48 -13.31
CA LYS M 145 -54.96 -3.03 -14.35
C LYS M 145 -55.55 -1.75 -14.95
N PRO M 146 -54.70 -0.89 -15.53
CA PRO M 146 -55.12 0.41 -16.07
C PRO M 146 -56.41 0.38 -16.88
N ASN M 147 -57.20 1.45 -16.82
CA ASN M 147 -58.53 1.50 -17.46
C ASN M 147 -59.13 2.91 -17.53
N PRO M 148 -60.09 3.12 -18.42
CA PRO M 148 -60.86 4.37 -18.51
C PRO M 148 -61.16 5.13 -17.20
N LEU M 149 -61.36 4.42 -16.11
CA LEU M 149 -61.76 5.07 -14.88
C LEU M 149 -60.57 5.67 -14.16
N ARG M 150 -59.46 4.93 -14.15
CA ARG M 150 -58.23 5.44 -13.56
C ARG M 150 -57.93 6.79 -14.18
N GLN M 151 -58.28 6.92 -15.45
CA GLN M 151 -58.15 8.16 -16.23
C GLN M 151 -59.13 9.21 -15.78
N LYS M 152 -60.39 8.82 -15.66
CA LYS M 152 -61.45 9.77 -15.33
C LYS M 152 -61.17 10.45 -13.98
N ASN M 153 -61.00 9.64 -12.94
CA ASN M 153 -60.67 10.14 -11.62
C ASN M 153 -59.46 11.08 -11.67
N ALA M 154 -58.43 10.67 -12.40
CA ALA M 154 -57.27 11.49 -12.60
C ALA M 154 -57.67 12.90 -13.04
N LYS M 155 -58.45 13.00 -14.13
CA LYS M 155 -58.92 14.30 -14.64
C LYS M 155 -59.61 15.09 -13.54
N VAL M 156 -60.53 14.44 -12.82
CA VAL M 156 -61.25 15.12 -11.75
C VAL M 156 -60.23 15.83 -10.88
N ASN M 157 -59.23 15.08 -10.44
CA ASN M 157 -58.20 15.63 -9.57
C ASN M 157 -57.49 16.82 -10.21
N GLN M 158 -57.14 16.68 -11.49
CA GLN M 158 -56.59 17.77 -12.30
C GLN M 158 -57.40 19.04 -12.12
N LEU M 159 -58.66 18.95 -12.53
CA LEU M 159 -59.55 20.07 -12.57
C LEU M 159 -59.74 20.70 -11.19
N LEU M 160 -59.74 19.85 -10.15
CA LEU M 160 -59.93 20.33 -8.78
C LEU M 160 -58.74 21.10 -8.28
N LYS M 161 -57.52 20.62 -8.59
CA LYS M 161 -56.32 21.35 -8.21
C LYS M 161 -56.36 22.78 -8.72
N VAL M 162 -56.98 22.96 -9.89
CA VAL M 162 -57.06 24.28 -10.52
C VAL M 162 -58.24 25.12 -10.03
N SER M 163 -59.39 24.48 -9.85
CA SER M 163 -60.64 25.16 -9.53
C SER M 163 -60.86 25.44 -8.03
N LEU M 164 -60.16 24.70 -7.17
CA LEU M 164 -60.40 24.80 -5.73
C LEU M 164 -59.65 25.90 -4.96
N PRO M 165 -58.43 26.29 -5.36
CA PRO M 165 -57.79 27.47 -4.75
C PRO M 165 -58.45 28.82 -5.09
N LYS M 166 -59.45 28.83 -5.98
CA LYS M 166 -60.47 29.88 -5.98
C LYS M 166 -61.42 29.37 -4.91
N LEU M 167 -62.56 30.02 -4.66
CA LEU M 167 -63.52 29.45 -3.67
C LEU M 167 -62.95 29.43 -2.23
N ALA M 168 -63.75 29.89 -1.27
CA ALA M 168 -63.23 30.18 0.08
C ALA M 168 -63.06 28.96 0.98
N ASN M 169 -61.89 28.90 1.61
CA ASN M 169 -61.53 27.88 2.60
C ASN M 169 -61.68 26.43 2.12
N VAL M 170 -60.98 26.11 1.04
CA VAL M 170 -60.93 24.75 0.53
C VAL M 170 -59.52 24.43 0.08
N GLN M 171 -59.09 23.21 0.35
CA GLN M 171 -57.91 22.68 -0.32
C GLN M 171 -58.16 21.24 -0.70
N LEU M 172 -57.56 20.85 -1.81
CA LEU M 172 -57.62 19.47 -2.25
C LEU M 172 -56.42 18.77 -1.61
N LEU M 173 -56.68 17.59 -1.07
CA LEU M 173 -55.61 16.74 -0.60
C LEU M 173 -55.63 15.51 -1.49
N ASP M 174 -54.74 15.50 -2.47
CA ASP M 174 -54.62 14.38 -3.40
C ASP M 174 -53.50 13.53 -2.84
N THR M 175 -53.88 12.59 -1.99
CA THR M 175 -52.90 11.65 -1.46
C THR M 175 -52.50 10.72 -2.59
N ASP M 176 -51.21 10.40 -2.66
CA ASP M 176 -50.89 9.11 -3.27
C ASP M 176 -49.89 8.22 -2.58
N GLY M 177 -50.47 7.26 -1.85
CA GLY M 177 -49.79 6.07 -1.40
C GLY M 177 -49.52 5.22 -2.61
N GLY M 178 -48.64 4.24 -2.48
CA GLY M 178 -48.16 3.53 -3.64
C GLY M 178 -49.19 2.62 -4.29
N PHE M 179 -50.37 3.14 -4.54
CA PHE M 179 -51.48 2.28 -4.87
C PHE M 179 -51.27 1.60 -6.20
N VAL M 180 -50.65 2.31 -7.14
CA VAL M 180 -50.23 1.69 -8.38
C VAL M 180 -48.75 1.51 -8.38
N HIS M 181 -48.29 0.33 -8.71
CA HIS M 181 -46.86 0.14 -8.84
C HIS M 181 -46.31 0.40 -10.22
N SER M 182 -45.05 0.06 -10.44
CA SER M 182 -44.44 0.31 -11.73
C SER M 182 -45.22 -0.37 -12.85
N ASP M 183 -45.58 -1.64 -12.66
CA ASP M 183 -46.29 -2.39 -13.70
C ASP M 183 -47.76 -1.97 -13.79
N GLY M 184 -48.12 -0.94 -13.03
CA GLY M 184 -49.42 -0.33 -13.10
C GLY M 184 -50.54 -1.15 -12.49
N ALA M 185 -50.18 -2.09 -11.62
CA ALA M 185 -51.15 -2.93 -10.96
C ALA M 185 -51.41 -2.48 -9.53
N ILE M 186 -52.66 -2.57 -9.09
CA ILE M 186 -53.03 -2.25 -7.72
C ILE M 186 -53.18 -3.52 -6.92
N SER M 187 -52.42 -3.64 -5.84
CA SER M 187 -52.43 -4.87 -5.04
C SER M 187 -53.70 -4.96 -4.23
N CYS M 188 -54.33 -6.13 -4.24
CA CYS M 188 -55.54 -6.34 -3.41
C CYS M 188 -55.22 -6.35 -1.93
N HIS M 189 -53.95 -6.16 -1.58
CA HIS M 189 -53.55 -5.96 -0.21
C HIS M 189 -53.76 -4.50 0.17
N ASP M 190 -54.10 -3.69 -0.82
CA ASP M 190 -54.36 -2.27 -0.61
C ASP M 190 -55.77 -1.92 -1.01
N MET M 191 -56.31 -2.65 -1.97
CA MET M 191 -57.71 -2.55 -2.31
C MET M 191 -58.30 -3.93 -2.53
N PHE M 192 -59.07 -4.41 -1.56
CA PHE M 192 -59.39 -5.83 -1.52
C PHE M 192 -60.32 -6.28 -2.63
N ASP M 193 -60.91 -5.29 -3.30
CA ASP M 193 -61.78 -5.54 -4.42
C ASP M 193 -61.40 -4.57 -5.54
N PHE M 194 -60.20 -4.02 -5.43
CA PHE M 194 -59.66 -3.04 -6.38
C PHE M 194 -60.44 -1.75 -6.44
N LEU M 195 -61.04 -1.39 -5.31
CA LEU M 195 -61.82 -0.16 -5.21
C LEU M 195 -61.81 0.35 -3.79
N HIS M 196 -62.32 -0.47 -2.87
CA HIS M 196 -62.38 -0.13 -1.46
C HIS M 196 -61.08 -0.48 -0.77
N LEU M 197 -60.68 0.35 0.19
CA LEU M 197 -59.38 0.18 0.85
C LEU M 197 -59.42 -0.88 1.92
N THR M 198 -58.27 -1.51 2.17
CA THR M 198 -58.08 -2.39 3.31
C THR M 198 -57.64 -1.56 4.50
N GLY M 199 -57.53 -2.19 5.67
CA GLY M 199 -56.93 -1.52 6.81
C GLY M 199 -55.62 -0.83 6.44
N GLY M 200 -54.72 -1.60 5.85
CA GLY M 200 -53.47 -1.09 5.31
C GLY M 200 -53.68 0.15 4.47
N GLY M 201 -54.58 0.05 3.50
CA GLY M 201 -54.85 1.14 2.58
C GLY M 201 -55.17 2.44 3.30
N TYR M 202 -56.19 2.38 4.17
CA TYR M 202 -56.64 3.58 4.87
C TYR M 202 -55.51 4.25 5.61
N ALA M 203 -54.62 3.44 6.16
CA ALA M 203 -53.48 3.96 6.89
C ALA M 203 -52.63 4.85 6.00
N LYS M 204 -52.47 4.48 4.73
CA LYS M 204 -51.73 5.32 3.79
C LYS M 204 -52.48 6.64 3.54
N ILE M 205 -53.80 6.60 3.62
CA ILE M 205 -54.61 7.78 3.37
C ILE M 205 -54.74 8.64 4.60
N CYS M 206 -54.85 7.97 5.75
CA CYS M 206 -55.29 8.64 6.96
C CYS M 206 -54.16 9.40 7.61
N LYS M 207 -52.98 8.77 7.69
CA LYS M 207 -51.83 9.45 8.28
C LYS M 207 -51.74 10.92 7.80
N PRO M 208 -51.60 11.16 6.50
CA PRO M 208 -51.52 12.53 5.99
C PRO M 208 -52.80 13.33 6.26
N LEU M 209 -53.96 12.71 6.05
CA LEU M 209 -55.21 13.42 6.31
C LEU M 209 -55.28 13.94 7.73
N HIS M 210 -55.01 13.05 8.68
CA HIS M 210 -55.05 13.37 10.11
C HIS M 210 -54.12 14.52 10.37
N GLU M 211 -52.91 14.36 9.85
CA GLU M 211 -51.84 15.31 10.05
C GLU M 211 -52.27 16.68 9.56
N LEU M 212 -53.03 16.71 8.46
CA LEU M 212 -53.53 17.99 7.96
C LEU M 212 -54.62 18.57 8.86
N ILE M 213 -55.63 17.77 9.16
CA ILE M 213 -56.71 18.22 10.02
C ILE M 213 -56.12 18.85 11.27
N MET M 214 -55.32 18.09 12.00
CA MET M 214 -54.69 18.60 13.22
C MET M 214 -54.10 20.00 13.06
N GLN M 215 -53.47 20.25 11.90
CA GLN M 215 -52.94 21.56 11.54
C GLN M 215 -54.08 22.56 11.54
N LEU M 216 -55.07 22.29 10.70
CA LEU M 216 -56.26 23.13 10.54
C LEU M 216 -56.97 23.44 11.84
N LEU M 217 -57.04 22.46 12.73
CA LEU M 217 -57.67 22.63 14.05
C LEU M 217 -56.85 23.54 14.93
N GLU M 218 -55.54 23.29 14.97
CA GLU M 218 -54.60 24.11 15.71
C GLU M 218 -54.56 25.55 15.22
N GLU M 219 -55.19 25.84 14.08
CA GLU M 219 -55.30 27.20 13.55
C GLU M 219 -56.18 28.18 14.39
N THR M 220 -57.45 27.83 14.68
CA THR M 220 -58.28 28.62 15.62
C THR M 220 -59.30 27.78 16.44
N PRO M 221 -59.31 27.94 17.78
CA PRO M 221 -60.18 27.17 18.68
C PRO M 221 -61.32 27.87 19.48
N GLU M 222 -61.71 29.11 19.15
CA GLU M 222 -62.79 29.80 19.88
C GLU M 222 -64.15 29.81 19.12
N GLU M 223 -64.90 28.70 19.22
CA GLU M 223 -66.08 28.40 18.36
C GLU M 223 -67.46 28.77 18.97
N SER N 6 -87.91 -24.44 -15.04
CA SER N 6 -86.45 -24.15 -14.87
C SER N 6 -86.24 -22.82 -14.13
N ASN N 7 -85.77 -22.94 -12.88
CA ASN N 7 -85.64 -21.81 -11.93
C ASN N 7 -84.51 -20.81 -12.21
N PRO N 8 -84.85 -19.56 -12.56
CA PRO N 8 -83.86 -18.53 -12.91
C PRO N 8 -82.72 -18.31 -11.90
N ALA N 9 -83.00 -18.38 -10.60
CA ALA N 9 -81.98 -18.16 -9.58
C ALA N 9 -80.86 -19.21 -9.61
N ALA N 10 -81.08 -20.30 -10.32
CA ALA N 10 -80.15 -21.42 -10.34
C ALA N 10 -79.52 -21.66 -11.70
N ILE N 11 -79.68 -20.71 -12.61
CA ILE N 11 -78.97 -20.80 -13.87
C ILE N 11 -77.74 -19.90 -13.80
N PRO N 12 -76.56 -20.52 -13.89
CA PRO N 12 -75.28 -19.80 -13.77
C PRO N 12 -75.17 -18.67 -14.81
N HIS N 13 -74.47 -17.60 -14.45
CA HIS N 13 -74.52 -16.35 -15.21
C HIS N 13 -73.44 -15.39 -14.69
N ALA N 14 -72.49 -15.03 -15.56
CA ALA N 14 -71.41 -14.11 -15.19
C ALA N 14 -71.90 -12.67 -15.20
N ALA N 15 -71.51 -11.90 -14.17
CA ALA N 15 -71.92 -10.51 -14.05
C ALA N 15 -71.19 -9.60 -15.03
N GLU N 16 -71.92 -9.04 -15.99
CA GLU N 16 -71.33 -8.15 -16.97
C GLU N 16 -70.94 -6.83 -16.34
N ASP N 17 -69.72 -6.39 -16.61
CA ASP N 17 -69.25 -5.11 -16.08
C ASP N 17 -69.83 -3.97 -16.91
N ILE N 18 -70.59 -3.09 -16.24
CA ILE N 18 -71.17 -1.94 -16.91
C ILE N 18 -70.44 -0.66 -16.56
N GLN N 19 -69.44 -0.76 -15.69
CA GLN N 19 -68.74 0.40 -15.13
C GLN N 19 -67.47 0.79 -15.91
N GLY N 20 -66.70 -0.20 -16.37
CA GLY N 20 -65.51 0.08 -17.15
C GLY N 20 -64.21 -0.49 -16.62
N ASP N 21 -64.13 -0.73 -15.31
CA ASP N 21 -62.88 -1.15 -14.65
C ASP N 21 -62.68 -2.67 -14.56
N ASP N 22 -63.61 -3.41 -15.14
CA ASP N 22 -63.57 -4.87 -15.16
C ASP N 22 -63.13 -5.46 -13.80
N ARG N 23 -63.83 -5.08 -12.74
CA ARG N 23 -63.45 -5.44 -11.38
C ARG N 23 -63.96 -6.81 -10.97
N TRP N 24 -65.11 -7.22 -11.49
CA TRP N 24 -65.67 -8.49 -11.09
C TRP N 24 -64.79 -9.62 -11.58
N MET N 25 -64.45 -9.56 -12.87
CA MET N 25 -63.60 -10.59 -13.47
C MET N 25 -62.21 -10.59 -12.83
N SER N 26 -61.72 -9.41 -12.48
CA SER N 26 -60.41 -9.29 -11.87
C SER N 26 -60.34 -10.16 -10.62
N GLN N 27 -61.37 -10.05 -9.79
CA GLN N 27 -61.45 -10.83 -8.55
C GLN N 27 -61.62 -12.33 -8.81
N HIS N 28 -62.47 -12.68 -9.78
CA HIS N 28 -62.66 -14.10 -10.07
C HIS N 28 -61.36 -14.73 -10.46
N ASN N 29 -60.62 -14.03 -11.32
CA ASN N 29 -59.34 -14.53 -11.76
C ASN N 29 -58.40 -14.72 -10.59
N ARG N 30 -58.31 -13.70 -9.74
CA ARG N 30 -57.51 -13.80 -8.52
C ARG N 30 -57.76 -15.11 -7.77
N PHE N 31 -59.03 -15.49 -7.67
CA PHE N 31 -59.42 -16.71 -6.98
C PHE N 31 -58.94 -17.94 -7.75
N VAL N 32 -59.13 -17.94 -9.06
CA VAL N 32 -58.75 -19.10 -9.84
C VAL N 32 -57.26 -19.28 -9.66
N LEU N 33 -56.54 -18.18 -9.76
CA LEU N 33 -55.10 -18.17 -9.56
C LEU N 33 -54.83 -18.74 -8.17
N ASP N 34 -55.56 -18.27 -7.16
CA ASP N 34 -55.45 -18.79 -5.80
C ASP N 34 -55.73 -20.28 -5.76
N CYS N 35 -56.62 -20.75 -6.62
CA CYS N 35 -56.99 -22.16 -6.68
C CYS N 35 -55.92 -23.04 -7.30
N LYS N 36 -55.03 -22.43 -8.06
CA LYS N 36 -54.05 -23.19 -8.80
C LYS N 36 -52.89 -23.63 -7.91
N ASP N 37 -52.53 -22.84 -6.90
CA ASP N 37 -51.35 -23.20 -6.11
C ASP N 37 -51.44 -23.04 -4.60
N LYS N 38 -52.57 -22.62 -4.09
CA LYS N 38 -52.79 -22.75 -2.67
C LYS N 38 -53.39 -24.12 -2.36
N GLU N 39 -53.59 -24.41 -1.08
CA GLU N 39 -54.20 -25.67 -0.66
C GLU N 39 -54.87 -25.57 0.74
N PRO N 40 -56.09 -25.02 0.80
CA PRO N 40 -56.71 -24.66 2.09
C PRO N 40 -57.45 -25.83 2.73
N ASP N 41 -57.75 -25.69 4.03
CA ASP N 41 -58.60 -26.62 4.77
C ASP N 41 -60.03 -26.17 4.61
N VAL N 42 -60.22 -24.86 4.64
CA VAL N 42 -61.55 -24.28 4.69
C VAL N 42 -61.73 -23.24 3.59
N LEU N 43 -62.92 -23.18 3.02
CA LEU N 43 -63.19 -22.31 1.90
C LEU N 43 -64.51 -21.58 2.09
N PHE N 44 -64.46 -20.27 2.10
CA PHE N 44 -65.67 -19.46 2.20
C PHE N 44 -66.04 -18.95 0.82
N VAL N 45 -67.22 -19.30 0.36
CA VAL N 45 -67.76 -18.72 -0.86
C VAL N 45 -69.01 -17.90 -0.57
N GLY N 46 -69.25 -16.88 -1.38
CA GLY N 46 -70.47 -16.12 -1.24
C GLY N 46 -70.36 -14.65 -1.60
N ASP N 47 -71.21 -13.86 -0.96
CA ASP N 47 -71.37 -12.45 -1.30
C ASP N 47 -70.58 -11.56 -0.37
N SER N 48 -70.98 -10.29 -0.35
CA SER N 48 -70.43 -9.27 0.53
C SER N 48 -70.26 -9.74 1.97
N MET N 49 -71.23 -10.46 2.52
CA MET N 49 -71.13 -10.89 3.92
C MET N 49 -69.87 -11.72 4.12
N VAL N 50 -69.55 -12.57 3.13
CA VAL N 50 -68.35 -13.40 3.13
C VAL N 50 -67.14 -12.51 2.93
N GLN N 51 -67.18 -11.69 1.89
CA GLN N 51 -66.01 -10.91 1.51
C GLN N 51 -65.57 -9.93 2.61
N LEU N 52 -66.53 -9.24 3.23
CA LEU N 52 -66.22 -8.22 4.24
C LEU N 52 -65.66 -8.81 5.52
N MET N 53 -66.00 -10.08 5.78
CA MET N 53 -65.51 -10.75 6.98
C MET N 53 -63.99 -10.75 7.09
N GLN N 54 -63.32 -10.90 5.96
CA GLN N 54 -61.86 -10.85 5.85
C GLN N 54 -61.27 -9.55 6.40
N GLN N 55 -61.99 -8.46 6.23
CA GLN N 55 -61.46 -7.13 6.50
C GLN N 55 -61.35 -6.82 7.97
N TYR N 56 -61.98 -7.64 8.79
CA TYR N 56 -62.03 -7.37 10.21
C TYR N 56 -61.05 -8.22 11.02
N GLU N 57 -60.56 -7.65 12.13
CA GLU N 57 -59.54 -8.28 12.98
C GLU N 57 -59.88 -9.71 13.36
N ILE N 58 -61.16 -10.01 13.47
CA ILE N 58 -61.58 -11.33 13.89
C ILE N 58 -61.30 -12.40 12.83
N TRP N 59 -61.06 -12.00 11.58
CA TRP N 59 -60.69 -12.99 10.57
C TRP N 59 -59.27 -13.55 10.79
N ARG N 60 -58.31 -12.68 11.06
CA ARG N 60 -56.95 -13.16 11.27
C ARG N 60 -56.76 -13.76 12.67
N GLU N 61 -57.80 -13.65 13.50
CA GLU N 61 -57.79 -14.24 14.84
C GLU N 61 -58.41 -15.65 14.87
N LEU N 62 -59.31 -15.95 13.92
CA LEU N 62 -60.12 -17.16 13.98
C LEU N 62 -59.92 -18.13 12.85
N PHE N 63 -59.96 -17.60 11.62
CA PHE N 63 -59.93 -18.42 10.42
C PHE N 63 -58.59 -18.42 9.72
N SER N 64 -57.81 -17.36 9.92
CA SER N 64 -56.50 -17.31 9.31
C SER N 64 -55.69 -18.57 9.61
N PRO N 65 -55.63 -18.99 10.87
CA PRO N 65 -54.81 -20.12 11.24
C PRO N 65 -55.47 -21.42 10.88
N LEU N 66 -56.66 -21.38 10.31
CA LEU N 66 -57.30 -22.61 9.90
C LEU N 66 -56.96 -22.92 8.45
N HIS N 67 -56.19 -22.01 7.83
CA HIS N 67 -55.78 -22.12 6.44
C HIS N 67 -57.02 -22.05 5.60
N ALA N 68 -57.58 -20.85 5.59
CA ALA N 68 -58.88 -20.59 5.00
C ALA N 68 -58.75 -19.67 3.82
N LEU N 69 -59.54 -19.94 2.80
CA LEU N 69 -59.62 -19.04 1.66
C LEU N 69 -60.98 -18.35 1.60
N ASN N 70 -60.98 -17.13 1.10
CA ASN N 70 -62.21 -16.36 1.00
C ASN N 70 -62.52 -15.93 -0.44
N PHE N 71 -63.54 -16.56 -1.01
CA PHE N 71 -63.87 -16.31 -2.40
C PHE N 71 -65.13 -15.45 -2.52
N GLY N 72 -65.23 -14.46 -1.64
CA GLY N 72 -66.43 -13.64 -1.60
C GLY N 72 -66.33 -12.47 -2.54
N ILE N 73 -67.42 -12.14 -3.23
CA ILE N 73 -67.53 -10.89 -3.97
C ILE N 73 -68.77 -10.14 -3.56
N GLY N 74 -68.64 -8.83 -3.40
CA GLY N 74 -69.77 -7.99 -3.02
C GLY N 74 -70.85 -7.95 -4.09
N GLY N 75 -72.10 -7.97 -3.64
CA GLY N 75 -73.22 -7.83 -4.55
C GLY N 75 -73.51 -9.02 -5.46
N ASP N 76 -72.73 -10.09 -5.34
CA ASP N 76 -73.00 -11.33 -6.07
C ASP N 76 -74.32 -11.99 -5.64
N THR N 77 -74.95 -12.66 -6.60
CA THR N 77 -76.20 -13.38 -6.32
C THR N 77 -75.90 -14.86 -6.49
N THR N 78 -76.91 -15.69 -6.27
CA THR N 78 -76.74 -17.13 -6.46
C THR N 78 -76.24 -17.40 -7.88
N ARG N 79 -76.89 -16.78 -8.85
CA ARG N 79 -76.52 -16.95 -10.25
C ARG N 79 -75.02 -16.74 -10.47
N HIS N 80 -74.48 -15.69 -9.85
CA HIS N 80 -73.07 -15.33 -9.95
C HIS N 80 -72.18 -16.38 -9.30
N VAL N 81 -72.46 -16.69 -8.04
CA VAL N 81 -71.64 -17.64 -7.27
C VAL N 81 -71.58 -18.97 -8.00
N LEU N 82 -72.71 -19.40 -8.53
CA LEU N 82 -72.74 -20.64 -9.29
C LEU N 82 -71.69 -20.55 -10.38
N TRP N 83 -71.87 -19.59 -11.28
CA TRP N 83 -71.00 -19.38 -12.42
C TRP N 83 -69.55 -19.45 -12.01
N ARG N 84 -69.20 -18.68 -10.98
CA ARG N 84 -67.85 -18.65 -10.44
C ARG N 84 -67.36 -20.05 -10.07
N LEU N 85 -68.18 -20.79 -9.33
CA LEU N 85 -67.86 -22.15 -8.93
C LEU N 85 -67.76 -23.08 -10.11
N LYS N 86 -68.69 -22.93 -11.06
CA LYS N 86 -68.68 -23.73 -12.30
C LYS N 86 -67.43 -23.46 -13.13
N ASN N 87 -66.97 -22.23 -13.14
CA ASN N 87 -65.83 -21.86 -13.96
C ASN N 87 -64.47 -21.83 -13.23
N GLY N 88 -64.30 -22.77 -12.31
CA GLY N 88 -62.98 -23.10 -11.85
C GLY N 88 -62.54 -22.63 -10.49
N GLU N 89 -63.48 -22.20 -9.66
CA GLU N 89 -63.14 -21.85 -8.29
C GLU N 89 -63.22 -23.10 -7.43
N LEU N 90 -63.35 -24.25 -8.08
CA LEU N 90 -63.47 -25.49 -7.36
C LEU N 90 -62.53 -26.58 -7.84
N GLU N 91 -61.43 -26.14 -8.47
CA GLU N 91 -60.45 -27.07 -9.04
C GLU N 91 -59.15 -27.14 -8.24
N ASN N 92 -58.55 -28.33 -8.21
CA ASN N 92 -57.25 -28.55 -7.59
C ASN N 92 -57.26 -28.53 -6.06
N ILE N 93 -57.96 -27.58 -5.47
CA ILE N 93 -58.09 -27.55 -4.02
C ILE N 93 -59.01 -28.70 -3.53
N LYS N 94 -58.83 -29.10 -2.28
CA LYS N 94 -59.70 -30.11 -1.67
C LYS N 94 -59.96 -29.70 -0.22
N PRO N 95 -60.69 -28.59 -0.01
CA PRO N 95 -60.97 -28.11 1.34
C PRO N 95 -61.72 -29.17 2.14
N LYS N 96 -61.52 -29.17 3.45
CA LYS N 96 -62.24 -30.07 4.36
C LYS N 96 -63.63 -29.55 4.63
N VAL N 97 -63.74 -28.24 4.78
CA VAL N 97 -65.03 -27.60 4.98
C VAL N 97 -65.22 -26.42 4.02
N ILE N 98 -66.45 -26.26 3.55
CA ILE N 98 -66.79 -25.14 2.72
C ILE N 98 -67.98 -24.42 3.37
N VAL N 99 -67.87 -23.10 3.43
CA VAL N 99 -68.89 -22.27 4.01
C VAL N 99 -69.55 -21.50 2.87
N VAL N 100 -70.85 -21.70 2.70
CA VAL N 100 -71.58 -20.93 1.69
C VAL N 100 -72.46 -19.90 2.35
N TRP N 101 -72.38 -18.66 1.85
CA TRP N 101 -73.20 -17.57 2.34
C TRP N 101 -73.63 -16.64 1.20
N VAL N 102 -74.79 -16.96 0.61
CA VAL N 102 -75.32 -16.20 -0.52
C VAL N 102 -76.82 -16.07 -0.43
N GLY N 103 -77.35 -15.00 -0.99
CA GLY N 103 -78.77 -14.95 -1.28
C GLY N 103 -79.37 -13.59 -1.04
N THR N 104 -78.84 -12.88 -0.05
CA THR N 104 -79.45 -11.63 0.39
C THR N 104 -79.43 -10.54 -0.68
N ASN N 105 -78.66 -10.74 -1.74
CA ASN N 105 -78.59 -9.81 -2.85
C ASN N 105 -79.55 -10.18 -3.97
N ASN N 106 -80.28 -11.27 -3.78
CA ASN N 106 -81.16 -11.82 -4.81
C ASN N 106 -82.54 -11.19 -4.85
N HIS N 107 -82.60 -9.86 -4.89
CA HIS N 107 -83.84 -9.18 -5.28
C HIS N 107 -84.13 -9.66 -6.70
N GLU N 108 -85.38 -9.59 -7.13
CA GLU N 108 -85.73 -10.12 -8.45
C GLU N 108 -86.02 -11.62 -8.43
N ASN N 109 -85.82 -12.27 -7.29
CA ASN N 109 -86.22 -13.66 -7.15
C ASN N 109 -87.10 -13.87 -5.91
N THR N 110 -88.13 -14.70 -6.03
CA THR N 110 -88.95 -15.08 -4.88
C THR N 110 -88.11 -15.92 -3.93
N ALA N 111 -88.46 -15.89 -2.64
CA ALA N 111 -87.72 -16.66 -1.64
C ALA N 111 -87.52 -18.12 -2.08
N GLU N 112 -88.60 -18.72 -2.58
CA GLU N 112 -88.60 -20.09 -3.11
C GLU N 112 -87.44 -20.29 -4.07
N GLU N 113 -87.41 -19.46 -5.11
CA GLU N 113 -86.39 -19.50 -6.15
C GLU N 113 -85.01 -19.44 -5.54
N VAL N 114 -84.82 -18.49 -4.63
CA VAL N 114 -83.55 -18.27 -3.93
C VAL N 114 -83.06 -19.53 -3.22
N ALA N 115 -83.95 -20.18 -2.48
CA ALA N 115 -83.61 -21.41 -1.80
C ALA N 115 -83.15 -22.42 -2.84
N GLY N 116 -83.87 -22.49 -3.95
CA GLY N 116 -83.48 -23.32 -5.08
C GLY N 116 -82.06 -23.03 -5.51
N GLY N 117 -81.73 -21.74 -5.62
CA GLY N 117 -80.38 -21.29 -5.97
C GLY N 117 -79.31 -21.87 -5.06
N ILE N 118 -79.40 -21.60 -3.76
CA ILE N 118 -78.48 -22.17 -2.78
C ILE N 118 -78.37 -23.69 -2.93
N GLU N 119 -79.52 -24.36 -2.93
CA GLU N 119 -79.58 -25.80 -3.13
C GLU N 119 -78.71 -26.23 -4.30
N ALA N 120 -78.88 -25.58 -5.45
CA ALA N 120 -78.10 -25.88 -6.65
C ALA N 120 -76.59 -25.70 -6.41
N ILE N 121 -76.23 -24.60 -5.73
CA ILE N 121 -74.86 -24.33 -5.34
C ILE N 121 -74.34 -25.53 -4.55
N VAL N 122 -75.08 -25.90 -3.50
CA VAL N 122 -74.70 -27.01 -2.66
C VAL N 122 -74.54 -28.28 -3.48
N GLN N 123 -75.53 -28.58 -4.32
CA GLN N 123 -75.47 -29.73 -5.24
C GLN N 123 -74.14 -29.76 -6.01
N LEU N 124 -73.81 -28.63 -6.64
CA LEU N 124 -72.59 -28.50 -7.41
C LEU N 124 -71.37 -28.79 -6.55
N ILE N 125 -71.32 -28.16 -5.38
CA ILE N 125 -70.19 -28.30 -4.49
C ILE N 125 -69.93 -29.77 -4.16
N ASN N 126 -70.92 -30.47 -3.65
CA ASN N 126 -70.69 -31.86 -3.31
C ASN N 126 -70.65 -32.81 -4.52
N THR N 127 -70.75 -32.26 -5.73
CA THR N 127 -70.41 -33.03 -6.92
C THR N 127 -68.93 -32.87 -7.19
N ARG N 128 -68.46 -31.63 -7.24
CA ARG N 128 -67.05 -31.36 -7.51
C ARG N 128 -66.16 -31.59 -6.29
N GLN N 129 -66.75 -31.55 -5.10
CA GLN N 129 -65.98 -31.75 -3.85
C GLN N 129 -66.64 -32.74 -2.86
N PRO N 130 -66.76 -34.02 -3.24
CA PRO N 130 -67.53 -34.99 -2.46
C PRO N 130 -67.06 -35.17 -1.02
N GLN N 131 -65.80 -34.88 -0.74
CA GLN N 131 -65.26 -35.09 0.60
C GLN N 131 -65.53 -33.93 1.55
N ALA N 132 -65.92 -32.79 1.00
CA ALA N 132 -66.11 -31.57 1.80
C ALA N 132 -67.43 -31.55 2.52
N LYS N 133 -67.36 -31.15 3.79
CA LYS N 133 -68.53 -30.99 4.62
C LYS N 133 -68.92 -29.52 4.51
N ILE N 134 -70.20 -29.26 4.22
CA ILE N 134 -70.63 -27.90 3.87
C ILE N 134 -71.49 -27.22 4.93
N ILE N 135 -71.14 -25.97 5.23
CA ILE N 135 -71.91 -25.12 6.12
C ILE N 135 -72.60 -24.07 5.27
N VAL N 136 -73.93 -23.95 5.36
CA VAL N 136 -74.62 -22.81 4.76
C VAL N 136 -75.10 -21.88 5.86
N LEU N 137 -74.58 -20.66 5.85
CA LEU N 137 -75.08 -19.64 6.75
C LEU N 137 -76.40 -19.14 6.24
N GLY N 138 -77.36 -19.03 7.14
CA GLY N 138 -78.67 -18.49 6.83
C GLY N 138 -78.60 -17.01 6.51
N LEU N 139 -79.60 -16.51 5.80
CA LEU N 139 -79.65 -15.10 5.46
C LEU N 139 -80.04 -14.30 6.69
N LEU N 140 -79.37 -13.18 6.88
CA LEU N 140 -79.64 -12.36 8.05
C LEU N 140 -80.68 -11.27 7.76
N PRO N 141 -81.39 -10.84 8.81
CA PRO N 141 -82.25 -9.66 8.74
C PRO N 141 -81.54 -8.45 8.16
N ARG N 142 -82.31 -7.46 7.70
CA ARG N 142 -81.77 -6.22 7.16
C ARG N 142 -82.78 -5.11 7.27
N GLY N 143 -82.31 -3.88 7.15
CA GLY N 143 -83.19 -2.71 7.22
C GLY N 143 -83.39 -2.26 8.65
N GLU N 144 -83.59 -0.95 8.83
CA GLU N 144 -83.70 -0.41 10.16
C GLU N 144 -84.95 -0.95 10.85
N LYS N 145 -86.09 -0.83 10.17
CA LYS N 145 -87.39 -1.24 10.67
C LYS N 145 -87.92 -2.37 9.78
N PRO N 146 -88.78 -3.25 10.31
CA PRO N 146 -89.29 -4.39 9.54
C PRO N 146 -89.79 -4.06 8.13
N ASN N 147 -89.64 -5.02 7.23
CA ASN N 147 -89.91 -4.81 5.81
C ASN N 147 -89.99 -6.13 5.01
N PRO N 148 -90.58 -6.08 3.81
CA PRO N 148 -90.65 -7.25 2.91
C PRO N 148 -89.41 -8.13 2.83
N LEU N 149 -88.22 -7.56 2.99
CA LEU N 149 -87.00 -8.34 2.82
C LEU N 149 -86.63 -9.16 4.04
N ARG N 150 -86.84 -8.60 5.24
CA ARG N 150 -86.69 -9.36 6.47
C ARG N 150 -87.53 -10.63 6.39
N GLN N 151 -88.71 -10.49 5.78
CA GLN N 151 -89.62 -11.60 5.51
C GLN N 151 -89.06 -12.58 4.49
N LYS N 152 -88.56 -12.05 3.38
CA LYS N 152 -88.02 -12.88 2.28
C LYS N 152 -86.91 -13.79 2.79
N ASN N 153 -85.84 -13.19 3.30
CA ASN N 153 -84.71 -13.90 3.91
C ASN N 153 -85.19 -14.96 4.90
N ALA N 154 -86.14 -14.58 5.75
CA ALA N 154 -86.75 -15.49 6.70
C ALA N 154 -87.25 -16.77 6.03
N LYS N 155 -88.08 -16.63 5.00
CA LYS N 155 -88.61 -17.77 4.26
C LYS N 155 -87.48 -18.64 3.70
N VAL N 156 -86.47 -18.01 3.10
CA VAL N 156 -85.36 -18.78 2.56
C VAL N 156 -84.80 -19.68 3.64
N ASN N 157 -84.53 -19.12 4.83
CA ASN N 157 -84.06 -19.91 5.96
C ASN N 157 -84.98 -21.08 6.28
N GLN N 158 -86.28 -20.82 6.27
CA GLN N 158 -87.29 -21.83 6.50
C GLN N 158 -87.12 -22.99 5.54
N LEU N 159 -87.20 -22.69 4.24
CA LEU N 159 -87.11 -23.67 3.19
C LEU N 159 -85.82 -24.49 3.27
N LEU N 160 -84.74 -23.82 3.66
CA LEU N 160 -83.43 -24.43 3.75
C LEU N 160 -83.35 -25.41 4.91
N LYS N 161 -83.89 -25.03 6.07
CA LYS N 161 -83.95 -25.93 7.22
C LYS N 161 -84.59 -27.26 6.82
N VAL N 162 -85.58 -27.19 5.94
CA VAL N 162 -86.32 -28.37 5.47
C VAL N 162 -85.57 -29.14 4.36
N SER N 163 -85.07 -28.42 3.36
CA SER N 163 -84.51 -29.07 2.16
C SER N 163 -83.05 -29.48 2.28
N LEU N 164 -82.33 -28.95 3.27
CA LEU N 164 -80.90 -29.22 3.39
C LEU N 164 -80.48 -30.51 4.12
N PRO N 165 -81.25 -30.97 5.10
CA PRO N 165 -80.98 -32.28 5.72
C PRO N 165 -81.22 -33.49 4.78
N LYS N 166 -81.83 -33.27 3.61
CA LYS N 166 -81.65 -34.18 2.47
C LYS N 166 -80.31 -33.72 1.92
N LEU N 167 -79.85 -34.23 0.78
CA LEU N 167 -78.59 -33.72 0.20
C LEU N 167 -77.37 -34.00 1.10
N ALA N 168 -76.29 -34.51 0.51
CA ALA N 168 -75.17 -35.05 1.27
C ALA N 168 -74.23 -34.00 1.87
N ASN N 169 -73.89 -34.21 3.14
CA ASN N 169 -72.95 -33.39 3.91
C ASN N 169 -73.21 -31.89 3.86
N VAL N 170 -74.38 -31.51 4.33
CA VAL N 170 -74.72 -30.10 4.45
C VAL N 170 -75.53 -29.85 5.69
N GLN N 171 -75.26 -28.72 6.33
CA GLN N 171 -76.05 -28.26 7.44
C GLN N 171 -76.23 -26.77 7.29
N LEU N 172 -77.41 -26.29 7.64
CA LEU N 172 -77.65 -24.88 7.69
C LEU N 172 -77.32 -24.41 9.09
N LEU N 173 -76.57 -23.32 9.17
CA LEU N 173 -76.35 -22.66 10.46
C LEU N 173 -77.04 -21.33 10.36
N ASP N 174 -78.21 -21.27 10.98
CA ASP N 174 -79.02 -20.07 11.12
C ASP N 174 -78.63 -19.44 12.45
N THR N 175 -77.60 -18.60 12.43
CA THR N 175 -77.24 -17.88 13.64
C THR N 175 -78.30 -16.84 13.88
N ASP N 176 -78.65 -16.65 15.14
CA ASP N 176 -79.25 -15.36 15.49
C ASP N 176 -78.73 -14.68 16.75
N GLY N 177 -77.78 -13.78 16.54
CA GLY N 177 -77.39 -12.79 17.51
C GLY N 177 -78.52 -11.79 17.55
N GLY N 178 -78.54 -10.95 18.58
CA GLY N 178 -79.69 -10.10 18.85
C GLY N 178 -79.88 -8.96 17.86
N PHE N 179 -79.84 -9.29 16.57
CA PHE N 179 -79.79 -8.25 15.54
C PHE N 179 -81.05 -7.43 15.49
N VAL N 180 -82.18 -8.07 15.76
CA VAL N 180 -83.44 -7.37 15.94
C VAL N 180 -83.84 -7.38 17.41
N HIS N 181 -84.13 -6.18 17.94
CA HIS N 181 -84.57 -6.06 19.33
C HIS N 181 -86.07 -6.26 19.45
N SER N 182 -86.58 -6.02 20.65
CA SER N 182 -87.99 -6.18 20.88
C SER N 182 -88.80 -5.25 19.99
N ASP N 183 -88.41 -3.96 19.91
CA ASP N 183 -89.18 -3.05 19.08
C ASP N 183 -88.86 -3.22 17.58
N GLY N 184 -88.13 -4.29 17.27
CA GLY N 184 -87.93 -4.72 15.91
C GLY N 184 -86.98 -3.84 15.12
N ALA N 185 -86.13 -3.10 15.82
CA ALA N 185 -85.11 -2.28 15.19
C ALA N 185 -83.73 -2.95 15.19
N ILE N 186 -82.98 -2.78 14.12
CA ILE N 186 -81.60 -3.25 14.06
C ILE N 186 -80.67 -2.08 14.32
N SER N 187 -79.82 -2.22 15.33
CA SER N 187 -78.93 -1.11 15.65
C SER N 187 -77.76 -1.01 14.68
N CYS N 188 -77.47 0.21 14.28
CA CYS N 188 -76.36 0.53 13.39
C CYS N 188 -75.02 0.22 14.04
N HIS N 189 -75.03 -0.19 15.31
CA HIS N 189 -73.83 -0.68 15.95
C HIS N 189 -73.60 -2.16 15.65
N ASP N 190 -74.58 -2.76 14.97
CA ASP N 190 -74.51 -4.16 14.57
C ASP N 190 -74.47 -4.24 13.05
N MET N 191 -75.17 -3.31 12.42
CA MET N 191 -75.18 -3.21 10.97
C MET N 191 -75.06 -1.73 10.58
N PHE N 192 -73.87 -1.30 10.20
CA PHE N 192 -73.62 0.14 10.10
C PHE N 192 -74.38 0.81 8.97
N ASP N 193 -74.93 0.02 8.08
CA ASP N 193 -75.75 0.50 6.98
C ASP N 193 -77.04 -0.31 6.95
N PHE N 194 -77.30 -1.02 8.05
CA PHE N 194 -78.48 -1.88 8.21
C PHE N 194 -78.49 -3.05 7.21
N LEU N 195 -77.30 -3.51 6.83
CA LEU N 195 -77.13 -4.65 5.94
C LEU N 195 -75.82 -5.35 6.23
N HIS N 196 -74.73 -4.60 6.10
CA HIS N 196 -73.38 -5.13 6.36
C HIS N 196 -73.07 -5.05 7.84
N LEU N 197 -72.35 -6.06 8.33
CA LEU N 197 -72.05 -6.13 9.75
C LEU N 197 -70.86 -5.27 10.15
N THR N 198 -70.85 -4.85 11.41
CA THR N 198 -69.69 -4.17 11.99
C THR N 198 -68.76 -5.21 12.53
N GLY N 199 -67.63 -4.76 13.06
CA GLY N 199 -66.75 -5.64 13.82
C GLY N 199 -67.54 -6.43 14.84
N GLY N 200 -68.25 -5.70 15.68
CA GLY N 200 -69.15 -6.28 16.66
C GLY N 200 -70.04 -7.35 16.07
N GLY N 201 -70.76 -6.99 15.00
CA GLY N 201 -71.67 -7.91 14.34
C GLY N 201 -71.04 -9.25 14.00
N TYR N 202 -69.95 -9.21 13.23
CA TYR N 202 -69.30 -10.44 12.77
C TYR N 202 -68.94 -11.34 13.95
N ALA N 203 -68.58 -10.73 15.07
CA ALA N 203 -68.23 -11.45 16.29
C ALA N 203 -69.39 -12.33 16.75
N LYS N 204 -70.62 -11.81 16.66
CA LYS N 204 -71.81 -12.57 17.00
C LYS N 204 -72.04 -13.73 16.02
N ILE N 205 -71.64 -13.53 14.77
CA ILE N 205 -71.78 -14.55 13.76
C ILE N 205 -70.63 -15.55 13.79
N CYS N 206 -69.41 -15.06 14.05
CA CYS N 206 -68.22 -15.87 13.81
C CYS N 206 -67.93 -16.83 14.94
N LYS N 207 -68.09 -16.37 16.19
CA LYS N 207 -67.93 -17.26 17.34
C LYS N 207 -68.58 -18.64 17.11
N PRO N 208 -69.90 -18.71 16.89
CA PRO N 208 -70.57 -19.99 16.64
C PRO N 208 -70.09 -20.68 15.36
N LEU N 209 -69.89 -19.92 14.28
CA LEU N 209 -69.41 -20.46 13.01
C LEU N 209 -68.06 -21.16 13.19
N HIS N 210 -67.13 -20.45 13.82
CA HIS N 210 -65.80 -20.96 14.12
C HIS N 210 -65.91 -22.24 14.90
N GLU N 211 -66.66 -22.16 16.01
CA GLU N 211 -66.87 -23.29 16.90
C GLU N 211 -67.43 -24.51 16.16
N LEU N 212 -68.28 -24.28 15.16
CA LEU N 212 -68.79 -25.37 14.36
C LEU N 212 -67.71 -25.96 13.45
N ILE N 213 -67.05 -25.09 12.68
CA ILE N 213 -65.98 -25.53 11.78
C ILE N 213 -65.00 -26.44 12.53
N MET N 214 -64.44 -25.91 13.61
CA MET N 214 -63.51 -26.65 14.46
C MET N 214 -63.98 -28.07 14.77
N GLN N 215 -65.28 -28.22 15.09
CA GLN N 215 -65.87 -29.54 15.29
C GLN N 215 -65.70 -30.35 14.02
N LEU N 216 -66.25 -29.84 12.92
CA LEU N 216 -66.22 -30.52 11.62
C LEU N 216 -64.80 -30.93 11.19
N LEU N 217 -63.81 -30.09 11.50
CA LEU N 217 -62.42 -30.38 11.16
C LEU N 217 -61.89 -31.51 12.05
N GLU N 218 -62.21 -31.43 13.35
CA GLU N 218 -61.83 -32.45 14.32
C GLU N 218 -62.45 -33.81 14.00
N GLU N 219 -63.40 -33.84 13.08
CA GLU N 219 -64.03 -35.07 12.61
C GLU N 219 -63.10 -36.04 11.83
N THR N 220 -62.44 -35.56 10.76
CA THR N 220 -61.47 -36.38 10.00
C THR N 220 -60.30 -35.61 9.38
N PRO N 221 -59.05 -36.03 9.66
CA PRO N 221 -57.83 -35.32 9.24
C PRO N 221 -56.84 -35.95 8.22
N GLU N 222 -57.14 -37.11 7.60
CA GLU N 222 -56.21 -37.70 6.59
C GLU N 222 -56.65 -37.42 5.13
N GLU N 223 -56.17 -36.28 4.60
CA GLU N 223 -56.63 -35.69 3.33
C GLU N 223 -55.77 -36.07 2.10
N LYS O 92 -60.50 7.30 57.96
CA LYS O 92 -61.14 6.30 57.06
C LYS O 92 -60.75 6.51 55.59
N GLU O 93 -59.44 6.47 55.33
CA GLU O 93 -58.86 6.72 54.00
C GLU O 93 -59.45 5.82 52.91
N TRP O 94 -59.26 6.14 51.63
CA TRP O 94 -59.86 5.30 50.57
C TRP O 94 -59.09 4.97 49.27
N ILE O 95 -59.43 3.80 48.74
CA ILE O 95 -58.84 3.20 47.53
C ILE O 95 -59.68 3.52 46.27
N PRO O 96 -59.11 4.31 45.36
CA PRO O 96 -59.82 4.76 44.17
C PRO O 96 -59.61 3.92 42.88
N ARG O 97 -58.87 2.81 42.94
CA ARG O 97 -58.16 2.28 41.74
C ARG O 97 -58.50 0.87 41.11
N PRO O 98 -57.76 -0.18 41.49
CA PRO O 98 -57.29 -1.28 40.62
C PRO O 98 -57.60 -1.44 39.09
N PRO O 99 -57.72 -2.66 38.55
CA PRO O 99 -58.43 -2.92 37.28
C PRO O 99 -59.90 -3.31 37.47
N GLU O 100 -60.79 -2.73 36.65
CA GLU O 100 -62.26 -2.89 36.70
C GLU O 100 -62.74 -4.19 37.32
N LYS O 101 -63.53 -4.10 38.38
CA LYS O 101 -63.94 -5.33 39.04
C LYS O 101 -65.35 -5.78 38.67
N TYR O 102 -65.95 -5.05 37.74
CA TYR O 102 -67.26 -5.40 37.20
C TYR O 102 -67.55 -4.54 35.96
N ALA O 103 -67.78 -5.19 34.82
CA ALA O 103 -68.11 -4.50 33.57
C ALA O 103 -69.50 -4.88 33.09
N LEU O 104 -70.45 -3.95 33.23
CA LEU O 104 -71.85 -4.21 32.93
C LEU O 104 -72.23 -3.77 31.55
N SER O 105 -72.48 -4.74 30.67
CA SER O 105 -72.99 -4.46 29.32
C SER O 105 -74.51 -4.64 29.28
N GLY O 106 -75.19 -3.92 28.38
CA GLY O 106 -76.64 -4.03 28.29
C GLY O 106 -77.36 -2.91 27.56
N HIS O 107 -76.90 -1.68 27.77
CA HIS O 107 -77.42 -0.55 26.99
C HIS O 107 -77.11 -0.77 25.52
N ARG O 108 -77.83 -0.10 24.65
CA ARG O 108 -77.64 -0.25 23.22
C ARG O 108 -76.98 0.97 22.60
N SER O 109 -76.47 1.85 23.45
CA SER O 109 -76.09 3.21 23.05
C SER O 109 -75.31 3.87 24.18
N PRO O 110 -74.47 4.86 23.86
CA PRO O 110 -73.64 5.54 24.86
C PRO O 110 -74.33 5.75 26.19
N VAL O 111 -73.58 5.60 27.28
CA VAL O 111 -74.12 5.88 28.61
C VAL O 111 -73.91 7.35 28.91
N THR O 112 -74.86 7.95 29.59
CA THR O 112 -74.86 9.40 29.71
C THR O 112 -74.62 9.89 31.12
N ARG O 113 -75.17 9.17 32.10
CA ARG O 113 -74.91 9.44 33.51
C ARG O 113 -74.91 8.16 34.33
N VAL O 114 -74.12 8.15 35.40
CA VAL O 114 -74.11 7.06 36.35
C VAL O 114 -74.47 7.65 37.71
N ILE O 115 -75.23 6.89 38.51
CA ILE O 115 -75.63 7.37 39.82
C ILE O 115 -75.78 6.26 40.85
N PHE O 116 -75.41 6.58 42.08
CA PHE O 116 -75.55 5.66 43.20
C PHE O 116 -76.85 5.95 43.95
N HIS O 117 -77.52 4.88 44.36
CA HIS O 117 -78.71 5.02 45.18
C HIS O 117 -78.25 5.36 46.59
N PRO O 118 -78.91 6.32 47.24
CA PRO O 118 -78.54 6.73 48.58
C PRO O 118 -78.68 5.68 49.69
N VAL O 119 -79.46 4.62 49.49
CA VAL O 119 -79.66 3.61 50.55
C VAL O 119 -79.36 2.17 50.10
N PHE O 120 -80.04 1.71 49.06
CA PHE O 120 -79.91 0.35 48.54
C PHE O 120 -78.55 0.11 47.88
N SER O 121 -78.11 -1.14 47.87
CA SER O 121 -76.82 -1.50 47.24
C SER O 121 -76.94 -1.54 45.72
N VAL O 122 -77.57 -0.50 45.16
CA VAL O 122 -77.97 -0.47 43.78
C VAL O 122 -77.48 0.82 43.10
N MET O 123 -77.22 0.75 41.80
CA MET O 123 -76.78 1.92 41.07
C MET O 123 -77.54 2.05 39.73
N VAL O 124 -77.76 3.29 39.30
CA VAL O 124 -78.56 3.58 38.11
C VAL O 124 -77.74 4.20 36.98
N SER O 125 -78.12 3.89 35.74
CA SER O 125 -77.46 4.43 34.55
C SER O 125 -78.47 4.94 33.54
N ALA O 126 -78.11 6.02 32.86
CA ALA O 126 -78.89 6.64 31.79
C ALA O 126 -78.15 6.52 30.47
N SER O 127 -78.88 6.50 29.36
CA SER O 127 -78.20 6.42 28.08
C SER O 127 -79.02 7.01 26.96
N GLU O 128 -78.42 7.00 25.76
CA GLU O 128 -79.06 7.46 24.53
C GLU O 128 -80.04 6.38 24.04
N ASP O 129 -80.52 5.58 24.99
CA ASP O 129 -81.18 4.29 24.76
C ASP O 129 -82.61 4.27 24.17
N ALA O 130 -83.53 5.12 24.62
CA ALA O 130 -83.37 6.06 25.70
C ALA O 130 -83.96 5.44 26.95
N THR O 131 -83.10 4.84 27.75
CA THR O 131 -83.57 4.04 28.85
C THR O 131 -82.77 4.28 30.11
N ILE O 132 -83.44 4.17 31.23
CA ILE O 132 -82.80 4.14 32.53
C ILE O 132 -82.67 2.67 32.95
N LYS O 133 -81.46 2.22 33.30
CA LYS O 133 -81.23 0.83 33.74
C LYS O 133 -80.69 0.78 35.15
N VAL O 134 -81.06 -0.28 35.89
CA VAL O 134 -80.61 -0.45 37.27
C VAL O 134 -79.83 -1.76 37.51
N TRP O 135 -78.61 -1.63 38.03
CA TRP O 135 -77.77 -2.71 38.58
C TRP O 135 -77.70 -2.32 40.07
N ASP O 136 -77.64 -3.18 41.10
CA ASP O 136 -76.64 -4.21 41.46
C ASP O 136 -75.11 -4.02 41.40
N TYR O 137 -74.53 -3.03 42.09
CA TYR O 137 -73.07 -2.83 41.99
C TYR O 137 -72.23 -3.86 42.75
N GLU O 138 -72.82 -4.45 43.77
CA GLU O 138 -72.14 -5.50 44.52
C GLU O 138 -72.04 -6.80 43.73
N THR O 139 -73.03 -7.05 42.87
CA THR O 139 -73.13 -8.32 42.13
C THR O 139 -73.18 -8.11 40.61
N GLY O 140 -73.81 -7.03 40.18
CA GLY O 140 -74.07 -6.78 38.77
C GLY O 140 -75.18 -7.67 38.27
N ASP O 141 -76.39 -7.11 38.16
CA ASP O 141 -77.56 -7.84 37.66
C ASP O 141 -78.48 -6.85 36.96
N PHE O 142 -78.94 -7.17 35.76
CA PHE O 142 -79.80 -6.30 34.92
C PHE O 142 -81.04 -5.78 35.65
N GLU O 143 -81.15 -6.10 36.95
CA GLU O 143 -82.29 -5.80 37.83
C GLU O 143 -83.58 -5.32 37.15
N ARG O 144 -83.62 -4.04 36.74
CA ARG O 144 -84.79 -3.52 36.04
C ARG O 144 -84.38 -2.58 34.88
N THR O 145 -85.35 -2.31 34.02
CA THR O 145 -85.25 -1.34 32.93
C THR O 145 -86.40 -0.33 33.10
N LEU O 146 -86.10 0.96 32.96
CA LEU O 146 -87.16 1.97 33.04
C LEU O 146 -87.35 2.64 31.68
N LYS O 147 -88.46 2.33 31.02
CA LYS O 147 -88.72 2.83 29.67
C LYS O 147 -89.78 3.91 29.67
N GLY O 148 -89.75 4.77 28.65
CA GLY O 148 -90.79 5.74 28.49
C GLY O 148 -90.35 7.11 28.00
N HIS O 149 -89.06 7.25 27.70
CA HIS O 149 -88.58 8.47 27.09
C HIS O 149 -88.56 8.28 25.58
N THR O 150 -88.75 9.36 24.83
CA THR O 150 -88.70 9.26 23.38
C THR O 150 -87.27 9.24 22.83
N ASP O 151 -86.40 10.17 23.26
CA ASP O 151 -85.17 10.36 22.49
C ASP O 151 -83.79 10.14 23.09
N SER O 152 -83.55 10.58 24.31
CA SER O 152 -82.31 10.18 24.97
C SER O 152 -82.38 10.60 26.40
N VAL O 153 -81.68 9.89 27.26
CA VAL O 153 -81.70 10.27 28.66
C VAL O 153 -80.37 10.91 29.01
N GLN O 154 -80.40 12.19 29.32
CA GLN O 154 -79.15 12.91 29.58
C GLN O 154 -78.76 13.05 31.03
N ASP O 155 -79.74 13.14 31.92
CA ASP O 155 -79.39 13.23 33.34
C ASP O 155 -80.32 12.42 34.20
N ILE O 156 -79.88 12.18 35.43
CA ILE O 156 -80.66 11.47 36.39
C ILE O 156 -80.31 12.01 37.77
N SER O 157 -81.28 12.00 38.68
CA SER O 157 -81.06 12.49 40.04
C SER O 157 -82.05 11.89 41.03
N PHE O 158 -81.52 11.26 42.07
CA PHE O 158 -82.34 10.73 43.14
C PHE O 158 -82.64 11.84 44.14
N ASP O 159 -83.82 11.73 44.77
CA ASP O 159 -84.19 12.58 45.90
C ASP O 159 -83.47 12.06 47.13
N HIS O 160 -83.58 12.76 48.25
CA HIS O 160 -82.87 12.35 49.46
C HIS O 160 -83.22 10.93 49.89
N SER O 161 -84.52 10.61 49.87
CA SER O 161 -85.04 9.34 50.39
C SER O 161 -84.66 8.13 49.53
N GLY O 162 -84.35 8.38 48.27
CA GLY O 162 -84.10 7.32 47.30
C GLY O 162 -85.41 6.63 46.91
N LYS O 163 -86.48 7.43 46.87
CA LYS O 163 -87.83 6.93 46.54
C LYS O 163 -88.34 7.58 45.26
N LEU O 164 -87.76 8.70 44.89
CA LEU O 164 -88.13 9.39 43.67
C LEU O 164 -86.88 9.57 42.80
N LEU O 165 -87.02 9.32 41.50
CA LEU O 165 -85.91 9.51 40.57
C LEU O 165 -86.35 10.42 39.45
N ALA O 166 -85.60 11.49 39.22
CA ALA O 166 -85.89 12.39 38.12
C ALA O 166 -85.01 12.04 36.91
N SER O 167 -85.56 12.13 35.70
CA SER O 167 -84.78 11.90 34.50
C SER O 167 -84.90 13.07 33.53
N CYS O 168 -84.01 13.10 32.54
CA CYS O 168 -83.85 14.20 31.61
C CYS O 168 -83.68 13.64 30.22
N SER O 169 -84.24 14.32 29.21
CA SER O 169 -84.11 13.79 27.85
C SER O 169 -84.07 14.82 26.74
N ALA O 170 -83.75 14.30 25.56
CA ALA O 170 -83.88 15.03 24.32
C ALA O 170 -85.35 15.15 23.88
N ASP O 171 -86.28 14.61 24.66
CA ASP O 171 -87.71 14.82 24.38
C ASP O 171 -88.12 16.20 24.83
N MET O 172 -87.31 16.76 25.74
CA MET O 172 -87.59 18.02 26.41
C MET O 172 -88.55 17.81 27.57
N THR O 173 -88.56 16.56 28.03
CA THR O 173 -89.43 16.12 29.11
C THR O 173 -88.59 16.05 30.39
N ILE O 174 -89.24 15.95 31.54
CA ILE O 174 -88.53 15.59 32.76
C ILE O 174 -89.36 14.58 33.52
N LYS O 175 -89.13 13.30 33.24
CA LYS O 175 -89.93 12.25 33.86
C LYS O 175 -89.55 12.07 35.34
N LEU O 176 -90.59 11.97 36.17
CA LEU O 176 -90.49 11.72 37.61
C LEU O 176 -90.89 10.27 37.86
N TRP O 177 -89.99 9.50 38.45
CA TRP O 177 -90.17 8.07 38.64
C TRP O 177 -90.35 7.70 40.10
N ASP O 178 -91.17 6.67 40.33
CA ASP O 178 -91.38 6.13 41.66
C ASP O 178 -90.52 4.86 41.84
N PHE O 179 -89.75 4.82 42.93
CA PHE O 179 -88.90 3.66 43.24
C PHE O 179 -89.53 2.66 44.23
N GLN O 180 -90.87 2.67 44.30
CA GLN O 180 -91.63 1.48 44.71
C GLN O 180 -91.31 0.45 43.62
N GLY O 181 -90.65 0.93 42.57
CA GLY O 181 -89.98 0.09 41.61
C GLY O 181 -90.25 0.44 40.16
N PHE O 182 -91.50 0.76 39.86
CA PHE O 182 -91.87 0.86 38.48
C PHE O 182 -92.26 2.26 37.98
N GLU O 183 -93.53 2.58 38.14
CA GLU O 183 -94.17 3.53 37.25
C GLU O 183 -93.62 4.96 37.27
N CYS O 184 -93.73 5.62 36.12
CA CYS O 184 -93.52 7.04 36.03
C CYS O 184 -94.68 7.72 36.75
N ILE O 185 -94.42 8.88 37.35
CA ILE O 185 -95.49 9.60 38.07
C ILE O 185 -96.01 10.79 37.27
N ARG O 186 -95.10 11.68 36.89
CA ARG O 186 -95.46 12.83 36.08
C ARG O 186 -94.48 12.96 34.92
N THR O 187 -94.93 13.64 33.88
CA THR O 187 -94.04 14.09 32.82
C THR O 187 -94.17 15.60 32.80
N MET O 188 -93.04 16.30 32.80
CA MET O 188 -93.02 17.75 32.93
C MET O 188 -92.56 18.43 31.65
N HIS O 189 -93.41 19.29 31.09
CA HIS O 189 -93.14 19.98 29.82
C HIS O 189 -92.90 21.46 30.01
N GLY O 190 -91.84 21.96 29.38
CA GLY O 190 -91.59 23.38 29.44
C GLY O 190 -90.54 23.81 28.45
N HIS O 191 -89.32 23.33 28.69
CA HIS O 191 -88.19 23.60 27.83
C HIS O 191 -88.53 23.36 26.35
N ASP O 192 -87.97 24.22 25.47
CA ASP O 192 -88.21 24.16 24.01
C ASP O 192 -87.16 23.33 23.26
N HIS O 193 -86.15 22.82 23.98
CA HIS O 193 -85.10 22.04 23.35
C HIS O 193 -84.54 21.02 24.34
N ASN O 194 -83.53 20.27 23.89
CA ASN O 194 -82.76 19.35 24.73
C ASN O 194 -82.71 19.79 26.19
N VAL O 195 -82.98 18.86 27.10
CA VAL O 195 -82.80 19.13 28.53
C VAL O 195 -81.63 18.30 29.04
N SER O 196 -80.51 18.95 29.35
CA SER O 196 -79.28 18.18 29.56
C SER O 196 -78.84 18.03 31.01
N SER O 197 -79.66 18.50 31.94
CA SER O 197 -79.40 18.21 33.34
C SER O 197 -80.61 18.44 34.23
N VAL O 198 -80.73 17.58 35.24
CA VAL O 198 -81.79 17.69 36.22
C VAL O 198 -81.26 17.35 37.60
N SER O 199 -81.94 17.88 38.61
CA SER O 199 -81.57 17.63 39.99
C SER O 199 -82.79 17.78 40.87
N ILE O 200 -82.98 16.85 41.80
CA ILE O 200 -83.94 17.08 42.85
C ILE O 200 -83.19 17.88 43.90
N MET O 201 -83.83 18.93 44.38
CA MET O 201 -83.28 19.75 45.45
C MET O 201 -83.35 19.00 46.78
N PRO O 202 -82.55 19.42 47.78
CA PRO O 202 -82.56 18.80 49.12
C PRO O 202 -83.94 18.63 49.78
N ASN O 203 -84.62 19.72 50.12
CA ASN O 203 -86.00 19.63 50.57
C ASN O 203 -86.82 19.07 49.40
N GLY O 204 -86.97 17.75 49.36
CA GLY O 204 -87.47 17.04 48.18
C GLY O 204 -88.76 17.54 47.55
N ASP O 205 -88.86 18.85 47.34
CA ASP O 205 -90.09 19.54 46.95
C ASP O 205 -89.97 20.30 45.63
N HIS O 206 -88.77 20.31 45.05
CA HIS O 206 -88.50 21.07 43.82
C HIS O 206 -87.53 20.32 42.88
N ILE O 207 -87.65 20.56 41.58
CA ILE O 207 -86.70 20.01 40.63
C ILE O 207 -86.06 21.14 39.82
N VAL O 208 -84.77 21.01 39.54
CA VAL O 208 -84.08 21.98 38.69
C VAL O 208 -83.62 21.32 37.43
N SER O 209 -83.78 22.02 36.31
CA SER O 209 -83.38 21.50 35.01
C SER O 209 -82.65 22.58 34.21
N ALA O 210 -81.89 22.14 33.21
CA ALA O 210 -81.19 23.08 32.32
C ALA O 210 -81.26 22.58 30.89
N SER O 211 -81.28 23.52 29.95
CA SER O 211 -81.56 23.18 28.55
C SER O 211 -80.79 24.00 27.50
N ARG O 212 -80.83 23.50 26.26
CA ARG O 212 -80.41 24.26 25.09
C ARG O 212 -81.23 25.52 24.95
N ASP O 213 -82.38 25.52 25.62
CA ASP O 213 -83.20 26.69 25.85
C ASP O 213 -82.40 27.93 26.16
N LYS O 214 -81.25 27.71 26.80
CA LYS O 214 -80.48 28.76 27.47
C LYS O 214 -81.17 29.03 28.81
N THR O 215 -81.87 28.01 29.32
CA THR O 215 -82.84 28.15 30.40
C THR O 215 -82.54 27.25 31.59
N ILE O 216 -82.85 27.74 32.78
CA ILE O 216 -82.94 26.89 33.96
C ILE O 216 -84.33 27.03 34.52
N LYS O 217 -85.02 25.90 34.65
CA LYS O 217 -86.39 25.91 35.19
C LYS O 217 -86.49 25.17 36.51
N MET O 218 -87.44 25.60 37.31
CA MET O 218 -87.64 25.06 38.64
C MET O 218 -89.06 24.51 38.75
N TRP O 219 -89.18 23.19 38.92
CA TRP O 219 -90.49 22.53 38.93
C TRP O 219 -90.95 22.05 40.31
N GLU O 220 -92.23 22.24 40.62
CA GLU O 220 -92.79 21.72 41.87
C GLU O 220 -93.09 20.23 41.75
N VAL O 221 -92.42 19.44 42.60
CA VAL O 221 -92.43 17.98 42.46
C VAL O 221 -93.85 17.38 42.48
N GLN O 222 -94.69 17.83 43.41
CA GLN O 222 -96.00 17.19 43.57
C GLN O 222 -97.12 17.78 42.70
N THR O 223 -96.79 18.76 41.86
CA THR O 223 -97.78 19.41 41.00
C THR O 223 -97.31 19.47 39.55
N GLY O 224 -96.04 19.14 39.34
CA GLY O 224 -95.45 19.21 38.02
C GLY O 224 -95.49 20.58 37.38
N TYR O 225 -95.69 21.62 38.18
CA TYR O 225 -95.75 22.98 37.67
C TYR O 225 -94.34 23.56 37.48
N CYS O 226 -94.16 24.35 36.44
CA CYS O 226 -92.97 25.18 36.29
C CYS O 226 -93.19 26.43 37.13
N VAL O 227 -92.23 26.72 38.02
CA VAL O 227 -92.43 27.75 39.05
C VAL O 227 -91.56 28.99 38.86
N LYS O 228 -90.32 28.76 38.42
CA LYS O 228 -89.36 29.83 38.20
C LYS O 228 -88.54 29.49 36.96
N THR O 229 -88.18 30.51 36.18
CA THR O 229 -87.29 30.34 35.03
C THR O 229 -86.15 31.36 35.07
N PHE O 230 -84.91 30.85 35.00
CA PHE O 230 -83.72 31.69 35.12
C PHE O 230 -83.15 32.08 33.76
N THR O 231 -83.40 33.31 33.31
CA THR O 231 -82.80 33.86 32.08
C THR O 231 -81.38 34.26 32.40
N GLY O 232 -80.43 33.91 31.53
CA GLY O 232 -79.03 34.15 31.87
C GLY O 232 -77.99 34.12 30.76
N HIS O 233 -77.40 32.95 30.56
CA HIS O 233 -76.33 32.77 29.58
C HIS O 233 -76.88 32.95 28.17
N ARG O 234 -75.99 33.28 27.23
CA ARG O 234 -76.41 33.51 25.85
C ARG O 234 -76.40 32.20 25.05
N GLU O 235 -75.96 31.13 25.68
CA GLU O 235 -75.87 29.83 25.00
C GLU O 235 -76.36 28.66 25.87
N TRP O 236 -76.48 27.50 25.22
CA TRP O 236 -76.76 26.19 25.83
C TRP O 236 -76.33 26.11 27.30
N VAL O 237 -77.23 25.64 28.17
CA VAL O 237 -76.86 25.41 29.57
C VAL O 237 -76.72 23.91 29.81
N ARG O 238 -75.57 23.52 30.37
CA ARG O 238 -75.16 22.13 30.34
C ARG O 238 -75.43 21.36 31.63
N MET O 239 -75.46 22.07 32.75
CA MET O 239 -75.55 21.44 34.06
C MET O 239 -76.10 22.39 35.10
N VAL O 240 -76.89 21.87 36.03
CA VAL O 240 -77.32 22.65 37.20
C VAL O 240 -77.13 21.83 38.45
N ARG O 241 -76.59 22.46 39.49
CA ARG O 241 -76.41 21.80 40.77
C ARG O 241 -76.83 22.67 41.94
N PRO O 242 -77.52 22.06 42.88
CA PRO O 242 -77.93 22.73 44.12
C PRO O 242 -76.73 22.86 45.03
N ASN O 243 -76.90 23.68 46.05
CA ASN O 243 -75.88 23.93 47.06
C ASN O 243 -76.34 23.11 48.26
N GLN O 244 -75.42 22.36 48.87
CA GLN O 244 -75.76 21.50 49.99
C GLN O 244 -76.98 21.99 50.79
N ASP O 245 -76.95 23.27 51.16
CA ASP O 245 -78.04 23.94 51.89
C ASP O 245 -79.36 24.16 51.13
N GLY O 246 -79.33 24.01 49.81
CA GLY O 246 -80.51 24.21 48.98
C GLY O 246 -80.72 25.64 48.50
N THR O 247 -79.99 26.56 49.12
CA THR O 247 -80.19 28.00 48.91
C THR O 247 -79.68 28.53 47.57
N LEU O 248 -78.76 27.81 46.92
CA LEU O 248 -78.07 28.35 45.75
C LEU O 248 -78.01 27.37 44.58
N ILE O 249 -77.77 27.89 43.39
CA ILE O 249 -77.69 27.04 42.20
C ILE O 249 -76.51 27.37 41.29
N ALA O 250 -75.84 26.32 40.83
CA ALA O 250 -74.70 26.48 39.96
C ALA O 250 -75.03 26.00 38.56
N SER O 251 -74.86 26.89 37.59
CA SER O 251 -75.12 26.56 36.20
C SER O 251 -73.82 26.54 35.41
N CYS O 252 -73.91 26.01 34.19
CA CYS O 252 -72.74 25.60 33.42
C CYS O 252 -73.13 25.63 31.95
N SER O 253 -72.32 26.25 31.10
CA SER O 253 -72.79 26.51 29.75
C SER O 253 -71.75 26.65 28.64
N ASN O 254 -72.28 26.82 27.44
CA ASN O 254 -71.49 26.93 26.24
C ASN O 254 -70.85 28.31 26.07
N ASP O 255 -71.36 29.32 26.79
CA ASP O 255 -70.75 30.64 26.74
C ASP O 255 -69.51 30.71 27.61
N GLN O 256 -68.97 29.53 27.95
CA GLN O 256 -67.71 29.40 28.67
C GLN O 256 -67.80 29.89 30.11
N THR O 257 -69.01 29.88 30.66
CA THR O 257 -69.28 30.59 31.90
C THR O 257 -69.84 29.67 32.98
N VAL O 258 -69.60 30.00 34.25
CA VAL O 258 -70.29 29.35 35.37
C VAL O 258 -71.06 30.39 36.16
N ARG O 259 -72.38 30.19 36.29
CA ARG O 259 -73.16 31.12 37.07
C ARG O 259 -73.61 30.47 38.37
N VAL O 260 -73.55 31.26 39.45
CA VAL O 260 -74.09 30.85 40.72
C VAL O 260 -75.30 31.73 41.00
N TRP O 261 -76.48 31.11 41.04
CA TRP O 261 -77.74 31.84 41.22
C TRP O 261 -78.30 31.66 42.62
N VAL O 262 -78.98 32.70 43.09
CA VAL O 262 -79.76 32.66 44.33
C VAL O 262 -81.14 32.07 44.02
N VAL O 263 -81.42 30.90 44.58
CA VAL O 263 -82.67 30.17 44.31
C VAL O 263 -83.94 31.01 44.58
N ALA O 264 -83.92 31.80 45.64
CA ALA O 264 -85.11 32.54 46.05
C ALA O 264 -85.37 33.83 45.23
N THR O 265 -84.34 34.67 45.06
CA THR O 265 -84.52 35.99 44.41
C THR O 265 -84.26 35.96 42.90
N LYS O 266 -83.75 34.84 42.41
CA LYS O 266 -83.33 34.66 41.01
C LYS O 266 -82.26 35.64 40.50
N GLU O 267 -81.62 36.37 41.43
CA GLU O 267 -80.42 37.15 41.11
C GLU O 267 -79.25 36.19 41.01
N CYS O 268 -78.11 36.64 40.50
CA CYS O 268 -76.94 35.77 40.51
C CYS O 268 -75.67 36.41 41.08
N LYS O 269 -75.22 35.85 42.20
CA LYS O 269 -74.12 36.41 42.97
C LYS O 269 -72.83 36.43 42.18
N ALA O 270 -72.64 35.43 41.31
CA ALA O 270 -71.40 35.35 40.55
C ALA O 270 -71.57 34.87 39.10
N GLU O 271 -70.70 35.42 38.25
CA GLU O 271 -70.45 34.95 36.89
C GLU O 271 -68.97 34.61 36.86
N LEU O 272 -68.63 33.33 36.77
CA LEU O 272 -67.22 32.92 36.72
C LEU O 272 -66.71 32.81 35.29
N ARG O 273 -65.80 33.69 34.91
CA ARG O 273 -65.53 33.91 33.49
C ARG O 273 -64.34 33.20 32.85
N GLU O 274 -63.29 32.97 33.62
CA GLU O 274 -61.96 32.68 33.05
C GLU O 274 -61.74 31.25 32.53
N HIS O 275 -62.74 30.68 31.86
CA HIS O 275 -62.54 29.45 31.12
C HIS O 275 -62.46 29.77 29.63
N ARG O 276 -61.64 29.00 28.89
CA ARG O 276 -61.34 29.33 27.49
C ARG O 276 -62.26 28.65 26.46
N HIS O 277 -63.01 27.65 26.92
CA HIS O 277 -63.91 26.87 26.06
C HIS O 277 -65.07 26.36 26.91
N VAL O 278 -66.08 25.80 26.25
CA VAL O 278 -67.29 25.30 26.91
C VAL O 278 -67.00 24.58 28.22
N VAL O 279 -67.82 24.89 29.22
CA VAL O 279 -67.76 24.23 30.50
C VAL O 279 -68.83 23.15 30.54
N GLU O 280 -68.45 21.96 30.96
CA GLU O 280 -69.33 20.80 30.89
C GLU O 280 -69.73 20.27 32.27
N CYS O 281 -69.05 20.73 33.33
CA CYS O 281 -69.13 20.07 34.64
C CYS O 281 -69.16 21.04 35.82
N ILE O 282 -69.85 20.65 36.87
CA ILE O 282 -69.75 21.34 38.16
C ILE O 282 -70.07 20.47 39.37
N SER O 283 -69.24 20.59 40.40
CA SER O 283 -69.54 20.01 41.70
C SER O 283 -69.24 21.02 42.80
N TRP O 284 -69.99 20.93 43.89
CA TRP O 284 -69.74 21.76 45.06
C TRP O 284 -68.85 21.02 46.06
N ALA O 285 -68.06 21.79 46.81
CA ALA O 285 -67.20 21.24 47.86
C ALA O 285 -68.02 20.93 49.10
N PRO O 286 -67.78 19.76 49.71
CA PRO O 286 -68.45 19.38 50.96
C PRO O 286 -67.71 19.65 52.31
N GLU O 287 -67.56 18.58 53.09
CA GLU O 287 -66.93 18.57 54.42
C GLU O 287 -65.41 18.55 54.31
N SER O 288 -64.86 19.64 53.80
CA SER O 288 -63.43 19.72 53.50
C SER O 288 -63.07 21.13 53.07
N SER O 289 -63.74 22.11 53.68
CA SER O 289 -63.41 23.51 53.47
C SER O 289 -62.05 23.82 54.10
N TYR O 290 -61.42 22.77 54.63
CA TYR O 290 -60.02 22.78 55.08
C TYR O 290 -59.09 23.12 53.90
N SER O 291 -59.52 22.71 52.69
CA SER O 291 -58.76 22.82 51.44
C SER O 291 -58.10 24.19 51.26
N SER O 292 -58.69 25.20 51.90
CA SER O 292 -58.09 26.52 52.07
C SER O 292 -56.55 26.44 52.14
N ILE O 293 -56.02 25.66 53.08
CA ILE O 293 -54.57 25.43 53.24
C ILE O 293 -53.70 25.68 51.99
N SER O 294 -54.07 25.09 50.84
CA SER O 294 -53.28 25.25 49.59
C SER O 294 -53.28 26.66 48.99
N GLU O 295 -54.33 27.44 49.26
CA GLU O 295 -54.31 28.90 49.03
C GLU O 295 -55.20 29.65 50.05
N ALA O 296 -54.60 29.97 51.19
CA ALA O 296 -55.35 30.52 52.34
C ALA O 296 -54.92 31.92 52.77
N THR O 297 -53.97 32.51 52.05
CA THR O 297 -53.53 33.89 52.30
C THR O 297 -54.42 34.94 51.61
N GLY O 298 -53.92 36.16 51.50
CA GLY O 298 -54.71 37.31 51.10
C GLY O 298 -54.54 38.39 52.17
N SER O 299 -55.48 38.40 53.12
CA SER O 299 -55.46 39.31 54.28
C SER O 299 -56.60 39.01 55.25
N GLU O 300 -56.31 39.09 56.56
CA GLU O 300 -57.27 38.86 57.66
C GLU O 300 -58.34 37.78 57.38
N GLY O 308 -66.07 30.38 53.44
CA GLY O 308 -66.60 30.59 52.10
C GLY O 308 -67.02 29.31 51.38
N PRO O 309 -67.73 29.43 50.25
CA PRO O 309 -68.26 28.27 49.47
C PRO O 309 -67.49 27.91 48.16
N PHE O 310 -67.22 26.62 47.98
CA PHE O 310 -66.25 26.19 46.94
C PHE O 310 -66.77 25.22 45.91
N LEU O 311 -66.53 25.56 44.63
CA LEU O 311 -67.00 24.75 43.48
C LEU O 311 -65.99 24.60 42.32
N LEU O 312 -65.97 23.39 41.76
CA LEU O 312 -65.06 23.07 40.67
C LEU O 312 -65.78 23.10 39.33
N SER O 313 -65.03 23.45 38.30
CA SER O 313 -65.61 23.54 36.97
C SER O 313 -64.69 22.89 35.93
N GLY O 314 -65.23 21.87 35.28
CA GLY O 314 -64.56 21.20 34.17
C GLY O 314 -65.01 21.72 32.82
N SER O 315 -64.04 22.01 31.96
CA SER O 315 -64.27 22.65 30.67
C SER O 315 -63.71 21.88 29.48
N ARG O 316 -63.55 22.60 28.37
CA ARG O 316 -62.81 22.09 27.22
C ARG O 316 -61.57 22.97 26.97
N ASP O 317 -60.81 23.23 28.03
CA ASP O 317 -59.43 23.70 27.88
C ASP O 317 -58.54 22.52 28.21
N LYS O 318 -59.18 21.37 28.42
CA LYS O 318 -58.57 20.18 29.03
C LYS O 318 -58.23 20.48 30.50
N THR O 319 -58.97 21.43 31.09
CA THR O 319 -58.78 21.88 32.50
C THR O 319 -59.94 21.56 33.46
N ILE O 320 -59.65 21.56 34.76
CA ILE O 320 -60.70 21.66 35.80
C ILE O 320 -60.29 22.70 36.86
N LYS O 321 -61.25 23.54 37.28
CA LYS O 321 -60.94 24.72 38.11
C LYS O 321 -61.70 24.80 39.46
N MET O 322 -60.97 25.28 40.50
CA MET O 322 -61.48 25.57 41.88
C MET O 322 -61.95 27.02 42.08
N TRP O 323 -63.06 27.19 42.78
CA TRP O 323 -63.67 28.51 42.95
C TRP O 323 -64.35 28.74 44.32
N ASP O 324 -63.98 29.86 44.98
CA ASP O 324 -64.78 30.42 46.10
C ASP O 324 -65.75 31.54 45.64
N VAL O 325 -67.04 31.27 45.81
CA VAL O 325 -68.12 32.17 45.39
C VAL O 325 -68.07 33.49 46.16
N SER O 326 -67.39 33.44 47.32
CA SER O 326 -67.13 34.60 48.18
C SER O 326 -66.36 35.70 47.44
N THR O 327 -65.10 35.42 47.08
CA THR O 327 -64.31 36.37 46.29
C THR O 327 -64.75 36.35 44.82
N GLY O 328 -65.25 35.19 44.39
CA GLY O 328 -65.61 34.97 42.99
C GLY O 328 -64.41 34.74 42.08
N MET O 329 -63.30 34.29 42.70
CA MET O 329 -62.02 34.07 42.01
C MET O 329 -61.72 32.58 41.67
N CYS O 330 -61.00 32.36 40.57
CA CYS O 330 -60.44 31.04 40.28
C CYS O 330 -59.25 30.84 41.19
N LEU O 331 -59.31 29.76 41.96
CA LEU O 331 -58.23 29.42 42.87
C LEU O 331 -57.25 28.50 42.13
N MET O 332 -57.68 27.25 41.93
CA MET O 332 -56.88 26.23 41.27
C MET O 332 -57.12 26.17 39.75
N THR O 333 -56.09 25.68 39.05
CA THR O 333 -56.15 25.33 37.64
C THR O 333 -55.54 23.92 37.55
N LEU O 334 -56.39 22.90 37.47
CA LEU O 334 -55.89 21.56 37.25
C LEU O 334 -55.53 21.43 35.77
N VAL O 335 -54.25 21.21 35.48
CA VAL O 335 -53.85 20.91 34.09
C VAL O 335 -53.66 19.40 33.98
N GLY O 336 -54.77 18.72 33.71
CA GLY O 336 -54.78 17.27 33.56
C GLY O 336 -54.46 16.88 32.13
N HIS O 337 -54.84 15.66 31.77
CA HIS O 337 -54.56 15.14 30.44
C HIS O 337 -55.44 15.73 29.32
N ASP O 338 -55.53 14.97 28.22
CA ASP O 338 -55.48 15.54 26.88
C ASP O 338 -56.76 16.03 26.20
N ASN O 339 -57.90 15.81 26.82
CA ASN O 339 -59.17 16.14 26.18
C ASN O 339 -60.25 16.74 27.09
N TRP O 340 -61.49 16.61 26.61
CA TRP O 340 -62.67 17.22 27.20
C TRP O 340 -63.07 16.49 28.49
N VAL O 341 -63.32 17.28 29.53
CA VAL O 341 -63.63 16.70 30.82
C VAL O 341 -65.13 16.47 30.95
N ARG O 342 -65.52 15.37 31.56
CA ARG O 342 -66.92 14.93 31.60
C ARG O 342 -67.51 14.69 33.01
N GLY O 343 -66.67 14.80 34.03
CA GLY O 343 -67.08 14.57 35.40
C GLY O 343 -66.13 15.15 36.43
N VAL O 344 -66.70 15.68 37.51
CA VAL O 344 -65.94 16.32 38.59
C VAL O 344 -66.53 15.91 39.95
N LEU O 345 -65.64 15.63 40.92
CA LEU O 345 -66.02 14.96 42.17
C LEU O 345 -65.17 15.40 43.34
N PHE O 346 -65.68 15.21 44.54
CA PHE O 346 -64.83 15.20 45.73
C PHE O 346 -64.82 13.79 46.33
N HIS O 347 -63.74 13.47 47.05
CA HIS O 347 -63.63 12.23 47.80
C HIS O 347 -64.76 12.14 48.84
N SER O 348 -64.73 11.14 49.73
CA SER O 348 -65.57 11.20 50.93
C SER O 348 -64.93 12.06 52.05
N GLY O 349 -63.64 12.34 51.92
CA GLY O 349 -63.00 13.37 52.71
C GLY O 349 -62.73 14.64 51.91
N GLY O 350 -61.75 15.43 52.40
CA GLY O 350 -61.20 16.56 51.67
C GLY O 350 -59.88 16.16 51.01
N LYS O 351 -59.79 14.86 50.73
CA LYS O 351 -58.57 14.25 50.25
C LYS O 351 -58.44 14.39 48.73
N PHE O 352 -59.45 13.87 48.01
CA PHE O 352 -59.32 13.62 46.58
C PHE O 352 -60.32 14.36 45.69
N ILE O 353 -59.84 14.76 44.50
CA ILE O 353 -60.73 15.15 43.40
C ILE O 353 -60.62 14.10 42.31
N LEU O 354 -61.76 13.60 41.88
CA LEU O 354 -61.78 12.64 40.78
C LEU O 354 -62.36 13.24 39.49
N SER O 355 -61.69 12.96 38.37
CA SER O 355 -62.04 13.56 37.11
C SER O 355 -62.17 12.49 36.06
N CYS O 356 -63.25 12.58 35.30
CA CYS O 356 -63.46 11.71 34.16
C CYS O 356 -63.53 12.57 32.90
N ALA O 357 -62.95 12.03 31.81
CA ALA O 357 -62.59 12.86 30.67
C ALA O 357 -62.71 12.17 29.31
N ASP O 358 -62.53 12.97 28.25
CA ASP O 358 -62.59 12.47 26.88
C ASP O 358 -61.27 11.89 26.39
N ASP O 359 -60.23 11.97 27.22
CA ASP O 359 -59.14 10.99 27.12
C ASP O 359 -59.69 9.83 27.92
N LYS O 360 -59.51 8.61 27.42
CA LYS O 360 -60.25 7.45 27.94
C LYS O 360 -59.93 7.12 29.43
N THR O 361 -59.73 8.19 30.22
CA THR O 361 -59.09 8.17 31.53
C THR O 361 -60.01 8.45 32.70
N LEU O 362 -59.85 7.68 33.78
CA LEU O 362 -60.37 8.07 35.07
C LEU O 362 -59.28 8.66 35.98
N ARG O 363 -59.23 9.98 36.07
CA ARG O 363 -58.12 10.67 36.70
C ARG O 363 -58.31 10.89 38.22
N VAL O 364 -57.25 10.59 38.97
CA VAL O 364 -57.22 10.75 40.43
C VAL O 364 -56.32 11.94 40.82
N TRP O 365 -56.92 12.95 41.43
CA TRP O 365 -56.15 14.13 41.82
C TRP O 365 -55.86 14.25 43.31
N ASP O 366 -54.64 14.74 43.58
CA ASP O 366 -54.23 15.29 44.88
C ASP O 366 -54.09 16.83 44.79
N TYR O 367 -55.05 17.57 45.37
CA TYR O 367 -54.91 19.04 45.43
C TYR O 367 -53.89 19.45 46.53
N LYS O 368 -53.52 18.43 47.30
CA LYS O 368 -52.17 18.28 47.84
C LYS O 368 -51.12 18.69 46.78
N ASN O 369 -50.73 19.97 46.85
CA ASN O 369 -49.58 20.58 46.12
C ASN O 369 -49.43 20.43 44.57
N LYS O 370 -50.57 20.45 43.85
CA LYS O 370 -50.63 20.46 42.37
C LYS O 370 -50.65 19.08 41.66
N ARG O 371 -50.02 18.07 42.28
CA ARG O 371 -49.85 16.73 41.68
C ARG O 371 -51.16 16.09 41.15
N CYS O 372 -51.01 15.24 40.13
CA CYS O 372 -52.09 14.36 39.72
C CYS O 372 -51.72 12.93 40.10
N MET O 373 -51.89 12.64 41.39
CA MET O 373 -51.36 11.44 42.05
C MET O 373 -51.48 10.12 41.27
N LYS O 374 -52.69 9.74 40.84
CA LYS O 374 -52.84 8.52 40.02
C LYS O 374 -53.62 8.74 38.71
N THR O 375 -53.23 7.98 37.67
CA THR O 375 -53.85 8.04 36.33
C THR O 375 -54.32 6.65 35.87
N LEU O 376 -55.62 6.54 35.57
CA LEU O 376 -56.22 5.24 35.23
C LEU O 376 -56.70 5.11 33.80
N ASN O 377 -56.54 3.92 33.24
CA ASN O 377 -57.01 3.66 31.89
C ASN O 377 -58.33 2.91 31.98
N ALA O 378 -59.40 3.60 31.61
CA ALA O 378 -60.77 3.19 31.98
C ALA O 378 -61.53 2.45 30.87
N HIS O 379 -61.69 3.13 29.73
CA HIS O 379 -62.56 2.66 28.66
C HIS O 379 -61.99 2.97 27.28
N GLU O 380 -62.12 2.00 26.38
CA GLU O 380 -61.61 2.10 25.01
C GLU O 380 -62.14 3.38 24.30
N HIS O 381 -63.43 3.65 24.50
CA HIS O 381 -64.10 4.86 24.00
C HIS O 381 -64.55 5.77 25.18
N PHE O 382 -64.44 7.10 25.01
CA PHE O 382 -64.40 8.02 26.16
C PHE O 382 -65.53 8.05 27.21
N VAL O 383 -65.21 8.66 28.34
CA VAL O 383 -65.92 8.52 29.61
C VAL O 383 -66.83 9.73 29.93
N THR O 384 -68.15 9.48 29.86
CA THR O 384 -69.18 10.52 30.03
C THR O 384 -69.38 10.95 31.49
N SER O 385 -69.31 9.97 32.40
CA SER O 385 -69.78 10.13 33.77
C SER O 385 -69.01 9.27 34.78
N LEU O 386 -68.89 9.81 36.00
CA LEU O 386 -68.23 9.15 37.13
C LEU O 386 -68.95 9.49 38.43
N ASP O 387 -68.74 8.65 39.44
CA ASP O 387 -69.41 8.81 40.73
C ASP O 387 -68.80 7.93 41.82
N PHE O 388 -68.31 8.59 42.86
CA PHE O 388 -67.78 7.94 44.05
C PHE O 388 -68.90 7.44 44.98
N HIS O 389 -68.51 7.02 46.19
CA HIS O 389 -69.51 6.71 47.22
C HIS O 389 -69.30 7.49 48.55
N LYS O 390 -70.41 7.90 49.14
CA LYS O 390 -70.43 8.49 50.47
C LYS O 390 -70.17 7.43 51.54
N THR O 391 -70.54 6.18 51.24
CA THR O 391 -70.55 5.09 52.24
C THR O 391 -69.46 4.04 52.05
N ALA O 392 -69.45 3.38 50.88
CA ALA O 392 -68.69 2.14 50.68
C ALA O 392 -67.61 2.16 49.55
N PRO O 393 -66.91 1.04 49.30
CA PRO O 393 -65.65 1.10 48.56
C PRO O 393 -65.87 1.00 47.06
N TYR O 394 -66.49 2.01 46.45
CA TYR O 394 -66.80 1.95 45.01
C TYR O 394 -66.65 3.27 44.22
N VAL O 395 -66.46 3.11 42.91
CA VAL O 395 -66.60 4.18 41.90
C VAL O 395 -67.20 3.60 40.64
N VAL O 396 -68.32 4.19 40.19
CA VAL O 396 -68.91 3.81 38.91
C VAL O 396 -68.61 4.84 37.85
N THR O 397 -68.52 4.35 36.63
CA THR O 397 -68.05 5.14 35.51
C THR O 397 -68.67 4.64 34.22
N GLY O 398 -69.35 5.55 33.52
CA GLY O 398 -70.03 5.24 32.27
C GLY O 398 -69.48 6.01 31.08
N SER O 399 -69.37 5.31 29.96
CA SER O 399 -68.78 5.87 28.73
C SER O 399 -69.44 5.35 27.42
N VAL O 400 -69.11 6.04 26.32
CA VAL O 400 -69.70 5.79 25.00
C VAL O 400 -69.59 4.33 24.60
N ASP O 401 -68.59 3.66 25.15
CA ASP O 401 -68.36 2.24 24.90
C ASP O 401 -69.55 1.37 25.31
N GLN O 402 -70.60 2.01 25.81
CA GLN O 402 -71.84 1.37 26.21
C GLN O 402 -71.67 0.48 27.45
N THR O 403 -70.82 0.93 28.36
CA THR O 403 -70.62 0.23 29.63
C THR O 403 -70.63 1.21 30.77
N VAL O 404 -70.99 0.70 31.93
CA VAL O 404 -70.54 1.28 33.17
C VAL O 404 -69.87 0.15 33.93
N LYS O 405 -68.61 0.39 34.27
CA LYS O 405 -67.82 -0.58 35.00
C LYS O 405 -67.82 -0.10 36.43
N VAL O 406 -67.66 -1.04 37.35
CA VAL O 406 -67.54 -0.72 38.76
C VAL O 406 -66.11 -0.89 39.27
N TRP O 407 -65.68 0.08 40.08
CA TRP O 407 -64.26 0.29 40.38
C TRP O 407 -63.94 0.26 41.89
N GLU O 408 -63.49 -0.92 42.36
CA GLU O 408 -63.24 -1.20 43.79
C GLU O 408 -61.93 -0.58 44.33
N LYS P 92 -17.93 -21.79 22.07
CA LYS P 92 -18.51 -20.74 21.17
C LYS P 92 -20.06 -20.68 21.19
N GLU P 93 -20.63 -20.72 22.40
CA GLU P 93 -22.08 -20.83 22.66
C GLU P 93 -22.88 -19.73 21.95
N TRP P 94 -24.20 -19.89 21.74
CA TRP P 94 -24.98 -18.80 21.06
C TRP P 94 -26.39 -18.40 21.48
N ILE P 95 -26.66 -17.15 21.10
CA ILE P 95 -27.83 -16.37 21.50
C ILE P 95 -28.84 -16.36 20.36
N PRO P 96 -29.95 -17.08 20.59
CA PRO P 96 -30.99 -17.29 19.56
C PRO P 96 -32.15 -16.27 19.48
N ARG P 97 -32.19 -15.26 20.37
CA ARG P 97 -33.46 -14.64 20.81
C ARG P 97 -33.79 -13.12 20.57
N PRO P 98 -33.51 -12.25 21.55
CA PRO P 98 -34.27 -11.02 21.87
C PRO P 98 -35.67 -10.64 21.29
N PRO P 99 -35.99 -9.33 21.22
CA PRO P 99 -36.97 -8.75 20.28
C PRO P 99 -36.35 -8.24 18.95
N GLU P 100 -36.98 -8.54 17.80
CA GLU P 100 -36.48 -8.25 16.44
C GLU P 100 -35.59 -7.03 16.33
N LYS P 101 -34.40 -7.21 15.78
CA LYS P 101 -33.36 -6.18 15.67
C LYS P 101 -33.40 -5.41 14.38
N TYR P 102 -34.22 -5.89 13.45
CA TYR P 102 -34.38 -5.32 12.11
C TYR P 102 -35.57 -5.98 11.44
N ALA P 103 -36.56 -5.15 11.05
CA ALA P 103 -37.71 -5.62 10.28
C ALA P 103 -37.71 -4.97 8.92
N LEU P 104 -37.39 -5.76 7.90
CA LEU P 104 -37.27 -5.27 6.54
C LEU P 104 -38.55 -5.46 5.74
N SER P 105 -39.22 -4.36 5.42
CA SER P 105 -40.38 -4.41 4.54
C SER P 105 -39.99 -3.98 3.13
N GLY P 106 -40.74 -4.45 2.14
CA GLY P 106 -40.43 -4.16 0.76
C GLY P 106 -41.07 -5.06 -0.27
N HIS P 107 -41.15 -6.36 0.02
CA HIS P 107 -41.85 -7.26 -0.89
C HIS P 107 -43.33 -6.86 -0.92
N ARG P 108 -44.04 -7.29 -1.96
CA ARG P 108 -45.44 -6.94 -2.10
C ARG P 108 -46.38 -8.09 -1.81
N SER P 109 -45.85 -9.14 -1.19
CA SER P 109 -46.54 -10.43 -1.06
C SER P 109 -45.71 -11.41 -0.22
N PRO P 110 -46.35 -12.38 0.42
CA PRO P 110 -45.67 -13.36 1.30
C PRO P 110 -44.23 -13.66 0.94
N VAL P 111 -43.37 -13.79 1.94
CA VAL P 111 -42.02 -14.26 1.67
C VAL P 111 -41.93 -15.79 1.75
N THR P 112 -41.08 -16.37 0.92
CA THR P 112 -41.14 -17.79 0.70
C THR P 112 -39.94 -18.46 1.29
N ARG P 113 -38.78 -17.83 1.14
CA ARG P 113 -37.54 -18.37 1.68
C ARG P 113 -36.63 -17.26 2.07
N VAL P 114 -35.77 -17.53 3.04
CA VAL P 114 -34.77 -16.59 3.45
C VAL P 114 -33.46 -17.32 3.46
N ILE P 115 -32.40 -16.63 3.10
CA ILE P 115 -31.10 -17.28 2.89
C ILE P 115 -29.96 -16.35 3.25
N PHE P 116 -28.90 -16.92 3.83
CA PHE P 116 -27.72 -16.14 4.14
C PHE P 116 -26.71 -16.38 3.05
N HIS P 117 -25.98 -15.35 2.69
CA HIS P 117 -24.93 -15.50 1.72
C HIS P 117 -23.70 -16.09 2.43
N PRO P 118 -22.94 -16.95 1.76
CA PRO P 118 -21.86 -17.70 2.43
C PRO P 118 -20.64 -16.84 2.73
N VAL P 119 -20.52 -15.66 2.12
CA VAL P 119 -19.31 -14.85 2.29
C VAL P 119 -19.60 -13.41 2.74
N PHE P 120 -20.37 -12.69 1.93
CA PHE P 120 -20.68 -11.30 2.21
C PHE P 120 -21.71 -11.12 3.31
N SER P 121 -21.76 -9.91 3.85
CA SER P 121 -22.63 -9.63 4.98
C SER P 121 -24.05 -9.36 4.50
N VAL P 122 -24.53 -10.21 3.63
CA VAL P 122 -25.76 -9.94 2.91
C VAL P 122 -26.68 -11.15 2.99
N MET P 123 -27.99 -10.93 2.95
CA MET P 123 -28.90 -12.06 2.88
C MET P 123 -30.00 -11.85 1.89
N VAL P 124 -30.54 -12.95 1.38
CA VAL P 124 -31.51 -12.92 0.28
C VAL P 124 -32.88 -13.49 0.67
N SER P 125 -33.92 -12.93 0.04
CA SER P 125 -35.31 -13.33 0.29
C SER P 125 -36.08 -13.54 -1.01
N ALA P 126 -36.95 -14.54 -1.02
CA ALA P 126 -37.80 -14.83 -2.16
C ALA P 126 -39.23 -14.64 -1.76
N SER P 127 -40.09 -14.37 -2.74
CA SER P 127 -41.47 -14.10 -2.46
C SER P 127 -42.38 -14.51 -3.58
N GLU P 128 -43.68 -14.43 -3.28
CA GLU P 128 -44.74 -14.62 -4.26
C GLU P 128 -44.83 -13.39 -5.15
N ASP P 129 -43.69 -12.71 -5.29
CA ASP P 129 -43.58 -11.33 -5.75
C ASP P 129 -43.71 -10.97 -7.24
N ALA P 130 -43.09 -11.72 -8.16
CA ALA P 130 -42.28 -12.85 -7.89
C ALA P 130 -40.86 -12.35 -8.07
N THR P 131 -40.24 -11.97 -6.94
CA THR P 131 -38.95 -11.27 -6.91
C THR P 131 -38.04 -11.85 -5.91
N ILE P 132 -36.75 -11.87 -6.23
CA ILE P 132 -35.72 -12.16 -5.23
C ILE P 132 -35.18 -10.81 -4.80
N LYS P 133 -35.14 -10.54 -3.49
CA LYS P 133 -34.59 -9.29 -2.96
C LYS P 133 -33.36 -9.52 -2.07
N VAL P 134 -32.41 -8.56 -2.12
CA VAL P 134 -31.16 -8.62 -1.32
C VAL P 134 -31.01 -7.47 -0.30
N TRP P 135 -30.90 -7.82 0.99
CA TRP P 135 -30.52 -6.95 2.15
C TRP P 135 -29.13 -7.54 2.49
N ASP P 136 -28.08 -6.81 2.89
CA ASP P 136 -27.71 -6.27 4.20
C ASP P 136 -28.31 -6.52 5.57
N TYR P 137 -27.95 -7.64 6.19
CA TYR P 137 -28.50 -7.95 7.50
C TYR P 137 -27.89 -7.14 8.61
N GLU P 138 -26.69 -6.64 8.37
CA GLU P 138 -25.98 -5.81 9.33
C GLU P 138 -26.64 -4.46 9.47
N THR P 139 -27.19 -3.95 8.37
CA THR P 139 -27.75 -2.60 8.30
C THR P 139 -29.20 -2.58 7.89
N GLY P 140 -29.58 -3.51 7.03
CA GLY P 140 -30.87 -3.45 6.36
C GLY P 140 -30.91 -2.38 5.28
N ASP P 141 -30.68 -2.74 4.01
CA ASP P 141 -30.86 -1.80 2.91
C ASP P 141 -31.28 -2.50 1.62
N PHE P 142 -32.32 -1.98 0.92
CA PHE P 142 -32.99 -2.69 -0.20
C PHE P 142 -32.02 -3.11 -1.28
N GLU P 143 -30.70 -2.98 -1.02
CA GLU P 143 -29.60 -3.35 -1.95
C GLU P 143 -29.93 -3.56 -3.44
N ARG P 144 -30.50 -4.71 -3.76
CA ARG P 144 -30.88 -5.02 -5.13
C ARG P 144 -32.23 -5.73 -5.15
N THR P 145 -32.87 -5.72 -6.32
CA THR P 145 -33.95 -6.65 -6.64
C THR P 145 -33.64 -7.46 -7.88
N LEU P 146 -34.02 -8.73 -7.86
CA LEU P 146 -33.76 -9.66 -8.97
C LEU P 146 -35.07 -10.04 -9.65
N LYS P 147 -35.30 -9.50 -10.83
CA LYS P 147 -36.56 -9.70 -11.52
C LYS P 147 -36.43 -10.70 -12.66
N GLY P 148 -37.52 -11.39 -12.98
CA GLY P 148 -37.52 -12.20 -14.18
C GLY P 148 -38.29 -13.50 -14.08
N HIS P 149 -38.92 -13.78 -12.95
CA HIS P 149 -39.77 -14.95 -12.90
C HIS P 149 -41.18 -14.50 -13.20
N THR P 150 -41.97 -15.41 -13.74
CA THR P 150 -43.37 -15.15 -14.05
C THR P 150 -44.28 -15.19 -12.82
N ASP P 151 -44.28 -16.26 -12.05
CA ASP P 151 -45.35 -16.37 -11.08
C ASP P 151 -45.09 -16.42 -9.59
N SER P 152 -44.00 -16.99 -9.13
CA SER P 152 -43.79 -16.97 -7.68
C SER P 152 -42.46 -17.51 -7.48
N VAL P 153 -41.78 -17.05 -6.45
CA VAL P 153 -40.47 -17.62 -6.17
C VAL P 153 -40.55 -18.48 -4.93
N GLN P 154 -40.36 -19.78 -5.09
CA GLN P 154 -40.56 -20.68 -3.97
C GLN P 154 -39.27 -21.11 -3.21
N ASP P 155 -38.15 -21.22 -3.90
CA ASP P 155 -36.96 -21.53 -3.17
C ASP P 155 -35.77 -20.79 -3.75
N ILE P 156 -34.68 -20.75 -2.98
CA ILE P 156 -33.43 -20.10 -3.38
C ILE P 156 -32.30 -20.96 -2.83
N SER P 157 -31.14 -20.93 -3.50
CA SER P 157 -29.99 -21.69 -3.04
C SER P 157 -28.70 -21.17 -3.60
N PHE P 158 -27.77 -20.82 -2.73
CA PHE P 158 -26.44 -20.36 -3.15
C PHE P 158 -25.56 -21.57 -3.38
N ASP P 159 -24.63 -21.43 -4.30
CA ASP P 159 -23.58 -22.42 -4.49
C ASP P 159 -22.55 -22.16 -3.42
N HIS P 160 -21.52 -23.00 -3.32
CA HIS P 160 -20.57 -22.83 -2.23
C HIS P 160 -19.91 -21.50 -2.20
N SER P 161 -19.52 -21.02 -3.38
CA SER P 161 -18.66 -19.86 -3.50
C SER P 161 -19.42 -18.54 -3.31
N GLY P 162 -20.75 -18.61 -3.35
CA GLY P 162 -21.59 -17.42 -3.24
C GLY P 162 -21.59 -16.58 -4.51
N LYS P 163 -21.44 -17.23 -5.65
CA LYS P 163 -21.30 -16.52 -6.92
C LYS P 163 -22.43 -16.89 -7.85
N LEU P 164 -23.10 -18.00 -7.54
CA LEU P 164 -24.24 -18.44 -8.29
C LEU P 164 -25.44 -18.62 -7.38
N LEU P 165 -26.60 -18.20 -7.83
CA LEU P 165 -27.81 -18.34 -7.04
C LEU P 165 -28.86 -19.00 -7.88
N ALA P 166 -29.41 -20.08 -7.38
CA ALA P 166 -30.50 -20.76 -8.07
C ALA P 166 -31.85 -20.32 -7.47
N SER P 167 -32.86 -20.17 -8.33
CA SER P 167 -34.17 -19.86 -7.83
C SER P 167 -35.24 -20.81 -8.39
N CYS P 168 -36.44 -20.74 -7.85
CA CYS P 168 -37.49 -21.68 -8.11
C CYS P 168 -38.81 -20.97 -8.24
N SER P 169 -39.68 -21.44 -9.12
CA SER P 169 -40.96 -20.73 -9.26
C SER P 169 -42.15 -21.58 -9.61
N ALA P 170 -43.32 -20.94 -9.59
CA ALA P 170 -44.47 -21.58 -10.14
C ALA P 170 -44.54 -21.32 -11.64
N ASP P 171 -43.47 -20.77 -12.21
CA ASP P 171 -43.27 -20.76 -13.66
C ASP P 171 -43.07 -22.15 -14.14
N MET P 172 -42.43 -22.95 -13.29
CA MET P 172 -41.90 -24.26 -13.66
C MET P 172 -40.47 -24.10 -14.15
N THR P 173 -39.90 -22.96 -13.80
CA THR P 173 -38.59 -22.56 -14.26
C THR P 173 -37.55 -22.83 -13.19
N ILE P 174 -36.27 -22.86 -13.52
CA ILE P 174 -35.28 -22.72 -12.47
C ILE P 174 -34.25 -21.72 -12.91
N LYS P 175 -34.39 -20.44 -12.59
CA LYS P 175 -33.38 -19.49 -13.07
C LYS P 175 -32.09 -19.63 -12.27
N LEU P 176 -30.98 -19.51 -12.98
CA LEU P 176 -29.64 -19.52 -12.42
C LEU P 176 -29.12 -18.13 -12.54
N TRP P 177 -28.74 -17.52 -11.43
CA TRP P 177 -28.31 -16.11 -11.40
C TRP P 177 -26.83 -15.93 -11.08
N ASP P 178 -26.24 -14.89 -11.65
CA ASP P 178 -24.84 -14.54 -11.45
C ASP P 178 -24.77 -13.45 -10.38
N PHE P 179 -23.95 -13.65 -9.35
CA PHE P 179 -23.79 -12.62 -8.30
C PHE P 179 -22.54 -11.70 -8.52
N GLN P 180 -22.06 -11.61 -9.77
CA GLN P 180 -21.35 -10.43 -10.28
C GLN P 180 -22.31 -9.32 -10.04
N GLY P 181 -23.57 -9.70 -9.84
CA GLY P 181 -24.57 -8.83 -9.28
C GLY P 181 -25.90 -8.88 -9.97
N PHE P 182 -25.89 -8.94 -11.30
CA PHE P 182 -27.22 -8.94 -11.84
C PHE P 182 -27.67 -10.14 -12.61
N GLU P 183 -27.15 -10.30 -13.80
CA GLU P 183 -27.91 -10.96 -14.85
C GLU P 183 -28.23 -12.43 -14.56
N CYS P 184 -29.38 -12.86 -15.04
CA CYS P 184 -29.74 -14.24 -15.06
C CYS P 184 -28.86 -14.94 -16.11
N ILE P 185 -28.56 -16.20 -15.92
CA ILE P 185 -27.61 -16.89 -16.78
C ILE P 185 -28.38 -17.87 -17.65
N ARG P 186 -29.12 -18.76 -17.02
CA ARG P 186 -29.83 -19.80 -17.71
C ARG P 186 -31.22 -19.82 -17.15
N THR P 187 -32.15 -20.34 -17.94
CA THR P 187 -33.46 -20.69 -17.43
C THR P 187 -33.66 -22.11 -17.83
N MET P 188 -34.10 -22.92 -16.88
CA MET P 188 -34.13 -24.36 -17.09
C MET P 188 -35.54 -24.95 -17.03
N HIS P 189 -35.92 -25.59 -18.14
CA HIS P 189 -37.28 -26.05 -18.28
C HIS P 189 -37.40 -27.58 -18.23
N GLY P 190 -38.33 -28.06 -17.42
CA GLY P 190 -38.56 -29.50 -17.39
C GLY P 190 -39.84 -29.87 -16.71
N HIS P 191 -39.90 -29.59 -15.42
CA HIS P 191 -41.08 -29.82 -14.61
C HIS P 191 -42.34 -29.32 -15.25
N ASP P 192 -43.42 -30.07 -15.06
CA ASP P 192 -44.71 -29.78 -15.68
C ASP P 192 -45.63 -28.98 -14.74
N HIS P 193 -45.16 -28.66 -13.55
CA HIS P 193 -45.99 -27.95 -12.60
C HIS P 193 -45.09 -27.19 -11.66
N ASN P 194 -45.67 -26.52 -10.68
CA ASN P 194 -44.94 -25.81 -9.63
C ASN P 194 -43.62 -26.47 -9.27
N VAL P 195 -42.61 -25.66 -9.09
CA VAL P 195 -41.30 -26.13 -8.66
C VAL P 195 -41.08 -25.62 -7.25
N SER P 196 -41.13 -26.47 -6.24
CA SER P 196 -41.17 -25.87 -4.90
C SER P 196 -39.90 -25.99 -4.09
N SER P 197 -38.82 -26.44 -4.73
CA SER P 197 -37.55 -26.41 -4.04
C SER P 197 -36.42 -26.63 -4.98
N VAL P 198 -35.31 -25.99 -4.67
CA VAL P 198 -34.09 -26.12 -5.44
C VAL P 198 -32.89 -26.11 -4.53
N SER P 199 -31.80 -26.70 -5.00
CA SER P 199 -30.54 -26.59 -4.29
C SER P 199 -29.41 -26.86 -5.24
N ILE P 200 -28.33 -26.13 -5.00
CA ILE P 200 -27.12 -26.36 -5.72
C ILE P 200 -26.40 -27.37 -4.87
N MET P 201 -25.83 -28.35 -5.53
CA MET P 201 -25.13 -29.39 -4.83
C MET P 201 -23.72 -28.88 -4.49
N PRO P 202 -23.03 -29.58 -3.55
CA PRO P 202 -21.67 -29.23 -3.13
C PRO P 202 -20.72 -29.02 -4.24
N ASN P 203 -20.32 -30.03 -5.00
CA ASN P 203 -19.44 -29.71 -6.12
C ASN P 203 -20.29 -28.97 -7.12
N GLY P 204 -20.16 -27.66 -7.11
CA GLY P 204 -21.15 -26.78 -7.74
C GLY P 204 -21.38 -26.99 -9.21
N ASP P 205 -21.69 -28.23 -9.56
CA ASP P 205 -21.79 -28.64 -10.94
C ASP P 205 -23.14 -29.22 -11.27
N HIS P 206 -24.05 -29.25 -10.30
CA HIS P 206 -25.40 -29.77 -10.49
C HIS P 206 -26.46 -29.07 -9.66
N ILE P 207 -27.70 -29.06 -10.13
CA ILE P 207 -28.78 -28.56 -9.33
C ILE P 207 -29.86 -29.62 -9.13
N VAL P 208 -30.51 -29.59 -7.96
CA VAL P 208 -31.61 -30.50 -7.73
C VAL P 208 -32.84 -29.71 -7.49
N SER P 209 -33.96 -30.19 -8.00
CA SER P 209 -35.22 -29.50 -7.82
C SER P 209 -36.32 -30.48 -7.48
N ALA P 210 -37.47 -29.97 -7.03
CA ALA P 210 -38.62 -30.81 -6.69
C ALA P 210 -39.93 -30.13 -7.06
N SER P 211 -40.94 -30.93 -7.38
CA SER P 211 -42.11 -30.38 -8.05
C SER P 211 -43.42 -31.05 -7.65
N ARG P 212 -44.54 -30.39 -7.94
CA ARG P 212 -45.88 -31.01 -7.94
C ARG P 212 -45.97 -32.11 -9.01
N ASP P 213 -45.08 -32.03 -9.99
CA ASP P 213 -44.67 -33.11 -10.85
C ASP P 213 -44.75 -34.46 -10.18
N LYS P 214 -44.44 -34.47 -8.89
CA LYS P 214 -44.13 -35.67 -8.14
C LYS P 214 -42.70 -36.09 -8.53
N THR P 215 -41.91 -35.12 -8.97
CA THR P 215 -40.61 -35.38 -9.58
C THR P 215 -39.45 -34.71 -8.85
N ILE P 216 -38.27 -35.32 -8.94
CA ILE P 216 -37.06 -34.65 -8.54
C ILE P 216 -36.14 -34.74 -9.72
N LYS P 217 -35.70 -33.57 -10.17
CA LYS P 217 -34.86 -33.47 -11.34
C LYS P 217 -33.43 -33.03 -10.97
N MET P 218 -32.45 -33.49 -11.75
CA MET P 218 -31.07 -33.00 -11.57
C MET P 218 -30.51 -32.35 -12.80
N TRP P 219 -30.12 -31.09 -12.64
CA TRP P 219 -29.69 -30.28 -13.77
C TRP P 219 -28.17 -30.03 -13.84
N GLU P 220 -27.56 -30.13 -15.01
CA GLU P 220 -26.16 -29.74 -15.17
C GLU P 220 -26.02 -28.21 -15.20
N VAL P 221 -25.27 -27.65 -14.26
CA VAL P 221 -25.20 -26.20 -14.09
C VAL P 221 -24.78 -25.49 -15.34
N GLN P 222 -23.72 -25.94 -15.98
CA GLN P 222 -23.23 -25.13 -17.08
C GLN P 222 -23.76 -25.50 -18.47
N THR P 223 -24.74 -26.37 -18.52
CA THR P 223 -25.36 -26.77 -19.79
C THR P 223 -26.85 -26.59 -19.71
N GLY P 224 -27.36 -26.37 -18.50
CA GLY P 224 -28.79 -26.32 -18.23
C GLY P 224 -29.57 -27.57 -18.62
N TYR P 225 -28.87 -28.69 -18.82
CA TYR P 225 -29.48 -29.96 -19.19
C TYR P 225 -30.16 -30.60 -17.99
N CYS P 226 -31.30 -31.24 -18.19
CA CYS P 226 -31.82 -32.18 -17.22
C CYS P 226 -31.14 -33.53 -17.45
N VAL P 227 -30.59 -34.09 -16.37
CA VAL P 227 -29.69 -35.24 -16.45
C VAL P 227 -30.25 -36.52 -15.84
N LYS P 228 -30.96 -36.38 -14.72
CA LYS P 228 -31.62 -37.51 -14.07
C LYS P 228 -32.98 -37.05 -13.57
N THR P 229 -33.94 -37.96 -13.54
CA THR P 229 -35.20 -37.70 -12.88
C THR P 229 -35.60 -38.83 -11.99
N PHE P 230 -35.93 -38.46 -10.76
CA PHE P 230 -36.28 -39.41 -9.71
C PHE P 230 -37.80 -39.67 -9.56
N THR P 231 -38.30 -40.76 -10.11
CA THR P 231 -39.72 -41.04 -9.93
C THR P 231 -39.93 -41.82 -8.64
N GLY P 232 -40.98 -41.49 -7.91
CA GLY P 232 -41.02 -41.90 -6.52
C GLY P 232 -42.30 -41.80 -5.76
N HIS P 233 -42.54 -40.67 -5.08
CA HIS P 233 -43.74 -40.50 -4.26
C HIS P 233 -44.92 -40.36 -5.19
N ARG P 234 -46.11 -40.68 -4.68
CA ARG P 234 -47.31 -40.59 -5.52
C ARG P 234 -47.98 -39.22 -5.42
N GLU P 235 -47.35 -38.32 -4.67
CA GLU P 235 -47.85 -36.98 -4.45
C GLU P 235 -46.79 -35.92 -4.57
N TRP P 236 -47.24 -34.66 -4.68
CA TRP P 236 -46.39 -33.47 -4.69
C TRP P 236 -45.13 -33.64 -3.87
N VAL P 237 -44.01 -33.16 -4.41
CA VAL P 237 -42.72 -33.19 -3.70
C VAL P 237 -42.37 -31.81 -3.23
N ARG P 238 -42.14 -31.63 -1.94
CA ARG P 238 -42.09 -30.31 -1.33
C ARG P 238 -40.69 -29.71 -1.13
N MET P 239 -39.68 -30.56 -0.99
CA MET P 239 -38.31 -30.13 -0.65
C MET P 239 -37.29 -31.18 -1.06
N VAL P 240 -36.12 -30.72 -1.48
CA VAL P 240 -34.99 -31.64 -1.71
C VAL P 240 -33.72 -31.10 -1.10
N ARG P 241 -32.96 -31.95 -0.41
CA ARG P 241 -31.69 -31.50 0.13
C ARG P 241 -30.60 -32.53 -0.05
N PRO P 242 -29.44 -32.04 -0.41
CA PRO P 242 -28.28 -32.87 -0.56
C PRO P 242 -27.68 -33.11 0.78
N ASN P 243 -26.73 -34.01 0.79
CA ASN P 243 -26.18 -34.60 1.98
C ASN P 243 -24.81 -33.97 1.98
N GLN P 244 -24.38 -33.47 3.13
CA GLN P 244 -23.10 -32.77 3.21
C GLN P 244 -22.06 -33.23 2.17
N ASP P 245 -21.87 -34.55 2.11
CA ASP P 245 -21.01 -35.25 1.14
C ASP P 245 -21.35 -35.12 -0.35
N GLY P 246 -22.60 -34.77 -0.66
CA GLY P 246 -23.10 -34.70 -2.01
C GLY P 246 -23.71 -36.00 -2.52
N THR P 247 -23.37 -37.10 -1.84
CA THR P 247 -23.68 -38.48 -2.21
C THR P 247 -25.15 -38.81 -2.21
N LEU P 248 -25.93 -38.08 -1.44
CA LEU P 248 -27.31 -38.48 -1.13
C LEU P 248 -28.34 -37.36 -1.22
N ILE P 249 -29.60 -37.73 -1.37
CA ILE P 249 -30.66 -36.75 -1.53
C ILE P 249 -31.86 -37.05 -0.63
N ALA P 250 -32.36 -36.02 0.06
CA ALA P 250 -33.52 -36.16 0.93
C ALA P 250 -34.73 -35.42 0.32
N SER P 251 -35.81 -36.16 0.09
CA SER P 251 -36.99 -35.53 -0.44
C SER P 251 -38.14 -35.57 0.55
N CYS P 252 -39.22 -34.90 0.22
CA CYS P 252 -40.21 -34.56 1.21
C CYS P 252 -41.50 -34.28 0.49
N SER P 253 -42.63 -34.82 0.95
CA SER P 253 -43.82 -34.69 0.12
C SER P 253 -45.16 -34.87 0.77
N ASN P 254 -46.19 -34.82 -0.08
CA ASN P 254 -47.57 -34.82 0.34
C ASN P 254 -48.04 -36.21 0.72
N ASP P 255 -47.32 -37.23 0.24
CA ASP P 255 -47.64 -38.62 0.60
C ASP P 255 -47.22 -38.94 2.02
N GLN P 256 -46.92 -37.92 2.82
CA GLN P 256 -46.59 -38.11 4.24
C GLN P 256 -45.22 -38.77 4.44
N THR P 257 -44.38 -38.73 3.42
CA THR P 257 -43.19 -39.55 3.46
C THR P 257 -41.93 -38.77 3.31
N VAL P 258 -40.82 -39.32 3.79
CA VAL P 258 -39.53 -38.75 3.45
C VAL P 258 -38.65 -39.79 2.77
N ARG P 259 -38.14 -39.46 1.60
CA ARG P 259 -37.28 -40.40 0.88
C ARG P 259 -35.84 -39.93 0.93
N VAL P 260 -34.94 -40.88 1.14
CA VAL P 260 -33.52 -40.61 1.00
C VAL P 260 -33.06 -41.38 -0.20
N TRP P 261 -32.61 -40.65 -1.22
CA TRP P 261 -32.18 -41.26 -2.48
C TRP P 261 -30.66 -41.25 -2.67
N VAL P 262 -30.14 -42.28 -3.35
CA VAL P 262 -28.75 -42.32 -3.81
C VAL P 262 -28.57 -41.55 -5.12
N VAL P 263 -27.84 -40.45 -5.06
CA VAL P 263 -27.73 -39.55 -6.19
C VAL P 263 -27.17 -40.26 -7.43
N ALA P 264 -26.28 -41.22 -7.23
CA ALA P 264 -25.63 -41.87 -8.37
C ALA P 264 -26.49 -42.94 -9.06
N THR P 265 -27.01 -43.91 -8.30
CA THR P 265 -27.78 -45.04 -8.85
C THR P 265 -29.29 -44.82 -8.97
N LYS P 266 -29.75 -43.69 -8.43
CA LYS P 266 -31.16 -43.31 -8.28
C LYS P 266 -32.06 -44.32 -7.52
N GLU P 267 -31.43 -45.28 -6.85
CA GLU P 267 -32.10 -46.17 -5.89
C GLU P 267 -32.48 -45.33 -4.66
N CYS P 268 -33.34 -45.84 -3.79
CA CYS P 268 -33.55 -45.12 -2.53
C CYS P 268 -33.43 -45.96 -1.28
N LYS P 269 -32.42 -45.63 -0.50
CA LYS P 269 -32.02 -46.34 0.69
C LYS P 269 -33.16 -46.42 1.71
N ALA P 270 -33.95 -45.37 1.78
CA ALA P 270 -34.98 -45.27 2.81
C ALA P 270 -36.27 -44.60 2.36
N GLU P 271 -37.38 -45.12 2.85
CA GLU P 271 -38.66 -44.41 2.86
C GLU P 271 -39.08 -44.32 4.30
N LEU P 272 -39.16 -43.08 4.80
CA LEU P 272 -39.47 -42.82 6.19
C LEU P 272 -40.95 -42.54 6.33
N ARG P 273 -41.69 -43.45 6.96
CA ARG P 273 -43.15 -43.43 6.79
C ARG P 273 -44.00 -42.81 7.91
N GLU P 274 -43.51 -42.86 9.15
CA GLU P 274 -44.33 -42.60 10.36
C GLU P 274 -44.78 -41.16 10.63
N HIS P 275 -45.07 -40.38 9.59
CA HIS P 275 -45.68 -39.06 9.77
C HIS P 275 -47.16 -39.18 9.45
N ARG P 276 -47.97 -38.37 10.13
CA ARG P 276 -49.44 -38.49 10.06
C ARG P 276 -50.09 -37.58 9.01
N HIS P 277 -49.32 -36.63 8.51
CA HIS P 277 -49.81 -35.60 7.59
C HIS P 277 -48.63 -35.12 6.77
N VAL P 278 -48.91 -34.34 5.74
CA VAL P 278 -47.87 -33.85 4.82
C VAL P 278 -46.61 -33.34 5.53
N VAL P 279 -45.46 -33.70 4.98
CA VAL P 279 -44.17 -33.21 5.46
C VAL P 279 -43.75 -32.04 4.65
N GLU P 280 -43.33 -30.98 5.34
CA GLU P 280 -42.99 -29.71 4.72
C GLU P 280 -41.46 -29.41 4.67
N CYS P 281 -40.68 -30.13 5.48
CA CYS P 281 -39.30 -29.73 5.71
C CYS P 281 -38.33 -30.88 5.88
N ILE P 282 -37.06 -30.61 5.52
CA ILE P 282 -35.94 -31.46 5.91
C ILE P 282 -34.63 -30.74 6.09
N SER P 283 -33.91 -31.15 7.12
CA SER P 283 -32.53 -30.74 7.31
C SER P 283 -31.67 -31.93 7.68
N TRP P 284 -30.41 -31.90 7.25
CA TRP P 284 -29.49 -32.96 7.64
C TRP P 284 -28.69 -32.50 8.85
N ALA P 285 -28.29 -33.44 9.68
CA ALA P 285 -27.47 -33.15 10.85
C ALA P 285 -25.99 -32.95 10.46
N PRO P 286 -25.32 -31.95 11.04
CA PRO P 286 -23.90 -31.71 10.77
C PRO P 286 -22.84 -32.26 11.77
N GLU P 287 -22.01 -31.35 12.27
CA GLU P 287 -20.89 -31.61 13.19
C GLU P 287 -21.40 -31.76 14.63
N SER P 288 -22.16 -32.83 14.87
CA SER P 288 -22.91 -32.98 16.13
C SER P 288 -23.59 -34.34 16.16
N SER P 289 -22.93 -35.32 15.56
CA SER P 289 -23.42 -36.69 15.56
C SER P 289 -23.21 -37.26 16.96
N TYR P 290 -22.77 -36.37 17.86
CA TYR P 290 -22.72 -36.60 19.31
C TYR P 290 -24.13 -36.89 19.86
N SER P 291 -25.11 -36.25 19.21
CA SER P 291 -26.54 -36.27 19.57
C SER P 291 -27.04 -37.65 19.96
N SER P 292 -26.40 -38.67 19.40
CA SER P 292 -26.50 -40.05 19.84
C SER P 292 -26.89 -40.14 21.32
N ILE P 293 -26.02 -39.64 22.19
CA ILE P 293 -26.29 -39.38 23.61
C ILE P 293 -27.74 -39.68 24.10
N SER P 294 -28.69 -38.91 23.52
CA SER P 294 -30.12 -38.93 23.85
C SER P 294 -30.84 -40.28 23.58
N GLU P 295 -30.41 -40.96 22.52
CA GLU P 295 -30.82 -42.35 22.24
C GLU P 295 -29.67 -43.15 21.60
N ALA P 296 -28.81 -43.73 22.44
CA ALA P 296 -27.57 -44.31 21.95
C ALA P 296 -27.43 -45.82 22.20
N THR P 297 -28.44 -46.42 22.84
CA THR P 297 -28.47 -47.87 23.09
C THR P 297 -29.03 -48.65 21.88
N GLY P 298 -29.41 -49.90 22.15
CA GLY P 298 -29.73 -50.89 21.15
C GLY P 298 -28.90 -52.13 21.43
N SER P 299 -27.74 -52.22 20.77
CA SER P 299 -26.68 -53.22 21.04
C SER P 299 -25.43 -52.98 20.17
N GLU P 300 -24.26 -53.34 20.76
CA GLU P 300 -22.93 -53.14 20.17
C GLU P 300 -22.78 -51.96 19.19
N GLY P 308 -23.56 -43.15 11.99
CA GLY P 308 -24.69 -43.08 11.07
C GLY P 308 -25.12 -41.66 10.66
N PRO P 309 -25.95 -41.52 9.59
CA PRO P 309 -26.59 -40.21 9.22
C PRO P 309 -27.98 -39.97 9.81
N PHE P 310 -28.35 -38.70 9.98
CA PHE P 310 -29.67 -38.27 10.48
C PHE P 310 -30.24 -37.04 9.80
N LEU P 311 -31.57 -36.93 9.77
CA LEU P 311 -32.22 -35.74 9.21
C LEU P 311 -33.56 -35.40 9.87
N LEU P 312 -33.85 -34.11 10.01
CA LEU P 312 -35.12 -33.70 10.57
C LEU P 312 -36.22 -33.57 9.54
N SER P 313 -37.38 -34.08 9.88
CA SER P 313 -38.56 -33.82 9.07
C SER P 313 -39.38 -32.82 9.85
N GLY P 314 -39.91 -31.83 9.13
CA GLY P 314 -40.88 -30.87 9.65
C GLY P 314 -42.19 -31.09 8.93
N SER P 315 -43.30 -31.15 9.68
CA SER P 315 -44.62 -31.55 9.12
C SER P 315 -45.84 -30.78 9.67
N ARG P 316 -46.98 -30.98 9.00
CA ARG P 316 -48.24 -30.38 9.39
C ARG P 316 -48.87 -31.16 10.54
N ASP P 317 -48.26 -32.30 10.86
CA ASP P 317 -48.38 -32.94 12.18
C ASP P 317 -48.15 -31.96 13.30
N LYS P 318 -47.55 -30.81 12.98
CA LYS P 318 -47.13 -29.84 13.97
C LYS P 318 -45.97 -30.42 14.76
N THR P 319 -45.44 -31.53 14.26
CA THR P 319 -44.35 -32.24 14.94
C THR P 319 -43.01 -32.12 14.18
N ILE P 320 -41.91 -32.35 14.88
CA ILE P 320 -40.62 -32.44 14.23
C ILE P 320 -39.99 -33.77 14.56
N LYS P 321 -39.87 -34.65 13.57
CA LYS P 321 -39.14 -35.90 13.79
C LYS P 321 -37.65 -35.83 13.38
N MET P 322 -36.81 -36.43 14.21
CA MET P 322 -35.42 -36.73 13.86
C MET P 322 -35.40 -38.19 13.46
N TRP P 323 -34.61 -38.50 12.44
CA TRP P 323 -34.56 -39.87 11.98
C TRP P 323 -33.12 -40.20 11.85
N ASP P 324 -32.75 -41.41 12.18
CA ASP P 324 -31.48 -41.92 11.68
C ASP P 324 -31.66 -42.96 10.58
N VAL P 325 -30.98 -42.66 9.47
CA VAL P 325 -31.23 -43.25 8.15
C VAL P 325 -30.78 -44.72 8.03
N SER P 326 -29.53 -45.02 8.39
CA SER P 326 -29.06 -46.41 8.34
C SER P 326 -30.10 -47.34 8.93
N THR P 327 -30.67 -46.97 10.09
CA THR P 327 -31.72 -47.77 10.75
C THR P 327 -33.11 -47.46 10.20
N GLY P 328 -33.32 -46.21 9.78
CA GLY P 328 -34.57 -45.77 9.19
C GLY P 328 -35.68 -45.69 10.20
N MET P 329 -35.32 -45.88 11.46
CA MET P 329 -36.25 -45.78 12.57
C MET P 329 -36.41 -44.32 12.90
N CYS P 330 -37.56 -43.96 13.48
CA CYS P 330 -37.73 -42.61 14.02
C CYS P 330 -37.10 -42.50 15.41
N LEU P 331 -36.46 -41.38 15.67
CA LEU P 331 -35.51 -41.28 16.77
C LEU P 331 -36.07 -40.46 17.90
N MET P 332 -36.56 -39.30 17.52
CA MET P 332 -37.25 -38.40 18.41
C MET P 332 -38.55 -38.10 17.69
N THR P 333 -39.47 -37.46 18.41
CA THR P 333 -40.63 -36.84 17.82
C THR P 333 -40.86 -35.71 18.77
N LEU P 334 -40.43 -34.53 18.37
CA LEU P 334 -40.59 -33.32 19.16
C LEU P 334 -42.00 -32.73 19.03
N VAL P 335 -42.77 -32.80 20.12
CA VAL P 335 -44.12 -32.20 20.17
C VAL P 335 -44.08 -30.81 20.80
N GLY P 336 -44.72 -29.87 20.12
CA GLY P 336 -44.63 -28.45 20.45
C GLY P 336 -45.72 -27.68 19.73
N HIS P 337 -45.40 -26.46 19.35
CA HIS P 337 -46.40 -25.44 19.04
C HIS P 337 -47.50 -25.81 18.01
N ASP P 338 -48.47 -24.92 17.88
CA ASP P 338 -49.87 -25.26 17.56
C ASP P 338 -50.31 -25.47 16.10
N ASN P 339 -49.45 -25.11 15.15
CA ASN P 339 -49.79 -25.21 13.73
C ASN P 339 -48.68 -25.80 12.83
N TRP P 340 -48.96 -25.90 11.52
CA TRP P 340 -48.03 -26.45 10.53
C TRP P 340 -46.59 -26.02 10.71
N VAL P 341 -45.69 -27.01 10.65
CA VAL P 341 -44.26 -26.79 10.88
C VAL P 341 -43.61 -26.38 9.57
N ARG P 342 -42.94 -25.22 9.60
CA ARG P 342 -42.52 -24.56 8.36
C ARG P 342 -41.05 -24.65 8.02
N GLY P 343 -40.18 -24.68 9.02
CA GLY P 343 -38.74 -24.71 8.82
C GLY P 343 -38.01 -25.32 9.98
N VAL P 344 -36.95 -26.06 9.69
CA VAL P 344 -36.18 -26.77 10.70
C VAL P 344 -34.70 -26.64 10.44
N LEU P 345 -33.92 -26.57 11.53
CA LEU P 345 -32.48 -26.34 11.46
C LEU P 345 -31.65 -27.09 12.50
N PHE P 346 -30.33 -26.92 12.44
CA PHE P 346 -29.49 -27.21 13.60
C PHE P 346 -28.77 -25.94 13.98
N HIS P 347 -28.24 -25.89 15.18
CA HIS P 347 -27.45 -24.73 15.56
C HIS P 347 -26.11 -24.78 14.82
N SER P 348 -25.22 -23.83 15.08
CA SER P 348 -23.86 -23.90 14.53
C SER P 348 -23.03 -25.07 15.09
N GLY P 349 -23.21 -25.35 16.38
CA GLY P 349 -22.89 -26.65 16.96
C GLY P 349 -24.17 -27.46 16.89
N GLY P 350 -24.25 -28.56 17.64
CA GLY P 350 -25.45 -29.38 17.65
C GLY P 350 -26.17 -29.23 18.97
N LYS P 351 -26.11 -28.01 19.46
CA LYS P 351 -26.65 -27.71 20.76
C LYS P 351 -28.18 -27.53 20.69
N PHE P 352 -28.67 -27.13 19.52
CA PHE P 352 -30.09 -26.82 19.34
C PHE P 352 -30.65 -27.14 17.98
N ILE P 353 -31.91 -27.56 17.95
CA ILE P 353 -32.67 -27.50 16.72
C ILE P 353 -33.51 -26.23 16.77
N LEU P 354 -33.52 -25.45 15.67
CA LEU P 354 -34.40 -24.26 15.56
C LEU P 354 -35.55 -24.49 14.60
N SER P 355 -36.71 -23.96 14.96
CA SER P 355 -37.93 -24.27 14.24
C SER P 355 -38.82 -23.06 14.03
N CYS P 356 -39.53 -23.05 12.91
CA CYS P 356 -40.53 -22.03 12.69
C CYS P 356 -41.80 -22.68 12.18
N ALA P 357 -42.94 -22.05 12.45
CA ALA P 357 -44.19 -22.65 12.04
C ALA P 357 -45.32 -21.67 11.72
N ASP P 358 -46.45 -22.24 11.33
CA ASP P 358 -47.68 -21.52 11.09
C ASP P 358 -48.31 -20.83 12.35
N ASP P 359 -47.74 -21.06 13.52
CA ASP P 359 -48.17 -20.36 14.73
C ASP P 359 -47.21 -19.22 14.96
N LYS P 360 -47.54 -18.06 14.42
CA LYS P 360 -46.64 -16.91 14.32
C LYS P 360 -45.28 -16.87 15.11
N THR P 361 -44.54 -17.99 15.15
CA THR P 361 -43.45 -18.19 16.13
C THR P 361 -42.16 -18.93 15.73
N LEU P 362 -41.07 -18.58 16.41
CA LEU P 362 -39.80 -19.24 16.22
C LEU P 362 -39.47 -20.00 17.49
N ARG P 363 -39.56 -21.33 17.45
CA ARG P 363 -39.30 -22.16 18.64
C ARG P 363 -37.90 -22.73 18.64
N VAL P 364 -37.22 -22.56 19.78
CA VAL P 364 -35.87 -23.13 20.01
C VAL P 364 -35.99 -24.42 20.81
N TRP P 365 -35.68 -25.54 20.17
CA TRP P 365 -35.78 -26.83 20.85
C TRP P 365 -34.45 -27.26 21.44
N ASP P 366 -34.53 -28.13 22.44
CA ASP P 366 -33.38 -28.58 23.22
C ASP P 366 -33.42 -30.09 23.32
N TYR P 367 -32.91 -30.74 22.28
CA TYR P 367 -33.02 -32.19 22.12
C TYR P 367 -32.00 -32.91 22.98
N LYS P 368 -30.97 -32.17 23.40
CA LYS P 368 -30.33 -32.53 24.63
C LYS P 368 -31.51 -32.36 25.62
N ASN P 369 -32.12 -33.49 26.00
CA ASN P 369 -33.35 -33.60 26.84
C ASN P 369 -34.71 -33.10 26.31
N LYS P 370 -35.01 -33.33 25.02
CA LYS P 370 -36.36 -33.18 24.45
C LYS P 370 -37.26 -31.92 24.73
N ARG P 371 -36.76 -30.96 25.50
CA ARG P 371 -37.57 -29.80 25.95
C ARG P 371 -37.46 -28.60 24.99
N CYS P 372 -38.57 -27.90 24.79
CA CYS P 372 -38.56 -26.65 24.03
C CYS P 372 -38.00 -25.53 24.92
N MET P 373 -36.83 -25.00 24.59
CA MET P 373 -36.14 -24.10 25.54
C MET P 373 -36.29 -22.59 25.29
N LYS P 374 -37.16 -22.20 24.37
CA LYS P 374 -37.37 -20.79 24.07
C LYS P 374 -38.34 -20.58 22.92
N THR P 375 -39.19 -19.57 23.05
CA THR P 375 -40.20 -19.28 22.05
C THR P 375 -40.24 -17.78 21.74
N LEU P 376 -40.27 -17.45 20.45
CA LEU P 376 -40.35 -16.06 19.98
C LEU P 376 -41.64 -15.86 19.22
N ASN P 377 -42.36 -14.76 19.49
CA ASN P 377 -43.58 -14.47 18.75
C ASN P 377 -43.23 -13.56 17.58
N ALA P 378 -42.82 -14.20 16.47
CA ALA P 378 -41.96 -13.60 15.46
C ALA P 378 -42.60 -12.66 14.48
N HIS P 379 -43.77 -13.02 13.98
CA HIS P 379 -44.47 -12.16 13.04
C HIS P 379 -45.94 -12.10 13.37
N GLU P 380 -46.67 -11.23 12.68
CA GLU P 380 -48.12 -11.27 12.72
C GLU P 380 -48.60 -12.60 12.12
N HIS P 381 -48.60 -12.70 10.79
CA HIS P 381 -48.98 -13.94 10.10
C HIS P 381 -47.89 -15.02 10.21
N PHE P 382 -48.12 -16.21 9.64
CA PHE P 382 -47.25 -17.33 9.95
C PHE P 382 -45.88 -17.38 9.35
N VAL P 383 -44.89 -17.75 10.16
CA VAL P 383 -43.50 -17.79 9.74
C VAL P 383 -43.31 -18.84 8.69
N THR P 384 -42.69 -18.46 7.59
CA THR P 384 -42.58 -19.34 6.46
C THR P 384 -41.24 -20.08 6.42
N SER P 385 -40.20 -19.43 6.95
CA SER P 385 -38.82 -19.82 6.71
C SER P 385 -37.90 -19.14 7.67
N LEU P 386 -36.80 -19.81 8.01
CA LEU P 386 -35.76 -19.24 8.86
C LEU P 386 -34.40 -19.63 8.33
N ASP P 387 -33.36 -18.94 8.81
CA ASP P 387 -32.00 -19.34 8.50
C ASP P 387 -31.02 -18.78 9.50
N PHE P 388 -30.49 -19.69 10.28
CA PHE P 388 -29.41 -19.44 11.21
C PHE P 388 -28.11 -19.27 10.47
N HIS P 389 -27.39 -18.20 10.77
CA HIS P 389 -26.12 -17.92 10.11
C HIS P 389 -25.04 -18.91 10.49
N LYS P 390 -24.38 -19.47 9.47
CA LYS P 390 -23.31 -20.44 9.68
C LYS P 390 -22.30 -19.94 10.72
N THR P 391 -21.88 -18.68 10.58
CA THR P 391 -20.76 -18.12 11.35
C THR P 391 -21.05 -17.05 12.42
N ALA P 392 -21.94 -16.10 12.13
CA ALA P 392 -22.10 -14.89 12.93
C ALA P 392 -23.45 -14.87 13.67
N PRO P 393 -23.69 -13.92 14.58
CA PRO P 393 -24.69 -14.08 15.65
C PRO P 393 -26.17 -13.96 15.28
N TYR P 394 -26.50 -14.05 13.99
CA TYR P 394 -27.83 -13.69 13.55
C TYR P 394 -28.69 -14.84 13.10
N VAL P 395 -30.00 -14.59 13.14
CA VAL P 395 -30.96 -15.45 12.48
C VAL P 395 -31.93 -14.57 11.69
N VAL P 396 -32.25 -14.96 10.46
CA VAL P 396 -33.21 -14.19 9.68
C VAL P 396 -34.44 -15.02 9.54
N THR P 397 -35.56 -14.35 9.38
CA THR P 397 -36.85 -15.01 9.39
C THR P 397 -37.76 -14.36 8.36
N GLY P 398 -38.61 -15.15 7.71
CA GLY P 398 -39.57 -14.60 6.80
C GLY P 398 -40.93 -15.21 7.01
N SER P 399 -41.98 -14.43 6.77
CA SER P 399 -43.35 -14.95 6.85
C SER P 399 -44.29 -14.28 5.86
N VAL P 400 -45.58 -14.21 6.22
CA VAL P 400 -46.60 -13.73 5.30
C VAL P 400 -46.97 -12.29 5.53
N ASP P 401 -46.54 -11.74 6.65
CA ASP P 401 -46.69 -10.31 6.85
C ASP P 401 -45.78 -9.55 5.88
N GLN P 402 -45.19 -10.29 4.93
CA GLN P 402 -44.36 -9.73 3.89
C GLN P 402 -43.14 -9.04 4.42
N THR P 403 -42.73 -9.40 5.64
CA THR P 403 -41.50 -8.89 6.20
C THR P 403 -40.47 -9.97 6.44
N VAL P 404 -39.21 -9.52 6.58
CA VAL P 404 -38.07 -10.38 6.77
C VAL P 404 -37.36 -9.85 7.98
N LYS P 405 -37.26 -10.66 9.02
CA LYS P 405 -36.73 -10.18 10.29
C LYS P 405 -35.32 -10.71 10.63
N VAL P 406 -34.45 -9.81 11.07
CA VAL P 406 -33.12 -10.18 11.49
C VAL P 406 -33.21 -10.20 12.99
N TRP P 407 -32.68 -11.24 13.62
CA TRP P 407 -32.60 -11.31 15.07
C TRP P 407 -31.15 -11.44 15.56
N GLU P 408 -30.89 -11.10 16.83
CA GLU P 408 -29.56 -11.28 17.42
C GLU P 408 -29.54 -12.31 18.55
N SER Q 6 -48.36 118.04 3.15
CA SER Q 6 -49.14 117.35 4.23
C SER Q 6 -48.97 115.83 4.15
N ASN Q 7 -48.19 115.27 5.08
CA ASN Q 7 -47.78 113.85 5.04
C ASN Q 7 -48.85 112.80 5.44
N PRO Q 8 -49.28 111.98 4.47
CA PRO Q 8 -50.36 110.99 4.68
C PRO Q 8 -50.24 110.10 5.92
N ALA Q 9 -49.04 109.69 6.29
CA ALA Q 9 -48.87 108.77 7.42
C ALA Q 9 -49.26 109.41 8.75
N ALA Q 10 -49.41 110.73 8.73
CA ALA Q 10 -49.65 111.51 9.94
C ALA Q 10 -51.05 112.14 10.00
N ILE Q 11 -51.93 111.70 9.10
CA ILE Q 11 -53.31 112.14 9.10
C ILE Q 11 -54.16 111.04 9.76
N PRO Q 12 -54.75 111.34 10.92
CA PRO Q 12 -55.54 110.36 11.68
C PRO Q 12 -56.69 109.81 10.86
N HIS Q 13 -57.08 108.57 11.11
CA HIS Q 13 -57.90 107.81 10.18
C HIS Q 13 -58.34 106.50 10.84
N ALA Q 14 -59.64 106.34 11.10
CA ALA Q 14 -60.15 105.10 11.71
C ALA Q 14 -60.28 103.99 10.69
N ALA Q 15 -59.84 102.78 11.08
CA ALA Q 15 -59.82 101.61 10.20
C ALA Q 15 -61.23 101.05 9.98
N GLU Q 16 -61.71 101.17 8.74
CA GLU Q 16 -63.05 100.67 8.41
C GLU Q 16 -63.08 99.16 8.41
N ASP Q 17 -64.11 98.62 9.06
CA ASP Q 17 -64.28 97.17 9.12
C ASP Q 17 -64.85 96.70 7.80
N ILE Q 18 -64.12 95.81 7.15
CA ILE Q 18 -64.55 95.26 5.86
C ILE Q 18 -65.00 93.79 6.02
N GLN Q 19 -64.88 93.27 7.24
CA GLN Q 19 -65.10 91.85 7.53
C GLN Q 19 -66.52 91.53 8.03
N GLY Q 20 -67.06 92.39 8.89
CA GLY Q 20 -68.41 92.21 9.38
C GLY Q 20 -68.57 92.17 10.90
N ASP Q 21 -67.53 91.76 11.61
CA ASP Q 21 -67.60 91.53 13.06
C ASP Q 21 -67.25 92.76 13.90
N ASP Q 22 -67.01 93.88 13.23
CA ASP Q 22 -66.73 95.15 13.90
C ASP Q 22 -65.74 94.98 15.07
N ARG Q 23 -64.61 94.35 14.80
CA ARG Q 23 -63.66 94.00 15.86
C ARG Q 23 -62.71 95.13 16.25
N TRP Q 24 -62.36 95.96 15.28
CA TRP Q 24 -61.45 97.07 15.52
C TRP Q 24 -62.08 98.03 16.52
N MET Q 25 -63.29 98.47 16.24
CA MET Q 25 -63.98 99.41 17.12
C MET Q 25 -64.26 98.80 18.48
N SER Q 26 -64.53 97.50 18.50
CA SER Q 26 -64.76 96.75 19.73
C SER Q 26 -63.62 97.00 20.70
N GLN Q 27 -62.39 96.79 20.20
CA GLN Q 27 -61.16 96.93 20.97
C GLN Q 27 -60.93 98.37 21.41
N HIS Q 28 -61.13 99.32 20.49
CA HIS Q 28 -60.93 100.72 20.81
C HIS Q 28 -61.84 101.15 21.94
N ASN Q 29 -63.10 100.74 21.87
CA ASN Q 29 -64.08 101.03 22.92
C ASN Q 29 -63.62 100.47 24.26
N ARG Q 30 -63.23 99.20 24.26
CA ARG Q 30 -62.69 98.56 25.46
C ARG Q 30 -61.62 99.43 26.12
N PHE Q 31 -60.73 100.00 25.32
CA PHE Q 31 -59.66 100.89 25.81
C PHE Q 31 -60.23 102.18 26.41
N VAL Q 32 -61.16 102.81 25.70
CA VAL Q 32 -61.73 104.06 26.17
C VAL Q 32 -62.39 103.75 27.49
N LEU Q 33 -63.13 102.64 27.53
CA LEU Q 33 -63.75 102.18 28.77
C LEU Q 33 -62.68 102.03 29.84
N ASP Q 34 -61.57 101.39 29.49
CA ASP Q 34 -60.46 101.23 30.43
C ASP Q 34 -59.89 102.59 30.85
N CYS Q 35 -59.93 103.57 29.95
CA CYS Q 35 -59.44 104.91 30.24
C CYS Q 35 -60.32 105.68 31.22
N LYS Q 36 -61.57 105.23 31.36
CA LYS Q 36 -62.56 105.96 32.15
C LYS Q 36 -62.38 105.73 33.65
N ASP Q 37 -62.00 104.52 34.05
CA ASP Q 37 -61.93 104.23 35.49
C ASP Q 37 -60.70 103.45 35.98
N LYS Q 38 -59.78 103.12 35.08
CA LYS Q 38 -58.47 102.66 35.54
C LYS Q 38 -57.54 103.86 35.73
N GLU Q 39 -56.35 103.61 36.27
CA GLU Q 39 -55.34 104.67 36.49
C GLU Q 39 -53.93 104.08 36.52
N PRO Q 40 -53.33 103.88 35.35
CA PRO Q 40 -52.04 103.19 35.25
C PRO Q 40 -50.85 104.12 35.46
N ASP Q 41 -49.69 103.52 35.70
CA ASP Q 41 -48.43 104.27 35.75
C ASP Q 41 -47.79 104.24 34.38
N VAL Q 42 -47.98 103.13 33.67
CA VAL Q 42 -47.37 102.90 32.37
C VAL Q 42 -48.40 102.54 31.31
N LEU Q 43 -48.20 103.03 30.10
CA LEU Q 43 -49.16 102.84 29.03
C LEU Q 43 -48.45 102.45 27.74
N PHE Q 44 -48.78 101.28 27.21
CA PHE Q 44 -48.23 100.82 25.94
C PHE Q 44 -49.25 101.04 24.84
N VAL Q 45 -48.88 101.83 23.85
CA VAL Q 45 -49.72 101.98 22.66
C VAL Q 45 -48.97 101.50 21.43
N GLY Q 46 -49.72 101.00 20.45
CA GLY Q 46 -49.10 100.60 19.21
C GLY Q 46 -49.80 99.46 18.51
N ASP Q 47 -49.02 98.72 17.74
CA ASP Q 47 -49.54 97.69 16.87
C ASP Q 47 -49.43 96.29 17.49
N SER Q 48 -49.47 95.27 16.65
CA SER Q 48 -49.39 93.88 17.07
C SER Q 48 -48.23 93.59 18.02
N MET Q 49 -47.08 94.22 17.77
CA MET Q 49 -45.89 94.05 18.61
C MET Q 49 -46.24 94.30 20.06
N VAL Q 50 -47.00 95.37 20.27
CA VAL Q 50 -47.48 95.78 21.59
C VAL Q 50 -48.55 94.84 22.09
N GLN Q 51 -49.52 94.58 21.22
CA GLN Q 51 -50.67 93.75 21.55
C GLN Q 51 -50.27 92.35 22.02
N LEU Q 52 -49.39 91.72 21.24
CA LEU Q 52 -48.96 90.34 21.44
C LEU Q 52 -48.14 90.16 22.72
N MET Q 53 -47.43 91.22 23.12
CA MET Q 53 -46.61 91.18 24.33
C MET Q 53 -47.39 90.74 25.56
N GLN Q 54 -48.63 91.18 25.67
CA GLN Q 54 -49.46 90.85 26.84
C GLN Q 54 -49.72 89.35 26.95
N GLN Q 55 -49.72 88.66 25.82
CA GLN Q 55 -50.18 87.28 25.81
C GLN Q 55 -49.11 86.30 26.27
N TYR Q 56 -47.91 86.82 26.51
CA TYR Q 56 -46.77 86.00 26.96
C TYR Q 56 -46.48 86.13 28.47
N GLU Q 57 -46.00 85.02 29.04
CA GLU Q 57 -45.65 84.89 30.45
C GLU Q 57 -44.95 86.11 31.01
N ILE Q 58 -44.04 86.68 30.20
CA ILE Q 58 -43.16 87.75 30.63
C ILE Q 58 -43.91 89.08 30.87
N TRP Q 59 -45.12 89.19 30.35
CA TRP Q 59 -45.93 90.37 30.64
C TRP Q 59 -46.37 90.41 32.10
N ARG Q 60 -46.92 89.31 32.59
CA ARG Q 60 -47.40 89.30 33.97
C ARG Q 60 -46.24 89.19 34.97
N GLU Q 61 -45.02 89.01 34.45
CA GLU Q 61 -43.82 88.92 35.27
C GLU Q 61 -43.09 90.26 35.43
N LEU Q 62 -43.25 91.15 34.45
CA LEU Q 62 -42.46 92.38 34.41
C LEU Q 62 -43.28 93.67 34.48
N PHE Q 63 -44.36 93.75 33.69
CA PHE Q 63 -45.14 94.97 33.56
C PHE Q 63 -46.46 94.96 34.29
N SER Q 64 -47.01 93.77 34.52
CA SER Q 64 -48.21 93.62 35.33
C SER Q 64 -48.10 94.40 36.64
N PRO Q 65 -47.07 94.14 37.45
CA PRO Q 65 -46.93 94.84 38.72
C PRO Q 65 -46.52 96.30 38.60
N LEU Q 66 -46.30 96.77 37.37
CA LEU Q 66 -46.01 98.18 37.15
C LEU Q 66 -47.28 99.03 37.04
N HIS Q 67 -48.44 98.35 37.03
CA HIS Q 67 -49.75 98.95 36.76
C HIS Q 67 -49.72 99.54 35.37
N ALA Q 68 -49.70 98.63 34.40
CA ALA Q 68 -49.51 99.00 33.03
C ALA Q 68 -50.74 98.62 32.22
N LEU Q 69 -51.09 99.49 31.28
CA LEU Q 69 -52.17 99.17 30.35
C LEU Q 69 -51.65 99.00 28.96
N ASN Q 70 -52.33 98.15 28.20
CA ASN Q 70 -51.87 97.87 26.85
C ASN Q 70 -52.92 98.16 25.80
N PHE Q 71 -52.66 99.19 25.01
CA PHE Q 71 -53.64 99.67 24.05
C PHE Q 71 -53.25 99.25 22.65
N GLY Q 72 -52.71 98.05 22.53
CA GLY Q 72 -52.25 97.58 21.24
C GLY Q 72 -53.36 96.98 20.41
N ILE Q 73 -53.33 97.24 19.10
CA ILE Q 73 -54.18 96.55 18.15
C ILE Q 73 -53.37 96.03 16.97
N GLY Q 74 -53.64 94.79 16.58
CA GLY Q 74 -52.90 94.16 15.49
C GLY Q 74 -53.16 94.82 14.16
N GLY Q 75 -52.08 94.96 13.36
CA GLY Q 75 -52.17 95.49 12.01
C GLY Q 75 -52.46 96.98 11.90
N ASP Q 76 -52.52 97.67 13.03
CA ASP Q 76 -52.69 99.12 13.05
C ASP Q 76 -51.47 99.84 12.49
N THR Q 77 -51.72 100.99 11.87
CA THR Q 77 -50.69 101.83 11.31
C THR Q 77 -50.59 103.09 12.14
N THR Q 78 -49.63 103.96 11.80
CA THR Q 78 -49.51 105.27 12.43
C THR Q 78 -50.85 105.99 12.39
N ARG Q 79 -51.44 106.02 11.21
CA ARG Q 79 -52.72 106.66 10.97
C ARG Q 79 -53.77 106.21 11.99
N HIS Q 80 -53.83 104.89 12.22
CA HIS Q 80 -54.82 104.30 13.13
C HIS Q 80 -54.55 104.71 14.58
N VAL Q 81 -53.32 104.48 15.03
CA VAL Q 81 -52.96 104.76 16.41
C VAL Q 81 -53.21 106.24 16.72
N LEU Q 82 -52.85 107.11 15.79
CA LEU Q 82 -53.16 108.52 15.92
C LEU Q 82 -54.62 108.68 16.28
N TRP Q 83 -55.48 108.28 15.34
CA TRP Q 83 -56.92 108.43 15.48
C TRP Q 83 -57.41 107.93 16.85
N ARG Q 84 -56.97 106.73 17.22
CA ARG Q 84 -57.29 106.14 18.51
C ARG Q 84 -56.94 107.06 19.66
N LEU Q 85 -55.72 107.59 19.65
CA LEU Q 85 -55.28 108.50 20.70
C LEU Q 85 -56.04 109.80 20.64
N LYS Q 86 -56.27 110.29 19.43
CA LYS Q 86 -57.05 111.52 19.23
C LYS Q 86 -58.46 111.36 19.80
N ASN Q 87 -59.03 110.18 19.63
CA ASN Q 87 -60.41 109.93 20.01
C ASN Q 87 -60.58 109.27 21.37
N GLY Q 88 -59.74 109.66 22.32
CA GLY Q 88 -60.04 109.44 23.72
C GLY Q 88 -59.32 108.33 24.45
N GLU Q 89 -58.25 107.81 23.84
CA GLU Q 89 -57.43 106.83 24.53
C GLU Q 89 -56.40 107.56 25.40
N LEU Q 90 -56.55 108.88 25.53
CA LEU Q 90 -55.58 109.65 26.30
C LEU Q 90 -56.25 110.59 27.30
N GLU Q 91 -57.47 110.23 27.70
CA GLU Q 91 -58.27 111.05 28.62
C GLU Q 91 -58.34 110.44 30.02
N ASN Q 92 -58.36 111.30 31.03
CA ASN Q 92 -58.54 110.90 32.42
C ASN Q 92 -57.31 110.24 33.06
N ILE Q 93 -56.67 109.32 32.33
CA ILE Q 93 -55.47 108.69 32.85
C ILE Q 93 -54.29 109.68 32.81
N LYS Q 94 -53.29 109.47 33.66
CA LYS Q 94 -52.08 110.28 33.67
C LYS Q 94 -50.88 109.37 33.91
N PRO Q 95 -50.59 108.49 32.95
CA PRO Q 95 -49.47 107.55 33.10
C PRO Q 95 -48.16 108.30 33.24
N LYS Q 96 -47.21 107.72 33.98
CA LYS Q 96 -45.90 108.32 34.18
C LYS Q 96 -45.02 108.06 32.96
N VAL Q 97 -45.17 106.88 32.38
CA VAL Q 97 -44.42 106.51 31.19
C VAL Q 97 -45.34 105.98 30.11
N ILE Q 98 -45.10 106.39 28.88
CA ILE Q 98 -45.81 105.85 27.73
C ILE Q 98 -44.82 105.23 26.76
N VAL Q 99 -45.15 104.02 26.31
CA VAL Q 99 -44.33 103.29 25.37
C VAL Q 99 -45.06 103.24 24.02
N VAL Q 100 -44.42 103.79 23.01
CA VAL Q 100 -44.99 103.80 21.67
C VAL Q 100 -44.23 102.81 20.81
N TRP Q 101 -44.99 101.97 20.10
CA TRP Q 101 -44.39 101.00 19.18
C TRP Q 101 -45.28 100.80 17.95
N VAL Q 102 -45.03 101.58 16.92
CA VAL Q 102 -45.82 101.50 15.70
C VAL Q 102 -44.95 101.74 14.50
N GLY Q 103 -45.36 101.19 13.37
CA GLY Q 103 -44.80 101.59 12.09
C GLY Q 103 -44.59 100.44 11.13
N THR Q 104 -44.27 99.28 11.67
CA THR Q 104 -43.88 98.16 10.83
C THR Q 104 -45.02 97.69 9.91
N ASN Q 105 -46.23 98.15 10.18
CA ASN Q 105 -47.39 97.81 9.36
C ASN Q 105 -47.68 98.84 8.28
N ASN Q 106 -46.83 99.87 8.23
CA ASN Q 106 -47.02 101.02 7.36
C ASN Q 106 -46.46 100.83 5.96
N HIS Q 107 -46.76 99.68 5.35
CA HIS Q 107 -46.58 99.52 3.91
C HIS Q 107 -47.40 100.64 3.28
N GLU Q 108 -47.06 101.08 2.07
CA GLU Q 108 -47.79 102.21 1.46
C GLU Q 108 -47.22 103.59 1.84
N ASN Q 109 -46.27 103.61 2.78
CA ASN Q 109 -45.59 104.83 3.16
C ASN Q 109 -44.08 104.69 3.03
N THR Q 110 -43.41 105.74 2.55
CA THR Q 110 -41.96 105.79 2.57
C THR Q 110 -41.49 105.86 4.00
N ALA Q 111 -40.29 105.37 4.25
CA ALA Q 111 -39.70 105.42 5.58
C ALA Q 111 -39.82 106.82 6.16
N GLU Q 112 -39.49 107.83 5.36
CA GLU Q 112 -39.53 109.23 5.79
C GLU Q 112 -40.90 109.55 6.34
N GLU Q 113 -41.93 109.28 5.54
CA GLU Q 113 -43.31 109.53 5.93
C GLU Q 113 -43.63 108.87 7.27
N VAL Q 114 -43.23 107.60 7.41
CA VAL Q 114 -43.53 106.84 8.63
C VAL Q 114 -42.89 107.47 9.86
N ALA Q 115 -41.66 107.93 9.73
CA ALA Q 115 -41.00 108.64 10.83
C ALA Q 115 -41.82 109.85 11.22
N GLY Q 116 -42.27 110.59 10.21
CA GLY Q 116 -43.19 111.70 10.40
C GLY Q 116 -44.39 111.27 11.22
N GLY Q 117 -44.95 110.11 10.87
CA GLY Q 117 -46.09 109.53 11.58
C GLY Q 117 -45.82 109.39 13.07
N ILE Q 118 -44.79 108.62 13.42
CA ILE Q 118 -44.41 108.46 14.81
C ILE Q 118 -44.22 109.81 15.49
N GLU Q 119 -43.41 110.67 14.89
CA GLU Q 119 -43.21 112.04 15.38
C GLU Q 119 -44.55 112.70 15.76
N ALA Q 120 -45.51 112.64 14.84
CA ALA Q 120 -46.82 113.23 15.09
C ALA Q 120 -47.50 112.61 16.30
N ILE Q 121 -47.41 111.28 16.42
CA ILE Q 121 -47.92 110.54 17.57
C ILE Q 121 -47.29 111.12 18.86
N VAL Q 122 -45.97 111.17 18.87
CA VAL Q 122 -45.22 111.71 20.00
C VAL Q 122 -45.73 113.13 20.34
N GLN Q 123 -45.77 114.00 19.34
CA GLN Q 123 -46.25 115.37 19.49
C GLN Q 123 -47.58 115.39 20.22
N LEU Q 124 -48.53 114.60 19.73
CA LEU Q 124 -49.85 114.52 20.31
C LEU Q 124 -49.78 114.08 21.75
N ILE Q 125 -49.01 113.02 22.02
CA ILE Q 125 -48.94 112.49 23.37
C ILE Q 125 -48.45 113.56 24.34
N ASN Q 126 -47.31 114.17 24.06
CA ASN Q 126 -46.81 115.20 24.97
C ASN Q 126 -47.59 116.52 24.92
N THR Q 127 -48.64 116.56 24.10
CA THR Q 127 -49.58 117.67 24.17
C THR Q 127 -50.67 117.33 25.18
N ARG Q 128 -51.32 116.19 25.02
CA ARG Q 128 -52.36 115.76 25.95
C ARG Q 128 -51.81 115.21 27.27
N GLN Q 129 -50.54 114.79 27.28
CA GLN Q 129 -49.93 114.21 28.48
C GLN Q 129 -48.54 114.78 28.80
N PRO Q 130 -48.45 116.09 29.09
CA PRO Q 130 -47.15 116.77 29.23
C PRO Q 130 -46.20 116.19 30.28
N GLN Q 131 -46.76 115.50 31.29
CA GLN Q 131 -45.99 114.96 32.40
C GLN Q 131 -45.34 113.62 32.08
N ALA Q 132 -45.83 112.96 31.03
CA ALA Q 132 -45.40 111.60 30.71
C ALA Q 132 -44.09 111.60 29.96
N LYS Q 133 -43.20 110.72 30.40
CA LYS Q 133 -41.94 110.47 29.69
C LYS Q 133 -42.17 109.33 28.68
N ILE Q 134 -41.73 109.54 27.45
CA ILE Q 134 -42.10 108.66 26.34
C ILE Q 134 -40.93 107.80 25.86
N ILE Q 135 -41.18 106.50 25.72
CA ILE Q 135 -40.24 105.58 25.10
C ILE Q 135 -40.80 105.20 23.74
N VAL Q 136 -40.01 105.35 22.68
CA VAL Q 136 -40.39 104.80 21.38
C VAL Q 136 -39.50 103.62 21.05
N LEU Q 137 -40.10 102.45 20.92
CA LEU Q 137 -39.38 101.28 20.48
C LEU Q 137 -39.15 101.39 19.00
N GLY Q 138 -37.92 101.13 18.58
CA GLY Q 138 -37.58 101.11 17.18
C GLY Q 138 -38.21 99.94 16.44
N LEU Q 139 -38.33 100.09 15.13
CA LEU Q 139 -38.93 99.05 14.33
C LEU Q 139 -37.94 97.91 14.19
N LEU Q 140 -38.43 96.68 14.32
CA LEU Q 140 -37.56 95.52 14.26
C LEU Q 140 -37.46 94.98 12.84
N PRO Q 141 -36.36 94.32 12.55
CA PRO Q 141 -36.20 93.58 11.29
C PRO Q 141 -37.33 92.56 11.08
N ARG Q 142 -37.51 92.09 9.85
CA ARG Q 142 -38.52 91.08 9.54
C ARG Q 142 -38.14 90.33 8.26
N GLY Q 143 -38.81 89.20 8.04
CA GLY Q 143 -38.54 88.38 6.86
C GLY Q 143 -37.43 87.41 7.14
N GLU Q 144 -37.48 86.25 6.50
CA GLU Q 144 -36.46 85.23 6.75
C GLU Q 144 -35.09 85.73 6.30
N LYS Q 145 -35.04 86.16 5.05
CA LYS Q 145 -33.80 86.63 4.39
C LYS Q 145 -33.95 88.12 4.04
N PRO Q 146 -32.83 88.85 3.94
CA PRO Q 146 -32.84 90.30 3.68
C PRO Q 146 -33.80 90.74 2.59
N ASN Q 147 -34.37 91.94 2.76
CA ASN Q 147 -35.44 92.44 1.87
C ASN Q 147 -35.71 93.94 2.02
N PRO Q 148 -36.41 94.55 1.07
CA PRO Q 148 -36.70 95.99 1.10
C PRO Q 148 -37.27 96.50 2.42
N LEU Q 149 -37.93 95.63 3.19
CA LEU Q 149 -38.56 96.08 4.42
C LEU Q 149 -37.57 96.18 5.55
N ARG Q 150 -36.66 95.22 5.67
CA ARG Q 150 -35.61 95.33 6.69
C ARG Q 150 -34.87 96.66 6.51
N GLN Q 151 -34.77 97.10 5.25
CA GLN Q 151 -34.21 98.40 4.86
C GLN Q 151 -35.07 99.55 5.34
N LYS Q 152 -36.37 99.48 5.04
CA LYS Q 152 -37.33 100.54 5.37
C LYS Q 152 -37.34 100.84 6.88
N ASN Q 153 -37.66 99.82 7.69
CA ASN Q 153 -37.62 99.91 9.14
C ASN Q 153 -36.31 100.54 9.61
N ALA Q 154 -35.20 100.05 9.06
CA ALA Q 154 -33.89 100.58 9.37
C ALA Q 154 -33.87 102.10 9.26
N LYS Q 155 -34.24 102.62 8.08
CA LYS Q 155 -34.28 104.07 7.85
C LYS Q 155 -35.14 104.77 8.90
N VAL Q 156 -36.32 104.23 9.16
CA VAL Q 156 -37.18 104.85 10.16
C VAL Q 156 -36.41 105.05 11.46
N ASN Q 157 -35.78 103.99 11.95
CA ASN Q 157 -34.97 104.10 13.16
C ASN Q 157 -33.93 105.20 13.05
N GLN Q 158 -33.24 105.25 11.90
CA GLN Q 158 -32.26 106.29 11.61
C GLN Q 158 -32.83 107.66 11.86
N LEU Q 159 -33.90 107.97 11.14
CA LEU Q 159 -34.47 109.30 11.18
C LEU Q 159 -34.99 109.62 12.58
N LEU Q 160 -35.42 108.59 13.30
CA LEU Q 160 -35.92 108.74 14.66
C LEU Q 160 -34.82 109.11 15.63
N LYS Q 161 -33.69 108.42 15.53
CA LYS Q 161 -32.49 108.71 16.32
C LYS Q 161 -32.16 110.20 16.25
N VAL Q 162 -32.36 110.78 15.07
CA VAL Q 162 -32.03 112.18 14.80
C VAL Q 162 -33.13 113.15 15.27
N SER Q 163 -34.38 112.80 14.96
CA SER Q 163 -35.52 113.71 15.15
C SER Q 163 -36.13 113.69 16.55
N LEU Q 164 -35.86 112.62 17.31
CA LEU Q 164 -36.46 112.41 18.63
C LEU Q 164 -35.82 113.17 19.81
N PRO Q 165 -34.49 113.34 19.81
CA PRO Q 165 -33.82 114.17 20.84
C PRO Q 165 -34.13 115.67 20.75
N LYS Q 166 -34.79 116.13 19.68
CA LYS Q 166 -35.60 117.36 19.72
C LYS Q 166 -36.91 116.90 20.36
N LEU Q 167 -37.91 117.75 20.48
CA LEU Q 167 -39.21 117.31 21.02
C LEU Q 167 -39.11 116.79 22.48
N ALA Q 168 -40.06 117.21 23.32
CA ALA Q 168 -39.91 117.06 24.76
C ALA Q 168 -40.25 115.68 25.33
N ASN Q 169 -39.39 115.21 26.23
CA ASN Q 169 -39.56 113.97 26.97
C ASN Q 169 -39.77 112.73 26.07
N VAL Q 170 -38.80 112.48 25.20
CA VAL Q 170 -38.85 111.31 24.33
C VAL Q 170 -37.47 110.73 24.13
N GLN Q 171 -37.39 109.41 24.13
CA GLN Q 171 -36.19 108.73 23.65
C GLN Q 171 -36.58 107.53 22.84
N LEU Q 172 -35.73 107.27 21.84
CA LEU Q 172 -35.86 106.08 21.04
C LEU Q 172 -35.09 104.99 21.78
N LEU Q 173 -35.71 103.82 21.92
CA LEU Q 173 -34.98 102.66 22.34
C LEU Q 173 -34.98 101.71 21.16
N ASP Q 174 -33.85 101.68 20.45
CA ASP Q 174 -33.68 100.70 19.38
C ASP Q 174 -32.93 99.54 19.98
N THR Q 175 -33.69 98.54 20.41
CA THR Q 175 -33.07 97.32 20.88
C THR Q 175 -32.56 96.55 19.69
N ASP Q 176 -31.42 95.90 19.86
CA ASP Q 176 -31.11 94.80 18.97
C ASP Q 176 -30.57 93.57 19.66
N GLY Q 177 -31.50 92.66 19.94
CA GLY Q 177 -31.19 91.27 20.21
C GLY Q 177 -30.73 90.66 18.89
N GLY Q 178 -30.11 89.49 18.95
CA GLY Q 178 -29.44 88.93 17.80
C GLY Q 178 -30.39 88.41 16.73
N PHE Q 179 -31.38 89.24 16.39
CA PHE Q 179 -32.47 88.80 15.55
C PHE Q 179 -31.99 88.40 14.15
N VAL Q 180 -30.98 89.11 13.66
CA VAL Q 180 -30.32 88.75 12.41
C VAL Q 180 -28.95 88.18 12.73
N HIS Q 181 -28.65 87.00 12.23
CA HIS Q 181 -27.32 86.47 12.41
C HIS Q 181 -26.36 86.88 11.32
N SER Q 182 -25.18 86.28 11.31
CA SER Q 182 -24.17 86.66 10.34
C SER Q 182 -24.65 86.42 8.92
N ASP Q 183 -25.26 85.27 8.66
CA ASP Q 183 -25.74 84.94 7.31
C ASP Q 183 -27.01 85.73 6.96
N GLY Q 184 -27.42 86.60 7.89
CA GLY Q 184 -28.51 87.53 7.65
C GLY Q 184 -29.87 86.88 7.72
N ALA Q 185 -29.95 85.72 8.37
CA ALA Q 185 -31.22 85.02 8.55
C ALA Q 185 -31.83 85.28 9.93
N ILE Q 186 -33.16 85.39 9.97
CA ILE Q 186 -33.90 85.52 11.23
C ILE Q 186 -34.48 84.16 11.60
N SER Q 187 -34.10 83.63 12.77
CA SER Q 187 -34.57 82.30 13.17
C SER Q 187 -36.00 82.35 13.64
N CYS Q 188 -36.79 81.38 13.16
CA CYS Q 188 -38.19 81.28 13.53
C CYS Q 188 -38.35 80.89 14.99
N HIS Q 189 -37.22 80.68 15.68
CA HIS Q 189 -37.22 80.52 17.13
C HIS Q 189 -37.30 81.89 17.83
N ASP Q 190 -37.16 82.95 17.04
CA ASP Q 190 -37.18 84.32 17.54
C ASP Q 190 -38.38 85.06 16.96
N MET Q 191 -38.75 84.71 15.73
CA MET Q 191 -39.95 85.23 15.08
C MET Q 191 -40.63 84.09 14.33
N PHE Q 192 -41.72 83.59 14.91
CA PHE Q 192 -42.29 82.33 14.46
C PHE Q 192 -42.90 82.41 13.06
N ASP Q 193 -43.09 83.63 12.58
CA ASP Q 193 -43.62 83.88 11.26
C ASP Q 193 -42.77 84.95 10.61
N PHE Q 194 -41.58 85.16 11.19
CA PHE Q 194 -40.59 86.11 10.68
C PHE Q 194 -41.08 87.55 10.77
N LEU Q 195 -41.87 87.81 11.80
CA LEU Q 195 -42.43 89.13 12.00
C LEU Q 195 -42.79 89.30 13.46
N HIS Q 196 -43.68 88.45 13.95
CA HIS Q 196 -44.11 88.47 15.35
C HIS Q 196 -43.11 87.69 16.20
N LEU Q 197 -42.89 88.17 17.42
CA LEU Q 197 -41.91 87.54 18.29
C LEU Q 197 -42.47 86.32 19.00
N THR Q 198 -41.57 85.42 19.37
CA THR Q 198 -41.86 84.31 20.26
C THR Q 198 -41.70 84.75 21.70
N GLY Q 199 -42.04 83.85 22.63
CA GLY Q 199 -41.74 84.09 24.04
C GLY Q 199 -40.29 84.52 24.18
N GLY Q 200 -39.40 83.68 23.64
CA GLY Q 200 -37.97 83.97 23.60
C GLY Q 200 -37.69 85.37 23.11
N GLY Q 201 -38.25 85.71 21.94
CA GLY Q 201 -38.04 86.99 21.31
C GLY Q 201 -38.32 88.17 22.23
N TYR Q 202 -39.54 88.20 22.76
CA TYR Q 202 -39.98 89.29 23.61
C TYR Q 202 -39.04 89.48 24.80
N ALA Q 203 -38.50 88.37 25.31
CA ALA Q 203 -37.56 88.40 26.41
C ALA Q 203 -36.33 89.24 26.06
N LYS Q 204 -35.86 89.12 24.82
CA LYS Q 204 -34.73 89.92 24.37
C LYS Q 204 -35.12 91.41 24.26
N ILE Q 205 -36.39 91.67 24.01
CA ILE Q 205 -36.86 93.04 23.91
C ILE Q 205 -37.23 93.63 25.25
N CYS Q 206 -37.83 92.80 26.11
CA CYS Q 206 -38.45 93.32 27.33
C CYS Q 206 -37.46 93.60 28.42
N LYS Q 207 -36.51 92.69 28.63
CA LYS Q 207 -35.45 92.89 29.61
C LYS Q 207 -34.96 94.36 29.60
N PRO Q 208 -34.38 94.82 28.49
CA PRO Q 208 -33.90 96.22 28.40
C PRO Q 208 -35.00 97.25 28.56
N LEU Q 209 -36.16 97.02 27.92
CA LEU Q 209 -37.30 97.94 28.00
C LEU Q 209 -37.76 98.15 29.45
N HIS Q 210 -37.94 97.04 30.16
CA HIS Q 210 -38.32 97.03 31.55
C HIS Q 210 -37.30 97.82 32.33
N GLU Q 211 -36.04 97.44 32.16
CA GLU Q 211 -34.93 98.09 32.84
C GLU Q 211 -34.93 99.60 32.64
N LEU Q 212 -35.33 100.05 31.45
CA LEU Q 212 -35.41 101.48 31.21
C LEU Q 212 -36.59 102.10 31.93
N ILE Q 213 -37.78 101.53 31.74
CA ILE Q 213 -38.97 102.10 32.39
C ILE Q 213 -38.70 102.28 33.87
N MET Q 214 -38.28 101.21 34.54
CA MET Q 214 -37.98 101.26 35.97
C MET Q 214 -37.09 102.44 36.36
N GLN Q 215 -36.10 102.75 35.51
CA GLN Q 215 -35.28 103.96 35.65
C GLN Q 215 -36.17 105.19 35.66
N LEU Q 216 -36.89 105.37 34.55
CA LEU Q 216 -37.77 106.52 34.33
C LEU Q 216 -38.81 106.71 35.44
N LEU Q 217 -39.30 105.59 35.98
CA LEU Q 217 -40.26 105.62 37.10
C LEU Q 217 -39.58 106.10 38.37
N GLU Q 218 -38.40 105.54 38.65
CA GLU Q 218 -37.62 105.92 39.82
C GLU Q 218 -37.15 107.38 39.77
N GLU Q 219 -37.36 108.06 38.63
CA GLU Q 219 -37.04 109.49 38.51
C GLU Q 219 -37.97 110.45 39.31
N THR Q 220 -39.31 110.33 39.18
CA THR Q 220 -40.26 111.12 40.00
C THR Q 220 -41.63 110.43 40.32
N PRO Q 221 -41.98 110.37 41.62
CA PRO Q 221 -43.15 109.63 42.11
C PRO Q 221 -44.38 110.38 42.71
N GLU Q 222 -44.43 111.72 42.66
CA GLU Q 222 -45.58 112.46 43.24
C GLU Q 222 -46.60 112.96 42.18
N GLU Q 223 -47.56 112.09 41.83
CA GLU Q 223 -48.43 112.27 40.64
C GLU Q 223 -49.82 112.83 40.93
N SER R 6 -68.24 74.33 -10.08
CA SER R 6 -66.90 74.22 -9.43
C SER R 6 -66.70 75.29 -8.33
N ASN R 7 -66.59 74.82 -7.09
CA ASN R 7 -66.58 75.70 -5.90
C ASN R 7 -65.26 76.41 -5.60
N PRO R 8 -65.25 77.75 -5.68
CA PRO R 8 -64.04 78.56 -5.50
C PRO R 8 -63.22 78.26 -4.23
N ALA R 9 -63.89 77.97 -3.11
CA ALA R 9 -63.18 77.74 -1.85
C ALA R 9 -62.28 76.50 -1.87
N ALA R 10 -62.51 75.64 -2.86
CA ALA R 10 -61.78 74.38 -2.94
C ALA R 10 -60.85 74.26 -4.15
N ILE R 11 -60.56 75.41 -4.77
CA ILE R 11 -59.58 75.50 -5.84
C ILE R 11 -58.25 75.97 -5.22
N PRO R 12 -57.23 75.11 -5.19
CA PRO R 12 -55.95 75.46 -4.55
C PRO R 12 -55.31 76.68 -5.21
N HIS R 13 -54.60 77.48 -4.41
CA HIS R 13 -54.17 78.82 -4.80
C HIS R 13 -53.17 79.36 -3.80
N ALA R 14 -51.95 79.64 -4.27
CA ALA R 14 -50.88 80.18 -3.43
C ALA R 14 -51.05 81.67 -3.18
N ALA R 15 -50.85 82.07 -1.93
CA ALA R 15 -51.01 83.46 -1.49
C ALA R 15 -49.90 84.36 -2.01
N GLU R 16 -50.23 85.25 -2.95
CA GLU R 16 -49.23 86.16 -3.50
C GLU R 16 -48.83 87.18 -2.44
N ASP R 17 -47.54 87.38 -2.30
CA ASP R 17 -47.03 88.36 -1.35
C ASP R 17 -47.07 89.75 -1.97
N ILE R 18 -47.79 90.64 -1.31
CA ILE R 18 -47.99 91.98 -1.80
C ILE R 18 -47.22 92.98 -0.95
N GLN R 19 -46.53 92.45 0.07
CA GLN R 19 -45.85 93.24 1.09
C GLN R 19 -44.35 93.48 0.79
N GLY R 20 -43.67 92.45 0.33
CA GLY R 20 -42.27 92.59 -0.05
C GLY R 20 -41.28 91.64 0.61
N ASP R 21 -41.60 91.14 1.81
CA ASP R 21 -40.67 90.28 2.56
C ASP R 21 -40.85 88.78 2.32
N ASP R 22 -41.69 88.43 1.34
CA ASP R 22 -41.96 87.04 0.98
C ASP R 22 -42.01 86.09 2.18
N ARG R 23 -42.92 86.41 3.10
CA ARG R 23 -43.01 85.70 4.36
C ARG R 23 -43.85 84.43 4.28
N TRP R 24 -44.87 84.44 3.42
CA TRP R 24 -45.74 83.29 3.27
C TRP R 24 -44.95 82.10 2.75
N MET R 25 -44.23 82.30 1.65
CA MET R 25 -43.46 81.23 1.05
C MET R 25 -42.33 80.80 1.96
N SER R 26 -41.78 81.74 2.71
CA SER R 26 -40.71 81.45 3.69
C SER R 26 -41.16 80.32 4.60
N GLN R 27 -42.38 80.47 5.13
CA GLN R 27 -42.96 79.54 6.08
C GLN R 27 -43.23 78.20 5.42
N HIS R 28 -43.83 78.25 4.23
CA HIS R 28 -44.18 77.02 3.54
C HIS R 28 -42.93 76.19 3.32
N ASN R 29 -41.88 76.85 2.84
CA ASN R 29 -40.58 76.24 2.65
C ASN R 29 -40.12 75.54 3.92
N ARG R 30 -40.14 76.28 5.02
CA ARG R 30 -39.71 75.74 6.30
C ARG R 30 -40.43 74.43 6.60
N PHE R 31 -41.72 74.36 6.28
CA PHE R 31 -42.52 73.15 6.51
C PHE R 31 -42.13 72.01 5.58
N VAL R 32 -41.91 72.31 4.31
CA VAL R 32 -41.48 71.29 3.36
C VAL R 32 -40.15 70.74 3.83
N LEU R 33 -39.24 71.64 4.20
CA LEU R 33 -37.96 71.22 4.77
C LEU R 33 -38.19 70.31 5.97
N ASP R 34 -39.09 70.75 6.86
CA ASP R 34 -39.47 69.94 8.01
C ASP R 34 -40.02 68.56 7.59
N CYS R 35 -40.74 68.53 6.46
CA CYS R 35 -41.31 67.28 5.95
C CYS R 35 -40.25 66.32 5.42
N LYS R 36 -39.09 66.86 5.09
CA LYS R 36 -38.04 66.07 4.44
C LYS R 36 -37.33 65.12 5.42
N ASP R 37 -37.17 65.56 6.66
CA ASP R 37 -36.26 64.87 7.58
C ASP R 37 -36.82 64.65 8.99
N LYS R 38 -37.95 65.26 9.32
CA LYS R 38 -38.60 64.93 10.59
C LYS R 38 -39.53 63.72 10.36
N GLU R 39 -40.13 63.22 11.44
CA GLU R 39 -41.07 62.09 11.37
C GLU R 39 -42.09 62.08 12.52
N PRO R 40 -43.15 62.87 12.38
CA PRO R 40 -44.09 63.11 13.47
C PRO R 40 -45.16 62.02 13.62
N ASP R 41 -45.79 61.98 14.78
CA ASP R 41 -46.96 61.13 15.01
C ASP R 41 -48.22 61.95 14.71
N VAL R 42 -48.15 63.24 15.03
CA VAL R 42 -49.30 64.13 14.91
C VAL R 42 -48.96 65.38 14.12
N LEU R 43 -49.91 65.83 13.31
CA LEU R 43 -49.70 66.92 12.38
C LEU R 43 -50.86 67.90 12.43
N PHE R 44 -50.56 69.14 12.80
CA PHE R 44 -51.55 70.21 12.85
C PHE R 44 -51.43 71.06 11.59
N VAL R 45 -52.48 71.11 10.78
CA VAL R 45 -52.51 72.02 9.64
C VAL R 45 -53.63 73.03 9.79
N GLY R 46 -53.42 74.22 9.24
CA GLY R 46 -54.48 75.22 9.28
C GLY R 46 -54.01 76.65 9.35
N ASP R 47 -54.87 77.49 9.91
CA ASP R 47 -54.63 78.93 9.93
C ASP R 47 -54.07 79.41 11.27
N SER R 48 -54.20 80.71 11.53
CA SER R 48 -53.77 81.35 12.76
C SER R 48 -54.10 80.56 14.02
N MET R 49 -55.31 80.02 14.10
CA MET R 49 -55.75 79.26 15.27
C MET R 49 -54.76 78.15 15.58
N VAL R 50 -54.30 77.48 14.52
CA VAL R 50 -53.34 76.40 14.65
C VAL R 50 -51.96 76.97 14.96
N GLN R 51 -51.57 78.02 14.22
CA GLN R 51 -50.24 78.61 14.32
C GLN R 51 -49.96 79.15 15.71
N LEU R 52 -50.92 79.90 16.24
CA LEU R 52 -50.78 80.58 17.52
C LEU R 52 -50.69 79.61 18.69
N MET R 53 -51.31 78.45 18.53
CA MET R 53 -51.33 77.45 19.59
C MET R 53 -49.94 77.06 20.07
N GLN R 54 -48.98 77.03 19.15
CA GLN R 54 -47.61 76.64 19.46
C GLN R 54 -46.93 77.63 20.39
N GLN R 55 -47.38 78.89 20.36
CA GLN R 55 -46.71 79.96 21.08
C GLN R 55 -47.05 79.99 22.57
N TYR R 56 -48.05 79.20 22.97
CA TYR R 56 -48.46 79.18 24.36
C TYR R 56 -47.92 77.98 25.14
N GLU R 57 -47.72 78.19 26.43
CA GLU R 57 -47.13 77.20 27.34
C GLU R 57 -47.74 75.82 27.19
N ILE R 58 -49.03 75.80 26.89
CA ILE R 58 -49.80 74.57 26.82
C ILE R 58 -49.42 73.67 25.64
N TRP R 59 -48.73 74.21 24.64
CA TRP R 59 -48.24 73.39 23.52
C TRP R 59 -47.09 72.48 23.96
N ARG R 60 -46.10 73.03 24.66
CA ARG R 60 -44.97 72.22 25.12
C ARG R 60 -45.35 71.26 26.26
N GLU R 61 -46.54 71.46 26.81
CA GLU R 61 -47.04 70.64 27.90
C GLU R 61 -47.85 69.44 27.40
N LEU R 62 -48.46 69.57 26.23
CA LEU R 62 -49.46 68.61 25.76
C LEU R 62 -49.08 67.87 24.50
N PHE R 63 -48.68 68.63 23.48
CA PHE R 63 -48.45 68.07 22.16
C PHE R 63 -46.99 67.90 21.82
N SER R 64 -46.14 68.72 22.43
CA SER R 64 -44.69 68.58 22.30
C SER R 64 -44.28 67.10 22.44
N PRO R 65 -44.66 66.46 23.55
CA PRO R 65 -44.24 65.07 23.79
C PRO R 65 -44.96 64.07 22.90
N LEU R 66 -45.91 64.54 22.10
CA LEU R 66 -46.60 63.63 21.20
C LEU R 66 -45.87 63.48 19.86
N HIS R 67 -44.80 64.25 19.71
CA HIS R 67 -44.05 64.36 18.46
C HIS R 67 -44.98 64.93 17.40
N ALA R 68 -45.29 66.20 17.58
CA ALA R 68 -46.25 66.84 16.73
C ALA R 68 -45.62 67.98 15.97
N LEU R 69 -46.06 68.14 14.72
CA LEU R 69 -45.63 69.27 13.93
C LEU R 69 -46.78 70.22 13.66
N ASN R 70 -46.43 71.49 13.47
CA ASN R 70 -47.41 72.52 13.35
C ASN R 70 -47.24 73.30 12.05
N PHE R 71 -48.11 73.03 11.07
CA PHE R 71 -47.96 73.67 9.77
C PHE R 71 -48.99 74.79 9.62
N GLY R 72 -49.17 75.57 10.67
CA GLY R 72 -50.13 76.65 10.62
C GLY R 72 -49.57 77.94 10.06
N ILE R 73 -50.35 78.63 9.25
CA ILE R 73 -50.00 79.99 8.84
C ILE R 73 -51.17 80.96 9.08
N GLY R 74 -50.86 82.13 9.62
CA GLY R 74 -51.88 83.12 9.90
C GLY R 74 -52.57 83.67 8.67
N GLY R 75 -53.88 83.87 8.76
CA GLY R 75 -54.65 84.46 7.69
C GLY R 75 -54.87 83.58 6.46
N ASP R 76 -54.34 82.35 6.50
CA ASP R 76 -54.58 81.32 5.47
C ASP R 76 -56.05 80.96 5.33
N THR R 77 -56.47 80.68 4.10
CA THR R 77 -57.82 80.25 3.80
C THR R 77 -57.78 78.80 3.38
N THR R 78 -58.95 78.19 3.15
CA THR R 78 -58.98 76.82 2.64
C THR R 78 -58.15 76.72 1.38
N ARG R 79 -58.35 77.67 0.46
CA ARG R 79 -57.61 77.75 -0.79
C ARG R 79 -56.12 77.59 -0.56
N HIS R 80 -55.60 78.32 0.42
CA HIS R 80 -54.17 78.35 0.69
C HIS R 80 -53.69 77.03 1.27
N VAL R 81 -54.38 76.58 2.31
CA VAL R 81 -54.05 75.33 2.99
C VAL R 81 -54.02 74.18 1.99
N LEU R 82 -55.02 74.12 1.13
CA LEU R 82 -55.05 73.13 0.07
C LEU R 82 -53.73 73.17 -0.72
N TRP R 83 -53.47 74.32 -1.36
CA TRP R 83 -52.26 74.49 -2.15
C TRP R 83 -51.01 74.03 -1.42
N ARG R 84 -50.85 74.47 -0.18
CA ARG R 84 -49.74 74.05 0.66
C ARG R 84 -49.63 72.53 0.76
N LEU R 85 -50.75 71.88 1.07
CA LEU R 85 -50.78 70.43 1.18
C LEU R 85 -50.52 69.79 -0.16
N LYS R 86 -51.11 70.33 -1.21
CA LYS R 86 -50.88 69.80 -2.55
C LYS R 86 -49.41 69.91 -2.97
N ASN R 87 -48.75 70.97 -2.52
CA ASN R 87 -47.36 71.22 -2.91
C ASN R 87 -46.30 70.77 -1.92
N GLY R 88 -46.57 69.64 -1.28
CA GLY R 88 -45.52 68.88 -0.61
C GLY R 88 -45.42 68.96 0.89
N GLU R 89 -46.47 69.42 1.55
CA GLU R 89 -46.50 69.39 3.01
C GLU R 89 -47.05 68.05 3.48
N LEU R 90 -47.21 67.13 2.52
CA LEU R 90 -47.77 65.83 2.80
C LEU R 90 -46.90 64.68 2.32
N GLU R 91 -45.62 64.96 2.13
CA GLU R 91 -44.69 63.97 1.58
C GLU R 91 -43.72 63.43 2.64
N ASN R 92 -43.39 62.14 2.51
CA ASN R 92 -42.40 61.47 3.35
C ASN R 92 -42.85 61.20 4.78
N ILE R 93 -43.51 62.17 5.42
CA ILE R 93 -44.10 61.95 6.76
C ILE R 93 -45.27 60.96 6.67
N LYS R 94 -45.52 60.23 7.76
CA LYS R 94 -46.73 59.43 7.86
C LYS R 94 -47.31 59.56 9.26
N PRO R 95 -47.85 60.74 9.58
CA PRO R 95 -48.39 60.98 10.91
C PRO R 95 -49.59 60.07 11.17
N LYS R 96 -49.79 59.72 12.43
CA LYS R 96 -50.87 58.85 12.82
C LYS R 96 -52.17 59.62 12.89
N VAL R 97 -52.07 60.87 13.32
CA VAL R 97 -53.24 61.74 13.44
C VAL R 97 -52.96 63.09 12.80
N ILE R 98 -53.92 63.61 12.05
CA ILE R 98 -53.83 64.95 11.51
C ILE R 98 -54.99 65.79 12.03
N VAL R 99 -54.66 66.99 12.48
CA VAL R 99 -55.65 67.94 12.98
C VAL R 99 -55.80 69.05 11.95
N VAL R 100 -57.01 69.21 11.42
CA VAL R 100 -57.28 70.28 10.48
C VAL R 100 -58.11 71.38 11.14
N TRP R 101 -57.68 72.63 10.97
CA TRP R 101 -58.42 73.75 11.53
C TRP R 101 -58.31 74.99 10.65
N VAL R 102 -59.25 75.12 9.72
CA VAL R 102 -59.24 76.23 8.78
C VAL R 102 -60.66 76.66 8.50
N GLY R 103 -60.82 77.92 8.10
CA GLY R 103 -62.08 78.36 7.53
C GLY R 103 -62.50 79.73 7.97
N THR R 104 -62.15 80.07 9.20
CA THR R 104 -62.61 81.30 9.81
C THR R 104 -62.10 82.57 9.08
N ASN R 105 -61.08 82.42 8.25
CA ASN R 105 -60.54 83.54 7.50
C ASN R 105 -61.14 83.62 6.09
N ASN R 106 -62.07 82.72 5.79
CA ASN R 106 -62.65 82.61 4.46
C ASN R 106 -63.84 83.55 4.23
N HIS R 107 -63.67 84.84 4.57
CA HIS R 107 -64.61 85.87 4.11
C HIS R 107 -64.54 85.78 2.58
N GLU R 108 -65.57 86.22 1.87
CA GLU R 108 -65.60 86.07 0.41
C GLU R 108 -66.18 84.72 -0.05
N ASN R 109 -66.45 83.83 0.91
CA ASN R 109 -67.09 82.56 0.58
C ASN R 109 -68.33 82.36 1.45
N THR R 110 -69.40 81.84 0.86
CA THR R 110 -70.57 81.44 1.63
C THR R 110 -70.21 80.24 2.52
N ALA R 111 -70.93 80.09 3.63
CA ALA R 111 -70.68 78.99 4.55
C ALA R 111 -70.60 77.65 3.81
N GLU R 112 -71.56 77.43 2.91
CA GLU R 112 -71.64 76.23 2.09
C GLU R 112 -70.31 75.96 1.40
N GLU R 113 -69.86 76.95 0.64
CA GLU R 113 -68.60 76.88 -0.09
C GLU R 113 -67.45 76.48 0.85
N VAL R 114 -67.38 77.15 2.00
CA VAL R 114 -66.34 76.92 3.02
C VAL R 114 -66.31 75.47 3.46
N ALA R 115 -67.48 74.92 3.76
CA ALA R 115 -67.60 73.52 4.14
C ALA R 115 -67.03 72.63 3.03
N GLY R 116 -67.39 72.96 1.78
CA GLY R 116 -66.83 72.30 0.61
C GLY R 116 -65.32 72.33 0.65
N GLY R 117 -64.76 73.49 0.98
CA GLY R 117 -63.31 73.67 1.11
C GLY R 117 -62.67 72.67 2.06
N ILE R 118 -63.10 72.70 3.32
CA ILE R 118 -62.63 71.75 4.32
C ILE R 118 -62.74 70.31 3.79
N GLU R 119 -63.94 69.95 3.32
CA GLU R 119 -64.21 68.63 2.71
C GLU R 119 -63.11 68.25 1.74
N ALA R 120 -62.79 69.15 0.81
CA ALA R 120 -61.75 68.93 -0.18
C ALA R 120 -60.39 68.68 0.45
N ILE R 121 -60.05 69.46 1.47
CA ILE R 121 -58.81 69.27 2.21
C ILE R 121 -58.78 67.88 2.80
N VAL R 122 -59.87 67.52 3.48
CA VAL R 122 -60.03 66.18 4.07
C VAL R 122 -59.78 65.09 3.00
N GLN R 123 -60.49 65.22 1.87
CA GLN R 123 -60.36 64.30 0.73
C GLN R 123 -58.90 64.12 0.35
N LEU R 124 -58.23 65.25 0.13
CA LEU R 124 -56.83 65.26 -0.23
C LEU R 124 -55.98 64.54 0.81
N ILE R 125 -56.16 64.86 2.07
CA ILE R 125 -55.38 64.24 3.13
C ILE R 125 -55.53 62.72 3.11
N ASN R 126 -56.74 62.20 3.17
CA ASN R 126 -56.88 60.74 3.18
C ASN R 126 -56.62 60.08 1.82
N THR R 127 -56.26 60.88 0.83
CA THR R 127 -55.73 60.34 -0.43
C THR R 127 -54.23 60.16 -0.28
N ARG R 128 -53.52 61.22 0.07
CA ARG R 128 -52.08 61.14 0.24
C ARG R 128 -51.65 60.47 1.55
N GLN R 129 -52.55 60.41 2.52
CA GLN R 129 -52.23 59.80 3.82
C GLN R 129 -53.33 58.85 4.34
N PRO R 130 -53.59 57.75 3.62
CA PRO R 130 -54.73 56.88 3.93
C PRO R 130 -54.74 56.26 5.33
N GLN R 131 -53.58 56.15 5.99
CA GLN R 131 -53.49 55.56 7.32
C GLN R 131 -53.83 56.54 8.46
N ALA R 132 -53.82 57.84 8.13
CA ALA R 132 -54.01 58.89 9.12
C ALA R 132 -55.48 59.09 9.51
N LYS R 133 -55.70 59.17 10.81
CA LYS R 133 -57.03 59.47 11.34
C LYS R 133 -57.08 60.99 11.51
N ILE R 134 -58.17 61.60 11.02
CA ILE R 134 -58.25 63.06 10.95
C ILE R 134 -59.25 63.66 11.91
N ILE R 135 -58.81 64.71 12.61
CA ILE R 135 -59.69 65.53 13.43
C ILE R 135 -59.87 66.87 12.73
N VAL R 136 -61.11 67.29 12.58
CA VAL R 136 -61.38 68.65 12.12
C VAL R 136 -61.99 69.43 13.26
N LEU R 137 -61.26 70.46 13.70
CA LEU R 137 -61.77 71.38 14.68
C LEU R 137 -62.79 72.28 14.03
N GLY R 138 -63.93 72.43 14.68
CA GLY R 138 -64.97 73.33 14.21
C GLY R 138 -64.56 74.78 14.32
N LEU R 139 -65.21 75.63 13.53
CA LEU R 139 -64.91 77.05 13.56
C LEU R 139 -65.50 77.65 14.82
N LEU R 140 -64.72 78.53 15.45
CA LEU R 140 -65.16 79.13 16.70
C LEU R 140 -65.88 80.46 16.46
N PRO R 141 -66.79 80.84 17.36
CA PRO R 141 -67.38 82.18 17.34
C PRO R 141 -66.33 83.28 17.36
N ARG R 142 -66.75 84.50 17.02
CA ARG R 142 -65.84 85.65 16.95
C ARG R 142 -66.63 86.93 17.11
N GLY R 143 -65.93 88.01 17.45
CA GLY R 143 -66.56 89.31 17.60
C GLY R 143 -67.10 89.51 19.00
N GLU R 144 -67.10 90.76 19.47
CA GLU R 144 -67.50 91.03 20.85
C GLU R 144 -68.96 90.65 21.03
N LYS R 145 -69.80 91.17 20.13
CA LYS R 145 -71.25 91.02 20.20
C LYS R 145 -71.71 90.29 18.92
N PRO R 146 -72.87 89.62 18.98
CA PRO R 146 -73.36 88.79 17.85
C PRO R 146 -73.30 89.48 16.49
N ASN R 147 -73.02 88.71 15.43
CA ASN R 147 -72.89 89.25 14.07
C ASN R 147 -72.92 88.17 12.97
N PRO R 148 -73.12 88.58 11.71
CA PRO R 148 -73.12 87.66 10.57
C PRO R 148 -72.05 86.57 10.54
N LEU R 149 -70.89 86.81 11.14
CA LEU R 149 -69.83 85.82 11.09
C LEU R 149 -70.05 84.69 12.09
N ARG R 150 -70.49 85.04 13.29
CA ARG R 150 -70.81 84.04 14.30
C ARG R 150 -71.80 83.05 13.71
N GLN R 151 -72.68 83.57 12.85
CA GLN R 151 -73.67 82.77 12.13
C GLN R 151 -73.04 81.96 11.01
N LYS R 152 -72.12 82.56 10.25
CA LYS R 152 -71.44 81.86 9.16
C LYS R 152 -70.72 80.60 9.65
N ASN R 153 -69.77 80.81 10.57
CA ASN R 153 -69.01 79.74 11.20
C ASN R 153 -69.94 78.64 11.72
N ALA R 154 -71.00 79.05 12.41
CA ALA R 154 -72.00 78.11 12.90
C ALA R 154 -72.50 77.18 11.79
N LYS R 155 -72.95 77.75 10.67
CA LYS R 155 -73.44 76.94 9.56
C LYS R 155 -72.37 75.97 9.09
N VAL R 156 -71.14 76.46 8.93
CA VAL R 156 -70.04 75.58 8.51
C VAL R 156 -70.01 74.34 9.42
N ASN R 157 -70.01 74.56 10.72
CA ASN R 157 -70.03 73.47 11.68
C ASN R 157 -71.19 72.51 11.44
N GLN R 158 -72.38 73.09 11.21
CA GLN R 158 -73.57 72.31 10.89
C GLN R 158 -73.31 71.35 9.74
N LEU R 159 -72.94 71.92 8.60
CA LEU R 159 -72.81 71.14 7.39
C LEU R 159 -71.73 70.09 7.54
N LEU R 160 -70.71 70.40 8.36
CA LEU R 160 -69.62 69.45 8.59
C LEU R 160 -70.03 68.28 9.46
N LYS R 161 -70.84 68.52 10.50
CA LYS R 161 -71.38 67.43 11.31
C LYS R 161 -72.11 66.42 10.43
N VAL R 162 -72.75 66.91 9.36
CA VAL R 162 -73.51 66.08 8.43
C VAL R 162 -72.62 65.38 7.39
N SER R 163 -71.71 66.14 6.79
CA SER R 163 -70.95 65.64 5.64
C SER R 163 -69.66 64.90 5.98
N LEU R 164 -69.18 65.03 7.21
CA LEU R 164 -67.92 64.37 7.61
C LEU R 164 -68.01 62.90 8.07
N PRO R 165 -69.13 62.45 8.65
CA PRO R 165 -69.30 61.02 8.96
C PRO R 165 -69.44 60.11 7.73
N LYS R 166 -69.62 60.69 6.55
CA LYS R 166 -69.28 60.01 5.30
C LYS R 166 -67.78 60.27 5.18
N LEU R 167 -67.12 59.84 4.10
CA LEU R 167 -65.68 60.11 3.95
C LEU R 167 -64.82 59.45 5.06
N ALA R 168 -63.71 58.83 4.66
CA ALA R 168 -62.99 57.89 5.53
C ALA R 168 -62.07 58.53 6.58
N ASN R 169 -62.16 58.01 7.80
CA ASN R 169 -61.32 58.41 8.93
C ASN R 169 -61.31 59.91 9.23
N VAL R 170 -62.50 60.43 9.52
CA VAL R 170 -62.63 61.84 9.88
C VAL R 170 -63.68 61.99 10.93
N GLN R 171 -63.40 62.85 11.90
CA GLN R 171 -64.43 63.32 12.81
C GLN R 171 -64.28 64.80 13.05
N LEU R 172 -65.42 65.47 13.22
CA LEU R 172 -65.44 66.86 13.59
C LEU R 172 -65.42 66.90 15.11
N LEU R 173 -64.54 67.73 15.64
CA LEU R 173 -64.61 68.04 17.05
C LEU R 173 -65.01 69.50 17.15
N ASP R 174 -66.29 69.72 17.47
CA ASP R 174 -66.87 71.03 17.67
C ASP R 174 -66.80 71.29 19.17
N THR R 175 -65.69 71.83 19.63
CA THR R 175 -65.57 72.17 21.03
C THR R 175 -66.43 73.40 21.29
N ASP R 176 -67.10 73.42 22.43
CA ASP R 176 -67.51 74.70 22.96
C ASP R 176 -67.29 74.93 24.44
N GLY R 177 -66.17 75.60 24.71
CA GLY R 177 -65.93 76.27 25.97
C GLY R 177 -66.86 77.46 26.01
N GLY R 178 -67.01 78.05 27.19
CA GLY R 178 -68.01 79.08 27.38
C GLY R 178 -67.70 80.39 26.71
N PHE R 179 -67.34 80.34 25.42
CA PHE R 179 -66.81 81.51 24.74
C PHE R 179 -67.84 82.61 24.59
N VAL R 180 -69.09 82.21 24.41
CA VAL R 180 -70.23 83.14 24.40
C VAL R 180 -71.01 82.96 25.69
N HIS R 181 -71.23 84.04 26.44
CA HIS R 181 -72.03 83.92 27.65
C HIS R 181 -73.51 84.14 27.40
N SER R 182 -74.30 84.27 28.45
CA SER R 182 -75.73 84.43 28.28
C SER R 182 -76.05 85.69 27.47
N ASP R 183 -75.43 86.82 27.82
CA ASP R 183 -75.73 88.06 27.11
C ASP R 183 -75.04 88.11 25.73
N GLY R 184 -74.46 86.98 25.34
CA GLY R 184 -73.94 86.81 24.00
C GLY R 184 -72.66 87.56 23.71
N ALA R 185 -71.94 87.90 24.77
CA ALA R 185 -70.64 88.55 24.63
C ALA R 185 -69.48 87.59 24.82
N ILE R 186 -68.41 87.80 24.06
CA ILE R 186 -67.18 87.03 24.21
C ILE R 186 -66.16 87.84 24.98
N SER R 187 -65.70 87.31 26.11
CA SER R 187 -64.76 88.03 26.96
C SER R 187 -63.38 88.08 26.35
N CYS R 188 -62.78 89.26 26.34
CA CYS R 188 -61.42 89.45 25.87
C CYS R 188 -60.40 88.72 26.75
N HIS R 189 -60.88 88.09 27.82
CA HIS R 189 -60.04 87.22 28.62
C HIS R 189 -59.97 85.82 27.97
N ASP R 190 -60.78 85.62 26.95
CA ASP R 190 -60.81 84.36 26.23
C ASP R 190 -60.37 84.56 24.78
N MET R 191 -60.69 85.73 24.24
CA MET R 191 -60.21 86.13 22.92
C MET R 191 -59.75 87.58 22.96
N PHE R 192 -58.44 87.77 22.99
CA PHE R 192 -57.91 89.09 23.36
C PHE R 192 -58.17 90.17 22.31
N ASP R 193 -58.54 89.74 21.11
CA ASP R 193 -58.96 90.65 20.07
C ASP R 193 -60.28 90.18 19.46
N PHE R 194 -60.97 89.31 20.22
CA PHE R 194 -62.27 88.74 19.87
C PHE R 194 -62.21 87.84 18.66
N LEU R 195 -61.07 87.17 18.48
CA LEU R 195 -60.86 86.22 17.39
C LEU R 195 -59.80 85.19 17.76
N HIS R 196 -58.61 85.67 18.09
CA HIS R 196 -57.49 84.82 18.51
C HIS R 196 -57.62 84.50 20.00
N LEU R 197 -57.28 83.29 20.37
CA LEU R 197 -57.43 82.86 21.76
C LEU R 197 -56.29 83.33 22.64
N THR R 198 -56.57 83.44 23.94
CA THR R 198 -55.55 83.68 24.94
C THR R 198 -55.02 82.35 25.43
N GLY R 199 -54.03 82.38 26.32
CA GLY R 199 -53.58 81.19 27.02
C GLY R 199 -54.78 80.43 27.58
N GLY R 200 -55.59 81.13 28.37
CA GLY R 200 -56.81 80.58 28.93
C GLY R 200 -57.68 79.92 27.87
N GLY R 201 -57.94 80.64 26.78
CA GLY R 201 -58.79 80.15 25.70
C GLY R 201 -58.34 78.80 25.20
N TYR R 202 -57.09 78.73 24.78
CA TYR R 202 -56.55 77.51 24.18
C TYR R 202 -56.72 76.33 25.11
N ALA R 203 -56.60 76.59 26.41
CA ALA R 203 -56.77 75.57 27.43
C ALA R 203 -58.15 74.91 27.35
N LYS R 204 -59.18 75.72 27.09
CA LYS R 204 -60.53 75.20 26.93
C LYS R 204 -60.66 74.34 25.66
N ILE R 205 -59.85 74.69 24.65
CA ILE R 205 -59.84 73.97 23.38
C ILE R 205 -58.94 72.73 23.41
N CYS R 206 -57.80 72.86 24.08
CA CYS R 206 -56.74 71.86 24.02
C CYS R 206 -57.05 70.63 24.84
N LYS R 207 -57.49 70.85 26.08
CA LYS R 207 -57.84 69.74 26.97
C LYS R 207 -58.62 68.65 26.24
N PRO R 208 -59.79 68.97 25.66
CA PRO R 208 -60.58 67.96 24.93
C PRO R 208 -59.86 67.44 23.69
N LEU R 209 -59.21 68.32 22.93
CA LEU R 209 -58.50 67.93 21.73
C LEU R 209 -57.41 66.91 22.03
N HIS R 210 -56.60 67.23 23.03
CA HIS R 210 -55.52 66.35 23.48
C HIS R 210 -56.10 64.99 23.86
N GLU R 211 -57.09 65.03 24.75
CA GLU R 211 -57.74 63.83 25.22
C GLU R 211 -58.23 62.97 24.06
N LEU R 212 -58.71 63.61 22.99
CA LEU R 212 -59.17 62.86 21.84
C LEU R 212 -58.00 62.24 21.10
N ILE R 213 -56.98 63.03 20.76
CA ILE R 213 -55.83 62.49 20.03
C ILE R 213 -55.27 61.28 20.75
N MET R 214 -54.98 61.44 22.04
CA MET R 214 -54.45 60.36 22.86
C MET R 214 -55.25 59.06 22.72
N GLN R 215 -56.59 59.17 22.63
CA GLN R 215 -57.46 58.03 22.33
C GLN R 215 -57.07 57.44 20.96
N LEU R 216 -57.12 58.28 19.94
CA LEU R 216 -56.83 57.89 18.55
C LEU R 216 -55.46 57.27 18.38
N LEU R 217 -54.48 57.76 19.15
CA LEU R 217 -53.11 57.21 19.13
C LEU R 217 -53.08 55.83 19.76
N GLU R 218 -53.74 55.69 20.92
CA GLU R 218 -53.85 54.44 21.65
C GLU R 218 -54.60 53.35 20.87
N GLU R 219 -55.23 53.74 19.76
CA GLU R 219 -55.91 52.79 18.88
C GLU R 219 -54.98 51.82 18.10
N THR R 220 -53.96 52.34 17.40
CA THR R 220 -52.95 51.49 16.70
C THR R 220 -51.51 52.10 16.62
N PRO R 221 -50.50 51.38 17.13
CA PRO R 221 -49.10 51.85 17.16
C PRO R 221 -47.99 51.17 16.29
N GLU R 222 -48.31 50.32 15.32
CA GLU R 222 -47.26 49.70 14.46
C GLU R 222 -47.16 50.35 13.06
N GLU R 223 -46.38 51.43 12.95
CA GLU R 223 -46.38 52.32 11.77
C GLU R 223 -45.20 52.14 10.80
N LYS S 92 -58.73 82.57 73.17
CA LYS S 92 -59.25 81.99 71.89
C LYS S 92 -58.41 82.40 70.68
N GLU S 93 -57.11 82.09 70.72
CA GLU S 93 -56.13 82.45 69.70
C GLU S 93 -56.51 81.98 68.30
N TRP S 94 -55.86 82.49 67.25
CA TRP S 94 -56.25 82.07 65.89
C TRP S 94 -55.21 81.85 64.78
N ILE S 95 -55.59 80.95 63.86
CA ILE S 95 -54.79 80.51 62.72
C ILE S 95 -55.15 81.28 61.45
N PRO S 96 -54.20 82.07 60.97
CA PRO S 96 -54.41 82.93 59.80
C PRO S 96 -53.99 82.37 58.42
N ARG S 97 -53.52 81.12 58.35
CA ARG S 97 -52.59 80.69 57.27
C ARG S 97 -52.97 79.58 56.22
N PRO S 98 -52.59 78.32 56.46
CA PRO S 98 -52.13 77.32 55.46
C PRO S 98 -51.99 77.59 53.93
N PRO S 99 -52.17 76.58 53.06
CA PRO S 99 -52.47 76.78 51.63
C PRO S 99 -53.97 76.74 51.33
N GLU S 100 -54.44 77.68 50.49
CA GLU S 100 -55.87 77.93 50.22
C GLU S 100 -56.74 76.68 50.25
N LYS S 101 -57.79 76.71 51.06
CA LYS S 101 -58.61 75.51 51.19
C LYS S 101 -59.92 75.55 50.43
N TYR S 102 -60.10 76.63 49.66
CA TYR S 102 -61.21 76.76 48.71
C TYR S 102 -60.90 77.88 47.72
N ALA S 103 -60.89 77.56 46.43
CA ALA S 103 -60.68 78.56 45.39
C ALA S 103 -61.92 78.64 44.49
N LEU S 104 -62.68 79.73 44.63
CA LEU S 104 -63.96 79.87 43.94
C LEU S 104 -63.83 80.71 42.69
N SER S 105 -63.97 80.06 41.54
CA SER S 105 -64.00 80.73 40.25
C SER S 105 -65.43 80.95 39.79
N GLY S 106 -65.67 81.98 38.98
CA GLY S 106 -67.01 82.25 38.50
C GLY S 106 -67.28 83.64 37.94
N HIS S 107 -66.71 84.66 38.59
CA HIS S 107 -66.70 86.02 38.06
C HIS S 107 -66.01 86.04 36.69
N ARG S 108 -66.30 87.07 35.90
CA ARG S 108 -65.74 87.17 34.56
C ARG S 108 -64.70 88.28 34.49
N SER S 109 -64.29 88.78 35.65
CA SER S 109 -63.56 90.04 35.75
C SER S 109 -63.04 90.22 37.18
N PRO S 110 -61.98 91.02 37.36
CA PRO S 110 -61.40 91.27 38.69
C PRO S 110 -62.44 91.38 39.81
N VAL S 111 -62.10 90.81 40.98
CA VAL S 111 -62.97 90.95 42.15
C VAL S 111 -62.59 92.24 42.88
N THR S 112 -63.58 92.94 43.40
CA THR S 112 -63.34 94.27 43.94
C THR S 112 -63.36 94.27 45.46
N ARG S 113 -64.27 93.51 46.04
CA ARG S 113 -64.37 93.40 47.48
C ARG S 113 -64.93 92.05 47.90
N VAL S 114 -64.54 91.63 49.09
CA VAL S 114 -65.04 90.38 49.65
C VAL S 114 -65.62 90.72 51.00
N ILE S 115 -66.70 90.04 51.36
CA ILE S 115 -67.39 90.33 52.62
C ILE S 115 -68.07 89.11 53.24
N PHE S 116 -68.06 89.08 54.57
CA PHE S 116 -68.67 88.01 55.33
C PHE S 116 -70.05 88.45 55.72
N HIS S 117 -70.99 87.52 55.67
CA HIS S 117 -72.33 87.76 56.19
C HIS S 117 -72.29 87.67 57.72
N PRO S 118 -72.99 88.57 58.41
CA PRO S 118 -72.94 88.63 59.87
C PRO S 118 -73.57 87.44 60.60
N VAL S 119 -74.45 86.68 59.94
CA VAL S 119 -75.08 85.53 60.61
C VAL S 119 -74.97 84.21 59.86
N PHE S 120 -75.39 84.18 58.59
CA PHE S 120 -75.34 82.96 57.78
C PHE S 120 -73.92 82.54 57.39
N SER S 121 -73.75 81.25 57.12
CA SER S 121 -72.46 80.68 56.76
C SER S 121 -72.07 81.02 55.31
N VAL S 122 -72.26 82.29 54.96
CA VAL S 122 -72.27 82.73 53.58
C VAL S 122 -71.36 83.95 53.43
N MET S 123 -70.74 84.08 52.26
CA MET S 123 -69.89 85.24 52.00
C MET S 123 -70.14 85.84 50.60
N VAL S 124 -70.01 87.15 50.49
CA VAL S 124 -70.35 87.86 49.25
C VAL S 124 -69.11 88.49 48.57
N SER S 125 -69.14 88.55 47.24
CA SER S 125 -68.06 89.18 46.47
C SER S 125 -68.61 90.09 45.39
N ALA S 126 -67.88 91.17 45.13
CA ALA S 126 -68.23 92.15 44.10
C ALA S 126 -67.16 92.13 43.04
N SER S 127 -67.50 92.54 41.83
CA SER S 127 -66.53 92.52 40.73
C SER S 127 -66.80 93.61 39.71
N GLU S 128 -65.87 93.73 38.75
CA GLU S 128 -66.05 94.58 37.57
C GLU S 128 -66.98 93.88 36.57
N ASP S 129 -67.85 93.02 37.11
CA ASP S 129 -68.60 92.04 36.33
C ASP S 129 -69.81 92.50 35.49
N ALA S 130 -70.65 93.45 35.93
CA ALA S 130 -70.66 94.05 37.24
C ALA S 130 -71.73 93.35 38.07
N THR S 131 -71.28 92.38 38.84
CA THR S 131 -72.15 91.46 39.53
C THR S 131 -71.74 91.27 40.97
N ILE S 132 -72.74 91.12 41.83
CA ILE S 132 -72.54 90.64 43.19
C ILE S 132 -72.82 89.14 43.20
N LYS S 133 -71.87 88.35 43.72
CA LYS S 133 -72.04 86.90 43.78
C LYS S 133 -71.97 86.39 45.22
N VAL S 134 -72.72 85.33 45.51
CA VAL S 134 -72.80 84.75 46.86
C VAL S 134 -72.38 83.27 46.93
N TRP S 135 -71.35 82.97 47.73
CA TRP S 135 -70.94 81.61 48.15
C TRP S 135 -71.27 81.66 49.66
N ASP S 136 -71.68 80.61 50.39
CA ASP S 136 -71.00 79.37 50.80
C ASP S 136 -69.49 79.17 51.08
N TYR S 137 -68.96 79.79 52.12
CA TYR S 137 -67.53 79.62 52.43
C TYR S 137 -67.18 78.27 53.06
N GLU S 138 -68.17 77.65 53.71
CA GLU S 138 -67.96 76.33 54.30
C GLU S 138 -67.87 75.23 53.23
N THR S 139 -68.59 75.40 52.13
CA THR S 139 -68.60 74.40 51.06
C THR S 139 -68.19 74.94 49.69
N GLY S 140 -68.46 76.22 49.43
CA GLY S 140 -68.23 76.81 48.13
C GLY S 140 -69.28 76.36 47.12
N ASP S 141 -70.30 77.19 46.91
CA ASP S 141 -71.32 76.93 45.89
C ASP S 141 -71.88 78.25 45.34
N PHE S 142 -71.99 78.31 44.01
CA PHE S 142 -72.44 79.48 43.23
C PHE S 142 -73.67 80.18 43.80
N GLU S 143 -74.20 79.65 44.91
CA GLU S 143 -75.48 80.07 45.54
C GLU S 143 -76.40 80.99 44.70
N ARG S 144 -76.09 82.28 44.65
CA ARG S 144 -76.86 83.24 43.86
C ARG S 144 -75.97 84.25 43.14
N THR S 145 -76.55 84.91 42.14
CA THR S 145 -75.93 86.06 41.49
C THR S 145 -76.89 87.23 41.60
N LEU S 146 -76.35 88.41 41.90
CA LEU S 146 -77.16 89.62 41.99
C LEU S 146 -76.81 90.58 40.86
N LYS S 147 -77.74 90.73 39.92
CA LYS S 147 -77.50 91.52 38.71
C LYS S 147 -78.28 92.82 38.72
N GLY S 148 -77.77 93.83 38.03
CA GLY S 148 -78.51 95.08 37.91
C GLY S 148 -77.69 96.37 37.95
N HIS S 149 -76.38 96.25 38.04
CA HIS S 149 -75.54 97.42 37.93
C HIS S 149 -75.09 97.53 36.48
N THR S 150 -74.84 98.75 36.00
CA THR S 150 -74.34 98.89 34.63
C THR S 150 -72.84 98.67 34.46
N ASP S 151 -72.00 99.23 35.34
CA ASP S 151 -70.56 99.30 35.00
C ASP S 151 -69.53 98.55 35.80
N SER S 152 -69.59 98.62 37.13
CA SER S 152 -68.62 97.89 37.96
C SER S 152 -69.10 97.94 39.35
N VAL S 153 -68.83 96.90 40.14
CA VAL S 153 -69.21 96.97 41.54
C VAL S 153 -67.97 97.16 42.39
N GLN S 154 -67.88 98.34 43.02
CA GLN S 154 -66.69 98.74 43.74
C GLN S 154 -66.68 98.37 45.22
N ASP S 155 -67.85 98.51 45.85
CA ASP S 155 -67.96 98.26 47.27
C ASP S 155 -69.22 97.50 47.62
N ILE S 156 -69.20 96.89 48.80
CA ILE S 156 -70.34 96.20 49.32
C ILE S 156 -70.32 96.33 50.83
N SER S 157 -71.50 96.35 51.44
CA SER S 157 -71.61 96.53 52.89
C SER S 157 -72.93 96.00 53.41
N PHE S 158 -72.85 95.04 54.33
CA PHE S 158 -74.04 94.53 55.01
C PHE S 158 -74.47 95.45 56.13
N ASP S 159 -75.77 95.49 56.39
CA ASP S 159 -76.31 96.15 57.59
C ASP S 159 -76.09 95.21 58.78
N HIS S 160 -76.39 95.67 60.00
CA HIS S 160 -76.15 94.83 61.17
C HIS S 160 -76.89 93.49 61.10
N SER S 161 -78.15 93.53 60.69
CA SER S 161 -79.02 92.35 60.69
C SER S 161 -78.65 91.31 59.64
N GLY S 162 -77.92 91.72 58.61
CA GLY S 162 -77.60 90.85 57.48
C GLY S 162 -78.82 90.64 56.61
N LYS S 163 -79.67 91.66 56.54
CA LYS S 163 -80.94 91.62 55.81
C LYS S 163 -80.94 92.62 54.65
N LEU S 164 -80.06 93.61 54.74
CA LEU S 164 -79.89 94.60 53.69
C LEU S 164 -78.42 94.65 53.24
N LEU S 165 -78.20 94.73 51.93
CA LEU S 165 -76.87 94.81 51.38
C LEU S 165 -76.77 96.01 50.47
N ALA S 166 -75.79 96.87 50.71
CA ALA S 166 -75.56 98.03 49.88
C ALA S 166 -74.45 97.72 48.88
N SER S 167 -74.60 98.20 47.65
CA SER S 167 -73.55 98.06 46.64
C SER S 167 -73.13 99.41 46.05
N CYS S 168 -72.01 99.40 45.35
CA CYS S 168 -71.37 100.61 44.85
C CYS S 168 -70.91 100.35 43.42
N SER S 169 -71.01 101.35 42.56
CA SER S 169 -70.62 101.13 41.17
C SER S 169 -70.04 102.31 40.44
N ALA S 170 -69.47 102.02 39.27
CA ALA S 170 -69.05 103.04 38.34
C ALA S 170 -70.26 103.55 37.57
N ASP S 171 -71.47 103.10 37.91
CA ASP S 171 -72.67 103.72 37.33
C ASP S 171 -72.97 105.02 38.06
N MET S 172 -72.39 105.17 39.25
CA MET S 172 -72.64 106.33 40.11
C MET S 172 -73.89 106.09 40.95
N THR S 173 -74.24 104.81 41.03
CA THR S 173 -75.44 104.31 41.67
C THR S 173 -75.08 103.84 43.06
N ILE S 174 -76.09 103.63 43.91
CA ILE S 174 -75.87 102.88 45.13
C ILE S 174 -77.05 101.96 45.38
N LYS S 175 -77.02 100.76 44.80
CA LYS S 175 -78.17 99.87 44.91
C LYS S 175 -78.27 99.28 46.32
N LEU S 176 -79.51 99.26 46.82
CA LEU S 176 -79.85 98.71 48.11
C LEU S 176 -80.56 97.39 47.85
N TRP S 177 -80.03 96.31 48.40
CA TRP S 177 -80.54 94.96 48.12
C TRP S 177 -81.21 94.33 49.33
N ASP S 178 -82.21 93.50 49.06
CA ASP S 178 -82.94 92.74 50.07
C ASP S 178 -82.40 91.30 50.13
N PHE S 179 -82.04 90.85 51.33
CA PHE S 179 -81.52 89.50 51.54
C PHE S 179 -82.61 88.50 51.99
N GLN S 180 -83.88 88.84 51.74
CA GLN S 180 -84.92 87.81 51.63
C GLN S 180 -84.52 87.00 50.40
N GLY S 181 -83.51 87.53 49.71
CA GLY S 181 -82.74 86.76 48.76
C GLY S 181 -82.49 87.46 47.46
N PHE S 182 -83.52 88.13 46.93
CA PHE S 182 -83.34 88.65 45.58
C PHE S 182 -83.35 90.16 45.43
N GLU S 183 -84.55 90.72 45.34
CA GLU S 183 -84.77 92.01 44.68
C GLU S 183 -83.94 93.18 45.21
N CYS S 184 -83.56 94.06 44.28
CA CYS S 184 -83.06 95.37 44.63
C CYS S 184 -84.24 96.18 45.18
N ILE S 185 -83.96 97.11 46.10
CA ILE S 185 -85.03 97.88 46.71
C ILE S 185 -85.05 99.31 46.18
N ARG S 186 -83.91 99.97 46.28
CA ARG S 186 -83.78 101.35 45.86
C ARG S 186 -82.57 101.45 45.00
N THR S 187 -82.56 102.45 44.13
CA THR S 187 -81.34 102.87 43.47
C THR S 187 -81.16 104.33 43.84
N MET S 188 -79.96 104.70 44.28
CA MET S 188 -79.74 106.05 44.77
C MET S 188 -78.77 106.83 43.90
N HIS S 189 -79.23 107.99 43.44
CA HIS S 189 -78.48 108.80 42.49
C HIS S 189 -78.05 110.12 43.10
N GLY S 190 -76.78 110.46 42.91
CA GLY S 190 -76.25 111.71 43.43
C GLY S 190 -74.89 112.04 42.88
N HIS S 191 -73.91 111.25 43.29
CA HIS S 191 -72.53 111.35 42.81
C HIS S 191 -72.44 111.57 41.30
N ASP S 192 -71.49 112.40 40.88
CA ASP S 192 -71.27 112.75 39.49
C ASP S 192 -70.23 111.86 38.78
N HIS S 193 -69.57 110.99 39.53
CA HIS S 193 -68.62 110.05 38.94
C HIS S 193 -68.57 108.77 39.77
N ASN S 194 -67.61 107.90 39.43
CA ASN S 194 -67.41 106.63 40.11
C ASN S 194 -67.66 106.72 41.61
N VAL S 195 -68.35 105.72 42.15
CA VAL S 195 -68.56 105.64 43.59
C VAL S 195 -67.75 104.47 44.10
N SER S 196 -66.69 104.75 44.85
CA SER S 196 -65.74 103.67 45.14
C SER S 196 -65.80 103.11 46.56
N SER S 197 -66.79 103.53 47.34
CA SER S 197 -66.97 102.96 48.66
C SER S 197 -68.32 103.25 49.23
N VAL S 198 -68.87 102.25 49.93
CA VAL S 198 -70.16 102.37 50.56
C VAL S 198 -70.16 101.63 51.90
N SER S 199 -71.04 102.08 52.79
CA SER S 199 -71.13 101.52 54.12
C SER S 199 -72.50 101.80 54.68
N ILE S 200 -73.12 100.77 55.25
CA ILE S 200 -74.30 100.98 56.07
C ILE S 200 -73.78 101.33 57.45
N MET S 201 -74.38 102.36 58.04
CA MET S 201 -74.01 102.76 59.39
C MET S 201 -74.62 101.80 60.40
N PRO S 202 -74.09 101.79 61.64
CA PRO S 202 -74.60 100.91 62.71
C PRO S 202 -76.12 100.97 62.92
N ASN S 203 -76.66 102.10 63.37
CA ASN S 203 -78.11 102.26 63.42
C ASN S 203 -78.64 102.21 61.99
N GLY S 204 -78.99 101.00 61.54
CA GLY S 204 -79.20 100.72 60.12
C GLY S 204 -80.14 101.65 59.36
N ASP S 205 -79.95 102.95 59.53
CA ASP S 205 -80.87 103.96 59.02
C ASP S 205 -80.22 104.95 58.07
N HIS S 206 -78.92 104.79 57.82
CA HIS S 206 -78.18 105.66 56.91
C HIS S 206 -77.09 104.93 56.10
N ILE S 207 -76.76 105.48 54.94
CA ILE S 207 -75.70 104.90 54.14
C ILE S 207 -74.66 105.97 53.82
N VAL S 208 -73.38 105.59 53.87
CA VAL S 208 -72.31 106.52 53.51
C VAL S 208 -71.57 106.04 52.27
N SER S 209 -71.24 106.98 51.40
CA SER S 209 -70.58 106.66 50.15
C SER S 209 -69.47 107.67 49.86
N ALA S 210 -68.56 107.29 48.98
CA ALA S 210 -67.46 108.16 48.59
C ALA S 210 -67.18 108.02 47.10
N SER S 211 -66.74 109.12 46.49
CA SER S 211 -66.68 109.20 45.03
C SER S 211 -65.47 109.96 44.47
N ARG S 212 -65.23 109.77 43.17
CA ARG S 212 -64.33 110.62 42.37
C ARG S 212 -64.83 112.04 42.36
N ASP S 213 -66.10 112.18 42.72
CA ASP S 213 -66.73 113.44 43.06
C ASP S 213 -65.83 114.35 43.87
N LYS S 214 -65.00 113.74 44.71
CA LYS S 214 -64.29 114.41 45.79
C LYS S 214 -65.29 114.53 46.95
N THR S 215 -66.28 113.64 46.95
CA THR S 215 -67.46 113.80 47.79
C THR S 215 -67.73 112.61 48.71
N ILE S 216 -68.32 112.90 49.86
CA ILE S 216 -68.86 111.88 50.73
C ILE S 216 -70.32 112.23 50.95
N LYS S 217 -71.21 111.31 50.60
CA LYS S 217 -72.66 111.54 50.75
C LYS S 217 -73.30 110.61 51.76
N MET S 218 -74.34 111.10 52.41
CA MET S 218 -75.04 110.31 53.40
C MET S 218 -76.50 110.16 53.06
N TRP S 219 -76.93 108.92 52.84
CA TRP S 219 -78.26 108.63 52.32
C TRP S 219 -79.18 108.01 53.37
N GLU S 220 -80.45 108.44 53.37
CA GLU S 220 -81.45 107.84 54.26
C GLU S 220 -81.96 106.53 53.67
N VAL S 221 -81.76 105.44 54.41
CA VAL S 221 -82.01 104.07 53.94
C VAL S 221 -83.42 103.87 53.40
N GLN S 222 -84.43 104.30 54.16
CA GLN S 222 -85.82 104.00 53.81
C GLN S 222 -86.47 105.02 52.87
N THR S 223 -85.72 106.05 52.46
CA THR S 223 -86.25 107.10 51.59
C THR S 223 -85.37 107.35 50.39
N GLY S 224 -84.18 106.76 50.41
CA GLY S 224 -83.20 106.94 49.35
C GLY S 224 -82.78 108.38 49.11
N TYR S 225 -83.04 109.26 50.08
CA TYR S 225 -82.68 110.66 49.95
C TYR S 225 -81.22 110.88 50.30
N CYS S 226 -80.59 111.81 49.59
CA CYS S 226 -79.28 112.30 49.99
C CYS S 226 -79.50 113.38 51.04
N VAL S 227 -78.82 113.24 52.17
CA VAL S 227 -79.14 114.01 53.37
C VAL S 227 -78.02 114.99 53.74
N LYS S 228 -76.77 114.54 53.58
CA LYS S 228 -75.58 115.31 53.93
C LYS S 228 -74.56 115.09 52.83
N THR S 229 -73.80 116.13 52.52
CA THR S 229 -72.65 115.97 51.62
C THR S 229 -71.41 116.65 52.22
N PHE S 230 -70.31 115.89 52.35
CA PHE S 230 -69.06 116.37 52.95
C PHE S 230 -68.06 116.84 51.92
N THR S 231 -67.93 118.15 51.76
CA THR S 231 -66.90 118.69 50.88
C THR S 231 -65.59 118.73 51.65
N GLY S 232 -64.50 118.32 51.00
CA GLY S 232 -63.26 118.11 51.73
C GLY S 232 -61.97 118.04 50.96
N HIS S 233 -61.55 116.84 50.59
CA HIS S 233 -60.28 116.65 49.88
C HIS S 233 -60.37 117.29 48.51
N ARG S 234 -59.22 117.62 47.92
CA ARG S 234 -59.18 118.19 46.58
C ARG S 234 -59.12 117.11 45.49
N GLU S 235 -59.07 115.84 45.90
CA GLU S 235 -58.99 114.71 44.96
C GLU S 235 -59.93 113.56 45.31
N TRP S 236 -60.09 112.64 44.36
CA TRP S 236 -60.78 111.35 44.50
C TRP S 236 -60.84 110.85 45.95
N VAL S 237 -62.02 110.45 46.42
CA VAL S 237 -62.14 109.81 47.74
C VAL S 237 -62.31 108.30 47.54
N ARG S 238 -61.47 107.55 48.24
CA ARG S 238 -61.29 106.12 48.01
C ARG S 238 -62.16 105.22 48.86
N MET S 239 -62.42 105.64 50.10
CA MET S 239 -63.05 104.79 51.10
C MET S 239 -63.66 105.61 52.24
N VAL S 240 -64.74 105.10 52.80
CA VAL S 240 -65.37 105.71 53.95
C VAL S 240 -65.72 104.64 54.95
N ARG S 241 -65.43 104.88 56.22
CA ARG S 241 -65.80 103.95 57.26
C ARG S 241 -66.38 104.65 58.48
N PRO S 242 -67.43 104.05 59.03
CA PRO S 242 -68.02 104.54 60.27
C PRO S 242 -67.16 104.14 61.43
N ASN S 243 -67.48 104.74 62.57
CA ASN S 243 -66.80 104.52 63.83
C ASN S 243 -67.72 103.59 64.60
N GLN S 244 -67.18 102.52 65.19
CA GLN S 244 -68.00 101.54 65.90
C GLN S 244 -69.28 102.15 66.49
N ASP S 245 -69.12 103.28 67.19
CA ASP S 245 -70.23 104.03 67.79
C ASP S 245 -71.21 104.73 66.82
N GLY S 246 -70.81 104.86 65.55
CA GLY S 246 -71.63 105.53 64.54
C GLY S 246 -71.40 107.03 64.44
N THR S 247 -70.73 107.59 65.44
CA THR S 247 -70.57 109.03 65.62
C THR S 247 -69.62 109.70 64.62
N LEU S 248 -68.71 108.93 64.05
CA LEU S 248 -67.60 109.51 63.28
C LEU S 248 -67.35 108.81 61.96
N ILE S 249 -66.68 109.50 61.05
CA ILE S 249 -66.41 108.94 59.73
C ILE S 249 -64.97 109.12 59.27
N ALA S 250 -64.40 108.06 58.71
CA ALA S 250 -63.03 108.07 58.21
C ALA S 250 -62.99 108.01 56.69
N SER S 251 -62.39 109.03 56.10
CA SER S 251 -62.28 109.15 54.66
C SER S 251 -60.84 108.92 54.21
N CYS S 252 -60.66 108.69 52.90
CA CYS S 252 -59.42 108.15 52.35
C CYS S 252 -59.33 108.60 50.91
N SER S 253 -58.18 109.12 50.48
CA SER S 253 -58.18 109.83 49.21
C SER S 253 -56.87 109.91 48.47
N ASN S 254 -56.98 110.47 47.26
CA ASN S 254 -55.84 110.64 46.36
C ASN S 254 -54.94 111.82 46.71
N ASP S 255 -55.46 112.73 47.55
CA ASP S 255 -54.64 113.84 48.03
C ASP S 255 -53.73 113.41 49.17
N GLN S 256 -53.54 112.09 49.28
CA GLN S 256 -52.58 111.49 50.21
C GLN S 256 -52.99 111.66 51.67
N THR S 257 -54.29 111.85 51.89
CA THR S 257 -54.80 112.32 53.18
C THR S 257 -55.85 111.38 53.78
N VAL S 258 -55.93 111.34 55.11
CA VAL S 258 -57.03 110.65 55.77
C VAL S 258 -57.79 111.66 56.63
N ARG S 259 -59.09 111.79 56.39
CA ARG S 259 -59.88 112.71 57.18
C ARG S 259 -60.81 111.93 58.09
N VAL S 260 -60.95 112.42 59.31
CA VAL S 260 -61.92 111.88 60.25
C VAL S 260 -62.96 112.98 60.49
N TRP S 261 -64.20 112.71 60.05
CA TRP S 261 -65.29 113.67 60.13
C TRP S 261 -66.27 113.37 61.23
N VAL S 262 -66.86 114.42 61.79
CA VAL S 262 -67.98 114.31 62.73
C VAL S 262 -69.28 114.16 61.94
N VAL S 263 -69.93 113.01 62.08
CA VAL S 263 -71.14 112.69 61.33
C VAL S 263 -72.24 113.75 61.48
N ALA S 264 -72.42 114.27 62.69
CA ALA S 264 -73.52 115.19 62.99
C ALA S 264 -73.29 116.64 62.53
N THR S 265 -72.12 117.21 62.87
CA THR S 265 -71.82 118.62 62.58
C THR S 265 -71.11 118.85 61.23
N LYS S 266 -70.71 117.77 60.57
CA LYS S 266 -69.93 117.79 59.33
C LYS S 266 -68.58 118.54 59.38
N GLU S 267 -68.14 118.90 60.59
CA GLU S 267 -66.76 119.37 60.79
C GLU S 267 -65.80 118.18 60.73
N CYS S 268 -64.50 118.45 60.69
CA CYS S 268 -63.54 117.36 60.67
C CYS S 268 -62.46 117.50 61.74
N LYS S 269 -62.51 116.59 62.72
CA LYS S 269 -61.59 116.61 63.87
C LYS S 269 -60.15 116.52 63.44
N ALA S 270 -59.87 115.74 62.39
CA ALA S 270 -58.50 115.53 61.98
C ALA S 270 -58.30 115.42 60.47
N GLU S 271 -57.13 115.89 60.05
CA GLU S 271 -56.58 115.67 58.72
C GLU S 271 -55.24 114.99 58.97
N LEU S 272 -55.13 113.72 58.60
CA LEU S 272 -53.90 112.94 58.79
C LEU S 272 -53.03 113.04 57.54
N ARG S 273 -51.89 113.70 57.67
CA ARG S 273 -51.14 114.18 56.50
C ARG S 273 -49.97 113.33 55.99
N GLU S 274 -49.25 112.67 56.90
CA GLU S 274 -47.90 112.14 56.63
C GLU S 274 -47.79 110.87 55.78
N HIS S 275 -48.65 110.74 54.76
CA HIS S 275 -48.49 109.69 53.74
C HIS S 275 -47.87 110.28 52.48
N ARG S 276 -47.03 109.50 51.80
CA ARG S 276 -46.24 110.01 50.67
C ARG S 276 -46.93 109.84 49.31
N HIS S 277 -47.96 108.99 49.27
CA HIS S 277 -48.68 108.67 48.04
C HIS S 277 -50.11 108.30 48.39
N VAL S 278 -50.96 108.15 47.38
CA VAL S 278 -52.39 107.84 47.54
C VAL S 278 -52.69 106.81 48.63
N VAL S 279 -53.68 107.13 49.46
CA VAL S 279 -54.17 106.22 50.50
C VAL S 279 -55.35 105.43 49.95
N GLU S 280 -55.30 104.11 50.10
CA GLU S 280 -56.31 103.23 49.54
C GLU S 280 -57.22 102.56 50.59
N CYS S 281 -56.82 102.63 51.87
CA CYS S 281 -57.40 101.78 52.89
C CYS S 281 -57.63 102.48 54.23
N ILE S 282 -58.71 102.09 54.92
CA ILE S 282 -58.83 102.39 56.35
C ILE S 282 -59.68 101.41 57.16
N SER S 283 -59.20 101.12 58.36
CA SER S 283 -59.93 100.33 59.32
C SER S 283 -59.83 100.97 60.70
N TRP S 284 -60.88 100.84 61.50
CA TRP S 284 -60.86 101.29 62.88
C TRP S 284 -60.42 100.18 63.82
N ALA S 285 -59.77 100.55 64.91
CA ALA S 285 -59.38 99.61 65.95
C ALA S 285 -60.57 99.26 66.83
N PRO S 286 -60.74 97.97 67.14
CA PRO S 286 -61.82 97.48 68.01
C PRO S 286 -61.48 97.26 69.52
N GLU S 287 -61.78 96.05 70.00
CA GLU S 287 -61.59 95.63 71.40
C GLU S 287 -60.14 95.23 71.65
N SER S 288 -59.26 96.21 71.59
CA SER S 288 -57.82 95.99 71.63
C SER S 288 -57.09 97.32 71.75
N SER S 289 -57.72 98.28 72.43
CA SER S 289 -57.10 99.57 72.72
C SER S 289 -55.95 99.38 73.70
N TYR S 290 -55.71 98.11 74.06
CA TYR S 290 -54.55 97.70 74.84
C TYR S 290 -53.26 97.98 74.06
N SER S 291 -53.37 97.97 72.73
CA SER S 291 -52.26 98.16 71.79
C SER S 291 -51.34 99.31 72.16
N SER S 292 -51.90 100.29 72.87
CA SER S 292 -51.14 101.35 73.54
C SER S 292 -49.74 100.87 73.95
N ILE S 293 -49.68 99.80 74.75
CA ILE S 293 -48.42 99.17 75.17
C ILE S 293 -47.18 99.46 74.31
N SER S 294 -47.30 99.26 72.99
CA SER S 294 -46.20 99.46 72.03
C SER S 294 -45.73 100.92 71.89
N GLU S 295 -46.63 101.87 72.09
CA GLU S 295 -46.29 103.30 72.27
C GLU S 295 -47.28 104.00 73.22
N ALA S 296 -46.99 103.91 74.52
CA ALA S 296 -47.93 104.36 75.55
C ALA S 296 -47.40 105.50 76.45
N THR S 297 -46.18 105.96 76.19
CA THR S 297 -45.60 107.08 76.94
C THR S 297 -46.02 108.45 76.34
N GLY S 298 -45.28 109.50 76.71
CA GLY S 298 -45.67 110.87 76.46
C GLY S 298 -45.64 111.62 77.78
N SER S 299 -46.80 111.69 78.43
CA SER S 299 -46.95 112.23 79.79
C SER S 299 -48.39 112.08 80.31
N GLU S 300 -48.51 111.81 81.63
CA GLU S 300 -49.79 111.63 82.33
C GLU S 300 -50.89 110.93 81.50
N GLY S 308 -58.32 106.70 73.97
CA GLY S 308 -58.34 107.35 72.67
C GLY S 308 -58.75 106.46 71.51
N PRO S 309 -58.98 107.09 70.33
CA PRO S 309 -59.47 106.42 69.09
C PRO S 309 -58.36 106.02 68.06
N PHE S 310 -58.46 104.81 67.49
CA PHE S 310 -57.39 104.32 66.59
C PHE S 310 -57.81 103.81 65.20
N LEU S 311 -56.93 104.09 64.22
CA LEU S 311 -57.13 103.81 62.76
C LEU S 311 -55.80 103.62 61.95
N LEU S 312 -55.84 102.71 60.98
CA LEU S 312 -54.64 102.34 60.18
C LEU S 312 -54.78 102.60 58.66
N SER S 313 -53.93 103.49 58.14
CA SER S 313 -53.97 103.93 56.73
C SER S 313 -53.01 103.22 55.72
N GLY S 314 -53.54 102.20 55.04
CA GLY S 314 -52.87 101.50 53.95
C GLY S 314 -52.85 102.28 52.63
N SER S 315 -51.82 102.03 51.80
CA SER S 315 -51.48 102.97 50.71
C SER S 315 -50.76 102.42 49.42
N ARG S 316 -50.46 103.38 48.54
CA ARG S 316 -49.54 103.20 47.42
C ARG S 316 -48.15 103.23 48.01
N ASP S 317 -48.03 103.93 49.15
CA ASP S 317 -46.80 104.06 49.93
C ASP S 317 -46.03 102.79 50.12
N LYS S 318 -46.77 101.67 50.16
CA LYS S 318 -46.28 100.35 50.63
C LYS S 318 -46.57 100.22 52.13
N THR S 319 -46.80 101.39 52.76
CA THR S 319 -46.85 101.55 54.22
C THR S 319 -48.27 101.59 54.84
N ILE S 320 -48.55 100.59 55.70
CA ILE S 320 -49.68 100.62 56.62
C ILE S 320 -49.33 101.58 57.75
N LYS S 321 -50.12 102.63 57.95
CA LYS S 321 -49.85 103.55 59.07
C LYS S 321 -50.84 103.44 60.25
N MET S 322 -50.40 103.82 61.45
CA MET S 322 -51.25 103.78 62.65
C MET S 322 -51.38 105.17 63.33
N TRP S 323 -52.55 105.45 63.91
CA TRP S 323 -52.79 106.72 64.60
C TRP S 323 -53.81 106.62 65.76
N ASP S 324 -53.63 107.46 66.77
CA ASP S 324 -54.79 107.91 67.52
C ASP S 324 -55.21 109.30 67.05
N VAL S 325 -56.52 109.50 67.10
CA VAL S 325 -57.18 110.58 66.34
C VAL S 325 -57.21 111.93 67.08
N SER S 326 -57.37 111.87 68.40
CA SER S 326 -57.24 113.02 69.31
C SER S 326 -55.92 113.79 69.13
N THR S 327 -54.89 113.07 68.66
CA THR S 327 -53.54 113.60 68.47
C THR S 327 -53.25 114.08 67.04
N GLY S 328 -53.48 113.19 66.07
CA GLY S 328 -52.98 113.41 64.73
C GLY S 328 -51.46 113.31 64.64
N MET S 329 -50.92 112.30 65.34
CA MET S 329 -49.51 111.90 65.27
C MET S 329 -49.48 110.53 64.60
N CYS S 330 -48.42 110.23 63.84
CA CYS S 330 -48.25 108.86 63.36
C CYS S 330 -47.80 107.96 64.51
N LEU S 331 -48.59 106.92 64.78
CA LEU S 331 -48.20 105.90 65.75
C LEU S 331 -47.12 105.03 65.07
N MET S 332 -47.55 103.95 64.40
CA MET S 332 -46.63 103.11 63.60
C MET S 332 -46.65 103.48 62.10
N THR S 333 -45.53 103.17 61.44
CA THR S 333 -45.43 103.11 59.98
C THR S 333 -44.80 101.76 59.65
N LEU S 334 -45.61 100.71 59.69
CA LEU S 334 -45.14 99.32 59.46
C LEU S 334 -44.66 99.05 58.02
N VAL S 335 -43.43 99.49 57.72
CA VAL S 335 -42.80 99.31 56.40
C VAL S 335 -42.48 97.84 56.10
N GLY S 336 -43.09 97.35 55.01
CA GLY S 336 -42.99 95.94 54.61
C GLY S 336 -43.07 95.71 53.11
N HIS S 337 -43.99 94.85 52.68
CA HIS S 337 -44.06 94.33 51.29
C HIS S 337 -44.11 95.36 50.13
N ASP S 338 -43.92 94.87 48.90
CA ASP S 338 -43.32 95.66 47.79
C ASP S 338 -44.21 96.55 46.92
N ASN S 339 -45.45 96.15 46.62
CA ASN S 339 -46.37 97.01 45.85
C ASN S 339 -47.63 97.53 46.63
N TRP S 340 -48.40 98.45 46.00
CA TRP S 340 -49.52 99.17 46.65
C TRP S 340 -50.36 98.27 47.57
N VAL S 341 -50.78 98.83 48.71
CA VAL S 341 -51.54 98.05 49.69
C VAL S 341 -53.05 98.20 49.54
N ARG S 342 -53.72 97.07 49.35
CA ARG S 342 -55.15 97.03 48.95
C ARG S 342 -56.16 96.87 50.08
N GLY S 343 -55.77 96.22 51.18
CA GLY S 343 -56.67 95.92 52.29
C GLY S 343 -56.01 95.84 53.65
N VAL S 344 -56.54 96.60 54.60
CA VAL S 344 -56.00 96.68 55.96
C VAL S 344 -57.00 96.07 56.96
N LEU S 345 -56.55 95.08 57.73
CA LEU S 345 -57.41 94.34 58.66
C LEU S 345 -56.90 94.30 60.09
N PHE S 346 -57.81 94.02 61.03
CA PHE S 346 -57.48 93.68 62.43
C PHE S 346 -57.97 92.26 62.72
N HIS S 347 -57.15 91.50 63.44
CA HIS S 347 -57.48 90.13 63.85
C HIS S 347 -58.65 90.13 64.86
N SER S 348 -59.27 88.97 65.08
CA SER S 348 -60.38 88.83 66.07
C SER S 348 -60.09 89.47 67.45
N GLY S 349 -58.85 89.33 67.93
CA GLY S 349 -58.37 90.07 69.10
C GLY S 349 -57.65 91.38 68.76
N GLY S 350 -56.44 91.53 69.30
CA GLY S 350 -55.56 92.65 68.96
C GLY S 350 -54.16 92.12 68.73
N LYS S 351 -54.11 90.95 68.09
CA LYS S 351 -52.88 90.18 67.98
C LYS S 351 -52.17 90.44 66.63
N PHE S 352 -52.96 90.42 65.56
CA PHE S 352 -52.40 90.55 64.23
C PHE S 352 -53.26 91.38 63.27
N ILE S 353 -52.67 92.48 62.80
CA ILE S 353 -53.17 93.22 61.65
C ILE S 353 -53.07 92.27 60.43
N LEU S 354 -54.16 92.10 59.69
CA LEU S 354 -54.08 91.36 58.41
C LEU S 354 -53.96 92.36 57.24
N SER S 355 -53.29 91.94 56.15
CA SER S 355 -53.00 92.88 55.06
C SER S 355 -52.90 92.23 53.68
N CYS S 356 -53.66 92.78 52.74
CA CYS S 356 -53.60 92.41 51.33
C CYS S 356 -53.03 93.59 50.56
N ALA S 357 -52.41 93.29 49.41
CA ALA S 357 -51.81 94.34 48.59
C ALA S 357 -51.44 93.91 47.17
N ASP S 358 -50.53 94.69 46.57
CA ASP S 358 -50.17 94.53 45.17
C ASP S 358 -48.94 93.62 44.86
N ASP S 359 -48.09 93.37 45.87
CA ASP S 359 -47.29 92.15 45.85
C ASP S 359 -48.30 91.01 46.08
N LYS S 360 -48.64 90.27 45.03
CA LYS S 360 -49.66 89.20 45.03
C LYS S 360 -49.88 88.42 46.36
N THR S 361 -49.74 89.15 47.47
CA THR S 361 -49.53 88.58 48.80
C THR S 361 -50.45 89.13 49.89
N LEU S 362 -50.97 88.20 50.69
CA LEU S 362 -51.55 88.49 52.01
C LEU S 362 -50.47 88.45 53.13
N ARG S 363 -50.06 89.65 53.58
CA ARG S 363 -49.06 89.77 54.65
C ARG S 363 -49.67 89.88 56.07
N VAL S 364 -49.46 88.84 56.87
CA VAL S 364 -49.82 88.87 58.30
C VAL S 364 -48.79 89.69 59.10
N TRP S 365 -49.26 90.56 59.97
CA TRP S 365 -48.37 91.44 60.73
C TRP S 365 -48.43 91.25 62.24
N ASP S 366 -47.27 90.92 62.83
CA ASP S 366 -47.10 90.93 64.29
C ASP S 366 -46.79 92.35 64.77
N TYR S 367 -47.86 93.13 64.90
CA TYR S 367 -47.77 94.48 65.43
C TYR S 367 -47.61 94.39 66.96
N LYS S 368 -47.54 93.14 67.44
CA LYS S 368 -46.84 92.78 68.67
C LYS S 368 -45.34 92.95 68.36
N ASN S 369 -44.79 94.08 68.83
CA ASN S 369 -43.44 94.55 68.48
C ASN S 369 -43.06 94.52 66.98
N LYS S 370 -43.63 95.49 66.22
CA LYS S 370 -43.16 95.97 64.88
C LYS S 370 -42.83 94.98 63.69
N ARG S 371 -42.43 93.74 64.01
CA ARG S 371 -42.04 92.75 63.00
C ARG S 371 -43.24 92.19 62.18
N CYS S 372 -42.98 91.89 60.91
CA CYS S 372 -44.03 91.34 60.03
C CYS S 372 -44.03 89.81 60.01
N MET S 373 -44.88 89.19 60.83
CA MET S 373 -44.60 87.83 61.27
C MET S 373 -45.06 86.59 60.46
N LYS S 374 -45.46 86.74 59.19
CA LYS S 374 -45.75 85.56 58.32
C LYS S 374 -46.45 85.91 56.98
N THR S 375 -46.04 85.21 55.91
CA THR S 375 -46.44 85.58 54.53
C THR S 375 -47.01 84.43 53.67
N LEU S 376 -48.03 84.77 52.87
CA LEU S 376 -48.59 83.88 51.84
C LEU S 376 -48.72 84.49 50.44
N ASN S 377 -48.03 83.88 49.47
CA ASN S 377 -48.23 84.17 48.04
C ASN S 377 -49.61 83.67 47.61
N ALA S 378 -50.61 84.49 47.92
CA ALA S 378 -52.01 84.11 47.99
C ALA S 378 -52.67 83.88 46.63
N HIS S 379 -52.35 84.76 45.69
CA HIS S 379 -53.06 84.85 44.42
C HIS S 379 -52.13 84.97 43.22
N GLU S 380 -52.56 84.37 42.11
CA GLU S 380 -51.88 84.50 40.83
C GLU S 380 -51.54 85.99 40.58
N HIS S 381 -52.55 86.84 40.63
CA HIS S 381 -52.38 88.28 40.41
C HIS S 381 -52.82 89.13 41.62
N PHE S 382 -52.52 90.44 41.62
CA PHE S 382 -52.53 91.18 42.91
C PHE S 382 -53.83 91.19 43.69
N VAL S 383 -53.69 91.02 45.01
CA VAL S 383 -54.82 90.82 45.92
C VAL S 383 -55.57 92.11 46.26
N THR S 384 -56.86 92.14 45.91
CA THR S 384 -57.68 93.35 45.97
C THR S 384 -58.23 93.64 47.38
N SER S 385 -58.62 92.58 48.08
CA SER S 385 -59.57 92.69 49.18
C SER S 385 -59.72 91.39 49.96
N LEU S 386 -59.94 91.52 51.26
CA LEU S 386 -60.02 90.37 52.16
C LEU S 386 -61.08 90.58 53.24
N ASP S 387 -61.60 89.48 53.80
CA ASP S 387 -62.37 89.55 55.05
C ASP S 387 -62.22 88.35 56.00
N PHE S 388 -61.96 88.71 57.27
CA PHE S 388 -61.79 87.77 58.37
C PHE S 388 -63.01 87.71 59.31
N HIS S 389 -63.35 86.50 59.74
CA HIS S 389 -64.54 86.28 60.54
C HIS S 389 -64.40 86.59 62.03
N LYS S 390 -65.36 87.37 62.51
CA LYS S 390 -65.63 87.56 63.93
C LYS S 390 -65.71 86.21 64.68
N THR S 391 -66.49 85.27 64.12
CA THR S 391 -66.97 84.06 64.81
C THR S 391 -66.23 82.75 64.49
N ALA S 392 -66.16 82.41 63.20
CA ALA S 392 -65.60 81.14 62.73
C ALA S 392 -64.11 81.30 62.29
N PRO S 393 -63.37 80.20 62.08
CA PRO S 393 -61.91 80.27 61.86
C PRO S 393 -61.42 80.51 60.42
N TYR S 394 -62.11 81.38 59.66
CA TYR S 394 -61.83 81.57 58.22
C TYR S 394 -61.35 82.96 57.78
N VAL S 395 -60.68 82.98 56.64
CA VAL S 395 -60.25 84.21 56.00
C VAL S 395 -60.63 84.14 54.53
N VAL S 396 -61.15 85.24 53.97
CA VAL S 396 -61.43 85.25 52.54
C VAL S 396 -60.75 86.39 51.84
N THR S 397 -60.46 86.15 50.56
CA THR S 397 -59.61 87.01 49.76
C THR S 397 -59.90 86.88 48.28
N GLY S 398 -59.94 88.01 47.60
CA GLY S 398 -60.15 88.03 46.17
C GLY S 398 -59.18 88.94 45.44
N SER S 399 -58.95 88.62 44.17
CA SER S 399 -58.15 89.48 43.29
C SER S 399 -58.26 89.22 41.77
N VAL S 400 -57.73 90.18 41.01
CA VAL S 400 -57.82 90.31 39.55
C VAL S 400 -57.79 89.03 38.70
N ASP S 401 -57.30 87.95 39.28
CA ASP S 401 -57.33 86.62 38.67
C ASP S 401 -58.76 86.09 38.50
N GLN S 402 -59.73 86.98 38.75
CA GLN S 402 -61.18 86.72 38.65
C GLN S 402 -61.64 85.67 39.67
N THR S 403 -61.03 85.69 40.86
CA THR S 403 -61.21 84.63 41.84
C THR S 403 -61.16 85.13 43.28
N VAL S 404 -61.97 84.49 44.14
CA VAL S 404 -61.93 84.73 45.58
C VAL S 404 -61.58 83.44 46.30
N LYS S 405 -60.62 83.57 47.22
CA LYS S 405 -59.99 82.43 47.89
C LYS S 405 -60.27 82.40 49.39
N VAL S 406 -60.44 81.19 49.93
CA VAL S 406 -60.67 81.02 51.37
C VAL S 406 -59.46 80.37 52.07
N TRP S 407 -59.38 80.59 53.38
CA TRP S 407 -58.23 80.20 54.18
C TRP S 407 -58.68 79.72 55.58
N GLU S 408 -58.10 78.59 56.00
CA GLU S 408 -58.44 77.94 57.27
C GLU S 408 -57.41 78.21 58.38
N LYS T 92 -13.33 52.24 42.49
CA LYS T 92 -13.43 53.64 41.96
C LYS T 92 -14.87 54.02 41.54
N GLU T 93 -15.79 53.85 42.49
CA GLU T 93 -17.24 54.09 42.30
C GLU T 93 -17.55 55.48 41.73
N TRP T 94 -18.75 55.69 41.18
CA TRP T 94 -19.08 57.03 40.63
C TRP T 94 -20.46 57.69 40.78
N ILE T 95 -20.41 59.03 40.78
CA ILE T 95 -21.57 59.92 40.99
C ILE T 95 -22.13 60.39 39.65
N PRO T 96 -23.34 59.94 39.32
CA PRO T 96 -23.98 60.28 38.05
C PRO T 96 -24.94 61.50 38.04
N ARG T 97 -25.08 62.24 39.15
CA ARG T 97 -26.30 63.05 39.39
C ARG T 97 -26.26 64.62 39.50
N PRO T 98 -26.17 65.17 40.73
CA PRO T 98 -26.84 66.40 41.21
C PRO T 98 -27.82 67.28 40.36
N PRO T 99 -27.87 68.61 40.56
CA PRO T 99 -28.43 69.55 39.57
C PRO T 99 -27.35 70.18 38.65
N GLU T 100 -27.64 70.26 37.34
CA GLU T 100 -26.70 70.69 36.28
C GLU T 100 -25.67 71.70 36.74
N LYS T 101 -24.40 71.38 36.54
CA LYS T 101 -23.35 72.26 37.03
C LYS T 101 -22.73 73.14 35.94
N TYR T 102 -23.26 73.01 34.73
CA TYR T 102 -22.90 73.87 33.60
C TYR T 102 -23.96 73.74 32.51
N ALA T 103 -24.54 74.86 32.11
CA ALA T 103 -25.51 74.91 31.02
C ALA T 103 -25.00 75.77 29.87
N LEU T 104 -24.57 75.14 28.80
CA LEU T 104 -23.97 75.86 27.69
C LEU T 104 -24.94 76.15 26.57
N SER T 105 -25.25 77.43 26.40
CA SER T 105 -26.10 77.89 25.31
C SER T 105 -25.23 78.42 24.17
N GLY T 106 -25.70 78.35 22.94
CA GLY T 106 -24.91 78.82 21.83
C GLY T 106 -25.34 78.37 20.46
N HIS T 107 -25.73 77.11 20.33
CA HIS T 107 -26.31 76.62 19.09
C HIS T 107 -27.64 77.34 18.81
N ARG T 108 -28.06 77.31 17.55
CA ARG T 108 -29.26 78.03 17.09
C ARG T 108 -30.42 77.08 16.83
N SER T 109 -30.27 75.82 17.25
CA SER T 109 -31.15 74.73 16.84
C SER T 109 -30.82 73.46 17.62
N PRO T 110 -31.78 72.52 17.74
CA PRO T 110 -31.58 71.28 18.50
C PRO T 110 -30.18 70.69 18.41
N VAL T 111 -29.72 70.14 19.54
CA VAL T 111 -28.42 69.47 19.62
C VAL T 111 -28.65 68.02 19.21
N THR T 112 -27.71 67.46 18.47
CA THR T 112 -27.94 66.13 17.91
C THR T 112 -27.13 65.07 18.60
N ARG T 113 -25.89 65.43 18.93
CA ARG T 113 -24.93 64.50 19.53
C ARG T 113 -24.01 65.25 20.45
N VAL T 114 -23.59 64.59 21.52
CA VAL T 114 -22.58 65.14 22.39
C VAL T 114 -21.47 64.12 22.50
N ILE T 115 -20.24 64.61 22.63
CA ILE T 115 -19.08 63.73 22.62
C ILE T 115 -17.94 64.29 23.45
N PHE T 116 -17.26 63.37 24.13
CA PHE T 116 -16.09 63.71 24.93
C PHE T 116 -14.83 63.47 24.09
N HIS T 117 -13.86 64.37 24.23
CA HIS T 117 -12.57 64.19 23.57
C HIS T 117 -11.77 63.19 24.39
N PRO T 118 -11.07 62.26 23.73
CA PRO T 118 -10.33 61.20 24.42
C PRO T 118 -9.12 61.66 25.27
N VAL T 119 -8.57 62.85 25.02
CA VAL T 119 -7.44 63.30 25.84
C VAL T 119 -7.59 64.69 26.48
N PHE T 120 -7.93 65.69 25.68
CA PHE T 120 -8.07 67.07 26.17
C PHE T 120 -9.35 67.25 27.01
N SER T 121 -9.33 68.26 27.88
CA SER T 121 -10.46 68.53 28.78
C SER T 121 -11.61 69.24 28.07
N VAL T 122 -11.92 68.75 26.88
CA VAL T 122 -12.83 69.44 25.96
C VAL T 122 -13.91 68.48 25.44
N MET T 123 -15.07 69.02 25.11
CA MET T 123 -16.16 68.19 24.64
C MET T 123 -16.83 68.85 23.42
N VAL T 124 -17.34 68.02 22.51
CA VAL T 124 -17.90 68.53 21.26
C VAL T 124 -19.39 68.22 21.12
N SER T 125 -20.11 69.13 20.44
CA SER T 125 -21.54 68.97 20.21
C SER T 125 -21.90 69.25 18.76
N ALA T 126 -22.91 68.53 18.28
CA ALA T 126 -23.40 68.67 16.91
C ALA T 126 -24.84 69.13 16.97
N SER T 127 -25.29 69.77 15.90
CA SER T 127 -26.63 70.32 15.89
C SER T 127 -27.23 70.40 14.50
N GLU T 128 -28.51 70.79 14.44
CA GLU T 128 -29.21 71.08 13.19
C GLU T 128 -28.83 72.47 12.67
N ASP T 129 -27.63 72.90 13.07
CA ASP T 129 -27.19 74.30 13.03
C ASP T 129 -26.77 74.90 11.70
N ALA T 130 -26.09 74.16 10.82
CA ALA T 130 -25.55 72.83 11.08
C ALA T 130 -24.06 73.00 11.36
N THR T 131 -23.76 72.98 12.66
CA THR T 131 -22.46 73.35 13.15
C THR T 131 -21.99 72.36 14.16
N ILE T 132 -20.69 72.14 14.16
CA ILE T 132 -20.01 71.43 15.22
C ILE T 132 -19.42 72.51 16.14
N LYS T 133 -19.72 72.43 17.43
CA LYS T 133 -19.14 73.39 18.38
C LYS T 133 -18.36 72.70 19.51
N VAL T 134 -17.33 73.41 20.01
CA VAL T 134 -16.42 72.86 21.02
C VAL T 134 -16.36 73.68 22.32
N TRP T 135 -16.68 73.03 23.44
CA TRP T 135 -16.49 73.54 24.82
C TRP T 135 -15.43 72.54 25.34
N ASP T 136 -14.44 72.85 26.19
CA ASP T 136 -14.44 73.18 27.64
C ASP T 136 -15.50 72.77 28.70
N TYR T 137 -15.54 71.48 29.03
CA TYR T 137 -16.50 71.01 30.05
C TYR T 137 -16.09 71.38 31.48
N GLU T 138 -14.80 71.60 31.70
CA GLU T 138 -14.31 72.02 33.01
C GLU T 138 -14.71 73.46 33.34
N THR T 139 -14.76 74.30 32.30
CA THR T 139 -15.04 75.73 32.48
C THR T 139 -16.25 76.22 31.67
N GLY T 140 -16.48 75.61 30.51
CA GLY T 140 -17.50 76.07 29.59
C GLY T 140 -17.06 77.34 28.89
N ASP T 141 -16.55 77.20 27.67
CA ASP T 141 -16.18 78.35 26.83
C ASP T 141 -16.36 78.03 25.35
N PHE T 142 -16.98 78.96 24.62
CA PHE T 142 -17.33 78.85 23.20
C PHE T 142 -16.20 78.31 22.31
N GLU T 143 -15.06 78.00 22.93
CA GLU T 143 -13.79 77.62 22.26
C GLU T 143 -13.72 77.84 20.75
N ARG T 144 -14.31 76.92 19.99
CA ARG T 144 -14.32 77.02 18.53
C ARG T 144 -15.69 76.65 17.95
N THR T 145 -15.91 77.04 16.70
CA THR T 145 -17.04 76.60 15.88
C THR T 145 -16.52 75.97 14.59
N LEU T 146 -17.08 74.84 14.20
CA LEU T 146 -16.65 74.16 12.99
C LEU T 146 -17.77 74.21 11.96
N LYS T 147 -17.60 75.07 10.94
CA LYS T 147 -18.63 75.24 9.91
C LYS T 147 -18.26 74.59 8.59
N GLY T 148 -19.27 74.28 7.80
CA GLY T 148 -19.06 73.78 6.46
C GLY T 148 -20.02 72.70 6.01
N HIS T 149 -20.97 72.31 6.86
CA HIS T 149 -22.00 71.37 6.44
C HIS T 149 -23.14 72.20 5.87
N THR T 150 -23.88 71.64 4.90
CA THR T 150 -25.04 72.36 4.40
C THR T 150 -26.30 72.26 5.26
N ASP T 151 -26.69 71.06 5.72
CA ASP T 151 -28.05 70.88 6.24
C ASP T 151 -28.28 70.55 7.70
N SER T 152 -27.56 69.59 8.25
CA SER T 152 -27.71 69.30 9.69
C SER T 152 -26.61 68.38 10.06
N VAL T 153 -26.16 68.46 11.31
CA VAL T 153 -25.11 67.55 11.74
C VAL T 153 -25.73 66.51 12.63
N GLN T 154 -25.76 65.26 12.18
CA GLN T 154 -26.46 64.24 12.94
C GLN T 154 -25.57 63.34 13.83
N ASP T 155 -24.34 63.10 13.42
CA ASP T 155 -23.43 62.33 14.28
C ASP T 155 -22.03 62.91 14.29
N ILE T 156 -21.28 62.53 15.32
CA ILE T 156 -19.88 62.88 15.43
C ILE T 156 -19.13 61.69 16.02
N SER T 157 -17.86 61.53 15.62
CA SER T 157 -17.02 60.46 16.18
C SER T 157 -15.53 60.82 16.11
N PHE T 158 -14.88 60.76 17.27
CA PHE T 158 -13.45 60.97 17.35
C PHE T 158 -12.73 59.67 17.02
N ASP T 159 -11.55 59.81 16.40
CA ASP T 159 -10.62 58.69 16.24
C ASP T 159 -9.94 58.41 17.57
N HIS T 160 -9.13 57.35 17.66
CA HIS T 160 -8.52 57.03 18.95
C HIS T 160 -7.65 58.16 19.46
N SER T 161 -6.88 58.76 18.57
CA SER T 161 -5.89 59.79 18.89
C SER T 161 -6.48 61.09 19.39
N GLY T 162 -7.73 61.35 19.00
CA GLY T 162 -8.35 62.63 19.26
C GLY T 162 -7.76 63.70 18.36
N LYS T 163 -7.35 63.28 17.16
CA LYS T 163 -6.74 64.18 16.18
C LYS T 163 -7.57 64.30 14.90
N LEU T 164 -8.46 63.33 14.68
CA LEU T 164 -9.41 63.41 13.58
C LEU T 164 -10.84 63.27 14.10
N LEU T 165 -11.74 64.09 13.55
CA LEU T 165 -13.14 64.06 13.93
C LEU T 165 -13.99 63.86 12.68
N ALA T 166 -14.86 62.86 12.72
CA ALA T 166 -15.78 62.62 11.62
C ALA T 166 -17.14 63.23 11.96
N SER T 167 -17.80 63.83 10.96
CA SER T 167 -19.17 64.31 11.14
C SER T 167 -20.12 63.75 10.09
N CYS T 168 -21.41 63.93 10.34
CA CYS T 168 -22.49 63.34 9.56
C CYS T 168 -23.52 64.41 9.29
N SER T 169 -24.16 64.35 8.13
CA SER T 169 -25.16 65.38 7.86
C SER T 169 -26.34 64.95 7.02
N ALA T 170 -27.35 65.81 6.98
CA ALA T 170 -28.42 65.65 6.00
C ALA T 170 -27.96 66.14 4.63
N ASP T 171 -26.69 66.52 4.50
CA ASP T 171 -26.16 66.86 3.18
C ASP T 171 -25.87 65.57 2.45
N MET T 172 -25.76 64.49 3.21
CA MET T 172 -25.38 63.17 2.70
C MET T 172 -23.85 63.10 2.56
N THR T 173 -23.20 63.98 3.30
CA THR T 173 -21.76 64.13 3.30
C THR T 173 -21.18 63.40 4.51
N ILE T 174 -19.88 63.19 4.54
CA ILE T 174 -19.26 62.82 5.79
C ILE T 174 -17.94 63.55 5.94
N LYS T 175 -18.00 64.72 6.55
CA LYS T 175 -16.82 65.57 6.66
C LYS T 175 -15.81 65.00 7.68
N LEU T 176 -14.54 64.97 7.27
CA LEU T 176 -13.43 64.53 8.11
C LEU T 176 -12.66 65.77 8.52
N TRP T 177 -12.54 65.99 9.81
CA TRP T 177 -11.93 67.21 10.31
C TRP T 177 -10.62 66.95 11.03
N ASP T 178 -9.73 67.94 10.96
CA ASP T 178 -8.42 67.89 11.59
C ASP T 178 -8.48 68.70 12.90
N PHE T 179 -8.04 68.07 13.99
CA PHE T 179 -8.00 68.73 15.29
C PHE T 179 -6.62 69.33 15.66
N GLN T 180 -5.80 69.61 14.63
CA GLN T 180 -4.77 70.65 14.73
C GLN T 180 -5.55 71.92 15.00
N GLY T 181 -6.87 71.80 14.84
CA GLY T 181 -7.83 72.78 15.32
C GLY T 181 -8.89 73.18 14.32
N PHE T 182 -8.50 73.34 13.06
CA PHE T 182 -9.46 73.90 12.13
C PHE T 182 -9.91 72.98 11.01
N GLU T 183 -9.13 72.97 9.94
CA GLU T 183 -9.67 72.69 8.62
C GLU T 183 -10.30 71.30 8.44
N CYS T 184 -11.32 71.27 7.58
CA CYS T 184 -11.87 70.05 7.05
C CYS T 184 -10.79 69.41 6.15
N ILE T 185 -10.76 68.08 6.08
CA ILE T 185 -9.74 67.37 5.29
C ILE T 185 -10.35 66.81 4.01
N ARG T 186 -11.36 65.97 4.18
CA ARG T 186 -12.07 65.36 3.08
C ARG T 186 -13.55 65.62 3.23
N THR T 187 -14.26 65.54 2.12
CA THR T 187 -15.69 65.35 2.20
C THR T 187 -15.97 64.08 1.41
N MET T 188 -16.79 63.21 2.00
CA MET T 188 -17.05 61.91 1.38
C MET T 188 -18.49 61.77 0.91
N HIS T 189 -18.64 61.45 -0.37
CA HIS T 189 -19.94 61.38 -1.04
C HIS T 189 -20.30 59.96 -1.44
N GLY T 190 -21.52 59.56 -1.08
CA GLY T 190 -21.98 58.24 -1.45
C GLY T 190 -23.46 58.07 -1.22
N HIS T 191 -23.84 58.05 0.05
CA HIS T 191 -25.24 57.89 0.44
C HIS T 191 -26.16 58.81 -0.35
N ASP T 192 -27.35 58.32 -0.67
CA ASP T 192 -28.35 59.04 -1.47
C ASP T 192 -29.35 59.83 -0.63
N HIS T 193 -29.24 59.72 0.69
CA HIS T 193 -30.17 60.37 1.62
C HIS T 193 -29.45 60.73 2.91
N ASN T 194 -30.19 61.30 3.85
CA ASN T 194 -29.71 61.64 5.18
C ASN T 194 -28.71 60.61 5.69
N VAL T 195 -27.64 61.10 6.31
CA VAL T 195 -26.61 60.24 6.93
C VAL T 195 -26.75 60.38 8.43
N SER T 196 -27.29 59.39 9.11
CA SER T 196 -27.67 59.60 10.51
C SER T 196 -26.70 59.05 11.57
N SER T 197 -25.58 58.47 11.14
CA SER T 197 -24.60 57.93 12.07
C SER T 197 -23.26 57.73 11.44
N VAL T 198 -22.21 58.09 12.19
CA VAL T 198 -20.84 57.94 11.75
C VAL T 198 -19.99 57.39 12.88
N SER T 199 -18.92 56.68 12.53
CA SER T 199 -17.97 56.19 13.51
C SER T 199 -16.63 55.99 12.87
N ILE T 200 -15.61 56.41 13.58
CA ILE T 200 -14.25 56.07 13.26
C ILE T 200 -14.02 54.70 13.91
N MET T 201 -13.48 53.75 13.13
CA MET T 201 -13.12 52.43 13.65
C MET T 201 -11.85 52.51 14.49
N PRO T 202 -11.62 51.51 15.35
CA PRO T 202 -10.43 51.47 16.21
C PRO T 202 -9.11 51.68 15.48
N ASN T 203 -8.68 50.75 14.64
CA ASN T 203 -7.49 51.03 13.84
C ASN T 203 -7.84 52.16 12.89
N GLY T 204 -7.52 53.39 13.30
CA GLY T 204 -8.05 54.62 12.70
C GLY T 204 -7.91 54.77 11.18
N ASP T 205 -8.32 53.72 10.46
CA ASP T 205 -8.04 53.51 9.04
C ASP T 205 -9.34 53.49 8.21
N HIS T 206 -10.49 53.45 8.88
CA HIS T 206 -11.78 53.35 8.20
C HIS T 206 -12.91 54.10 8.89
N ILE T 207 -13.95 54.45 8.13
CA ILE T 207 -15.10 55.08 8.74
C ILE T 207 -16.37 54.32 8.39
N VAL T 208 -17.30 54.23 9.34
CA VAL T 208 -18.58 53.58 9.11
C VAL T 208 -19.67 54.60 9.18
N SER T 209 -20.64 54.49 8.27
CA SER T 209 -21.76 55.40 8.25
C SER T 209 -23.07 54.65 8.03
N ALA T 210 -24.19 55.29 8.35
CA ALA T 210 -25.51 54.72 8.21
C ALA T 210 -26.47 55.77 7.66
N SER T 211 -27.43 55.34 6.84
CA SER T 211 -28.27 56.29 6.10
C SER T 211 -29.73 55.84 5.88
N ARG T 212 -30.58 56.81 5.55
CA ARG T 212 -31.95 56.54 5.06
C ARG T 212 -31.90 55.76 3.75
N ASP T 213 -30.70 55.72 3.17
CA ASP T 213 -30.35 54.84 2.06
C ASP T 213 -30.85 53.42 2.31
N LYS T 214 -30.95 53.07 3.60
CA LYS T 214 -31.10 51.70 4.10
C LYS T 214 -29.71 51.03 4.01
N THR T 215 -28.67 51.86 4.12
CA THR T 215 -27.32 51.44 3.78
C THR T 215 -26.31 51.68 4.91
N ILE T 216 -25.28 50.84 4.95
CA ILE T 216 -24.11 51.08 5.79
C ILE T 216 -22.89 51.05 4.90
N LYS T 217 -22.15 52.15 4.88
CA LYS T 217 -20.96 52.26 4.03
C LYS T 217 -19.67 52.33 4.84
N MET T 218 -18.58 51.82 4.26
CA MET T 218 -17.30 51.87 4.93
C MET T 218 -16.28 52.60 4.11
N TRP T 219 -15.72 53.68 4.67
CA TRP T 219 -14.87 54.59 3.90
C TRP T 219 -13.43 54.53 4.35
N GLU T 220 -12.49 54.52 3.40
CA GLU T 220 -11.05 54.57 3.74
C GLU T 220 -10.67 56.00 4.13
N VAL T 221 -10.16 56.15 5.35
CA VAL T 221 -9.90 57.47 5.93
C VAL T 221 -8.97 58.35 5.07
N GLN T 222 -7.85 57.80 4.61
CA GLN T 222 -6.88 58.64 3.91
C GLN T 222 -7.04 58.74 2.39
N THR T 223 -8.09 58.12 1.86
CA THR T 223 -8.37 58.21 0.42
C THR T 223 -9.80 58.63 0.14
N GLY T 224 -10.61 58.71 1.20
CA GLY T 224 -12.02 59.06 1.09
C GLY T 224 -12.87 58.15 0.20
N TYR T 225 -12.36 56.96 -0.08
CA TYR T 225 -13.04 56.03 -0.96
C TYR T 225 -14.14 55.31 -0.17
N CYS T 226 -15.24 54.98 -0.84
CA CYS T 226 -16.18 54.01 -0.29
C CYS T 226 -15.69 52.61 -0.69
N VAL T 227 -15.60 51.74 0.30
CA VAL T 227 -14.92 50.45 0.12
C VAL T 227 -15.86 49.24 0.22
N LYS T 228 -16.83 49.33 1.12
CA LYS T 228 -17.83 48.28 1.32
C LYS T 228 -19.19 48.94 1.55
N THR T 229 -20.23 48.29 1.06
CA THR T 229 -21.59 48.72 1.35
C THR T 229 -22.45 47.52 1.79
N PHE T 230 -23.08 47.66 2.96
CA PHE T 230 -23.89 46.59 3.55
C PHE T 230 -25.38 46.74 3.26
N THR T 231 -25.87 45.93 2.31
CA THR T 231 -27.31 45.85 2.03
C THR T 231 -27.96 45.01 3.11
N GLY T 232 -29.09 45.45 3.64
CA GLY T 232 -29.67 44.76 4.77
C GLY T 232 -31.12 45.01 5.14
N HIS T 233 -31.35 45.97 6.04
CA HIS T 233 -32.70 46.28 6.51
C HIS T 233 -33.54 46.81 5.34
N ARG T 234 -34.86 46.73 5.48
CA ARG T 234 -35.78 47.24 4.47
C ARG T 234 -36.11 48.72 4.70
N GLU T 235 -35.59 49.29 5.80
CA GLU T 235 -35.87 50.68 6.14
C GLU T 235 -34.64 51.43 6.65
N TRP T 236 -34.81 52.74 6.80
CA TRP T 236 -33.83 53.68 7.37
C TRP T 236 -32.91 53.01 8.41
N VAL T 237 -31.61 53.27 8.30
CA VAL T 237 -30.64 52.80 9.30
C VAL T 237 -30.24 53.95 10.19
N ARG T 238 -30.38 53.77 11.50
CA ARG T 238 -30.31 54.88 12.44
C ARG T 238 -28.95 55.08 13.10
N MET T 239 -28.19 54.01 13.23
CA MET T 239 -26.95 54.03 13.99
C MET T 239 -26.04 52.87 13.60
N VAL T 240 -24.74 53.10 13.67
CA VAL T 240 -23.74 52.05 13.47
C VAL T 240 -22.67 52.13 14.54
N ARG T 241 -22.32 50.99 15.13
CA ARG T 241 -21.24 50.97 16.09
C ARG T 241 -20.28 49.80 15.90
N PRO T 242 -18.99 50.10 16.03
CA PRO T 242 -17.97 49.07 15.93
C PRO T 242 -17.93 48.30 17.22
N ASN T 243 -17.19 47.20 17.19
CA ASN T 243 -17.05 46.32 18.31
C ASN T 243 -15.67 46.60 18.84
N GLN T 244 -15.53 46.72 20.15
CA GLN T 244 -14.25 47.10 20.76
C GLN T 244 -13.06 46.63 19.94
N ASP T 245 -13.08 45.35 19.56
CA ASP T 245 -12.03 44.73 18.75
C ASP T 245 -11.95 45.17 17.28
N GLY T 246 -12.97 45.86 16.79
CA GLY T 246 -13.00 46.34 15.40
C GLY T 246 -13.61 45.35 14.41
N THR T 247 -13.74 44.11 14.84
CA THR T 247 -14.14 42.99 13.98
C THR T 247 -15.60 42.98 13.55
N LEU T 248 -16.45 43.68 14.30
CA LEU T 248 -17.91 43.56 14.15
C LEU T 248 -18.64 44.89 14.11
N ILE T 249 -19.85 44.89 13.56
CA ILE T 249 -20.62 46.11 13.39
C ILE T 249 -22.06 45.93 13.81
N ALA T 250 -22.55 46.88 14.61
CA ALA T 250 -23.95 46.89 15.07
C ALA T 250 -24.77 47.98 14.39
N SER T 251 -25.83 47.56 13.71
CA SER T 251 -26.72 48.48 13.02
C SER T 251 -28.08 48.56 13.73
N CYS T 252 -28.88 49.55 13.35
CA CYS T 252 -30.03 50.00 14.13
C CYS T 252 -30.97 50.69 13.17
N SER T 253 -32.26 50.33 13.17
CA SER T 253 -33.11 50.81 12.09
C SER T 253 -34.59 50.87 12.35
N ASN T 254 -35.29 51.36 11.33
CA ASN T 254 -36.73 51.62 11.35
C ASN T 254 -37.54 50.34 11.17
N ASP T 255 -36.91 49.28 10.64
CA ASP T 255 -37.62 47.99 10.55
C ASP T 255 -37.60 47.23 11.87
N GLN T 256 -37.36 47.98 12.95
CA GLN T 256 -37.51 47.49 14.33
C GLN T 256 -36.45 46.45 14.70
N THR T 257 -35.32 46.50 13.98
CA THR T 257 -34.34 45.42 13.99
C THR T 257 -32.94 45.89 14.40
N VAL T 258 -32.16 45.02 15.02
CA VAL T 258 -30.74 45.28 15.22
C VAL T 258 -29.93 44.21 14.52
N ARG T 259 -29.02 44.63 13.65
CA ARG T 259 -28.17 43.70 12.94
C ARG T 259 -26.76 43.80 13.46
N VAL T 260 -26.12 42.65 13.65
CA VAL T 260 -24.70 42.62 13.94
C VAL T 260 -24.00 41.99 12.75
N TRP T 261 -23.15 42.79 12.10
CA TRP T 261 -22.47 42.40 10.87
C TRP T 261 -21.01 42.06 11.10
N VAL T 262 -20.51 41.12 10.31
CA VAL T 262 -19.08 40.82 10.21
C VAL T 262 -18.40 41.84 9.29
N VAL T 263 -17.52 42.67 9.84
CA VAL T 263 -16.83 43.71 9.07
C VAL T 263 -16.10 43.18 7.81
N ALA T 264 -15.47 42.01 7.93
CA ALA T 264 -14.64 41.50 6.84
C ALA T 264 -15.40 40.75 5.73
N THR T 265 -16.33 39.85 6.11
CA THR T 265 -17.07 39.04 5.12
C THR T 265 -18.41 39.64 4.67
N LYS T 266 -18.81 40.73 5.34
CA LYS T 266 -20.11 41.40 5.14
C LYS T 266 -21.37 40.52 5.35
N GLU T 267 -21.18 39.31 5.91
CA GLU T 267 -22.32 38.51 6.36
C GLU T 267 -22.84 39.09 7.70
N CYS T 268 -24.01 38.67 8.16
CA CYS T 268 -24.41 39.11 9.49
C CYS T 268 -24.83 37.99 10.44
N LYS T 269 -24.07 37.90 11.52
CA LYS T 269 -24.20 36.82 12.49
C LYS T 269 -25.58 36.82 13.15
N ALA T 270 -26.15 38.00 13.35
CA ALA T 270 -27.44 38.11 14.00
C ALA T 270 -28.37 39.19 13.45
N GLU T 271 -29.67 38.88 13.55
CA GLU T 271 -30.75 39.81 13.34
C GLU T 271 -31.58 39.72 14.62
N LEU T 272 -31.55 40.78 15.42
CA LEU T 272 -32.25 40.80 16.70
C LEU T 272 -33.63 41.41 16.50
N ARG T 273 -34.67 40.58 16.68
CA ARG T 273 -36.01 40.89 16.17
C ARG T 273 -37.02 41.53 17.14
N GLU T 274 -36.96 41.15 18.42
CA GLU T 274 -38.08 41.34 19.35
C GLU T 274 -38.32 42.76 19.90
N HIS T 275 -38.12 43.79 19.09
CA HIS T 275 -38.53 45.14 19.45
C HIS T 275 -39.86 45.44 18.76
N ARG T 276 -40.70 46.26 19.41
CA ARG T 276 -42.05 46.52 18.91
C ARG T 276 -42.17 47.76 18.01
N HIS T 277 -41.14 48.61 18.04
CA HIS T 277 -41.14 49.89 17.34
C HIS T 277 -39.70 50.21 17.01
N VAL T 278 -39.51 51.24 16.18
CA VAL T 278 -38.20 51.66 15.73
C VAL T 278 -37.14 51.72 16.83
N VAL T 279 -35.97 51.19 16.51
CA VAL T 279 -34.84 51.21 17.40
C VAL T 279 -33.94 52.38 17.06
N GLU T 280 -33.59 53.18 18.07
CA GLU T 280 -32.82 54.41 17.83
C GLU T 280 -31.38 54.37 18.38
N CYS T 281 -31.05 53.35 19.16
CA CYS T 281 -29.79 53.34 19.92
C CYS T 281 -29.10 52.00 19.94
N ILE T 282 -27.76 52.03 19.98
CA ILE T 282 -26.97 50.85 20.37
C ILE T 282 -25.63 51.17 21.02
N SER T 283 -25.32 50.40 22.06
CA SER T 283 -24.00 50.43 22.67
C SER T 283 -23.53 49.01 22.97
N TRP T 284 -22.21 48.80 22.89
CA TRP T 284 -21.62 47.52 23.22
C TRP T 284 -21.19 47.52 24.69
N ALA T 285 -21.23 46.34 25.30
CA ALA T 285 -20.77 46.14 26.67
C ALA T 285 -19.24 46.09 26.72
N PRO T 286 -18.64 46.77 27.70
CA PRO T 286 -17.17 46.76 27.91
C PRO T 286 -16.58 45.76 28.93
N GLU T 287 -15.77 46.29 29.85
CA GLU T 287 -15.09 45.50 30.89
C GLU T 287 -16.04 45.25 32.07
N SER T 288 -17.03 44.40 31.80
CA SER T 288 -18.14 44.18 32.72
C SER T 288 -18.97 43.00 32.24
N SER T 289 -18.32 42.04 31.58
CA SER T 289 -19.00 40.85 31.11
C SER T 289 -19.35 39.97 32.31
N TYR T 290 -19.07 40.49 33.51
CA TYR T 290 -19.50 39.90 34.78
C TYR T 290 -21.03 39.93 34.87
N SER T 291 -21.64 40.91 34.18
CA SER T 291 -23.08 41.16 34.17
C SER T 291 -23.91 39.90 34.01
N SER T 292 -23.33 38.89 33.37
CA SER T 292 -23.81 37.51 33.38
C SER T 292 -24.62 37.19 34.64
N ILE T 293 -23.99 37.34 35.81
CA ILE T 293 -24.66 37.16 37.13
C ILE T 293 -26.19 37.23 37.12
N SER T 294 -26.74 38.33 36.58
CA SER T 294 -28.18 38.60 36.52
C SER T 294 -28.99 37.57 35.72
N GLU T 295 -28.34 36.99 34.69
CA GLU T 295 -28.90 35.92 33.87
C GLU T 295 -27.79 34.99 33.36
N ALA T 296 -27.34 34.06 34.21
CA ALA T 296 -26.13 33.28 33.92
C ALA T 296 -26.34 31.77 33.79
N THR T 297 -27.59 31.32 33.97
CA THR T 297 -27.90 29.90 33.83
C THR T 297 -28.22 29.52 32.36
N GLY T 298 -28.88 28.38 32.18
CA GLY T 298 -29.04 27.74 30.88
C GLY T 298 -28.54 26.31 31.02
N SER T 299 -27.27 26.10 30.67
CA SER T 299 -26.55 24.84 30.89
C SER T 299 -25.07 24.91 30.49
N GLU T 300 -24.24 24.20 31.24
CA GLU T 300 -22.78 24.11 31.05
C GLU T 300 -22.15 25.41 30.61
N GLY T 308 -19.12 35.55 25.94
CA GLY T 308 -19.92 36.11 24.85
C GLY T 308 -19.93 37.64 24.76
N PRO T 309 -20.36 38.23 23.60
CA PRO T 309 -20.48 39.71 23.39
C PRO T 309 -21.94 40.35 23.55
N PHE T 310 -22.02 41.64 23.95
CA PHE T 310 -23.34 42.23 24.35
C PHE T 310 -23.67 43.71 23.97
N LEU T 311 -24.94 43.95 23.59
CA LEU T 311 -25.43 45.30 23.20
C LEU T 311 -26.82 45.77 23.77
N LEU T 312 -27.01 47.09 23.88
CA LEU T 312 -28.19 47.68 24.55
C LEU T 312 -29.04 48.69 23.74
N SER T 313 -30.08 48.14 23.10
CA SER T 313 -30.95 48.89 22.19
C SER T 313 -31.93 49.83 22.91
N GLY T 314 -31.87 51.13 22.60
CA GLY T 314 -32.87 52.09 23.04
C GLY T 314 -33.99 52.23 22.01
N SER T 315 -35.21 52.48 22.47
CA SER T 315 -36.33 52.49 21.52
C SER T 315 -37.49 53.47 21.77
N ARG T 316 -38.49 53.33 20.89
CA ARG T 316 -39.73 54.05 20.98
C ARG T 316 -40.66 53.29 21.91
N ASP T 317 -40.43 51.97 22.04
CA ASP T 317 -41.09 51.16 23.08
C ASP T 317 -40.78 51.71 24.46
N LYS T 318 -39.87 52.68 24.50
CA LYS T 318 -39.35 53.31 25.72
C LYS T 318 -38.46 52.34 26.53
N THR T 319 -38.30 51.13 25.98
CA THR T 319 -37.68 49.98 26.65
C THR T 319 -36.27 49.64 26.16
N ILE T 320 -35.28 49.91 27.01
CA ILE T 320 -33.87 49.67 26.71
C ILE T 320 -33.47 48.20 26.91
N LYS T 321 -33.64 47.40 25.86
CA LYS T 321 -33.23 45.99 25.85
C LYS T 321 -31.72 45.72 26.04
N MET T 322 -31.43 44.43 26.25
CA MET T 322 -30.06 43.93 26.36
C MET T 322 -29.92 42.69 25.47
N TRP T 323 -28.72 42.48 24.90
CA TRP T 323 -28.54 41.42 23.91
C TRP T 323 -27.26 40.61 24.05
N ASP T 324 -27.42 39.29 24.08
CA ASP T 324 -26.31 38.38 23.82
C ASP T 324 -26.49 37.79 22.44
N VAL T 325 -25.49 38.12 21.61
CA VAL T 325 -25.58 38.00 20.16
C VAL T 325 -25.09 36.63 19.67
N SER T 326 -24.29 35.96 20.51
CA SER T 326 -23.87 34.57 20.29
C SER T 326 -25.11 33.71 20.01
N THR T 327 -26.11 33.89 20.86
CA THR T 327 -27.28 33.01 20.92
C THR T 327 -28.49 33.55 20.14
N GLY T 328 -28.67 34.87 20.18
CA GLY T 328 -29.79 35.55 19.53
C GLY T 328 -31.00 35.77 20.43
N MET T 329 -30.83 35.54 21.73
CA MET T 329 -31.92 35.73 22.70
C MET T 329 -31.92 37.16 23.20
N CYS T 330 -33.00 37.54 23.90
CA CYS T 330 -33.02 38.77 24.71
C CYS T 330 -32.53 38.47 26.15
N LEU T 331 -31.86 39.44 26.75
CA LEU T 331 -31.44 39.39 28.15
C LEU T 331 -32.50 40.09 29.02
N MET T 332 -32.20 41.32 29.44
CA MET T 332 -33.18 42.17 30.12
C MET T 332 -33.95 43.04 29.11
N THR T 333 -35.23 43.30 29.39
CA THR T 333 -35.93 44.48 28.86
C THR T 333 -36.36 45.31 30.05
N LEU T 334 -35.44 46.15 30.54
CA LEU T 334 -35.77 47.11 31.59
C LEU T 334 -36.99 47.89 31.11
N VAL T 335 -38.09 47.80 31.88
CA VAL T 335 -39.32 48.51 31.53
C VAL T 335 -39.23 49.99 31.92
N GLY T 336 -39.55 50.85 30.95
CA GLY T 336 -39.04 52.21 30.92
C GLY T 336 -39.96 53.36 30.58
N HIS T 337 -39.94 54.33 31.50
CA HIS T 337 -40.70 55.57 31.46
C HIS T 337 -41.68 55.75 30.27
N ASP T 338 -41.48 56.78 29.43
CA ASP T 338 -42.61 57.31 28.67
C ASP T 338 -42.44 57.56 27.17
N ASN T 339 -41.29 58.07 26.75
CA ASN T 339 -41.06 58.31 25.31
C ASN T 339 -39.66 58.07 24.71
N TRP T 340 -39.59 58.25 23.39
CA TRP T 340 -38.50 57.75 22.59
C TRP T 340 -37.15 57.89 23.29
N VAL T 341 -36.55 56.73 23.58
CA VAL T 341 -35.21 56.65 24.17
C VAL T 341 -34.17 57.20 23.17
N ARG T 342 -33.32 58.11 23.65
CA ARG T 342 -32.36 58.84 22.79
C ARG T 342 -30.89 58.36 22.80
N GLY T 343 -30.45 57.80 23.94
CA GLY T 343 -29.10 57.24 24.07
C GLY T 343 -28.99 56.17 25.16
N VAL T 344 -28.12 55.19 24.92
CA VAL T 344 -27.83 54.12 25.88
C VAL T 344 -26.33 54.15 26.25
N LEU T 345 -26.03 54.23 27.53
CA LEU T 345 -24.64 54.16 28.01
C LEU T 345 -24.28 52.79 28.63
N PHE T 346 -23.00 52.66 29.03
CA PHE T 346 -22.50 51.75 30.07
C PHE T 346 -21.37 52.56 30.74
N HIS T 347 -21.20 52.39 32.05
CA HIS T 347 -20.27 53.23 32.83
C HIS T 347 -18.79 52.79 32.71
N SER T 348 -17.93 53.39 33.56
CA SER T 348 -16.56 52.92 33.80
C SER T 348 -16.52 51.71 34.77
N GLY T 349 -17.67 51.37 35.35
CA GLY T 349 -17.89 50.07 35.97
C GLY T 349 -18.67 49.19 35.01
N GLY T 350 -19.04 48.00 35.47
CA GLY T 350 -20.00 47.17 34.75
C GLY T 350 -21.37 47.30 35.40
N LYS T 351 -21.54 48.44 36.08
CA LYS T 351 -22.64 48.68 37.01
C LYS T 351 -23.94 49.23 36.37
N PHE T 352 -23.83 50.33 35.63
CA PHE T 352 -25.00 51.17 35.26
C PHE T 352 -25.17 51.60 33.78
N ILE T 353 -26.37 51.37 33.25
CA ILE T 353 -26.80 52.04 32.03
C ILE T 353 -27.18 53.45 32.45
N LEU T 354 -26.70 54.43 31.70
CA LEU T 354 -27.25 55.79 31.72
C LEU T 354 -28.11 55.98 30.46
N SER T 355 -29.24 56.68 30.57
CA SER T 355 -30.15 56.78 29.42
C SER T 355 -30.93 58.12 29.25
N CYS T 356 -30.98 58.59 28.00
CA CYS T 356 -31.83 59.72 27.59
C CYS T 356 -32.99 59.22 26.72
N ALA T 357 -34.07 59.98 26.70
CA ALA T 357 -35.24 59.62 25.94
C ALA T 357 -36.08 60.88 25.70
N ASP T 358 -37.38 60.71 25.46
CA ASP T 358 -38.19 61.88 25.18
C ASP T 358 -38.98 62.47 26.36
N ASP T 359 -39.08 61.72 27.44
CA ASP T 359 -39.60 62.25 28.70
C ASP T 359 -38.59 63.22 29.38
N LYS T 360 -38.03 64.16 28.61
CA LYS T 360 -37.13 65.24 29.11
C LYS T 360 -36.00 64.84 30.09
N THR T 361 -35.72 63.54 30.20
CA THR T 361 -35.14 62.95 31.39
C THR T 361 -33.72 62.31 31.29
N LEU T 362 -32.89 62.52 32.32
CA LEU T 362 -31.72 61.66 32.53
C LEU T 362 -32.04 60.49 33.49
N ARG T 363 -32.20 59.29 32.93
CA ARG T 363 -32.67 58.11 33.68
C ARG T 363 -31.60 57.01 33.88
N VAL T 364 -31.18 56.83 35.14
CA VAL T 364 -30.07 55.93 35.53
C VAL T 364 -30.52 54.52 35.99
N TRP T 365 -29.84 53.50 35.46
CA TRP T 365 -30.29 52.11 35.61
C TRP T 365 -29.32 51.17 36.31
N ASP T 366 -29.90 50.33 37.16
CA ASP T 366 -29.23 49.25 37.88
C ASP T 366 -29.80 47.93 37.37
N TYR T 367 -29.20 47.38 36.30
CA TYR T 367 -29.57 46.02 35.86
C TYR T 367 -29.10 45.02 36.93
N LYS T 368 -28.37 45.56 37.91
CA LYS T 368 -28.34 45.02 39.28
C LYS T 368 -29.79 45.07 39.77
N ASN T 369 -30.45 43.91 39.68
CA ASN T 369 -31.85 43.74 40.10
C ASN T 369 -32.85 44.82 39.60
N LYS T 370 -32.79 45.11 38.29
CA LYS T 370 -33.88 45.77 37.49
C LYS T 370 -34.45 47.18 37.88
N ARG T 371 -34.01 47.71 39.04
CA ARG T 371 -34.60 48.93 39.62
C ARG T 371 -33.97 50.23 39.13
N CYS T 372 -34.83 51.17 38.70
CA CYS T 372 -34.41 52.50 38.24
C CYS T 372 -33.83 53.33 39.40
N MET T 373 -32.53 53.15 39.65
CA MET T 373 -31.87 53.62 40.87
C MET T 373 -31.89 55.16 41.11
N LYS T 374 -32.23 55.90 40.07
CA LYS T 374 -32.39 57.37 40.11
C LYS T 374 -33.04 57.82 38.77
N THR T 375 -33.70 58.99 38.78
CA THR T 375 -34.10 59.72 37.56
C THR T 375 -33.87 61.24 37.74
N LEU T 376 -33.66 61.96 36.62
CA LEU T 376 -33.32 63.39 36.64
C LEU T 376 -34.07 64.25 35.59
N ASN T 377 -34.29 65.53 35.92
CA ASN T 377 -34.71 66.54 34.93
C ASN T 377 -33.53 67.41 34.51
N ALA T 378 -32.79 66.91 33.52
CA ALA T 378 -31.60 67.59 33.00
C ALA T 378 -31.94 68.85 32.18
N HIS T 379 -32.98 68.72 31.34
CA HIS T 379 -33.37 69.74 30.38
C HIS T 379 -34.89 69.92 30.27
N GLU T 380 -35.28 71.12 29.87
CA GLU T 380 -36.67 71.47 29.54
C GLU T 380 -37.28 70.57 28.43
N HIS T 381 -36.98 70.89 27.16
CA HIS T 381 -37.39 70.07 26.01
C HIS T 381 -36.53 68.80 25.94
N PHE T 382 -37.02 67.75 25.26
CA PHE T 382 -36.37 66.45 25.38
C PHE T 382 -34.87 66.36 25.07
N VAL T 383 -34.17 65.56 25.89
CA VAL T 383 -32.74 65.36 25.81
C VAL T 383 -32.46 64.34 24.70
N THR T 384 -31.47 64.62 23.86
CA THR T 384 -31.33 63.86 22.61
C THR T 384 -30.00 63.09 22.43
N SER T 385 -29.06 63.27 23.36
CA SER T 385 -27.77 62.57 23.31
C SER T 385 -26.96 62.68 24.62
N LEU T 386 -26.28 61.60 24.97
CA LEU T 386 -25.58 61.54 26.27
C LEU T 386 -24.26 60.76 26.24
N ASP T 387 -23.33 61.22 27.08
CA ASP T 387 -21.97 60.67 27.15
C ASP T 387 -21.32 60.90 28.53
N PHE T 388 -20.91 59.80 29.18
CA PHE T 388 -20.09 59.87 30.41
C PHE T 388 -18.62 59.72 30.04
N HIS T 389 -17.73 60.23 30.90
CA HIS T 389 -16.29 60.07 30.68
C HIS T 389 -15.81 58.66 31.09
N LYS T 390 -14.87 58.11 30.33
CA LYS T 390 -14.14 56.95 30.81
C LYS T 390 -13.21 57.35 31.97
N THR T 391 -12.32 58.34 31.75
CA THR T 391 -11.43 58.79 32.84
C THR T 391 -12.16 59.60 33.92
N ALA T 392 -12.35 60.91 33.69
CA ALA T 392 -12.78 61.86 34.74
C ALA T 392 -14.30 61.80 35.10
N PRO T 393 -14.79 62.72 35.96
CA PRO T 393 -16.07 62.54 36.68
C PRO T 393 -17.45 62.90 36.03
N TYR T 394 -17.54 63.04 34.70
CA TYR T 394 -18.71 63.70 34.11
C TYR T 394 -19.67 62.94 33.15
N VAL T 395 -20.93 63.41 33.17
CA VAL T 395 -21.89 63.23 32.08
C VAL T 395 -22.21 64.58 31.42
N VAL T 396 -22.18 64.58 30.09
CA VAL T 396 -22.73 65.67 29.30
C VAL T 396 -23.91 65.10 28.54
N THR T 397 -24.81 66.00 28.17
CA THR T 397 -26.03 65.61 27.49
C THR T 397 -26.62 66.83 26.76
N GLY T 398 -27.18 66.58 25.57
CA GLY T 398 -27.83 67.60 24.77
C GLY T 398 -29.29 67.27 24.46
N SER T 399 -30.01 68.27 23.97
CA SER T 399 -31.46 68.27 23.96
C SER T 399 -32.07 69.34 23.05
N VAL T 400 -33.31 69.10 22.60
CA VAL T 400 -33.97 70.01 21.67
C VAL T 400 -34.01 71.48 22.16
N ASP T 401 -33.78 71.69 23.45
CA ASP T 401 -33.81 73.06 24.01
C ASP T 401 -32.52 73.85 23.78
N GLN T 402 -31.69 73.36 22.88
CA GLN T 402 -30.49 74.07 22.40
C GLN T 402 -29.36 74.11 23.44
N THR T 403 -29.25 73.06 24.26
CA THR T 403 -28.22 73.02 25.30
C THR T 403 -27.54 71.68 25.47
N VAL T 404 -26.28 71.77 25.91
CA VAL T 404 -25.55 70.65 26.50
C VAL T 404 -25.09 71.08 27.89
N LYS T 405 -25.55 70.34 28.89
CA LYS T 405 -25.23 70.62 30.28
C LYS T 405 -24.31 69.53 30.82
N VAL T 406 -23.40 69.93 31.71
CA VAL T 406 -22.44 69.00 32.29
C VAL T 406 -22.72 68.69 33.77
N TRP T 407 -22.45 67.43 34.11
CA TRP T 407 -22.89 66.82 35.37
C TRP T 407 -21.71 66.16 36.11
N GLU T 408 -21.52 66.57 37.38
CA GLU T 408 -20.32 66.26 38.19
C GLU T 408 -20.52 65.03 39.09
#